data_9NGY
#
_entry.id   9NGY
#
_cell.length_a   1.00
_cell.length_b   1.00
_cell.length_c   1.00
_cell.angle_alpha   90.00
_cell.angle_beta   90.00
_cell.angle_gamma   90.00
#
_symmetry.space_group_name_H-M   'P 1'
#
loop_
_entity.id
_entity.type
_entity.pdbx_description
1 polymer 'IcmX (IcmY)'
2 polymer DotA
3 polymer 'IcmE (DotG)'
#
loop_
_entity_poly.entity_id
_entity_poly.type
_entity_poly.pdbx_seq_one_letter_code
_entity_poly.pdbx_strand_id
1 'polypeptide(L)'
;MKVLPKLALANLVCFTTLSVFAQPADPSGQQTSTNTSNLVTYLTNLGKYLGYDITQSSKAPNPPYSQLFNSNVVQLVQNY
AYNTFLGAIPVDAMSQSLMNFVTDKVQGNSLINNLANTTFKYQNFSAPSSGADGKITANGLIDQSTASAQTPTTPGIFSA
PQITTSGTYLNDPVSQAVFNILGTPDYSFCMDNEQKNWLPNCNLMYQNLVMQNVIGTLPPAQTSGSTPAFYSYKYNQPLI
SQLNSNSLIAPLLMDTSASQSGQDSGLTAKSQAQQALNFIRYASAQVTPPSLPKLSAYSELWNQATAKPNSAGYNEVQQK
QAAATLSSYFNNLRVYAAQTSVGVSNLYYILSKRLPQNMSADQSNANITSQALNEFNMATRRLFDPTASNTPGQPNQQWI
KQINDASPATVQKEIAILLAEINYQMYLDRQIQERILLTNSIMLLQNLKAAQPTADFSSQGSPSEQ
;
AP1,BP1,CP1,DP1,EP1
2 'polypeptide(L)'
;MNKLAITVLLCFFPALALAENGALSFAPPASDLSVVFLGNLFGVVDGVLHGTGSQIMGNMFGVFNSAVLALGGIIIMYTL
MVSTMNTAHEGQMLGQKWSSIWIPLRSTFGLALLIPKASGYCMMQVFFMWVIVQGVGAADKIWEAALSYLNRGGVIIQAQ
ADPTKSLQAAGSSSSGVAKGALTILGGQICMLGLQKQLQAQRDLYLSQSKSPPCGGNPTPEMNTFCRTAIPDFISTVNFV
KKQNDDTPKDLTANQPASFELDMPNFDKSSPFYFLNGICGTVKWNNISALNSTNQSDNKGLVTVGGAGSNSSMGANSLNI
TSSQLQTARLSRAIAIQQMYVTLSTVAQVMVNNDPAFSTTTSTGNSKNDFSAIAKQQFGVPYKSSGEVCTEYQQVCQTWG
SVPSSTGSTTGVLFNGTEFLGAINDYNGIMMPTLNLIRQATSKEFDKKSRDFIAEANAKGWIMAGSYFFDLVKLNGSATE
FADQFDTGTGLDKSSFDPTQLTKPFGKTCQDPYSLLCTWFQNKSDKLIQIQSLIDGVPALGQDGVKQPDLSDNPQRQSVS
GPLSSTVYGFVNNSMMVQLPGQPGIKPLTFANLINFKVDTSLYYMKHQDFDCGRVKILFFSFCLGRMMGDLFYNYVFRYV
YNFFLAIFGEMINSIVMAFLMIPLQGMKDIFIVGVQTLTQPGINPIVALANMGTMYINFSGTLWLTLLNMAVVSSLIPLF
GIFIFALIMMAMPLLMAWIGTMVSIGFVTAYYIPVLPYMIFTFGSFAWLIAVIEAMVAAPIVALGVTHPEGNEAFGKGEF
AIMILVNVFLRPSLMIIGYIAAIALSYVGVWILNAGFDHAISYIQSDQGIETWEKGTSSNDAKRFFQSAGNWTGAKMDTS
QWDNFKDKLTGDYQSTALEGGYTGWAGVYAFFFSILIYTSMYLIIVQKAFTLIAHLPDKVLRWIGGSPESFGQETMQWGE
EAKGRVEKAGEATYGAEKAIGDKLGAKGQEMLGKLGPQAKKISENAGDVSGKGKNSGGSQTGPSSKPDTGQQLGGSDSGT
PTSTPPPE
;
FP1,GP1,HP1,IP1,JP1
3 'polypeptide(L)'
;MASKKENLKSLFSNTRTRVIIIFTAALLIIAVVIGFFKIRGATTGSIAAAEVSTVPGGIQSIPGVLDPTAQYAKLQEEQN
ITQAQVAEKTGGSAIPTIIRTQALGEGVGVIGSQSGVGFAALAQEELGGPQRSLWIQELQDGSCSKSVITKVVNQGAQLT
DLKAACSCVQLKDSGYGLQELEQVCECKELKSAGYNARQLKEAGYSAGRLRNCGFDACELRNAGFTAQEMKDGGFSDGEL
KGAGFSDAEIAKASGLPDGITADDVRKAGCGAAALAKLRQAGVSASAIRKISGCTAEQLKAAGYTAKELKDAGFSAADLR
RAGFSAAELKDAGFTARDLLNAGFTPADLAKAGFSDAQIKAAQAELPPGITPQDVKNAGCDVEALKKEREAGVSAALIRQ
YAGCSAQALKAAGFTDADLANAGFTPAQISAATPLSDAEIKAAGCDPDKLKKLFSAGVSAKRIKELNGCSAEALKAAGYD
AQSLLAAGFTPQELLAAGFTPKQLEDAGLNPVSIIADGRVADCSVESLKKARAAGVSALTIKQTLGCSAAALKAAGYTAK
ELKDAGFTAAELKAAGFSAKELKDAGFTAKELRDAGFSAQELKDVGFSAKDLKDAGFSAAELKAAGFTAAQLKAAGFSAK
DLKDAGFSAAELKAAGFSAKELKDAGFSASDLKNAGFSAKELKDAGFSASDLKSAGFSASELKNAGYSADELKKAGYTSA
ELRNAGFSPQESAVAGLQGPDLQQLDSSITGIPSIPGATPRPTTSDAASSAEQLQAILQKQNEQLAEQKYQQEIQQRTSD
MLTAATQLVQDWKQVETQVYTEGTEETKTSGGESAVPGTGTGTGSNNQPVDQGAVSAQNQAIIKTGDIMFAVLDTSVNSD
EPGPILATIVTGKLKGSKLIGSFNLPSNADKMVITFNTMSIPGAEKTISISAYAIDPNTARTALASRTNHHYLMRYGSLF
ASSFLQGFGNAFQSANTTITIGGTGGGNNITVANGVGRSTLENAVIGLATVGKAWSQQAQQLFNTPTTVEVYSGTGLGIL
FTQDVTTI
;
KP1,LP1,MP1,NP1,OP1
#
# COMPACT_ATOMS: atom_id res chain seq x y z
N GLN A 23 -60.86 111.16 94.63
CA GLN A 23 -61.99 111.09 93.71
C GLN A 23 -62.51 109.65 93.60
N PRO A 24 -63.82 109.50 93.40
CA PRO A 24 -64.39 108.16 93.23
C PRO A 24 -63.87 107.50 91.96
N ALA A 25 -63.17 106.38 92.13
CA ALA A 25 -62.53 105.67 91.03
C ALA A 25 -63.22 104.32 90.83
N ASP A 26 -63.69 104.08 89.61
CA ASP A 26 -64.32 102.81 89.31
C ASP A 26 -63.27 101.70 89.24
N PRO A 27 -63.60 100.48 89.67
CA PRO A 27 -62.64 99.38 89.57
C PRO A 27 -62.47 98.83 88.17
N SER A 28 -63.34 99.20 87.23
CA SER A 28 -63.18 98.75 85.85
C SER A 28 -61.90 99.28 85.24
N GLY A 29 -61.50 100.50 85.60
CA GLY A 29 -60.23 101.02 85.14
C GLY A 29 -59.06 100.17 85.59
N GLN A 30 -59.05 99.79 86.86
CA GLN A 30 -57.99 98.91 87.36
C GLN A 30 -58.04 97.55 86.70
N GLN A 31 -59.25 97.04 86.44
CA GLN A 31 -59.37 95.75 85.76
C GLN A 31 -58.76 95.81 84.38
N THR A 32 -59.09 96.86 83.60
CA THR A 32 -58.48 97.03 82.29
C THR A 32 -56.98 97.26 82.39
N SER A 33 -56.54 97.91 83.46
CA SER A 33 -55.11 98.14 83.66
C SER A 33 -54.36 96.81 83.80
N THR A 34 -54.85 95.94 84.68
CA THR A 34 -54.21 94.64 84.87
C THR A 34 -54.32 93.81 83.60
N ASN A 35 -55.45 93.88 82.92
CA ASN A 35 -55.61 93.12 81.69
C ASN A 35 -54.62 93.56 80.62
N THR A 36 -54.42 94.88 80.47
CA THR A 36 -53.50 95.35 79.44
C THR A 36 -52.05 95.02 79.80
N SER A 37 -51.70 95.10 81.07
CA SER A 37 -50.35 94.68 81.46
C SER A 37 -50.16 93.19 81.16
N ASN A 38 -51.19 92.38 81.41
CA ASN A 38 -51.12 90.97 81.07
C ASN A 38 -50.98 90.78 79.57
N LEU A 39 -51.68 91.60 78.77
CA LEU A 39 -51.50 91.56 77.32
C LEU A 39 -50.05 91.82 76.94
N VAL A 40 -49.44 92.83 77.55
CA VAL A 40 -48.04 93.14 77.24
C VAL A 40 -47.16 91.94 77.56
N THR A 41 -47.33 91.38 78.76
CA THR A 41 -46.49 90.25 79.16
C THR A 41 -46.69 89.05 78.25
N TYR A 42 -47.94 88.74 77.91
CA TYR A 42 -48.21 87.55 77.12
C TYR A 42 -47.75 87.73 75.67
N LEU A 43 -47.85 88.94 75.14
CA LEU A 43 -47.32 89.17 73.79
C LEU A 43 -45.81 89.06 73.76
N THR A 44 -45.13 89.60 74.76
CA THR A 44 -43.67 89.45 74.80
C THR A 44 -43.29 87.98 74.95
N ASN A 45 -44.03 87.23 75.77
CA ASN A 45 -43.73 85.82 75.94
C ASN A 45 -43.97 85.04 74.65
N LEU A 46 -45.04 85.37 73.92
CA LEU A 46 -45.29 84.71 72.64
C LEU A 46 -44.18 85.02 71.64
N GLY A 47 -43.75 86.28 71.60
CA GLY A 47 -42.64 86.63 70.72
C GLY A 47 -41.37 85.87 71.07
N LYS A 48 -41.09 85.75 72.37
CA LYS A 48 -39.91 84.98 72.79
C LYS A 48 -40.05 83.51 72.41
N TYR A 49 -41.24 82.94 72.61
CA TYR A 49 -41.43 81.51 72.32
C TYR A 49 -41.27 81.23 70.84
N LEU A 50 -41.80 82.11 69.98
CA LEU A 50 -41.58 81.94 68.55
C LEU A 50 -40.11 82.11 68.17
N GLY A 51 -39.31 82.68 69.04
CA GLY A 51 -37.89 82.85 68.81
C GLY A 51 -37.45 84.26 68.46
N TYR A 52 -38.22 85.28 68.81
CA TYR A 52 -37.93 86.66 68.43
C TYR A 52 -37.86 87.54 69.68
N ASP A 53 -36.88 88.44 69.70
CA ASP A 53 -36.72 89.38 70.81
C ASP A 53 -37.62 90.58 70.50
N ILE A 54 -38.80 90.60 71.13
CA ILE A 54 -39.78 91.64 70.89
C ILE A 54 -39.68 92.64 72.04
N THR A 55 -38.77 93.60 71.91
CA THR A 55 -38.75 94.77 72.79
C THR A 55 -38.66 96.08 72.04
N GLN A 56 -37.89 96.13 70.95
CA GLN A 56 -37.68 97.36 70.20
C GLN A 56 -37.75 97.05 68.71
N SER A 57 -38.09 98.06 67.92
CA SER A 57 -38.16 97.92 66.48
C SER A 57 -36.82 98.15 65.81
N SER A 58 -35.78 98.53 66.56
CA SER A 58 -34.48 98.81 65.97
C SER A 58 -33.87 97.56 65.34
N LYS A 59 -33.85 96.46 66.09
CA LYS A 59 -33.27 95.22 65.58
C LYS A 59 -34.22 94.45 64.68
N ALA A 60 -35.48 94.87 64.59
CA ALA A 60 -36.41 94.23 63.67
C ALA A 60 -35.99 94.49 62.22
N PRO A 61 -36.28 93.56 61.31
CA PRO A 61 -35.87 93.75 59.91
C PRO A 61 -36.55 94.95 59.27
N ASN A 62 -35.76 95.97 58.96
CA ASN A 62 -36.27 97.20 58.35
C ASN A 62 -35.48 97.49 57.09
N PRO A 63 -36.10 97.46 55.91
CA PRO A 63 -37.51 97.13 55.63
C PRO A 63 -37.76 95.63 55.73
N PRO A 64 -39.00 95.22 56.03
CA PRO A 64 -39.32 93.80 56.06
C PRO A 64 -39.27 93.18 54.68
N TYR A 65 -39.02 91.88 54.64
CA TYR A 65 -38.92 91.13 53.39
C TYR A 65 -39.87 89.95 53.44
N SER A 66 -40.73 89.84 52.43
CA SER A 66 -41.66 88.73 52.33
C SER A 66 -41.49 87.87 51.08
N GLN A 67 -40.84 88.39 50.05
CA GLN A 67 -40.65 87.67 48.80
C GLN A 67 -39.41 86.78 48.89
N LEU A 68 -39.09 86.12 47.79
CA LEU A 68 -37.88 85.32 47.71
C LEU A 68 -36.66 86.23 47.69
N PHE A 69 -35.48 85.62 47.84
CA PHE A 69 -34.24 86.38 47.83
C PHE A 69 -34.08 87.11 46.51
N ASN A 70 -34.18 86.38 45.39
CA ASN A 70 -34.16 86.99 44.07
C ASN A 70 -34.86 86.03 43.12
N SER A 71 -36.12 86.33 42.81
CA SER A 71 -36.88 85.45 41.92
C SER A 71 -36.32 85.46 40.50
N ASN A 72 -35.68 86.55 40.10
CA ASN A 72 -35.22 86.68 38.73
C ASN A 72 -34.18 85.62 38.39
N VAL A 73 -33.14 85.49 39.22
CA VAL A 73 -32.05 84.58 38.90
C VAL A 73 -32.53 83.13 38.95
N VAL A 74 -33.31 82.78 39.97
CA VAL A 74 -33.78 81.40 40.07
C VAL A 74 -34.71 81.07 38.92
N GLN A 75 -35.60 81.99 38.56
CA GLN A 75 -36.50 81.75 37.43
C GLN A 75 -35.72 81.59 36.14
N LEU A 76 -34.68 82.41 35.95
CA LEU A 76 -33.81 82.26 34.79
C LEU A 76 -33.17 80.88 34.77
N VAL A 77 -32.72 80.40 35.93
CA VAL A 77 -32.10 79.09 36.02
C VAL A 77 -33.09 77.99 35.65
N GLN A 78 -34.33 78.10 36.16
CA GLN A 78 -35.33 77.09 35.82
C GLN A 78 -35.64 77.09 34.32
N ASN A 79 -35.77 78.28 33.73
CA ASN A 79 -36.06 78.35 32.30
C ASN A 79 -34.93 77.74 31.49
N TYR A 80 -33.68 78.05 31.86
CA TYR A 80 -32.55 77.44 31.16
C TYR A 80 -32.52 75.93 31.37
N ALA A 81 -32.94 75.46 32.55
CA ALA A 81 -32.96 74.02 32.79
C ALA A 81 -33.98 73.33 31.91
N TYR A 82 -35.17 73.92 31.77
CA TYR A 82 -36.17 73.36 30.86
C TYR A 82 -35.64 73.34 29.43
N ASN A 83 -35.03 74.44 29.00
CA ASN A 83 -34.48 74.50 27.65
C ASN A 83 -33.40 73.45 27.44
N THR A 84 -32.50 73.28 28.41
CA THR A 84 -31.44 72.29 28.28
C THR A 84 -32.01 70.88 28.24
N PHE A 85 -33.00 70.59 29.08
CA PHE A 85 -33.56 69.24 29.07
C PHE A 85 -34.20 68.93 27.74
N LEU A 86 -34.94 69.89 27.16
CA LEU A 86 -35.56 69.58 25.87
C LEU A 86 -34.57 69.60 24.73
N GLY A 87 -33.47 70.33 24.85
CA GLY A 87 -32.52 70.42 23.75
C GLY A 87 -31.50 69.31 23.71
N ALA A 88 -30.92 68.99 24.86
CA ALA A 88 -29.81 68.03 24.89
C ALA A 88 -30.23 66.64 24.44
N ILE A 89 -31.42 66.18 24.84
CA ILE A 89 -31.80 64.79 24.57
C ILE A 89 -31.73 64.54 23.07
N PRO A 90 -30.99 63.53 22.62
CA PRO A 90 -30.87 63.29 21.17
C PRO A 90 -32.22 62.93 20.58
N VAL A 91 -32.48 63.43 19.38
CA VAL A 91 -33.73 63.22 18.67
C VAL A 91 -33.42 62.70 17.28
N ASP A 92 -34.09 61.63 16.88
CA ASP A 92 -33.92 61.09 15.53
C ASP A 92 -34.16 62.19 14.49
N ALA A 93 -33.10 62.54 13.77
CA ALA A 93 -33.10 63.71 12.89
C ALA A 93 -33.04 63.26 11.44
N MET A 94 -34.21 63.09 10.83
CA MET A 94 -34.35 62.80 9.41
C MET A 94 -35.37 63.65 8.70
N SER A 95 -36.38 64.16 9.41
CA SER A 95 -37.36 65.06 8.84
C SER A 95 -37.87 65.94 9.97
N GLN A 96 -38.40 67.11 9.60
CA GLN A 96 -38.93 68.02 10.60
C GLN A 96 -40.03 67.33 11.40
N SER A 97 -40.90 66.59 10.72
CA SER A 97 -41.97 65.85 11.37
C SER A 97 -41.46 64.69 12.21
N LEU A 98 -40.22 64.24 12.00
CA LEU A 98 -39.68 63.12 12.76
C LEU A 98 -39.04 63.52 14.08
N MET A 99 -38.60 64.78 14.20
CA MET A 99 -37.97 65.25 15.43
C MET A 99 -38.97 65.77 16.44
N ASN A 100 -40.26 65.75 16.13
CA ASN A 100 -41.25 66.37 16.99
C ASN A 100 -41.37 65.62 18.30
N PHE A 101 -41.29 66.37 19.41
CA PHE A 101 -41.53 65.79 20.72
C PHE A 101 -43.02 65.59 20.99
N VAL A 102 -43.86 66.48 20.47
CA VAL A 102 -45.30 66.41 20.67
C VAL A 102 -45.98 66.67 19.33
N THR A 103 -47.24 66.25 19.24
CA THR A 103 -48.02 66.48 18.04
C THR A 103 -48.57 67.91 18.04
N ASP A 104 -49.47 68.21 17.12
CA ASP A 104 -50.04 69.56 17.03
C ASP A 104 -51.13 69.83 18.06
N LYS A 105 -51.62 68.81 18.75
CA LYS A 105 -52.73 69.00 19.68
C LYS A 105 -52.27 69.46 21.05
N VAL A 106 -50.98 69.34 21.37
CA VAL A 106 -50.49 69.74 22.67
C VAL A 106 -50.33 71.25 22.71
N GLN A 107 -50.85 71.88 23.76
CA GLN A 107 -50.65 73.31 23.94
C GLN A 107 -49.17 73.60 24.16
N GLY A 108 -48.68 74.66 23.51
CA GLY A 108 -47.26 74.92 23.52
C GLY A 108 -46.45 73.96 22.68
N ASN A 109 -47.06 73.39 21.64
CA ASN A 109 -46.36 72.41 20.80
C ASN A 109 -45.19 73.04 20.07
N SER A 110 -45.34 74.27 19.59
CA SER A 110 -44.29 74.88 18.79
C SER A 110 -42.99 75.05 19.58
N LEU A 111 -43.10 75.51 20.83
CA LEU A 111 -41.90 75.72 21.63
C LEU A 111 -41.22 74.41 21.95
N ILE A 112 -41.99 73.36 22.27
CA ILE A 112 -41.40 72.08 22.61
C ILE A 112 -40.75 71.43 21.40
N ASN A 113 -41.45 71.45 20.26
CA ASN A 113 -40.91 70.83 19.05
C ASN A 113 -39.68 71.59 18.55
N ASN A 114 -39.68 72.92 18.69
CA ASN A 114 -38.57 73.72 18.19
C ASN A 114 -37.27 73.40 18.92
N LEU A 115 -37.36 72.96 20.17
CA LEU A 115 -36.18 72.63 20.97
C LEU A 115 -35.62 71.26 20.67
N ALA A 116 -36.04 70.62 19.58
CA ALA A 116 -35.56 69.29 19.26
C ALA A 116 -34.18 69.37 18.62
N ASN A 117 -33.26 68.54 19.10
CA ASN A 117 -31.91 68.44 18.54
C ASN A 117 -31.20 69.79 18.54
N THR A 118 -31.41 70.56 19.61
CA THR A 118 -30.81 71.89 19.68
C THR A 118 -29.29 71.82 19.75
N THR A 119 -28.76 70.84 20.49
CA THR A 119 -27.32 70.80 20.73
C THR A 119 -26.54 70.63 19.43
N PHE A 120 -27.01 69.75 18.54
CA PHE A 120 -26.32 69.55 17.27
C PHE A 120 -26.76 70.54 16.21
N LYS A 121 -27.96 71.10 16.32
CA LYS A 121 -28.35 72.18 15.41
C LYS A 121 -27.46 73.40 15.61
N TYR A 122 -27.20 73.77 16.87
CA TYR A 122 -26.27 74.85 17.13
C TYR A 122 -24.85 74.46 16.75
N GLN A 123 -24.48 73.20 16.97
CA GLN A 123 -23.15 72.73 16.61
C GLN A 123 -22.95 72.61 15.11
N ASN A 124 -24.02 72.75 14.31
CA ASN A 124 -23.94 72.60 12.86
C ASN A 124 -23.34 71.24 12.48
N PHE A 125 -23.87 70.19 13.10
CA PHE A 125 -23.30 68.86 12.92
C PHE A 125 -23.45 68.39 11.48
N SER A 126 -24.56 68.74 10.83
CA SER A 126 -24.78 68.30 9.45
C SER A 126 -23.72 68.86 8.52
N ALA A 127 -23.36 70.12 8.70
CA ALA A 127 -22.34 70.73 7.85
C ALA A 127 -20.98 70.09 8.11
N PRO A 128 -20.29 69.62 7.08
CA PRO A 128 -18.97 68.98 7.25
C PRO A 128 -17.84 69.97 7.53
N SER A 129 -17.70 70.35 8.80
CA SER A 129 -16.65 71.26 9.19
C SER A 129 -15.28 70.63 8.97
N SER A 130 -14.32 71.47 8.60
CA SER A 130 -12.96 71.01 8.35
C SER A 130 -12.17 70.78 9.63
N GLY A 131 -12.71 71.14 10.80
CA GLY A 131 -12.02 70.99 12.05
C GLY A 131 -11.21 72.20 12.48
N ALA A 132 -11.11 73.24 11.62
CA ALA A 132 -10.39 74.44 12.00
C ALA A 132 -11.03 75.12 13.20
N ASP A 133 -12.35 75.05 13.31
CA ASP A 133 -13.06 75.56 14.47
C ASP A 133 -13.19 74.54 15.59
N GLY A 134 -12.92 73.27 15.32
CA GLY A 134 -13.00 72.25 16.35
C GLY A 134 -14.40 71.91 16.81
N LYS A 135 -15.41 72.21 16.01
CA LYS A 135 -16.77 71.92 16.43
C LYS A 135 -17.08 70.44 16.30
N ILE A 136 -18.19 70.03 16.89
CA ILE A 136 -18.68 68.65 16.81
C ILE A 136 -19.37 68.51 15.45
N THR A 137 -18.71 67.87 14.50
CA THR A 137 -19.26 67.70 13.17
C THR A 137 -18.90 66.32 12.65
N ALA A 138 -19.70 65.85 11.69
CA ALA A 138 -19.43 64.57 11.05
C ALA A 138 -18.16 64.66 10.23
N ASN A 139 -17.13 63.91 10.64
CA ASN A 139 -15.86 63.92 9.95
C ASN A 139 -15.97 63.07 8.68
N GLY A 140 -15.49 63.63 7.57
CA GLY A 140 -15.57 62.94 6.30
C GLY A 140 -14.75 61.67 6.24
N LEU A 141 -13.80 61.50 7.15
CA LEU A 141 -12.95 60.32 7.12
C LEU A 141 -13.72 59.05 7.50
N ILE A 142 -14.75 59.17 8.33
CA ILE A 142 -15.38 57.99 8.90
C ILE A 142 -16.90 57.99 8.77
N ASP A 143 -17.46 59.02 8.15
CA ASP A 143 -18.89 59.09 7.92
C ASP A 143 -19.19 58.96 6.44
N GLN A 144 -20.10 58.05 6.09
CA GLN A 144 -20.48 57.88 4.71
C GLN A 144 -21.21 59.12 4.20
N SER A 145 -20.93 59.49 2.96
CA SER A 145 -21.56 60.65 2.36
C SER A 145 -22.99 60.34 1.97
N THR A 146 -23.64 61.29 1.30
CA THR A 146 -25.02 61.12 0.83
C THR A 146 -25.09 61.19 -0.69
N ALA A 147 -23.99 60.87 -1.37
CA ALA A 147 -23.97 60.91 -2.83
C ALA A 147 -22.88 59.96 -3.31
N SER A 148 -23.27 58.95 -4.09
CA SER A 148 -22.31 57.96 -4.59
C SER A 148 -21.35 58.59 -5.59
N THR A 168 -22.88 66.38 1.88
CA THR A 168 -23.50 66.70 3.16
C THR A 168 -23.69 65.45 4.00
N TYR A 169 -23.90 65.63 5.30
CA TYR A 169 -24.00 64.52 6.23
C TYR A 169 -25.27 64.63 7.07
N LEU A 170 -25.62 63.52 7.70
CA LEU A 170 -26.87 63.39 8.44
C LEU A 170 -26.84 64.26 9.70
N ASN A 171 -28.03 64.67 10.14
CA ASN A 171 -28.17 65.67 11.19
C ASN A 171 -28.03 65.11 12.60
N ASP A 172 -27.99 63.79 12.77
CA ASP A 172 -27.93 63.19 14.09
C ASP A 172 -26.77 62.20 14.12
N PRO A 173 -25.86 62.31 15.10
CA PRO A 173 -24.75 61.35 15.16
C PRO A 173 -25.18 59.90 15.26
N VAL A 174 -26.29 59.60 15.94
CA VAL A 174 -26.70 58.20 16.06
C VAL A 174 -27.21 57.68 14.73
N SER A 175 -28.00 58.49 14.00
CA SER A 175 -28.39 58.08 12.66
C SER A 175 -27.19 58.02 11.73
N GLN A 176 -26.19 58.87 11.98
CA GLN A 176 -24.94 58.76 11.24
C GLN A 176 -24.27 57.41 11.48
N ALA A 177 -24.25 56.96 12.73
CA ALA A 177 -23.67 55.65 13.04
C ALA A 177 -24.47 54.54 12.38
N VAL A 178 -25.80 54.64 12.41
CA VAL A 178 -26.63 53.63 11.77
C VAL A 178 -26.35 53.58 10.27
N PHE A 179 -26.22 54.75 9.64
CA PHE A 179 -25.90 54.78 8.23
C PHE A 179 -24.51 54.23 7.95
N ASN A 180 -23.55 54.48 8.84
CA ASN A 180 -22.22 53.91 8.68
C ASN A 180 -22.29 52.39 8.73
N ILE A 181 -23.06 51.85 9.67
CA ILE A 181 -23.20 50.39 9.75
C ILE A 181 -23.89 49.84 8.51
N LEU A 182 -24.95 50.52 8.05
CA LEU A 182 -25.75 49.96 6.97
C LEU A 182 -25.04 50.07 5.62
N GLY A 183 -24.36 51.18 5.37
CA GLY A 183 -23.89 51.46 4.02
C GLY A 183 -22.42 51.76 3.87
N THR A 184 -21.55 51.06 4.62
CA THR A 184 -20.13 51.13 4.38
C THR A 184 -19.76 49.92 3.51
N PRO A 185 -19.62 50.10 2.20
CA PRO A 185 -19.46 48.94 1.31
C PRO A 185 -18.11 48.26 1.51
N ASP A 186 -18.06 47.01 1.06
CA ASP A 186 -16.85 46.22 1.16
C ASP A 186 -15.77 46.78 0.22
N TYR A 187 -14.52 46.44 0.53
CA TYR A 187 -13.41 46.84 -0.33
C TYR A 187 -13.48 46.19 -1.70
N SER A 188 -14.20 45.06 -1.83
CA SER A 188 -14.31 44.40 -3.11
C SER A 188 -15.00 45.28 -4.15
N PHE A 189 -15.83 46.22 -3.71
CA PHE A 189 -16.47 47.15 -4.62
C PHE A 189 -15.49 48.13 -5.25
N CYS A 190 -14.29 48.27 -4.68
CA CYS A 190 -13.22 49.06 -5.29
C CYS A 190 -12.19 48.18 -5.97
N MET A 191 -12.56 46.93 -6.30
CA MET A 191 -11.70 46.01 -7.01
C MET A 191 -12.53 45.38 -8.12
N ASP A 192 -11.84 44.74 -9.07
CA ASP A 192 -12.52 44.24 -10.27
C ASP A 192 -13.36 43.00 -9.90
N ASN A 193 -13.96 42.39 -10.92
CA ASN A 193 -14.92 41.33 -10.69
C ASN A 193 -14.29 40.11 -10.05
N GLU A 194 -13.10 39.72 -10.50
CA GLU A 194 -12.42 38.54 -9.99
C GLU A 194 -11.59 38.83 -8.75
N GLN A 195 -11.61 40.06 -8.26
CA GLN A 195 -10.90 40.45 -7.04
C GLN A 195 -9.39 40.22 -7.17
N LYS A 196 -8.81 40.80 -8.22
CA LYS A 196 -7.38 40.68 -8.46
C LYS A 196 -6.65 42.01 -8.43
N ASN A 197 -7.18 43.03 -9.11
CA ASN A 197 -6.55 44.34 -9.20
C ASN A 197 -7.48 45.39 -8.61
N TRP A 198 -6.97 46.60 -8.50
CA TRP A 198 -7.71 47.74 -7.97
C TRP A 198 -8.00 48.75 -9.09
N LEU A 199 -9.18 49.34 -9.04
CA LEU A 199 -9.50 50.39 -10.01
C LEU A 199 -8.71 51.65 -9.71
N PRO A 200 -8.30 52.38 -10.74
CA PRO A 200 -7.53 53.62 -10.52
C PRO A 200 -8.32 54.70 -9.80
N ASN A 201 -9.63 54.78 -10.02
CA ASN A 201 -10.46 55.79 -9.39
C ASN A 201 -11.60 55.10 -8.67
N CYS A 202 -11.75 55.39 -7.38
CA CYS A 202 -12.81 54.79 -6.57
C CYS A 202 -13.12 55.78 -5.46
N ASN A 203 -14.18 56.57 -5.63
CA ASN A 203 -14.46 57.70 -4.76
C ASN A 203 -15.37 57.36 -3.58
N LEU A 204 -15.81 56.11 -3.46
CA LEU A 204 -16.69 55.71 -2.37
C LEU A 204 -15.86 55.04 -1.28
N MET A 205 -16.16 55.35 -0.03
CA MET A 205 -15.39 54.85 1.09
C MET A 205 -15.77 53.41 1.40
N TYR A 206 -14.79 52.52 1.39
CA TYR A 206 -14.98 51.14 1.81
C TYR A 206 -14.39 50.96 3.20
N GLN A 207 -14.65 49.79 3.80
CA GLN A 207 -14.27 49.57 5.19
C GLN A 207 -12.78 49.76 5.40
N ASN A 208 -11.96 49.18 4.52
CA ASN A 208 -10.52 49.36 4.63
C ASN A 208 -10.14 50.83 4.47
N LEU A 209 -10.80 51.55 3.55
CA LEU A 209 -10.45 52.93 3.30
C LEU A 209 -10.73 53.80 4.53
N VAL A 210 -11.94 53.70 5.09
CA VAL A 210 -12.27 54.49 6.27
C VAL A 210 -11.40 54.10 7.44
N MET A 211 -11.05 52.82 7.53
CA MET A 211 -10.26 52.34 8.65
C MET A 211 -8.82 52.85 8.57
N GLN A 212 -8.25 52.90 7.36
CA GLN A 212 -6.96 53.57 7.17
C GLN A 212 -7.08 55.05 7.49
N ASN A 213 -8.17 55.70 7.06
CA ASN A 213 -8.34 57.11 7.36
C ASN A 213 -8.35 57.36 8.87
N VAL A 214 -8.92 56.43 9.63
CA VAL A 214 -8.81 56.50 11.09
C VAL A 214 -7.34 56.42 11.50
N ILE A 215 -6.62 55.43 10.97
CA ILE A 215 -5.27 55.20 11.45
C ILE A 215 -4.33 56.32 11.01
N GLY A 216 -4.46 56.77 9.77
CA GLY A 216 -3.49 57.71 9.23
C GLY A 216 -2.28 56.99 8.67
N THR A 217 -1.16 57.71 8.62
CA THR A 217 0.09 57.09 8.22
C THR A 217 0.50 56.03 9.23
N LEU A 218 0.90 54.87 8.73
CA LEU A 218 1.26 53.78 9.63
C LEU A 218 2.55 54.09 10.35
N PRO A 219 2.57 54.08 11.69
CA PRO A 219 3.80 54.38 12.41
C PRO A 219 4.82 53.28 12.21
N PRO A 220 6.11 53.60 12.26
CA PRO A 220 7.14 52.58 12.07
C PRO A 220 7.30 51.71 13.31
N ALA A 221 8.12 50.68 13.17
CA ALA A 221 8.36 49.75 14.27
C ALA A 221 9.37 50.32 15.27
N GLN A 222 10.58 50.58 14.81
CA GLN A 222 11.62 51.16 15.65
C GLN A 222 11.58 52.68 15.57
N THR A 223 11.77 53.33 16.71
CA THR A 223 11.70 54.79 16.75
C THR A 223 12.81 55.40 15.92
N SER A 224 12.51 56.54 15.30
CA SER A 224 13.48 57.26 14.49
C SER A 224 13.36 58.75 14.80
N GLY A 225 14.39 59.51 14.42
CA GLY A 225 14.36 60.94 14.66
C GLY A 225 13.23 61.63 13.93
N SER A 226 12.97 61.22 12.69
CA SER A 226 11.91 61.84 11.91
C SER A 226 10.52 61.45 12.40
N THR A 227 10.31 60.17 12.68
CA THR A 227 8.99 59.68 13.07
C THR A 227 9.10 58.77 14.29
N PRO A 228 8.14 58.83 15.21
CA PRO A 228 8.22 58.01 16.41
C PRO A 228 7.68 56.60 16.19
N ALA A 229 8.10 55.71 17.08
CA ALA A 229 7.62 54.32 17.03
C ALA A 229 6.16 54.26 17.46
N PHE A 230 5.53 53.11 17.18
CA PHE A 230 4.11 52.98 17.50
C PHE A 230 3.88 52.91 19.01
N TYR A 231 4.89 52.54 19.79
CA TYR A 231 4.77 52.41 21.22
C TYR A 231 5.42 53.55 21.99
N SER A 232 5.99 54.53 21.31
CA SER A 232 6.63 55.64 21.99
C SER A 232 5.58 56.61 22.53
N TYR A 233 5.97 57.35 23.57
CA TYR A 233 5.05 58.33 24.15
C TYR A 233 4.81 59.50 23.22
N LYS A 234 5.79 59.85 22.39
CA LYS A 234 5.60 60.96 21.46
C LYS A 234 4.49 60.65 20.45
N TYR A 235 4.45 59.40 19.96
CA TYR A 235 3.40 59.03 19.02
C TYR A 235 2.03 59.03 19.68
N ASN A 236 1.95 58.57 20.93
CA ASN A 236 0.69 58.43 21.63
C ASN A 236 0.31 59.67 22.42
N GLN A 237 0.91 60.82 22.13
CA GLN A 237 0.56 62.03 22.85
C GLN A 237 -0.91 62.42 22.72
N PRO A 238 -1.50 62.45 21.52
CA PRO A 238 -2.94 62.77 21.45
C PRO A 238 -3.84 61.57 21.60
N LEU A 239 -3.32 60.38 21.24
CA LEU A 239 -4.14 59.18 21.30
C LEU A 239 -4.56 58.85 22.72
N ILE A 240 -3.67 59.09 23.69
CA ILE A 240 -4.01 58.81 25.08
C ILE A 240 -5.21 59.63 25.52
N SER A 241 -5.22 60.91 25.18
CA SER A 241 -6.37 61.76 25.52
C SER A 241 -7.61 61.34 24.74
N GLN A 242 -7.44 60.95 23.48
CA GLN A 242 -8.60 60.57 22.66
C GLN A 242 -9.29 59.34 23.21
N LEU A 243 -8.53 58.32 23.59
CA LEU A 243 -9.15 57.08 24.07
C LEU A 243 -9.51 57.10 25.54
N ASN A 244 -9.08 58.13 26.29
CA ASN A 244 -9.40 58.20 27.70
C ASN A 244 -10.90 58.37 27.91
N SER A 245 -11.47 57.59 28.82
CA SER A 245 -12.90 57.68 29.10
C SER A 245 -13.27 58.99 29.77
N ASN A 246 -12.37 59.53 30.60
CA ASN A 246 -12.68 60.76 31.33
C ASN A 246 -12.90 61.94 30.41
N SER A 247 -12.51 61.84 29.14
CA SER A 247 -12.75 62.92 28.20
C SER A 247 -14.25 63.11 27.94
N LEU A 248 -15.07 62.14 28.34
CA LEU A 248 -16.51 62.17 28.08
C LEU A 248 -17.33 62.55 29.30
N ILE A 249 -16.98 62.05 30.49
CA ILE A 249 -17.83 62.22 31.66
C ILE A 249 -17.30 63.26 32.65
N ALA A 250 -16.01 63.63 32.57
CA ALA A 250 -15.46 64.55 33.57
C ALA A 250 -15.97 65.97 33.36
N PRO A 251 -15.77 66.61 32.21
CA PRO A 251 -16.16 68.02 32.09
C PRO A 251 -17.66 68.20 32.10
N LEU A 252 -18.08 69.40 32.52
CA LEU A 252 -19.50 69.74 32.58
C LEU A 252 -19.96 70.58 31.40
N LEU A 253 -19.05 71.20 30.67
CA LEU A 253 -19.39 71.99 29.49
C LEU A 253 -18.21 71.91 28.52
N MET A 254 -18.40 71.18 27.43
CA MET A 254 -17.31 70.96 26.48
C MET A 254 -16.81 72.27 25.90
N ASP A 255 -15.50 72.35 25.66
CA ASP A 255 -14.89 73.48 25.00
C ASP A 255 -14.72 73.15 23.53
N THR A 256 -15.48 73.82 22.67
CA THR A 256 -15.43 73.57 21.24
C THR A 256 -14.42 74.45 20.52
N SER A 257 -13.71 75.32 21.24
CA SER A 257 -12.70 76.17 20.62
C SER A 257 -11.44 75.35 20.34
N ALA A 258 -10.92 75.51 19.13
CA ALA A 258 -9.73 74.76 18.69
C ALA A 258 -8.50 75.42 19.28
N SER A 259 -8.21 75.10 20.54
CA SER A 259 -7.06 75.64 21.24
C SER A 259 -5.80 74.83 21.04
N GLN A 260 -5.86 73.75 20.25
CA GLN A 260 -4.70 72.93 19.97
C GLN A 260 -4.91 72.21 18.65
N SER A 261 -3.85 71.58 18.17
CA SER A 261 -3.92 70.82 16.91
C SER A 261 -3.03 69.59 17.08
N GLY A 262 -3.65 68.41 17.03
CA GLY A 262 -2.92 67.18 17.18
C GLY A 262 -2.12 66.85 15.93
N GLN A 263 -1.43 65.71 15.99
CA GLN A 263 -0.67 65.24 14.86
C GLN A 263 -1.59 64.99 13.66
N ASP A 264 -1.22 65.55 12.51
CA ASP A 264 -2.06 65.49 11.32
C ASP A 264 -1.77 64.20 10.56
N SER A 265 -2.19 63.08 11.17
CA SER A 265 -2.05 61.75 10.56
C SER A 265 -3.39 61.05 10.73
N GLY A 266 -4.27 61.21 9.75
CA GLY A 266 -5.56 60.58 9.82
C GLY A 266 -6.48 61.26 10.82
N LEU A 267 -7.39 60.47 11.39
CA LEU A 267 -8.40 60.99 12.29
C LEU A 267 -7.76 61.57 13.54
N THR A 268 -8.01 62.86 13.81
CA THR A 268 -7.46 63.53 14.97
C THR A 268 -8.45 64.58 15.46
N ALA A 269 -8.41 64.84 16.75
CA ALA A 269 -9.31 65.81 17.39
C ALA A 269 -8.59 67.14 17.60
N LYS A 270 -9.36 68.22 17.50
CA LYS A 270 -8.80 69.56 17.58
C LYS A 270 -9.19 70.32 18.84
N SER A 271 -10.05 69.77 19.68
CA SER A 271 -10.50 70.47 20.89
C SER A 271 -11.07 69.45 21.85
N GLN A 272 -11.47 69.93 23.04
CA GLN A 272 -11.97 69.04 24.08
C GLN A 272 -13.22 68.29 23.61
N ALA A 273 -14.17 69.02 23.02
CA ALA A 273 -15.38 68.38 22.52
C ALA A 273 -15.04 67.35 21.45
N GLN A 274 -14.11 67.69 20.57
CA GLN A 274 -13.68 66.73 19.56
C GLN A 274 -13.01 65.52 20.20
N GLN A 275 -12.28 65.72 21.31
CA GLN A 275 -11.70 64.59 22.01
C GLN A 275 -12.78 63.67 22.56
N ALA A 276 -13.83 64.24 23.15
CA ALA A 276 -14.92 63.41 23.65
C ALA A 276 -15.63 62.67 22.52
N LEU A 277 -15.87 63.37 21.39
CA LEU A 277 -16.52 62.73 20.26
C LEU A 277 -15.68 61.60 19.70
N ASN A 278 -14.37 61.79 19.63
CA ASN A 278 -13.49 60.73 19.16
C ASN A 278 -13.47 59.57 20.13
N PHE A 279 -13.55 59.84 21.43
CA PHE A 279 -13.62 58.75 22.40
C PHE A 279 -14.89 57.94 22.19
N ILE A 280 -16.01 58.62 21.92
CA ILE A 280 -17.25 57.90 21.64
C ILE A 280 -17.12 57.08 20.36
N ARG A 281 -16.46 57.64 19.35
CA ARG A 281 -16.25 56.92 18.11
C ARG A 281 -15.43 55.66 18.35
N TYR A 282 -14.42 55.75 19.20
CA TYR A 282 -13.55 54.60 19.46
C TYR A 282 -14.25 53.56 20.33
N ALA A 283 -14.98 54.00 21.35
CA ALA A 283 -15.59 53.06 22.29
C ALA A 283 -16.79 52.35 21.68
N SER A 284 -17.43 52.96 20.70
CA SER A 284 -18.60 52.36 20.04
C SER A 284 -18.21 51.50 18.86
N ALA A 285 -16.92 51.30 18.63
CA ALA A 285 -16.43 50.44 17.54
C ALA A 285 -16.94 50.91 16.19
N GLN A 286 -17.01 52.23 16.00
CA GLN A 286 -17.35 52.81 14.71
C GLN A 286 -16.15 52.93 13.79
N VAL A 287 -14.94 52.70 14.30
CA VAL A 287 -13.75 52.72 13.45
C VAL A 287 -13.53 51.40 12.73
N THR A 288 -14.32 50.38 13.03
CA THR A 288 -14.24 49.07 12.37
C THR A 288 -15.63 48.69 11.90
N PRO A 289 -16.08 49.22 10.77
CA PRO A 289 -17.43 48.93 10.28
C PRO A 289 -17.55 47.48 9.88
N PRO A 290 -18.76 46.92 9.93
CA PRO A 290 -18.94 45.52 9.55
C PRO A 290 -18.67 45.28 8.07
N SER A 291 -18.29 44.05 7.75
CA SER A 291 -17.95 43.67 6.39
C SER A 291 -19.23 43.37 5.61
N LEU A 292 -19.54 44.21 4.64
CA LEU A 292 -20.67 44.00 3.75
C LEU A 292 -20.30 42.98 2.67
N PRO A 293 -21.29 42.39 2.00
CA PRO A 293 -20.99 41.27 1.10
C PRO A 293 -20.10 41.69 -0.07
N LYS A 294 -19.31 40.73 -0.54
CA LYS A 294 -18.42 40.98 -1.66
C LYS A 294 -19.22 41.27 -2.93
N LEU A 295 -18.57 41.93 -3.89
CA LEU A 295 -19.24 42.28 -5.13
C LEU A 295 -19.66 41.03 -5.89
N SER A 296 -18.74 40.09 -6.08
CA SER A 296 -19.04 38.91 -6.89
C SER A 296 -20.12 38.05 -6.24
N ALA A 297 -19.96 37.74 -4.96
CA ALA A 297 -20.91 36.86 -4.29
C ALA A 297 -22.30 37.50 -4.22
N TYR A 298 -22.35 38.77 -3.85
CA TYR A 298 -23.65 39.44 -3.78
C TYR A 298 -24.30 39.55 -5.14
N SER A 299 -23.52 39.87 -6.17
CA SER A 299 -24.09 39.94 -7.51
C SER A 299 -24.65 38.59 -7.94
N GLU A 300 -23.91 37.52 -7.67
CA GLU A 300 -24.39 36.19 -8.03
C GLU A 300 -25.67 35.84 -7.28
N LEU A 301 -25.71 36.11 -5.98
CA LEU A 301 -26.88 35.80 -5.19
C LEU A 301 -28.08 36.64 -5.62
N TRP A 302 -27.86 37.92 -5.92
CA TRP A 302 -28.97 38.78 -6.32
C TRP A 302 -29.51 38.38 -7.68
N ASN A 303 -28.63 38.05 -8.63
CA ASN A 303 -29.12 37.56 -9.92
C ASN A 303 -29.83 36.23 -9.76
N GLN A 304 -29.40 35.42 -8.78
CA GLN A 304 -30.06 34.16 -8.51
C GLN A 304 -31.45 34.37 -7.93
N ALA A 305 -31.62 35.38 -7.07
CA ALA A 305 -32.82 35.53 -6.27
C ALA A 305 -33.81 36.56 -6.81
N THR A 306 -33.43 37.36 -7.81
CA THR A 306 -34.34 38.38 -8.34
C THR A 306 -34.95 37.99 -9.67
N ALA A 307 -34.31 37.11 -10.43
CA ALA A 307 -34.86 36.69 -11.72
C ALA A 307 -36.15 35.92 -11.53
N LYS A 308 -37.09 36.11 -12.46
CA LYS A 308 -38.35 35.40 -12.40
C LYS A 308 -38.12 33.91 -12.58
N PRO A 309 -38.69 33.06 -11.73
CA PRO A 309 -38.41 31.62 -11.80
C PRO A 309 -38.95 31.00 -13.07
N ASN A 310 -38.30 29.92 -13.50
CA ASN A 310 -38.71 29.13 -14.66
C ASN A 310 -38.67 29.92 -15.97
N SER A 311 -37.94 31.02 -15.99
CA SER A 311 -37.77 31.82 -17.20
C SER A 311 -36.34 32.32 -17.27
N ALA A 312 -35.86 32.51 -18.51
CA ALA A 312 -34.50 33.01 -18.77
C ALA A 312 -33.44 32.10 -18.16
N GLY A 313 -33.70 30.80 -18.09
CA GLY A 313 -32.72 29.87 -17.57
C GLY A 313 -32.57 29.86 -16.06
N TYR A 314 -33.65 30.06 -15.33
CA TYR A 314 -33.63 30.00 -13.87
C TYR A 314 -34.67 29.00 -13.40
N ASN A 315 -34.67 28.76 -12.09
CA ASN A 315 -35.64 27.86 -11.45
C ASN A 315 -36.30 28.56 -10.28
N GLU A 316 -37.06 27.80 -9.48
CA GLU A 316 -37.80 28.38 -8.36
C GLU A 316 -37.19 28.06 -7.00
N VAL A 317 -36.88 26.78 -6.75
CA VAL A 317 -36.38 26.39 -5.43
C VAL A 317 -35.05 27.07 -5.13
N GLN A 318 -34.13 27.04 -6.10
CA GLN A 318 -32.84 27.67 -5.91
C GLN A 318 -32.98 29.19 -5.74
N GLN A 319 -33.88 29.80 -6.52
CA GLN A 319 -34.13 31.23 -6.38
C GLN A 319 -34.63 31.57 -4.99
N LYS A 320 -35.57 30.77 -4.47
CA LYS A 320 -36.11 31.03 -3.13
C LYS A 320 -35.04 30.85 -2.06
N GLN A 321 -34.18 29.83 -2.21
CA GLN A 321 -33.09 29.66 -1.27
C GLN A 321 -32.12 30.83 -1.29
N ALA A 322 -31.79 31.32 -2.49
CA ALA A 322 -30.91 32.48 -2.60
C ALA A 322 -31.55 33.71 -1.96
N ALA A 323 -32.85 33.91 -2.19
CA ALA A 323 -33.54 35.02 -1.56
C ALA A 323 -33.50 34.89 -0.05
N ALA A 324 -33.70 33.67 0.46
CA ALA A 324 -33.64 33.46 1.91
C ALA A 324 -32.27 33.82 2.46
N THR A 325 -31.20 33.43 1.77
CA THR A 325 -29.86 33.75 2.24
C THR A 325 -29.61 35.26 2.24
N LEU A 326 -30.00 35.94 1.16
CA LEU A 326 -29.78 37.38 1.09
C LEU A 326 -30.58 38.11 2.17
N SER A 327 -31.86 37.74 2.34
CA SER A 327 -32.64 38.34 3.40
C SER A 327 -32.10 38.01 4.77
N SER A 328 -31.47 36.84 4.92
CA SER A 328 -30.84 36.50 6.19
C SER A 328 -29.72 37.48 6.51
N TYR A 329 -28.84 37.72 5.54
CA TYR A 329 -27.77 38.67 5.80
C TYR A 329 -28.33 40.05 6.09
N PHE A 330 -29.31 40.50 5.30
CA PHE A 330 -29.81 41.86 5.48
C PHE A 330 -30.51 42.02 6.82
N ASN A 331 -31.28 41.02 7.25
CA ASN A 331 -31.97 41.12 8.53
C ASN A 331 -31.00 41.05 9.70
N ASN A 332 -29.98 40.20 9.61
CA ASN A 332 -28.96 40.19 10.65
C ASN A 332 -28.27 41.55 10.73
N LEU A 333 -27.97 42.14 9.58
CA LEU A 333 -27.32 43.45 9.56
C LEU A 333 -28.22 44.52 10.19
N ARG A 334 -29.51 44.50 9.87
CA ARG A 334 -30.41 45.50 10.42
C ARG A 334 -30.59 45.33 11.93
N VAL A 335 -30.71 44.09 12.39
CA VAL A 335 -30.82 43.84 13.83
C VAL A 335 -29.56 44.32 14.54
N TYR A 336 -28.40 44.01 13.99
CA TYR A 336 -27.14 44.47 14.58
C TYR A 336 -27.07 45.99 14.58
N ALA A 337 -27.51 46.62 13.50
CA ALA A 337 -27.48 48.08 13.42
C ALA A 337 -28.34 48.71 14.51
N ALA A 338 -29.56 48.20 14.68
CA ALA A 338 -30.44 48.76 15.71
C ALA A 338 -29.89 48.52 17.11
N GLN A 339 -29.42 47.30 17.39
CA GLN A 339 -28.92 47.01 18.72
C GLN A 339 -27.68 47.83 19.05
N THR A 340 -26.78 48.00 18.07
CA THR A 340 -25.63 48.88 18.26
C THR A 340 -26.07 50.32 18.44
N SER A 341 -27.08 50.75 17.69
CA SER A 341 -27.56 52.11 17.77
C SER A 341 -28.11 52.43 19.15
N VAL A 342 -28.65 51.43 19.84
CA VAL A 342 -29.11 51.68 21.21
C VAL A 342 -27.97 52.22 22.06
N GLY A 343 -26.85 51.51 22.08
CA GLY A 343 -25.72 51.95 22.87
C GLY A 343 -25.06 53.22 22.33
N VAL A 344 -25.02 53.36 21.01
CA VAL A 344 -24.41 54.56 20.44
C VAL A 344 -25.23 55.80 20.79
N SER A 345 -26.56 55.71 20.69
CA SER A 345 -27.41 56.80 21.12
C SER A 345 -27.26 57.06 22.60
N ASN A 346 -27.02 56.00 23.38
CA ASN A 346 -26.75 56.19 24.80
C ASN A 346 -25.50 57.04 25.02
N LEU A 347 -24.42 56.69 24.32
CA LEU A 347 -23.17 57.44 24.45
C LEU A 347 -23.37 58.88 24.01
N TYR A 348 -24.12 59.10 22.94
CA TYR A 348 -24.31 60.46 22.45
C TYR A 348 -25.25 61.25 23.35
N TYR A 349 -26.17 60.57 24.04
CA TYR A 349 -26.94 61.23 25.09
C TYR A 349 -26.03 61.68 26.21
N ILE A 350 -25.08 60.83 26.60
CA ILE A 350 -24.14 61.21 27.65
C ILE A 350 -23.33 62.42 27.23
N LEU A 351 -22.82 62.41 25.99
CA LEU A 351 -22.01 63.51 25.51
C LEU A 351 -22.81 64.80 25.38
N SER A 352 -23.96 64.73 24.70
CA SER A 352 -24.75 65.92 24.40
C SER A 352 -25.33 66.57 25.64
N LYS A 353 -25.31 65.90 26.78
CA LYS A 353 -25.65 66.56 28.03
C LYS A 353 -24.68 67.67 28.36
N ARG A 354 -23.49 67.66 27.75
CA ARG A 354 -22.43 68.61 28.06
C ARG A 354 -22.07 69.51 26.88
N LEU A 355 -22.91 69.58 25.85
CA LEU A 355 -22.57 70.43 24.73
C LEU A 355 -23.23 71.81 24.87
N PRO A 356 -22.59 72.86 24.36
CA PRO A 356 -23.16 74.20 24.52
C PRO A 356 -24.48 74.36 23.78
N GLN A 357 -25.35 75.20 24.34
CA GLN A 357 -26.65 75.47 23.76
C GLN A 357 -26.94 76.96 23.83
N ASN A 358 -27.52 77.49 22.76
CA ASN A 358 -27.90 78.90 22.71
C ASN A 358 -29.26 79.11 23.37
N MET A 359 -29.40 80.22 24.09
CA MET A 359 -30.66 80.51 24.77
C MET A 359 -31.23 81.86 24.39
N SER A 360 -30.38 82.87 24.28
CA SER A 360 -30.85 84.23 24.04
C SER A 360 -31.12 84.46 22.56
N ALA A 361 -32.17 85.21 22.27
CA ALA A 361 -32.46 85.61 20.90
C ALA A 361 -31.36 86.49 20.32
N ASP A 362 -30.59 87.16 21.17
CA ASP A 362 -29.42 87.90 20.71
C ASP A 362 -28.39 86.92 20.14
N GLN A 363 -27.89 87.23 18.95
CA GLN A 363 -26.89 86.38 18.31
C GLN A 363 -25.48 86.97 18.39
N SER A 364 -25.34 88.21 18.88
CA SER A 364 -24.03 88.80 19.08
C SER A 364 -23.52 88.62 20.51
N ASN A 365 -24.43 88.53 21.48
CA ASN A 365 -24.09 88.26 22.87
C ASN A 365 -25.17 87.30 23.40
N ALA A 366 -24.88 86.01 23.31
CA ALA A 366 -25.85 84.98 23.67
C ALA A 366 -25.63 84.52 25.11
N ASN A 367 -26.32 83.46 25.50
CA ASN A 367 -26.14 82.81 26.81
C ASN A 367 -25.84 81.35 26.56
N ILE A 368 -24.60 80.94 26.86
CA ILE A 368 -24.14 79.59 26.58
C ILE A 368 -24.13 78.80 27.87
N THR A 369 -24.86 77.69 27.89
CA THR A 369 -24.87 76.77 29.01
C THR A 369 -25.34 75.41 28.50
N SER A 370 -25.09 74.38 29.29
CA SER A 370 -25.41 73.03 28.89
C SER A 370 -26.26 72.37 29.96
N GLN A 371 -26.81 71.19 29.62
CA GLN A 371 -27.67 70.47 30.56
C GLN A 371 -26.90 70.07 31.81
N ALA A 372 -25.66 69.58 31.64
CA ALA A 372 -24.88 69.16 32.78
C ALA A 372 -24.42 70.35 33.62
N LEU A 373 -23.98 71.43 32.96
CA LEU A 373 -23.52 72.60 33.69
C LEU A 373 -24.66 73.25 34.47
N ASN A 374 -25.78 73.49 33.79
CA ASN A 374 -26.94 74.05 34.47
C ASN A 374 -27.47 73.12 35.54
N GLU A 375 -27.40 71.82 35.30
CA GLU A 375 -27.88 70.84 36.26
C GLU A 375 -27.03 70.86 37.53
N PHE A 376 -25.72 70.93 37.36
CA PHE A 376 -24.81 71.08 38.49
C PHE A 376 -25.03 72.40 39.22
N ASN A 377 -25.23 73.49 38.48
CA ASN A 377 -25.48 74.78 39.11
C ASN A 377 -26.78 74.74 39.90
N MET A 378 -27.81 74.09 39.36
CA MET A 378 -29.05 73.88 40.08
C MET A 378 -28.82 73.11 41.35
N ALA A 379 -28.01 72.06 41.29
CA ALA A 379 -27.74 71.25 42.47
C ALA A 379 -27.00 72.04 43.54
N THR A 380 -26.02 72.85 43.13
CA THR A 380 -25.08 73.47 44.07
C THR A 380 -25.09 74.99 43.98
N ARG A 381 -26.24 75.61 43.79
CA ARG A 381 -26.35 77.06 43.93
C ARG A 381 -26.75 77.47 45.33
N ARG A 382 -26.86 76.50 46.24
CA ARG A 382 -27.20 76.78 47.63
C ARG A 382 -26.17 76.27 48.63
N LEU A 383 -25.29 75.36 48.23
CA LEU A 383 -24.21 74.95 49.11
C LEU A 383 -23.07 75.96 49.08
N PHE A 384 -22.52 76.21 47.90
CA PHE A 384 -21.51 77.25 47.73
C PHE A 384 -21.62 77.79 46.31
N ASP A 385 -21.42 79.09 46.17
CA ASP A 385 -21.50 79.76 44.87
C ASP A 385 -20.33 80.72 44.74
N PRO A 386 -19.38 80.45 43.84
CA PRO A 386 -18.22 81.36 43.70
C PRO A 386 -18.60 82.78 43.31
N THR A 387 -19.68 82.95 42.55
CA THR A 387 -20.15 84.29 42.21
C THR A 387 -20.60 85.04 43.46
N ALA A 388 -21.23 84.34 44.39
CA ALA A 388 -21.78 84.98 45.59
C ALA A 388 -20.68 85.60 46.42
N SER A 389 -21.00 86.74 47.04
CA SER A 389 -20.04 87.45 47.87
C SER A 389 -19.74 86.66 49.14
N ASN A 390 -18.49 86.78 49.61
CA ASN A 390 -18.03 86.05 50.79
C ASN A 390 -17.58 86.99 51.91
N THR A 391 -18.09 88.22 51.94
CA THR A 391 -17.76 89.17 52.99
C THR A 391 -19.04 89.83 53.44
N PRO A 392 -19.28 89.91 54.75
CA PRO A 392 -20.52 90.55 55.24
C PRO A 392 -20.59 92.01 54.82
N GLY A 393 -21.81 92.47 54.59
CA GLY A 393 -22.06 93.83 54.16
C GLY A 393 -22.28 93.99 52.67
N GLN A 394 -21.98 92.97 51.87
CA GLN A 394 -22.21 93.03 50.44
C GLN A 394 -23.44 92.20 50.07
N PRO A 395 -24.11 92.54 48.97
CA PRO A 395 -25.31 91.79 48.58
C PRO A 395 -25.00 90.37 48.13
N ASN A 396 -26.03 89.66 47.69
CA ASN A 396 -25.98 88.30 47.14
C ASN A 396 -24.93 87.42 47.83
N GLN A 397 -25.09 87.32 49.15
CA GLN A 397 -24.23 86.45 49.94
C GLN A 397 -24.56 84.98 49.64
N GLN A 398 -23.90 84.08 50.35
CA GLN A 398 -24.20 82.66 50.22
C GLN A 398 -25.63 82.38 50.65
N TRP A 399 -26.20 81.32 50.08
CA TRP A 399 -27.60 81.01 50.35
C TRP A 399 -27.83 80.70 51.82
N ILE A 400 -26.89 79.98 52.45
CA ILE A 400 -27.03 79.66 53.87
C ILE A 400 -27.05 80.93 54.70
N LYS A 401 -26.13 81.86 54.41
CA LYS A 401 -26.08 83.11 55.16
C LYS A 401 -27.36 83.91 55.00
N GLN A 402 -27.90 83.97 53.78
CA GLN A 402 -29.16 84.66 53.57
C GLN A 402 -30.30 83.99 54.33
N ILE A 403 -30.31 82.65 54.36
CA ILE A 403 -31.32 81.92 55.12
C ILE A 403 -31.21 82.26 56.60
N ASN A 404 -29.99 82.43 57.09
CA ASN A 404 -29.77 82.69 58.51
C ASN A 404 -30.45 83.97 58.97
N ASP A 405 -30.67 84.92 58.06
CA ASP A 405 -31.27 86.21 58.39
C ASP A 405 -32.48 86.49 57.52
N ALA A 406 -33.36 85.50 57.38
CA ALA A 406 -34.52 85.61 56.51
C ALA A 406 -35.80 85.40 57.31
N SER A 407 -36.88 85.97 56.79
CA SER A 407 -38.19 85.86 57.41
C SER A 407 -38.77 84.45 57.21
N PRO A 408 -39.65 84.01 58.11
CA PRO A 408 -40.23 82.67 57.96
C PRO A 408 -40.96 82.47 56.64
N ALA A 409 -41.67 83.50 56.15
CA ALA A 409 -42.34 83.37 54.86
C ALA A 409 -41.33 83.16 53.74
N THR A 410 -40.22 83.89 53.77
CA THR A 410 -39.22 83.77 52.73
C THR A 410 -38.61 82.39 52.70
N VAL A 411 -38.25 81.85 53.87
CA VAL A 411 -37.67 80.51 53.90
C VAL A 411 -38.72 79.46 53.54
N GLN A 412 -39.99 79.71 53.84
CA GLN A 412 -41.02 78.78 53.41
C GLN A 412 -41.12 78.74 51.89
N LYS A 413 -41.09 79.89 51.24
CA LYS A 413 -41.11 79.92 49.78
C LYS A 413 -39.85 79.28 49.21
N GLU A 414 -38.71 79.47 49.87
CA GLU A 414 -37.49 78.81 49.47
C GLU A 414 -37.63 77.30 49.57
N ILE A 415 -38.30 76.82 50.62
CA ILE A 415 -38.55 75.39 50.76
C ILE A 415 -39.43 74.89 49.62
N ALA A 416 -40.44 75.67 49.24
CA ALA A 416 -41.29 75.27 48.12
C ALA A 416 -40.47 75.15 46.83
N ILE A 417 -39.62 76.14 46.57
CA ILE A 417 -38.78 76.09 45.38
C ILE A 417 -37.86 74.88 45.43
N LEU A 418 -37.28 74.61 46.60
CA LEU A 418 -36.40 73.47 46.76
C LEU A 418 -37.12 72.16 46.48
N LEU A 419 -38.36 72.05 46.94
CA LEU A 419 -39.12 70.84 46.68
C LEU A 419 -39.40 70.66 45.19
N ALA A 420 -39.70 71.76 44.49
CA ALA A 420 -39.85 71.67 43.04
C ALA A 420 -38.56 71.20 42.38
N GLU A 421 -37.43 71.71 42.85
CA GLU A 421 -36.14 71.26 42.35
C GLU A 421 -35.98 69.75 42.54
N ILE A 422 -36.29 69.28 43.75
CA ILE A 422 -36.17 67.86 44.08
C ILE A 422 -37.03 67.04 43.14
N ASN A 423 -38.25 67.50 42.88
CA ASN A 423 -39.15 66.78 42.00
C ASN A 423 -38.55 66.65 40.60
N TYR A 424 -38.01 67.76 40.07
CA TYR A 424 -37.42 67.74 38.74
C TYR A 424 -36.22 66.80 38.68
N GLN A 425 -35.39 66.83 39.71
CA GLN A 425 -34.21 65.96 39.73
C GLN A 425 -34.60 64.49 39.78
N MET A 426 -35.65 64.17 40.56
CA MET A 426 -36.13 62.79 40.59
C MET A 426 -36.63 62.36 39.22
N TYR A 427 -37.29 63.27 38.51
CA TYR A 427 -37.73 62.94 37.15
C TYR A 427 -36.55 62.60 36.25
N LEU A 428 -35.47 63.39 36.33
CA LEU A 428 -34.29 63.09 35.53
C LEU A 428 -33.69 61.75 35.91
N ASP A 429 -33.61 61.46 37.21
CA ASP A 429 -33.05 60.19 37.65
C ASP A 429 -33.84 59.02 37.09
N ARG A 430 -35.17 59.13 37.10
CA ARG A 430 -35.99 58.07 36.53
C ARG A 430 -35.81 57.97 35.02
N GLN A 431 -35.57 59.09 34.34
CA GLN A 431 -35.28 59.01 32.91
C GLN A 431 -34.00 58.22 32.66
N ILE A 432 -32.97 58.44 33.48
CA ILE A 432 -31.75 57.65 33.36
C ILE A 432 -32.03 56.18 33.64
N GLN A 433 -32.89 55.90 34.62
CA GLN A 433 -33.23 54.51 34.92
C GLN A 433 -33.94 53.85 33.74
N GLU A 434 -34.82 54.59 33.08
CA GLU A 434 -35.48 54.11 31.87
C GLU A 434 -34.48 53.81 30.77
N ARG A 435 -33.50 54.68 30.60
CA ARG A 435 -32.41 54.41 29.67
C ARG A 435 -31.70 53.09 30.03
N ILE A 436 -31.42 52.89 31.32
CA ILE A 436 -30.80 51.66 31.78
C ILE A 436 -31.65 50.45 31.41
N LEU A 437 -32.95 50.57 31.60
CA LEU A 437 -33.86 49.46 31.28
C LEU A 437 -33.78 49.11 29.81
N LEU A 438 -33.80 50.13 28.95
CA LEU A 438 -33.68 49.86 27.51
C LEU A 438 -32.37 49.16 27.19
N THR A 439 -31.26 49.64 27.78
CA THR A 439 -29.96 49.03 27.52
C THR A 439 -29.97 47.56 27.91
N ASN A 440 -30.39 47.25 29.13
CA ASN A 440 -30.37 45.88 29.61
C ASN A 440 -31.28 44.98 28.78
N SER A 441 -32.46 45.48 28.43
CA SER A 441 -33.39 44.66 27.65
C SER A 441 -32.82 44.36 26.27
N ILE A 442 -32.22 45.36 25.63
CA ILE A 442 -31.63 45.14 24.30
C ILE A 442 -30.53 44.10 24.38
N MET A 443 -29.65 44.22 25.37
CA MET A 443 -28.55 43.28 25.48
C MET A 443 -29.04 41.87 25.81
N LEU A 444 -30.05 41.75 26.67
CA LEU A 444 -30.59 40.44 26.99
C LEU A 444 -31.23 39.80 25.76
N LEU A 445 -31.94 40.59 24.96
CA LEU A 445 -32.52 40.07 23.73
C LEU A 445 -31.43 39.64 22.75
N GLN A 446 -30.32 40.38 22.70
CA GLN A 446 -29.20 39.95 21.87
C GLN A 446 -28.66 38.60 22.33
N ASN A 447 -28.52 38.43 23.65
CA ASN A 447 -28.07 37.14 24.18
C ASN A 447 -29.02 36.03 23.78
N LEU A 448 -30.33 36.26 23.89
CA LEU A 448 -31.30 35.22 23.57
C LEU A 448 -31.32 34.92 22.08
N LYS A 449 -31.13 35.94 21.24
CA LYS A 449 -31.01 35.68 19.81
C LYS A 449 -29.79 34.83 19.52
N ALA A 450 -28.67 35.11 20.21
CA ALA A 450 -27.51 34.23 20.12
C ALA A 450 -27.77 32.85 20.70
N ALA A 451 -28.82 32.70 21.51
CA ALA A 451 -29.14 31.45 22.18
C ALA A 451 -30.42 30.84 21.65
N GLN A 452 -30.64 30.91 20.34
CA GLN A 452 -31.86 30.38 19.76
C GLN A 452 -31.89 28.85 19.86
N PRO A 453 -33.07 28.27 20.05
CA PRO A 453 -33.17 26.81 20.08
C PRO A 453 -32.89 26.21 18.71
N THR A 454 -32.38 24.98 18.73
CA THR A 454 -32.05 24.24 17.52
C THR A 454 -33.20 23.30 17.17
N ALA A 455 -33.57 23.28 15.89
CA ALA A 455 -34.71 22.50 15.44
C ALA A 455 -34.36 21.06 15.10
N ASP A 456 -33.19 20.83 14.49
CA ASP A 456 -32.85 19.51 13.99
C ASP A 456 -32.68 18.50 15.14
N PHE A 457 -32.98 17.24 14.83
CA PHE A 457 -32.82 16.14 15.77
C PHE A 457 -31.85 15.14 15.16
N SER A 458 -30.63 15.08 15.70
CA SER A 458 -29.61 14.18 15.19
C SER A 458 -29.36 13.03 16.15
N GLN B 23 -58.77 118.65 85.84
CA GLN B 23 -59.21 117.63 86.77
C GLN B 23 -58.10 116.61 87.03
N PRO B 24 -57.99 116.14 88.28
CA PRO B 24 -57.00 115.12 88.58
C PRO B 24 -57.26 113.83 87.81
N ALA B 25 -56.17 113.17 87.44
CA ALA B 25 -56.24 111.99 86.57
C ALA B 25 -55.78 110.76 87.34
N ASP B 26 -56.61 109.73 87.34
CA ASP B 26 -56.25 108.46 87.96
C ASP B 26 -55.13 107.79 87.15
N PRO B 27 -54.20 107.11 87.84
CA PRO B 27 -53.06 106.51 87.13
C PRO B 27 -53.45 105.45 86.12
N SER B 28 -54.65 104.88 86.26
CA SER B 28 -55.08 103.83 85.34
C SER B 28 -55.08 104.31 83.90
N GLY B 29 -55.50 105.56 83.66
CA GLY B 29 -55.57 106.05 82.30
C GLY B 29 -54.23 106.09 81.61
N GLN B 30 -53.23 106.69 82.26
CA GLN B 30 -51.91 106.78 81.64
C GLN B 30 -51.25 105.42 81.56
N GLN B 31 -51.46 104.57 82.57
CA GLN B 31 -50.87 103.23 82.51
C GLN B 31 -51.45 102.43 81.35
N THR B 32 -52.77 102.50 81.14
CA THR B 32 -53.37 101.82 80.00
C THR B 32 -52.94 102.45 78.69
N SER B 33 -52.71 103.77 78.68
CA SER B 33 -52.21 104.42 77.47
C SER B 33 -50.83 103.89 77.10
N THR B 34 -49.94 103.76 78.08
CA THR B 34 -48.62 103.22 77.81
C THR B 34 -48.71 101.75 77.40
N ASN B 35 -49.60 100.98 78.03
CA ASN B 35 -49.77 99.59 77.63
C ASN B 35 -50.25 99.47 76.19
N THR B 36 -51.20 100.32 75.79
CA THR B 36 -51.71 100.25 74.43
C THR B 36 -50.66 100.68 73.42
N SER B 37 -49.88 101.72 73.74
CA SER B 37 -48.79 102.09 72.83
C SER B 37 -47.76 100.99 72.72
N ASN B 38 -47.46 100.32 73.83
CA ASN B 38 -46.56 99.18 73.80
C ASN B 38 -47.12 98.06 72.94
N LEU B 39 -48.42 97.81 73.06
CA LEU B 39 -49.08 96.84 72.19
C LEU B 39 -48.92 97.22 70.72
N VAL B 40 -49.10 98.50 70.41
CA VAL B 40 -48.95 98.98 69.04
C VAL B 40 -47.55 98.63 68.53
N THR B 41 -46.52 99.11 69.22
CA THR B 41 -45.16 98.94 68.72
C THR B 41 -44.78 97.48 68.66
N TYR B 42 -45.18 96.69 69.65
CA TYR B 42 -44.87 95.26 69.65
C TYR B 42 -45.53 94.56 68.48
N LEU B 43 -46.79 94.90 68.17
CA LEU B 43 -47.44 94.29 67.01
C LEU B 43 -46.74 94.67 65.72
N THR B 44 -46.36 95.94 65.56
CA THR B 44 -45.67 96.33 64.33
C THR B 44 -44.34 95.61 64.18
N ASN B 45 -43.55 95.51 65.26
CA ASN B 45 -42.26 94.85 65.10
C ASN B 45 -42.41 93.34 64.97
N LEU B 46 -43.47 92.76 65.55
CA LEU B 46 -43.73 91.34 65.33
C LEU B 46 -44.09 91.08 63.87
N GLY B 47 -44.93 91.94 63.29
CA GLY B 47 -45.25 91.80 61.88
C GLY B 47 -44.03 91.98 61.00
N LYS B 48 -43.18 92.94 61.34
CA LYS B 48 -41.94 93.12 60.59
C LYS B 48 -41.04 91.91 60.72
N TYR B 49 -41.04 91.25 61.89
CA TYR B 49 -40.18 90.09 62.09
C TYR B 49 -40.56 88.95 61.14
N LEU B 50 -41.85 88.69 60.98
CA LEU B 50 -42.29 87.69 60.02
C LEU B 50 -42.08 88.14 58.58
N GLY B 51 -41.76 89.41 58.35
CA GLY B 51 -41.46 89.90 57.03
C GLY B 51 -42.55 90.71 56.37
N TYR B 52 -43.44 91.33 57.13
CA TYR B 52 -44.56 92.09 56.58
C TYR B 52 -44.57 93.49 57.16
N ASP B 53 -44.70 94.49 56.29
CA ASP B 53 -44.88 95.87 56.72
C ASP B 53 -46.34 96.04 57.11
N ILE B 54 -46.64 95.76 58.38
CA ILE B 54 -48.03 95.72 58.83
C ILE B 54 -48.63 97.11 58.89
N THR B 55 -47.80 98.13 59.04
CA THR B 55 -48.32 99.49 59.21
C THR B 55 -49.00 100.02 57.95
N GLN B 56 -48.77 99.41 56.80
CA GLN B 56 -49.34 99.87 55.54
C GLN B 56 -50.42 98.89 55.08
N SER B 57 -51.67 99.30 55.22
CA SER B 57 -52.79 98.45 54.79
C SER B 57 -52.93 98.43 53.28
N SER B 58 -52.52 99.50 52.59
CA SER B 58 -52.64 99.54 51.13
C SER B 58 -51.77 98.49 50.47
N LYS B 59 -50.55 98.29 50.97
CA LYS B 59 -49.66 97.29 50.41
C LYS B 59 -49.99 95.87 50.86
N ALA B 60 -50.92 95.70 51.79
CA ALA B 60 -51.35 94.38 52.19
C ALA B 60 -52.11 93.71 51.04
N PRO B 61 -52.07 92.39 50.96
CA PRO B 61 -52.78 91.69 49.86
C PRO B 61 -54.27 91.91 49.94
N ASN B 62 -54.83 92.52 48.90
CA ASN B 62 -56.25 92.81 48.85
C ASN B 62 -56.81 92.47 47.47
N PRO B 63 -57.74 91.53 47.36
CA PRO B 63 -58.32 90.72 48.43
C PRO B 63 -57.37 89.61 48.90
N PRO B 64 -57.49 89.19 50.16
CA PRO B 64 -56.63 88.11 50.65
C PRO B 64 -56.93 86.81 49.96
N TYR B 65 -55.91 85.97 49.84
CA TYR B 65 -56.04 84.67 49.18
C TYR B 65 -55.53 83.57 50.10
N SER B 66 -56.38 82.58 50.34
CA SER B 66 -56.00 81.40 51.11
C SER B 66 -56.02 80.12 50.30
N GLN B 67 -56.81 80.07 49.23
CA GLN B 67 -56.90 78.85 48.42
C GLN B 67 -55.61 78.65 47.62
N LEU B 68 -55.62 77.60 46.81
CA LEU B 68 -54.49 77.28 45.95
C LEU B 68 -54.48 78.19 44.73
N PHE B 69 -53.35 78.17 44.01
CA PHE B 69 -53.26 78.95 42.78
C PHE B 69 -54.34 78.55 41.80
N ASN B 70 -54.42 77.25 41.49
CA ASN B 70 -55.51 76.73 40.67
C ASN B 70 -55.65 75.25 41.02
N SER B 71 -56.64 74.94 41.87
CA SER B 71 -56.87 73.56 42.27
C SER B 71 -57.32 72.72 41.07
N ASN B 72 -58.13 73.33 40.20
CA ASN B 72 -58.70 72.60 39.06
C ASN B 72 -57.62 72.14 38.08
N VAL B 73 -56.66 73.02 37.77
CA VAL B 73 -55.64 72.69 36.78
C VAL B 73 -54.77 71.54 37.27
N VAL B 74 -54.27 71.65 38.50
CA VAL B 74 -53.46 70.58 39.05
C VAL B 74 -54.29 69.32 39.22
N GLN B 75 -55.58 69.47 39.52
CA GLN B 75 -56.45 68.31 39.66
C GLN B 75 -56.56 67.56 38.34
N LEU B 76 -56.72 68.31 37.24
CA LEU B 76 -56.75 67.68 35.92
C LEU B 76 -55.43 66.98 35.61
N VAL B 77 -54.32 67.63 35.94
CA VAL B 77 -53.01 67.05 35.65
C VAL B 77 -52.88 65.73 36.40
N GLN B 78 -53.25 65.73 37.68
CA GLN B 78 -53.22 64.53 38.50
C GLN B 78 -54.11 63.43 37.95
N ASN B 79 -55.35 63.78 37.58
CA ASN B 79 -56.29 62.80 37.06
C ASN B 79 -55.74 62.13 35.81
N TYR B 80 -55.27 62.95 34.86
CA TYR B 80 -54.74 62.43 33.61
C TYR B 80 -53.51 61.57 33.85
N ALA B 81 -52.63 62.01 34.76
CA ALA B 81 -51.41 61.23 34.99
C ALA B 81 -51.73 59.88 35.64
N TYR B 82 -52.64 59.86 36.60
CA TYR B 82 -53.02 58.60 37.22
C TYR B 82 -53.62 57.65 36.19
N ASN B 83 -54.53 58.17 35.36
CA ASN B 83 -55.15 57.32 34.35
C ASN B 83 -54.12 56.81 33.34
N THR B 84 -53.21 57.68 32.90
CA THR B 84 -52.23 57.27 31.91
C THR B 84 -51.27 56.23 32.47
N PHE B 85 -50.82 56.41 33.72
CA PHE B 85 -49.98 55.38 34.31
C PHE B 85 -50.72 54.06 34.43
N LEU B 86 -51.97 54.09 34.87
CA LEU B 86 -52.71 52.85 35.03
C LEU B 86 -53.05 52.21 33.69
N GLY B 87 -53.01 52.97 32.61
CA GLY B 87 -53.37 52.43 31.31
C GLY B 87 -52.18 52.00 30.46
N ALA B 88 -51.08 52.75 30.55
CA ALA B 88 -49.92 52.47 29.71
C ALA B 88 -49.19 51.20 30.10
N ILE B 89 -49.52 50.60 31.23
CA ILE B 89 -48.87 49.34 31.61
C ILE B 89 -49.28 48.26 30.60
N PRO B 90 -48.32 47.58 29.96
CA PRO B 90 -48.69 46.50 29.03
C PRO B 90 -49.23 45.31 29.79
N VAL B 91 -50.39 44.83 29.36
CA VAL B 91 -51.10 43.75 30.05
C VAL B 91 -51.26 42.58 29.09
N ASP B 92 -51.11 41.37 29.62
CA ASP B 92 -51.45 40.17 28.88
C ASP B 92 -52.92 40.24 28.48
N ALA B 93 -53.17 40.34 27.18
CA ALA B 93 -54.52 40.54 26.67
C ALA B 93 -54.92 39.34 25.82
N MET B 94 -55.39 38.28 26.50
CA MET B 94 -56.04 37.16 25.85
C MET B 94 -57.54 37.14 26.10
N SER B 95 -57.99 37.70 27.21
CA SER B 95 -59.41 37.79 27.55
C SER B 95 -59.55 38.91 28.57
N GLN B 96 -60.80 39.34 28.77
CA GLN B 96 -61.05 40.39 29.75
C GLN B 96 -60.65 39.95 31.14
N SER B 97 -60.91 38.68 31.48
CA SER B 97 -60.58 38.18 32.80
C SER B 97 -59.07 38.10 33.04
N LEU B 98 -58.26 38.18 31.98
CA LEU B 98 -56.81 38.12 32.13
C LEU B 98 -56.18 39.50 32.24
N MET B 99 -56.85 40.54 31.77
CA MET B 99 -56.31 41.89 31.85
C MET B 99 -56.59 42.58 33.18
N ASN B 100 -57.29 41.91 34.09
CA ASN B 100 -57.71 42.56 35.33
C ASN B 100 -56.51 42.89 36.20
N PHE B 101 -56.37 44.17 36.54
CA PHE B 101 -55.33 44.58 37.49
C PHE B 101 -55.68 44.15 38.91
N VAL B 102 -56.97 44.15 39.25
CA VAL B 102 -57.43 43.80 40.58
C VAL B 102 -58.60 42.84 40.46
N THR B 103 -58.88 42.13 41.56
CA THR B 103 -60.02 41.23 41.60
C THR B 103 -61.30 42.03 41.79
N ASP B 104 -62.40 41.34 42.07
CA ASP B 104 -63.69 42.00 42.23
C ASP B 104 -63.91 42.57 43.63
N LYS B 105 -63.10 42.19 44.61
CA LYS B 105 -63.40 42.56 45.99
C LYS B 105 -62.94 43.97 46.33
N VAL B 106 -61.85 44.44 45.70
CA VAL B 106 -61.34 45.76 46.02
C VAL B 106 -62.33 46.83 45.57
N GLN B 107 -62.28 47.98 46.24
CA GLN B 107 -63.18 49.07 45.88
C GLN B 107 -62.61 49.84 44.69
N GLY B 108 -63.50 50.28 43.81
CA GLY B 108 -63.06 50.91 42.59
C GLY B 108 -62.47 49.95 41.58
N ASN B 109 -62.84 48.67 41.67
CA ASN B 109 -62.29 47.67 40.78
C ASN B 109 -62.70 47.91 39.32
N SER B 110 -63.90 48.42 39.09
CA SER B 110 -64.40 48.57 37.73
C SER B 110 -63.53 49.53 36.92
N LEU B 111 -63.26 50.71 37.48
CA LEU B 111 -62.45 51.69 36.77
C LEU B 111 -61.04 51.18 36.52
N ILE B 112 -60.43 50.57 37.54
CA ILE B 112 -59.05 50.10 37.41
C ILE B 112 -58.96 49.00 36.36
N ASN B 113 -59.88 48.04 36.40
CA ASN B 113 -59.87 46.96 35.42
C ASN B 113 -60.16 47.48 34.02
N ASN B 114 -61.07 48.46 33.91
CA ASN B 114 -61.39 49.00 32.59
C ASN B 114 -60.22 49.77 31.99
N LEU B 115 -59.43 50.44 32.83
CA LEU B 115 -58.30 51.21 32.33
C LEU B 115 -57.21 50.34 31.72
N ALA B 116 -57.25 49.03 31.93
CA ALA B 116 -56.16 48.17 31.51
C ALA B 116 -56.02 48.15 30.00
N ASN B 117 -54.78 48.21 29.53
CA ASN B 117 -54.44 48.08 28.12
C ASN B 117 -55.16 49.12 27.26
N THR B 118 -55.30 50.33 27.80
CA THR B 118 -56.02 51.37 27.06
C THR B 118 -55.18 51.93 25.92
N THR B 119 -53.85 51.86 26.03
CA THR B 119 -53.00 52.49 25.03
C THR B 119 -53.08 51.77 23.69
N PHE B 120 -53.23 50.44 23.71
CA PHE B 120 -53.42 49.69 22.47
C PHE B 120 -54.89 49.49 22.14
N LYS B 121 -55.78 49.53 23.13
CA LYS B 121 -57.20 49.47 22.85
C LYS B 121 -57.66 50.69 22.06
N TYR B 122 -57.18 51.88 22.46
CA TYR B 122 -57.49 53.08 21.68
C TYR B 122 -56.77 53.05 20.33
N GLN B 123 -55.56 52.50 20.30
CA GLN B 123 -54.80 52.40 19.06
C GLN B 123 -55.40 51.40 18.08
N ASN B 124 -56.37 50.59 18.52
CA ASN B 124 -56.97 49.54 17.68
C ASN B 124 -55.88 48.62 17.14
N PHE B 125 -55.04 48.13 18.04
CA PHE B 125 -53.92 47.28 17.65
C PHE B 125 -54.40 45.96 17.07
N SER B 126 -55.49 45.41 17.60
CA SER B 126 -55.99 44.13 17.13
C SER B 126 -56.53 44.21 15.70
N ALA B 127 -56.90 45.40 15.24
CA ALA B 127 -57.44 45.53 13.89
C ALA B 127 -56.36 45.23 12.87
N PRO B 128 -56.56 44.26 11.98
CA PRO B 128 -55.50 43.90 11.04
C PRO B 128 -55.17 45.04 10.09
N SER B 129 -53.88 45.23 9.85
CA SER B 129 -53.40 46.21 8.88
C SER B 129 -52.03 45.76 8.39
N SER B 130 -51.64 46.25 7.22
CA SER B 130 -50.37 45.91 6.61
C SER B 130 -49.40 47.09 6.63
N GLY B 131 -49.63 48.08 7.49
CA GLY B 131 -48.75 49.21 7.60
C GLY B 131 -49.04 50.31 6.59
N ALA B 132 -50.32 50.68 6.47
CA ALA B 132 -50.73 51.73 5.54
C ALA B 132 -51.79 52.63 6.14
N ASP B 133 -51.78 52.80 7.46
CA ASP B 133 -52.77 53.64 8.14
C ASP B 133 -52.17 54.61 9.16
N GLY B 134 -50.92 54.43 9.57
CA GLY B 134 -50.28 55.33 10.49
C GLY B 134 -50.58 55.10 11.96
N LYS B 135 -51.38 54.09 12.30
CA LYS B 135 -51.69 53.78 13.69
C LYS B 135 -51.05 52.46 14.07
N ILE B 136 -50.58 52.39 15.31
CA ILE B 136 -49.87 51.21 15.79
C ILE B 136 -50.75 49.98 15.59
N THR B 137 -50.25 49.03 14.82
CA THR B 137 -51.04 47.86 14.44
C THR B 137 -50.08 46.71 14.16
N ALA B 138 -50.63 45.50 14.20
CA ALA B 138 -49.86 44.31 13.86
C ALA B 138 -49.76 44.20 12.34
N ASN B 139 -48.56 44.44 11.81
CA ASN B 139 -48.36 44.32 10.37
C ASN B 139 -48.65 42.90 9.93
N GLY B 140 -49.43 42.77 8.85
CA GLY B 140 -49.74 41.44 8.33
C GLY B 140 -48.54 40.73 7.75
N LEU B 141 -47.45 41.44 7.49
CA LEU B 141 -46.27 40.81 6.90
C LEU B 141 -45.54 39.92 7.89
N ILE B 142 -45.53 40.28 9.17
CA ILE B 142 -44.61 39.64 10.11
C ILE B 142 -45.34 39.02 11.29
N ASP B 143 -46.62 39.32 11.45
CA ASP B 143 -47.40 38.83 12.57
C ASP B 143 -48.26 37.65 12.13
N GLN B 144 -48.15 36.54 12.84
CA GLN B 144 -48.95 35.37 12.52
C GLN B 144 -50.43 35.64 12.77
N SER B 145 -51.27 35.16 11.87
CA SER B 145 -52.70 35.36 11.98
C SER B 145 -53.31 34.31 12.93
N THR B 146 -54.61 34.43 13.17
CA THR B 146 -55.32 33.50 14.05
C THR B 146 -56.09 32.44 13.28
N ALA B 147 -55.98 32.39 11.95
CA ALA B 147 -56.70 31.42 11.14
C ALA B 147 -55.73 30.75 10.18
N SER B 148 -55.78 29.43 10.13
CA SER B 148 -54.90 28.66 9.25
C SER B 148 -55.38 28.69 7.81
N THR B 168 -57.50 37.62 12.06
CA THR B 168 -57.26 38.76 12.94
C THR B 168 -55.99 38.53 13.75
N TYR B 169 -55.60 39.52 14.55
CA TYR B 169 -54.37 39.47 15.32
C TYR B 169 -54.66 39.74 16.79
N LEU B 170 -53.74 39.27 17.63
CA LEU B 170 -53.93 39.28 19.07
C LEU B 170 -53.89 40.71 19.61
N ASN B 171 -54.55 40.90 20.76
CA ASN B 171 -54.83 42.23 21.27
C ASN B 171 -53.62 42.92 21.88
N ASP B 172 -52.55 42.20 22.18
CA ASP B 172 -51.42 42.80 22.86
C ASP B 172 -50.12 42.51 22.11
N PRO B 173 -49.26 43.52 21.94
CA PRO B 173 -48.04 43.30 21.15
C PRO B 173 -47.11 42.26 21.73
N VAL B 174 -47.03 42.13 23.06
CA VAL B 174 -46.13 41.15 23.65
C VAL B 174 -46.64 39.74 23.41
N SER B 175 -47.95 39.52 23.58
CA SER B 175 -48.52 38.23 23.23
C SER B 175 -48.39 37.97 21.74
N GLN B 176 -48.45 39.02 20.93
CA GLN B 176 -48.18 38.87 19.50
C GLN B 176 -46.75 38.37 19.27
N ALA B 177 -45.79 38.92 19.99
CA ALA B 177 -44.40 38.47 19.86
C ALA B 177 -44.27 37.02 20.30
N VAL B 178 -44.95 36.65 21.40
CA VAL B 178 -44.89 35.27 21.86
C VAL B 178 -45.47 34.33 20.81
N PHE B 179 -46.58 34.73 20.20
CA PHE B 179 -47.17 33.90 19.15
C PHE B 179 -46.25 33.80 17.94
N ASN B 180 -45.55 34.88 17.61
CA ASN B 180 -44.58 34.83 16.51
C ASN B 180 -43.46 33.88 16.82
N ILE B 181 -42.96 33.90 18.06
CA ILE B 181 -41.91 32.96 18.45
C ILE B 181 -42.40 31.53 18.40
N LEU B 182 -43.63 31.30 18.86
CA LEU B 182 -44.13 29.93 19.00
C LEU B 182 -44.55 29.34 17.65
N GLY B 183 -45.54 29.96 17.01
CA GLY B 183 -46.17 29.36 15.85
C GLY B 183 -45.82 29.97 14.50
N THR B 184 -44.54 30.30 14.29
CA THR B 184 -44.11 30.68 12.95
C THR B 184 -43.54 29.45 12.28
N PRO B 185 -44.28 28.81 11.38
CA PRO B 185 -43.88 27.52 10.86
C PRO B 185 -42.64 27.61 9.98
N ASP B 186 -42.00 26.46 9.82
CA ASP B 186 -40.81 26.37 8.97
C ASP B 186 -41.21 26.45 7.49
N TYR B 187 -40.24 26.82 6.66
CA TYR B 187 -40.47 26.82 5.21
C TYR B 187 -40.72 25.41 4.69
N SER B 188 -40.21 24.39 5.39
CA SER B 188 -40.41 23.02 4.94
C SER B 188 -41.88 22.65 4.87
N PHE B 189 -42.72 23.31 5.67
CA PHE B 189 -44.15 23.04 5.64
C PHE B 189 -44.82 23.54 4.38
N CYS B 190 -44.19 24.42 3.62
CA CYS B 190 -44.67 24.82 2.31
C CYS B 190 -43.96 24.10 1.18
N MET B 191 -43.38 22.94 1.48
CA MET B 191 -42.65 22.14 0.50
C MET B 191 -43.04 20.68 0.71
N ASP B 192 -42.88 19.88 -0.34
CA ASP B 192 -43.36 18.51 -0.31
C ASP B 192 -42.56 17.67 0.69
N ASN B 193 -42.96 16.41 0.83
CA ASN B 193 -42.42 15.55 1.88
C ASN B 193 -40.95 15.21 1.67
N GLU B 194 -40.43 15.33 0.44
CA GLU B 194 -39.05 15.01 0.14
C GLU B 194 -38.16 16.23 0.06
N GLN B 195 -38.68 17.41 0.40
CA GLN B 195 -37.91 18.66 0.38
C GLN B 195 -37.34 18.92 -1.02
N LYS B 196 -38.13 18.61 -2.05
CA LYS B 196 -37.69 18.75 -3.43
C LYS B 196 -38.24 20.01 -4.10
N ASN B 197 -39.57 20.15 -4.15
CA ASN B 197 -40.24 21.23 -4.86
C ASN B 197 -41.10 22.03 -3.89
N TRP B 198 -41.72 23.08 -4.42
CA TRP B 198 -42.58 23.98 -3.66
C TRP B 198 -44.04 23.80 -4.07
N LEU B 199 -44.93 23.97 -3.11
CA LEU B 199 -46.35 23.90 -3.40
C LEU B 199 -46.81 25.16 -4.13
N PRO B 200 -47.70 25.01 -5.13
CA PRO B 200 -48.19 26.20 -5.84
C PRO B 200 -48.96 27.17 -4.97
N ASN B 201 -49.70 26.67 -3.98
CA ASN B 201 -50.46 27.52 -3.07
C ASN B 201 -50.12 27.14 -1.64
N CYS B 202 -49.83 28.16 -0.82
CA CYS B 202 -49.46 27.93 0.57
C CYS B 202 -49.82 29.19 1.35
N ASN B 203 -50.94 29.14 2.07
CA ASN B 203 -51.35 30.26 2.90
C ASN B 203 -50.47 30.42 4.13
N LEU B 204 -49.68 29.40 4.46
CA LEU B 204 -48.86 29.43 5.66
C LEU B 204 -47.76 30.49 5.52
N MET B 205 -47.53 31.23 6.59
CA MET B 205 -46.50 32.27 6.63
C MET B 205 -45.29 31.69 7.33
N TYR B 206 -44.33 31.20 6.56
CA TYR B 206 -43.14 30.57 7.11
C TYR B 206 -42.06 31.61 7.38
N GLN B 207 -40.96 31.16 7.99
CA GLN B 207 -39.90 32.09 8.38
C GLN B 207 -39.32 32.81 7.19
N ASN B 208 -39.06 32.09 6.10
CA ASN B 208 -38.56 32.73 4.89
C ASN B 208 -39.59 33.70 4.33
N LEU B 209 -40.87 33.36 4.41
CA LEU B 209 -41.90 34.25 3.87
C LEU B 209 -41.96 35.56 4.66
N VAL B 210 -42.05 35.49 5.98
CA VAL B 210 -42.08 36.71 6.79
C VAL B 210 -40.81 37.51 6.62
N MET B 211 -39.68 36.82 6.48
CA MET B 211 -38.41 37.50 6.45
C MET B 211 -38.20 38.20 5.11
N GLN B 212 -38.66 37.58 4.02
CA GLN B 212 -38.76 38.28 2.74
C GLN B 212 -39.71 39.46 2.81
N ASN B 213 -40.86 39.28 3.46
CA ASN B 213 -41.80 40.40 3.57
C ASN B 213 -41.18 41.57 4.30
N VAL B 214 -40.31 41.29 5.28
CA VAL B 214 -39.53 42.35 5.90
C VAL B 214 -38.61 43.00 4.89
N ILE B 215 -37.87 42.19 4.13
CA ILE B 215 -36.86 42.77 3.26
C ILE B 215 -37.43 43.39 1.98
N GLY B 216 -38.68 43.07 1.63
CA GLY B 216 -39.24 43.60 0.41
C GLY B 216 -38.49 43.10 -0.81
N THR B 217 -38.46 43.92 -1.85
CA THR B 217 -37.68 43.60 -3.03
C THR B 217 -36.19 43.73 -2.71
N LEU B 218 -35.42 42.72 -3.11
CA LEU B 218 -33.99 42.73 -2.81
C LEU B 218 -33.29 43.83 -3.59
N PRO B 219 -32.55 44.72 -2.91
CA PRO B 219 -31.88 45.80 -3.63
C PRO B 219 -30.76 45.25 -4.51
N PRO B 220 -30.43 45.95 -5.59
CA PRO B 220 -29.38 45.46 -6.49
C PRO B 220 -27.98 45.66 -5.92
N ALA B 221 -26.97 45.32 -6.71
CA ALA B 221 -25.59 45.33 -6.22
C ALA B 221 -24.98 46.73 -6.26
N GLN B 222 -24.85 47.30 -7.45
CA GLN B 222 -24.17 48.58 -7.63
C GLN B 222 -24.87 49.37 -8.73
N THR B 223 -25.78 50.26 -8.34
CA THR B 223 -26.44 51.20 -9.23
C THR B 223 -27.24 52.19 -8.39
N SER B 224 -27.35 53.42 -8.88
CA SER B 224 -28.13 54.44 -8.18
C SER B 224 -28.98 55.25 -9.15
N GLY B 225 -29.46 54.61 -10.21
CA GLY B 225 -30.29 55.28 -11.19
C GLY B 225 -31.76 54.95 -11.01
N SER B 226 -32.26 54.00 -11.81
CA SER B 226 -33.65 53.56 -11.66
C SER B 226 -33.89 52.96 -10.30
N THR B 227 -32.94 52.16 -9.79
CA THR B 227 -33.05 51.56 -8.49
C THR B 227 -31.78 51.80 -7.69
N PRO B 228 -31.88 52.01 -6.39
CA PRO B 228 -30.70 52.30 -5.58
C PRO B 228 -30.00 51.05 -5.07
N ALA B 229 -28.70 51.20 -4.82
CA ALA B 229 -27.87 50.10 -4.35
C ALA B 229 -28.17 49.81 -2.87
N PHE B 230 -27.68 48.67 -2.39
CA PHE B 230 -27.96 48.30 -1.01
C PHE B 230 -27.22 49.17 0.00
N TYR B 231 -26.25 49.96 -0.45
CA TYR B 231 -25.47 50.80 0.45
C TYR B 231 -25.61 52.28 0.16
N SER B 232 -26.40 52.66 -0.83
CA SER B 232 -26.58 54.07 -1.15
C SER B 232 -27.48 54.74 -0.12
N TYR B 233 -27.30 56.05 0.04
CA TYR B 233 -28.11 56.80 1.00
C TYR B 233 -29.56 56.89 0.54
N LYS B 234 -29.81 56.90 -0.77
CA LYS B 234 -31.18 56.95 -1.26
C LYS B 234 -31.97 55.73 -0.83
N TYR B 235 -31.34 54.54 -0.91
CA TYR B 235 -32.02 53.33 -0.47
C TYR B 235 -32.21 53.30 1.04
N ASN B 236 -31.22 53.76 1.79
CA ASN B 236 -31.26 53.68 3.25
C ASN B 236 -32.00 54.83 3.90
N GLN B 237 -32.41 55.84 3.14
CA GLN B 237 -33.00 57.03 3.75
C GLN B 237 -34.19 56.72 4.65
N PRO B 238 -35.13 55.83 4.29
CA PRO B 238 -36.18 55.48 5.25
C PRO B 238 -35.76 54.45 6.28
N LEU B 239 -34.71 53.67 6.01
CA LEU B 239 -34.31 52.60 6.92
C LEU B 239 -33.63 53.13 8.17
N ILE B 240 -32.80 54.16 8.04
CA ILE B 240 -32.02 54.64 9.17
C ILE B 240 -32.92 55.17 10.27
N SER B 241 -33.98 55.89 9.90
CA SER B 241 -34.91 56.39 10.91
C SER B 241 -35.58 55.25 11.65
N GLN B 242 -35.92 54.16 10.94
CA GLN B 242 -36.52 53.01 11.59
C GLN B 242 -35.54 52.35 12.55
N LEU B 243 -34.31 52.11 12.10
CA LEU B 243 -33.32 51.41 12.91
C LEU B 243 -32.73 52.28 14.01
N ASN B 244 -32.90 53.59 13.95
CA ASN B 244 -32.35 54.48 14.97
C ASN B 244 -33.04 54.24 16.30
N SER B 245 -32.25 54.09 17.36
CA SER B 245 -32.81 53.86 18.69
C SER B 245 -33.58 55.08 19.18
N ASN B 246 -33.13 56.28 18.83
CA ASN B 246 -33.78 57.49 19.31
C ASN B 246 -35.20 57.63 18.80
N SER B 247 -35.61 56.84 17.80
CA SER B 247 -36.97 56.89 17.31
C SER B 247 -37.98 56.44 18.36
N LEU B 248 -37.53 55.74 19.40
CA LEU B 248 -38.42 55.23 20.44
C LEU B 248 -38.45 56.12 21.66
N ILE B 249 -37.29 56.58 22.12
CA ILE B 249 -37.15 57.17 23.45
C ILE B 249 -37.02 58.68 23.43
N ALA B 250 -36.81 59.29 22.27
CA ALA B 250 -36.70 60.75 22.23
C ALA B 250 -38.06 61.42 22.43
N PRO B 251 -39.08 61.10 21.64
CA PRO B 251 -40.34 61.83 21.76
C PRO B 251 -41.10 61.47 23.03
N LEU B 252 -42.03 62.35 23.40
CA LEU B 252 -42.87 62.14 24.56
C LEU B 252 -44.31 61.80 24.22
N LEU B 253 -44.74 62.05 22.99
CA LEU B 253 -46.09 61.70 22.54
C LEU B 253 -46.02 61.38 21.07
N MET B 254 -46.19 60.11 20.71
CA MET B 254 -46.03 59.69 19.32
C MET B 254 -47.08 60.31 18.43
N ASP B 255 -46.71 60.55 17.17
CA ASP B 255 -47.63 61.04 16.17
C ASP B 255 -48.14 59.85 15.33
N THR B 256 -49.45 59.69 15.28
CA THR B 256 -50.08 58.58 14.58
C THR B 256 -50.69 59.01 13.25
N SER B 257 -50.24 60.14 12.71
CA SER B 257 -50.72 60.66 11.44
C SER B 257 -49.68 60.36 10.36
N ALA B 258 -50.16 59.84 9.23
CA ALA B 258 -49.28 59.46 8.14
C ALA B 258 -48.77 60.69 7.39
N SER B 259 -47.72 61.31 7.90
CA SER B 259 -47.14 62.50 7.29
C SER B 259 -46.04 62.16 6.28
N GLN B 260 -45.79 60.88 6.04
CA GLN B 260 -44.78 60.47 5.07
C GLN B 260 -45.14 59.08 4.56
N SER B 261 -44.52 58.72 3.43
CA SER B 261 -44.74 57.42 2.81
C SER B 261 -43.39 56.89 2.35
N GLY B 262 -42.87 55.88 3.05
CA GLY B 262 -41.61 55.29 2.68
C GLY B 262 -41.71 54.49 1.39
N GLN B 263 -40.54 54.00 0.96
CA GLN B 263 -40.49 53.17 -0.24
C GLN B 263 -41.36 51.93 -0.05
N ASP B 264 -42.21 51.64 -1.04
CA ASP B 264 -43.18 50.54 -0.92
C ASP B 264 -42.51 49.23 -1.33
N SER B 265 -41.57 48.80 -0.49
CA SER B 265 -40.85 47.54 -0.69
C SER B 265 -40.78 46.84 0.67
N GLY B 266 -41.78 46.02 0.95
CA GLY B 266 -41.78 45.27 2.20
C GLY B 266 -42.15 46.13 3.41
N LEU B 267 -41.66 45.70 4.56
CA LEU B 267 -42.02 46.35 5.82
C LEU B 267 -41.51 47.78 5.85
N THR B 268 -42.42 48.72 6.11
CA THR B 268 -42.08 50.14 6.17
C THR B 268 -42.99 50.84 7.16
N ALA B 269 -42.55 52.01 7.59
CA ALA B 269 -43.25 52.80 8.60
C ALA B 269 -43.87 54.03 7.96
N LYS B 270 -45.08 54.38 8.39
CA LYS B 270 -45.81 55.49 7.81
C LYS B 270 -45.83 56.73 8.69
N SER B 271 -45.45 56.62 9.97
CA SER B 271 -45.46 57.77 10.86
C SER B 271 -44.44 57.52 11.97
N GLN B 272 -44.32 58.50 12.86
CA GLN B 272 -43.33 58.41 13.94
C GLN B 272 -43.59 57.21 14.84
N ALA B 273 -44.86 56.99 15.19
CA ALA B 273 -45.20 55.82 15.99
C ALA B 273 -44.83 54.53 15.27
N GLN B 274 -45.08 54.47 13.97
CA GLN B 274 -44.64 53.33 13.18
C GLN B 274 -43.12 53.20 13.21
N GLN B 275 -42.40 54.31 13.18
CA GLN B 275 -40.94 54.25 13.24
C GLN B 275 -40.48 53.62 14.55
N ALA B 276 -41.07 54.05 15.67
CA ALA B 276 -40.69 53.49 16.96
C ALA B 276 -41.05 52.01 17.05
N LEU B 277 -42.25 51.65 16.58
CA LEU B 277 -42.68 50.26 16.65
C LEU B 277 -41.79 49.37 15.79
N ASN B 278 -41.44 49.84 14.60
CA ASN B 278 -40.54 49.08 13.74
C ASN B 278 -39.16 48.97 14.36
N PHE B 279 -38.72 50.02 15.08
CA PHE B 279 -37.44 49.91 15.77
C PHE B 279 -37.49 48.81 16.83
N ILE B 280 -38.60 48.73 17.58
CA ILE B 280 -38.72 47.66 18.55
C ILE B 280 -38.72 46.30 17.87
N ARG B 281 -39.42 46.20 16.75
CA ARG B 281 -39.45 44.94 16.01
C ARG B 281 -38.06 44.53 15.56
N TYR B 282 -37.26 45.50 15.13
CA TYR B 282 -35.90 45.18 14.66
C TYR B 282 -34.97 44.84 15.81
N ALA B 283 -35.04 45.60 16.91
CA ALA B 283 -34.13 45.39 18.02
C ALA B 283 -34.47 44.16 18.84
N SER B 284 -35.71 43.67 18.76
CA SER B 284 -36.13 42.49 19.50
C SER B 284 -35.99 41.21 18.68
N ALA B 285 -35.36 41.28 17.51
CA ALA B 285 -35.12 40.11 16.67
C ALA B 285 -36.41 39.43 16.25
N GLN B 286 -37.49 40.19 16.11
CA GLN B 286 -38.74 39.65 15.61
C GLN B 286 -38.75 39.49 14.10
N VAL B 287 -37.76 40.06 13.41
CA VAL B 287 -37.67 39.91 11.95
C VAL B 287 -36.91 38.67 11.54
N THR B 288 -36.34 37.93 12.50
CA THR B 288 -35.65 36.67 12.23
C THR B 288 -36.21 35.63 13.18
N PRO B 289 -37.37 35.07 12.88
CA PRO B 289 -38.03 34.13 13.80
C PRO B 289 -37.24 32.84 13.92
N PRO B 290 -37.38 32.13 15.03
CA PRO B 290 -36.61 30.89 15.21
C PRO B 290 -37.04 29.81 14.24
N SER B 291 -36.13 28.86 14.03
CA SER B 291 -36.36 27.77 13.10
C SER B 291 -37.14 26.65 13.80
N LEU B 292 -38.32 26.36 13.29
CA LEU B 292 -39.17 25.27 13.77
C LEU B 292 -38.80 23.98 13.06
N PRO B 293 -39.17 22.81 13.61
CA PRO B 293 -38.69 21.55 13.06
C PRO B 293 -39.17 21.31 11.64
N LYS B 294 -38.36 20.57 10.88
CA LYS B 294 -38.71 20.21 9.52
C LYS B 294 -39.97 19.35 9.53
N LEU B 295 -40.74 19.43 8.44
CA LEU B 295 -41.98 18.66 8.35
C LEU B 295 -41.70 17.17 8.43
N SER B 296 -40.72 16.68 7.65
CA SER B 296 -40.46 15.25 7.59
C SER B 296 -39.94 14.73 8.93
N ALA B 297 -38.92 15.39 9.49
CA ALA B 297 -38.34 14.92 10.74
C ALA B 297 -39.34 15.00 11.89
N TYR B 298 -40.07 16.11 11.99
CA TYR B 298 -41.05 16.24 13.05
C TYR B 298 -42.16 15.22 12.90
N SER B 299 -42.63 14.99 11.67
CA SER B 299 -43.67 13.99 11.47
C SER B 299 -43.18 12.60 11.87
N GLU B 300 -41.95 12.27 11.49
CA GLU B 300 -41.40 10.96 11.85
C GLU B 300 -41.29 10.81 13.37
N LEU B 301 -40.77 11.84 14.04
CA LEU B 301 -40.61 11.76 15.49
C LEU B 301 -41.96 11.69 16.19
N TRP B 302 -42.94 12.47 15.74
CA TRP B 302 -44.26 12.42 16.35
C TRP B 302 -44.91 11.07 16.14
N ASN B 303 -44.77 10.50 14.95
CA ASN B 303 -45.28 9.16 14.71
C ASN B 303 -44.61 8.14 15.63
N GLN B 304 -43.30 8.28 15.81
CA GLN B 304 -42.57 7.38 16.70
C GLN B 304 -42.95 7.58 18.16
N ALA B 305 -43.44 8.76 18.53
CA ALA B 305 -43.66 9.10 19.92
C ALA B 305 -45.11 8.97 20.38
N THR B 306 -46.08 9.26 19.52
CA THR B 306 -47.48 9.22 19.91
C THR B 306 -48.11 7.85 19.71
N ALA B 307 -47.41 6.92 19.08
CA ALA B 307 -47.97 5.59 18.85
C ALA B 307 -47.89 4.74 20.10
N LYS B 308 -48.95 3.99 20.35
CA LYS B 308 -48.98 3.11 21.52
C LYS B 308 -47.97 1.98 21.31
N PRO B 309 -47.09 1.73 22.28
CA PRO B 309 -46.05 0.72 22.10
C PRO B 309 -46.63 -0.69 22.06
N ASN B 310 -45.82 -1.61 21.53
CA ASN B 310 -46.18 -3.02 21.39
C ASN B 310 -47.42 -3.23 20.53
N SER B 311 -47.71 -2.28 19.63
CA SER B 311 -48.83 -2.40 18.71
C SER B 311 -48.47 -1.70 17.41
N ALA B 312 -48.77 -2.36 16.29
CA ALA B 312 -48.51 -1.83 14.95
C ALA B 312 -47.02 -1.58 14.71
N GLY B 313 -46.15 -2.35 15.37
CA GLY B 313 -44.73 -2.25 15.14
C GLY B 313 -44.04 -1.10 15.85
N TYR B 314 -44.17 -1.05 17.17
CA TYR B 314 -43.51 -0.03 17.97
C TYR B 314 -43.00 -0.65 19.26
N ASN B 315 -42.02 0.00 19.87
CA ASN B 315 -41.43 -0.47 21.12
C ASN B 315 -41.33 0.70 22.09
N GLU B 316 -41.24 0.35 23.38
CA GLU B 316 -41.21 1.38 24.43
C GLU B 316 -39.97 2.25 24.31
N VAL B 317 -38.82 1.65 23.99
CA VAL B 317 -37.55 2.37 24.09
C VAL B 317 -37.52 3.56 23.13
N GLN B 318 -37.62 3.28 21.83
CA GLN B 318 -37.51 4.36 20.86
C GLN B 318 -38.71 5.30 20.93
N GLN B 319 -39.88 4.80 21.33
CA GLN B 319 -41.04 5.67 21.50
C GLN B 319 -40.76 6.71 22.58
N LYS B 320 -40.30 6.26 23.76
CA LYS B 320 -40.00 7.19 24.84
C LYS B 320 -38.84 8.11 24.47
N GLN B 321 -37.84 7.61 23.75
CA GLN B 321 -36.72 8.46 23.35
C GLN B 321 -37.20 9.57 22.40
N ALA B 322 -38.03 9.22 21.43
CA ALA B 322 -38.55 10.21 20.49
C ALA B 322 -39.44 11.22 21.22
N ALA B 323 -40.28 10.74 22.15
CA ALA B 323 -41.09 11.65 22.92
C ALA B 323 -40.22 12.61 23.74
N ALA B 324 -39.13 12.09 24.32
CA ALA B 324 -38.23 12.94 25.08
C ALA B 324 -37.59 14.00 24.19
N THR B 325 -37.19 13.62 22.98
CA THR B 325 -36.58 14.59 22.07
C THR B 325 -37.58 15.67 21.66
N LEU B 326 -38.81 15.27 21.35
CA LEU B 326 -39.82 16.26 20.96
C LEU B 326 -40.16 17.20 22.11
N SER B 327 -40.34 16.65 23.32
CA SER B 327 -40.58 17.50 24.47
C SER B 327 -39.38 18.38 24.76
N SER B 328 -38.17 17.91 24.45
CA SER B 328 -36.99 18.74 24.64
C SER B 328 -37.04 19.97 23.75
N TYR B 329 -37.33 19.76 22.46
CA TYR B 329 -37.42 20.91 21.58
C TYR B 329 -38.53 21.85 22.02
N PHE B 330 -39.70 21.29 22.36
CA PHE B 330 -40.82 22.15 22.72
C PHE B 330 -40.55 22.94 23.99
N ASN B 331 -39.92 22.32 24.99
CA ASN B 331 -39.64 23.03 26.23
C ASN B 331 -38.56 24.08 26.02
N ASN B 332 -37.54 23.79 25.22
CA ASN B 332 -36.55 24.82 24.91
C ASN B 332 -37.20 25.99 24.19
N LEU B 333 -38.11 25.70 23.26
CA LEU B 333 -38.81 26.76 22.54
C LEU B 333 -39.65 27.61 23.49
N ARG B 334 -40.37 26.96 24.41
CA ARG B 334 -41.20 27.72 25.34
C ARG B 334 -40.36 28.57 26.30
N VAL B 335 -39.25 28.02 26.79
CA VAL B 335 -38.37 28.77 27.67
C VAL B 335 -37.79 29.98 26.95
N TYR B 336 -37.33 29.77 25.71
CA TYR B 336 -36.79 30.87 24.93
C TYR B 336 -37.88 31.91 24.64
N ALA B 337 -39.10 31.46 24.37
CA ALA B 337 -40.18 32.39 24.10
C ALA B 337 -40.47 33.27 25.32
N ALA B 338 -40.53 32.66 26.50
CA ALA B 338 -40.80 33.43 27.71
C ALA B 338 -39.67 34.41 28.01
N GLN B 339 -38.43 33.94 27.92
CA GLN B 339 -37.29 34.80 28.23
C GLN B 339 -37.20 35.96 27.24
N THR B 340 -37.44 35.69 25.95
CA THR B 340 -37.48 36.78 24.97
C THR B 340 -38.64 37.71 25.24
N SER B 341 -39.79 37.17 25.62
CA SER B 341 -40.96 38.01 25.89
C SER B 341 -40.71 38.93 27.07
N VAL B 342 -39.82 38.57 27.98
CA VAL B 342 -39.44 39.50 29.05
C VAL B 342 -38.91 40.80 28.45
N GLY B 343 -37.88 40.70 27.60
CA GLY B 343 -37.31 41.89 26.99
C GLY B 343 -38.26 42.58 26.03
N VAL B 344 -39.05 41.81 25.30
CA VAL B 344 -39.99 42.40 24.35
C VAL B 344 -41.08 43.18 25.10
N SER B 345 -41.55 42.65 26.23
CA SER B 345 -42.48 43.38 27.06
C SER B 345 -41.85 44.63 27.64
N ASN B 346 -40.56 44.56 28.01
CA ASN B 346 -39.86 45.76 28.45
C ASN B 346 -39.89 46.83 27.36
N LEU B 347 -39.59 46.43 26.12
CA LEU B 347 -39.56 47.38 25.01
C LEU B 347 -40.96 47.94 24.72
N TYR B 348 -41.98 47.09 24.79
CA TYR B 348 -43.32 47.60 24.50
C TYR B 348 -43.82 48.49 25.63
N TYR B 349 -43.36 48.26 26.85
CA TYR B 349 -43.68 49.17 27.95
C TYR B 349 -42.99 50.51 27.77
N ILE B 350 -41.71 50.49 27.36
CA ILE B 350 -40.98 51.75 27.22
C ILE B 350 -41.53 52.55 26.05
N LEU B 351 -41.99 51.88 25.00
CA LEU B 351 -42.66 52.63 23.93
C LEU B 351 -44.04 53.11 24.36
N SER B 352 -44.85 52.22 24.93
CA SER B 352 -46.25 52.53 25.20
C SER B 352 -46.41 53.60 26.26
N LYS B 353 -45.35 53.94 26.99
CA LYS B 353 -45.41 55.11 27.86
C LYS B 353 -45.64 56.38 27.07
N ARG B 354 -45.35 56.37 25.77
CA ARG B 354 -45.42 57.56 24.92
C ARG B 354 -46.51 57.46 23.86
N LEU B 355 -47.54 56.65 24.09
CA LEU B 355 -48.58 56.58 23.07
C LEU B 355 -49.81 57.37 23.50
N PRO B 356 -50.56 57.91 22.54
CA PRO B 356 -51.75 58.70 22.90
C PRO B 356 -52.79 57.86 23.62
N GLN B 357 -53.45 58.48 24.60
CA GLN B 357 -54.53 57.84 25.34
C GLN B 357 -55.66 58.85 25.49
N ASN B 358 -56.83 58.50 24.96
CA ASN B 358 -58.00 59.35 25.09
C ASN B 358 -58.44 59.34 26.54
N MET B 359 -58.64 60.53 27.12
CA MET B 359 -59.01 60.66 28.51
C MET B 359 -60.49 60.94 28.72
N SER B 360 -61.03 61.98 28.07
CA SER B 360 -62.42 62.35 28.28
C SER B 360 -63.35 61.29 27.69
N ALA B 361 -64.43 61.01 28.41
CA ALA B 361 -65.40 60.02 27.97
C ALA B 361 -66.17 60.46 26.73
N ASP B 362 -66.10 61.73 26.36
CA ASP B 362 -66.79 62.26 25.20
C ASP B 362 -65.79 62.43 24.07
N GLN B 363 -66.07 61.83 22.91
CA GLN B 363 -65.17 61.94 21.77
C GLN B 363 -65.13 63.37 21.23
N SER B 364 -66.23 64.12 21.36
CA SER B 364 -66.24 65.50 20.90
C SER B 364 -65.40 66.42 21.78
N ASN B 365 -65.10 66.01 23.01
CA ASN B 365 -64.30 66.78 23.94
C ASN B 365 -63.01 66.04 24.30
N ALA B 366 -62.40 65.40 23.30
CA ALA B 366 -61.21 64.59 23.54
C ALA B 366 -60.04 65.46 23.99
N ASN B 367 -59.20 64.89 24.84
CA ASN B 367 -57.99 65.54 25.34
C ASN B 367 -56.88 64.49 25.37
N ILE B 368 -56.13 64.39 24.27
CA ILE B 368 -55.13 63.36 24.10
C ILE B 368 -53.91 63.69 24.96
N THR B 369 -53.47 62.72 25.75
CA THR B 369 -52.24 62.85 26.51
C THR B 369 -51.64 61.47 26.72
N SER B 370 -50.36 61.44 27.06
CA SER B 370 -49.63 60.20 27.26
C SER B 370 -49.00 60.20 28.65
N GLN B 371 -48.60 59.00 29.10
CA GLN B 371 -47.99 58.89 30.41
C GLN B 371 -46.68 59.66 30.49
N ALA B 372 -45.86 59.56 29.44
CA ALA B 372 -44.59 60.28 29.44
C ALA B 372 -44.80 61.78 29.32
N LEU B 373 -45.74 62.22 28.48
CA LEU B 373 -46.00 63.64 28.32
C LEU B 373 -46.54 64.24 29.62
N ASN B 374 -47.51 63.55 30.23
CA ASN B 374 -48.04 64.03 31.51
C ASN B 374 -46.99 63.97 32.60
N GLU B 375 -46.10 62.98 32.54
CA GLU B 375 -45.02 62.87 33.50
C GLU B 375 -44.06 64.06 33.38
N PHE B 376 -43.73 64.44 32.14
CA PHE B 376 -42.92 65.63 31.91
C PHE B 376 -43.63 66.89 32.37
N ASN B 377 -44.92 67.01 32.08
CA ASN B 377 -45.67 68.19 32.51
C ASN B 377 -45.71 68.29 34.03
N MET B 378 -45.89 67.16 34.71
CA MET B 378 -45.85 67.12 36.16
C MET B 378 -44.48 67.53 36.69
N ALA B 379 -43.42 67.03 36.06
CA ALA B 379 -42.08 67.33 36.55
C ALA B 379 -41.74 68.80 36.37
N THR B 380 -42.10 69.39 35.24
CA THR B 380 -41.63 70.72 34.88
C THR B 380 -42.78 71.72 34.72
N ARG B 381 -43.88 71.53 35.45
CA ARG B 381 -44.92 72.56 35.45
C ARG B 381 -44.51 73.76 36.27
N ARG B 382 -43.78 73.54 37.36
CA ARG B 382 -43.39 74.60 38.27
C ARG B 382 -42.02 75.19 37.96
N LEU B 383 -41.32 74.67 36.94
CA LEU B 383 -40.05 75.26 36.54
C LEU B 383 -40.27 76.31 35.45
N PHE B 384 -40.87 75.89 34.34
CA PHE B 384 -41.25 76.82 33.28
C PHE B 384 -42.49 76.27 32.59
N ASP B 385 -43.35 77.17 32.14
CA ASP B 385 -44.56 76.77 31.45
C ASP B 385 -44.77 77.62 30.21
N PRO B 386 -44.68 77.05 29.01
CA PRO B 386 -44.93 77.82 27.79
C PRO B 386 -46.33 78.40 27.72
N THR B 387 -47.32 77.77 28.36
CA THR B 387 -48.66 78.30 28.40
C THR B 387 -48.84 79.41 29.43
N ALA B 388 -47.85 79.63 30.29
CA ALA B 388 -47.93 80.66 31.32
C ALA B 388 -47.52 82.01 30.75
N SER B 389 -48.23 83.06 31.16
CA SER B 389 -47.90 84.40 30.70
C SER B 389 -46.55 84.85 31.26
N ASN B 390 -45.75 85.45 30.39
CA ASN B 390 -44.42 85.94 30.76
C ASN B 390 -44.38 87.45 30.95
N THR B 391 -45.54 88.10 30.99
CA THR B 391 -45.60 89.54 31.19
C THR B 391 -46.28 89.85 32.51
N PRO B 392 -45.67 90.66 33.37
CA PRO B 392 -46.29 90.98 34.66
C PRO B 392 -47.62 91.68 34.47
N GLY B 393 -48.53 91.45 35.43
CA GLY B 393 -49.88 91.96 35.36
C GLY B 393 -50.86 91.05 34.66
N GLN B 394 -50.42 89.87 34.21
CA GLN B 394 -51.29 88.92 33.55
C GLN B 394 -51.57 87.73 34.45
N PRO B 395 -52.75 87.12 34.36
CA PRO B 395 -53.03 85.92 35.16
C PRO B 395 -52.19 84.73 34.71
N ASN B 396 -52.40 83.61 35.40
CA ASN B 396 -51.79 82.31 35.10
C ASN B 396 -50.32 82.42 34.68
N GLN B 397 -49.59 83.29 35.38
CA GLN B 397 -48.19 83.53 35.06
C GLN B 397 -47.34 82.39 35.61
N GLN B 398 -46.02 82.56 35.59
CA GLN B 398 -45.11 81.49 35.97
C GLN B 398 -45.29 81.14 37.44
N TRP B 399 -44.98 79.87 37.77
CA TRP B 399 -45.21 79.40 39.13
C TRP B 399 -44.33 80.11 40.14
N ILE B 400 -43.06 80.37 39.79
CA ILE B 400 -42.17 81.04 40.72
C ILE B 400 -42.67 82.43 41.04
N LYS B 401 -43.13 83.17 40.03
CA LYS B 401 -43.66 84.51 40.27
C LYS B 401 -44.90 84.45 41.15
N GLN B 402 -45.76 83.46 40.94
CA GLN B 402 -46.93 83.31 41.79
C GLN B 402 -46.53 83.03 43.23
N ILE B 403 -45.51 82.18 43.43
CA ILE B 403 -45.01 81.91 44.77
C ILE B 403 -44.47 83.19 45.40
N ASN B 404 -43.85 84.04 44.58
CA ASN B 404 -43.26 85.27 45.09
C ASN B 404 -44.28 86.18 45.76
N ASP B 405 -45.57 86.03 45.46
CA ASP B 405 -46.61 86.87 46.03
C ASP B 405 -47.60 86.11 46.88
N ALA B 406 -47.45 84.80 47.02
CA ALA B 406 -48.46 83.99 47.69
C ALA B 406 -48.38 84.14 49.21
N SER B 407 -49.48 83.80 49.86
CA SER B 407 -49.57 83.81 51.31
C SER B 407 -48.94 82.54 51.89
N PRO B 408 -48.56 82.56 53.18
CA PRO B 408 -47.95 81.36 53.77
C PRO B 408 -48.84 80.13 53.67
N ALA B 409 -50.15 80.26 53.83
CA ALA B 409 -51.03 79.11 53.72
C ALA B 409 -50.98 78.53 52.31
N THR B 410 -50.99 79.39 51.29
CA THR B 410 -50.99 78.91 49.91
C THR B 410 -49.70 78.17 49.58
N VAL B 411 -48.56 78.72 50.00
CA VAL B 411 -47.30 78.04 49.71
C VAL B 411 -47.18 76.76 50.52
N GLN B 412 -47.76 76.73 51.73
CA GLN B 412 -47.77 75.48 52.48
C GLN B 412 -48.57 74.40 51.75
N LYS B 413 -49.74 74.77 51.23
CA LYS B 413 -50.53 73.80 50.48
C LYS B 413 -49.80 73.36 49.22
N GLU B 414 -49.11 74.29 48.55
CA GLU B 414 -48.32 73.92 47.39
C GLU B 414 -47.19 72.97 47.77
N ILE B 415 -46.57 73.17 48.94
CA ILE B 415 -45.55 72.24 49.42
C ILE B 415 -46.15 70.87 49.64
N ALA B 416 -47.37 70.82 50.17
CA ALA B 416 -48.04 69.54 50.37
C ALA B 416 -48.25 68.81 49.04
N ILE B 417 -48.76 69.53 48.04
CA ILE B 417 -48.97 68.91 46.73
C ILE B 417 -47.64 68.47 46.14
N LEU B 418 -46.59 69.28 46.32
CA LEU B 418 -45.28 68.93 45.80
C LEU B 418 -44.75 67.66 46.44
N LEU B 419 -44.96 67.51 47.75
CA LEU B 419 -44.54 66.28 48.42
C LEU B 419 -45.31 65.07 47.89
N ALA B 420 -46.61 65.24 47.65
CA ALA B 420 -47.37 64.15 47.05
C ALA B 420 -46.82 63.80 45.67
N GLU B 421 -46.44 64.82 44.90
CA GLU B 421 -45.84 64.60 43.60
C GLU B 421 -44.57 63.77 43.72
N ILE B 422 -43.73 64.15 44.69
CA ILE B 422 -42.46 63.46 44.91
C ILE B 422 -42.71 62.00 45.26
N ASN B 423 -43.69 61.76 46.13
CA ASN B 423 -44.02 60.39 46.52
C ASN B 423 -44.43 59.56 45.31
N TYR B 424 -45.31 60.11 44.48
CA TYR B 424 -45.81 59.38 43.32
C TYR B 424 -44.67 59.06 42.36
N GLN B 425 -43.79 60.03 42.12
CA GLN B 425 -42.71 59.81 41.16
C GLN B 425 -41.69 58.82 41.70
N MET B 426 -41.47 58.82 43.02
CA MET B 426 -40.62 57.80 43.62
C MET B 426 -41.22 56.41 43.44
N TYR B 427 -42.55 56.31 43.55
CA TYR B 427 -43.20 55.03 43.29
C TYR B 427 -42.92 54.56 41.86
N LEU B 428 -43.01 55.48 40.89
CA LEU B 428 -42.66 55.11 39.52
C LEU B 428 -41.21 54.64 39.40
N ASP B 429 -40.30 55.36 40.06
CA ASP B 429 -38.88 55.00 40.00
C ASP B 429 -38.67 53.58 40.50
N ARG B 430 -39.32 53.23 41.60
CA ARG B 430 -39.17 51.89 42.15
C ARG B 430 -39.80 50.83 41.24
N GLN B 431 -40.89 51.17 40.56
CA GLN B 431 -41.44 50.22 39.58
C GLN B 431 -40.42 49.95 38.47
N ILE B 432 -39.76 51.01 37.98
CA ILE B 432 -38.73 50.81 36.96
C ILE B 432 -37.60 49.96 37.51
N GLN B 433 -37.23 50.18 38.77
CA GLN B 433 -36.18 49.38 39.39
C GLN B 433 -36.57 47.91 39.45
N GLU B 434 -37.83 47.63 39.79
CA GLU B 434 -38.28 46.24 39.82
C GLU B 434 -38.24 45.62 38.43
N ARG B 435 -38.56 46.40 37.41
CA ARG B 435 -38.40 45.93 36.03
C ARG B 435 -36.94 45.58 35.74
N ILE B 436 -36.02 46.44 36.18
CA ILE B 436 -34.59 46.15 36.07
C ILE B 436 -34.26 44.80 36.72
N LEU B 437 -34.82 44.59 37.91
CA LEU B 437 -34.54 43.37 38.65
C LEU B 437 -34.99 42.15 37.86
N LEU B 438 -36.20 42.23 37.29
CA LEU B 438 -36.70 41.11 36.49
C LEU B 438 -35.81 40.85 35.30
N THR B 439 -35.39 41.90 34.59
CA THR B 439 -34.54 41.71 33.42
C THR B 439 -33.24 41.03 33.81
N ASN B 440 -32.59 41.53 34.86
CA ASN B 440 -31.31 40.96 35.28
C ASN B 440 -31.46 39.52 35.73
N SER B 441 -32.53 39.20 36.46
CA SER B 441 -32.74 37.84 36.91
C SER B 441 -32.97 36.90 35.74
N ILE B 442 -33.76 37.33 34.74
CA ILE B 442 -33.99 36.48 33.58
C ILE B 442 -32.69 36.22 32.85
N MET B 443 -31.86 37.26 32.70
CA MET B 443 -30.57 37.09 32.02
C MET B 443 -29.69 36.12 32.79
N LEU B 444 -29.65 36.25 34.12
CA LEU B 444 -28.83 35.36 34.93
C LEU B 444 -29.29 33.91 34.81
N LEU B 445 -30.61 33.70 34.82
CA LEU B 445 -31.14 32.35 34.64
C LEU B 445 -30.77 31.79 33.27
N GLN B 446 -30.82 32.63 32.24
CA GLN B 446 -30.40 32.18 30.92
C GLN B 446 -28.95 31.74 30.92
N ASN B 447 -28.07 32.53 31.55
CA ASN B 447 -26.67 32.16 31.64
C ASN B 447 -26.49 30.85 32.38
N LEU B 448 -27.20 30.67 33.49
CA LEU B 448 -27.04 29.47 34.29
C LEU B 448 -27.58 28.24 33.57
N LYS B 449 -28.66 28.39 32.79
CA LYS B 449 -29.09 27.30 31.93
C LYS B 449 -28.02 26.97 30.90
N ALA B 450 -27.39 28.00 30.32
CA ALA B 450 -26.29 27.76 29.40
C ALA B 450 -25.12 27.08 30.09
N ALA B 451 -25.03 27.17 31.41
CA ALA B 451 -23.94 26.58 32.19
C ALA B 451 -24.42 25.45 33.08
N GLN B 452 -25.31 24.61 32.57
CA GLN B 452 -25.82 23.49 33.37
C GLN B 452 -24.70 22.50 33.66
N PRO B 453 -24.67 21.93 34.86
CA PRO B 453 -23.66 20.90 35.16
C PRO B 453 -23.87 19.66 34.32
N THR B 454 -22.76 18.98 34.03
CA THR B 454 -22.77 17.77 33.21
C THR B 454 -22.51 16.54 34.08
N ALA B 455 -23.25 15.48 33.80
CA ALA B 455 -23.13 14.24 34.55
C ALA B 455 -22.11 13.28 33.95
N ASP B 456 -21.40 13.70 32.90
CA ASP B 456 -20.45 12.82 32.22
C ASP B 456 -19.30 12.49 33.17
N PHE B 457 -19.02 11.20 33.31
CA PHE B 457 -17.88 10.70 34.08
C PHE B 457 -16.95 10.00 33.10
N SER B 458 -16.06 10.76 32.48
CA SER B 458 -15.14 10.23 31.49
C SER B 458 -13.85 9.77 32.13
N GLN C 23 -67.73 118.94 78.77
CA GLN C 23 -66.72 118.73 79.79
C GLN C 23 -65.39 118.34 79.18
N PRO C 24 -64.30 118.93 79.67
CA PRO C 24 -62.97 118.55 79.17
C PRO C 24 -62.67 117.09 79.45
N ALA C 25 -62.00 116.45 78.50
CA ALA C 25 -61.67 115.03 78.58
C ALA C 25 -60.16 114.86 78.66
N ASP C 26 -59.73 113.95 79.53
CA ASP C 26 -58.31 113.69 79.68
C ASP C 26 -57.75 113.09 78.39
N PRO C 27 -56.55 113.47 77.96
CA PRO C 27 -56.03 112.99 76.68
C PRO C 27 -55.81 111.49 76.64
N SER C 28 -55.76 110.82 77.80
CA SER C 28 -55.53 109.39 77.82
C SER C 28 -56.63 108.63 77.08
N GLY C 29 -57.88 109.08 77.22
CA GLY C 29 -58.98 108.40 76.54
C GLY C 29 -58.84 108.45 75.03
N GLN C 30 -58.55 109.62 74.48
CA GLN C 30 -58.39 109.73 73.04
C GLN C 30 -57.13 109.01 72.56
N GLN C 31 -56.06 109.02 73.36
CA GLN C 31 -54.86 108.30 72.98
C GLN C 31 -55.14 106.80 72.91
N THR C 32 -55.86 106.27 73.89
CA THR C 32 -56.22 104.86 73.85
C THR C 32 -57.20 104.57 72.72
N SER C 33 -58.05 105.53 72.37
CA SER C 33 -58.94 105.36 71.23
C SER C 33 -58.15 105.19 69.93
N THR C 34 -57.17 106.08 69.71
CA THR C 34 -56.35 105.97 68.52
C THR C 34 -55.53 104.68 68.54
N ASN C 35 -55.02 104.31 69.71
CA ASN C 35 -54.25 103.06 69.81
C ASN C 35 -55.12 101.85 69.47
N THR C 36 -56.36 101.82 69.96
CA THR C 36 -57.21 100.67 69.68
C THR C 36 -57.62 100.62 68.22
N SER C 37 -57.90 101.77 67.61
CA SER C 37 -58.17 101.76 66.17
C SER C 37 -56.95 101.28 65.39
N ASN C 38 -55.75 101.67 65.86
CA ASN C 38 -54.52 101.18 65.25
C ASN C 38 -54.42 99.67 65.37
N LEU C 39 -54.73 99.12 66.55
CA LEU C 39 -54.75 97.67 66.73
C LEU C 39 -55.73 97.02 65.76
N VAL C 40 -56.90 97.63 65.58
CA VAL C 40 -57.88 97.08 64.63
C VAL C 40 -57.24 96.98 63.25
N THR C 41 -56.64 98.08 62.78
CA THR C 41 -56.07 98.09 61.44
C THR C 41 -54.92 97.08 61.33
N TYR C 42 -54.06 97.03 62.34
CA TYR C 42 -52.93 96.11 62.30
C TYR C 42 -53.39 94.66 62.25
N LEU C 43 -54.40 94.31 63.06
CA LEU C 43 -54.89 92.94 63.05
C LEU C 43 -55.53 92.59 61.72
N THR C 44 -56.34 93.50 61.16
CA THR C 44 -56.96 93.19 59.87
C THR C 44 -55.91 92.97 58.79
N ASN C 45 -54.92 93.86 58.69
CA ASN C 45 -53.97 93.67 57.60
C ASN C 45 -53.00 92.53 57.89
N LEU C 46 -52.77 92.19 59.16
CA LEU C 46 -51.98 91.00 59.46
C LEU C 46 -52.72 89.75 59.02
N GLY C 47 -54.02 89.67 59.30
CA GLY C 47 -54.81 88.56 58.79
C GLY C 47 -54.81 88.52 57.27
N LYS C 48 -54.85 89.69 56.64
CA LYS C 48 -54.77 89.75 55.19
C LYS C 48 -53.44 89.19 54.67
N TYR C 49 -52.34 89.55 55.34
CA TYR C 49 -51.02 89.13 54.87
C TYR C 49 -50.88 87.61 54.92
N LEU C 50 -51.37 86.98 55.99
CA LEU C 50 -51.33 85.52 56.06
C LEU C 50 -52.26 84.88 55.03
N GLY C 51 -53.19 85.63 54.48
CA GLY C 51 -54.05 85.15 53.42
C GLY C 51 -55.52 84.94 53.78
N TYR C 52 -56.01 85.55 54.86
CA TYR C 52 -57.38 85.36 55.29
C TYR C 52 -58.06 86.71 55.45
N ASP C 53 -59.34 86.77 55.11
CA ASP C 53 -60.17 87.94 55.38
C ASP C 53 -60.77 87.77 56.77
N ILE C 54 -60.17 88.44 57.75
CA ILE C 54 -60.54 88.21 59.15
C ILE C 54 -61.84 88.89 59.52
N THR C 55 -62.19 90.01 58.86
CA THR C 55 -63.34 90.80 59.27
C THR C 55 -64.66 90.03 59.23
N GLN C 56 -64.75 88.99 58.41
CA GLN C 56 -66.00 88.23 58.24
C GLN C 56 -65.91 86.93 59.03
N SER C 57 -66.71 86.83 60.08
CA SER C 57 -66.74 85.61 60.88
C SER C 57 -67.34 84.44 60.12
N SER C 58 -68.32 84.71 59.26
CA SER C 58 -68.96 83.65 58.49
C SER C 58 -67.97 82.97 57.56
N LYS C 59 -67.10 83.75 56.91
CA LYS C 59 -66.12 83.20 56.00
C LYS C 59 -65.11 82.29 56.70
N ALA C 60 -64.91 82.47 58.00
CA ALA C 60 -64.04 81.58 58.74
C ALA C 60 -64.65 80.19 58.85
N PRO C 61 -63.82 79.15 58.93
CA PRO C 61 -64.37 77.80 59.06
C PRO C 61 -65.21 77.66 60.32
N ASN C 62 -66.29 76.89 60.21
CA ASN C 62 -67.20 76.68 61.33
C ASN C 62 -67.89 75.33 61.19
N PRO C 63 -67.57 74.35 62.04
CA PRO C 63 -66.56 74.40 63.12
C PRO C 63 -65.14 74.33 62.59
N PRO C 64 -64.17 74.88 63.32
CA PRO C 64 -62.78 74.79 62.87
C PRO C 64 -62.26 73.38 62.94
N TYR C 65 -61.29 73.08 62.08
CA TYR C 65 -60.69 71.75 62.00
C TYR C 65 -59.18 71.87 62.20
N SER C 66 -58.64 71.05 63.10
CA SER C 66 -57.22 71.06 63.39
C SER C 66 -56.57 69.69 63.25
N GLN C 67 -57.34 68.62 63.20
CA GLN C 67 -56.80 67.27 63.16
C GLN C 67 -56.65 66.82 61.71
N LEU C 68 -56.33 65.55 61.52
CA LEU C 68 -56.18 64.99 60.18
C LEU C 68 -57.53 64.91 59.48
N PHE C 69 -57.48 64.80 58.15
CA PHE C 69 -58.69 64.61 57.38
C PHE C 69 -59.43 63.37 57.84
N ASN C 70 -58.72 62.23 57.88
CA ASN C 70 -59.27 61.00 58.43
C ASN C 70 -58.08 60.16 58.88
N SER C 71 -57.76 60.22 60.18
CA SER C 71 -56.65 59.44 60.68
C SER C 71 -56.92 57.94 60.63
N ASN C 72 -58.19 57.55 60.68
CA ASN C 72 -58.53 56.13 60.69
C ASN C 72 -58.13 55.45 59.38
N VAL C 73 -58.50 56.04 58.25
CA VAL C 73 -58.23 55.40 56.97
C VAL C 73 -56.73 55.37 56.69
N VAL C 74 -56.02 56.46 56.99
CA VAL C 74 -54.58 56.46 56.74
C VAL C 74 -53.88 55.47 57.66
N GLN C 75 -54.31 55.40 58.93
CA GLN C 75 -53.71 54.43 59.85
C GLN C 75 -53.95 53.01 59.38
N LEU C 76 -55.16 52.72 58.90
CA LEU C 76 -55.47 51.42 58.34
C LEU C 76 -54.55 51.10 57.17
N VAL C 77 -54.35 52.07 56.28
CA VAL C 77 -53.49 51.85 55.12
C VAL C 77 -52.05 51.61 55.55
N GLN C 78 -51.57 52.38 56.54
CA GLN C 78 -50.20 52.17 57.01
C GLN C 78 -50.02 50.77 57.56
N ASN C 79 -50.97 50.33 58.39
CA ASN C 79 -50.85 49.03 59.01
C ASN C 79 -50.89 47.92 57.98
N TYR C 80 -51.81 48.03 57.00
CA TYR C 80 -51.86 47.03 55.94
C TYR C 80 -50.57 47.02 55.14
N ALA C 81 -49.98 48.20 54.89
CA ALA C 81 -48.71 48.24 54.17
C ALA C 81 -47.60 47.53 54.93
N TYR C 82 -47.52 47.79 56.23
CA TYR C 82 -46.51 47.12 57.05
C TYR C 82 -46.69 45.62 57.00
N ASN C 83 -47.93 45.15 57.17
CA ASN C 83 -48.19 43.71 57.15
C ASN C 83 -47.86 43.11 55.79
N THR C 84 -48.24 43.79 54.70
CA THR C 84 -47.99 43.25 53.37
C THR C 84 -46.50 43.20 53.06
N PHE C 85 -45.75 44.25 53.44
CA PHE C 85 -44.31 44.20 53.22
C PHE C 85 -43.67 43.07 54.01
N LEU C 86 -44.11 42.87 55.25
CA LEU C 86 -43.53 41.78 56.03
C LEU C 86 -43.86 40.43 55.44
N GLY C 87 -45.09 40.24 54.97
CA GLY C 87 -45.52 38.94 54.47
C GLY C 87 -45.03 38.58 53.08
N ALA C 88 -44.98 39.57 52.18
CA ALA C 88 -44.65 39.29 50.79
C ALA C 88 -43.19 38.91 50.58
N ILE C 89 -42.34 39.12 51.57
CA ILE C 89 -40.94 38.73 51.44
C ILE C 89 -40.86 37.21 51.40
N PRO C 90 -40.22 36.61 50.39
CA PRO C 90 -40.06 35.15 50.37
C PRO C 90 -39.02 34.71 51.40
N VAL C 91 -39.44 33.84 52.31
CA VAL C 91 -38.60 33.41 53.43
C VAL C 91 -38.35 31.92 53.28
N ASP C 92 -37.09 31.51 53.45
CA ASP C 92 -36.74 30.10 53.44
C ASP C 92 -37.60 29.32 54.41
N ALA C 93 -38.42 28.43 53.86
CA ALA C 93 -39.44 27.72 54.63
C ALA C 93 -39.09 26.24 54.71
N MET C 94 -38.30 25.88 55.71
CA MET C 94 -38.01 24.49 56.02
C MET C 94 -38.36 24.13 57.45
N SER C 95 -38.60 25.10 58.32
CA SER C 95 -39.01 24.88 59.69
C SER C 95 -39.62 26.18 60.19
N GLN C 96 -40.28 26.10 61.36
CA GLN C 96 -40.86 27.30 61.94
C GLN C 96 -39.77 28.32 62.30
N SER C 97 -38.64 27.84 62.81
CA SER C 97 -37.56 28.74 63.21
C SER C 97 -36.70 29.19 62.04
N LEU C 98 -36.77 28.52 60.90
CA LEU C 98 -35.98 28.93 59.75
C LEU C 98 -36.51 30.21 59.10
N MET C 99 -37.80 30.49 59.26
CA MET C 99 -38.42 31.66 58.65
C MET C 99 -38.40 32.87 59.57
N ASN C 100 -37.77 32.78 60.73
CA ASN C 100 -37.81 33.86 61.70
C ASN C 100 -37.09 35.10 61.15
N PHE C 101 -37.85 36.17 60.95
CA PHE C 101 -37.26 37.42 60.51
C PHE C 101 -36.32 37.99 61.57
N VAL C 102 -36.71 37.90 62.84
CA VAL C 102 -35.92 38.42 63.94
C VAL C 102 -35.83 37.35 65.02
N THR C 103 -34.85 37.50 65.90
CA THR C 103 -34.66 36.56 66.99
C THR C 103 -35.72 36.81 68.07
N ASP C 104 -35.61 36.11 69.18
CA ASP C 104 -36.61 36.22 70.25
C ASP C 104 -36.36 37.40 71.18
N LYS C 105 -35.27 38.15 71.00
CA LYS C 105 -34.87 39.15 71.97
C LYS C 105 -35.44 40.53 71.66
N VAL C 106 -35.67 40.86 70.39
CA VAL C 106 -36.19 42.17 70.04
C VAL C 106 -37.66 42.26 70.43
N GLN C 107 -38.11 43.48 70.71
CA GLN C 107 -39.52 43.69 71.03
C GLN C 107 -40.38 43.47 69.78
N GLY C 108 -41.58 42.94 70.00
CA GLY C 108 -42.44 42.58 68.89
C GLY C 108 -41.89 41.45 68.04
N ASN C 109 -41.13 40.53 68.65
CA ASN C 109 -40.58 39.42 67.90
C ASN C 109 -41.66 38.52 67.34
N SER C 110 -42.70 38.23 68.13
CA SER C 110 -43.76 37.36 67.66
C SER C 110 -44.58 38.01 66.55
N LEU C 111 -44.93 39.28 66.72
CA LEU C 111 -45.76 39.96 65.73
C LEU C 111 -45.05 40.16 64.41
N ILE C 112 -43.74 39.98 64.36
CA ILE C 112 -42.98 40.04 63.12
C ILE C 112 -42.71 38.65 62.56
N ASN C 113 -42.30 37.71 63.42
CA ASN C 113 -42.02 36.36 62.96
C ASN C 113 -43.28 35.66 62.46
N ASN C 114 -44.44 35.99 63.01
CA ASN C 114 -45.68 35.37 62.57
C ASN C 114 -46.06 35.76 61.15
N LEU C 115 -45.53 36.87 60.66
CA LEU C 115 -45.83 37.36 59.32
C LEU C 115 -44.90 36.78 58.26
N ALA C 116 -44.05 35.84 58.63
CA ALA C 116 -43.14 35.23 57.65
C ALA C 116 -43.92 34.33 56.70
N ASN C 117 -43.63 34.46 55.40
CA ASN C 117 -44.21 33.60 54.38
C ASN C 117 -45.73 33.64 54.39
N THR C 118 -46.29 34.83 54.63
CA THR C 118 -47.73 34.95 54.76
C THR C 118 -48.46 34.63 53.46
N THR C 119 -47.91 35.08 52.33
CA THR C 119 -48.63 34.94 51.06
C THR C 119 -48.80 33.47 50.68
N PHE C 120 -47.72 32.69 50.73
CA PHE C 120 -47.81 31.29 50.36
C PHE C 120 -48.48 30.46 51.44
N LYS C 121 -48.37 30.87 52.71
CA LYS C 121 -49.09 30.18 53.77
C LYS C 121 -50.60 30.32 53.58
N TYR C 122 -51.06 31.55 53.32
CA TYR C 122 -52.47 31.74 53.03
C TYR C 122 -52.88 31.05 51.75
N GLN C 123 -52.02 31.08 50.73
CA GLN C 123 -52.35 30.43 49.47
C GLN C 123 -52.27 28.91 49.54
N ASN C 124 -51.82 28.37 50.67
CA ASN C 124 -51.72 26.92 50.87
C ASN C 124 -50.82 26.28 49.80
N PHE C 125 -49.56 26.71 49.80
CA PHE C 125 -48.62 26.24 48.78
C PHE C 125 -48.19 24.80 49.06
N SER C 126 -48.02 24.45 50.34
CA SER C 126 -47.54 23.11 50.67
C SER C 126 -48.53 22.04 50.22
N ALA C 127 -49.81 22.25 50.47
CA ALA C 127 -50.83 21.29 50.07
C ALA C 127 -51.22 21.52 48.61
N PRO C 128 -51.12 20.50 47.76
CA PRO C 128 -51.48 20.69 46.35
C PRO C 128 -52.93 21.10 46.20
N SER C 129 -53.18 22.00 45.26
CA SER C 129 -54.53 22.50 45.00
C SER C 129 -55.23 21.63 43.96
N SER C 130 -56.52 21.39 44.18
CA SER C 130 -57.31 20.64 43.22
C SER C 130 -57.60 21.42 41.95
N GLY C 131 -57.30 22.72 41.92
CA GLY C 131 -57.53 23.54 40.76
C GLY C 131 -58.91 24.17 40.70
N ALA C 132 -59.85 23.71 41.52
CA ALA C 132 -61.19 24.30 41.54
C ALA C 132 -61.20 25.72 42.08
N ASP C 133 -60.13 26.15 42.73
CA ASP C 133 -60.02 27.50 43.25
C ASP C 133 -58.89 28.30 42.61
N GLY C 134 -58.01 27.67 41.83
CA GLY C 134 -56.94 28.38 41.18
C GLY C 134 -55.96 29.03 42.14
N LYS C 135 -55.54 28.28 43.15
CA LYS C 135 -54.63 28.78 44.17
C LYS C 135 -53.20 28.39 43.84
N ILE C 136 -52.27 29.34 44.03
CA ILE C 136 -50.86 29.08 43.84
C ILE C 136 -50.46 27.87 44.67
N THR C 137 -49.95 26.84 43.99
CA THR C 137 -49.62 25.60 44.68
C THR C 137 -48.49 24.90 43.95
N ALA C 138 -47.83 24.00 44.67
CA ALA C 138 -46.79 23.16 44.09
C ALA C 138 -47.46 22.09 43.25
N ASN C 139 -47.57 22.32 41.95
CA ASN C 139 -48.19 21.36 41.06
C ASN C 139 -47.45 20.04 41.10
N GLY C 140 -48.19 18.95 41.23
CA GLY C 140 -47.59 17.63 41.24
C GLY C 140 -47.27 17.14 39.85
N LEU C 141 -46.76 18.05 39.02
CA LEU C 141 -46.48 17.76 37.62
C LEU C 141 -45.04 18.12 37.33
N ILE C 142 -44.51 19.10 38.07
CA ILE C 142 -43.19 19.66 37.82
C ILE C 142 -42.31 19.46 39.05
N ASP C 143 -42.93 19.40 40.22
CA ASP C 143 -42.22 19.48 41.48
C ASP C 143 -42.08 18.09 42.11
N GLN C 144 -40.88 17.78 42.57
CA GLN C 144 -40.64 16.52 43.25
C GLN C 144 -41.31 16.51 44.61
N SER C 145 -41.72 15.32 45.05
CA SER C 145 -42.42 15.15 46.32
C SER C 145 -41.46 14.67 47.40
N THR C 146 -41.93 14.74 48.64
CA THR C 146 -41.16 14.29 49.80
C THR C 146 -41.37 12.82 50.11
N ALA C 147 -42.24 12.14 49.38
CA ALA C 147 -42.51 10.72 49.61
C ALA C 147 -41.58 9.90 48.73
N SER C 148 -40.69 9.14 49.34
CA SER C 148 -39.72 8.34 48.61
C SER C 148 -40.40 7.21 47.83
N THR C 168 -47.47 16.95 50.56
CA THR C 168 -46.10 16.45 50.69
C THR C 168 -45.15 17.24 49.79
N TYR C 169 -45.27 18.57 49.85
CA TYR C 169 -44.41 19.45 49.06
C TYR C 169 -43.88 20.55 49.97
N LEU C 170 -42.71 21.06 49.62
CA LEU C 170 -42.05 22.07 50.44
C LEU C 170 -42.84 23.39 50.43
N ASN C 171 -42.68 24.15 51.50
CA ASN C 171 -43.56 25.28 51.79
C ASN C 171 -43.16 26.57 51.08
N ASP C 172 -42.03 26.59 50.37
CA ASP C 172 -41.57 27.79 49.68
C ASP C 172 -41.26 27.42 48.24
N PRO C 173 -41.80 28.12 47.25
CA PRO C 173 -41.48 27.79 45.85
C PRO C 173 -40.00 27.86 45.53
N VAL C 174 -39.23 28.74 46.19
CA VAL C 174 -37.80 28.81 45.92
C VAL C 174 -37.11 27.55 46.41
N SER C 175 -37.42 27.11 47.63
CA SER C 175 -36.89 25.83 48.10
C SER C 175 -37.42 24.67 47.26
N GLN C 176 -38.63 24.81 46.72
CA GLN C 176 -39.15 23.81 45.81
C GLN C 176 -38.29 23.72 44.55
N ALA C 177 -37.89 24.86 44.00
CA ALA C 177 -37.01 24.87 42.84
C ALA C 177 -35.65 24.28 43.18
N VAL C 178 -35.13 24.60 44.38
CA VAL C 178 -33.85 24.03 44.79
C VAL C 178 -33.94 22.51 44.89
N PHE C 179 -35.04 22.01 45.47
CA PHE C 179 -35.22 20.57 45.57
C PHE C 179 -35.41 19.93 44.20
N ASN C 180 -36.08 20.63 43.28
CA ASN C 180 -36.20 20.12 41.92
C ASN C 180 -34.84 20.00 41.26
N ILE C 181 -33.99 21.00 41.45
CA ILE C 181 -32.65 20.94 40.87
C ILE C 181 -31.84 19.81 41.49
N LEU C 182 -31.93 19.67 42.81
CA LEU C 182 -31.09 18.69 43.50
C LEU C 182 -31.54 17.26 43.25
N GLY C 183 -32.85 17.00 43.33
CA GLY C 183 -33.32 15.63 43.37
C GLY C 183 -34.30 15.23 42.30
N THR C 184 -34.09 15.68 41.07
CA THR C 184 -34.84 15.15 39.95
C THR C 184 -34.02 14.04 39.31
N PRO C 185 -34.33 12.78 39.60
CA PRO C 185 -33.46 11.69 39.17
C PRO C 185 -33.47 11.52 37.66
N ASP C 186 -32.39 10.92 37.16
CA ASP C 186 -32.25 10.67 35.74
C ASP C 186 -33.24 9.60 35.29
N TYR C 187 -33.56 9.61 33.99
CA TYR C 187 -34.39 8.57 33.41
C TYR C 187 -33.74 7.20 33.52
N SER C 188 -32.41 7.16 33.63
CA SER C 188 -31.70 5.89 33.75
C SER C 188 -32.16 5.10 34.97
N PHE C 189 -32.65 5.79 36.00
CA PHE C 189 -33.13 5.10 37.20
C PHE C 189 -34.44 4.36 36.98
N CYS C 190 -35.12 4.62 35.86
CA CYS C 190 -36.29 3.83 35.48
C CYS C 190 -35.95 2.81 34.40
N MET C 191 -34.67 2.61 34.12
CA MET C 191 -34.19 1.53 33.28
C MET C 191 -33.53 0.47 34.17
N ASP C 192 -33.09 -0.61 33.53
CA ASP C 192 -32.26 -1.59 34.22
C ASP C 192 -30.81 -1.11 34.20
N ASN C 193 -29.90 -1.94 34.70
CA ASN C 193 -28.49 -1.57 34.72
C ASN C 193 -27.82 -1.70 33.36
N GLU C 194 -28.53 -2.19 32.35
CA GLU C 194 -27.99 -2.27 31.00
C GLU C 194 -28.49 -1.16 30.09
N GLN C 195 -29.42 -0.32 30.56
CA GLN C 195 -29.99 0.77 29.77
C GLN C 195 -30.61 0.25 28.47
N LYS C 196 -31.31 -0.87 28.56
CA LYS C 196 -31.94 -1.47 27.40
C LYS C 196 -33.46 -1.53 27.51
N ASN C 197 -34.00 -1.77 28.69
CA ASN C 197 -35.43 -1.92 28.88
C ASN C 197 -35.92 -0.97 29.98
N TRP C 198 -37.23 -0.85 30.09
CA TRP C 198 -37.88 -0.04 31.10
C TRP C 198 -38.56 -0.91 32.13
N LEU C 199 -38.78 -0.34 33.31
CA LEU C 199 -39.49 -1.11 34.32
C LEU C 199 -41.00 -0.86 34.23
N PRO C 200 -41.81 -1.83 34.65
CA PRO C 200 -43.27 -1.65 34.55
C PRO C 200 -43.79 -0.47 35.37
N ASN C 201 -43.43 -0.40 36.65
CA ASN C 201 -43.86 0.68 37.52
C ASN C 201 -42.65 1.37 38.09
N CYS C 202 -42.60 2.70 37.94
CA CYS C 202 -41.48 3.52 38.41
C CYS C 202 -42.09 4.71 39.15
N ASN C 203 -42.06 4.66 40.48
CA ASN C 203 -42.77 5.67 41.27
C ASN C 203 -42.17 7.06 41.09
N LEU C 204 -40.84 7.17 41.11
CA LEU C 204 -40.21 8.48 41.08
C LEU C 204 -40.37 9.12 39.71
N MET C 205 -40.30 10.44 39.70
CA MET C 205 -40.49 11.24 38.50
C MET C 205 -39.12 11.69 38.00
N TYR C 206 -38.72 11.15 36.84
CA TYR C 206 -37.43 11.48 36.26
C TYR C 206 -37.56 12.69 35.34
N GLN C 207 -36.42 13.16 34.84
CA GLN C 207 -36.38 14.38 34.05
C GLN C 207 -37.26 14.27 32.81
N ASN C 208 -37.14 13.16 32.08
CA ASN C 208 -37.99 12.96 30.91
C ASN C 208 -39.46 12.86 31.33
N LEU C 209 -39.74 12.19 32.44
CA LEU C 209 -41.12 12.04 32.89
C LEU C 209 -41.74 13.40 33.19
N VAL C 210 -41.07 14.21 34.01
CA VAL C 210 -41.61 15.52 34.35
C VAL C 210 -41.68 16.40 33.12
N MET C 211 -40.78 16.20 32.18
CA MET C 211 -40.72 17.09 31.03
C MET C 211 -41.84 16.77 30.04
N GLN C 212 -42.16 15.48 29.85
CA GLN C 212 -43.37 15.09 29.14
C GLN C 212 -44.62 15.56 29.87
N ASN C 213 -44.63 15.45 31.20
CA ASN C 213 -45.79 15.93 31.95
C ASN C 213 -46.02 17.41 31.72
N VAL C 214 -44.94 18.18 31.62
CA VAL C 214 -45.06 19.60 31.33
C VAL C 214 -45.63 19.79 29.93
N ILE C 215 -45.12 19.06 28.95
CA ILE C 215 -45.56 19.27 27.58
C ILE C 215 -47.00 18.80 27.39
N GLY C 216 -47.35 17.65 27.95
CA GLY C 216 -48.64 17.05 27.72
C GLY C 216 -48.64 16.14 26.51
N THR C 217 -49.83 15.91 25.96
CA THR C 217 -49.94 15.14 24.74
C THR C 217 -49.25 15.86 23.60
N LEU C 218 -48.45 15.14 22.84
CA LEU C 218 -47.65 15.77 21.80
C LEU C 218 -48.56 16.21 20.65
N PRO C 219 -48.53 17.48 20.26
CA PRO C 219 -49.38 17.92 19.16
C PRO C 219 -48.90 17.37 17.84
N PRO C 220 -49.79 17.19 16.87
CA PRO C 220 -49.40 16.66 15.56
C PRO C 220 -48.72 17.73 14.72
N ALA C 221 -48.23 17.31 13.56
CA ALA C 221 -47.57 18.24 12.64
C ALA C 221 -48.60 19.06 11.86
N GLN C 222 -49.44 18.39 11.08
CA GLN C 222 -50.47 19.07 10.30
C GLN C 222 -51.78 19.06 11.08
N THR C 223 -52.49 20.19 11.03
CA THR C 223 -53.72 20.32 11.80
C THR C 223 -54.77 19.31 11.33
N SER C 224 -55.54 18.81 12.28
CA SER C 224 -56.61 17.85 12.01
C SER C 224 -57.91 18.36 12.59
N GLY C 225 -59.02 17.76 12.15
CA GLY C 225 -60.32 18.15 12.65
C GLY C 225 -60.52 17.88 14.12
N SER C 226 -59.74 16.97 14.70
CA SER C 226 -59.83 16.63 16.11
C SER C 226 -58.79 17.33 16.97
N THR C 227 -57.56 17.44 16.49
CA THR C 227 -56.49 18.07 17.24
C THR C 227 -55.82 19.15 16.40
N PRO C 228 -55.39 20.25 17.02
CA PRO C 228 -54.75 21.32 16.28
C PRO C 228 -53.28 21.02 16.00
N ALA C 229 -52.74 21.74 15.02
CA ALA C 229 -51.33 21.63 14.71
C ALA C 229 -50.48 22.22 15.83
N PHE C 230 -49.20 21.88 15.84
CA PHE C 230 -48.32 22.36 16.90
C PHE C 230 -48.06 23.86 16.78
N TYR C 231 -48.38 24.47 15.65
CA TYR C 231 -48.15 25.90 15.44
C TYR C 231 -49.43 26.69 15.22
N SER C 232 -50.58 26.04 15.22
CA SER C 232 -51.83 26.76 15.00
C SER C 232 -52.21 27.57 16.23
N TYR C 233 -52.97 28.65 15.99
CA TYR C 233 -53.37 29.52 17.09
C TYR C 233 -54.32 28.81 18.04
N LYS C 234 -55.09 27.83 17.55
CA LYS C 234 -55.98 27.09 18.44
C LYS C 234 -55.18 26.34 19.49
N TYR C 235 -54.05 25.76 19.11
CA TYR C 235 -53.20 25.06 20.06
C TYR C 235 -52.47 26.03 20.99
N ASN C 236 -52.24 27.26 20.56
CA ASN C 236 -51.47 28.23 21.34
C ASN C 236 -52.36 29.20 22.12
N GLN C 237 -53.66 28.95 22.19
CA GLN C 237 -54.53 29.83 22.96
C GLN C 237 -54.11 29.94 24.43
N PRO C 238 -53.84 28.85 25.16
CA PRO C 238 -53.41 29.02 26.55
C PRO C 238 -51.91 29.23 26.70
N LEU C 239 -51.13 28.70 25.75
CA LEU C 239 -49.68 28.79 25.86
C LEU C 239 -49.19 30.24 25.80
N ILE C 240 -49.82 31.04 24.95
CA ILE C 240 -49.37 32.43 24.77
C ILE C 240 -49.53 33.20 26.08
N SER C 241 -50.65 33.01 26.77
CA SER C 241 -50.87 33.73 28.01
C SER C 241 -49.86 33.34 29.08
N GLN C 242 -49.54 32.04 29.17
CA GLN C 242 -48.56 31.60 30.15
C GLN C 242 -47.18 32.13 29.83
N LEU C 243 -46.75 31.99 28.58
CA LEU C 243 -45.39 32.41 28.22
C LEU C 243 -45.24 33.93 28.20
N ASN C 244 -46.34 34.66 28.13
CA ASN C 244 -46.27 36.12 28.09
C ASN C 244 -45.69 36.66 29.40
N SER C 245 -44.72 37.57 29.28
CA SER C 245 -44.08 38.11 30.47
C SER C 245 -45.00 39.01 31.27
N ASN C 246 -45.93 39.70 30.61
CA ASN C 246 -46.81 40.64 31.28
C ASN C 246 -47.73 39.97 32.28
N SER C 247 -47.86 38.64 32.23
CA SER C 247 -48.67 37.94 33.22
C SER C 247 -48.11 38.09 34.63
N LEU C 248 -46.85 38.52 34.76
CA LEU C 248 -46.18 38.63 36.05
C LEU C 248 -46.18 40.03 36.62
N ILE C 249 -46.03 41.06 35.77
CA ILE C 249 -45.83 42.42 36.24
C ILE C 249 -47.06 43.30 36.04
N ALA C 250 -47.89 43.02 35.04
CA ALA C 250 -49.02 43.91 34.78
C ALA C 250 -50.01 43.99 35.93
N PRO C 251 -50.54 42.89 36.49
CA PRO C 251 -51.53 43.01 37.54
C PRO C 251 -50.92 43.49 38.86
N LEU C 252 -51.78 44.07 39.69
CA LEU C 252 -51.38 44.50 41.02
C LEU C 252 -51.88 43.59 42.13
N LEU C 253 -52.98 42.88 41.91
CA LEU C 253 -53.49 41.90 42.86
C LEU C 253 -53.94 40.68 42.08
N MET C 254 -53.34 39.54 42.34
CA MET C 254 -53.58 38.34 41.54
C MET C 254 -55.01 37.84 41.74
N ASP C 255 -55.55 37.23 40.69
CA ASP C 255 -56.88 36.64 40.75
C ASP C 255 -56.79 35.25 41.37
N THR C 256 -57.57 35.04 42.43
CA THR C 256 -57.58 33.77 43.15
C THR C 256 -58.86 32.96 42.86
N SER C 257 -59.55 33.26 41.78
CA SER C 257 -60.76 32.57 41.38
C SER C 257 -60.50 31.78 40.11
N ALA C 258 -60.83 30.48 40.13
CA ALA C 258 -60.57 29.60 39.00
C ALA C 258 -61.69 29.73 37.96
N SER C 259 -61.73 30.90 37.33
CA SER C 259 -62.69 31.19 36.29
C SER C 259 -62.18 30.84 34.90
N GLN C 260 -60.98 30.27 34.80
CA GLN C 260 -60.39 29.88 33.53
C GLN C 260 -60.26 28.36 33.47
N SER C 261 -60.38 27.83 32.25
CA SER C 261 -60.26 26.39 32.01
C SER C 261 -59.53 26.20 30.69
N GLY C 262 -58.23 25.93 30.77
CA GLY C 262 -57.44 25.73 29.57
C GLY C 262 -57.52 24.30 29.04
N GLN C 263 -56.72 24.05 28.01
CA GLN C 263 -56.63 22.71 27.44
C GLN C 263 -55.97 21.77 28.44
N ASP C 264 -56.66 20.66 28.75
CA ASP C 264 -56.17 19.73 29.77
C ASP C 264 -55.22 18.73 29.12
N SER C 265 -54.04 19.23 28.75
CA SER C 265 -52.97 18.42 28.17
C SER C 265 -51.67 18.80 28.87
N GLY C 266 -51.35 18.07 29.94
CA GLY C 266 -50.15 18.38 30.69
C GLY C 266 -50.33 19.63 31.54
N LEU C 267 -49.23 20.34 31.74
CA LEU C 267 -49.25 21.53 32.58
C LEU C 267 -50.18 22.58 31.99
N THR C 268 -51.05 23.13 32.84
CA THR C 268 -52.01 24.15 32.41
C THR C 268 -52.34 25.02 33.61
N ALA C 269 -52.66 26.29 33.34
CA ALA C 269 -52.99 27.26 34.36
C ALA C 269 -54.48 27.47 34.42
N LYS C 270 -55.04 27.47 35.64
CA LYS C 270 -56.47 27.60 35.84
C LYS C 270 -56.89 28.98 36.32
N SER C 271 -55.94 29.90 36.51
CA SER C 271 -56.25 31.22 37.04
C SER C 271 -55.18 32.19 36.58
N GLN C 272 -55.44 33.48 36.79
CA GLN C 272 -54.44 34.50 36.47
C GLN C 272 -53.19 34.29 37.30
N ALA C 273 -53.35 34.00 38.59
CA ALA C 273 -52.20 33.69 39.43
C ALA C 273 -51.48 32.45 38.92
N GLN C 274 -52.24 31.43 38.50
CA GLN C 274 -51.62 30.27 37.87
C GLN C 274 -50.87 30.66 36.60
N GLN C 275 -51.40 31.59 35.82
CA GLN C 275 -50.71 32.03 34.61
C GLN C 275 -49.36 32.66 34.96
N ALA C 276 -49.35 33.54 35.97
CA ALA C 276 -48.10 34.16 36.38
C ALA C 276 -47.12 33.12 36.93
N LEU C 277 -47.61 32.18 37.74
CA LEU C 277 -46.73 31.17 38.31
C LEU C 277 -46.15 30.26 37.23
N ASN C 278 -46.97 29.89 36.25
CA ASN C 278 -46.48 29.10 35.13
C ASN C 278 -45.45 29.87 34.32
N PHE C 279 -45.67 31.17 34.14
CA PHE C 279 -44.66 31.99 33.47
C PHE C 279 -43.35 31.97 34.24
N ILE C 280 -43.44 32.05 35.57
CA ILE C 280 -42.22 32.04 36.38
C ILE C 280 -41.50 30.71 36.26
N ARG C 281 -42.25 29.60 36.26
CA ARG C 281 -41.62 28.30 36.05
C ARG C 281 -40.98 28.21 34.68
N TYR C 282 -41.63 28.76 33.65
CA TYR C 282 -41.08 28.68 32.31
C TYR C 282 -39.81 29.52 32.17
N ALA C 283 -39.83 30.75 32.69
CA ALA C 283 -38.68 31.63 32.54
C ALA C 283 -37.51 31.18 33.41
N SER C 284 -37.80 30.58 34.56
CA SER C 284 -36.75 30.13 35.48
C SER C 284 -36.20 28.76 35.13
N ALA C 285 -36.54 28.23 33.94
CA ALA C 285 -35.94 27.00 33.44
C ALA C 285 -36.19 25.82 34.38
N GLN C 286 -37.37 25.79 35.00
CA GLN C 286 -37.74 24.68 35.86
C GLN C 286 -38.40 23.54 35.09
N VAL C 287 -38.62 23.70 33.78
CA VAL C 287 -39.18 22.63 32.98
C VAL C 287 -38.13 21.77 32.30
N THR C 288 -36.85 22.12 32.45
CA THR C 288 -35.74 21.32 31.93
C THR C 288 -34.77 21.08 33.08
N PRO C 289 -35.06 20.09 33.94
CA PRO C 289 -34.19 19.85 35.08
C PRO C 289 -32.82 19.35 34.63
N PRO C 290 -31.78 19.59 35.42
CA PRO C 290 -30.45 19.12 35.03
C PRO C 290 -30.37 17.61 35.03
N SER C 291 -29.46 17.09 34.21
CA SER C 291 -29.31 15.65 34.06
C SER C 291 -28.42 15.11 35.19
N LEU C 292 -29.02 14.37 36.10
CA LEU C 292 -28.30 13.72 37.18
C LEU C 292 -27.57 12.48 36.65
N PRO C 293 -26.57 11.97 37.38
CA PRO C 293 -25.73 10.91 36.83
C PRO C 293 -26.51 9.63 36.54
N LYS C 294 -26.03 8.90 35.54
CA LYS C 294 -26.64 7.62 35.18
C LYS C 294 -26.52 6.65 36.34
N LEU C 295 -27.48 5.72 36.43
CA LEU C 295 -27.48 4.76 37.52
C LEU C 295 -26.23 3.89 37.48
N SER C 296 -25.88 3.37 36.30
CA SER C 296 -24.74 2.47 36.20
C SER C 296 -23.43 3.19 36.50
N ALA C 297 -23.22 4.33 35.86
CA ALA C 297 -21.97 5.06 36.06
C ALA C 297 -21.83 5.55 37.49
N TYR C 298 -22.91 6.10 38.05
CA TYR C 298 -22.85 6.57 39.44
C TYR C 298 -22.61 5.43 40.40
N SER C 299 -23.26 4.28 40.18
CA SER C 299 -23.04 3.14 41.05
C SER C 299 -21.59 2.66 40.97
N GLU C 300 -21.03 2.61 39.76
CA GLU C 300 -19.64 2.20 39.61
C GLU C 300 -18.70 3.16 40.31
N LEU C 301 -18.91 4.47 40.12
CA LEU C 301 -18.05 5.46 40.75
C LEU C 301 -18.17 5.41 42.27
N TRP C 302 -19.39 5.28 42.79
CA TRP C 302 -19.58 5.24 44.23
C TRP C 302 -18.97 3.98 44.83
N ASN C 303 -19.09 2.84 44.13
CA ASN C 303 -18.43 1.63 44.60
C ASN C 303 -16.93 1.80 44.62
N GLN C 304 -16.38 2.44 43.59
CA GLN C 304 -14.95 2.69 43.54
C GLN C 304 -14.49 3.70 44.58
N ALA C 305 -15.39 4.55 45.07
CA ALA C 305 -15.03 5.66 45.94
C ALA C 305 -15.36 5.45 47.41
N THR C 306 -16.43 4.74 47.73
CA THR C 306 -16.86 4.58 49.11
C THR C 306 -16.28 3.34 49.78
N ALA C 307 -15.60 2.48 49.03
CA ALA C 307 -15.04 1.27 49.60
C ALA C 307 -13.78 1.58 50.40
N LYS C 308 -13.57 0.80 51.46
CA LYS C 308 -12.36 0.96 52.27
C LYS C 308 -11.15 0.59 51.43
N PRO C 309 -10.12 1.44 51.38
CA PRO C 309 -8.98 1.16 50.49
C PRO C 309 -8.20 -0.06 50.94
N ASN C 310 -7.57 -0.71 49.95
CA ASN C 310 -6.69 -1.85 50.19
C ASN C 310 -7.41 -3.02 50.88
N SER C 311 -8.71 -3.14 50.63
CA SER C 311 -9.49 -4.23 51.21
C SER C 311 -10.58 -4.62 50.22
N ALA C 312 -10.85 -5.93 50.14
CA ALA C 312 -11.88 -6.48 49.26
C ALA C 312 -11.65 -6.10 47.80
N GLY C 313 -10.39 -6.15 47.37
CA GLY C 313 -10.06 -5.87 45.98
C GLY C 313 -10.17 -4.42 45.57
N TYR C 314 -9.66 -3.51 46.40
CA TYR C 314 -9.62 -2.10 46.05
C TYR C 314 -8.24 -1.52 46.28
N ASN C 315 -8.11 -0.21 46.16
CA ASN C 315 -6.84 0.48 46.40
C ASN C 315 -7.15 1.86 46.92
N GLU C 316 -6.16 2.75 46.89
CA GLU C 316 -6.32 4.12 47.38
C GLU C 316 -6.31 5.15 46.27
N VAL C 317 -5.48 4.96 45.23
CA VAL C 317 -5.34 5.97 44.19
C VAL C 317 -6.65 6.17 43.44
N GLN C 318 -7.14 5.09 42.80
CA GLN C 318 -8.37 5.21 42.04
C GLN C 318 -9.56 5.47 42.95
N GLN C 319 -9.49 5.04 44.21
CA GLN C 319 -10.56 5.35 45.15
C GLN C 319 -10.66 6.84 45.39
N LYS C 320 -9.53 7.49 45.68
CA LYS C 320 -9.54 8.93 45.89
C LYS C 320 -9.90 9.67 44.61
N GLN C 321 -9.46 9.18 43.46
CA GLN C 321 -9.81 9.81 42.20
C GLN C 321 -11.32 9.74 41.94
N ALA C 322 -11.93 8.57 42.18
CA ALA C 322 -13.37 8.44 42.00
C ALA C 322 -14.13 9.31 42.98
N ALA C 323 -13.67 9.37 44.23
CA ALA C 323 -14.30 10.25 45.21
C ALA C 323 -14.21 11.70 44.76
N ALA C 324 -13.06 12.10 44.23
CA ALA C 324 -12.90 13.47 43.76
C ALA C 324 -13.84 13.77 42.61
N THR C 325 -14.01 12.83 41.68
CA THR C 325 -14.92 13.06 40.56
C THR C 325 -16.36 13.18 41.04
N LEU C 326 -16.79 12.31 41.94
CA LEU C 326 -18.16 12.37 42.44
C LEU C 326 -18.41 13.65 43.21
N SER C 327 -17.48 14.03 44.09
CA SER C 327 -17.62 15.29 44.81
C SER C 327 -17.59 16.46 43.85
N SER C 328 -16.86 16.34 42.74
CA SER C 328 -16.84 17.40 41.75
C SER C 328 -18.21 17.60 41.14
N TYR C 329 -18.84 16.52 40.71
CA TYR C 329 -20.18 16.66 40.16
C TYR C 329 -21.14 17.22 41.19
N PHE C 330 -21.07 16.71 42.42
CA PHE C 330 -22.01 17.15 43.44
C PHE C 330 -21.83 18.62 43.77
N ASN C 331 -20.58 19.07 43.86
CA ASN C 331 -20.32 20.48 44.16
C ASN C 331 -20.74 21.39 43.01
N ASN C 332 -20.49 20.97 41.77
CA ASN C 332 -20.97 21.76 40.65
C ASN C 332 -22.49 21.87 40.67
N LEU C 333 -23.18 20.76 40.98
CA LEU C 333 -24.63 20.79 41.04
C LEU C 333 -25.12 21.71 42.15
N ARG C 334 -24.48 21.64 43.32
CA ARG C 334 -24.89 22.49 44.43
C ARG C 334 -24.65 23.98 44.11
N VAL C 335 -23.51 24.29 43.49
CA VAL C 335 -23.22 25.67 43.12
C VAL C 335 -24.25 26.17 42.12
N TYR C 336 -24.57 25.34 41.12
CA TYR C 336 -25.55 25.73 40.11
C TYR C 336 -26.92 25.94 40.75
N ALA C 337 -27.31 25.05 41.66
CA ALA C 337 -28.60 25.21 42.34
C ALA C 337 -28.64 26.50 43.15
N ALA C 338 -27.57 26.78 43.90
CA ALA C 338 -27.54 27.99 44.72
C ALA C 338 -27.59 29.24 43.86
N GLN C 339 -26.85 29.25 42.76
CA GLN C 339 -26.85 30.43 41.90
C GLN C 339 -28.18 30.61 41.19
N THR C 340 -28.81 29.51 40.76
CA THR C 340 -30.13 29.61 40.14
C THR C 340 -31.17 30.10 41.13
N SER C 341 -31.08 29.63 42.38
CA SER C 341 -32.05 30.00 43.39
C SER C 341 -32.09 31.50 43.63
N VAL C 342 -31.00 32.22 43.36
CA VAL C 342 -31.01 33.66 43.51
C VAL C 342 -32.05 34.28 42.58
N GLY C 343 -31.90 34.04 41.28
CA GLY C 343 -32.85 34.60 40.33
C GLY C 343 -34.25 34.05 40.50
N VAL C 344 -34.36 32.77 40.87
CA VAL C 344 -35.69 32.22 41.12
C VAL C 344 -36.35 32.93 42.30
N SER C 345 -35.58 33.24 43.33
CA SER C 345 -36.11 33.98 44.46
C SER C 345 -36.51 35.39 44.06
N ASN C 346 -35.73 36.03 43.20
CA ASN C 346 -36.14 37.36 42.72
C ASN C 346 -37.47 37.29 41.96
N LEU C 347 -37.61 36.29 41.08
CA LEU C 347 -38.86 36.15 40.33
C LEU C 347 -40.03 35.89 41.26
N TYR C 348 -39.85 35.00 42.25
CA TYR C 348 -40.95 34.71 43.16
C TYR C 348 -41.24 35.87 44.09
N TYR C 349 -40.23 36.69 44.39
CA TYR C 349 -40.48 37.93 45.13
C TYR C 349 -41.34 38.86 44.32
N ILE C 350 -41.04 39.00 43.02
CA ILE C 350 -41.85 39.83 42.15
C ILE C 350 -43.29 39.32 42.11
N LEU C 351 -43.46 38.01 42.02
CA LEU C 351 -44.81 37.44 41.98
C LEU C 351 -45.55 37.66 43.29
N SER C 352 -44.93 37.30 44.41
CA SER C 352 -45.56 37.38 45.72
C SER C 352 -45.77 38.81 46.19
N LYS C 353 -45.10 39.79 45.57
CA LYS C 353 -45.47 41.17 45.82
C LYS C 353 -46.92 41.41 45.41
N ARG C 354 -47.42 40.68 44.42
CA ARG C 354 -48.76 40.87 43.87
C ARG C 354 -49.71 39.74 44.25
N LEU C 355 -49.43 39.01 45.33
CA LEU C 355 -50.36 37.95 45.68
C LEU C 355 -51.22 38.37 46.87
N PRO C 356 -52.44 37.87 46.97
CA PRO C 356 -53.33 38.30 48.05
C PRO C 356 -52.84 37.83 49.40
N GLN C 357 -53.12 38.65 50.42
CA GLN C 357 -52.81 38.33 51.81
C GLN C 357 -54.01 38.69 52.67
N ASN C 358 -54.17 37.97 53.76
CA ASN C 358 -55.32 38.13 54.65
C ASN C 358 -54.94 39.02 55.82
N MET C 359 -55.67 40.12 55.99
CA MET C 359 -55.35 41.06 57.05
C MET C 359 -56.00 40.69 58.38
N SER C 360 -57.22 40.19 58.36
CA SER C 360 -57.98 39.90 59.58
C SER C 360 -57.94 38.41 59.85
N ALA C 361 -57.64 38.06 61.11
CA ALA C 361 -57.58 36.65 61.48
C ALA C 361 -58.94 35.97 61.34
N ASP C 362 -59.99 36.67 61.77
CA ASP C 362 -61.35 36.13 61.64
C ASP C 362 -61.77 36.18 60.18
N GLN C 363 -62.08 35.01 59.61
CA GLN C 363 -62.42 34.93 58.20
C GLN C 363 -63.77 35.59 57.89
N SER C 364 -64.63 35.75 58.89
CA SER C 364 -65.90 36.42 58.67
C SER C 364 -65.72 37.90 58.38
N ASN C 365 -64.60 38.49 58.77
CA ASN C 365 -64.30 39.89 58.50
C ASN C 365 -62.97 40.04 57.76
N ALA C 366 -62.65 39.07 56.90
CA ALA C 366 -61.36 39.06 56.22
C ALA C 366 -61.24 40.23 55.26
N ASN C 367 -60.06 40.85 55.25
CA ASN C 367 -59.73 41.93 54.32
C ASN C 367 -58.56 41.47 53.46
N ILE C 368 -58.72 41.51 52.14
CA ILE C 368 -57.74 41.00 51.21
C ILE C 368 -57.03 42.17 50.55
N THR C 369 -55.71 42.19 50.65
CA THR C 369 -54.89 43.20 50.00
C THR C 369 -53.53 42.58 49.70
N SER C 370 -52.82 43.20 48.76
CA SER C 370 -51.51 42.72 48.34
C SER C 370 -50.49 43.82 48.51
N GLN C 371 -49.21 43.43 48.51
CA GLN C 371 -48.14 44.40 48.68
C GLN C 371 -48.16 45.43 47.57
N ALA C 372 -48.30 44.98 46.32
CA ALA C 372 -48.29 45.90 45.19
C ALA C 372 -49.55 46.76 45.16
N LEU C 373 -50.72 46.16 45.43
CA LEU C 373 -51.96 46.93 45.43
C LEU C 373 -51.96 47.97 46.54
N ASN C 374 -51.50 47.60 47.74
CA ASN C 374 -51.40 48.55 48.83
C ASN C 374 -50.38 49.63 48.51
N GLU C 375 -49.29 49.25 47.85
CA GLU C 375 -48.28 50.23 47.45
C GLU C 375 -48.86 51.24 46.47
N PHE C 376 -49.64 50.76 45.50
CA PHE C 376 -50.29 51.65 44.54
C PHE C 376 -51.30 52.57 45.23
N ASN C 377 -52.11 52.01 46.13
CA ASN C 377 -53.07 52.84 46.86
C ASN C 377 -52.36 53.89 47.70
N MET C 378 -51.22 53.51 48.28
CA MET C 378 -50.41 54.47 49.02
C MET C 378 -49.89 55.58 48.13
N ALA C 379 -49.36 55.23 46.96
CA ALA C 379 -48.77 56.24 46.10
C ALA C 379 -49.82 57.17 45.53
N THR C 380 -51.02 56.66 45.24
CA THR C 380 -52.01 57.43 44.50
C THR C 380 -53.32 57.64 45.26
N ARG C 381 -53.33 57.54 46.59
CA ARG C 381 -54.55 57.91 47.31
C ARG C 381 -54.74 59.42 47.35
N ARG C 382 -53.65 60.19 47.26
CA ARG C 382 -53.72 61.63 47.08
C ARG C 382 -53.85 62.02 45.62
N LEU C 383 -53.66 61.06 44.72
CA LEU C 383 -53.99 61.19 43.30
C LEU C 383 -55.48 60.88 43.15
N PHE C 384 -55.94 60.63 41.93
CA PHE C 384 -57.31 60.15 41.75
C PHE C 384 -57.57 58.95 42.64
N ASP C 385 -58.51 59.10 43.57
CA ASP C 385 -59.01 57.98 44.35
C ASP C 385 -60.40 57.64 43.85
N PRO C 386 -60.61 56.47 43.23
CA PRO C 386 -61.92 56.20 42.62
C PRO C 386 -63.08 56.21 43.61
N THR C 387 -62.85 55.85 44.87
CA THR C 387 -63.93 55.87 45.85
C THR C 387 -64.24 57.27 46.35
N ALA C 388 -63.35 58.23 46.10
CA ALA C 388 -63.57 59.59 46.57
C ALA C 388 -64.71 60.26 45.81
N SER C 389 -65.46 61.10 46.51
CA SER C 389 -66.54 61.82 45.89
C SER C 389 -66.01 62.86 44.90
N ASN C 390 -66.68 62.98 43.76
CA ASN C 390 -66.29 63.90 42.70
C ASN C 390 -67.36 64.95 42.43
N THR C 391 -68.11 65.32 43.48
CA THR C 391 -69.14 66.34 43.36
C THR C 391 -69.05 67.21 44.60
N PRO C 392 -68.97 68.54 44.44
CA PRO C 392 -68.88 69.42 45.60
C PRO C 392 -70.09 69.29 46.51
N GLY C 393 -69.86 69.42 47.81
CA GLY C 393 -70.89 69.30 48.81
C GLY C 393 -70.98 67.94 49.47
N GLN C 394 -70.24 66.94 48.98
CA GLN C 394 -70.32 65.64 49.60
C GLN C 394 -69.09 65.36 50.45
N PRO C 395 -69.24 64.59 51.52
CA PRO C 395 -68.07 64.25 52.36
C PRO C 395 -67.14 63.28 51.63
N ASN C 396 -65.96 63.11 52.22
CA ASN C 396 -64.91 62.27 51.63
C ASN C 396 -64.55 62.75 50.23
N GLN C 397 -64.27 64.05 50.12
CA GLN C 397 -63.92 64.64 48.84
C GLN C 397 -62.51 64.19 48.40
N GLN C 398 -62.09 64.66 47.23
CA GLN C 398 -60.76 64.37 46.75
C GLN C 398 -59.72 65.06 47.62
N TRP C 399 -58.51 64.51 47.58
CA TRP C 399 -57.44 65.02 48.45
C TRP C 399 -57.08 66.45 48.12
N ILE C 400 -56.99 66.79 46.83
CA ILE C 400 -56.58 68.13 46.43
C ILE C 400 -57.60 69.16 46.92
N LYS C 401 -58.89 68.88 46.73
CA LYS C 401 -59.91 69.81 47.19
C LYS C 401 -59.91 69.93 48.71
N GLN C 402 -59.69 68.82 49.42
CA GLN C 402 -59.62 68.88 50.87
C GLN C 402 -58.46 69.76 51.32
N ILE C 403 -57.30 69.63 50.66
CA ILE C 403 -56.18 70.51 50.94
C ILE C 403 -56.57 71.96 50.66
N ASN C 404 -57.29 72.19 49.56
CA ASN C 404 -57.72 73.53 49.22
C ASN C 404 -58.61 74.14 50.29
N ASP C 405 -59.41 73.33 50.97
CA ASP C 405 -60.34 73.81 51.98
C ASP C 405 -59.83 73.60 53.40
N ALA C 406 -58.58 73.21 53.58
CA ALA C 406 -58.05 72.85 54.88
C ALA C 406 -57.36 74.04 55.54
N SER C 407 -57.01 73.84 56.83
CA SER C 407 -56.33 74.70 57.80
C SER C 407 -54.82 74.48 57.74
N PRO C 408 -54.03 75.52 58.06
CA PRO C 408 -52.57 75.36 57.99
C PRO C 408 -52.03 74.24 58.88
N ALA C 409 -52.59 74.07 60.08
CA ALA C 409 -52.12 72.98 60.94
C ALA C 409 -52.41 71.62 60.32
N THR C 410 -53.60 71.46 59.75
CA THR C 410 -53.97 70.19 59.16
C THR C 410 -53.07 69.84 57.98
N VAL C 411 -52.80 70.81 57.11
CA VAL C 411 -51.94 70.52 55.97
C VAL C 411 -50.51 70.31 56.42
N GLN C 412 -50.07 70.96 57.51
CA GLN C 412 -48.74 70.68 58.04
C GLN C 412 -48.64 69.24 58.53
N LYS C 413 -49.66 68.77 59.24
CA LYS C 413 -49.65 67.38 59.70
C LYS C 413 -49.69 66.42 58.51
N GLU C 414 -50.44 66.78 57.47
CA GLU C 414 -50.47 65.95 56.26
C GLU C 414 -49.10 65.92 55.59
N ILE C 415 -48.39 67.04 55.62
CA ILE C 415 -47.03 67.08 55.09
C ILE C 415 -46.13 66.14 55.89
N ALA C 416 -46.30 66.12 57.22
CA ALA C 416 -45.52 65.21 58.06
C ALA C 416 -45.79 63.76 57.68
N ILE C 417 -47.06 63.40 57.55
CA ILE C 417 -47.42 62.03 57.18
C ILE C 417 -46.84 61.69 55.81
N LEU C 418 -46.94 62.62 54.87
CA LEU C 418 -46.41 62.40 53.52
C LEU C 418 -44.90 62.21 53.54
N LEU C 419 -44.20 62.95 54.39
CA LEU C 419 -42.76 62.75 54.50
C LEU C 419 -42.42 61.37 55.05
N ALA C 420 -43.21 60.89 56.02
CA ALA C 420 -43.01 59.53 56.50
C ALA C 420 -43.23 58.52 55.38
N GLU C 421 -44.25 58.77 54.56
CA GLU C 421 -44.49 57.94 53.39
C GLU C 421 -43.27 57.89 52.48
N ILE C 422 -42.72 59.07 52.19
CA ILE C 422 -41.57 59.17 51.30
C ILE C 422 -40.39 58.38 51.87
N ASN C 423 -40.17 58.52 53.18
CA ASN C 423 -39.11 57.77 53.85
C ASN C 423 -39.29 56.27 53.66
N TYR C 424 -40.50 55.76 53.90
CA TYR C 424 -40.74 54.32 53.76
C TYR C 424 -40.52 53.84 52.33
N GLN C 425 -41.03 54.59 51.36
CA GLN C 425 -40.88 54.15 49.98
C GLN C 425 -39.43 54.23 49.50
N MET C 426 -38.66 55.17 50.02
CA MET C 426 -37.22 55.16 49.76
C MET C 426 -36.57 53.91 50.34
N TYR C 427 -37.00 53.49 51.53
CA TYR C 427 -36.50 52.24 52.09
C TYR C 427 -36.81 51.06 51.17
N LEU C 428 -38.02 51.02 50.62
CA LEU C 428 -38.37 49.95 49.69
C LEU C 428 -37.49 49.98 48.43
N ASP C 429 -37.25 51.18 47.90
CA ASP C 429 -36.38 51.29 46.73
C ASP C 429 -34.98 50.78 47.05
N ARG C 430 -34.49 51.07 48.26
CA ARG C 430 -33.19 50.57 48.67
C ARG C 430 -33.17 49.05 48.72
N GLN C 431 -34.25 48.44 49.20
CA GLN C 431 -34.32 46.97 49.21
C GLN C 431 -34.26 46.41 47.79
N ILE C 432 -34.98 47.03 46.86
CA ILE C 432 -34.91 46.58 45.47
C ILE C 432 -33.48 46.71 44.94
N GLN C 433 -32.81 47.81 45.27
CA GLN C 433 -31.42 47.97 44.84
C GLN C 433 -30.52 46.90 45.42
N GLU C 434 -30.77 46.50 46.67
CA GLU C 434 -29.99 45.44 47.27
C GLU C 434 -30.19 44.12 46.53
N ARG C 435 -31.43 43.84 46.12
CA ARG C 435 -31.66 42.65 45.30
C ARG C 435 -30.89 42.74 43.98
N ILE C 436 -30.87 43.93 43.37
CA ILE C 436 -30.09 44.15 42.16
C ILE C 436 -28.63 43.79 42.41
N LEU C 437 -28.09 44.26 43.53
CA LEU C 437 -26.69 44.00 43.86
C LEU C 437 -26.43 42.51 44.00
N LEU C 438 -27.33 41.80 44.68
CA LEU C 438 -27.17 40.36 44.84
C LEU C 438 -27.15 39.66 43.49
N THR C 439 -28.09 40.01 42.61
CA THR C 439 -28.15 39.37 41.31
C THR C 439 -26.87 39.62 40.51
N ASN C 440 -26.43 40.88 40.50
CA ASN C 440 -25.24 41.22 39.72
C ASN C 440 -24.00 40.52 40.25
N SER C 441 -23.85 40.45 41.58
CA SER C 441 -22.70 39.77 42.15
C SER C 441 -22.72 38.28 41.85
N ILE C 442 -23.91 37.67 41.92
CA ILE C 442 -24.01 36.24 41.60
C ILE C 442 -23.61 36.00 40.15
N MET C 443 -24.07 36.87 39.25
CA MET C 443 -23.76 36.67 37.83
C MET C 443 -22.28 36.92 37.56
N LEU C 444 -21.68 37.89 38.26
CA LEU C 444 -20.24 38.10 38.13
C LEU C 444 -19.46 36.89 38.60
N LEU C 445 -19.87 36.29 39.72
CA LEU C 445 -19.21 35.07 40.18
C LEU C 445 -19.37 33.94 39.17
N GLN C 446 -20.55 33.84 38.56
CA GLN C 446 -20.79 32.84 37.54
C GLN C 446 -19.82 33.05 36.37
N ASN C 447 -19.68 34.30 35.91
CA ASN C 447 -18.75 34.57 34.81
C ASN C 447 -17.32 34.24 35.20
N LEU C 448 -16.94 34.55 36.43
CA LEU C 448 -15.56 34.33 36.87
C LEU C 448 -15.23 32.86 37.01
N LYS C 449 -16.18 32.06 37.52
CA LYS C 449 -15.96 30.63 37.65
C LYS C 449 -15.76 29.99 36.27
N ALA C 450 -16.50 30.47 35.27
CA ALA C 450 -16.38 29.94 33.92
C ALA C 450 -14.98 30.14 33.35
N ALA C 451 -14.21 31.08 33.89
CA ALA C 451 -12.85 31.36 33.44
C ALA C 451 -11.92 31.25 34.64
N GLN C 452 -11.50 30.06 34.94
CA GLN C 452 -10.51 29.94 35.99
C GLN C 452 -9.11 29.95 35.40
N PRO C 453 -8.13 30.48 36.11
CA PRO C 453 -6.75 30.37 35.63
C PRO C 453 -6.25 28.94 35.77
N THR C 454 -6.16 28.22 34.65
CA THR C 454 -5.71 26.84 34.68
C THR C 454 -4.20 26.78 34.68
N ALA C 455 -3.66 25.81 35.41
CA ALA C 455 -2.21 25.63 35.54
C ALA C 455 -1.80 24.45 34.66
N ASP C 456 -1.60 24.74 33.38
CA ASP C 456 -1.15 23.74 32.41
C ASP C 456 -0.09 24.40 31.54
N PHE C 457 1.18 24.09 31.82
CA PHE C 457 2.30 24.72 31.13
C PHE C 457 2.74 23.94 29.89
N SER C 458 1.85 23.17 29.29
CA SER C 458 2.17 22.41 28.09
C SER C 458 1.07 22.56 27.04
N GLN D 23 -74.53 111.21 83.53
CA GLN D 23 -73.27 111.88 83.23
C GLN D 23 -73.03 111.97 81.73
N PRO D 24 -72.32 113.01 81.28
CA PRO D 24 -72.00 113.13 79.85
C PRO D 24 -71.08 112.01 79.39
N ALA D 25 -71.59 111.13 78.53
CA ALA D 25 -70.83 109.97 78.07
C ALA D 25 -69.71 110.42 77.15
N ASP D 26 -68.50 109.95 77.43
CA ASP D 26 -67.36 110.26 76.58
C ASP D 26 -67.40 109.39 75.32
N PRO D 27 -67.36 109.99 74.13
CA PRO D 27 -67.33 109.17 72.91
C PRO D 27 -66.12 108.26 72.83
N SER D 28 -65.02 108.64 73.48
CA SER D 28 -63.83 107.80 73.47
C SER D 28 -64.09 106.45 74.13
N GLY D 29 -64.86 106.43 75.21
CA GLY D 29 -65.17 105.17 75.85
C GLY D 29 -65.97 104.24 74.97
N GLN D 30 -67.00 104.77 74.31
CA GLN D 30 -67.79 103.95 73.40
C GLN D 30 -66.96 103.46 72.23
N GLN D 31 -66.10 104.33 71.68
CA GLN D 31 -65.26 103.93 70.56
C GLN D 31 -64.28 102.84 70.97
N THR D 32 -63.73 102.95 72.18
CA THR D 32 -62.81 101.91 72.65
C THR D 32 -63.56 100.61 72.92
N SER D 33 -64.80 100.69 73.40
CA SER D 33 -65.59 99.49 73.60
C SER D 33 -65.84 98.77 72.28
N THR D 34 -66.21 99.53 71.25
CA THR D 34 -66.43 98.92 69.94
C THR D 34 -65.14 98.36 69.38
N ASN D 35 -64.02 99.07 69.58
CA ASN D 35 -62.74 98.57 69.09
C ASN D 35 -62.33 97.27 69.78
N THR D 36 -62.56 97.19 71.09
CA THR D 36 -62.20 95.97 71.81
C THR D 36 -63.10 94.80 71.41
N SER D 37 -64.39 95.05 71.21
CA SER D 37 -65.26 93.98 70.74
C SER D 37 -64.83 93.51 69.34
N ASN D 38 -64.45 94.46 68.47
CA ASN D 38 -63.93 94.08 67.17
C ASN D 38 -62.64 93.28 67.30
N LEU D 39 -61.80 93.65 68.26
CA LEU D 39 -60.57 92.91 68.50
C LEU D 39 -60.86 91.46 68.90
N VAL D 40 -61.81 91.27 69.80
CA VAL D 40 -62.11 89.91 70.25
C VAL D 40 -62.72 89.11 69.12
N THR D 41 -63.58 89.73 68.32
CA THR D 41 -64.16 89.02 67.17
C THR D 41 -63.07 88.63 66.17
N TYR D 42 -62.14 89.55 65.89
CA TYR D 42 -61.11 89.28 64.92
C TYR D 42 -60.13 88.21 65.42
N LEU D 43 -59.83 88.22 66.72
CA LEU D 43 -59.00 87.16 67.27
C LEU D 43 -59.69 85.81 67.19
N THR D 44 -61.00 85.77 67.46
CA THR D 44 -61.74 84.52 67.29
C THR D 44 -61.70 84.05 65.85
N ASN D 45 -61.88 84.97 64.90
CA ASN D 45 -61.85 84.60 63.48
C ASN D 45 -60.47 84.10 63.07
N LEU D 46 -59.41 84.73 63.57
CA LEU D 46 -58.07 84.25 63.26
C LEU D 46 -57.83 82.86 63.84
N GLY D 47 -58.28 82.63 65.07
CA GLY D 47 -58.17 81.30 65.64
C GLY D 47 -58.90 80.27 64.82
N LYS D 48 -60.11 80.60 64.37
CA LYS D 48 -60.86 79.67 63.51
C LYS D 48 -60.13 79.43 62.20
N TYR D 49 -59.59 80.48 61.59
CA TYR D 49 -58.91 80.32 60.32
C TYR D 49 -57.68 79.45 60.45
N LEU D 50 -56.92 79.61 61.53
CA LEU D 50 -55.75 78.77 61.77
C LEU D 50 -56.13 77.32 62.06
N GLY D 51 -57.41 77.04 62.31
CA GLY D 51 -57.89 75.69 62.51
C GLY D 51 -58.28 75.33 63.92
N TYR D 52 -58.26 76.27 64.85
CA TYR D 52 -58.56 76.00 66.24
C TYR D 52 -59.79 76.77 66.69
N ASP D 53 -60.45 76.25 67.73
CA ASP D 53 -61.51 76.96 68.42
C ASP D 53 -60.94 77.58 69.68
N ILE D 54 -61.02 78.91 69.78
CA ILE D 54 -60.33 79.64 70.83
C ILE D 54 -61.25 80.00 72.00
N THR D 55 -62.56 79.95 71.80
CA THR D 55 -63.49 80.46 72.81
C THR D 55 -63.35 79.73 74.14
N GLN D 56 -63.22 78.40 74.12
CA GLN D 56 -63.21 77.60 75.33
C GLN D 56 -61.81 77.08 75.61
N SER D 57 -61.35 77.28 76.85
CA SER D 57 -60.03 76.82 77.25
C SER D 57 -59.97 75.32 77.49
N SER D 58 -61.11 74.68 77.73
CA SER D 58 -61.11 73.25 78.02
C SER D 58 -60.60 72.45 76.83
N LYS D 59 -61.03 72.80 75.62
CA LYS D 59 -60.59 72.08 74.43
C LYS D 59 -59.14 72.37 74.08
N ALA D 60 -58.56 73.45 74.62
CA ALA D 60 -57.16 73.73 74.39
C ALA D 60 -56.29 72.69 75.11
N PRO D 61 -55.11 72.39 74.58
CA PRO D 61 -54.23 71.43 75.25
C PRO D 61 -53.84 71.91 76.64
N ASN D 62 -53.79 70.97 77.57
CA ASN D 62 -53.45 71.28 78.96
C ASN D 62 -52.84 70.06 79.63
N PRO D 63 -51.53 70.07 79.92
CA PRO D 63 -50.57 71.15 79.65
C PRO D 63 -50.14 71.20 78.19
N PRO D 64 -49.70 72.36 77.71
CA PRO D 64 -49.25 72.46 76.31
C PRO D 64 -47.94 71.71 76.11
N TYR D 65 -47.70 71.35 74.85
CA TYR D 65 -46.50 70.61 74.49
C TYR D 65 -45.84 71.26 73.28
N SER D 66 -44.54 71.48 73.37
CA SER D 66 -43.79 72.05 72.26
C SER D 66 -42.63 71.17 71.81
N GLN D 67 -42.04 70.38 72.69
CA GLN D 67 -40.90 69.55 72.34
C GLN D 67 -41.36 68.36 71.51
N LEU D 68 -40.41 67.48 71.19
CA LEU D 68 -40.72 66.30 70.41
C LEU D 68 -41.52 65.30 71.23
N PHE D 69 -42.07 64.30 70.54
CA PHE D 69 -42.84 63.25 71.21
C PHE D 69 -41.99 62.57 72.27
N ASN D 70 -40.89 61.94 71.84
CA ASN D 70 -39.95 61.33 72.77
C ASN D 70 -38.58 61.39 72.09
N SER D 71 -37.80 62.41 72.44
CA SER D 71 -36.48 62.58 71.84
C SER D 71 -35.53 61.45 72.22
N ASN D 72 -35.75 60.80 73.36
CA ASN D 72 -34.84 59.76 73.82
C ASN D 72 -34.85 58.55 72.89
N VAL D 73 -36.04 58.04 72.55
CA VAL D 73 -36.11 56.83 71.76
C VAL D 73 -35.62 57.09 70.33
N VAL D 74 -35.98 58.23 69.75
CA VAL D 74 -35.52 58.53 68.41
C VAL D 74 -34.02 58.76 68.40
N GLN D 75 -33.49 59.43 69.44
CA GLN D 75 -32.05 59.63 69.52
C GLN D 75 -31.33 58.29 69.62
N LEU D 76 -31.86 57.37 70.42
CA LEU D 76 -31.28 56.03 70.49
C LEU D 76 -31.30 55.35 69.14
N VAL D 77 -32.41 55.49 68.40
CA VAL D 77 -32.51 54.85 67.10
C VAL D 77 -31.46 55.41 66.14
N GLN D 78 -31.30 56.75 66.12
CA GLN D 78 -30.31 57.34 65.22
C GLN D 78 -28.90 56.92 65.59
N ASN D 79 -28.58 56.92 66.89
CA ASN D 79 -27.24 56.51 67.31
C ASN D 79 -26.97 55.06 66.94
N TYR D 80 -27.96 54.19 67.15
CA TYR D 80 -27.79 52.79 66.80
C TYR D 80 -27.65 52.61 65.29
N ALA D 81 -28.38 53.41 64.51
CA ALA D 81 -28.24 53.33 63.05
C ALA D 81 -26.86 53.76 62.61
N TYR D 82 -26.33 54.82 63.20
CA TYR D 82 -24.97 55.26 62.88
C TYR D 82 -23.96 54.16 63.22
N ASN D 83 -24.11 53.55 64.40
CA ASN D 83 -23.19 52.49 64.79
C ASN D 83 -23.30 51.28 63.87
N THR D 84 -24.52 50.89 63.50
CA THR D 84 -24.70 49.75 62.63
C THR D 84 -24.12 50.01 61.25
N PHE D 85 -24.31 51.22 60.71
CA PHE D 85 -23.70 51.53 59.42
C PHE D 85 -22.18 51.48 59.51
N LEU D 86 -21.62 52.01 60.61
CA LEU D 86 -20.18 52.00 60.74
C LEU D 86 -19.63 50.57 60.83
N GLY D 87 -20.33 49.70 61.56
CA GLY D 87 -19.79 48.38 61.82
C GLY D 87 -20.08 47.32 60.77
N ALA D 88 -21.27 47.38 60.17
CA ALA D 88 -21.69 46.31 59.27
C ALA D 88 -20.82 46.24 58.02
N ILE D 89 -20.39 47.40 57.51
CA ILE D 89 -19.65 47.42 56.25
C ILE D 89 -18.39 46.57 56.38
N PRO D 90 -18.16 45.61 55.49
CA PRO D 90 -16.97 44.76 55.63
C PRO D 90 -15.70 45.53 55.33
N VAL D 91 -14.67 45.29 56.13
CA VAL D 91 -13.41 46.02 56.05
C VAL D 91 -12.28 45.02 55.91
N ASP D 92 -11.24 45.41 55.19
CA ASP D 92 -10.01 44.63 55.14
C ASP D 92 -9.45 44.48 56.55
N ALA D 93 -9.39 43.25 57.05
CA ALA D 93 -8.94 42.97 58.41
C ALA D 93 -7.65 42.18 58.34
N MET D 94 -6.53 42.90 58.22
CA MET D 94 -5.21 42.33 58.31
C MET D 94 -4.36 42.97 59.40
N SER D 95 -4.67 44.18 59.82
CA SER D 95 -3.99 44.85 60.91
C SER D 95 -4.93 45.90 61.47
N GLN D 96 -4.66 46.30 62.72
CA GLN D 96 -5.48 47.32 63.35
C GLN D 96 -5.38 48.64 62.60
N SER D 97 -4.23 48.91 62.00
CA SER D 97 -4.02 50.12 61.23
C SER D 97 -4.43 49.99 59.77
N LEU D 98 -4.94 48.83 59.35
CA LEU D 98 -5.34 48.62 57.97
C LEU D 98 -6.84 48.71 57.76
N MET D 99 -7.65 48.57 58.81
CA MET D 99 -9.10 48.65 58.69
C MET D 99 -9.64 50.01 59.11
N ASN D 100 -8.78 51.00 59.27
CA ASN D 100 -9.23 52.33 59.69
C ASN D 100 -10.08 52.98 58.59
N PHE D 101 -11.07 53.76 59.02
CA PHE D 101 -11.91 54.52 58.11
C PHE D 101 -11.44 55.95 57.92
N VAL D 102 -10.86 56.56 58.95
CA VAL D 102 -10.33 57.91 58.87
C VAL D 102 -9.08 57.96 59.76
N THR D 103 -8.05 58.67 59.30
CA THR D 103 -6.75 58.52 59.94
C THR D 103 -6.61 59.35 61.21
N ASP D 104 -6.58 60.68 61.10
CA ASP D 104 -6.41 61.51 62.28
C ASP D 104 -7.18 62.81 62.25
N LYS D 105 -8.01 63.08 61.25
CA LYS D 105 -8.54 64.43 61.09
C LYS D 105 -9.75 64.66 61.98
N VAL D 106 -10.82 63.90 61.78
CA VAL D 106 -12.07 64.18 62.46
C VAL D 106 -11.93 63.91 63.95
N GLN D 107 -12.48 64.82 64.76
CA GLN D 107 -12.50 64.61 66.20
C GLN D 107 -13.41 63.43 66.50
N GLY D 108 -12.81 62.30 66.84
CA GLY D 108 -13.55 61.07 66.98
C GLY D 108 -13.06 60.01 66.03
N ASN D 109 -11.82 60.17 65.55
CA ASN D 109 -11.23 59.16 64.68
C ASN D 109 -11.09 57.83 65.40
N SER D 110 -10.78 57.87 66.69
CA SER D 110 -10.73 56.63 67.47
C SER D 110 -12.10 55.96 67.52
N LEU D 111 -13.16 56.75 67.70
CA LEU D 111 -14.50 56.18 67.74
C LEU D 111 -14.88 55.55 66.40
N ILE D 112 -14.54 56.22 65.30
CA ILE D 112 -14.91 55.69 63.98
C ILE D 112 -14.11 54.43 63.66
N ASN D 113 -12.79 54.48 63.88
CA ASN D 113 -11.96 53.32 63.60
C ASN D 113 -12.28 52.15 64.53
N ASN D 114 -12.77 52.44 65.74
CA ASN D 114 -13.11 51.37 66.67
C ASN D 114 -14.26 50.53 66.16
N LEU D 115 -15.16 51.12 65.38
CA LEU D 115 -16.31 50.42 64.83
C LEU D 115 -15.99 49.68 63.53
N ALA D 116 -14.71 49.49 63.22
CA ALA D 116 -14.35 48.78 62.01
C ALA D 116 -14.52 47.28 62.22
N ASN D 117 -15.20 46.63 61.27
CA ASN D 117 -15.39 45.18 61.29
C ASN D 117 -16.05 44.72 62.59
N THR D 118 -17.03 45.51 63.07
CA THR D 118 -17.66 45.21 64.35
C THR D 118 -18.39 43.88 64.32
N THR D 119 -19.10 43.59 63.22
CA THR D 119 -19.96 42.41 63.19
C THR D 119 -19.15 41.12 63.34
N PHE D 120 -18.10 40.96 62.53
CA PHE D 120 -17.31 39.74 62.61
C PHE D 120 -16.40 39.71 63.83
N LYS D 121 -15.97 40.89 64.31
CA LYS D 121 -15.20 40.92 65.55
C LYS D 121 -16.04 40.44 66.72
N TYR D 122 -17.29 40.90 66.81
CA TYR D 122 -18.18 40.41 67.85
C TYR D 122 -18.54 38.95 67.63
N GLN D 123 -18.70 38.54 66.38
CA GLN D 123 -19.02 37.15 66.07
C GLN D 123 -17.85 36.22 66.32
N ASN D 124 -16.67 36.74 66.61
CA ASN D 124 -15.46 35.94 66.84
C ASN D 124 -15.19 35.05 65.62
N PHE D 125 -15.23 35.66 64.44
CA PHE D 125 -15.04 34.92 63.20
C PHE D 125 -13.62 34.38 63.08
N SER D 126 -12.63 35.12 63.59
CA SER D 126 -11.25 34.66 63.51
C SER D 126 -11.04 33.37 64.30
N ALA D 127 -11.67 33.28 65.47
CA ALA D 127 -11.50 32.09 66.30
C ALA D 127 -12.12 30.88 65.61
N PRO D 128 -11.36 29.81 65.42
CA PRO D 128 -11.91 28.64 64.73
C PRO D 128 -13.06 28.01 65.50
N SER D 129 -14.05 27.53 64.75
CA SER D 129 -15.18 26.80 65.32
C SER D 129 -15.72 25.85 64.26
N SER D 130 -16.47 24.85 64.72
CA SER D 130 -17.04 23.85 63.82
C SER D 130 -18.49 23.56 64.14
N GLY D 131 -19.27 24.59 64.47
CA GLY D 131 -20.69 24.44 64.71
C GLY D 131 -21.06 24.18 66.16
N ALA D 132 -20.09 23.93 67.03
CA ALA D 132 -20.40 23.72 68.44
C ALA D 132 -21.05 24.95 69.06
N ASP D 133 -20.69 26.14 68.58
CA ASP D 133 -21.30 27.37 69.03
C ASP D 133 -22.39 27.87 68.09
N GLY D 134 -22.36 27.48 66.82
CA GLY D 134 -23.36 27.90 65.85
C GLY D 134 -23.18 29.30 65.32
N LYS D 135 -22.12 29.99 65.70
CA LYS D 135 -21.90 31.36 65.25
C LYS D 135 -21.32 31.37 63.84
N ILE D 136 -21.05 32.57 63.34
CA ILE D 136 -20.36 32.73 62.07
C ILE D 136 -18.88 32.55 62.31
N THR D 137 -18.28 31.56 61.65
CA THR D 137 -16.89 31.23 61.90
C THR D 137 -16.26 30.69 60.63
N ALA D 138 -14.94 30.74 60.58
CA ALA D 138 -14.18 30.14 59.49
C ALA D 138 -14.14 28.64 59.71
N ASN D 139 -15.04 27.92 59.05
CA ASN D 139 -15.11 26.48 59.21
C ASN D 139 -13.79 25.85 58.77
N GLY D 140 -13.21 25.02 59.65
CA GLY D 140 -11.93 24.41 59.35
C GLY D 140 -11.93 23.44 58.21
N LEU D 141 -13.11 22.99 57.78
CA LEU D 141 -13.17 22.03 56.67
C LEU D 141 -12.68 22.65 55.37
N ILE D 142 -12.96 23.94 55.15
CA ILE D 142 -12.72 24.54 53.85
C ILE D 142 -11.83 25.79 53.90
N ASP D 143 -11.64 26.42 55.05
CA ASP D 143 -10.83 27.61 55.14
C ASP D 143 -9.38 27.23 55.43
N GLN D 144 -8.46 27.73 54.60
CA GLN D 144 -7.05 27.41 54.79
C GLN D 144 -6.53 28.05 56.07
N SER D 145 -5.75 27.29 56.82
CA SER D 145 -5.18 27.78 58.06
C SER D 145 -3.94 28.63 57.78
N THR D 146 -3.42 29.25 58.84
CA THR D 146 -2.24 30.09 58.75
C THR D 146 -0.97 29.38 59.15
N ALA D 147 -1.03 28.08 59.41
CA ALA D 147 0.14 27.30 59.82
C ALA D 147 0.27 26.08 58.91
N SER D 148 1.43 25.91 58.29
CA SER D 148 1.66 24.80 57.39
C SER D 148 1.87 23.50 58.15
N THR D 168 -5.38 29.10 63.67
CA THR D 168 -6.13 30.35 63.62
C THR D 168 -6.40 30.76 62.18
N TYR D 169 -7.41 31.59 61.97
CA TYR D 169 -7.84 31.98 60.63
C TYR D 169 -7.91 33.50 60.53
N LEU D 170 -7.94 33.96 59.28
CA LEU D 170 -7.93 35.39 58.99
C LEU D 170 -9.21 36.05 59.51
N ASN D 171 -9.09 37.34 59.86
CA ASN D 171 -10.13 38.02 60.62
C ASN D 171 -11.38 38.35 59.81
N ASP D 172 -11.27 38.43 58.48
CA ASP D 172 -12.39 38.88 57.69
C ASP D 172 -12.75 37.86 56.61
N PRO D 173 -14.04 37.61 56.38
CA PRO D 173 -14.41 36.55 55.44
C PRO D 173 -13.94 36.78 54.01
N VAL D 174 -13.90 38.03 53.56
CA VAL D 174 -13.46 38.29 52.18
C VAL D 174 -11.97 37.99 52.03
N SER D 175 -11.16 38.41 53.01
CA SER D 175 -9.75 38.03 53.00
C SER D 175 -9.58 36.53 53.16
N GLN D 176 -10.50 35.88 53.88
CA GLN D 176 -10.49 34.43 53.97
C GLN D 176 -10.71 33.80 52.59
N ALA D 177 -11.66 34.34 51.82
CA ALA D 177 -11.90 33.82 50.48
C ALA D 177 -10.70 34.07 49.58
N VAL D 178 -10.07 35.24 49.71
CA VAL D 178 -8.89 35.53 48.90
C VAL D 178 -7.77 34.57 49.23
N PHE D 179 -7.56 34.28 50.52
CA PHE D 179 -6.53 33.33 50.89
C PHE D 179 -6.87 31.93 50.43
N ASN D 180 -8.14 31.56 50.42
CA ASN D 180 -8.54 30.27 49.88
C ASN D 180 -8.20 30.19 48.40
N ILE D 181 -8.48 31.26 47.65
CA ILE D 181 -8.18 31.26 46.22
C ILE D 181 -6.67 31.16 46.00
N LEU D 182 -5.91 31.94 46.76
CA LEU D 182 -4.46 31.98 46.54
C LEU D 182 -3.76 30.73 47.06
N GLY D 183 -4.15 30.25 48.24
CA GLY D 183 -3.37 29.25 48.93
C GLY D 183 -4.05 27.91 49.14
N THR D 184 -4.78 27.43 48.14
CA THR D 184 -5.29 26.06 48.20
C THR D 184 -4.39 25.20 47.32
N PRO D 185 -3.49 24.41 47.90
CA PRO D 185 -2.54 23.66 47.08
C PRO D 185 -3.21 22.54 46.31
N ASP D 186 -2.54 22.12 45.24
CA ASP D 186 -3.04 21.02 44.43
C ASP D 186 -2.91 19.70 45.20
N TYR D 187 -3.69 18.71 44.77
CA TYR D 187 -3.60 17.38 45.38
C TYR D 187 -2.25 16.74 45.12
N SER D 188 -1.57 17.13 44.04
CA SER D 188 -0.26 16.57 43.72
C SER D 188 0.76 16.83 44.82
N PHE D 189 0.57 17.88 45.63
CA PHE D 189 1.48 18.16 46.73
C PHE D 189 1.37 17.14 47.85
N CYS D 190 0.31 16.33 47.89
CA CYS D 190 0.18 15.25 48.85
C CYS D 190 0.48 13.89 48.23
N MET D 191 1.33 13.86 47.21
CA MET D 191 1.73 12.63 46.54
C MET D 191 3.21 12.73 46.21
N ASP D 192 3.77 11.65 45.65
CA ASP D 192 5.18 11.62 45.31
C ASP D 192 5.44 12.43 44.04
N ASN D 193 6.73 12.61 43.72
CA ASN D 193 7.08 13.41 42.55
C ASN D 193 6.73 12.73 41.24
N GLU D 194 6.51 11.42 41.26
CA GLU D 194 6.05 10.70 40.07
C GLU D 194 4.55 10.79 39.87
N GLN D 195 3.82 11.39 40.82
CA GLN D 195 2.37 11.52 40.76
C GLN D 195 1.70 10.15 40.62
N LYS D 196 2.17 9.18 41.40
CA LYS D 196 1.68 7.81 41.34
C LYS D 196 0.99 7.37 42.62
N ASN D 197 1.63 7.54 43.77
CA ASN D 197 1.10 7.08 45.04
C ASN D 197 0.95 8.23 46.01
N TRP D 198 0.05 8.04 46.98
CA TRP D 198 -0.23 9.05 47.98
C TRP D 198 0.74 8.96 49.15
N LEU D 199 0.61 9.92 50.07
CA LEU D 199 1.47 9.94 51.24
C LEU D 199 0.69 9.54 52.49
N PRO D 200 1.33 8.84 53.43
CA PRO D 200 0.61 8.41 54.63
C PRO D 200 0.08 9.55 55.47
N ASN D 201 0.81 10.67 55.54
CA ASN D 201 0.39 11.83 56.34
C ASN D 201 0.59 13.09 55.51
N CYS D 202 -0.42 13.94 55.49
CA CYS D 202 -0.36 15.19 54.72
C CYS D 202 -1.32 16.18 55.38
N ASN D 203 -0.78 17.11 56.17
CA ASN D 203 -1.61 18.13 56.80
C ASN D 203 -2.13 19.16 55.80
N LEU D 204 -1.59 19.19 54.58
CA LEU D 204 -2.03 20.15 53.59
C LEU D 204 -3.48 19.89 53.20
N MET D 205 -4.25 20.98 53.07
CA MET D 205 -5.65 20.90 52.67
C MET D 205 -5.72 21.19 51.18
N TYR D 206 -5.47 20.15 50.39
CA TYR D 206 -5.51 20.29 48.95
C TYR D 206 -6.95 20.41 48.46
N GLN D 207 -7.11 20.77 47.18
CA GLN D 207 -8.42 21.11 46.65
C GLN D 207 -9.39 19.93 46.80
N ASN D 208 -8.94 18.72 46.48
CA ASN D 208 -9.79 17.56 46.65
C ASN D 208 -10.16 17.36 48.12
N LEU D 209 -9.22 17.61 49.03
CA LEU D 209 -9.49 17.40 50.45
C LEU D 209 -10.61 18.32 50.94
N VAL D 210 -10.49 19.63 50.68
CA VAL D 210 -11.54 20.56 51.09
C VAL D 210 -12.84 20.25 50.40
N MET D 211 -12.77 19.79 49.15
CA MET D 211 -13.98 19.58 48.37
C MET D 211 -14.74 18.35 48.87
N GLN D 212 -14.02 17.29 49.22
CA GLN D 212 -14.64 16.17 49.94
C GLN D 212 -15.18 16.60 51.29
N ASN D 213 -14.43 17.45 52.00
CA ASN D 213 -14.91 17.91 53.31
C ASN D 213 -16.23 18.65 53.17
N VAL D 214 -16.40 19.40 52.08
CA VAL D 214 -17.69 20.00 51.80
C VAL D 214 -18.75 18.92 51.58
N ILE D 215 -18.43 17.95 50.72
CA ILE D 215 -19.46 16.98 50.34
C ILE D 215 -19.81 16.06 51.50
N GLY D 216 -18.81 15.59 52.23
CA GLY D 216 -19.02 14.63 53.30
C GLY D 216 -19.01 13.21 52.78
N THR D 217 -19.62 12.29 53.53
CA THR D 217 -19.73 10.92 53.07
C THR D 217 -20.57 10.87 51.79
N LEU D 218 -20.07 10.14 50.80
CA LEU D 218 -20.75 10.09 49.51
C LEU D 218 -22.08 9.35 49.65
N PRO D 219 -23.20 9.96 49.27
CA PRO D 219 -24.48 9.27 49.36
C PRO D 219 -24.55 8.13 48.36
N PRO D 220 -25.32 7.09 48.66
CA PRO D 220 -25.44 5.96 47.73
C PRO D 220 -26.31 6.32 46.53
N ALA D 221 -26.41 5.37 45.60
CA ALA D 221 -27.21 5.58 44.40
C ALA D 221 -28.69 5.34 44.68
N GLN D 222 -29.04 4.13 45.10
CA GLN D 222 -30.42 3.77 45.42
C GLN D 222 -30.63 3.86 46.92
N THR D 223 -31.81 4.33 47.32
CA THR D 223 -32.10 4.51 48.73
C THR D 223 -32.05 3.18 49.47
N SER D 224 -31.51 3.21 50.69
CA SER D 224 -31.38 2.02 51.51
C SER D 224 -31.79 2.36 52.93
N GLY D 225 -32.14 1.33 53.70
CA GLY D 225 -32.54 1.54 55.08
C GLY D 225 -31.46 2.15 55.95
N SER D 226 -30.19 2.05 55.53
CA SER D 226 -29.10 2.64 56.29
C SER D 226 -28.97 4.14 55.99
N THR D 227 -28.79 4.47 54.72
CA THR D 227 -28.58 5.85 54.30
C THR D 227 -29.50 6.20 53.15
N PRO D 228 -29.93 7.45 53.05
CA PRO D 228 -30.81 7.85 51.95
C PRO D 228 -30.06 7.98 50.63
N ALA D 229 -30.82 7.95 49.54
CA ALA D 229 -30.25 8.10 48.22
C ALA D 229 -29.80 9.55 48.00
N PHE D 230 -29.03 9.76 46.94
CA PHE D 230 -28.51 11.10 46.68
C PHE D 230 -29.58 12.06 46.17
N TYR D 231 -30.78 11.58 45.86
CA TYR D 231 -31.86 12.44 45.40
C TYR D 231 -33.09 12.41 46.30
N SER D 232 -33.09 11.60 47.35
CA SER D 232 -34.24 11.53 48.23
C SER D 232 -34.38 12.80 49.06
N TYR D 233 -35.63 13.11 49.42
CA TYR D 233 -35.89 14.30 50.22
C TYR D 233 -35.28 14.19 51.61
N LYS D 234 -35.15 12.97 52.14
CA LYS D 234 -34.52 12.81 53.44
C LYS D 234 -33.06 13.25 53.41
N TYR D 235 -32.37 12.98 52.30
CA TYR D 235 -30.97 13.38 52.19
C TYR D 235 -30.84 14.88 51.99
N ASN D 236 -31.70 15.46 51.16
CA ASN D 236 -31.61 16.88 50.81
C ASN D 236 -32.31 17.78 51.82
N GLN D 237 -32.94 17.22 52.84
CA GLN D 237 -33.69 18.04 53.78
C GLN D 237 -32.89 19.19 54.39
N PRO D 238 -31.63 19.01 54.82
CA PRO D 238 -30.88 20.17 55.32
C PRO D 238 -30.19 20.93 54.19
N LEU D 239 -29.95 20.26 53.06
CA LEU D 239 -29.24 20.89 51.96
C LEU D 239 -30.07 21.99 51.31
N ILE D 240 -31.39 21.79 51.25
CA ILE D 240 -32.25 22.75 50.56
C ILE D 240 -32.21 24.11 51.23
N SER D 241 -32.26 24.14 52.57
CA SER D 241 -32.22 25.41 53.28
C SER D 241 -30.89 26.13 53.06
N GLN D 242 -29.78 25.38 53.03
CA GLN D 242 -28.49 26.01 52.79
C GLN D 242 -28.40 26.58 51.38
N LEU D 243 -28.86 25.82 50.38
CA LEU D 243 -28.72 26.27 49.00
C LEU D 243 -29.70 27.38 48.64
N ASN D 244 -30.82 27.48 49.33
CA ASN D 244 -31.81 28.51 49.02
C ASN D 244 -31.25 29.90 49.27
N SER D 245 -31.43 30.80 48.31
CA SER D 245 -30.88 32.14 48.42
C SER D 245 -31.64 33.00 49.43
N ASN D 246 -32.92 32.69 49.68
CA ASN D 246 -33.70 33.52 50.60
C ASN D 246 -33.05 33.60 51.97
N SER D 247 -32.33 32.54 52.37
CA SER D 247 -31.68 32.53 53.68
C SER D 247 -30.71 33.69 53.85
N LEU D 248 -30.28 34.29 52.74
CA LEU D 248 -29.41 35.45 52.80
C LEU D 248 -30.17 36.77 52.94
N ILE D 249 -31.31 36.90 52.27
CA ILE D 249 -31.96 38.21 52.12
C ILE D 249 -33.31 38.30 52.82
N ALA D 250 -33.90 37.20 53.25
CA ALA D 250 -35.20 37.27 53.90
C ALA D 250 -35.11 37.80 55.33
N PRO D 251 -34.29 37.24 56.20
CA PRO D 251 -34.28 37.70 57.59
C PRO D 251 -33.67 39.09 57.73
N LEU D 252 -34.02 39.75 58.83
CA LEU D 252 -33.47 41.06 59.15
C LEU D 252 -32.45 41.02 60.28
N LEU D 253 -32.57 40.07 61.21
CA LEU D 253 -31.61 39.91 62.29
C LEU D 253 -31.33 38.43 62.44
N MET D 254 -30.11 38.01 62.13
CA MET D 254 -29.79 36.60 62.07
C MET D 254 -29.76 35.98 63.47
N ASP D 255 -30.09 34.70 63.54
CA ASP D 255 -30.08 33.94 64.79
C ASP D 255 -28.86 33.02 64.82
N THR D 256 -28.07 33.13 65.86
CA THR D 256 -26.83 32.36 66.00
C THR D 256 -26.92 31.28 67.08
N SER D 257 -28.13 30.98 67.56
CA SER D 257 -28.30 29.95 68.59
C SER D 257 -28.17 28.58 67.94
N ALA D 258 -27.14 27.83 68.35
CA ALA D 258 -26.83 26.53 67.75
C ALA D 258 -27.91 25.53 68.14
N SER D 259 -28.84 25.30 67.24
CA SER D 259 -29.93 24.35 67.49
C SER D 259 -30.07 23.32 66.39
N GLN D 260 -29.86 23.70 65.14
CA GLN D 260 -30.03 22.77 64.02
C GLN D 260 -28.87 21.80 63.95
N SER D 261 -29.17 20.57 63.55
CA SER D 261 -28.15 19.55 63.30
C SER D 261 -28.68 18.66 62.18
N GLY D 262 -28.30 19.00 60.94
CA GLY D 262 -28.84 18.32 59.78
C GLY D 262 -27.99 17.17 59.26
N GLN D 263 -26.70 17.43 59.07
CA GLN D 263 -25.79 16.44 58.52
C GLN D 263 -24.72 16.10 59.55
N ASP D 264 -24.53 14.80 59.79
CA ASP D 264 -23.46 14.35 60.67
C ASP D 264 -22.09 14.38 60.00
N SER D 265 -22.04 14.59 58.68
CA SER D 265 -20.79 14.66 57.95
C SER D 265 -20.88 15.76 56.92
N GLY D 266 -19.71 16.29 56.54
CA GLY D 266 -19.65 17.33 55.54
C GLY D 266 -19.93 18.71 56.11
N LEU D 267 -19.85 19.70 55.22
CA LEU D 267 -20.10 21.08 55.61
C LEU D 267 -21.56 21.27 55.97
N THR D 268 -21.82 21.59 57.24
CA THR D 268 -23.18 21.72 57.74
C THR D 268 -23.28 22.98 58.60
N ALA D 269 -24.48 23.56 58.60
CA ALA D 269 -24.77 24.77 59.35
C ALA D 269 -25.69 24.44 60.52
N LYS D 270 -25.40 25.01 61.68
CA LYS D 270 -26.16 24.76 62.89
C LYS D 270 -27.05 25.94 63.29
N SER D 271 -27.06 27.02 62.51
CA SER D 271 -27.84 28.20 62.86
C SER D 271 -28.32 28.86 61.58
N GLN D 272 -29.30 29.74 61.73
CA GLN D 272 -29.81 30.49 60.58
C GLN D 272 -28.72 31.35 59.96
N ALA D 273 -27.93 32.03 60.80
CA ALA D 273 -26.81 32.80 60.31
C ALA D 273 -25.80 31.90 59.60
N GLN D 274 -25.53 30.73 60.17
CA GLN D 274 -24.63 29.80 59.51
C GLN D 274 -25.25 29.26 58.22
N GLN D 275 -26.58 29.17 58.16
CA GLN D 275 -27.23 28.79 56.91
C GLN D 275 -26.98 29.84 55.83
N ALA D 276 -27.11 31.12 56.19
CA ALA D 276 -26.82 32.17 55.23
C ALA D 276 -25.35 32.14 54.81
N LEU D 277 -24.45 31.93 55.78
CA LEU D 277 -23.03 31.87 55.46
C LEU D 277 -22.72 30.70 54.53
N ASN D 278 -23.33 29.55 54.77
CA ASN D 278 -23.13 28.40 53.88
C ASN D 278 -23.69 28.70 52.49
N PHE D 279 -24.82 29.40 52.41
CA PHE D 279 -25.33 29.79 51.10
C PHE D 279 -24.34 30.70 50.38
N ILE D 280 -23.74 31.63 51.11
CA ILE D 280 -22.75 32.52 50.50
C ILE D 280 -21.56 31.72 50.00
N ARG D 281 -21.12 30.74 50.80
CA ARG D 281 -20.02 29.89 50.38
C ARG D 281 -20.37 29.09 49.12
N TYR D 282 -21.61 28.62 49.02
CA TYR D 282 -22.01 27.83 47.86
C TYR D 282 -22.18 28.69 46.61
N ALA D 283 -22.83 29.85 46.75
CA ALA D 283 -23.11 30.69 45.59
C ALA D 283 -21.86 31.38 45.07
N SER D 284 -20.94 31.74 45.96
CA SER D 284 -19.69 32.38 45.56
C SER D 284 -18.67 31.41 45.00
N ALA D 285 -19.09 30.17 44.71
CA ALA D 285 -18.21 29.17 44.09
C ALA D 285 -16.96 28.95 44.93
N GLN D 286 -17.11 28.97 46.25
CA GLN D 286 -15.99 28.76 47.16
C GLN D 286 -15.82 27.30 47.55
N VAL D 287 -16.77 26.42 47.21
CA VAL D 287 -16.62 25.01 47.53
C VAL D 287 -15.76 24.27 46.54
N THR D 288 -15.53 24.84 45.35
CA THR D 288 -14.56 24.29 44.40
C THR D 288 -13.44 25.30 44.21
N PRO D 289 -12.29 25.10 44.84
CA PRO D 289 -11.19 26.04 44.68
C PRO D 289 -10.50 25.84 43.34
N PRO D 290 -9.74 26.83 42.88
CA PRO D 290 -9.05 26.68 41.59
C PRO D 290 -7.93 25.67 41.66
N SER D 291 -7.53 25.19 40.49
CA SER D 291 -6.49 24.18 40.38
C SER D 291 -5.12 24.87 40.34
N LEU D 292 -4.32 24.62 41.37
CA LEU D 292 -2.98 25.18 41.47
C LEU D 292 -1.98 24.25 40.76
N PRO D 293 -0.79 24.75 40.41
CA PRO D 293 0.11 23.97 39.55
C PRO D 293 0.54 22.66 40.19
N LYS D 294 0.77 21.67 39.33
CA LYS D 294 1.29 20.38 39.78
C LYS D 294 2.67 20.58 40.40
N LEU D 295 2.98 19.73 41.39
CA LEU D 295 4.27 19.83 42.07
C LEU D 295 5.42 19.60 41.10
N SER D 296 5.35 18.55 40.29
CA SER D 296 6.45 18.23 39.40
C SER D 296 6.62 19.30 38.33
N ALA D 297 5.52 19.70 37.69
CA ALA D 297 5.61 20.70 36.63
C ALA D 297 6.09 22.04 37.17
N TYR D 298 5.58 22.45 38.33
CA TYR D 298 6.01 23.73 38.88
C TYR D 298 7.48 23.66 39.29
N SER D 299 7.91 22.55 39.89
CA SER D 299 9.33 22.45 40.23
C SER D 299 10.20 22.53 38.99
N GLU D 300 9.81 21.83 37.92
CA GLU D 300 10.59 21.86 36.68
C GLU D 300 10.64 23.27 36.10
N LEU D 301 9.50 23.98 36.10
CA LEU D 301 9.47 25.32 35.53
C LEU D 301 10.24 26.31 36.39
N TRP D 302 10.06 26.25 37.71
CA TRP D 302 10.70 27.20 38.61
C TRP D 302 12.20 27.02 38.63
N ASN D 303 12.67 25.77 38.55
CA ASN D 303 14.11 25.53 38.55
C ASN D 303 14.77 26.21 37.36
N GLN D 304 14.09 26.20 36.20
CA GLN D 304 14.58 26.96 35.06
C GLN D 304 14.41 28.45 35.28
N ALA D 305 13.33 28.87 35.95
CA ALA D 305 13.01 30.28 36.07
C ALA D 305 13.99 31.01 37.00
N THR D 306 14.38 30.37 38.10
CA THR D 306 15.30 30.97 39.06
C THR D 306 16.75 30.60 38.77
N ALA D 307 17.06 30.30 37.51
CA ALA D 307 18.41 29.85 37.15
C ALA D 307 19.44 30.93 37.42
N LYS D 308 20.61 30.50 37.87
CA LYS D 308 21.70 31.43 38.13
C LYS D 308 22.26 31.96 36.80
N PRO D 309 22.85 33.16 36.81
CA PRO D 309 23.36 33.72 35.55
C PRO D 309 24.52 32.92 34.98
N ASN D 310 24.27 32.28 33.84
CA ASN D 310 25.31 31.57 33.09
C ASN D 310 26.08 30.58 33.95
N SER D 311 25.34 29.82 34.76
CA SER D 311 25.95 28.83 35.63
C SER D 311 25.06 27.60 35.71
N ALA D 312 25.66 26.47 36.09
CA ALA D 312 24.97 25.19 36.25
C ALA D 312 24.31 24.73 34.95
N GLY D 313 24.89 25.10 33.81
CA GLY D 313 24.39 24.69 32.51
C GLY D 313 23.17 25.43 32.02
N TYR D 314 22.47 26.14 32.89
CA TYR D 314 21.28 26.87 32.47
C TYR D 314 21.65 28.04 31.56
N ASN D 315 20.86 28.23 30.51
CA ASN D 315 21.00 29.39 29.64
C ASN D 315 20.11 30.51 30.16
N GLU D 316 19.93 31.55 29.35
CA GLU D 316 19.08 32.67 29.75
C GLU D 316 17.76 32.75 28.99
N VAL D 317 17.70 32.19 27.78
CA VAL D 317 16.43 32.21 27.03
C VAL D 317 15.39 31.35 27.71
N GLN D 318 15.76 30.13 28.06
CA GLN D 318 14.84 29.24 28.76
C GLN D 318 14.48 29.80 30.13
N GLN D 319 15.45 30.41 30.81
CA GLN D 319 15.18 31.01 32.12
C GLN D 319 14.12 32.09 32.01
N LYS D 320 14.28 32.99 31.03
CA LYS D 320 13.31 34.07 30.87
C LYS D 320 11.94 33.53 30.46
N GLN D 321 11.91 32.54 29.56
CA GLN D 321 10.63 31.97 29.13
C GLN D 321 9.91 31.30 30.30
N ALA D 322 10.64 30.52 31.10
CA ALA D 322 10.04 29.85 32.24
C ALA D 322 9.55 30.87 33.27
N ALA D 323 10.34 31.91 33.54
CA ALA D 323 9.91 32.95 34.45
C ALA D 323 8.66 33.63 33.93
N ALA D 324 8.59 33.89 32.63
CA ALA D 324 7.40 34.51 32.04
C ALA D 324 6.18 33.63 32.22
N THR D 325 6.32 32.33 31.99
CA THR D 325 5.18 31.42 32.16
C THR D 325 4.71 31.38 33.61
N LEU D 326 5.65 31.30 34.55
CA LEU D 326 5.27 31.26 35.96
C LEU D 326 4.59 32.55 36.38
N SER D 327 5.15 33.70 36.00
CA SER D 327 4.50 34.96 36.33
C SER D 327 3.15 35.08 35.63
N SER D 328 3.00 34.46 34.46
CA SER D 328 1.72 34.49 33.78
C SER D 328 0.66 33.78 34.59
N TYR D 329 0.96 32.56 35.04
CA TYR D 329 -0.01 31.86 35.87
C TYR D 329 -0.28 32.62 37.14
N PHE D 330 0.76 33.13 37.80
CA PHE D 330 0.57 33.78 39.09
C PHE D 330 -0.27 35.05 38.95
N ASN D 331 -0.04 35.84 37.89
CA ASN D 331 -0.81 37.05 37.71
C ASN D 331 -2.23 36.76 37.26
N ASN D 332 -2.45 35.72 36.46
CA ASN D 332 -3.82 35.32 36.17
C ASN D 332 -4.55 34.92 37.45
N LEU D 333 -3.87 34.18 38.32
CA LEU D 333 -4.48 33.78 39.59
C LEU D 333 -4.79 35.01 40.45
N ARG D 334 -3.86 35.96 40.52
CA ARG D 334 -4.09 37.16 41.33
C ARG D 334 -5.24 37.98 40.77
N VAL D 335 -5.31 38.13 39.46
CA VAL D 335 -6.40 38.88 38.85
C VAL D 335 -7.74 38.19 39.11
N TYR D 336 -7.77 36.86 38.98
CA TYR D 336 -9.00 36.13 39.26
C TYR D 336 -9.42 36.30 40.71
N ALA D 337 -8.47 36.21 41.64
CA ALA D 337 -8.80 36.39 43.06
C ALA D 337 -9.33 37.79 43.33
N ALA D 338 -8.68 38.81 42.76
CA ALA D 338 -9.10 40.19 42.99
C ALA D 338 -10.49 40.44 42.41
N GLN D 339 -10.76 39.91 41.22
CA GLN D 339 -12.08 40.10 40.62
C GLN D 339 -13.15 39.34 41.39
N THR D 340 -12.84 38.13 41.87
CA THR D 340 -13.81 37.36 42.65
C THR D 340 -14.10 38.03 43.99
N SER D 341 -13.08 38.66 44.58
CA SER D 341 -13.25 39.30 45.88
C SER D 341 -14.30 40.40 45.84
N VAL D 342 -14.53 41.02 44.68
CA VAL D 342 -15.56 42.04 44.59
C VAL D 342 -16.93 41.45 44.86
N GLY D 343 -17.26 40.36 44.15
CA GLY D 343 -18.55 39.74 44.36
C GLY D 343 -18.66 39.09 45.74
N VAL D 344 -17.57 38.49 46.22
CA VAL D 344 -17.62 37.87 47.54
C VAL D 344 -17.82 38.92 48.62
N SER D 345 -17.15 40.06 48.50
CA SER D 345 -17.33 41.15 49.45
C SER D 345 -18.74 41.71 49.38
N ASN D 346 -19.32 41.76 48.18
CA ASN D 346 -20.70 42.22 48.06
C ASN D 346 -21.65 41.26 48.77
N LEU D 347 -21.44 39.95 48.58
CA LEU D 347 -22.27 38.97 49.27
C LEU D 347 -22.13 39.09 50.78
N TYR D 348 -20.91 39.25 51.27
CA TYR D 348 -20.71 39.37 52.71
C TYR D 348 -21.19 40.70 53.25
N TYR D 349 -21.24 41.74 52.42
CA TYR D 349 -21.86 42.99 52.83
C TYR D 349 -23.37 42.81 52.97
N ILE D 350 -23.98 42.05 52.06
CA ILE D 350 -25.40 41.75 52.19
C ILE D 350 -25.65 40.95 53.46
N LEU D 351 -24.81 39.95 53.72
CA LEU D 351 -25.02 39.09 54.89
C LEU D 351 -24.80 39.87 56.18
N SER D 352 -23.66 40.56 56.30
CA SER D 352 -23.29 41.24 57.53
C SER D 352 -24.17 42.43 57.84
N LYS D 353 -25.00 42.87 56.89
CA LYS D 353 -26.03 43.85 57.21
C LYS D 353 -27.00 43.32 58.25
N ARG D 354 -27.13 41.99 58.34
CA ARG D 354 -28.12 41.36 59.20
C ARG D 354 -27.48 40.56 60.34
N LEU D 355 -26.22 40.84 60.66
CA LEU D 355 -25.65 40.13 61.79
C LEU D 355 -25.79 40.95 63.07
N PRO D 356 -25.84 40.28 64.22
CA PRO D 356 -25.96 41.02 65.49
C PRO D 356 -24.75 41.91 65.74
N GLN D 357 -25.01 43.07 66.35
CA GLN D 357 -23.95 44.00 66.73
C GLN D 357 -24.24 44.51 68.13
N ASN D 358 -23.35 44.22 69.06
CA ASN D 358 -23.53 44.67 70.44
C ASN D 358 -23.29 46.17 70.54
N MET D 359 -24.13 46.84 71.32
CA MET D 359 -24.05 48.30 71.48
C MET D 359 -23.73 48.71 72.91
N SER D 360 -23.26 47.78 73.74
CA SER D 360 -22.90 48.12 75.12
C SER D 360 -21.77 47.20 75.54
N ALA D 361 -20.56 47.75 75.65
CA ALA D 361 -19.41 46.96 76.08
C ALA D 361 -19.60 46.35 77.46
N ASP D 362 -20.45 46.97 78.29
CA ASP D 362 -20.83 46.39 79.57
C ASP D 362 -22.12 45.60 79.40
N GLN D 363 -22.17 44.40 79.97
CA GLN D 363 -23.32 43.53 79.80
C GLN D 363 -24.41 43.85 80.82
N SER D 364 -24.79 45.12 80.92
CA SER D 364 -25.88 45.55 81.77
C SER D 364 -27.07 46.11 81.01
N ASN D 365 -26.83 46.80 79.89
CA ASN D 365 -27.88 47.28 79.02
C ASN D 365 -27.61 46.86 77.58
N ALA D 366 -26.96 45.70 77.41
CA ALA D 366 -26.57 45.24 76.08
C ALA D 366 -27.81 44.99 75.23
N ASN D 367 -27.88 45.65 74.07
CA ASN D 367 -28.98 45.51 73.14
C ASN D 367 -28.43 45.13 71.78
N ILE D 368 -29.02 44.11 71.18
CA ILE D 368 -28.56 43.54 69.92
C ILE D 368 -29.40 44.11 68.79
N THR D 369 -28.74 44.68 67.78
CA THR D 369 -29.41 45.19 66.60
C THR D 369 -28.49 45.04 65.41
N SER D 370 -29.08 44.99 64.22
CA SER D 370 -28.34 44.85 62.98
C SER D 370 -28.57 46.06 62.10
N GLN D 371 -27.78 46.14 61.03
CA GLN D 371 -27.90 47.25 60.09
C GLN D 371 -29.26 47.25 59.40
N ALA D 372 -29.65 46.11 58.82
CA ALA D 372 -30.91 46.03 58.12
C ALA D 372 -32.10 46.17 59.07
N LEU D 373 -32.00 45.54 60.25
CA LEU D 373 -33.07 45.67 61.24
C LEU D 373 -33.22 47.12 61.69
N ASN D 374 -32.10 47.82 61.86
CA ASN D 374 -32.18 49.21 62.26
C ASN D 374 -32.77 50.08 61.17
N GLU D 375 -32.42 49.81 59.90
CA GLU D 375 -33.07 50.52 58.81
C GLU D 375 -34.56 50.26 58.78
N PHE D 376 -34.97 49.02 59.03
CA PHE D 376 -36.39 48.69 59.05
C PHE D 376 -37.11 49.42 60.17
N ASN D 377 -36.57 49.38 61.38
CA ASN D 377 -37.16 50.08 62.51
C ASN D 377 -37.07 51.59 62.38
N MET D 378 -36.19 52.09 61.51
CA MET D 378 -36.12 53.52 61.24
C MET D 378 -37.20 53.93 60.25
N ALA D 379 -37.40 53.13 59.21
CA ALA D 379 -38.34 53.48 58.16
C ALA D 379 -39.78 53.24 58.58
N THR D 380 -40.06 52.20 59.37
CA THR D 380 -41.42 51.80 59.65
C THR D 380 -41.82 51.98 61.12
N ARG D 381 -41.09 52.79 61.88
CA ARG D 381 -41.53 53.10 63.23
C ARG D 381 -42.63 54.15 63.25
N ARG D 382 -42.82 54.88 62.15
CA ARG D 382 -43.84 55.90 62.07
C ARG D 382 -45.05 55.45 61.27
N LEU D 383 -45.04 54.22 60.76
CA LEU D 383 -46.18 53.66 60.05
C LEU D 383 -47.03 52.81 60.97
N PHE D 384 -46.44 51.76 61.53
CA PHE D 384 -47.04 50.95 62.57
C PHE D 384 -45.95 50.44 63.48
N ASP D 385 -46.21 50.50 64.78
CA ASP D 385 -45.24 50.04 65.78
C ASP D 385 -45.85 48.93 66.62
N PRO D 386 -45.37 47.70 66.52
CA PRO D 386 -45.93 46.63 67.37
C PRO D 386 -45.77 46.89 68.86
N THR D 387 -44.75 47.65 69.26
CA THR D 387 -44.57 47.99 70.67
C THR D 387 -45.46 49.15 71.10
N ALA D 388 -46.12 49.83 70.17
CA ALA D 388 -46.99 50.93 70.51
C ALA D 388 -48.31 50.41 71.08
N SER D 389 -49.06 51.33 71.69
CA SER D 389 -50.37 51.01 72.25
C SER D 389 -51.45 51.26 71.21
N ASN D 390 -52.30 50.25 71.00
CA ASN D 390 -53.37 50.33 70.01
C ASN D 390 -54.72 50.74 70.60
N THR D 391 -54.77 51.03 71.90
CA THR D 391 -56.01 51.44 72.54
C THR D 391 -55.89 52.88 73.00
N PRO D 392 -56.85 53.74 72.66
CA PRO D 392 -56.77 55.14 73.08
C PRO D 392 -56.78 55.28 74.60
N GLY D 393 -56.08 56.31 75.07
CA GLY D 393 -55.94 56.56 76.49
C GLY D 393 -54.63 56.12 77.09
N GLN D 394 -53.77 55.45 76.32
CA GLN D 394 -52.48 55.01 76.79
C GLN D 394 -51.36 55.81 76.14
N PRO D 395 -50.19 55.92 76.78
CA PRO D 395 -49.07 56.62 76.14
C PRO D 395 -48.48 55.85 74.97
N ASN D 396 -47.42 56.39 74.38
CA ASN D 396 -46.67 55.79 73.27
C ASN D 396 -47.59 55.15 72.22
N GLN D 397 -48.66 55.88 71.89
CA GLN D 397 -49.60 55.44 70.87
C GLN D 397 -48.93 55.41 69.50
N GLN D 398 -49.70 55.03 68.49
CA GLN D 398 -49.20 55.02 67.13
C GLN D 398 -48.83 56.44 66.71
N TRP D 399 -47.85 56.53 65.80
CA TRP D 399 -47.34 57.85 65.43
C TRP D 399 -48.40 58.70 64.75
N ILE D 400 -49.26 58.09 63.93
CA ILE D 400 -50.31 58.84 63.28
C ILE D 400 -51.24 59.46 64.30
N LYS D 401 -51.63 58.69 65.32
CA LYS D 401 -52.52 59.21 66.34
C LYS D 401 -51.86 60.33 67.14
N GLN D 402 -50.57 60.20 67.41
CA GLN D 402 -49.85 61.27 68.11
C GLN D 402 -49.81 62.54 67.26
N ILE D 403 -49.61 62.38 65.96
CA ILE D 403 -49.65 63.54 65.06
C ILE D 403 -51.03 64.17 65.09
N ASN D 404 -52.07 63.35 65.21
CA ASN D 404 -53.44 63.85 65.22
C ASN D 404 -53.70 64.84 66.34
N ASP D 405 -52.91 64.80 67.42
CA ASP D 405 -53.10 65.69 68.56
C ASP D 405 -51.96 66.66 68.77
N ALA D 406 -50.86 66.52 68.02
CA ALA D 406 -49.66 67.30 68.31
C ALA D 406 -49.84 68.77 67.91
N SER D 407 -49.02 69.61 68.53
CA SER D 407 -49.00 71.03 68.25
C SER D 407 -48.22 71.32 66.97
N PRO D 408 -48.47 72.46 66.33
CA PRO D 408 -47.73 72.78 65.09
C PRO D 408 -46.22 72.78 65.25
N ALA D 409 -45.70 73.27 66.38
CA ALA D 409 -44.26 73.23 66.59
C ALA D 409 -43.75 71.80 66.65
N THR D 410 -44.49 70.92 67.34
CA THR D 410 -44.05 69.53 67.47
C THR D 410 -44.02 68.83 66.12
N VAL D 411 -45.06 69.03 65.30
CA VAL D 411 -45.06 68.37 64.01
C VAL D 411 -44.02 68.99 63.08
N GLN D 412 -43.72 70.27 63.25
CA GLN D 412 -42.64 70.86 62.46
C GLN D 412 -41.29 70.23 62.83
N LYS D 413 -41.04 70.03 64.12
CA LYS D 413 -39.81 69.38 64.54
C LYS D 413 -39.76 67.94 64.02
N GLU D 414 -40.90 67.25 64.04
CA GLU D 414 -40.95 65.90 63.50
C GLU D 414 -40.67 65.90 62.00
N ILE D 415 -41.15 66.91 61.28
CA ILE D 415 -40.84 67.03 59.86
C ILE D 415 -39.34 67.20 59.66
N ALA D 416 -38.71 68.01 60.52
CA ALA D 416 -37.26 68.18 60.42
C ALA D 416 -36.52 66.86 60.61
N ILE D 417 -36.91 66.12 61.65
CA ILE D 417 -36.26 64.83 61.90
C ILE D 417 -36.49 63.89 60.73
N LEU D 418 -37.72 63.87 60.20
CA LEU D 418 -38.05 63.00 59.08
C LEU D 418 -37.21 63.32 57.86
N LEU D 419 -37.00 64.61 57.60
CA LEU D 419 -36.14 64.99 56.47
C LEU D 419 -34.71 64.53 56.70
N ALA D 420 -34.23 64.60 57.95
CA ALA D 420 -32.90 64.09 58.23
C ALA D 420 -32.80 62.59 57.94
N GLU D 421 -33.82 61.83 58.35
CA GLU D 421 -33.84 60.40 58.04
C GLU D 421 -33.84 60.15 56.55
N ILE D 422 -34.62 60.96 55.81
CA ILE D 422 -34.69 60.83 54.36
C ILE D 422 -33.32 61.01 53.74
N ASN D 423 -32.60 62.05 54.18
CA ASN D 423 -31.26 62.29 53.67
C ASN D 423 -30.33 61.12 53.98
N TYR D 424 -30.42 60.57 55.20
CA TYR D 424 -29.56 59.45 55.57
C TYR D 424 -29.83 58.23 54.70
N GLN D 425 -31.11 57.90 54.48
CA GLN D 425 -31.40 56.74 53.65
C GLN D 425 -30.99 56.97 52.20
N MET D 426 -31.08 58.21 51.72
CA MET D 426 -30.58 58.47 50.38
C MET D 426 -29.07 58.27 50.31
N TYR D 427 -28.36 58.60 51.38
CA TYR D 427 -26.93 58.31 51.44
C TYR D 427 -26.67 56.80 51.32
N LEU D 428 -27.45 56.00 52.05
CA LEU D 428 -27.29 54.55 51.93
C LEU D 428 -27.59 54.06 50.52
N ASP D 429 -28.62 54.65 49.89
CA ASP D 429 -28.96 54.27 48.52
C ASP D 429 -27.82 54.54 47.57
N ARG D 430 -27.18 55.71 47.71
CA ARG D 430 -26.04 55.99 46.83
C ARG D 430 -24.87 55.05 47.13
N GLN D 431 -24.71 54.62 48.38
CA GLN D 431 -23.67 53.62 48.66
C GLN D 431 -23.94 52.32 47.92
N ILE D 432 -25.20 51.86 47.94
CA ILE D 432 -25.55 50.65 47.19
C ILE D 432 -25.32 50.85 45.70
N GLN D 433 -25.63 52.05 45.20
CA GLN D 433 -25.39 52.33 43.78
C GLN D 433 -23.91 52.26 43.45
N GLU D 434 -23.06 52.78 44.34
CA GLU D 434 -21.62 52.69 44.13
C GLU D 434 -21.16 51.23 44.09
N ARG D 435 -21.73 50.40 44.97
CA ARG D 435 -21.42 48.98 44.93
C ARG D 435 -21.81 48.38 43.58
N ILE D 436 -22.99 48.76 43.07
CA ILE D 436 -23.42 48.30 41.74
C ILE D 436 -22.41 48.72 40.68
N LEU D 437 -21.93 49.96 40.78
CA LEU D 437 -20.96 50.46 39.81
C LEU D 437 -19.68 49.62 39.84
N LEU D 438 -19.20 49.31 41.04
CA LEU D 438 -18.00 48.49 41.15
C LEU D 438 -18.22 47.13 40.52
N THR D 439 -19.36 46.50 40.80
CA THR D 439 -19.64 45.18 40.25
C THR D 439 -19.66 45.22 38.73
N ASN D 440 -20.40 46.18 38.17
CA ASN D 440 -20.52 46.25 36.71
C ASN D 440 -19.19 46.55 36.06
N SER D 441 -18.39 47.43 36.66
CA SER D 441 -17.09 47.75 36.09
C SER D 441 -16.16 46.54 36.10
N ILE D 442 -16.16 45.78 37.21
CA ILE D 442 -15.31 44.60 37.27
C ILE D 442 -15.74 43.58 36.21
N MET D 443 -17.05 43.38 36.07
CA MET D 443 -17.51 42.38 35.13
C MET D 443 -17.27 42.81 33.69
N LEU D 444 -17.40 44.10 33.40
CA LEU D 444 -17.03 44.61 32.08
C LEU D 444 -15.54 44.44 31.83
N LEU D 445 -14.71 44.68 32.84
CA LEU D 445 -13.27 44.49 32.67
C LEU D 445 -12.95 43.04 32.37
N GLN D 446 -13.63 42.11 33.05
CA GLN D 446 -13.42 40.70 32.77
C GLN D 446 -13.83 40.37 31.34
N ASN D 447 -14.99 40.89 30.90
CA ASN D 447 -15.44 40.64 29.54
C ASN D 447 -14.45 41.17 28.52
N LEU D 448 -13.90 42.36 28.77
CA LEU D 448 -12.96 42.97 27.84
C LEU D 448 -11.62 42.24 27.83
N LYS D 449 -11.14 41.79 28.98
CA LYS D 449 -9.93 41.00 29.03
C LYS D 449 -10.07 39.65 28.34
N ALA D 450 -11.26 39.06 28.37
CA ALA D 450 -11.49 37.83 27.59
C ALA D 450 -11.39 38.06 26.09
N ALA D 451 -11.24 39.31 25.66
CA ALA D 451 -11.19 39.67 24.24
C ALA D 451 -10.00 40.58 23.96
N GLN D 452 -8.83 40.21 24.47
CA GLN D 452 -7.63 40.99 24.20
C GLN D 452 -7.31 40.92 22.71
N PRO D 453 -6.96 42.04 22.08
CA PRO D 453 -6.59 41.99 20.66
C PRO D 453 -5.36 41.10 20.44
N THR D 454 -5.37 40.38 19.34
CA THR D 454 -4.32 39.43 19.00
C THR D 454 -3.36 40.04 17.99
N ALA D 455 -2.07 39.75 18.17
CA ALA D 455 -1.04 40.23 17.26
C ALA D 455 -0.80 39.31 16.08
N ASP D 456 -1.51 38.19 16.00
CA ASP D 456 -1.32 37.24 14.92
C ASP D 456 -1.69 37.90 13.60
N PHE D 457 -0.80 37.78 12.60
CA PHE D 457 -0.98 38.43 11.31
C PHE D 457 -1.17 37.43 10.17
N SER D 458 -1.53 36.18 10.48
CA SER D 458 -1.77 35.17 9.47
C SER D 458 -3.10 34.48 9.69
N GLN E 23 -70.65 107.45 92.39
CA GLN E 23 -71.10 107.84 91.06
C GLN E 23 -71.33 106.61 90.18
N PRO E 24 -72.45 106.62 89.45
CA PRO E 24 -72.75 105.47 88.57
C PRO E 24 -71.67 105.27 87.53
N ALA E 25 -71.39 104.00 87.23
CA ALA E 25 -70.32 103.62 86.32
C ALA E 25 -70.83 103.60 84.89
N ASP E 26 -70.06 104.18 83.98
CA ASP E 26 -70.40 104.14 82.57
C ASP E 26 -70.29 102.71 82.06
N PRO E 27 -71.26 102.22 81.28
CA PRO E 27 -71.19 100.82 80.79
C PRO E 27 -69.99 100.56 79.90
N SER E 28 -69.40 101.59 79.31
CA SER E 28 -68.25 101.40 78.43
C SER E 28 -67.08 100.80 79.19
N GLY E 29 -66.84 101.25 80.43
CA GLY E 29 -65.75 100.70 81.21
C GLY E 29 -65.93 99.23 81.50
N GLN E 30 -67.14 98.83 81.91
CA GLN E 30 -67.39 97.42 82.18
C GLN E 30 -67.25 96.59 80.90
N GLN E 31 -67.76 97.12 79.78
CA GLN E 31 -67.66 96.39 78.53
C GLN E 31 -66.20 96.20 78.13
N THR E 32 -65.38 97.25 78.30
CA THR E 32 -63.98 97.14 77.94
C THR E 32 -63.25 96.18 78.87
N SER E 33 -63.61 96.18 80.15
CA SER E 33 -62.99 95.24 81.09
C SER E 33 -63.30 93.79 80.70
N THR E 34 -64.56 93.52 80.38
CA THR E 34 -64.91 92.16 79.95
C THR E 34 -64.23 91.80 78.64
N ASN E 35 -64.15 92.75 77.71
CA ASN E 35 -63.46 92.50 76.44
C ASN E 35 -61.99 92.17 76.66
N THR E 36 -61.33 92.91 77.55
CA THR E 36 -59.92 92.68 77.77
C THR E 36 -59.67 91.37 78.50
N SER E 37 -60.55 91.01 79.44
CA SER E 37 -60.41 89.70 80.07
C SER E 37 -60.60 88.58 79.06
N ASN E 38 -61.56 88.74 78.15
CA ASN E 38 -61.74 87.78 77.08
C ASN E 38 -60.50 87.73 76.19
N LEU E 39 -59.87 88.88 75.96
CA LEU E 39 -58.63 88.90 75.18
C LEU E 39 -57.53 88.11 75.87
N VAL E 40 -57.39 88.28 77.18
CA VAL E 40 -56.40 87.51 77.93
C VAL E 40 -56.67 86.02 77.79
N THR E 41 -57.93 85.62 77.98
CA THR E 41 -58.28 84.21 77.88
C THR E 41 -57.99 83.68 76.48
N TYR E 42 -58.37 84.44 75.45
CA TYR E 42 -58.20 83.98 74.09
C TYR E 42 -56.74 83.87 73.70
N LEU E 43 -55.91 84.80 74.17
CA LEU E 43 -54.48 84.70 73.91
C LEU E 43 -53.87 83.50 74.62
N THR E 44 -54.30 83.21 75.85
CA THR E 44 -53.77 82.03 76.52
C THR E 44 -54.19 80.75 75.81
N ASN E 45 -55.44 80.70 75.33
CA ASN E 45 -55.85 79.52 74.56
C ASN E 45 -55.07 79.40 73.26
N LEU E 46 -54.81 80.52 72.57
CA LEU E 46 -54.02 80.43 71.34
C LEU E 46 -52.61 79.94 71.62
N GLY E 47 -52.00 80.45 72.70
CA GLY E 47 -50.68 79.98 73.07
C GLY E 47 -50.66 78.50 73.39
N LYS E 48 -51.68 78.03 74.13
CA LYS E 48 -51.78 76.61 74.42
C LYS E 48 -51.94 75.79 73.15
N TYR E 49 -52.79 76.27 72.23
CA TYR E 49 -53.04 75.53 70.99
C TYR E 49 -51.76 75.42 70.15
N LEU E 50 -51.00 76.52 70.05
CA LEU E 50 -49.73 76.44 69.35
C LEU E 50 -48.74 75.52 70.07
N GLY E 51 -48.94 75.28 71.36
CA GLY E 51 -48.11 74.34 72.09
C GLY E 51 -47.17 74.98 73.09
N TYR E 52 -47.56 76.13 73.62
CA TYR E 52 -46.71 76.88 74.55
C TYR E 52 -47.53 77.30 75.76
N ASP E 53 -46.84 77.35 76.91
CA ASP E 53 -47.44 77.87 78.15
C ASP E 53 -47.07 79.35 78.22
N ILE E 54 -47.92 80.20 77.62
CA ILE E 54 -47.64 81.62 77.54
C ILE E 54 -47.72 82.32 78.89
N THR E 55 -48.45 81.74 79.84
CA THR E 55 -48.67 82.42 81.12
C THR E 55 -47.35 82.70 81.85
N GLN E 56 -46.43 81.74 81.83
CA GLN E 56 -45.19 81.87 82.57
C GLN E 56 -44.14 82.58 81.71
N SER E 57 -43.73 83.77 82.14
CA SER E 57 -42.71 84.51 81.42
C SER E 57 -41.32 83.93 81.65
N SER E 58 -41.07 83.41 82.85
CA SER E 58 -39.74 82.90 83.18
C SER E 58 -39.39 81.64 82.39
N LYS E 59 -40.38 80.90 81.91
CA LYS E 59 -40.14 79.69 81.13
C LYS E 59 -39.87 79.98 79.67
N ALA E 60 -39.94 81.23 79.25
CA ALA E 60 -39.65 81.58 77.86
C ALA E 60 -38.15 81.43 77.59
N PRO E 61 -37.77 81.14 76.34
CA PRO E 61 -36.35 81.04 76.01
C PRO E 61 -35.66 82.39 76.07
N ASN E 62 -34.83 82.59 77.08
CA ASN E 62 -34.14 83.85 77.30
C ASN E 62 -32.64 83.66 77.15
N PRO E 63 -31.99 84.30 76.16
CA PRO E 63 -32.55 85.16 75.13
C PRO E 63 -33.20 84.37 74.00
N PRO E 64 -34.12 84.98 73.25
CA PRO E 64 -34.73 84.27 72.13
C PRO E 64 -33.73 84.00 71.03
N TYR E 65 -33.99 82.93 70.28
CA TYR E 65 -33.13 82.53 69.18
C TYR E 65 -33.96 82.43 67.90
N SER E 66 -33.49 83.07 66.85
CA SER E 66 -34.17 83.03 65.55
C SER E 66 -33.29 82.50 64.42
N GLN E 67 -31.98 82.70 64.50
CA GLN E 67 -31.08 82.27 63.45
C GLN E 67 -30.81 80.78 63.59
N LEU E 68 -29.85 80.28 62.82
CA LEU E 68 -29.50 78.87 62.86
C LEU E 68 -28.76 78.53 64.14
N PHE E 69 -28.60 77.22 64.38
CA PHE E 69 -27.77 76.79 65.50
C PHE E 69 -26.34 77.25 65.33
N ASN E 70 -25.74 76.94 64.16
CA ASN E 70 -24.40 77.40 63.85
C ASN E 70 -24.26 77.38 62.33
N SER E 71 -24.37 78.55 61.70
CA SER E 71 -24.25 78.63 60.26
C SER E 71 -22.81 78.43 59.79
N ASN E 72 -21.83 78.68 60.65
CA ASN E 72 -20.44 78.58 60.24
C ASN E 72 -20.04 77.14 59.92
N VAL E 73 -20.38 76.20 60.81
CA VAL E 73 -19.98 74.82 60.61
C VAL E 73 -20.67 74.24 59.38
N VAL E 74 -21.97 74.51 59.21
CA VAL E 74 -22.67 73.99 58.05
C VAL E 74 -22.14 74.65 56.78
N GLN E 75 -21.79 75.93 56.84
CA GLN E 75 -21.22 76.59 55.66
C GLN E 75 -19.90 75.94 55.27
N LEU E 76 -19.06 75.64 56.26
CA LEU E 76 -17.81 74.94 55.99
C LEU E 76 -18.09 73.57 55.39
N VAL E 77 -19.12 72.87 55.87
CA VAL E 77 -19.45 71.56 55.34
C VAL E 77 -19.87 71.66 53.89
N GLN E 78 -20.71 72.66 53.56
CA GLN E 78 -21.12 72.83 52.17
C GLN E 78 -19.94 73.14 51.27
N ASN E 79 -19.05 74.04 51.71
CA ASN E 79 -17.88 74.38 50.90
C ASN E 79 -17.00 73.15 50.69
N TYR E 80 -16.80 72.36 51.74
CA TYR E 80 -15.99 71.16 51.62
C TYR E 80 -16.63 70.16 50.66
N ALA E 81 -17.95 70.00 50.73
CA ALA E 81 -18.63 69.08 49.84
C ALA E 81 -18.51 69.53 48.38
N TYR E 82 -18.68 70.84 48.14
CA TYR E 82 -18.55 71.36 46.79
C TYR E 82 -17.14 71.12 46.25
N ASN E 83 -16.13 71.44 47.06
CA ASN E 83 -14.75 71.26 46.61
C ASN E 83 -14.42 69.80 46.37
N THR E 84 -14.87 68.91 47.27
CA THR E 84 -14.61 67.50 47.09
C THR E 84 -15.28 66.96 45.83
N PHE E 85 -16.53 67.34 45.57
CA PHE E 85 -17.17 66.87 44.36
C PHE E 85 -16.46 67.38 43.12
N LEU E 86 -16.03 68.64 43.14
CA LEU E 86 -15.36 69.18 41.96
C LEU E 86 -14.00 68.52 41.75
N GLY E 87 -13.32 68.14 42.83
CA GLY E 87 -11.98 67.62 42.70
C GLY E 87 -11.87 66.12 42.50
N ALA E 88 -12.67 65.36 43.25
CA ALA E 88 -12.56 63.91 43.21
C ALA E 88 -12.97 63.31 41.87
N ILE E 89 -13.58 64.08 40.99
CA ILE E 89 -13.91 63.56 39.66
C ILE E 89 -12.62 63.28 38.90
N PRO E 90 -12.43 62.07 38.38
CA PRO E 90 -11.24 61.81 37.56
C PRO E 90 -11.35 62.52 36.22
N VAL E 91 -10.29 63.26 35.87
CA VAL E 91 -10.29 64.11 34.68
C VAL E 91 -9.14 63.70 33.79
N ASP E 92 -9.38 63.72 32.48
CA ASP E 92 -8.31 63.56 31.50
C ASP E 92 -7.28 64.64 31.71
N ALA E 93 -6.08 64.26 32.12
CA ALA E 93 -5.03 65.21 32.49
C ALA E 93 -3.85 65.07 31.53
N MET E 94 -3.90 65.81 30.44
CA MET E 94 -2.77 65.97 29.54
C MET E 94 -2.39 67.42 29.29
N SER E 95 -3.30 68.37 29.47
CA SER E 95 -2.99 69.77 29.34
C SER E 95 -3.91 70.55 30.27
N GLN E 96 -3.48 71.75 30.65
CA GLN E 96 -4.29 72.59 31.53
C GLN E 96 -5.60 72.96 30.87
N SER E 97 -5.57 73.19 29.55
CA SER E 97 -6.79 73.46 28.80
C SER E 97 -7.54 72.19 28.42
N LEU E 98 -6.99 71.02 28.72
CA LEU E 98 -7.62 69.75 28.38
C LEU E 98 -8.42 69.16 29.53
N MET E 99 -8.09 69.50 30.77
CA MET E 99 -8.82 69.02 31.93
C MET E 99 -9.82 70.04 32.45
N ASN E 100 -10.11 71.08 31.69
CA ASN E 100 -11.03 72.12 32.14
C ASN E 100 -12.45 71.56 32.24
N PHE E 101 -13.18 72.03 33.25
CA PHE E 101 -14.57 71.65 33.42
C PHE E 101 -15.52 72.60 32.70
N VAL E 102 -15.19 73.88 32.62
CA VAL E 102 -16.02 74.87 31.95
C VAL E 102 -15.13 75.75 31.08
N THR E 103 -15.75 76.41 30.12
CA THR E 103 -15.02 77.32 29.23
C THR E 103 -14.79 78.65 29.93
N ASP E 104 -14.34 79.65 29.18
CA ASP E 104 -14.06 80.96 29.75
C ASP E 104 -15.30 81.82 29.95
N LYS E 105 -16.46 81.38 29.45
CA LYS E 105 -17.66 82.21 29.52
C LYS E 105 -18.42 82.03 30.83
N VAL E 106 -18.25 80.91 31.51
CA VAL E 106 -18.99 80.63 32.73
C VAL E 106 -18.45 81.49 33.86
N GLN E 107 -19.35 82.08 34.64
CA GLN E 107 -18.94 82.82 35.82
C GLN E 107 -18.29 81.88 36.83
N GLY E 108 -17.21 82.34 37.46
CA GLY E 108 -16.47 81.48 38.34
C GLY E 108 -15.70 80.38 37.64
N ASN E 109 -15.36 80.57 36.37
CA ASN E 109 -14.65 79.55 35.62
C ASN E 109 -13.27 79.26 36.21
N SER E 110 -12.61 80.29 36.73
CA SER E 110 -11.26 80.12 37.25
C SER E 110 -11.24 79.11 38.39
N LEU E 111 -12.14 79.26 39.36
CA LEU E 111 -12.17 78.37 40.52
C LEU E 111 -12.50 76.95 40.10
N ILE E 112 -13.52 76.79 39.25
CA ILE E 112 -13.95 75.45 38.85
C ILE E 112 -12.86 74.74 38.06
N ASN E 113 -12.24 75.44 37.11
CA ASN E 113 -11.17 74.83 36.34
C ASN E 113 -9.94 74.53 37.20
N ASN E 114 -9.63 75.40 38.16
CA ASN E 114 -8.50 75.15 39.04
C ASN E 114 -8.74 73.95 39.94
N LEU E 115 -9.98 73.72 40.35
CA LEU E 115 -10.29 72.62 41.25
C LEU E 115 -10.18 71.25 40.58
N ALA E 116 -10.02 71.21 39.26
CA ALA E 116 -10.03 69.94 38.55
C ALA E 116 -8.81 69.10 38.90
N ASN E 117 -9.05 67.80 39.11
CA ASN E 117 -7.98 66.82 39.34
C ASN E 117 -7.10 67.20 40.53
N THR E 118 -7.71 67.74 41.59
CA THR E 118 -6.92 68.15 42.73
C THR E 118 -6.46 66.96 43.57
N THR E 119 -7.17 65.83 43.48
CA THR E 119 -6.83 64.69 44.33
C THR E 119 -5.48 64.11 43.97
N PHE E 120 -5.25 63.82 42.70
CA PHE E 120 -3.94 63.29 42.28
C PHE E 120 -2.90 64.39 42.20
N LYS E 121 -3.31 65.63 41.95
CA LYS E 121 -2.36 66.74 41.95
C LYS E 121 -1.75 66.93 43.33
N TYR E 122 -2.58 66.89 44.38
CA TYR E 122 -2.06 66.95 45.74
C TYR E 122 -1.27 65.69 46.08
N GLN E 123 -1.72 64.54 45.59
CA GLN E 123 -1.02 63.28 45.84
C GLN E 123 0.29 63.18 45.07
N ASN E 124 0.57 64.12 44.17
CA ASN E 124 1.78 64.09 43.35
C ASN E 124 1.88 62.77 42.59
N PHE E 125 0.78 62.38 41.95
CA PHE E 125 0.75 61.13 41.20
C PHE E 125 1.71 61.17 40.02
N SER E 126 1.81 62.31 39.35
CA SER E 126 2.69 62.42 38.19
C SER E 126 4.16 62.31 38.54
N ALA E 127 4.51 62.49 39.81
CA ALA E 127 5.91 62.46 40.20
C ALA E 127 6.51 61.09 39.90
N PRO E 128 7.65 61.03 39.21
CA PRO E 128 8.20 59.72 38.80
C PRO E 128 8.66 58.86 39.96
N SER E 129 8.65 59.38 41.19
CA SER E 129 9.02 58.56 42.34
C SER E 129 8.08 57.37 42.44
N SER E 130 8.66 56.16 42.51
CA SER E 130 7.87 54.95 42.58
C SER E 130 7.12 54.80 43.90
N GLY E 131 7.43 55.63 44.89
CA GLY E 131 6.73 55.60 46.15
C GLY E 131 7.60 55.13 47.31
N ALA E 132 8.11 56.09 48.08
CA ALA E 132 8.86 55.79 49.29
C ALA E 132 8.21 56.38 50.54
N ASP E 133 7.07 57.05 50.39
CA ASP E 133 6.34 57.63 51.52
C ASP E 133 4.88 57.19 51.54
N GLY E 134 4.51 56.16 50.79
CA GLY E 134 3.16 55.68 50.80
C GLY E 134 2.16 56.54 50.06
N LYS E 135 2.62 57.39 49.16
CA LYS E 135 1.73 58.25 48.39
C LYS E 135 1.27 57.54 47.13
N ILE E 136 0.06 57.88 46.69
CA ILE E 136 -0.44 57.35 45.42
C ILE E 136 0.42 57.89 44.30
N THR E 137 1.05 57.00 43.55
CA THR E 137 1.97 57.42 42.50
C THR E 137 2.03 56.35 41.43
N ALA E 138 2.49 56.74 40.26
CA ALA E 138 2.68 55.81 39.15
C ALA E 138 3.91 54.96 39.45
N ASN E 139 3.68 53.72 39.88
CA ASN E 139 4.78 52.83 40.21
C ASN E 139 5.62 52.56 38.97
N GLY E 140 6.94 52.70 39.11
CA GLY E 140 7.82 52.59 37.96
C GLY E 140 7.93 51.19 37.41
N LEU E 141 7.59 50.17 38.20
CA LEU E 141 7.75 48.79 37.74
C LEU E 141 6.75 48.46 36.63
N ILE E 142 5.59 49.13 36.62
CA ILE E 142 4.47 48.71 35.79
C ILE E 142 3.93 49.81 34.90
N ASP E 143 4.37 51.04 35.06
CA ASP E 143 3.86 52.15 34.26
C ASP E 143 4.90 52.55 33.22
N GLN E 144 4.47 52.62 31.96
CA GLN E 144 5.36 53.06 30.90
C GLN E 144 5.72 54.52 31.08
N SER E 145 7.00 54.83 30.97
CA SER E 145 7.49 56.19 31.15
C SER E 145 7.34 56.98 29.86
N THR E 146 7.50 58.29 29.98
CA THR E 146 7.44 59.19 28.83
C THR E 146 8.80 59.36 28.15
N ALA E 147 9.83 58.69 28.65
CA ALA E 147 11.16 58.79 28.07
C ALA E 147 11.25 57.89 26.83
N SER E 148 12.46 57.69 26.34
CA SER E 148 12.68 56.86 25.16
C SER E 148 13.67 55.74 25.46
N THR E 168 9.50 60.44 33.67
CA THR E 168 8.26 60.98 34.23
C THR E 168 7.05 60.17 33.77
N TYR E 169 5.91 60.40 34.40
CA TYR E 169 4.69 59.66 34.11
C TYR E 169 3.52 60.63 33.96
N LEU E 170 2.45 60.13 33.34
CA LEU E 170 1.30 60.95 33.03
C LEU E 170 0.57 61.38 34.30
N ASN E 171 -0.14 62.52 34.19
CA ASN E 171 -0.73 63.18 35.35
C ASN E 171 -1.96 62.49 35.91
N ASP E 172 -2.60 61.60 35.14
CA ASP E 172 -3.85 60.99 35.58
C ASP E 172 -3.80 59.48 35.42
N PRO E 173 -4.30 58.73 36.41
CA PRO E 173 -4.19 57.27 36.35
C PRO E 173 -4.90 56.65 35.16
N VAL E 174 -6.02 57.20 34.71
CA VAL E 174 -6.72 56.61 33.57
C VAL E 174 -5.90 56.76 32.29
N SER E 175 -5.33 57.95 32.08
CA SER E 175 -4.42 58.12 30.95
C SER E 175 -3.18 57.25 31.11
N GLN E 176 -2.75 57.00 32.35
CA GLN E 176 -1.66 56.07 32.59
C GLN E 176 -2.03 54.67 32.12
N ALA E 177 -3.25 54.23 32.44
CA ALA E 177 -3.70 52.91 31.99
C ALA E 177 -3.80 52.84 30.48
N VAL E 178 -4.30 53.91 29.86
CA VAL E 178 -4.41 53.93 28.40
C VAL E 178 -3.02 53.87 27.77
N PHE E 179 -2.06 54.59 28.33
CA PHE E 179 -0.69 54.52 27.82
C PHE E 179 -0.11 53.13 28.02
N ASN E 180 -0.39 52.49 29.15
CA ASN E 180 0.08 51.13 29.37
C ASN E 180 -0.49 50.18 28.33
N ILE E 181 -1.77 50.34 28.00
CA ILE E 181 -2.38 49.47 26.99
C ILE E 181 -1.77 49.73 25.63
N LEU E 182 -1.63 51.01 25.25
CA LEU E 182 -1.20 51.33 23.89
C LEU E 182 0.27 51.01 23.68
N GLY E 183 1.13 51.43 24.61
CA GLY E 183 2.56 51.41 24.35
C GLY E 183 3.38 50.50 25.25
N THR E 184 2.86 49.32 25.56
CA THR E 184 3.70 48.32 26.22
C THR E 184 4.25 47.41 25.14
N PRO E 185 5.54 47.52 24.82
CA PRO E 185 6.10 46.75 23.71
C PRO E 185 6.17 45.27 24.02
N ASP E 186 6.20 44.48 22.96
CA ASP E 186 6.38 43.04 23.12
C ASP E 186 7.81 42.72 23.51
N TYR E 187 8.00 41.56 24.13
CA TYR E 187 9.34 41.12 24.48
C TYR E 187 10.23 40.92 23.26
N SER E 188 9.63 40.69 22.09
CA SER E 188 10.42 40.48 20.88
C SER E 188 11.24 41.72 20.54
N PHE E 189 10.83 42.90 21.02
CA PHE E 189 11.60 44.10 20.77
C PHE E 189 12.89 44.16 21.57
N CYS E 190 13.02 43.33 22.61
CA CYS E 190 14.26 43.20 23.35
C CYS E 190 15.01 41.93 22.97
N MET E 191 14.80 41.45 21.76
CA MET E 191 15.47 40.26 21.24
C MET E 191 15.86 40.54 19.79
N ASP E 192 16.75 39.70 19.26
CA ASP E 192 17.31 39.95 17.93
C ASP E 192 16.24 39.69 16.86
N ASN E 193 16.65 39.79 15.60
CA ASN E 193 15.72 39.69 14.49
C ASN E 193 15.27 38.27 14.20
N GLU E 194 15.95 37.26 14.75
CA GLU E 194 15.59 35.88 14.53
C GLU E 194 14.89 35.26 15.74
N GLN E 195 14.66 36.03 16.80
CA GLN E 195 13.99 35.55 18.01
C GLN E 195 14.73 34.37 18.63
N LYS E 196 16.03 34.51 18.77
CA LYS E 196 16.83 33.46 19.37
C LYS E 196 17.57 33.88 20.63
N ASN E 197 18.18 35.07 20.63
CA ASN E 197 18.97 35.54 21.76
C ASN E 197 18.41 36.86 22.26
N TRP E 198 18.89 37.28 23.42
CA TRP E 198 18.47 38.51 24.07
C TRP E 198 19.60 39.54 24.03
N LEU E 199 19.22 40.80 23.91
CA LEU E 199 20.21 41.87 23.94
C LEU E 199 20.77 42.03 25.35
N PRO E 200 22.06 42.38 25.47
CA PRO E 200 22.64 42.57 26.81
C PRO E 200 21.99 43.67 27.61
N ASN E 201 21.56 44.75 26.95
CA ASN E 201 20.90 45.85 27.63
C ASN E 201 19.67 46.26 26.83
N CYS E 202 18.59 46.55 27.53
CA CYS E 202 17.33 46.91 26.88
C CYS E 202 16.53 47.78 27.84
N ASN E 203 16.53 49.09 27.60
CA ASN E 203 15.78 50.01 28.45
C ASN E 203 14.28 49.82 28.32
N LEU E 204 13.82 49.14 27.27
CA LEU E 204 12.40 49.00 27.03
C LEU E 204 11.76 48.12 28.09
N MET E 205 10.52 48.44 28.45
CA MET E 205 9.77 47.70 29.45
C MET E 205 8.70 46.89 28.71
N TYR E 206 9.04 45.66 28.36
CA TYR E 206 8.14 44.80 27.62
C TYR E 206 7.16 44.10 28.56
N GLN E 207 6.21 43.37 27.97
CA GLN E 207 5.14 42.76 28.77
C GLN E 207 5.71 41.77 29.76
N ASN E 208 6.65 40.93 29.34
CA ASN E 208 7.28 40.01 30.28
C ASN E 208 8.03 40.76 31.37
N LEU E 209 8.70 41.86 31.02
CA LEU E 209 9.46 42.60 32.01
C LEU E 209 8.55 43.16 33.10
N VAL E 210 7.51 43.89 32.70
CA VAL E 210 6.57 44.45 33.67
C VAL E 210 5.88 43.35 34.45
N MET E 211 5.67 42.20 33.81
CA MET E 211 4.93 41.13 34.44
C MET E 211 5.78 40.47 35.54
N GLN E 212 7.07 40.29 35.27
CA GLN E 212 8.00 39.85 36.31
C GLN E 212 8.17 40.91 37.39
N ASN E 213 8.11 42.20 37.03
CA ASN E 213 8.20 43.22 38.07
C ASN E 213 7.00 43.13 39.01
N VAL E 214 5.83 42.83 38.47
CA VAL E 214 4.66 42.60 39.32
C VAL E 214 4.91 41.40 40.24
N ILE E 215 5.33 40.28 39.66
CA ILE E 215 5.47 39.07 40.48
C ILE E 215 6.66 39.19 41.42
N GLY E 216 7.80 39.66 40.91
CA GLY E 216 9.00 39.75 41.70
C GLY E 216 9.79 38.45 41.75
N THR E 217 10.49 38.22 42.85
CA THR E 217 11.22 36.96 43.01
C THR E 217 10.23 35.81 43.07
N LEU E 218 10.38 34.86 42.14
CA LEU E 218 9.42 33.77 42.03
C LEU E 218 9.51 32.88 43.26
N PRO E 219 8.39 32.63 43.95
CA PRO E 219 8.46 31.81 45.16
C PRO E 219 8.74 30.36 44.83
N PRO E 220 9.29 29.60 45.76
CA PRO E 220 9.55 28.18 45.52
C PRO E 220 8.27 27.36 45.67
N ALA E 221 8.39 26.08 45.33
CA ALA E 221 7.26 25.17 45.43
C ALA E 221 7.04 24.72 46.86
N GLN E 222 8.03 24.04 47.44
CA GLN E 222 7.96 23.60 48.82
C GLN E 222 8.53 24.66 49.74
N THR E 223 7.93 24.80 50.92
CA THR E 223 8.37 25.83 51.86
C THR E 223 9.80 25.56 52.31
N SER E 224 10.57 26.62 52.46
CA SER E 224 11.96 26.54 52.89
C SER E 224 12.19 27.53 54.02
N GLY E 225 13.23 27.27 54.82
CA GLY E 225 13.52 28.13 55.95
C GLY E 225 13.86 29.55 55.55
N SER E 226 14.38 29.74 54.35
CA SER E 226 14.72 31.07 53.85
C SER E 226 13.55 31.74 53.15
N THR E 227 12.88 31.02 52.26
CA THR E 227 11.77 31.57 51.49
C THR E 227 10.51 30.75 51.71
N PRO E 228 9.36 31.40 51.88
CA PRO E 228 8.12 30.67 52.10
C PRO E 228 7.59 30.05 50.81
N ALA E 229 6.71 29.06 50.98
CA ALA E 229 6.07 28.42 49.85
C ALA E 229 5.08 29.38 49.19
N PHE E 230 4.74 29.09 47.93
CA PHE E 230 3.82 29.94 47.20
C PHE E 230 2.43 29.95 47.82
N TYR E 231 2.01 28.84 48.42
CA TYR E 231 0.69 28.71 49.02
C TYR E 231 0.71 28.92 50.52
N SER E 232 1.85 29.23 51.11
CA SER E 232 1.93 29.46 52.54
C SER E 232 1.28 30.78 52.91
N TYR E 233 0.82 30.87 54.17
CA TYR E 233 0.23 32.10 54.64
C TYR E 233 1.28 33.19 54.85
N LYS E 234 2.51 32.80 55.15
CA LYS E 234 3.57 33.80 55.29
C LYS E 234 3.83 34.53 53.98
N TYR E 235 3.81 33.80 52.87
CA TYR E 235 4.01 34.45 51.57
C TYR E 235 2.82 35.30 51.16
N ASN E 236 1.61 34.87 51.50
CA ASN E 236 0.41 35.58 51.11
C ASN E 236 -0.03 36.63 52.12
N GLN E 237 0.68 36.76 53.23
CA GLN E 237 0.29 37.75 54.24
C GLN E 237 0.19 39.17 53.70
N PRO E 238 1.13 39.68 52.89
CA PRO E 238 0.95 41.02 52.32
C PRO E 238 0.25 41.05 50.97
N LEU E 239 -0.15 39.90 50.43
CA LEU E 239 -0.86 39.85 49.16
C LEU E 239 -2.37 39.81 49.33
N ILE E 240 -2.85 39.22 50.43
CA ILE E 240 -4.29 39.11 50.65
C ILE E 240 -4.92 40.49 50.76
N SER E 241 -4.26 41.40 51.49
CA SER E 241 -4.80 42.75 51.64
C SER E 241 -4.88 43.47 50.30
N GLN E 242 -3.85 43.31 49.46
CA GLN E 242 -3.87 43.96 48.16
C GLN E 242 -4.97 43.40 47.27
N LEU E 243 -5.13 42.08 47.27
CA LEU E 243 -6.12 41.47 46.38
C LEU E 243 -7.54 41.63 46.88
N ASN E 244 -7.74 41.91 48.17
CA ASN E 244 -9.08 42.04 48.72
C ASN E 244 -9.78 43.26 48.15
N SER E 245 -11.06 43.09 47.81
CA SER E 245 -11.84 44.19 47.26
C SER E 245 -12.13 45.26 48.30
N ASN E 246 -12.26 44.88 49.57
CA ASN E 246 -12.62 45.82 50.61
C ASN E 246 -11.56 46.88 50.84
N SER E 247 -10.36 46.71 50.30
CA SER E 247 -9.35 47.75 50.42
C SER E 247 -9.74 49.02 49.67
N LEU E 248 -10.75 48.95 48.80
CA LEU E 248 -11.15 50.07 47.97
C LEU E 248 -12.43 50.75 48.45
N ILE E 249 -13.41 49.98 48.92
CA ILE E 249 -14.71 50.54 49.25
C ILE E 249 -14.92 50.73 50.75
N ALA E 250 -14.17 50.04 51.61
CA ALA E 250 -14.44 50.14 53.04
C ALA E 250 -14.05 51.50 53.61
N PRO E 251 -12.81 51.97 53.46
CA PRO E 251 -12.44 53.24 54.10
C PRO E 251 -13.12 54.44 53.46
N LEU E 252 -13.23 55.51 54.24
CA LEU E 252 -13.77 56.77 53.76
C LEU E 252 -12.71 57.82 53.53
N LEU E 253 -11.52 57.65 54.09
CA LEU E 253 -10.41 58.58 53.88
C LEU E 253 -9.13 57.77 53.93
N MET E 254 -8.49 57.60 52.77
CA MET E 254 -7.33 56.72 52.68
C MET E 254 -6.17 57.24 53.52
N ASP E 255 -5.33 56.32 53.96
CA ASP E 255 -4.11 56.65 54.71
C ASP E 255 -2.92 56.57 53.77
N THR E 256 -2.26 57.71 53.57
CA THR E 256 -1.09 57.77 52.69
C THR E 256 0.23 57.71 53.45
N SER E 257 0.19 57.57 54.78
CA SER E 257 1.42 57.48 55.56
C SER E 257 2.06 56.12 55.37
N ALA E 258 3.37 56.11 55.12
CA ALA E 258 4.10 54.87 54.94
C ALA E 258 4.36 54.20 56.28
N SER E 259 3.39 53.43 56.77
CA SER E 259 3.51 52.75 58.05
C SER E 259 3.62 51.23 57.89
N GLN E 260 3.81 50.74 56.66
CA GLN E 260 3.91 49.31 56.42
C GLN E 260 5.07 49.05 55.47
N SER E 261 5.61 47.83 55.56
CA SER E 261 6.69 47.37 54.69
C SER E 261 6.37 45.94 54.29
N GLY E 262 5.69 45.78 53.16
CA GLY E 262 5.28 44.46 52.71
C GLY E 262 6.41 43.62 52.17
N GLN E 263 6.09 42.67 51.30
CA GLN E 263 7.10 41.79 50.73
C GLN E 263 8.05 42.59 49.84
N ASP E 264 9.32 42.17 49.85
CA ASP E 264 10.34 42.83 49.06
C ASP E 264 10.39 42.24 47.65
N SER E 265 10.96 43.01 46.72
CA SER E 265 11.16 42.59 45.34
C SER E 265 9.83 42.18 44.69
N GLY E 266 8.97 43.18 44.53
CA GLY E 266 7.71 42.97 43.85
C GLY E 266 6.84 44.20 43.98
N LEU E 267 5.71 44.15 43.29
CA LEU E 267 4.71 45.21 43.40
C LEU E 267 4.10 45.18 44.79
N THR E 268 4.46 46.14 45.63
CA THR E 268 4.06 46.14 47.03
C THR E 268 3.48 47.49 47.41
N ALA E 269 2.58 47.46 48.38
CA ALA E 269 1.89 48.64 48.87
C ALA E 269 2.43 49.02 50.24
N LYS E 270 2.81 50.28 50.40
CA LYS E 270 3.38 50.77 51.66
C LYS E 270 2.36 51.43 52.57
N SER E 271 1.09 51.50 52.16
CA SER E 271 0.08 52.20 52.95
C SER E 271 -1.29 51.71 52.51
N GLN E 272 -2.31 52.16 53.25
CA GLN E 272 -3.68 51.76 52.94
C GLN E 272 -4.10 52.28 51.57
N ALA E 273 -3.78 53.53 51.26
CA ALA E 273 -4.08 54.06 49.94
C ALA E 273 -3.34 53.28 48.86
N GLN E 274 -2.08 52.93 49.11
CA GLN E 274 -1.35 52.10 48.17
C GLN E 274 -2.00 50.72 48.04
N GLN E 275 -2.56 50.19 49.12
CA GLN E 275 -3.27 48.93 49.05
C GLN E 275 -4.48 49.03 48.12
N ALA E 276 -5.26 50.10 48.27
CA ALA E 276 -6.40 50.30 47.38
C ALA E 276 -5.96 50.46 45.93
N LEU E 277 -4.89 51.22 45.70
CA LEU E 277 -4.39 51.41 44.35
C LEU E 277 -3.93 50.10 43.73
N ASN E 278 -3.24 49.27 44.52
CA ASN E 278 -2.81 47.98 44.02
C ASN E 278 -4.00 47.09 43.72
N PHE E 279 -5.05 47.15 44.54
CA PHE E 279 -6.24 46.38 44.24
C PHE E 279 -6.87 46.82 42.93
N ILE E 280 -6.91 48.14 42.69
CA ILE E 280 -7.45 48.63 41.43
C ILE E 280 -6.60 48.17 40.26
N ARG E 281 -5.28 48.18 40.43
CA ARG E 281 -4.39 47.67 39.39
C ARG E 281 -4.63 46.19 39.12
N TYR E 282 -4.89 45.41 40.16
CA TYR E 282 -5.09 43.97 40.00
C TYR E 282 -6.44 43.63 39.40
N ALA E 283 -7.51 44.27 39.86
CA ALA E 283 -8.84 43.98 39.35
C ALA E 283 -8.98 44.41 37.89
N SER E 284 -8.44 45.59 37.55
CA SER E 284 -8.45 46.05 36.17
C SER E 284 -7.48 45.29 35.29
N ALA E 285 -6.64 44.43 35.87
CA ALA E 285 -5.73 43.57 35.13
C ALA E 285 -4.74 44.40 34.30
N GLN E 286 -4.13 45.39 34.94
CA GLN E 286 -3.05 46.14 34.31
C GLN E 286 -1.75 45.38 34.44
N VAL E 287 -1.75 44.31 35.23
CA VAL E 287 -0.53 43.52 35.43
C VAL E 287 -0.26 42.57 34.28
N THR E 288 -1.19 42.44 33.33
CA THR E 288 -1.02 41.58 32.16
C THR E 288 -1.34 42.40 30.92
N PRO E 289 -0.38 43.15 30.40
CA PRO E 289 -0.66 44.01 29.25
C PRO E 289 -0.93 43.19 28.02
N PRO E 290 -1.63 43.76 27.02
CA PRO E 290 -1.91 43.01 25.80
C PRO E 290 -0.64 42.75 25.00
N SER E 291 -0.69 41.72 24.17
CA SER E 291 0.46 41.29 23.38
C SER E 291 0.55 42.17 22.13
N LEU E 292 1.53 43.07 22.13
CA LEU E 292 1.77 43.93 20.97
C LEU E 292 2.50 43.11 19.89
N PRO E 293 2.48 43.58 18.64
CA PRO E 293 2.98 42.74 17.54
C PRO E 293 4.46 42.44 17.67
N LYS E 294 4.86 41.31 17.09
CA LYS E 294 6.25 40.91 17.04
C LYS E 294 7.09 41.98 16.35
N LEU E 295 8.41 41.86 16.48
CA LEU E 295 9.30 42.78 15.80
C LEU E 295 9.42 42.42 14.31
N SER E 296 9.73 41.16 14.03
CA SER E 296 9.93 40.74 12.64
C SER E 296 8.65 40.86 11.83
N ALA E 297 7.54 40.35 12.37
CA ALA E 297 6.28 40.37 11.62
C ALA E 297 5.80 41.79 11.38
N TYR E 298 5.84 42.63 12.42
CA TYR E 298 5.40 44.00 12.26
C TYR E 298 6.31 44.76 11.30
N SER E 299 7.62 44.52 11.37
CA SER E 299 8.52 45.17 10.43
C SER E 299 8.22 44.76 9.00
N GLU E 300 7.98 43.47 8.78
CA GLU E 300 7.65 42.98 7.44
C GLU E 300 6.36 43.64 6.93
N LEU E 301 5.33 43.66 7.77
CA LEU E 301 4.05 44.25 7.36
C LEU E 301 4.20 45.75 7.11
N TRP E 302 4.96 46.44 7.95
CA TRP E 302 5.14 47.88 7.78
C TRP E 302 5.89 48.20 6.50
N ASN E 303 6.95 47.44 6.20
CA ASN E 303 7.65 47.63 4.93
C ASN E 303 6.75 47.30 3.75
N GLN E 304 5.90 46.28 3.90
CA GLN E 304 4.96 45.93 2.85
C GLN E 304 3.95 47.04 2.60
N ALA E 305 3.51 47.71 3.67
CA ALA E 305 2.38 48.63 3.60
C ALA E 305 2.77 50.07 3.33
N THR E 306 3.90 50.54 3.85
CA THR E 306 4.27 51.94 3.70
C THR E 306 5.13 52.21 2.48
N ALA E 307 5.45 51.18 1.69
CA ALA E 307 6.21 51.39 0.48
C ALA E 307 5.31 51.85 -0.65
N LYS E 308 5.79 52.82 -1.41
CA LYS E 308 5.01 53.34 -2.53
C LYS E 308 4.89 52.26 -3.59
N PRO E 309 3.67 51.95 -4.05
CA PRO E 309 3.50 50.81 -4.97
C PRO E 309 4.04 51.14 -6.35
N ASN E 310 4.16 50.08 -7.16
CA ASN E 310 4.59 50.15 -8.55
C ASN E 310 6.02 50.68 -8.69
N SER E 311 6.81 50.62 -7.62
CA SER E 311 8.20 51.02 -7.68
C SER E 311 8.95 50.38 -6.52
N ALA E 312 10.27 50.28 -6.68
CA ALA E 312 11.17 49.72 -5.68
C ALA E 312 10.88 48.27 -5.35
N GLY E 313 10.16 47.57 -6.23
CA GLY E 313 9.86 46.16 -6.01
C GLY E 313 8.63 45.92 -5.17
N TYR E 314 7.58 46.71 -5.39
CA TYR E 314 6.32 46.56 -4.67
C TYR E 314 5.16 46.73 -5.64
N ASN E 315 4.02 46.18 -5.24
CA ASN E 315 2.76 46.33 -5.95
C ASN E 315 1.78 47.04 -5.04
N GLU E 316 0.52 47.15 -5.48
CA GLU E 316 -0.49 47.85 -4.71
C GLU E 316 -1.47 46.92 -4.02
N VAL E 317 -1.76 45.75 -4.57
CA VAL E 317 -2.69 44.83 -3.92
C VAL E 317 -2.12 44.33 -2.61
N GLN E 318 -0.89 43.84 -2.64
CA GLN E 318 -0.24 43.34 -1.43
C GLN E 318 -0.01 44.48 -0.43
N GLN E 319 0.38 45.65 -0.93
CA GLN E 319 0.59 46.79 -0.05
C GLN E 319 -0.70 47.19 0.66
N LYS E 320 -1.80 47.27 -0.09
CA LYS E 320 -3.08 47.64 0.52
C LYS E 320 -3.54 46.58 1.50
N GLN E 321 -3.34 45.30 1.18
CA GLN E 321 -3.74 44.26 2.12
C GLN E 321 -2.93 44.33 3.42
N ALA E 322 -1.62 44.54 3.31
CA ALA E 322 -0.79 44.66 4.50
C ALA E 322 -1.18 45.88 5.32
N ALA E 323 -1.46 47.00 4.65
CA ALA E 323 -1.91 48.19 5.36
C ALA E 323 -3.23 47.93 6.07
N ALA E 324 -4.14 47.21 5.42
CA ALA E 324 -5.41 46.89 6.05
C ALA E 324 -5.20 46.03 7.29
N THR E 325 -4.30 45.04 7.21
CA THR E 325 -4.05 44.19 8.38
C THR E 325 -3.45 44.99 9.53
N LEU E 326 -2.47 45.84 9.24
CA LEU E 326 -1.85 46.63 10.30
C LEU E 326 -2.84 47.60 10.93
N SER E 327 -3.61 48.30 10.10
CA SER E 327 -4.64 49.18 10.63
C SER E 327 -5.69 48.40 11.39
N SER E 328 -5.93 47.15 11.01
CA SER E 328 -6.88 46.32 11.73
C SER E 328 -6.41 46.05 13.15
N TYR E 329 -5.16 45.64 13.29
CA TYR E 329 -4.63 45.42 14.63
C TYR E 329 -4.66 46.72 15.44
N PHE E 330 -4.24 47.83 14.82
CA PHE E 330 -4.17 49.08 15.57
C PHE E 330 -5.56 49.55 16.00
N ASN E 331 -6.55 49.40 15.13
CA ASN E 331 -7.91 49.81 15.48
C ASN E 331 -8.50 48.91 16.55
N ASN E 332 -8.25 47.61 16.48
CA ASN E 332 -8.72 46.74 17.55
C ASN E 332 -8.08 47.10 18.88
N LEU E 333 -6.78 47.42 18.86
CA LEU E 333 -6.11 47.82 20.10
C LEU E 333 -6.68 49.12 20.64
N ARG E 334 -6.92 50.10 19.76
CA ARG E 334 -7.47 51.37 20.22
C ARG E 334 -8.88 51.19 20.78
N VAL E 335 -9.70 50.38 20.12
CA VAL E 335 -11.05 50.14 20.62
C VAL E 335 -11.00 49.45 21.97
N TYR E 336 -10.14 48.45 22.12
CA TYR E 336 -10.02 47.75 23.39
C TYR E 336 -9.54 48.69 24.50
N ALA E 337 -8.58 49.55 24.19
CA ALA E 337 -8.11 50.52 25.19
C ALA E 337 -9.21 51.48 25.60
N ALA E 338 -9.96 52.00 24.61
CA ALA E 338 -11.03 52.94 24.92
C ALA E 338 -12.13 52.29 25.75
N GLN E 339 -12.48 51.05 25.43
CA GLN E 339 -13.52 50.37 26.18
C GLN E 339 -13.06 50.02 27.59
N THR E 340 -11.79 49.60 27.74
CA THR E 340 -11.26 49.30 29.07
C THR E 340 -11.15 50.54 29.93
N SER E 341 -10.84 51.68 29.31
CA SER E 341 -10.68 52.91 30.07
C SER E 341 -11.94 53.30 30.81
N VAL E 342 -13.12 52.88 30.33
CA VAL E 342 -14.36 53.20 31.04
C VAL E 342 -14.37 52.54 32.41
N GLY E 343 -14.10 51.23 32.45
CA GLY E 343 -14.07 50.54 33.73
C GLY E 343 -12.92 51.00 34.61
N VAL E 344 -11.75 51.23 34.01
CA VAL E 344 -10.61 51.68 34.80
C VAL E 344 -10.89 53.04 35.42
N SER E 345 -11.50 53.95 34.64
CA SER E 345 -11.85 55.26 35.17
C SER E 345 -12.93 55.16 36.23
N ASN E 346 -13.85 54.20 36.10
CA ASN E 346 -14.85 54.03 37.14
C ASN E 346 -14.21 53.57 38.44
N LEU E 347 -13.27 52.63 38.35
CA LEU E 347 -12.55 52.18 39.53
C LEU E 347 -11.77 53.33 40.16
N TYR E 348 -11.11 54.14 39.34
CA TYR E 348 -10.35 55.25 39.89
C TYR E 348 -11.25 56.35 40.42
N TYR E 349 -12.46 56.46 39.90
CA TYR E 349 -13.45 57.35 40.50
C TYR E 349 -13.82 56.87 41.89
N ILE E 350 -14.06 55.56 42.03
CA ILE E 350 -14.35 55.00 43.34
C ILE E 350 -13.20 55.27 44.30
N LEU E 351 -11.96 55.13 43.82
CA LEU E 351 -10.80 55.39 44.68
C LEU E 351 -10.72 56.86 45.06
N SER E 352 -10.78 57.75 44.07
CA SER E 352 -10.60 59.17 44.29
C SER E 352 -11.71 59.77 45.12
N LYS E 353 -12.87 59.10 45.19
CA LYS E 353 -13.89 59.54 46.14
C LYS E 353 -13.35 59.52 47.56
N ARG E 354 -12.39 58.65 47.86
CA ARG E 354 -11.86 58.47 49.20
C ARG E 354 -10.43 58.98 49.33
N LEU E 355 -9.98 59.83 48.41
CA LEU E 355 -8.60 60.27 48.54
C LEU E 355 -8.53 61.65 49.19
N PRO E 356 -7.47 61.92 49.94
CA PRO E 356 -7.40 63.18 50.71
C PRO E 356 -7.17 64.38 49.80
N GLN E 357 -7.83 65.48 50.12
CA GLN E 357 -7.67 66.75 49.41
C GLN E 357 -7.56 67.88 50.43
N ASN E 358 -6.58 68.75 50.26
CA ASN E 358 -6.46 69.92 51.11
C ASN E 358 -7.48 70.98 50.71
N MET E 359 -7.89 71.79 51.68
CA MET E 359 -8.93 72.78 51.45
C MET E 359 -8.51 74.20 51.71
N SER E 360 -7.83 74.48 52.82
CA SER E 360 -7.48 75.86 53.15
C SER E 360 -6.57 76.44 52.07
N ALA E 361 -6.78 77.72 51.77
CA ALA E 361 -6.00 78.36 50.72
C ALA E 361 -4.51 78.37 51.06
N ASP E 362 -4.18 78.65 52.32
CA ASP E 362 -2.81 78.52 52.78
C ASP E 362 -2.43 77.05 52.89
N GLN E 363 -1.13 76.79 53.00
CA GLN E 363 -0.62 75.43 53.09
C GLN E 363 0.06 75.14 54.42
N SER E 364 -0.06 76.04 55.40
CA SER E 364 0.47 75.81 56.73
C SER E 364 -0.56 75.28 57.71
N ASN E 365 -1.82 75.68 57.56
CA ASN E 365 -2.93 75.21 58.38
C ASN E 365 -3.77 74.31 57.48
N ALA E 366 -3.40 73.04 57.41
CA ALA E 366 -4.04 72.10 56.49
C ALA E 366 -5.21 71.41 57.17
N ASN E 367 -6.30 71.23 56.42
CA ASN E 367 -7.52 70.56 56.89
C ASN E 367 -7.88 69.51 55.84
N ILE E 368 -7.35 68.31 56.02
CA ILE E 368 -7.51 67.24 55.03
C ILE E 368 -8.90 66.63 55.16
N THR E 369 -9.61 66.54 54.04
CA THR E 369 -10.88 65.82 53.99
C THR E 369 -11.09 65.31 52.58
N SER E 370 -11.95 64.31 52.46
CA SER E 370 -12.20 63.64 51.19
C SER E 370 -13.67 63.73 50.82
N GLN E 371 -13.98 63.33 49.58
CA GLN E 371 -15.37 63.36 49.12
C GLN E 371 -16.23 62.42 49.93
N ALA E 372 -15.80 61.17 50.08
CA ALA E 372 -16.58 60.20 50.85
C ALA E 372 -16.64 60.59 52.31
N LEU E 373 -15.52 61.04 52.88
CA LEU E 373 -15.50 61.38 54.30
C LEU E 373 -16.42 62.55 54.61
N ASN E 374 -16.27 63.64 53.87
CA ASN E 374 -17.13 64.80 54.09
C ASN E 374 -18.58 64.49 53.73
N GLU E 375 -18.78 63.66 52.71
CA GLU E 375 -20.12 63.28 52.29
C GLU E 375 -20.82 62.52 53.41
N PHE E 376 -20.11 61.59 54.06
CA PHE E 376 -20.67 60.86 55.19
C PHE E 376 -20.87 61.77 56.39
N ASN E 377 -19.88 62.61 56.69
CA ASN E 377 -19.97 63.52 57.82
C ASN E 377 -21.09 64.54 57.66
N MET E 378 -21.52 64.78 56.42
CA MET E 378 -22.62 65.68 56.13
C MET E 378 -23.96 64.98 56.05
N ALA E 379 -24.00 63.73 55.58
CA ALA E 379 -25.25 62.98 55.56
C ALA E 379 -25.66 62.57 56.96
N THR E 380 -24.69 62.20 57.81
CA THR E 380 -24.99 61.72 59.16
C THR E 380 -24.56 62.71 60.24
N ARG E 381 -24.46 63.99 59.90
CA ARG E 381 -24.13 64.99 60.92
C ARG E 381 -25.25 65.13 61.94
N ARG E 382 -26.49 64.87 61.53
CA ARG E 382 -27.65 65.16 62.35
C ARG E 382 -28.29 63.90 62.93
N LEU E 383 -27.64 62.76 62.78
CA LEU E 383 -28.06 61.54 63.47
C LEU E 383 -27.24 61.31 64.73
N PHE E 384 -25.92 61.26 64.59
CA PHE E 384 -25.00 61.23 65.72
C PHE E 384 -23.77 62.04 65.36
N ASP E 385 -23.16 62.65 66.37
CA ASP E 385 -21.94 63.42 66.13
C ASP E 385 -20.94 63.16 67.24
N PRO E 386 -19.82 62.52 66.95
CA PRO E 386 -18.83 62.22 67.99
C PRO E 386 -18.30 63.47 68.69
N THR E 387 -18.16 64.59 67.98
CA THR E 387 -17.68 65.82 68.60
C THR E 387 -18.75 66.48 69.46
N ALA E 388 -20.03 66.18 69.22
CA ALA E 388 -21.10 66.80 69.99
C ALA E 388 -21.08 66.31 71.42
N SER E 389 -21.35 67.22 72.35
CA SER E 389 -21.40 66.86 73.76
C SER E 389 -22.61 65.98 74.04
N ASN E 390 -22.43 64.97 74.88
CA ASN E 390 -23.50 64.04 75.24
C ASN E 390 -23.98 64.25 76.67
N THR E 391 -23.67 65.38 77.28
CA THR E 391 -24.11 65.71 78.61
C THR E 391 -24.97 66.97 78.56
N PRO E 392 -26.19 66.94 79.08
CA PRO E 392 -27.05 68.13 79.01
C PRO E 392 -26.43 69.32 79.74
N GLY E 393 -26.65 70.50 79.18
CA GLY E 393 -26.06 71.71 79.73
C GLY E 393 -24.90 72.21 78.92
N GLN E 394 -24.07 71.28 78.44
CA GLN E 394 -22.92 71.66 77.63
C GLN E 394 -23.37 72.21 76.29
N PRO E 395 -22.65 73.19 75.74
CA PRO E 395 -22.98 73.70 74.42
C PRO E 395 -22.63 72.69 73.33
N ASN E 396 -23.22 72.90 72.15
CA ASN E 396 -22.99 72.06 70.99
C ASN E 396 -23.38 70.60 71.28
N GLN E 397 -24.66 70.40 71.54
CA GLN E 397 -25.20 69.08 71.81
C GLN E 397 -25.51 68.38 70.50
N GLN E 398 -26.20 67.24 70.58
CA GLN E 398 -26.63 66.53 69.39
C GLN E 398 -27.69 67.34 68.65
N TRP E 399 -27.81 67.06 67.35
CA TRP E 399 -28.76 67.81 66.53
C TRP E 399 -30.19 67.58 66.98
N ILE E 400 -30.55 66.35 67.33
CA ILE E 400 -31.91 66.06 67.75
C ILE E 400 -32.27 66.82 69.01
N LYS E 401 -31.36 66.82 70.00
CA LYS E 401 -31.63 67.53 71.24
C LYS E 401 -31.75 69.03 71.01
N GLN E 402 -30.91 69.58 70.13
CA GLN E 402 -31.02 70.99 69.80
C GLN E 402 -32.35 71.30 69.15
N ILE E 403 -32.81 70.43 68.25
CA ILE E 403 -34.12 70.60 67.64
C ILE E 403 -35.22 70.57 68.70
N ASN E 404 -35.04 69.72 69.71
CA ASN E 404 -36.05 69.57 70.75
C ASN E 404 -36.32 70.86 71.51
N ASP E 405 -35.37 71.81 71.49
CA ASP E 405 -35.53 73.06 72.21
C ASP E 405 -35.50 74.28 71.30
N ALA E 406 -35.62 74.09 69.99
CA ALA E 406 -35.45 75.18 69.05
C ALA E 406 -36.77 75.91 68.79
N SER E 407 -36.65 77.11 68.23
CA SER E 407 -37.79 77.92 67.87
C SER E 407 -38.32 77.51 66.49
N PRO E 408 -39.59 77.80 66.20
CA PRO E 408 -40.15 77.41 64.89
C PRO E 408 -39.38 77.98 63.71
N ALA E 409 -38.90 79.22 63.80
CA ALA E 409 -38.13 79.78 62.70
C ALA E 409 -36.84 79.01 62.48
N THR E 410 -36.17 78.64 63.58
CA THR E 410 -34.90 77.93 63.46
C THR E 410 -35.08 76.56 62.83
N VAL E 411 -36.10 75.82 63.26
CA VAL E 411 -36.33 74.51 62.68
C VAL E 411 -36.80 74.63 61.24
N GLN E 412 -37.53 75.70 60.91
CA GLN E 412 -37.90 75.90 59.51
C GLN E 412 -36.67 76.13 58.63
N LYS E 413 -35.74 76.95 59.10
CA LYS E 413 -34.52 77.17 58.35
C LYS E 413 -33.71 75.87 58.24
N GLU E 414 -33.70 75.08 59.31
CA GLU E 414 -33.00 73.80 59.26
C GLU E 414 -33.64 72.86 58.26
N ILE E 415 -34.98 72.89 58.16
CA ILE E 415 -35.68 72.10 57.15
C ILE E 415 -35.28 72.56 55.76
N ALA E 416 -35.14 73.88 55.57
CA ALA E 416 -34.71 74.39 54.27
C ALA E 416 -33.33 73.86 53.89
N ILE E 417 -32.39 73.92 54.84
CA ILE E 417 -31.04 73.43 54.56
C ILE E 417 -31.07 71.93 54.31
N LEU E 418 -31.89 71.21 55.05
CA LEU E 418 -32.03 69.77 54.84
C LEU E 418 -32.54 69.46 53.44
N LEU E 419 -33.49 70.25 52.96
CA LEU E 419 -33.98 70.07 51.60
C LEU E 419 -32.90 70.34 50.57
N ALA E 420 -32.07 71.36 50.81
CA ALA E 420 -30.94 71.61 49.91
C ALA E 420 -29.99 70.42 49.90
N GLU E 421 -29.71 69.86 51.07
CA GLU E 421 -28.89 68.65 51.15
C GLU E 421 -29.50 67.53 50.34
N ILE E 422 -30.81 67.33 50.47
CA ILE E 422 -31.49 66.26 49.75
C ILE E 422 -31.34 66.45 48.24
N ASN E 423 -31.49 67.69 47.78
CA ASN E 423 -31.32 67.98 46.36
C ASN E 423 -29.91 67.61 45.90
N TYR E 424 -28.90 67.99 46.69
CA TYR E 424 -27.52 67.69 46.30
C TYR E 424 -27.25 66.18 46.28
N GLN E 425 -27.76 65.46 47.27
CA GLN E 425 -27.56 64.01 47.29
C GLN E 425 -28.24 63.35 46.09
N MET E 426 -29.42 63.85 45.71
CA MET E 426 -30.07 63.30 44.53
C MET E 426 -29.24 63.57 43.28
N TYR E 427 -28.60 64.75 43.20
CA TYR E 427 -27.70 65.01 42.09
C TYR E 427 -26.56 64.00 42.05
N LEU E 428 -25.98 63.68 43.21
CA LEU E 428 -24.91 62.69 43.25
C LEU E 428 -25.39 61.32 42.80
N ASP E 429 -26.59 60.92 43.26
CA ASP E 429 -27.16 59.64 42.84
C ASP E 429 -27.35 59.60 41.34
N ARG E 430 -27.80 60.72 40.77
CA ARG E 430 -27.97 60.83 39.33
C ARG E 430 -26.64 60.65 38.60
N GLN E 431 -25.57 61.25 39.12
CA GLN E 431 -24.27 61.08 38.48
C GLN E 431 -23.81 59.63 38.52
N ILE E 432 -24.01 58.96 39.66
CA ILE E 432 -23.65 57.54 39.74
C ILE E 432 -24.47 56.72 38.76
N GLN E 433 -25.76 57.05 38.62
CA GLN E 433 -26.60 56.33 37.66
C GLN E 433 -26.11 56.53 36.24
N GLU E 434 -25.69 57.75 35.91
CA GLU E 434 -25.15 58.00 34.58
C GLU E 434 -23.88 57.19 34.34
N ARG E 435 -23.04 57.06 35.38
CA ARG E 435 -21.86 56.21 35.27
C ARG E 435 -22.27 54.76 35.00
N ILE E 436 -23.29 54.28 35.71
CA ILE E 436 -23.82 52.93 35.46
C ILE E 436 -24.22 52.79 34.01
N LEU E 437 -24.91 53.79 33.48
CA LEU E 437 -25.41 53.72 32.12
C LEU E 437 -24.26 53.67 31.13
N LEU E 438 -23.22 54.47 31.36
CA LEU E 438 -22.05 54.42 30.49
C LEU E 438 -21.42 53.03 30.51
N THR E 439 -21.27 52.44 31.70
CA THR E 439 -20.69 51.12 31.79
C THR E 439 -21.49 50.10 30.99
N ASN E 440 -22.82 50.09 31.21
CA ASN E 440 -23.66 49.12 30.52
C ASN E 440 -23.63 49.31 29.02
N SER E 441 -23.66 50.56 28.56
CA SER E 441 -23.65 50.82 27.13
C SER E 441 -22.34 50.35 26.50
N ILE E 442 -21.22 50.65 27.14
CA ILE E 442 -19.93 50.23 26.61
C ILE E 442 -19.86 48.71 26.53
N MET E 443 -20.34 48.03 27.58
CA MET E 443 -20.23 46.59 27.59
C MET E 443 -21.16 45.96 26.56
N LEU E 444 -22.34 46.55 26.35
CA LEU E 444 -23.23 46.06 25.30
C LEU E 444 -22.61 46.26 23.92
N LEU E 445 -21.95 47.39 23.71
CA LEU E 445 -21.24 47.59 22.45
C LEU E 445 -20.15 46.54 22.25
N GLN E 446 -19.42 46.21 23.31
CA GLN E 446 -18.41 45.16 23.18
C GLN E 446 -19.05 43.82 22.83
N ASN E 447 -20.16 43.49 23.48
CA ASN E 447 -20.85 42.24 23.20
C ASN E 447 -21.29 42.18 21.74
N LEU E 448 -21.83 43.28 21.22
CA LEU E 448 -22.28 43.29 19.82
C LEU E 448 -21.12 43.27 18.85
N LYS E 449 -20.01 43.93 19.18
CA LYS E 449 -18.83 43.85 18.35
C LYS E 449 -18.29 42.43 18.29
N ALA E 450 -18.48 41.66 19.37
CA ALA E 450 -18.14 40.25 19.34
C ALA E 450 -19.07 39.43 18.45
N ALA E 451 -20.18 40.02 17.99
CA ALA E 451 -21.20 39.31 17.22
C ALA E 451 -21.52 40.06 15.94
N GLN E 452 -20.49 40.47 15.22
CA GLN E 452 -20.71 41.15 13.95
C GLN E 452 -21.35 40.20 12.94
N PRO E 453 -22.37 40.63 12.22
CA PRO E 453 -23.00 39.74 11.21
C PRO E 453 -22.05 39.48 10.05
N THR E 454 -21.78 38.20 9.81
CA THR E 454 -20.84 37.81 8.76
C THR E 454 -21.51 37.89 7.39
N ALA E 455 -20.71 38.22 6.38
CA ALA E 455 -21.19 38.31 5.01
C ALA E 455 -20.95 37.03 4.21
N ASP E 456 -20.43 35.99 4.84
CA ASP E 456 -20.13 34.75 4.14
C ASP E 456 -21.43 34.10 3.68
N PHE E 457 -21.51 33.79 2.39
CA PHE E 457 -22.71 33.21 1.79
C PHE E 457 -22.56 31.74 1.44
N SER E 458 -21.36 31.17 1.57
CA SER E 458 -21.14 29.76 1.27
C SER E 458 -21.41 28.89 2.49
N LEU F 24 16.65 -85.91 -16.93
CA LEU F 24 15.25 -86.09 -17.30
C LEU F 24 15.00 -85.58 -18.71
N SER F 25 13.84 -85.96 -19.28
CA SER F 25 13.49 -85.54 -20.63
C SER F 25 13.20 -84.05 -20.67
N PHE F 26 13.46 -83.45 -21.84
CA PHE F 26 13.19 -82.03 -22.04
C PHE F 26 11.69 -81.81 -22.11
N ALA F 27 11.10 -81.36 -21.01
CA ALA F 27 9.67 -81.10 -20.94
C ALA F 27 9.44 -79.94 -19.99
N PRO F 28 9.18 -78.75 -20.51
CA PRO F 28 8.92 -77.61 -19.64
C PRO F 28 7.67 -77.84 -18.83
N PRO F 29 7.59 -77.27 -17.61
CA PRO F 29 6.44 -77.53 -16.74
C PRO F 29 5.12 -77.06 -17.33
N ALA F 30 4.02 -77.41 -16.66
CA ALA F 30 2.71 -77.07 -17.18
C ALA F 30 2.36 -75.60 -16.95
N SER F 31 2.81 -75.04 -15.84
CA SER F 31 2.40 -73.70 -15.43
C SER F 31 3.24 -72.59 -16.03
N ASP F 32 4.25 -72.92 -16.85
CA ASP F 32 5.09 -71.89 -17.45
C ASP F 32 4.29 -71.00 -18.37
N LEU F 33 4.60 -69.70 -18.35
CA LEU F 33 3.95 -68.78 -19.27
C LEU F 33 4.72 -68.59 -20.57
N SER F 34 5.92 -69.15 -20.71
CA SER F 34 6.63 -69.02 -21.97
C SER F 34 5.86 -69.68 -23.10
N VAL F 35 5.49 -70.95 -22.92
CA VAL F 35 4.68 -71.62 -23.92
C VAL F 35 3.25 -71.08 -23.92
N VAL F 36 2.78 -70.55 -22.79
CA VAL F 36 1.44 -69.96 -22.75
C VAL F 36 1.37 -68.79 -23.72
N PHE F 37 2.32 -67.87 -23.62
CA PHE F 37 2.35 -66.73 -24.53
C PHE F 37 2.75 -67.13 -25.94
N LEU F 38 3.59 -68.15 -26.09
CA LEU F 38 3.93 -68.62 -27.43
C LEU F 38 2.68 -69.12 -28.16
N GLY F 39 1.88 -69.96 -27.50
CA GLY F 39 0.64 -70.41 -28.10
C GLY F 39 -0.40 -69.33 -28.18
N ASN F 40 -0.34 -68.34 -27.28
CA ASN F 40 -1.24 -67.21 -27.37
C ASN F 40 -0.97 -66.38 -28.63
N LEU F 41 0.30 -66.27 -29.00
CA LEU F 41 0.74 -65.54 -30.17
C LEU F 41 0.48 -66.33 -31.46
N PHE F 42 0.97 -67.57 -31.52
CA PHE F 42 0.93 -68.37 -32.74
C PHE F 42 -0.35 -69.17 -32.89
N GLY F 43 -1.32 -69.02 -32.00
CA GLY F 43 -2.54 -69.78 -32.08
C GLY F 43 -2.38 -71.21 -31.63
N VAL F 44 -2.45 -72.15 -32.57
CA VAL F 44 -2.30 -73.57 -32.27
C VAL F 44 -1.40 -74.21 -33.31
N VAL F 45 -0.41 -74.98 -32.87
CA VAL F 45 0.41 -75.80 -33.75
C VAL F 45 0.18 -77.26 -33.37
N ASP F 46 -0.11 -78.08 -34.36
CA ASP F 46 -0.56 -79.45 -34.10
C ASP F 46 0.54 -80.26 -33.44
N GLY F 47 0.25 -80.79 -32.25
CA GLY F 47 1.11 -81.76 -31.59
C GLY F 47 2.17 -81.20 -30.67
N VAL F 48 2.37 -79.87 -30.64
CA VAL F 48 3.40 -79.30 -29.78
C VAL F 48 2.76 -78.34 -28.78
N LEU F 49 1.64 -77.74 -29.15
CA LEU F 49 0.98 -76.76 -28.30
C LEU F 49 -0.51 -77.07 -28.24
N HIS F 50 -1.11 -76.80 -27.09
CA HIS F 50 -2.54 -76.94 -26.87
C HIS F 50 -3.11 -75.58 -26.45
N GLY F 51 -4.17 -75.15 -27.11
CA GLY F 51 -4.78 -73.87 -26.80
C GLY F 51 -4.87 -72.95 -28.00
N THR F 52 -5.77 -71.98 -27.95
CA THR F 52 -5.98 -71.05 -29.05
C THR F 52 -5.92 -69.61 -28.53
N GLY F 53 -5.54 -68.70 -29.42
CA GLY F 53 -5.50 -67.28 -29.12
C GLY F 53 -6.02 -66.45 -30.28
N SER F 54 -5.23 -65.48 -30.72
CA SER F 54 -5.54 -64.71 -31.92
C SER F 54 -5.00 -65.47 -33.11
N GLN F 55 -5.86 -66.23 -33.79
CA GLN F 55 -5.44 -67.11 -34.87
C GLN F 55 -5.34 -66.40 -36.21
N ILE F 56 -5.18 -65.07 -36.21
CA ILE F 56 -4.84 -64.36 -37.44
C ILE F 56 -3.52 -64.89 -37.99
N MET F 57 -2.59 -65.20 -37.09
CA MET F 57 -1.33 -65.82 -37.50
C MET F 57 -1.55 -67.11 -38.24
N GLY F 58 -2.64 -67.83 -37.95
CA GLY F 58 -2.93 -69.08 -38.62
C GLY F 58 -3.11 -68.94 -40.11
N ASN F 59 -4.19 -68.25 -40.53
CA ASN F 59 -4.39 -68.00 -41.95
C ASN F 59 -3.25 -67.18 -42.53
N MET F 60 -2.63 -66.33 -41.72
CA MET F 60 -1.46 -65.59 -42.15
C MET F 60 -0.38 -66.52 -42.68
N PHE F 61 0.07 -67.46 -41.84
CA PHE F 61 1.11 -68.38 -42.25
C PHE F 61 0.59 -69.34 -43.32
N GLY F 62 -0.70 -69.65 -43.33
CA GLY F 62 -1.24 -70.50 -44.37
C GLY F 62 -1.13 -69.88 -45.75
N VAL F 63 -1.55 -68.62 -45.87
CA VAL F 63 -1.49 -67.95 -47.18
C VAL F 63 -0.03 -67.67 -47.55
N PHE F 64 0.82 -67.37 -46.56
CA PHE F 64 2.24 -67.20 -46.87
C PHE F 64 2.83 -68.50 -47.38
N ASN F 65 2.45 -69.63 -46.77
CA ASN F 65 2.92 -70.92 -47.22
C ASN F 65 2.45 -71.22 -48.64
N SER F 66 1.19 -70.91 -48.94
CA SER F 66 0.69 -71.13 -50.30
C SER F 66 1.46 -70.29 -51.31
N ALA F 67 1.67 -69.01 -51.00
CA ALA F 67 2.37 -68.13 -51.94
C ALA F 67 3.81 -68.58 -52.14
N VAL F 68 4.50 -68.91 -51.05
CA VAL F 68 5.88 -69.37 -51.18
C VAL F 68 5.94 -70.71 -51.89
N LEU F 69 4.93 -71.56 -51.70
CA LEU F 69 4.89 -72.83 -52.43
C LEU F 69 4.78 -72.59 -53.93
N ALA F 70 3.89 -71.68 -54.33
CA ALA F 70 3.74 -71.41 -55.76
C ALA F 70 5.01 -70.80 -56.36
N LEU F 71 5.56 -69.78 -55.69
CA LEU F 71 6.77 -69.14 -56.21
C LEU F 71 7.94 -70.11 -56.24
N GLY F 72 8.09 -70.91 -55.19
CA GLY F 72 9.15 -71.90 -55.18
C GLY F 72 8.95 -72.96 -56.25
N GLY F 73 7.71 -73.35 -56.52
CA GLY F 73 7.46 -74.27 -57.61
C GLY F 73 7.90 -73.71 -58.94
N ILE F 74 7.59 -72.43 -59.19
CA ILE F 74 8.09 -71.76 -60.38
C ILE F 74 9.62 -71.82 -60.41
N ILE F 75 10.24 -71.61 -59.25
CA ILE F 75 11.70 -71.62 -59.17
C ILE F 75 12.25 -73.01 -59.49
N ILE F 76 11.55 -74.07 -59.03
CA ILE F 76 12.02 -75.41 -59.31
C ILE F 76 11.91 -75.73 -60.79
N MET F 77 10.82 -75.31 -61.45
CA MET F 77 10.75 -75.53 -62.90
C MET F 77 11.86 -74.76 -63.61
N TYR F 78 12.12 -73.52 -63.16
CA TYR F 78 13.18 -72.74 -63.78
C TYR F 78 14.52 -73.45 -63.66
N THR F 79 14.91 -73.81 -62.44
CA THR F 79 16.17 -74.50 -62.23
C THR F 79 16.18 -75.86 -62.91
N LEU F 80 14.99 -76.44 -63.14
CA LEU F 80 14.92 -77.71 -63.84
C LEU F 80 15.32 -77.55 -65.30
N MET F 81 14.82 -76.51 -65.97
CA MET F 81 15.24 -76.34 -67.35
C MET F 81 16.70 -75.89 -67.43
N VAL F 82 17.18 -75.15 -66.41
CA VAL F 82 18.61 -74.85 -66.36
C VAL F 82 19.43 -76.11 -66.28
N SER F 83 19.05 -77.04 -65.40
CA SER F 83 19.80 -78.28 -65.25
C SER F 83 19.74 -79.13 -66.51
N THR F 84 18.57 -79.19 -67.15
CA THR F 84 18.45 -79.96 -68.39
C THR F 84 19.28 -79.35 -69.51
N MET F 85 19.30 -78.02 -69.62
CA MET F 85 20.14 -77.36 -70.62
C MET F 85 21.62 -77.61 -70.34
N ASN F 86 22.00 -77.58 -69.06
CA ASN F 86 23.40 -77.84 -68.71
C ASN F 86 23.80 -79.28 -69.05
N THR F 87 22.94 -80.24 -68.75
CA THR F 87 23.28 -81.63 -69.01
C THR F 87 23.15 -81.98 -70.50
N ALA F 88 22.39 -81.20 -71.26
CA ALA F 88 22.34 -81.42 -72.71
C ALA F 88 23.65 -81.01 -73.37
N HIS F 89 24.35 -80.05 -72.78
CA HIS F 89 25.64 -79.63 -73.31
C HIS F 89 26.73 -80.67 -73.04
N GLU F 90 26.62 -81.39 -71.93
CA GLU F 90 27.64 -82.37 -71.56
C GLU F 90 27.34 -83.76 -72.13
N GLY F 91 26.07 -84.16 -72.16
CA GLY F 91 25.69 -85.45 -72.68
C GLY F 91 25.49 -86.54 -71.64
N GLN F 92 25.54 -86.21 -70.36
CA GLN F 92 25.34 -87.20 -69.31
C GLN F 92 23.84 -87.34 -69.02
N MET F 93 23.50 -88.05 -67.95
CA MET F 93 22.11 -88.29 -67.59
C MET F 93 21.76 -87.45 -66.36
N LEU F 94 20.73 -86.61 -66.49
CA LEU F 94 20.19 -85.81 -65.40
C LEU F 94 21.28 -84.99 -64.70
N GLY F 95 22.27 -84.55 -65.46
CA GLY F 95 23.33 -83.75 -64.90
C GLY F 95 24.33 -84.54 -64.06
N GLN F 96 25.18 -83.79 -63.37
CA GLN F 96 26.21 -84.36 -62.51
C GLN F 96 25.94 -84.09 -61.04
N LYS F 97 25.80 -82.82 -60.64
CA LYS F 97 25.43 -82.51 -59.26
C LYS F 97 24.04 -83.05 -58.95
N TRP F 98 23.09 -82.84 -59.85
CA TRP F 98 21.79 -83.48 -59.74
C TRP F 98 21.93 -84.96 -60.06
N SER F 99 21.40 -85.80 -59.17
CA SER F 99 21.42 -87.24 -59.35
C SER F 99 20.06 -87.68 -59.88
N SER F 100 19.89 -89.00 -60.01
CA SER F 100 18.63 -89.57 -60.43
C SER F 100 17.97 -90.42 -59.35
N ILE F 101 18.72 -90.82 -58.32
CA ILE F 101 18.21 -91.74 -57.32
C ILE F 101 17.82 -90.97 -56.06
N TRP F 102 18.44 -89.81 -55.84
CA TRP F 102 18.10 -88.97 -54.70
C TRP F 102 16.94 -88.03 -54.97
N ILE F 103 16.64 -87.74 -56.25
CA ILE F 103 15.63 -86.76 -56.60
C ILE F 103 14.21 -87.18 -56.21
N PRO F 104 13.83 -88.47 -56.18
CA PRO F 104 12.47 -88.76 -55.68
C PRO F 104 12.31 -88.39 -54.22
N LEU F 105 13.28 -88.73 -53.38
CA LEU F 105 13.23 -88.33 -51.97
C LEU F 105 13.27 -86.81 -51.83
N ARG F 106 14.13 -86.15 -52.63
CA ARG F 106 14.22 -84.70 -52.57
C ARG F 106 12.87 -84.06 -52.90
N SER F 107 12.23 -84.50 -53.98
CA SER F 107 10.96 -83.94 -54.38
C SER F 107 9.86 -84.24 -53.38
N THR F 108 9.79 -85.48 -52.88
CA THR F 108 8.72 -85.81 -51.95
C THR F 108 8.86 -85.04 -50.64
N PHE F 109 10.10 -84.81 -50.18
CA PHE F 109 10.28 -84.03 -48.96
C PHE F 109 9.99 -82.55 -49.21
N GLY F 110 10.48 -82.00 -50.32
CA GLY F 110 10.21 -80.61 -50.64
C GLY F 110 8.74 -80.33 -50.92
N LEU F 111 7.96 -81.38 -51.22
CA LEU F 111 6.52 -81.21 -51.34
C LEU F 111 5.83 -81.38 -49.99
N ALA F 112 6.19 -82.42 -49.24
CA ALA F 112 5.51 -82.70 -47.98
C ALA F 112 5.74 -81.59 -46.96
N LEU F 113 6.96 -81.07 -46.87
CA LEU F 113 7.26 -80.13 -45.80
C LEU F 113 6.61 -78.77 -45.98
N LEU F 114 6.07 -78.47 -47.17
CA LEU F 114 5.45 -77.18 -47.44
C LEU F 114 3.93 -77.25 -47.49
N ILE F 115 3.34 -78.39 -47.13
CA ILE F 115 1.89 -78.56 -47.14
C ILE F 115 1.35 -78.08 -45.80
N PRO F 116 0.53 -77.03 -45.76
CA PRO F 116 -0.07 -76.62 -44.49
C PRO F 116 -1.29 -77.48 -44.14
N LYS F 117 -1.47 -77.74 -42.86
CA LYS F 117 -2.60 -78.51 -42.38
C LYS F 117 -3.83 -77.59 -42.28
N ALA F 118 -4.88 -78.08 -41.61
CA ALA F 118 -6.08 -77.29 -41.47
C ALA F 118 -5.85 -76.01 -40.69
N SER F 119 -4.82 -75.97 -39.85
CA SER F 119 -4.47 -74.77 -39.10
C SER F 119 -3.55 -73.82 -39.86
N GLY F 120 -3.16 -74.19 -41.07
CA GLY F 120 -2.33 -73.32 -41.88
C GLY F 120 -0.86 -73.32 -41.54
N TYR F 121 -0.38 -74.33 -40.83
CA TYR F 121 1.01 -74.42 -40.43
C TYR F 121 1.64 -75.67 -41.04
N CYS F 122 2.76 -75.49 -41.73
CA CYS F 122 3.49 -76.63 -42.27
C CYS F 122 4.19 -77.39 -41.15
N MET F 123 4.56 -78.64 -41.45
CA MET F 123 5.26 -79.44 -40.45
C MET F 123 6.71 -79.01 -40.27
N MET F 124 7.27 -78.23 -41.18
CA MET F 124 8.49 -77.50 -40.87
C MET F 124 8.25 -76.48 -39.76
N GLN F 125 7.11 -75.79 -39.80
CA GLN F 125 6.78 -74.87 -38.72
C GLN F 125 6.59 -75.62 -37.41
N VAL F 126 5.97 -76.79 -37.45
CA VAL F 126 5.83 -77.62 -36.26
C VAL F 126 7.21 -78.06 -35.74
N PHE F 127 8.10 -78.43 -36.65
CA PHE F 127 9.45 -78.82 -36.25
C PHE F 127 10.17 -77.66 -35.57
N PHE F 128 10.08 -76.47 -36.15
CA PHE F 128 10.75 -75.31 -35.57
C PHE F 128 10.16 -74.94 -34.22
N MET F 129 8.84 -75.01 -34.10
CA MET F 129 8.21 -74.74 -32.82
C MET F 129 8.60 -75.78 -31.78
N TRP F 130 8.74 -77.04 -32.18
CA TRP F 130 9.18 -78.08 -31.26
C TRP F 130 10.60 -77.81 -30.78
N VAL F 131 11.49 -77.40 -31.69
CA VAL F 131 12.85 -77.07 -31.29
C VAL F 131 12.85 -75.86 -30.35
N ILE F 132 11.97 -74.90 -30.61
CA ILE F 132 11.88 -73.73 -29.74
C ILE F 132 11.40 -74.13 -28.34
N VAL F 133 10.41 -75.02 -28.28
CA VAL F 133 9.92 -75.50 -26.98
C VAL F 133 10.99 -76.30 -26.27
N GLN F 134 11.80 -77.06 -27.02
CA GLN F 134 12.89 -77.81 -26.41
C GLN F 134 13.94 -76.86 -25.82
N GLY F 135 14.28 -75.81 -26.54
CA GLY F 135 15.18 -74.80 -25.99
C GLY F 135 14.60 -74.11 -24.77
N VAL F 136 13.30 -73.84 -24.81
CA VAL F 136 12.62 -73.24 -23.66
C VAL F 136 12.70 -74.17 -22.47
N GLY F 137 12.48 -75.46 -22.69
CA GLY F 137 12.58 -76.43 -21.59
C GLY F 137 13.98 -76.53 -21.03
N ALA F 138 15.00 -76.50 -21.90
CA ALA F 138 16.37 -76.52 -21.42
C ALA F 138 16.68 -75.29 -20.58
N ALA F 139 16.27 -74.11 -21.05
CA ALA F 139 16.49 -72.89 -20.29
C ALA F 139 15.73 -72.93 -18.97
N ASP F 140 14.51 -73.48 -18.98
CA ASP F 140 13.75 -73.63 -17.75
C ASP F 140 14.45 -74.57 -16.78
N LYS F 141 15.05 -75.65 -17.29
CA LYS F 141 15.78 -76.56 -16.43
C LYS F 141 16.98 -75.88 -15.79
N ILE F 142 17.72 -75.08 -16.57
CA ILE F 142 18.86 -74.36 -16.02
C ILE F 142 18.39 -73.37 -14.95
N TRP F 143 17.33 -72.62 -15.27
CA TRP F 143 16.81 -71.63 -14.33
C TRP F 143 16.30 -72.28 -13.06
N GLU F 144 15.66 -73.45 -13.19
CA GLU F 144 15.16 -74.16 -12.02
C GLU F 144 16.29 -74.74 -11.19
N ALA F 145 17.38 -75.17 -11.83
CA ALA F 145 18.55 -75.58 -11.07
C ALA F 145 19.12 -74.42 -10.28
N ALA F 146 19.21 -73.24 -10.89
CA ALA F 146 19.68 -72.07 -10.16
C ALA F 146 18.76 -71.74 -9.00
N LEU F 147 17.44 -71.81 -9.23
CA LEU F 147 16.47 -71.54 -8.18
C LEU F 147 16.59 -72.54 -7.04
N SER F 148 16.79 -73.82 -7.36
CA SER F 148 16.93 -74.82 -6.32
C SER F 148 18.19 -74.60 -5.52
N TYR F 149 19.29 -74.24 -6.17
CA TYR F 149 20.50 -73.89 -5.42
C TYR F 149 20.25 -72.72 -4.49
N LEU F 150 19.51 -71.71 -4.97
CA LEU F 150 19.21 -70.58 -4.11
C LEU F 150 18.32 -71.00 -2.93
N ASN F 151 17.40 -71.95 -3.16
CA ASN F 151 16.53 -72.41 -2.10
C ASN F 151 17.27 -73.22 -1.05
N ARG F 152 18.21 -74.08 -1.46
CA ARG F 152 19.01 -74.84 -0.51
C ARG F 152 20.02 -73.98 0.24
N GLY F 153 20.20 -72.73 -0.17
CA GLY F 153 21.15 -71.85 0.48
C GLY F 153 22.36 -71.57 -0.39
N GLY F 154 23.04 -70.46 -0.10
CA GLY F 154 24.24 -70.09 -0.84
C GLY F 154 24.19 -68.67 -1.36
N GLN F 160 17.86 -48.68 26.94
CA GLN F 160 17.07 -48.52 25.74
C GLN F 160 17.54 -47.33 24.92
N ALA F 161 17.42 -46.14 25.48
CA ALA F 161 17.81 -44.91 24.81
C ALA F 161 18.20 -43.88 25.86
N ASP F 162 18.78 -42.77 25.39
CA ASP F 162 19.27 -41.69 26.23
C ASP F 162 18.19 -40.65 26.47
N PRO F 163 18.23 -39.95 27.61
CA PRO F 163 17.27 -38.86 27.85
C PRO F 163 17.61 -37.57 27.14
N THR F 164 18.71 -37.52 26.39
CA THR F 164 19.10 -36.33 25.65
C THR F 164 18.90 -36.46 24.15
N LYS F 165 19.10 -37.65 23.58
CA LYS F 165 18.83 -37.83 22.15
C LYS F 165 17.34 -37.75 21.83
N SER F 166 16.47 -37.83 22.84
CA SER F 166 15.05 -37.60 22.62
C SER F 166 14.75 -36.14 22.32
N LEU F 167 15.68 -35.23 22.61
CA LEU F 167 15.49 -33.82 22.27
C LEU F 167 15.43 -33.63 20.76
N GLN F 168 16.15 -34.46 20.00
CA GLN F 168 15.97 -34.49 18.55
C GLN F 168 14.55 -34.92 18.18
N ALA F 169 14.03 -35.94 18.89
CA ALA F 169 12.68 -36.41 18.64
C ALA F 169 11.61 -35.45 19.12
N ALA F 170 11.98 -34.40 19.87
CA ALA F 170 11.00 -33.41 20.29
C ALA F 170 10.39 -32.71 19.08
N GLY F 171 11.22 -32.39 18.08
CA GLY F 171 10.71 -31.87 16.84
C GLY F 171 11.72 -31.92 15.70
N SER F 172 11.32 -32.52 14.58
CA SER F 172 12.13 -32.56 13.37
C SER F 172 11.25 -32.41 12.13
N SER F 173 10.17 -31.63 12.25
CA SER F 173 9.10 -31.54 11.24
C SER F 173 8.37 -32.87 11.05
N SER F 174 8.56 -33.80 11.99
CA SER F 174 7.84 -35.08 11.97
C SER F 174 7.24 -35.48 13.31
N SER F 175 7.74 -34.96 14.43
CA SER F 175 7.21 -35.26 15.75
C SER F 175 6.99 -33.96 16.51
N GLY F 176 5.95 -33.95 17.35
CA GLY F 176 5.57 -32.75 18.06
C GLY F 176 5.20 -32.94 19.51
N VAL F 177 5.87 -33.88 20.19
CA VAL F 177 5.57 -34.13 21.60
C VAL F 177 5.87 -32.89 22.43
N ALA F 178 6.99 -32.22 22.14
CA ALA F 178 7.32 -30.98 22.85
C ALA F 178 6.26 -29.91 22.59
N LYS F 179 5.74 -29.87 21.37
CA LYS F 179 4.65 -28.94 21.07
C LYS F 179 3.43 -29.23 21.91
N GLY F 180 3.11 -30.52 22.08
CA GLY F 180 2.01 -30.89 22.96
C GLY F 180 2.25 -30.47 24.39
N ALA F 181 3.49 -30.65 24.88
CA ALA F 181 3.79 -30.23 26.25
C ALA F 181 3.64 -28.73 26.41
N LEU F 182 4.13 -27.96 25.44
CA LEU F 182 3.99 -26.51 25.49
C LEU F 182 2.52 -26.10 25.46
N THR F 183 1.72 -26.73 24.61
CA THR F 183 0.30 -26.41 24.54
C THR F 183 -0.39 -26.73 25.87
N ILE F 184 -0.05 -27.87 26.48
CA ILE F 184 -0.64 -28.23 27.76
C ILE F 184 -0.27 -27.22 28.84
N LEU F 185 1.00 -26.80 28.87
CA LEU F 185 1.42 -25.83 29.89
C LEU F 185 0.73 -24.49 29.70
N GLY F 186 0.64 -24.02 28.44
CA GLY F 186 -0.05 -22.77 28.19
C GLY F 186 -1.51 -22.84 28.55
N GLY F 187 -2.18 -23.92 28.16
CA GLY F 187 -3.58 -24.09 28.52
C GLY F 187 -3.78 -24.19 30.02
N GLN F 188 -2.83 -24.79 30.73
CA GLN F 188 -2.92 -24.89 32.19
C GLN F 188 -2.78 -23.53 32.84
N ILE F 189 -1.82 -22.73 32.38
CA ILE F 189 -1.68 -21.40 32.95
C ILE F 189 -2.92 -20.57 32.63
N CYS F 190 -3.52 -20.79 31.46
CA CYS F 190 -4.79 -20.16 31.15
C CYS F 190 -5.88 -20.62 32.10
N MET F 191 -5.94 -21.93 32.38
CA MET F 191 -6.86 -22.49 33.36
C MET F 191 -6.80 -21.71 34.66
N LEU F 192 -5.62 -21.73 35.28
CA LEU F 192 -5.46 -21.15 36.60
C LEU F 192 -5.71 -19.65 36.60
N GLY F 193 -5.17 -18.95 35.60
CA GLY F 193 -5.36 -17.51 35.55
C GLY F 193 -6.82 -17.12 35.37
N LEU F 194 -7.50 -17.79 34.43
CA LEU F 194 -8.92 -17.49 34.20
C LEU F 194 -9.75 -17.81 35.42
N GLN F 195 -9.49 -18.95 36.07
CA GLN F 195 -10.25 -19.29 37.26
C GLN F 195 -10.04 -18.28 38.37
N LYS F 196 -8.79 -17.88 38.61
CA LYS F 196 -8.50 -16.90 39.65
C LYS F 196 -9.14 -15.56 39.34
N GLN F 197 -9.02 -15.09 38.10
CA GLN F 197 -9.60 -13.80 37.75
C GLN F 197 -11.12 -13.83 37.86
N LEU F 198 -11.76 -14.92 37.39
CA LEU F 198 -13.20 -15.01 37.48
C LEU F 198 -13.66 -15.07 38.93
N GLN F 199 -12.95 -15.82 39.77
CA GLN F 199 -13.34 -15.90 41.18
C GLN F 199 -13.19 -14.56 41.86
N ALA F 200 -12.08 -13.86 41.62
CA ALA F 200 -11.89 -12.54 42.22
C ALA F 200 -12.95 -11.56 41.71
N GLN F 201 -13.27 -11.63 40.43
CA GLN F 201 -14.30 -10.77 39.86
C GLN F 201 -15.65 -11.03 40.49
N ARG F 202 -16.00 -12.30 40.66
CA ARG F 202 -17.29 -12.62 41.28
C ARG F 202 -17.33 -12.19 42.74
N ASP F 203 -16.20 -12.33 43.45
CA ASP F 203 -16.15 -11.84 44.83
C ASP F 203 -16.36 -10.33 44.88
N LEU F 204 -15.72 -9.61 43.96
CA LEU F 204 -15.89 -8.16 43.91
C LEU F 204 -17.33 -7.79 43.58
N TYR F 205 -17.96 -8.54 42.67
CA TYR F 205 -19.37 -8.31 42.36
C TYR F 205 -20.26 -8.55 43.57
N LEU F 206 -20.02 -9.64 44.30
CA LEU F 206 -20.90 -10.00 45.40
C LEU F 206 -20.68 -9.11 46.61
N SER F 207 -19.48 -8.52 46.75
CA SER F 207 -19.25 -7.60 47.86
C SER F 207 -20.04 -6.30 47.70
N GLN F 208 -20.63 -6.05 46.53
CA GLN F 208 -21.46 -4.88 46.29
C GLN F 208 -22.82 -5.30 45.75
N SER F 209 -23.44 -6.28 46.42
CA SER F 209 -24.73 -6.79 45.97
C SER F 209 -25.83 -5.76 46.09
N LYS F 210 -25.69 -4.75 46.95
CA LYS F 210 -26.68 -3.69 47.06
C LYS F 210 -26.72 -2.80 45.84
N SER F 211 -25.74 -2.92 44.95
CA SER F 211 -25.58 -2.07 43.79
C SER F 211 -25.47 -2.94 42.54
N PRO F 212 -25.75 -2.38 41.36
CA PRO F 212 -25.70 -3.17 40.13
C PRO F 212 -24.28 -3.60 39.83
N PRO F 213 -24.10 -4.60 38.95
CA PRO F 213 -25.12 -5.36 38.21
C PRO F 213 -25.48 -6.70 38.84
N CYS F 214 -25.09 -7.00 40.07
CA CYS F 214 -25.64 -8.15 40.77
C CYS F 214 -26.96 -7.84 41.46
N GLY F 215 -27.41 -6.59 41.37
CA GLY F 215 -28.69 -6.19 41.93
C GLY F 215 -29.27 -5.04 41.13
N GLY F 216 -30.47 -4.64 41.52
CA GLY F 216 -31.14 -3.55 40.82
C GLY F 216 -31.58 -3.92 39.43
N ASN F 217 -32.53 -4.85 39.33
CA ASN F 217 -33.06 -5.34 38.06
C ASN F 217 -31.96 -5.75 37.09
N PRO F 218 -31.11 -6.71 37.46
CA PRO F 218 -30.04 -7.12 36.56
C PRO F 218 -30.57 -7.87 35.35
N THR F 219 -29.80 -7.81 34.26
CA THR F 219 -30.12 -8.63 33.10
C THR F 219 -29.94 -10.11 33.44
N PRO F 220 -30.75 -10.99 32.85
CA PRO F 220 -30.73 -12.40 33.28
C PRO F 220 -29.36 -13.05 33.20
N GLU F 221 -28.56 -12.74 32.18
CA GLU F 221 -27.23 -13.34 32.09
C GLU F 221 -26.35 -12.90 33.26
N MET F 222 -26.38 -11.61 33.59
CA MET F 222 -25.58 -11.14 34.72
C MET F 222 -26.11 -11.71 36.03
N ASN F 223 -27.42 -11.86 36.15
CA ASN F 223 -27.99 -12.49 37.34
C ASN F 223 -27.50 -13.92 37.48
N THR F 224 -27.51 -14.68 36.39
CA THR F 224 -27.02 -16.05 36.42
C THR F 224 -25.55 -16.10 36.79
N PHE F 225 -24.75 -15.20 36.21
CA PHE F 225 -23.33 -15.16 36.56
C PHE F 225 -23.11 -14.83 38.03
N CYS F 226 -23.90 -13.89 38.57
CA CYS F 226 -23.81 -13.57 39.99
C CYS F 226 -24.20 -14.75 40.84
N ARG F 227 -25.13 -15.58 40.37
CA ARG F 227 -25.61 -16.71 41.17
C ARG F 227 -24.58 -17.84 41.22
N THR F 228 -24.24 -18.39 40.07
CA THR F 228 -23.41 -19.59 40.03
C THR F 228 -21.98 -19.30 40.47
N ALA F 229 -21.32 -20.33 41.00
CA ALA F 229 -19.94 -20.22 41.42
C ALA F 229 -19.01 -20.66 40.29
N ILE F 230 -17.70 -20.57 40.54
CA ILE F 230 -16.70 -20.90 39.54
C ILE F 230 -16.25 -22.34 39.77
N PRO F 231 -16.49 -23.25 38.83
CA PRO F 231 -16.01 -24.62 38.99
C PRO F 231 -14.50 -24.70 38.84
N ASP F 232 -13.95 -25.84 39.25
CA ASP F 232 -12.53 -26.09 39.09
C ASP F 232 -12.24 -26.46 37.64
N PHE F 233 -11.27 -25.75 37.03
CA PHE F 233 -11.00 -25.96 35.62
C PHE F 233 -10.03 -27.11 35.38
N ILE F 234 -9.06 -27.28 36.27
CA ILE F 234 -8.08 -28.36 36.10
C ILE F 234 -8.74 -29.72 36.30
N SER F 235 -9.68 -29.82 37.24
CA SER F 235 -10.27 -31.10 37.61
C SER F 235 -11.12 -31.70 36.50
N THR F 236 -11.47 -30.93 35.46
CA THR F 236 -12.39 -31.42 34.45
C THR F 236 -11.70 -32.04 33.25
N VAL F 237 -10.42 -31.76 33.02
CA VAL F 237 -9.71 -32.28 31.86
C VAL F 237 -9.10 -33.62 32.25
N ASN F 238 -9.58 -34.69 31.63
CA ASN F 238 -9.07 -36.04 31.86
C ASN F 238 -8.94 -36.72 30.51
N PHE F 239 -7.70 -37.05 30.12
CA PHE F 239 -7.47 -37.56 28.78
C PHE F 239 -7.91 -39.01 28.64
N VAL F 240 -7.72 -39.82 29.68
CA VAL F 240 -8.10 -41.23 29.60
C VAL F 240 -9.61 -41.37 29.40
N LYS F 241 -10.39 -40.64 30.19
CA LYS F 241 -11.84 -40.70 30.06
C LYS F 241 -12.29 -40.16 28.71
N LYS F 242 -11.66 -39.09 28.24
CA LYS F 242 -12.02 -38.55 26.93
C LYS F 242 -11.77 -39.55 25.83
N GLN F 243 -10.56 -40.14 25.80
CA GLN F 243 -10.26 -41.12 24.77
C GLN F 243 -11.19 -42.32 24.84
N ASN F 244 -11.51 -42.76 26.06
CA ASN F 244 -12.46 -43.85 26.23
C ASN F 244 -13.82 -43.47 25.64
N ASP F 245 -14.25 -42.22 25.86
CA ASP F 245 -15.52 -41.77 25.30
C ASP F 245 -15.49 -41.77 23.77
N ASP F 246 -14.39 -41.31 23.17
CA ASP F 246 -14.33 -41.27 21.71
C ASP F 246 -14.29 -42.67 21.12
N THR F 247 -13.48 -43.56 21.68
CA THR F 247 -13.32 -44.89 21.10
C THR F 247 -14.57 -45.72 21.35
N PRO F 248 -15.09 -46.42 20.35
CA PRO F 248 -16.18 -47.35 20.60
C PRO F 248 -15.75 -48.44 21.57
N LYS F 249 -16.66 -48.87 22.44
CA LYS F 249 -16.34 -49.90 23.41
C LYS F 249 -16.01 -51.22 22.74
N ASP F 250 -16.53 -51.46 21.54
CA ASP F 250 -16.17 -52.66 20.80
C ASP F 250 -14.71 -52.58 20.34
N LEU F 251 -14.01 -53.71 20.41
CA LEU F 251 -12.60 -53.78 20.07
C LEU F 251 -12.35 -54.48 18.75
N THR F 252 -13.37 -54.58 17.89
CA THR F 252 -13.20 -55.19 16.59
C THR F 252 -13.27 -54.20 15.43
N ALA F 253 -13.87 -53.04 15.63
CA ALA F 253 -13.96 -52.03 14.60
C ALA F 253 -12.72 -51.14 14.60
N ASN F 254 -12.57 -50.34 13.55
CA ASN F 254 -11.46 -49.41 13.45
C ASN F 254 -11.60 -48.30 14.49
N GLN F 255 -10.63 -48.20 15.38
CA GLN F 255 -10.64 -47.14 16.38
C GLN F 255 -10.47 -45.78 15.69
N PRO F 256 -10.96 -44.70 16.30
CA PRO F 256 -10.81 -43.38 15.69
C PRO F 256 -9.36 -43.04 15.45
N ALA F 257 -9.10 -42.41 14.31
CA ALA F 257 -7.73 -42.04 13.92
C ALA F 257 -7.29 -40.71 14.51
N SER F 258 -8.17 -39.99 15.20
CA SER F 258 -7.82 -38.71 15.80
C SER F 258 -8.70 -38.47 17.01
N PHE F 259 -8.15 -37.72 17.96
CA PHE F 259 -8.89 -37.32 19.15
C PHE F 259 -8.57 -35.86 19.46
N GLU F 260 -9.53 -35.19 20.10
CA GLU F 260 -9.37 -33.80 20.49
C GLU F 260 -9.79 -33.62 21.94
N LEU F 261 -9.29 -32.56 22.56
CA LEU F 261 -9.63 -32.22 23.94
C LEU F 261 -9.64 -30.70 24.03
N ASP F 262 -10.84 -30.12 24.03
CA ASP F 262 -10.98 -28.69 24.19
C ASP F 262 -10.63 -28.31 25.63
N MET F 263 -9.76 -27.32 25.78
CA MET F 263 -9.30 -26.87 27.09
C MET F 263 -9.82 -25.47 27.35
N PRO F 264 -10.67 -25.24 28.35
CA PRO F 264 -11.19 -26.18 29.36
C PRO F 264 -12.22 -27.15 28.83
N ASN F 265 -12.49 -28.22 29.58
CA ASN F 265 -13.47 -29.22 29.22
C ASN F 265 -14.68 -29.10 30.15
N PHE F 266 -15.86 -28.96 29.57
CA PHE F 266 -17.09 -28.88 30.33
C PHE F 266 -18.18 -29.65 29.61
N ASP F 267 -18.96 -30.41 30.36
CA ASP F 267 -20.09 -31.11 29.76
C ASP F 267 -21.19 -30.14 29.40
N LYS F 268 -22.15 -30.61 28.61
CA LYS F 268 -23.22 -29.75 28.15
C LYS F 268 -24.06 -29.23 29.30
N SER F 269 -24.12 -29.97 30.41
CA SER F 269 -24.95 -29.56 31.54
C SER F 269 -24.38 -28.33 32.24
N SER F 270 -23.07 -28.20 32.30
CA SER F 270 -22.45 -27.08 32.99
C SER F 270 -22.75 -25.77 32.26
N PRO F 271 -22.96 -24.67 32.98
CA PRO F 271 -23.20 -23.39 32.31
C PRO F 271 -21.92 -22.69 31.92
N PHE F 272 -20.98 -23.46 31.35
CA PHE F 272 -19.72 -22.91 30.88
C PHE F 272 -19.27 -23.55 29.58
N TYR F 273 -20.18 -24.16 28.83
CA TYR F 273 -19.79 -24.89 27.63
C TYR F 273 -19.20 -23.97 26.57
N PHE F 274 -19.65 -22.71 26.52
CA PHE F 274 -19.13 -21.78 25.53
C PHE F 274 -17.66 -21.48 25.74
N LEU F 275 -17.13 -21.71 26.95
CA LEU F 275 -15.73 -21.47 27.24
C LEU F 275 -14.83 -22.62 26.84
N ASN F 276 -15.39 -23.74 26.36
CA ASN F 276 -14.57 -24.89 25.99
C ASN F 276 -13.72 -24.53 24.78
N GLY F 277 -12.41 -24.49 24.98
CA GLY F 277 -11.48 -24.16 23.92
C GLY F 277 -10.89 -22.77 23.98
N ILE F 278 -11.24 -21.97 25.00
CA ILE F 278 -10.66 -20.64 25.12
C ILE F 278 -9.17 -20.75 25.43
N CYS F 279 -8.77 -21.76 26.20
CA CYS F 279 -7.38 -21.96 26.57
C CYS F 279 -6.67 -22.92 25.63
N GLY F 280 -7.12 -23.00 24.38
CA GLY F 280 -6.48 -23.85 23.40
C GLY F 280 -7.15 -25.20 23.25
N THR F 281 -6.49 -26.05 22.45
CA THR F 281 -6.98 -27.39 22.17
C THR F 281 -5.79 -28.30 21.93
N VAL F 282 -5.85 -29.51 22.45
CA VAL F 282 -4.80 -30.51 22.28
C VAL F 282 -5.36 -31.70 21.52
N LYS F 283 -4.63 -32.13 20.49
CA LYS F 283 -5.04 -33.24 19.64
C LYS F 283 -3.98 -34.31 19.64
N TRP F 284 -4.42 -35.56 19.62
CA TRP F 284 -3.53 -36.71 19.56
C TRP F 284 -4.24 -37.84 18.84
N ASN F 285 -3.50 -38.56 18.01
CA ASN F 285 -4.08 -39.65 17.25
C ASN F 285 -3.90 -40.97 17.98
N ASN F 286 -4.75 -41.94 17.63
CA ASN F 286 -4.58 -43.29 18.12
C ASN F 286 -3.31 -43.90 17.52
N ILE F 287 -2.77 -44.90 18.21
CA ILE F 287 -1.59 -45.59 17.71
C ILE F 287 -2.07 -46.59 16.65
N SER F 288 -2.13 -46.15 15.40
CA SER F 288 -2.62 -47.01 14.32
C SER F 288 -1.71 -48.19 14.07
N ALA F 289 -0.45 -48.12 14.54
CA ALA F 289 0.44 -49.27 14.46
C ALA F 289 -0.08 -50.44 15.27
N LEU F 290 -0.93 -50.18 16.26
CA LEU F 290 -1.65 -51.23 16.98
C LEU F 290 -3.08 -51.41 16.51
N ASN F 291 -3.75 -50.32 16.14
CA ASN F 291 -5.13 -50.40 15.69
C ASN F 291 -5.23 -51.24 14.42
N SER F 292 -6.03 -52.30 14.47
CA SER F 292 -6.19 -53.19 13.33
C SER F 292 -7.54 -53.88 13.43
N THR F 293 -8.03 -54.33 12.27
CA THR F 293 -9.22 -55.16 12.19
C THR F 293 -8.89 -56.64 12.13
N ASN F 294 -7.72 -57.04 12.61
CA ASN F 294 -7.19 -58.39 12.44
C ASN F 294 -7.09 -59.07 13.81
N GLN F 295 -8.09 -59.90 14.11
CA GLN F 295 -8.09 -60.78 15.29
C GLN F 295 -7.92 -59.96 16.57
N SER F 296 -8.95 -59.18 16.85
CA SER F 296 -9.05 -58.37 18.07
C SER F 296 -10.38 -58.64 18.76
N ASP F 297 -10.70 -59.93 18.93
CA ASP F 297 -12.00 -60.33 19.43
C ASP F 297 -12.21 -59.81 20.86
N ASN F 298 -13.48 -59.49 21.17
CA ASN F 298 -13.85 -58.87 22.43
C ASN F 298 -14.18 -59.88 23.52
N LYS F 299 -14.34 -61.16 23.19
CA LYS F 299 -14.80 -62.16 24.14
C LYS F 299 -13.77 -63.27 24.34
N GLY F 300 -12.49 -62.93 24.27
CA GLY F 300 -11.45 -63.92 24.47
C GLY F 300 -10.06 -63.33 24.60
N LEU F 301 -9.05 -64.09 24.19
CA LEU F 301 -7.66 -63.67 24.26
C LEU F 301 -7.22 -63.19 22.88
N VAL F 302 -6.57 -62.04 22.84
CA VAL F 302 -6.11 -61.43 21.60
C VAL F 302 -4.70 -61.91 21.30
N THR F 303 -4.37 -62.01 20.01
CA THR F 303 -3.06 -62.43 19.57
C THR F 303 -2.57 -61.53 18.45
N VAL F 304 -1.25 -61.39 18.36
CA VAL F 304 -0.61 -60.60 17.32
C VAL F 304 -0.52 -61.43 16.04
N GLY F 305 -0.62 -60.76 14.90
CA GLY F 305 -0.62 -61.44 13.62
C GLY F 305 0.66 -62.23 13.37
N GLY F 306 0.64 -62.94 12.24
CA GLY F 306 1.75 -63.82 11.93
C GLY F 306 3.02 -63.08 11.60
N ALA F 307 4.14 -63.80 11.72
CA ALA F 307 5.47 -63.26 11.46
C ALA F 307 5.91 -63.62 10.05
N GLY F 308 6.51 -62.65 9.36
CA GLY F 308 6.98 -62.85 8.01
C GLY F 308 5.96 -62.61 6.93
N SER F 309 4.86 -61.91 7.24
CA SER F 309 3.82 -61.62 6.27
C SER F 309 3.27 -60.22 6.56
N ASN F 310 2.25 -59.83 5.79
CA ASN F 310 1.64 -58.52 5.98
C ASN F 310 0.89 -58.48 7.30
N SER F 311 1.26 -57.52 8.15
CA SER F 311 0.64 -57.40 9.47
C SER F 311 0.79 -55.96 9.94
N SER F 312 -0.12 -55.56 10.84
CA SER F 312 -0.09 -54.22 11.40
C SER F 312 -0.37 -54.25 12.91
N MET F 313 0.12 -55.27 13.62
CA MET F 313 -0.01 -55.32 15.07
C MET F 313 1.25 -55.83 15.75
N GLY F 314 2.34 -56.04 15.02
CA GLY F 314 3.57 -56.48 15.63
C GLY F 314 4.46 -57.18 14.61
N ALA F 315 5.49 -57.83 15.13
CA ALA F 315 6.44 -58.57 14.31
C ALA F 315 6.49 -60.06 14.59
N ASN F 316 6.13 -60.49 15.80
CA ASN F 316 6.17 -61.90 16.14
C ASN F 316 4.82 -62.36 16.67
N SER F 317 4.75 -63.59 17.20
CA SER F 317 3.52 -64.14 17.75
C SER F 317 3.48 -63.84 19.24
N LEU F 318 2.62 -62.91 19.63
CA LEU F 318 2.48 -62.50 21.02
C LEU F 318 1.01 -62.58 21.44
N ASN F 319 0.78 -62.79 22.72
CA ASN F 319 -0.55 -62.95 23.27
C ASN F 319 -0.82 -61.91 24.34
N ILE F 320 -2.01 -61.33 24.30
CA ILE F 320 -2.44 -60.32 25.27
C ILE F 320 -3.94 -60.44 25.46
N THR F 321 -4.39 -60.33 26.71
CA THR F 321 -5.81 -60.36 27.00
C THR F 321 -6.45 -59.00 26.67
N SER F 322 -7.78 -58.98 26.64
CA SER F 322 -8.49 -57.75 26.29
C SER F 322 -8.16 -56.62 27.24
N SER F 323 -7.89 -56.93 28.52
CA SER F 323 -7.53 -55.89 29.47
C SER F 323 -6.20 -55.23 29.08
N GLN F 324 -5.18 -56.05 28.83
CA GLN F 324 -3.90 -55.48 28.40
C GLN F 324 -4.02 -54.81 27.04
N LEU F 325 -4.88 -55.35 26.16
CA LEU F 325 -5.07 -54.73 24.86
C LEU F 325 -5.65 -53.33 25.01
N GLN F 326 -6.67 -53.16 25.86
CA GLN F 326 -7.26 -51.83 26.03
C GLN F 326 -6.31 -50.90 26.80
N THR F 327 -5.50 -51.45 27.70
CA THR F 327 -4.47 -50.63 28.34
C THR F 327 -3.47 -50.12 27.31
N ALA F 328 -3.07 -50.98 26.37
CA ALA F 328 -2.22 -50.52 25.27
C ALA F 328 -2.93 -49.50 24.40
N ARG F 329 -4.23 -49.67 24.19
CA ARG F 329 -5.01 -48.68 23.46
C ARG F 329 -4.92 -47.32 24.12
N LEU F 330 -5.11 -47.28 25.42
CA LEU F 330 -5.20 -46.02 26.17
C LEU F 330 -3.85 -45.55 26.72
N SER F 331 -2.76 -46.24 26.41
CA SER F 331 -1.45 -45.83 26.91
C SER F 331 -1.12 -44.39 26.54
N ARG F 332 -1.48 -43.96 25.33
CA ARG F 332 -1.25 -42.57 24.95
C ARG F 332 -2.03 -41.62 25.83
N ALA F 333 -3.29 -41.97 26.13
CA ALA F 333 -4.09 -41.13 27.02
C ALA F 333 -3.47 -41.06 28.41
N ILE F 334 -2.96 -42.18 28.92
CA ILE F 334 -2.31 -42.15 30.23
C ILE F 334 -1.05 -41.29 30.19
N ALA F 335 -0.28 -41.37 29.10
CA ALA F 335 0.92 -40.55 29.00
C ALA F 335 0.57 -39.07 28.98
N ILE F 336 -0.45 -38.69 28.22
CA ILE F 336 -0.85 -37.28 28.16
C ILE F 336 -1.44 -36.84 29.50
N GLN F 337 -2.16 -37.73 30.20
CA GLN F 337 -2.67 -37.39 31.52
C GLN F 337 -1.53 -37.17 32.51
N GLN F 338 -0.47 -37.97 32.40
CA GLN F 338 0.70 -37.75 33.24
C GLN F 338 1.38 -36.43 32.91
N MET F 339 1.49 -36.11 31.61
CA MET F 339 1.88 -34.78 31.16
C MET F 339 1.12 -33.71 31.92
N TYR F 340 -0.22 -33.83 31.88
CA TYR F 340 -1.09 -32.88 32.54
C TYR F 340 -0.79 -32.77 34.03
N VAL F 341 -0.74 -33.91 34.72
CA VAL F 341 -0.66 -33.90 36.17
C VAL F 341 0.74 -33.49 36.65
N THR F 342 1.76 -33.65 35.82
CA THR F 342 3.08 -33.20 36.23
C THR F 342 3.30 -31.74 35.91
N LEU F 343 2.62 -31.21 34.89
CA LEU F 343 2.72 -29.78 34.64
C LEU F 343 1.75 -28.96 35.49
N SER F 344 0.79 -29.62 36.15
CA SER F 344 -0.15 -28.87 36.99
C SER F 344 0.57 -28.16 38.13
N THR F 345 1.53 -28.83 38.76
CA THR F 345 2.27 -28.19 39.85
C THR F 345 3.05 -26.98 39.34
N VAL F 346 3.68 -27.12 38.18
CA VAL F 346 4.44 -26.01 37.61
C VAL F 346 3.52 -24.83 37.29
N ALA F 347 2.37 -25.11 36.68
CA ALA F 347 1.44 -24.03 36.36
C ALA F 347 0.91 -23.37 37.63
N GLN F 348 0.61 -24.17 38.65
CA GLN F 348 0.11 -23.60 39.90
C GLN F 348 1.15 -22.69 40.55
N VAL F 349 2.41 -23.14 40.57
CA VAL F 349 3.47 -22.31 41.14
C VAL F 349 3.62 -21.03 40.34
N MET F 350 3.59 -21.14 39.02
CA MET F 350 3.76 -19.96 38.16
C MET F 350 2.64 -18.96 38.39
N VAL F 351 1.40 -19.43 38.50
CA VAL F 351 0.27 -18.53 38.70
C VAL F 351 0.32 -17.90 40.09
N ASN F 352 0.63 -18.70 41.12
CA ASN F 352 0.76 -18.14 42.47
C ASN F 352 1.91 -17.14 42.55
N ASN F 353 2.89 -17.24 41.65
CA ASN F 353 3.98 -16.28 41.63
C ASN F 353 3.51 -14.90 41.18
N ASP F 354 2.46 -14.84 40.37
CA ASP F 354 2.07 -13.59 39.73
C ASP F 354 1.50 -12.63 40.77
N PRO F 355 2.11 -11.46 40.97
CA PRO F 355 1.53 -10.48 41.90
C PRO F 355 0.17 -9.98 41.47
N ALA F 356 -0.08 -9.86 40.17
CA ALA F 356 -1.37 -9.39 39.70
C ALA F 356 -2.49 -10.37 39.99
N PHE F 357 -2.16 -11.63 40.30
CA PHE F 357 -3.15 -12.63 40.66
C PHE F 357 -3.34 -12.76 42.16
N SER F 358 -2.75 -11.87 42.94
CA SER F 358 -2.89 -11.91 44.39
C SER F 358 -4.32 -11.47 44.75
N THR F 359 -5.18 -12.46 45.00
CA THR F 359 -6.55 -12.15 45.43
C THR F 359 -6.59 -11.50 46.80
N THR F 360 -5.53 -11.68 47.60
CA THR F 360 -5.42 -11.06 48.91
C THR F 360 -4.57 -9.80 48.82
N THR F 361 -4.68 -8.96 49.85
CA THR F 361 -3.87 -7.76 49.93
C THR F 361 -2.38 -8.13 50.00
N SER F 362 -1.56 -7.35 49.31
CA SER F 362 -0.12 -7.60 49.26
C SER F 362 0.50 -7.19 50.59
N THR F 363 0.61 -8.15 51.51
CA THR F 363 1.23 -7.88 52.81
C THR F 363 2.75 -7.83 52.75
N GLY F 364 3.34 -8.23 51.63
CA GLY F 364 4.78 -8.22 51.48
C GLY F 364 5.30 -6.92 50.92
N ASN F 365 6.53 -6.97 50.43
CA ASN F 365 7.18 -5.78 49.90
C ASN F 365 6.65 -5.45 48.51
N SER F 366 6.38 -4.16 48.28
CA SER F 366 5.91 -3.69 46.98
C SER F 366 7.04 -3.29 46.05
N LYS F 367 8.29 -3.38 46.51
CA LYS F 367 9.45 -3.04 45.70
C LYS F 367 10.42 -4.20 45.51
N ASN F 368 10.15 -5.34 46.12
CA ASN F 368 11.00 -6.53 45.97
C ASN F 368 10.73 -7.27 44.67
N ASP F 369 9.65 -6.94 43.98
CA ASP F 369 9.23 -7.69 42.80
C ASP F 369 10.33 -7.73 41.75
N PHE F 370 10.58 -8.92 41.20
CA PHE F 370 11.50 -9.05 40.09
C PHE F 370 10.98 -8.33 38.86
N SER F 371 9.69 -8.48 38.58
CA SER F 371 9.03 -7.77 37.50
C SER F 371 7.57 -7.56 37.89
N ALA F 372 6.77 -7.12 36.92
CA ALA F 372 5.35 -6.91 37.15
C ALA F 372 4.52 -8.17 36.93
N ILE F 373 5.16 -9.28 36.58
CA ILE F 373 4.44 -10.53 36.32
C ILE F 373 4.93 -11.60 37.27
N ALA F 374 6.16 -11.46 37.77
CA ALA F 374 6.75 -12.48 38.64
C ALA F 374 7.29 -11.82 39.90
N LYS F 375 6.77 -12.22 41.05
CA LYS F 375 7.35 -11.80 42.32
C LYS F 375 8.77 -12.32 42.44
N GLN F 376 8.99 -13.58 42.04
CA GLN F 376 10.29 -14.23 42.09
C GLN F 376 10.67 -14.65 40.67
N GLN F 377 11.94 -14.51 40.34
CA GLN F 377 12.40 -14.82 39.00
C GLN F 377 12.41 -16.33 38.77
N PHE F 378 11.96 -16.74 37.57
CA PHE F 378 12.02 -18.16 37.22
C PHE F 378 13.46 -18.64 37.07
N GLY F 379 14.27 -17.90 36.32
CA GLY F 379 15.66 -18.23 36.11
C GLY F 379 16.01 -18.33 34.64
N VAL F 380 17.30 -18.40 34.38
CA VAL F 380 17.84 -18.54 33.04
C VAL F 380 18.87 -19.66 33.04
N PRO F 381 19.12 -20.27 31.89
CA PRO F 381 20.17 -21.29 31.81
C PRO F 381 21.54 -20.68 32.07
N TYR F 382 22.38 -21.48 32.71
CA TYR F 382 23.75 -21.08 33.06
C TYR F 382 24.71 -22.14 32.56
N LYS F 383 25.87 -21.72 32.08
CA LYS F 383 26.87 -22.65 31.60
C LYS F 383 27.42 -23.48 32.75
N SER F 384 28.20 -24.50 32.41
CA SER F 384 28.83 -25.33 33.43
C SER F 384 29.76 -24.52 34.32
N SER F 385 30.32 -23.43 33.79
CA SER F 385 31.16 -22.54 34.58
C SER F 385 30.37 -21.62 35.49
N GLY F 386 29.06 -21.53 35.30
CA GLY F 386 28.22 -20.67 36.11
C GLY F 386 27.97 -19.28 35.58
N GLU F 387 28.47 -18.97 34.39
CA GLU F 387 28.27 -17.66 33.79
C GLU F 387 27.09 -17.70 32.81
N VAL F 388 26.60 -16.52 32.45
CA VAL F 388 25.35 -16.41 31.70
C VAL F 388 25.45 -17.18 30.38
N CYS F 389 24.40 -17.91 30.06
CA CYS F 389 24.34 -18.75 28.87
C CYS F 389 23.38 -18.09 27.89
N THR F 390 23.91 -17.15 27.10
CA THR F 390 23.12 -16.41 26.12
C THR F 390 22.81 -17.24 24.88
N GLU F 391 23.71 -18.12 24.47
CA GLU F 391 23.57 -18.88 23.24
C GLU F 391 23.70 -20.37 23.56
N TYR F 392 22.97 -21.19 22.80
CA TYR F 392 23.01 -22.63 23.02
C TYR F 392 24.40 -23.18 22.74
N GLN F 393 25.08 -22.67 21.70
CA GLN F 393 26.36 -23.23 21.29
C GLN F 393 27.35 -23.24 22.46
N GLN F 394 27.39 -22.18 23.24
CA GLN F 394 27.99 -22.25 24.57
C GLN F 394 27.06 -23.11 25.41
N VAL F 395 27.47 -24.34 25.70
CA VAL F 395 26.54 -25.32 26.25
C VAL F 395 26.12 -24.90 27.66
N CYS F 396 24.81 -24.90 27.90
CA CYS F 396 24.26 -24.59 29.22
C CYS F 396 24.03 -25.88 29.99
N GLN F 397 24.28 -25.83 31.29
CA GLN F 397 24.16 -27.00 32.14
C GLN F 397 23.28 -26.79 33.36
N THR F 398 23.31 -25.61 33.97
CA THR F 398 22.64 -25.34 35.23
C THR F 398 21.61 -24.24 35.08
N TRP F 399 21.01 -23.86 36.20
CA TRP F 399 19.94 -22.87 36.28
C TRP F 399 20.23 -21.92 37.42
N GLY F 400 20.03 -20.63 37.19
CA GLY F 400 20.29 -19.64 38.22
C GLY F 400 19.61 -18.33 37.94
N SER F 401 19.72 -17.42 38.92
CA SER F 401 19.08 -16.13 38.84
C SER F 401 19.86 -15.17 37.96
N VAL F 402 19.17 -14.18 37.43
CA VAL F 402 19.78 -13.14 36.60
C VAL F 402 20.67 -12.28 37.52
N PRO F 403 21.73 -11.69 37.01
CA PRO F 403 22.51 -10.75 37.84
C PRO F 403 21.65 -9.59 38.31
N SER F 404 21.99 -9.09 39.49
CA SER F 404 21.17 -8.06 40.16
C SER F 404 21.29 -6.75 39.40
N SER F 405 20.28 -6.45 38.58
CA SER F 405 20.18 -5.16 37.91
C SER F 405 19.03 -4.32 38.43
N THR F 406 18.04 -4.93 39.09
CA THR F 406 16.92 -4.22 39.68
C THR F 406 17.17 -3.80 41.12
N GLY F 407 18.38 -4.03 41.62
CA GLY F 407 18.72 -3.72 42.99
C GLY F 407 18.60 -4.88 43.95
N SER F 408 17.99 -5.99 43.55
CA SER F 408 17.86 -7.16 44.41
C SER F 408 17.79 -8.40 43.53
N THR F 409 18.07 -9.55 44.13
CA THR F 409 18.01 -10.83 43.46
C THR F 409 17.05 -11.74 44.22
N THR F 410 16.04 -12.24 43.51
CA THR F 410 15.05 -13.12 44.10
C THR F 410 15.38 -14.58 43.81
N GLY F 411 14.98 -15.46 44.72
CA GLY F 411 15.25 -16.87 44.54
C GLY F 411 14.49 -17.44 43.36
N VAL F 412 15.13 -18.38 42.68
CA VAL F 412 14.54 -19.05 41.53
C VAL F 412 13.66 -20.19 42.00
N LEU F 413 12.50 -20.35 41.36
CA LEU F 413 11.55 -21.37 41.75
C LEU F 413 11.66 -22.66 40.94
N PHE F 414 12.63 -22.76 40.05
CA PHE F 414 12.79 -23.96 39.23
C PHE F 414 14.28 -24.26 39.05
N ASN F 415 14.56 -25.51 38.70
CA ASN F 415 15.89 -25.92 38.28
C ASN F 415 16.02 -25.92 36.76
N GLY F 416 15.00 -25.46 36.05
CA GLY F 416 15.03 -25.47 34.60
C GLY F 416 14.91 -26.84 33.98
N THR F 417 14.71 -27.88 34.79
CA THR F 417 14.62 -29.24 34.30
C THR F 417 13.20 -29.80 34.39
N GLU F 418 12.22 -28.97 34.75
CA GLU F 418 10.86 -29.49 34.88
C GLU F 418 10.29 -29.92 33.53
N PHE F 419 10.47 -29.10 32.50
CA PHE F 419 9.92 -29.43 31.19
C PHE F 419 10.56 -30.71 30.64
N LEU F 420 11.89 -30.78 30.69
CA LEU F 420 12.58 -31.96 30.17
C LEU F 420 12.28 -33.19 31.01
N GLY F 421 12.20 -33.03 32.34
CA GLY F 421 11.84 -34.17 33.18
C GLY F 421 10.46 -34.70 32.87
N ALA F 422 9.51 -33.80 32.63
CA ALA F 422 8.17 -34.24 32.23
C ALA F 422 8.19 -34.91 30.87
N ILE F 423 9.02 -34.41 29.95
CA ILE F 423 9.14 -35.04 28.64
C ILE F 423 9.68 -36.46 28.77
N ASN F 424 10.73 -36.63 29.58
CA ASN F 424 11.25 -37.98 29.84
C ASN F 424 10.23 -38.85 30.55
N ASP F 425 9.41 -38.28 31.42
CA ASP F 425 8.33 -39.05 32.04
C ASP F 425 7.39 -39.59 30.97
N TYR F 426 6.99 -38.73 30.03
CA TYR F 426 6.12 -39.18 28.95
C TYR F 426 6.79 -40.27 28.12
N ASN F 427 8.07 -40.07 27.80
CA ASN F 427 8.77 -41.06 26.97
C ASN F 427 8.90 -42.39 27.70
N GLY F 428 9.21 -42.36 28.99
CA GLY F 428 9.32 -43.59 29.76
C GLY F 428 8.00 -44.32 29.91
N ILE F 429 6.90 -43.57 30.03
CA ILE F 429 5.59 -44.22 30.06
C ILE F 429 5.24 -44.81 28.69
N MET F 430 5.61 -44.11 27.61
CA MET F 430 5.27 -44.60 26.27
C MET F 430 6.12 -45.79 25.87
N MET F 431 7.34 -45.89 26.39
CA MET F 431 8.27 -46.93 25.93
C MET F 431 7.77 -48.36 26.09
N PRO F 432 7.14 -48.76 27.20
CA PRO F 432 6.68 -50.16 27.29
C PRO F 432 5.75 -50.58 26.18
N THR F 433 4.84 -49.71 25.74
CA THR F 433 3.95 -50.06 24.64
C THR F 433 4.73 -50.26 23.35
N LEU F 434 5.71 -49.40 23.08
CA LEU F 434 6.52 -49.56 21.88
C LEU F 434 7.33 -50.85 21.96
N ASN F 435 7.88 -51.17 23.13
CA ASN F 435 8.61 -52.41 23.31
C ASN F 435 7.70 -53.60 23.03
N LEU F 436 6.46 -53.53 23.51
CA LEU F 436 5.50 -54.60 23.26
C LEU F 436 5.21 -54.75 21.77
N ILE F 437 5.04 -53.63 21.06
CA ILE F 437 4.65 -53.76 19.66
C ILE F 437 5.83 -54.22 18.80
N ARG F 438 7.08 -53.88 19.17
CA ARG F 438 8.20 -54.43 18.41
C ARG F 438 8.22 -55.95 18.49
N GLN F 439 7.96 -56.51 19.66
CA GLN F 439 7.91 -57.96 19.83
C GLN F 439 6.71 -58.55 19.10
N SER F 442 14.59 -63.63 12.32
CA SER F 442 14.37 -62.56 13.27
C SER F 442 13.49 -61.47 12.68
N LYS F 443 13.61 -60.25 13.23
CA LYS F 443 12.83 -59.13 12.74
C LYS F 443 13.44 -58.49 11.49
N GLU F 444 14.69 -58.79 11.16
CA GLU F 444 15.32 -58.30 9.94
C GLU F 444 15.44 -59.36 8.86
N PHE F 445 15.51 -60.64 9.24
CA PHE F 445 15.56 -61.74 8.29
C PHE F 445 14.28 -62.55 8.40
N ASP F 446 13.59 -62.72 7.27
CA ASP F 446 12.28 -63.37 7.23
C ASP F 446 12.31 -64.58 6.31
N LYS F 447 11.40 -65.51 6.57
CA LYS F 447 11.26 -66.70 5.73
C LYS F 447 10.53 -66.40 4.43
N LYS F 448 9.76 -65.31 4.38
CA LYS F 448 9.02 -64.96 3.18
C LYS F 448 9.93 -64.85 1.97
N SER F 449 11.15 -64.34 2.18
CA SER F 449 12.12 -64.18 1.08
C SER F 449 12.46 -65.50 0.40
N ARG F 450 12.05 -66.63 0.96
CA ARG F 450 12.23 -67.91 0.29
C ARG F 450 11.00 -68.38 -0.46
N ASP F 451 9.81 -68.01 0.03
CA ASP F 451 8.59 -68.57 -0.57
C ASP F 451 8.49 -68.27 -2.05
N PHE F 452 9.11 -67.17 -2.51
CA PHE F 452 8.96 -66.81 -3.91
C PHE F 452 9.59 -67.82 -4.84
N ILE F 453 10.65 -68.53 -4.42
CA ILE F 453 11.17 -69.58 -5.29
C ILE F 453 10.11 -70.65 -5.53
N ALA F 454 9.31 -70.95 -4.49
CA ALA F 454 8.24 -71.93 -4.66
C ALA F 454 7.27 -71.52 -5.76
N GLU F 455 7.18 -70.22 -6.04
CA GLU F 455 6.36 -69.74 -7.15
C GLU F 455 7.14 -69.59 -8.43
N ALA F 456 8.45 -69.33 -8.33
CA ALA F 456 9.24 -69.00 -9.51
C ALA F 456 9.28 -70.15 -10.49
N ASN F 457 9.46 -71.38 -9.99
CA ASN F 457 9.47 -72.54 -10.86
C ASN F 457 8.17 -72.69 -11.62
N ALA F 458 7.07 -72.13 -11.11
CA ALA F 458 5.82 -72.18 -11.83
C ALA F 458 5.83 -71.25 -13.04
N LYS F 459 6.47 -70.08 -12.91
CA LYS F 459 6.38 -69.07 -13.95
C LYS F 459 7.18 -69.45 -15.19
N GLY F 460 8.40 -69.91 -15.00
CA GLY F 460 9.25 -70.26 -16.12
C GLY F 460 10.42 -69.31 -16.26
N TRP F 461 11.17 -69.50 -17.35
CA TRP F 461 12.42 -68.77 -17.54
C TRP F 461 12.20 -67.33 -17.97
N ILE F 462 11.10 -67.03 -18.66
CA ILE F 462 10.93 -65.68 -19.19
C ILE F 462 10.83 -64.66 -18.06
N MET F 463 10.23 -65.04 -16.93
CA MET F 463 9.90 -64.10 -15.88
C MET F 463 10.98 -64.06 -14.80
N ALA F 464 12.19 -64.53 -15.09
CA ALA F 464 13.27 -64.46 -14.12
C ALA F 464 13.69 -63.02 -13.83
N GLY F 465 13.40 -62.09 -14.73
CA GLY F 465 13.77 -60.71 -14.49
C GLY F 465 13.03 -60.09 -13.33
N SER F 466 11.72 -60.33 -13.25
CA SER F 466 10.89 -59.72 -12.22
C SER F 466 11.27 -60.16 -10.81
N TYR F 467 12.04 -61.25 -10.68
CA TYR F 467 12.49 -61.74 -9.39
C TYR F 467 13.77 -61.06 -8.92
N PHE F 468 14.41 -60.24 -9.76
CA PHE F 468 15.76 -59.75 -9.48
C PHE F 468 15.96 -59.24 -8.06
N PHE F 469 15.19 -58.22 -7.66
CA PHE F 469 15.46 -57.62 -6.36
C PHE F 469 15.30 -58.64 -5.25
N ASP F 470 14.35 -59.56 -5.39
CA ASP F 470 14.21 -60.64 -4.42
C ASP F 470 15.54 -61.34 -4.24
N LEU F 471 16.14 -61.80 -5.34
CA LEU F 471 17.44 -62.45 -5.27
C LEU F 471 18.44 -61.60 -4.52
N VAL F 472 18.46 -60.29 -4.80
CA VAL F 472 19.43 -59.42 -4.15
C VAL F 472 19.22 -59.44 -2.63
N LYS F 473 17.97 -59.29 -2.19
CA LYS F 473 17.73 -59.31 -0.76
C LYS F 473 18.01 -60.69 -0.18
N LEU F 474 17.89 -61.74 -1.01
CA LEU F 474 18.31 -63.06 -0.56
C LEU F 474 19.80 -63.09 -0.26
N ASN F 475 20.59 -62.43 -1.11
CA ASN F 475 22.02 -62.28 -0.79
C ASN F 475 22.21 -61.51 0.50
N GLY F 476 21.26 -60.62 0.84
CA GLY F 476 21.30 -59.98 2.13
C GLY F 476 21.03 -60.93 3.27
N SER F 477 20.11 -61.88 3.06
CA SER F 477 19.72 -62.78 4.14
C SER F 477 20.80 -63.82 4.42
N ALA F 478 21.39 -64.39 3.37
CA ALA F 478 22.36 -65.46 3.54
C ALA F 478 23.69 -65.00 4.12
N THR F 479 24.00 -63.70 4.02
CA THR F 479 25.25 -63.17 4.53
C THR F 479 25.10 -62.44 5.86
N GLU F 480 24.12 -61.55 5.97
CA GLU F 480 23.90 -60.80 7.20
C GLU F 480 23.29 -61.68 8.28
N ASP F 483 13.35 -44.30 15.83
CA ASP F 483 14.17 -45.05 16.77
C ASP F 483 13.35 -45.48 17.98
N GLN F 484 13.99 -45.48 19.16
CA GLN F 484 13.31 -45.84 20.39
C GLN F 484 12.33 -44.78 20.85
N PHE F 485 12.56 -43.52 20.50
CA PHE F 485 11.65 -42.45 20.87
C PHE F 485 10.39 -42.50 20.01
N ASP F 486 9.25 -42.22 20.63
CA ASP F 486 7.97 -42.29 19.93
C ASP F 486 7.91 -41.24 18.83
N THR F 487 7.45 -41.66 17.65
CA THR F 487 7.35 -40.80 16.49
C THR F 487 5.93 -40.87 15.93
N GLY F 488 5.38 -39.71 15.57
CA GLY F 488 4.03 -39.67 15.04
C GLY F 488 2.94 -39.53 16.08
N THR F 489 3.25 -38.97 17.25
CA THR F 489 2.23 -38.80 18.28
C THR F 489 1.13 -37.85 17.82
N GLY F 490 1.44 -36.94 16.91
CA GLY F 490 0.46 -35.99 16.44
C GLY F 490 0.19 -34.83 17.37
N LEU F 491 0.96 -34.72 18.46
CA LEU F 491 0.77 -33.60 19.37
C LEU F 491 1.13 -32.27 18.73
N ASP F 492 1.84 -32.28 17.61
CA ASP F 492 2.12 -31.05 16.89
C ASP F 492 0.85 -30.41 16.34
N LYS F 493 -0.18 -31.23 16.06
CA LYS F 493 -1.43 -30.69 15.55
C LYS F 493 -2.18 -29.85 16.57
N SER F 494 -1.78 -29.89 17.84
CA SER F 494 -2.43 -29.10 18.87
C SER F 494 -2.16 -27.62 18.65
N SER F 495 -3.01 -26.79 19.25
CA SER F 495 -2.91 -25.34 19.11
C SER F 495 -3.25 -24.68 20.44
N PHE F 496 -2.75 -23.46 20.60
CA PHE F 496 -3.03 -22.69 21.81
C PHE F 496 -2.88 -21.21 21.47
N ASP F 497 -4.00 -20.50 21.38
CA ASP F 497 -3.98 -19.08 21.03
C ASP F 497 -4.30 -18.26 22.26
N PRO F 498 -3.35 -17.49 22.81
CA PRO F 498 -3.66 -16.65 23.98
C PRO F 498 -4.43 -15.40 23.62
N THR F 499 -4.45 -14.99 22.35
CA THR F 499 -5.21 -13.80 21.97
C THR F 499 -6.71 -14.02 22.06
N GLN F 500 -7.16 -15.27 21.97
CA GLN F 500 -8.59 -15.56 21.96
C GLN F 500 -9.29 -14.97 23.18
N LEU F 501 -8.61 -14.96 24.33
CA LEU F 501 -9.19 -14.41 25.55
C LEU F 501 -9.64 -12.97 25.35
N THR F 502 -8.84 -12.18 24.63
CA THR F 502 -9.19 -10.79 24.35
C THR F 502 -9.85 -10.62 22.99
N LYS F 503 -10.09 -11.71 22.27
CA LYS F 503 -10.69 -11.58 20.94
C LYS F 503 -12.10 -10.99 20.96
N PRO F 504 -13.04 -11.46 21.78
CA PRO F 504 -14.43 -10.98 21.65
C PRO F 504 -14.61 -9.51 21.97
N PHE F 505 -13.71 -8.90 22.75
CA PHE F 505 -13.93 -7.54 23.21
C PHE F 505 -13.85 -6.54 22.07
N GLY F 506 -14.65 -5.49 22.17
CA GLY F 506 -14.67 -4.46 21.17
C GLY F 506 -15.57 -3.32 21.58
N LYS F 507 -16.00 -2.54 20.59
CA LYS F 507 -16.99 -1.50 20.85
C LYS F 507 -18.24 -2.10 21.45
N THR F 508 -18.76 -3.15 20.84
CA THR F 508 -19.77 -4.02 21.42
C THR F 508 -19.32 -5.46 21.16
N CYS F 509 -19.06 -6.20 22.22
CA CYS F 509 -18.41 -7.50 22.06
C CYS F 509 -19.27 -8.46 21.25
N GLN F 510 -18.59 -9.29 20.46
CA GLN F 510 -19.23 -10.17 19.50
C GLN F 510 -18.93 -11.63 19.84
N ASP F 511 -19.36 -12.51 18.96
CA ASP F 511 -19.18 -13.95 19.13
C ASP F 511 -17.70 -14.31 19.01
N PRO F 512 -17.29 -15.47 19.53
CA PRO F 512 -18.08 -16.52 20.19
C PRO F 512 -18.17 -16.37 21.71
N TYR F 513 -17.38 -15.48 22.30
CA TYR F 513 -17.29 -15.36 23.76
C TYR F 513 -18.02 -14.13 24.29
N SER F 514 -19.18 -13.82 23.72
CA SER F 514 -19.94 -12.64 24.15
C SER F 514 -20.28 -12.70 25.63
N LEU F 515 -20.60 -13.91 26.14
CA LEU F 515 -20.94 -14.05 27.54
C LEU F 515 -19.76 -13.67 28.44
N LEU F 516 -18.55 -14.05 28.03
CA LEU F 516 -17.37 -13.69 28.81
C LEU F 516 -17.21 -12.18 28.90
N CYS F 517 -17.44 -11.48 27.79
CA CYS F 517 -17.37 -10.01 27.83
C CYS F 517 -18.46 -9.43 28.71
N THR F 518 -19.69 -9.92 28.57
CA THR F 518 -20.79 -9.36 29.34
C THR F 518 -20.61 -9.61 30.83
N TRP F 519 -19.91 -10.68 31.19
CA TRP F 519 -19.59 -10.90 32.60
C TRP F 519 -18.63 -9.83 33.12
N PHE F 520 -17.69 -9.39 32.28
CA PHE F 520 -16.74 -8.35 32.66
C PHE F 520 -17.21 -6.95 32.29
N GLN F 521 -18.41 -6.82 31.74
CA GLN F 521 -18.96 -5.53 31.33
C GLN F 521 -18.04 -4.82 30.34
N ASN F 522 -17.62 -5.55 29.31
CA ASN F 522 -16.82 -5.01 28.21
C ASN F 522 -15.55 -4.33 28.73
N LYS F 523 -14.91 -4.94 29.73
CA LYS F 523 -13.66 -4.44 30.28
C LYS F 523 -12.67 -5.60 30.34
N SER F 524 -11.76 -5.66 29.38
CA SER F 524 -10.81 -6.75 29.26
C SER F 524 -9.50 -6.47 30.00
N ASP F 525 -9.54 -5.64 31.03
CA ASP F 525 -8.33 -5.31 31.79
C ASP F 525 -7.87 -6.48 32.66
N LYS F 526 -8.65 -7.55 32.79
CA LYS F 526 -8.28 -8.67 33.63
C LYS F 526 -7.74 -9.86 32.84
N LEU F 527 -8.05 -9.95 31.55
CA LEU F 527 -7.44 -10.97 30.69
C LEU F 527 -6.19 -10.48 29.99
N ILE F 528 -5.99 -9.15 29.93
CA ILE F 528 -4.73 -8.64 29.42
C ILE F 528 -3.60 -9.03 30.36
N GLN F 529 -3.89 -9.19 31.66
CA GLN F 529 -2.91 -9.74 32.58
C GLN F 529 -2.61 -11.19 32.26
N ILE F 530 -3.62 -11.95 31.83
CA ILE F 530 -3.40 -13.31 31.37
C ILE F 530 -2.43 -13.31 30.21
N GLN F 531 -2.66 -12.41 29.24
CA GLN F 531 -1.78 -12.32 28.08
C GLN F 531 -0.37 -11.91 28.48
N SER F 532 -0.24 -11.01 29.45
CA SER F 532 1.08 -10.58 29.88
C SER F 532 1.83 -11.68 30.60
N LEU F 533 1.12 -12.52 31.36
CA LEU F 533 1.76 -13.71 31.91
C LEU F 533 2.10 -14.71 30.81
N ILE F 534 1.32 -14.70 29.72
CA ILE F 534 1.58 -15.59 28.60
C ILE F 534 2.90 -15.23 27.91
N ASP F 535 3.00 -14.01 27.38
CA ASP F 535 4.17 -13.67 26.59
C ASP F 535 4.65 -12.24 26.84
N GLY F 536 4.44 -11.73 28.05
CA GLY F 536 4.98 -10.42 28.40
C GLY F 536 4.13 -9.24 27.99
N VAL F 537 3.54 -9.31 26.79
CA VAL F 537 2.76 -8.17 26.28
C VAL F 537 1.50 -8.01 27.13
N PRO F 538 1.24 -6.82 27.68
CA PRO F 538 1.97 -5.58 27.53
C PRO F 538 2.67 -5.14 28.81
N ALA F 539 2.66 -5.95 29.88
CA ALA F 539 3.29 -5.55 31.12
C ALA F 539 4.79 -5.35 30.98
N LEU F 540 5.39 -5.94 29.96
CA LEU F 540 6.81 -5.81 29.68
C LEU F 540 7.04 -5.22 28.29
N GLY F 541 6.24 -4.22 27.93
CA GLY F 541 6.33 -3.63 26.61
C GLY F 541 5.58 -4.43 25.57
N GLN F 542 5.56 -3.89 24.36
CA GLN F 542 4.84 -4.50 23.25
C GLN F 542 5.70 -5.50 22.46
N ASP F 543 6.95 -5.70 22.86
CA ASP F 543 7.82 -6.61 22.11
C ASP F 543 7.42 -8.07 22.34
N GLY F 544 7.46 -8.52 23.59
CA GLY F 544 7.08 -9.88 23.91
C GLY F 544 8.07 -10.90 23.37
N VAL F 545 7.65 -12.16 23.48
CA VAL F 545 8.43 -13.30 22.98
C VAL F 545 7.51 -14.15 22.12
N LYS F 546 8.00 -14.57 20.96
CA LYS F 546 7.20 -15.35 20.04
C LYS F 546 7.11 -16.80 20.50
N GLN F 547 6.27 -17.58 19.83
CA GLN F 547 6.13 -18.98 20.15
C GLN F 547 7.44 -19.71 19.89
N PRO F 548 7.96 -20.49 20.84
CA PRO F 548 9.25 -21.14 20.65
C PRO F 548 9.13 -22.29 19.66
N ASP F 549 9.98 -22.28 18.64
CA ASP F 549 10.04 -23.39 17.70
C ASP F 549 10.64 -24.59 18.43
N LEU F 550 9.80 -25.53 18.82
CA LEU F 550 10.24 -26.64 19.64
C LEU F 550 11.08 -27.65 18.85
N SER F 551 11.15 -27.51 17.53
CA SER F 551 12.08 -28.32 16.77
C SER F 551 13.51 -27.98 17.15
N ASP F 552 14.43 -28.91 16.86
CA ASP F 552 15.83 -28.71 17.21
C ASP F 552 16.41 -27.50 16.51
N ASN F 553 16.72 -26.46 17.27
CA ASN F 553 17.31 -25.22 16.75
C ASN F 553 18.56 -24.93 17.56
N PRO F 554 19.72 -25.38 17.09
CA PRO F 554 20.96 -25.17 17.86
C PRO F 554 21.33 -23.71 18.05
N GLN F 555 20.80 -22.80 17.25
CA GLN F 555 21.03 -21.37 17.44
C GLN F 555 19.95 -20.72 18.27
N ARG F 556 19.31 -21.47 19.17
CA ARG F 556 18.27 -20.91 20.01
C ARG F 556 18.86 -19.86 20.94
N GLN F 557 18.30 -18.66 20.90
CA GLN F 557 18.79 -17.53 21.67
C GLN F 557 18.00 -17.42 22.97
N SER F 558 18.70 -17.21 24.08
CA SER F 558 18.04 -17.11 25.37
C SER F 558 17.30 -15.78 25.50
N VAL F 559 16.27 -15.80 26.35
CA VAL F 559 15.57 -14.58 26.73
C VAL F 559 16.18 -14.08 28.03
N SER F 560 16.60 -12.82 28.05
CA SER F 560 17.32 -12.25 29.18
C SER F 560 16.51 -11.11 29.79
N GLY F 561 16.76 -10.86 31.07
CA GLY F 561 16.09 -9.80 31.78
C GLY F 561 14.70 -10.19 32.22
N PRO F 562 13.84 -9.19 32.41
CA PRO F 562 12.49 -9.47 32.91
C PRO F 562 11.71 -10.40 32.00
N LEU F 563 11.99 -10.40 30.70
CA LEU F 563 11.27 -11.27 29.78
C LEU F 563 11.53 -12.75 30.06
N SER F 564 12.56 -13.07 30.87
CA SER F 564 12.78 -14.44 31.27
C SER F 564 11.73 -14.94 32.26
N SER F 565 10.89 -14.06 32.79
CA SER F 565 9.90 -14.44 33.80
C SER F 565 8.49 -14.53 33.22
N THR F 566 8.37 -15.04 32.00
CA THR F 566 7.08 -15.35 31.39
C THR F 566 7.08 -16.82 30.99
N VAL F 567 5.88 -17.39 30.86
CA VAL F 567 5.78 -18.82 30.59
C VAL F 567 6.38 -19.16 29.23
N TYR F 568 6.12 -18.33 28.23
CA TYR F 568 6.66 -18.58 26.90
C TYR F 568 8.18 -18.49 26.91
N GLY F 569 8.71 -17.43 27.53
CA GLY F 569 10.16 -17.32 27.67
C GLY F 569 10.74 -18.42 28.52
N PHE F 570 10.00 -18.87 29.54
CA PHE F 570 10.48 -19.98 30.36
C PHE F 570 10.60 -21.25 29.54
N VAL F 571 9.62 -21.53 28.69
CA VAL F 571 9.70 -22.71 27.84
C VAL F 571 10.86 -22.58 26.86
N ASN F 572 11.03 -21.40 26.27
CA ASN F 572 12.14 -21.19 25.34
C ASN F 572 13.49 -21.39 26.03
N ASN F 573 13.61 -20.89 27.26
CA ASN F 573 14.86 -21.03 28.00
C ASN F 573 15.09 -22.46 28.44
N SER F 574 14.02 -23.16 28.81
CA SER F 574 14.14 -24.54 29.28
C SER F 574 14.47 -25.49 28.15
N MET F 575 14.06 -25.17 26.93
CA MET F 575 14.36 -26.05 25.80
C MET F 575 15.85 -26.11 25.46
N MET F 576 16.71 -25.45 26.23
CA MET F 576 18.14 -25.41 25.95
C MET F 576 18.99 -26.13 26.97
N VAL F 577 18.52 -26.29 28.20
CA VAL F 577 19.35 -26.90 29.23
C VAL F 577 19.69 -28.34 28.85
N GLN F 578 20.88 -28.78 29.24
CA GLN F 578 21.41 -30.07 28.87
C GLN F 578 21.31 -31.01 30.07
N LEU F 579 20.64 -32.13 29.87
CA LEU F 579 20.64 -33.16 30.91
C LEU F 579 21.91 -33.99 30.83
N PRO F 580 22.38 -34.53 31.96
CA PRO F 580 23.57 -35.38 31.97
C PRO F 580 23.29 -36.81 31.47
N GLY F 581 22.68 -36.90 30.29
CA GLY F 581 22.29 -38.18 29.73
C GLY F 581 22.96 -38.48 28.41
N GLN F 582 24.27 -38.21 28.32
CA GLN F 582 25.05 -38.43 27.10
C GLN F 582 24.48 -37.59 25.96
N PRO F 583 24.68 -36.27 25.99
CA PRO F 583 23.99 -35.38 25.04
C PRO F 583 24.28 -35.75 23.59
N GLY F 584 23.26 -35.63 22.75
CA GLY F 584 23.37 -36.00 21.36
C GLY F 584 22.88 -34.95 20.39
N ILE F 585 22.63 -33.74 20.87
CA ILE F 585 22.25 -32.64 19.99
C ILE F 585 23.47 -32.18 19.23
N LYS F 586 23.34 -32.06 17.91
CA LYS F 586 24.47 -31.80 17.04
C LYS F 586 24.59 -30.32 16.76
N PRO F 587 25.66 -29.65 17.20
CA PRO F 587 25.90 -28.27 16.74
C PRO F 587 26.04 -28.24 15.23
N LEU F 588 25.54 -27.16 14.64
CA LEU F 588 25.49 -27.06 13.18
C LEU F 588 26.89 -26.92 12.61
N THR F 589 27.10 -27.55 11.45
CA THR F 589 28.40 -27.58 10.80
C THR F 589 28.60 -26.45 9.79
N PHE F 590 27.52 -25.95 9.19
CA PHE F 590 27.61 -24.90 8.17
C PHE F 590 26.99 -23.64 8.75
N ALA F 591 27.79 -22.87 9.48
CA ALA F 591 27.29 -21.66 10.11
C ALA F 591 28.22 -20.46 9.95
N ASN F 592 29.31 -20.59 9.20
CA ASN F 592 30.25 -19.51 9.00
C ASN F 592 30.50 -19.18 7.54
N LEU F 593 30.23 -20.10 6.63
CA LEU F 593 30.42 -19.86 5.20
C LEU F 593 29.22 -19.19 4.54
N ILE F 594 28.11 -19.06 5.26
CA ILE F 594 26.95 -18.33 4.78
C ILE F 594 26.57 -17.33 5.87
N ASN F 595 26.86 -16.06 5.65
CA ASN F 595 26.63 -15.02 6.62
C ASN F 595 25.48 -14.14 6.17
N PHE F 596 24.53 -13.89 7.07
CA PHE F 596 23.38 -13.03 6.80
C PHE F 596 23.48 -11.81 7.72
N LYS F 597 23.98 -10.70 7.18
CA LYS F 597 24.11 -9.46 7.94
C LYS F 597 22.88 -8.58 7.82
N VAL F 598 21.71 -9.15 7.55
CA VAL F 598 20.49 -8.36 7.44
C VAL F 598 20.07 -7.91 8.82
N ASP F 599 19.85 -6.61 8.97
CA ASP F 599 19.43 -6.02 10.23
C ASP F 599 18.11 -5.28 10.04
N THR F 600 17.23 -5.41 11.02
CA THR F 600 15.93 -4.75 10.98
C THR F 600 15.98 -3.35 11.59
N SER F 601 17.13 -2.91 12.06
CA SER F 601 17.26 -1.57 12.62
C SER F 601 17.40 -0.51 11.54
N LEU F 602 17.62 -0.92 10.29
CA LEU F 602 17.82 0.04 9.21
C LEU F 602 16.53 0.76 8.82
N TYR F 603 15.37 0.12 9.04
CA TYR F 603 14.08 0.69 8.66
C TYR F 603 13.24 1.09 9.85
N TYR F 604 13.83 1.16 11.04
CA TYR F 604 13.07 1.55 12.22
C TYR F 604 12.63 3.00 12.11
N MET F 605 11.38 3.26 12.45
CA MET F 605 10.83 4.61 12.39
C MET F 605 11.00 5.29 13.74
N LYS F 606 11.52 6.51 13.72
CA LYS F 606 11.87 7.21 14.95
C LYS F 606 10.66 7.88 15.57
N HIS F 607 10.83 8.38 16.79
CA HIS F 607 9.78 9.07 17.53
C HIS F 607 9.98 10.56 17.32
N GLN F 608 9.12 11.16 16.50
CA GLN F 608 9.23 12.59 16.19
C GLN F 608 8.52 13.46 17.21
N ASP F 609 9.00 14.70 17.32
CA ASP F 609 8.45 15.70 18.23
C ASP F 609 7.85 16.82 17.39
N PHE F 610 6.55 16.73 17.11
CA PHE F 610 5.90 17.74 16.31
C PHE F 610 5.74 19.02 17.11
N ASP F 611 5.87 20.17 16.43
CA ASP F 611 5.66 21.44 17.09
C ASP F 611 4.21 21.55 17.56
N CYS F 612 4.04 22.10 18.76
CA CYS F 612 2.71 22.18 19.38
C CYS F 612 1.84 23.14 18.57
N GLY F 613 0.77 22.62 17.99
CA GLY F 613 -0.16 23.44 17.25
C GLY F 613 -1.14 24.14 18.18
N ARG F 614 -0.67 25.19 18.85
CA ARG F 614 -1.46 25.88 19.86
C ARG F 614 -2.79 26.38 19.29
N VAL F 615 -3.89 25.79 19.75
CA VAL F 615 -5.23 26.27 19.45
C VAL F 615 -5.84 26.73 20.76
N LYS F 616 -6.55 27.86 20.71
CA LYS F 616 -7.10 28.48 21.91
C LYS F 616 -8.62 28.54 21.79
N ILE F 617 -9.29 28.01 22.80
CA ILE F 617 -10.71 28.18 22.97
C ILE F 617 -10.91 29.22 24.08
N LEU F 618 -12.16 29.61 24.31
CA LEU F 618 -12.48 30.79 25.12
C LEU F 618 -11.55 30.96 26.32
N PHE F 619 -11.41 29.92 27.14
CA PHE F 619 -10.38 29.88 28.18
C PHE F 619 -9.72 28.51 28.24
N PHE F 620 -9.37 27.96 27.08
CA PHE F 620 -8.71 26.68 27.00
C PHE F 620 -7.63 26.74 25.93
N SER F 621 -6.67 25.82 26.00
CA SER F 621 -5.58 25.80 25.05
C SER F 621 -4.95 24.41 25.03
N PHE F 622 -4.77 23.85 23.85
CA PHE F 622 -4.14 22.55 23.71
C PHE F 622 -3.48 22.45 22.33
N CYS F 623 -2.55 21.51 22.22
CA CYS F 623 -1.79 21.32 20.99
C CYS F 623 -2.53 20.33 20.10
N LEU F 624 -3.34 20.85 19.19
CA LEU F 624 -4.05 19.98 18.25
C LEU F 624 -3.08 19.29 17.31
N GLY F 625 -2.12 20.04 16.75
CA GLY F 625 -1.18 19.45 15.82
C GLY F 625 -0.29 18.41 16.47
N ARG F 626 0.21 18.72 17.67
CA ARG F 626 1.07 17.76 18.37
C ARG F 626 0.30 16.49 18.70
N MET F 627 -0.94 16.63 19.16
CA MET F 627 -1.75 15.45 19.48
C MET F 627 -2.03 14.62 18.24
N MET F 628 -2.37 15.28 17.13
CA MET F 628 -2.62 14.57 15.88
C MET F 628 -1.38 13.81 15.42
N GLY F 629 -0.22 14.46 15.47
CA GLY F 629 1.00 13.80 15.08
C GLY F 629 1.36 12.64 15.98
N ASP F 630 1.18 12.81 17.29
CA ASP F 630 1.49 11.75 18.23
C ASP F 630 0.56 10.55 18.06
N LEU F 631 -0.70 10.80 17.73
CA LEU F 631 -1.65 9.69 17.70
C LEU F 631 -1.64 9.00 16.35
N PHE F 632 -1.75 9.76 15.26
CA PHE F 632 -1.84 9.13 13.95
C PHE F 632 -0.50 8.58 13.49
N TYR F 633 0.60 9.27 13.79
CA TYR F 633 1.90 8.85 13.32
C TYR F 633 2.72 8.14 14.39
N ASN F 634 2.88 8.76 15.56
CA ASN F 634 3.77 8.21 16.57
C ASN F 634 3.19 6.98 17.25
N TYR F 635 1.87 6.76 17.18
CA TYR F 635 1.25 5.66 17.89
C TYR F 635 0.37 4.76 17.03
N VAL F 636 0.10 5.12 15.79
CA VAL F 636 -0.66 4.28 14.87
C VAL F 636 0.23 3.78 13.72
N PHE F 637 0.82 4.69 12.96
CA PHE F 637 1.76 4.29 11.91
C PHE F 637 2.98 3.62 12.54
N ARG F 638 3.54 4.24 13.57
CA ARG F 638 4.72 3.68 14.23
C ARG F 638 4.42 2.31 14.82
N TYR F 639 3.27 2.17 15.48
CA TYR F 639 2.93 0.89 16.09
C TYR F 639 2.81 -0.21 15.03
N VAL F 640 2.09 0.07 13.95
CA VAL F 640 1.89 -0.94 12.92
C VAL F 640 3.21 -1.31 12.25
N TYR F 641 4.02 -0.30 11.92
CA TYR F 641 5.28 -0.56 11.23
C TYR F 641 6.24 -1.34 12.12
N ASN F 642 6.34 -0.95 13.39
CA ASN F 642 7.22 -1.67 14.30
C ASN F 642 6.70 -3.08 14.57
N PHE F 643 5.38 -3.26 14.60
CA PHE F 643 4.82 -4.60 14.72
C PHE F 643 5.24 -5.48 13.56
N PHE F 644 5.14 -4.95 12.34
CA PHE F 644 5.57 -5.71 11.17
C PHE F 644 7.07 -6.03 11.23
N LEU F 645 7.88 -5.04 11.62
CA LEU F 645 9.32 -5.28 11.68
C LEU F 645 9.67 -6.33 12.73
N ALA F 646 9.02 -6.27 13.90
CA ALA F 646 9.28 -7.23 14.96
C ALA F 646 8.84 -8.63 14.59
N ILE F 647 7.67 -8.80 13.98
CA ILE F 647 7.29 -10.14 13.55
C ILE F 647 8.21 -10.62 12.43
N PHE F 648 8.76 -9.67 11.67
CA PHE F 648 9.55 -10.01 10.49
C PHE F 648 10.97 -10.46 10.85
N GLY F 649 11.54 -9.93 11.93
CA GLY F 649 12.90 -10.28 12.29
C GLY F 649 13.15 -11.75 12.60
N GLU F 650 12.41 -12.29 13.57
CA GLU F 650 12.51 -13.71 13.88
C GLU F 650 12.10 -14.58 12.70
N MET F 651 11.20 -14.08 11.86
CA MET F 651 10.87 -14.79 10.64
C MET F 651 12.09 -14.91 9.73
N ILE F 652 12.85 -13.82 9.58
CA ILE F 652 14.12 -13.93 8.85
C ILE F 652 15.00 -14.99 9.47
N ASN F 653 15.17 -14.93 10.79
CA ASN F 653 16.06 -15.88 11.44
C ASN F 653 15.67 -17.31 11.10
N SER F 654 14.39 -17.66 11.30
CA SER F 654 13.95 -19.04 11.08
C SER F 654 14.02 -19.41 9.60
N ILE F 655 13.54 -18.52 8.72
CA ILE F 655 13.49 -18.84 7.29
C ILE F 655 14.87 -19.08 6.74
N VAL F 656 15.79 -18.15 6.98
CA VAL F 656 17.15 -18.30 6.48
C VAL F 656 17.82 -19.51 7.11
N MET F 657 17.56 -19.74 8.41
CA MET F 657 18.16 -20.90 9.07
C MET F 657 17.75 -22.19 8.36
N ALA F 658 16.45 -22.35 8.11
CA ALA F 658 15.99 -23.54 7.39
C ALA F 658 16.65 -23.62 6.03
N PHE F 659 16.58 -22.54 5.26
CA PHE F 659 17.03 -22.56 3.87
C PHE F 659 18.50 -22.91 3.74
N LEU F 660 19.35 -22.39 4.63
CA LEU F 660 20.77 -22.71 4.49
C LEU F 660 21.14 -24.01 5.19
N MET F 661 20.72 -24.20 6.44
CA MET F 661 21.07 -25.42 7.16
C MET F 661 20.49 -26.67 6.53
N ILE F 662 19.16 -26.79 6.56
CA ILE F 662 18.54 -28.11 6.50
C ILE F 662 18.92 -28.88 5.24
N PRO F 663 18.90 -28.30 4.04
CA PRO F 663 19.33 -29.09 2.86
C PRO F 663 20.76 -29.60 2.97
N LEU F 664 21.72 -28.71 3.23
CA LEU F 664 23.12 -29.11 3.27
C LEU F 664 23.39 -30.07 4.43
N GLN F 665 22.85 -29.78 5.61
CA GLN F 665 23.09 -30.65 6.76
C GLN F 665 22.47 -32.02 6.55
N GLY F 666 21.25 -32.07 6.01
CA GLY F 666 20.64 -33.34 5.70
C GLY F 666 21.43 -34.12 4.68
N MET F 667 21.94 -33.44 3.65
CA MET F 667 22.80 -34.09 2.67
C MET F 667 24.02 -34.72 3.35
N LYS F 668 24.68 -33.93 4.19
CA LYS F 668 25.89 -34.40 4.86
C LYS F 668 25.60 -35.61 5.73
N ASP F 669 24.53 -35.54 6.54
CA ASP F 669 24.28 -36.64 7.47
C ASP F 669 23.74 -37.87 6.75
N ILE F 670 23.05 -37.69 5.61
CA ILE F 670 22.57 -38.85 4.87
C ILE F 670 23.74 -39.58 4.23
N PHE F 671 24.70 -38.84 3.65
CA PHE F 671 25.93 -39.49 3.22
C PHE F 671 26.69 -40.13 4.37
N ILE F 672 26.73 -39.47 5.53
CA ILE F 672 27.49 -40.03 6.66
C ILE F 672 26.91 -41.38 7.05
N VAL F 673 25.58 -41.44 7.20
CA VAL F 673 24.97 -42.71 7.61
C VAL F 673 25.06 -43.74 6.48
N GLY F 674 24.95 -43.31 5.21
CA GLY F 674 25.09 -44.26 4.13
C GLY F 674 26.47 -44.88 4.07
N VAL F 675 27.51 -44.07 4.22
CA VAL F 675 28.86 -44.59 4.28
C VAL F 675 29.02 -45.53 5.48
N GLN F 676 28.50 -45.11 6.64
CA GLN F 676 28.64 -45.96 7.83
C GLN F 676 27.99 -47.32 7.62
N THR F 677 26.85 -47.35 6.93
CA THR F 677 26.23 -48.62 6.60
C THR F 677 27.07 -49.40 5.60
N LEU F 678 27.72 -48.70 4.66
CA LEU F 678 28.47 -49.39 3.62
C LEU F 678 29.78 -49.99 4.13
N THR F 679 30.42 -49.38 5.13
CA THR F 679 31.72 -49.88 5.57
C THR F 679 31.65 -51.31 6.10
N GLN F 680 30.50 -51.71 6.63
CA GLN F 680 30.40 -53.05 7.17
C GLN F 680 30.49 -54.07 6.05
N PRO F 681 31.49 -54.96 6.06
CA PRO F 681 31.63 -55.93 4.95
C PRO F 681 30.44 -56.85 4.81
N GLY F 682 29.78 -57.21 5.92
CA GLY F 682 28.65 -58.10 5.84
C GLY F 682 27.38 -57.46 5.30
N ILE F 683 27.28 -56.13 5.36
CA ILE F 683 26.08 -55.44 4.94
C ILE F 683 25.99 -55.46 3.41
N ASN F 684 24.83 -55.86 2.91
CA ASN F 684 24.63 -55.93 1.47
C ASN F 684 24.72 -54.54 0.86
N PRO F 685 25.46 -54.36 -0.23
CA PRO F 685 25.66 -53.01 -0.76
C PRO F 685 24.47 -52.47 -1.53
N ILE F 686 23.78 -53.33 -2.28
CA ILE F 686 22.67 -52.87 -3.11
C ILE F 686 21.54 -52.33 -2.24
N VAL F 687 21.15 -53.09 -1.22
CA VAL F 687 20.08 -52.65 -0.33
C VAL F 687 20.54 -51.45 0.48
N ALA F 688 21.82 -51.37 0.82
CA ALA F 688 22.35 -50.20 1.52
C ALA F 688 22.18 -48.95 0.67
N LEU F 689 22.54 -49.03 -0.61
CA LEU F 689 22.38 -47.89 -1.51
C LEU F 689 20.90 -47.56 -1.70
N ALA F 690 20.05 -48.59 -1.77
CA ALA F 690 18.61 -48.35 -1.89
C ALA F 690 18.07 -47.61 -0.68
N ASN F 691 18.49 -48.00 0.52
CA ASN F 691 18.06 -47.31 1.73
C ASN F 691 18.59 -45.88 1.76
N MET F 692 19.83 -45.67 1.30
CA MET F 692 20.37 -44.32 1.22
C MET F 692 19.53 -43.47 0.27
N GLY F 693 19.18 -44.02 -0.89
CA GLY F 693 18.37 -43.27 -1.84
C GLY F 693 16.99 -42.97 -1.33
N THR F 694 16.36 -43.92 -0.64
CA THR F 694 15.03 -43.66 -0.11
C THR F 694 15.07 -42.69 1.06
N MET F 695 16.18 -42.65 1.80
CA MET F 695 16.36 -41.61 2.79
C MET F 695 16.52 -40.25 2.14
N TYR F 696 17.22 -40.20 1.01
CA TYR F 696 17.33 -38.95 0.25
C TYR F 696 15.95 -38.47 -0.21
N ILE F 697 15.16 -39.40 -0.76
CA ILE F 697 13.83 -39.02 -1.26
C ILE F 697 12.94 -38.58 -0.11
N ASN F 698 12.94 -39.32 0.99
CA ASN F 698 12.09 -38.97 2.12
C ASN F 698 12.49 -37.62 2.70
N PHE F 699 13.79 -37.35 2.81
CA PHE F 699 14.23 -36.07 3.34
C PHE F 699 13.92 -34.93 2.40
N SER F 700 14.12 -35.14 1.09
CA SER F 700 13.91 -34.05 0.13
C SER F 700 12.45 -33.61 0.09
N GLY F 701 11.51 -34.55 0.09
CA GLY F 701 10.11 -34.19 0.07
C GLY F 701 9.68 -33.44 1.32
N THR F 702 10.06 -33.96 2.49
CA THR F 702 9.69 -33.32 3.74
C THR F 702 10.33 -31.94 3.86
N LEU F 703 11.60 -31.83 3.49
CA LEU F 703 12.27 -30.54 3.54
C LEU F 703 11.62 -29.54 2.58
N TRP F 704 11.28 -29.98 1.38
CA TRP F 704 10.64 -29.10 0.42
C TRP F 704 9.28 -28.63 0.93
N LEU F 705 8.51 -29.54 1.54
CA LEU F 705 7.19 -29.14 2.03
C LEU F 705 7.32 -28.21 3.23
N THR F 706 8.31 -28.43 4.09
CA THR F 706 8.55 -27.50 5.18
C THR F 706 8.94 -26.13 4.65
N LEU F 707 9.77 -26.10 3.61
CA LEU F 707 10.15 -24.84 2.99
C LEU F 707 8.92 -24.13 2.44
N LEU F 708 8.04 -24.88 1.76
CA LEU F 708 6.83 -24.27 1.21
C LEU F 708 5.93 -23.74 2.31
N ASN F 709 5.73 -24.52 3.37
CA ASN F 709 4.85 -24.10 4.46
C ASN F 709 5.40 -22.87 5.15
N MET F 710 6.70 -22.81 5.36
CA MET F 710 7.30 -21.64 6.00
C MET F 710 7.40 -20.44 5.06
N ALA F 711 7.43 -20.66 3.75
CA ALA F 711 7.40 -19.55 2.82
C ALA F 711 6.01 -18.92 2.77
N VAL F 713 4.97 -19.75 2.69
CA VAL F 713 3.61 -19.22 2.75
C VAL F 713 3.35 -18.59 4.10
N SER F 714 3.83 -19.22 5.17
CA SER F 714 3.55 -18.75 6.52
C SER F 714 4.23 -17.43 6.85
N SER F 715 5.13 -16.95 6.00
CA SER F 715 5.72 -15.62 6.20
C SER F 715 4.94 -14.56 5.43
N LEU F 716 3.63 -14.50 5.66
CA LEU F 716 2.73 -13.63 4.90
C LEU F 716 2.58 -12.24 5.52
N ILE F 717 3.59 -11.75 6.22
CA ILE F 717 3.57 -10.44 6.85
C ILE F 717 3.48 -9.36 5.77
N PRO F 718 2.75 -8.27 6.01
CA PRO F 718 2.64 -7.23 5.00
C PRO F 718 3.86 -6.34 4.95
N LEU F 719 4.16 -5.86 3.74
CA LEU F 719 5.22 -4.91 3.42
C LEU F 719 6.62 -5.46 3.62
N PHE F 720 6.76 -6.68 4.16
CA PHE F 720 8.09 -7.22 4.42
C PHE F 720 8.28 -8.66 3.98
N GLY F 721 7.23 -9.45 3.83
CA GLY F 721 7.38 -10.78 3.27
C GLY F 721 7.62 -10.79 1.78
N ILE F 722 7.44 -9.65 1.11
CA ILE F 722 7.78 -9.55 -0.29
C ILE F 722 9.25 -9.87 -0.49
N PHE F 723 10.08 -9.66 0.51
CA PHE F 723 11.47 -10.03 0.33
C PHE F 723 11.82 -11.41 0.84
N ILE F 724 10.91 -12.08 1.55
CA ILE F 724 11.01 -13.54 1.63
C ILE F 724 10.71 -14.14 0.26
N PHE F 725 9.75 -13.56 -0.45
CA PHE F 725 9.56 -13.83 -1.87
C PHE F 725 10.85 -13.60 -2.65
N ALA F 726 11.50 -12.46 -2.44
CA ALA F 726 12.77 -12.19 -3.12
C ALA F 726 13.82 -13.24 -2.77
N LEU F 727 13.89 -13.63 -1.50
CA LEU F 727 14.86 -14.63 -1.07
C LEU F 727 14.63 -15.95 -1.78
N ILE F 728 13.38 -16.42 -1.80
CA ILE F 728 13.12 -17.73 -2.42
C ILE F 728 13.42 -17.67 -3.91
N MET F 729 13.07 -16.56 -4.57
CA MET F 729 13.29 -16.53 -6.02
C MET F 729 14.78 -16.40 -6.35
N MET F 730 15.55 -15.69 -5.52
CA MET F 730 17.00 -15.67 -5.70
C MET F 730 17.62 -17.03 -5.42
N ALA F 731 17.15 -17.73 -4.38
CA ALA F 731 17.75 -19.00 -4.00
C ALA F 731 17.26 -20.17 -4.84
N MET F 732 16.24 -19.97 -5.68
CA MET F 732 15.75 -21.05 -6.52
C MET F 732 16.81 -21.76 -7.34
N PRO F 733 17.79 -21.09 -7.95
CA PRO F 733 18.85 -21.86 -8.64
C PRO F 733 19.64 -22.77 -7.72
N LEU F 734 20.18 -22.22 -6.63
CA LEU F 734 21.03 -23.01 -5.74
C LEU F 734 20.22 -24.11 -5.03
N LEU F 735 19.07 -23.73 -4.47
CA LEU F 735 18.22 -24.71 -3.80
C LEU F 735 17.70 -25.76 -4.77
N MET F 736 17.40 -25.35 -6.00
CA MET F 736 16.98 -26.30 -7.02
C MET F 736 18.09 -27.27 -7.35
N ALA F 737 19.33 -26.79 -7.44
CA ALA F 737 20.46 -27.68 -7.66
C ALA F 737 20.58 -28.69 -6.52
N TRP F 738 20.45 -28.22 -5.28
CA TRP F 738 20.55 -29.12 -4.12
C TRP F 738 19.45 -30.18 -4.16
N ILE F 739 18.20 -29.75 -4.30
CA ILE F 739 17.08 -30.68 -4.25
C ILE F 739 17.11 -31.62 -5.44
N GLY F 740 17.51 -31.12 -6.62
CA GLY F 740 17.66 -31.99 -7.76
C GLY F 740 18.74 -33.04 -7.55
N THR F 741 19.84 -32.66 -6.93
CA THR F 741 20.83 -33.64 -6.51
C THR F 741 20.19 -34.73 -5.67
N MET F 742 19.48 -34.33 -4.62
CA MET F 742 18.89 -35.32 -3.72
C MET F 742 17.95 -36.26 -4.46
N VAL F 743 17.03 -35.70 -5.25
CA VAL F 743 16.00 -36.53 -5.87
C VAL F 743 16.59 -37.40 -6.97
N SER F 744 17.54 -36.87 -7.75
CA SER F 744 18.17 -37.68 -8.79
C SER F 744 18.94 -38.84 -8.17
N ILE F 745 19.64 -38.59 -7.07
CA ILE F 745 20.35 -39.66 -6.38
C ILE F 745 19.37 -40.72 -5.90
N GLY F 746 18.27 -40.29 -5.29
CA GLY F 746 17.26 -41.23 -4.85
C GLY F 746 16.72 -42.07 -6.00
N PHE F 747 16.39 -41.42 -7.11
CA PHE F 747 15.82 -42.13 -8.25
C PHE F 747 16.82 -43.12 -8.86
N VAL F 748 18.09 -42.72 -8.96
CA VAL F 748 19.08 -43.62 -9.54
C VAL F 748 19.34 -44.82 -8.63
N THR F 749 19.50 -44.58 -7.33
CA THR F 749 19.88 -45.68 -6.46
C THR F 749 18.68 -46.54 -6.07
N ALA F 750 17.69 -45.95 -5.42
CA ALA F 750 16.61 -46.73 -4.81
C ALA F 750 15.54 -47.15 -5.80
N TYR F 751 15.49 -46.54 -6.99
CA TYR F 751 14.38 -46.80 -7.90
C TYR F 751 14.82 -47.42 -9.22
N TYR F 752 15.76 -46.79 -9.93
CA TYR F 752 16.13 -47.27 -11.25
C TYR F 752 16.87 -48.60 -11.18
N ILE F 753 17.79 -48.73 -10.22
CA ILE F 753 18.57 -49.97 -10.11
C ILE F 753 17.68 -51.18 -9.85
N PRO F 754 16.72 -51.14 -8.92
CA PRO F 754 15.89 -52.35 -8.69
C PRO F 754 15.07 -52.79 -9.89
N VAL F 755 14.80 -51.91 -10.85
CA VAL F 755 13.91 -52.25 -11.96
C VAL F 755 14.64 -52.35 -13.29
N LEU F 756 15.83 -51.78 -13.44
CA LEU F 756 16.55 -51.83 -14.70
C LEU F 756 16.79 -53.25 -15.21
N PRO F 757 17.25 -54.21 -14.39
CA PRO F 757 17.45 -55.57 -14.91
C PRO F 757 16.18 -56.18 -15.45
N TYR F 758 15.04 -55.84 -14.86
CA TYR F 758 13.76 -56.29 -15.36
C TYR F 758 13.54 -55.79 -16.78
N MET F 759 13.82 -54.50 -17.01
CA MET F 759 13.67 -53.94 -18.35
C MET F 759 14.60 -54.63 -19.33
N ILE F 760 15.85 -54.84 -18.94
CA ILE F 760 16.82 -55.44 -19.84
C ILE F 760 16.41 -56.86 -20.19
N PHE F 761 15.95 -57.63 -19.20
CA PHE F 761 15.54 -59.00 -19.48
C PHE F 761 14.29 -59.04 -20.36
N THR F 762 13.34 -58.14 -20.15
CA THR F 762 12.17 -58.12 -21.02
C THR F 762 12.56 -57.77 -22.45
N PHE F 763 13.45 -56.80 -22.63
CA PHE F 763 13.89 -56.47 -23.98
C PHE F 763 14.64 -57.62 -24.62
N GLY F 764 15.45 -58.34 -23.84
CA GLY F 764 16.13 -59.51 -24.39
C GLY F 764 15.17 -60.61 -24.80
N SER F 765 14.17 -60.88 -23.96
CA SER F 765 13.17 -61.88 -24.31
C SER F 765 12.37 -61.45 -25.53
N PHE F 766 12.18 -60.16 -25.73
CA PHE F 766 11.51 -59.72 -26.95
C PHE F 766 12.41 -59.83 -28.16
N ALA F 767 13.71 -59.63 -27.99
CA ALA F 767 14.63 -59.97 -29.06
C ALA F 767 14.51 -61.44 -29.41
N TRP F 768 14.36 -62.30 -28.39
CA TRP F 768 14.15 -63.72 -28.64
C TRP F 768 12.83 -63.98 -29.36
N LEU F 769 11.77 -63.25 -29.00
CA LEU F 769 10.50 -63.42 -29.67
C LEU F 769 10.57 -62.99 -31.13
N ILE F 770 11.24 -61.87 -31.41
CA ILE F 770 11.45 -61.47 -32.79
C ILE F 770 12.26 -62.52 -33.53
N ALA F 771 13.26 -63.10 -32.86
CA ALA F 771 14.08 -64.13 -33.49
C ALA F 771 13.26 -65.38 -33.81
N VAL F 772 12.38 -65.80 -32.90
CA VAL F 772 11.59 -67.01 -33.16
C VAL F 772 10.58 -66.76 -34.27
N ILE F 773 10.00 -65.55 -34.31
CA ILE F 773 9.13 -65.21 -35.43
C ILE F 773 9.91 -65.23 -36.75
N GLU F 774 11.13 -64.70 -36.73
CA GLU F 774 11.98 -64.72 -37.91
C GLU F 774 12.28 -66.14 -38.35
N ALA F 775 12.59 -67.02 -37.40
CA ALA F 775 12.85 -68.42 -37.73
C ALA F 775 11.61 -69.10 -38.30
N MET F 776 10.44 -68.79 -37.74
CA MET F 776 9.20 -69.35 -38.24
C MET F 776 8.96 -68.93 -39.68
N VAL F 777 9.25 -67.66 -39.99
CA VAL F 777 9.14 -67.19 -41.37
C VAL F 777 10.20 -67.84 -42.25
N ALA F 778 11.36 -68.15 -41.68
CA ALA F 778 12.45 -68.72 -42.47
C ALA F 778 12.20 -70.19 -42.81
N ALA F 779 11.46 -70.90 -41.96
CA ALA F 779 11.27 -72.34 -42.13
C ALA F 779 10.77 -72.74 -43.51
N PRO F 780 9.78 -72.08 -44.12
CA PRO F 780 9.37 -72.47 -45.48
C PRO F 780 10.49 -72.36 -46.51
N ILE F 781 11.37 -71.38 -46.39
CA ILE F 781 12.45 -71.23 -47.37
C ILE F 781 13.39 -72.43 -47.29
N VAL F 782 13.82 -72.79 -46.09
CA VAL F 782 14.75 -73.90 -45.94
C VAL F 782 14.08 -75.22 -46.29
N ALA F 783 12.79 -75.37 -45.99
CA ALA F 783 12.07 -76.57 -46.42
C ALA F 783 11.91 -76.59 -47.94
N LEU F 784 11.89 -75.42 -48.57
CA LEU F 784 11.87 -75.34 -50.03
C LEU F 784 13.22 -75.70 -50.62
N GLY F 785 14.30 -75.45 -49.88
CA GLY F 785 15.63 -75.76 -50.35
C GLY F 785 15.98 -77.24 -50.39
N VAL F 786 15.04 -78.11 -50.00
CA VAL F 786 15.28 -79.55 -50.04
C VAL F 786 15.45 -80.03 -51.48
N THR F 787 14.77 -79.37 -52.42
CA THR F 787 14.78 -79.85 -53.80
C THR F 787 16.17 -79.78 -54.42
N HIS F 788 16.94 -78.74 -54.12
CA HIS F 788 18.22 -78.54 -54.77
C HIS F 788 19.29 -79.40 -54.11
N PRO F 789 20.00 -80.24 -54.86
CA PRO F 789 21.04 -81.08 -54.25
C PRO F 789 22.40 -80.41 -54.19
N GLU F 790 22.43 -79.08 -54.33
CA GLU F 790 23.70 -78.36 -54.39
C GLU F 790 24.51 -78.58 -53.11
N GLY F 791 25.82 -78.75 -53.29
CA GLY F 791 26.74 -78.90 -52.19
C GLY F 791 26.91 -80.34 -51.73
N ASN F 792 27.87 -80.52 -50.81
CA ASN F 792 28.11 -81.83 -50.24
C ASN F 792 27.04 -82.24 -49.23
N GLU F 793 26.33 -81.26 -48.65
CA GLU F 793 25.32 -81.55 -47.66
C GLU F 793 24.13 -82.27 -48.29
N ALA F 794 23.41 -83.02 -47.44
CA ALA F 794 22.21 -83.72 -47.86
C ALA F 794 20.95 -82.90 -47.64
N PHE F 795 21.06 -81.68 -47.14
CA PHE F 795 19.92 -80.81 -46.89
C PHE F 795 19.74 -79.74 -47.95
N GLY F 796 20.63 -79.68 -48.95
CA GLY F 796 20.52 -78.67 -49.99
C GLY F 796 21.20 -77.37 -49.62
N LYS F 797 20.41 -76.41 -49.16
CA LYS F 797 20.91 -75.13 -48.63
C LYS F 797 20.37 -75.01 -47.22
N GLY F 798 21.09 -75.60 -46.26
CA GLY F 798 20.61 -75.68 -44.90
C GLY F 798 21.50 -75.01 -43.87
N GLU F 799 22.53 -74.31 -44.33
CA GLU F 799 23.40 -73.59 -43.39
C GLU F 799 22.62 -72.51 -42.65
N PHE F 800 21.79 -71.75 -43.37
CA PHE F 800 20.92 -70.78 -42.71
C PHE F 800 19.98 -71.47 -41.73
N ALA F 801 19.42 -72.60 -42.13
CA ALA F 801 18.50 -73.34 -41.27
C ALA F 801 19.17 -73.72 -39.96
N ILE F 802 20.35 -74.35 -40.03
CA ILE F 802 20.99 -74.82 -38.82
C ILE F 802 21.46 -73.65 -37.96
N MET F 803 21.99 -72.59 -38.59
CA MET F 803 22.45 -71.43 -37.82
C MET F 803 21.29 -70.81 -37.06
N ILE F 804 20.19 -70.50 -37.75
CA ILE F 804 19.05 -69.88 -37.10
C ILE F 804 18.46 -70.81 -36.04
N LEU F 805 18.41 -72.11 -36.34
CA LEU F 805 17.82 -73.06 -35.42
C LEU F 805 18.61 -73.14 -34.11
N VAL F 806 19.93 -73.28 -34.21
CA VAL F 806 20.73 -73.34 -32.99
C VAL F 806 20.68 -72.00 -32.26
N ASN F 807 20.59 -70.89 -33.00
CA ASN F 807 20.45 -69.58 -32.37
C ASN F 807 19.21 -69.54 -31.48
N VAL F 808 18.05 -69.86 -32.04
CA VAL F 808 16.82 -69.76 -31.26
C VAL F 808 16.80 -70.83 -30.17
N PHE F 809 17.38 -72.00 -30.43
CA PHE F 809 17.40 -73.05 -29.42
C PHE F 809 18.22 -72.65 -28.20
N LEU F 810 19.36 -72.00 -28.42
CA LEU F 810 20.23 -71.65 -27.30
C LEU F 810 19.96 -70.27 -26.72
N ARG F 811 19.12 -69.45 -27.36
CA ARG F 811 18.93 -68.08 -26.87
C ARG F 811 18.46 -68.01 -25.42
N PRO F 812 17.36 -68.66 -25.00
CA PRO F 812 16.90 -68.45 -23.62
C PRO F 812 17.87 -68.96 -22.57
N SER F 813 18.56 -70.08 -22.86
CA SER F 813 19.54 -70.59 -21.92
C SER F 813 20.67 -69.59 -21.71
N LEU F 814 21.12 -68.96 -22.79
CA LEU F 814 22.17 -67.95 -22.65
C LEU F 814 21.65 -66.68 -21.98
N MET F 815 20.37 -66.35 -22.16
CA MET F 815 19.82 -65.23 -21.42
C MET F 815 19.82 -65.50 -19.92
N ILE F 816 19.48 -66.73 -19.52
CA ILE F 816 19.58 -67.10 -18.11
C ILE F 816 21.04 -67.06 -17.65
N ILE F 817 21.95 -67.56 -18.50
CA ILE F 817 23.39 -67.51 -18.22
C ILE F 817 23.78 -66.08 -17.87
N GLY F 818 23.39 -65.13 -18.73
CA GLY F 818 23.77 -63.75 -18.53
C GLY F 818 23.10 -63.12 -17.33
N TYR F 819 21.83 -63.47 -17.09
CA TYR F 819 21.14 -62.90 -15.95
C TYR F 819 21.81 -63.30 -14.65
N ILE F 820 22.10 -64.60 -14.49
CA ILE F 820 22.72 -65.04 -13.24
C ILE F 820 24.14 -64.50 -13.13
N ALA F 821 24.88 -64.47 -14.25
CA ALA F 821 26.24 -63.94 -14.21
C ALA F 821 26.25 -62.48 -13.79
N ALA F 822 25.31 -61.69 -14.32
CA ALA F 822 25.33 -60.26 -14.05
C ALA F 822 24.80 -59.94 -12.67
N ILE F 823 23.82 -60.69 -12.17
CA ILE F 823 23.41 -60.45 -10.78
C ILE F 823 24.54 -60.82 -9.84
N ALA F 824 25.31 -61.86 -10.19
CA ALA F 824 26.51 -62.15 -9.42
C ALA F 824 27.52 -61.01 -9.49
N LEU F 825 27.67 -60.41 -10.68
CA LEU F 825 28.67 -59.37 -10.88
C LEU F 825 28.25 -58.01 -10.30
N SER F 826 26.97 -57.82 -9.99
CA SER F 826 26.53 -56.53 -9.45
C SER F 826 27.23 -56.20 -8.15
N TYR F 827 27.24 -57.15 -7.21
CA TYR F 827 27.90 -56.92 -5.91
C TYR F 827 29.39 -56.68 -6.09
N VAL F 828 30.02 -57.46 -6.98
CA VAL F 828 31.43 -57.29 -7.25
C VAL F 828 31.70 -55.89 -7.80
N GLY F 829 30.81 -55.39 -8.65
CA GLY F 829 30.97 -54.05 -9.16
C GLY F 829 30.82 -52.98 -8.10
N VAL F 830 29.82 -53.13 -7.23
CA VAL F 830 29.66 -52.16 -6.15
C VAL F 830 30.88 -52.18 -5.23
N TRP F 831 31.47 -53.36 -5.03
CA TRP F 831 32.67 -53.45 -4.20
C TRP F 831 33.90 -52.87 -4.90
N ILE F 832 34.00 -53.06 -6.22
CA ILE F 832 34.97 -52.32 -7.03
C ILE F 832 34.89 -50.84 -6.70
N LEU F 833 33.69 -50.29 -6.87
CA LEU F 833 33.49 -48.86 -6.73
C LEU F 833 33.79 -48.40 -5.31
N ASN F 834 33.34 -49.16 -4.31
CA ASN F 834 33.56 -48.78 -2.92
C ASN F 834 35.05 -48.82 -2.57
N ALA F 835 35.77 -49.84 -3.03
CA ALA F 835 37.19 -49.93 -2.74
C ALA F 835 37.95 -48.79 -3.39
N GLY F 836 37.58 -48.43 -4.62
CA GLY F 836 38.31 -47.37 -5.30
C GLY F 836 37.95 -45.96 -4.87
N PHE F 837 36.72 -45.76 -4.39
CA PHE F 837 36.21 -44.40 -4.22
C PHE F 837 36.92 -43.67 -3.08
N ASP F 838 37.07 -44.33 -1.92
CA ASP F 838 37.57 -43.64 -0.74
C ASP F 838 38.94 -43.02 -0.98
N HIS F 839 39.72 -43.58 -1.89
CA HIS F 839 41.02 -43.02 -2.22
C HIS F 839 41.01 -42.22 -3.50
N ALA F 840 40.09 -42.49 -4.44
CA ALA F 840 40.03 -41.70 -5.66
C ALA F 840 39.49 -40.30 -5.41
N ILE F 841 38.83 -40.07 -4.28
CA ILE F 841 38.26 -38.77 -3.94
C ILE F 841 39.07 -38.08 -2.84
N SER F 842 40.24 -38.63 -2.51
CA SER F 842 40.98 -38.19 -1.32
C SER F 842 41.40 -36.73 -1.43
N TYR F 843 42.26 -36.41 -2.39
CA TYR F 843 42.84 -35.08 -2.46
C TYR F 843 41.80 -34.02 -2.82
N ILE F 844 40.79 -34.39 -3.58
CA ILE F 844 39.71 -33.45 -3.88
C ILE F 844 38.96 -33.07 -2.62
N GLN F 845 38.97 -33.94 -1.61
CA GLN F 845 38.41 -33.61 -0.31
C GLN F 845 39.46 -32.96 0.58
N GLY F 901 42.54 -30.18 1.70
CA GLY F 901 42.92 -28.78 1.62
C GLY F 901 41.82 -27.90 1.07
N TYR F 902 40.76 -28.53 0.54
CA TYR F 902 39.66 -27.78 -0.03
C TYR F 902 38.86 -27.10 1.08
N THR F 903 38.51 -25.84 0.86
CA THR F 903 37.88 -25.02 1.89
C THR F 903 36.70 -24.26 1.30
N GLY F 904 35.76 -23.90 2.16
CA GLY F 904 34.63 -23.09 1.73
C GLY F 904 33.69 -23.86 0.84
N TRP F 905 33.12 -23.14 -0.14
CA TRP F 905 32.18 -23.77 -1.07
C TRP F 905 32.84 -24.88 -1.87
N ALA F 906 34.17 -24.87 -1.99
CA ALA F 906 34.85 -25.93 -2.71
C ALA F 906 34.59 -27.28 -2.06
N GLY F 907 34.60 -27.34 -0.73
CA GLY F 907 34.35 -28.60 -0.05
C GLY F 907 32.95 -29.15 -0.28
N VAL F 908 31.94 -28.28 -0.15
CA VAL F 908 30.56 -28.74 -0.31
C VAL F 908 30.31 -29.13 -1.76
N TYR F 909 30.88 -28.40 -2.71
CA TYR F 909 30.68 -28.77 -4.11
C TYR F 909 31.47 -30.04 -4.45
N ALA F 910 32.59 -30.27 -3.77
CA ALA F 910 33.30 -31.54 -3.91
C ALA F 910 32.45 -32.69 -3.40
N PHE F 911 31.77 -32.48 -2.26
CA PHE F 911 30.81 -33.47 -1.77
C PHE F 911 29.75 -33.77 -2.82
N PHE F 912 29.15 -32.71 -3.36
CA PHE F 912 28.12 -32.87 -4.38
C PHE F 912 28.64 -33.67 -5.57
N PHE F 913 29.79 -33.28 -6.12
CA PHE F 913 30.30 -33.96 -7.29
C PHE F 913 30.69 -35.39 -6.99
N SER F 914 31.28 -35.64 -5.81
CA SER F 914 31.69 -36.99 -5.47
C SER F 914 30.48 -37.92 -5.42
N ILE F 915 29.39 -37.48 -4.80
CA ILE F 915 28.21 -38.34 -4.80
C ILE F 915 27.56 -38.44 -6.17
N LEU F 916 27.55 -37.36 -6.94
CA LEU F 916 26.99 -37.44 -8.29
C LEU F 916 27.74 -38.48 -9.11
N ILE F 917 29.07 -38.46 -9.05
CA ILE F 917 29.86 -39.42 -9.81
C ILE F 917 29.78 -40.81 -9.18
N TYR F 918 29.57 -40.90 -7.87
CA TYR F 918 29.38 -42.20 -7.23
C TYR F 918 28.13 -42.87 -7.76
N THR F 919 27.00 -42.16 -7.70
CA THR F 919 25.74 -42.73 -8.19
C THR F 919 25.81 -42.99 -9.69
N SER F 920 26.41 -42.07 -10.44
CA SER F 920 26.56 -42.27 -11.88
C SER F 920 27.35 -43.53 -12.17
N MET F 921 28.54 -43.66 -11.56
CA MET F 921 29.38 -44.81 -11.81
C MET F 921 28.70 -46.10 -11.40
N TYR F 922 27.99 -46.09 -10.27
CA TYR F 922 27.22 -47.26 -9.86
C TYR F 922 26.22 -47.64 -10.94
N LEU F 923 25.52 -46.65 -11.49
CA LEU F 923 24.56 -46.92 -12.56
C LEU F 923 25.23 -47.50 -13.79
N ILE F 924 26.37 -46.93 -14.22
CA ILE F 924 27.02 -47.46 -15.42
C ILE F 924 27.57 -48.86 -15.17
N ILE F 925 28.07 -49.13 -13.96
CA ILE F 925 28.54 -50.48 -13.66
C ILE F 925 27.39 -51.47 -13.79
N VAL F 926 26.22 -51.13 -13.23
CA VAL F 926 25.08 -52.03 -13.33
C VAL F 926 24.67 -52.22 -14.78
N GLN F 927 24.62 -51.14 -15.56
CA GLN F 927 24.18 -51.24 -16.95
C GLN F 927 25.16 -52.08 -17.78
N LYS F 928 26.46 -51.87 -17.60
CA LYS F 928 27.45 -52.63 -18.36
C LYS F 928 27.51 -54.09 -17.92
N ALA F 929 27.20 -54.35 -16.65
CA ALA F 929 27.11 -55.74 -16.20
C ALA F 929 25.90 -56.42 -16.82
N PHE F 930 24.78 -55.70 -16.94
CA PHE F 930 23.52 -56.29 -17.37
C PHE F 930 23.30 -56.25 -18.87
N THR F 931 24.19 -55.58 -19.62
CA THR F 931 24.22 -55.79 -21.06
C THR F 931 24.79 -57.16 -21.42
N LEU F 932 25.34 -57.88 -20.44
CA LEU F 932 25.91 -59.20 -20.68
C LEU F 932 24.88 -60.18 -21.21
N ILE F 933 23.60 -59.96 -20.89
CA ILE F 933 22.53 -60.84 -21.36
C ILE F 933 22.51 -60.88 -22.88
N ALA F 934 22.58 -59.72 -23.52
CA ALA F 934 22.68 -59.65 -24.96
C ALA F 934 24.11 -59.80 -25.47
N HIS F 935 25.10 -59.62 -24.60
CA HIS F 935 26.49 -59.80 -25.01
C HIS F 935 26.80 -61.27 -25.29
N LEU F 936 26.18 -62.18 -24.54
CA LEU F 936 26.49 -63.60 -24.70
C LEU F 936 26.10 -64.16 -26.06
N PRO F 937 24.83 -64.16 -26.47
CA PRO F 937 24.43 -65.04 -27.58
C PRO F 937 25.15 -64.75 -28.89
N ASP F 938 25.39 -63.49 -29.21
CA ASP F 938 26.13 -63.18 -30.43
C ASP F 938 27.55 -63.71 -30.36
N LYS F 939 28.20 -63.55 -29.21
CA LYS F 939 29.57 -64.05 -29.05
C LYS F 939 29.62 -65.56 -29.18
N VAL F 940 28.71 -66.26 -28.52
CA VAL F 940 28.73 -67.72 -28.58
C VAL F 940 28.35 -68.21 -29.96
N LEU F 941 27.46 -67.50 -30.66
CA LEU F 941 27.11 -67.88 -32.03
C LEU F 941 28.29 -67.68 -32.96
N ARG F 942 29.07 -66.62 -32.74
CA ARG F 942 30.33 -66.46 -33.48
C ARG F 942 31.29 -67.58 -33.16
N TRP F 943 31.33 -68.05 -31.91
CA TRP F 943 32.21 -69.14 -31.53
C TRP F 943 31.87 -70.43 -32.26
N ILE F 944 30.58 -70.76 -32.37
CA ILE F 944 30.15 -71.99 -33.03
C ILE F 944 29.80 -71.74 -34.50
N GLY F 945 30.12 -70.56 -35.03
CA GLY F 945 29.82 -70.24 -36.41
C GLY F 945 28.37 -69.91 -36.65
N LEU G 24 -1.37 -68.62 -59.45
CA LEU G 24 -1.15 -68.30 -60.86
C LEU G 24 -0.55 -66.90 -60.99
N SER G 25 -1.41 -65.90 -61.20
CA SER G 25 -0.98 -64.52 -61.31
C SER G 25 -2.19 -63.62 -61.04
N PHE G 26 -1.90 -62.35 -60.77
CA PHE G 26 -2.96 -61.41 -60.39
C PHE G 26 -2.58 -59.99 -60.77
N ALA G 27 -3.50 -59.30 -61.43
CA ALA G 27 -3.42 -57.86 -61.47
C ALA G 27 -4.07 -57.27 -60.22
N PRO G 28 -3.44 -56.26 -59.60
CA PRO G 28 -4.02 -55.69 -58.39
C PRO G 28 -5.35 -55.05 -58.67
N PRO G 29 -6.21 -54.94 -57.67
CA PRO G 29 -7.54 -54.35 -57.89
C PRO G 29 -7.43 -52.93 -58.41
N ALA G 30 -8.49 -52.50 -59.10
CA ALA G 30 -8.47 -51.20 -59.76
C ALA G 30 -8.40 -50.04 -58.77
N SER G 31 -9.05 -50.18 -57.63
CA SER G 31 -9.22 -49.06 -56.70
C SER G 31 -8.00 -48.81 -55.81
N ASP G 32 -6.99 -49.67 -55.88
CA ASP G 32 -5.83 -49.54 -54.99
C ASP G 32 -5.11 -48.22 -55.23
N LEU G 33 -4.62 -47.62 -54.14
CA LEU G 33 -3.91 -46.35 -54.24
C LEU G 33 -2.42 -46.52 -54.50
N SER G 34 -1.89 -47.73 -54.31
CA SER G 34 -0.46 -47.93 -54.50
C SER G 34 -0.05 -47.69 -55.95
N VAL G 35 -0.73 -48.34 -56.90
CA VAL G 35 -0.41 -48.11 -58.30
C VAL G 35 -0.86 -46.72 -58.73
N VAL G 36 -1.90 -46.18 -58.10
CA VAL G 36 -2.33 -44.81 -58.41
C VAL G 36 -1.20 -43.84 -58.14
N PHE G 37 -0.56 -43.95 -56.98
CA PHE G 37 0.56 -43.07 -56.65
C PHE G 37 1.82 -43.46 -57.41
N LEU G 38 2.00 -44.74 -57.73
CA LEU G 38 3.10 -45.16 -58.59
C LEU G 38 3.07 -44.42 -59.92
N GLY G 39 1.90 -44.43 -60.59
CA GLY G 39 1.74 -43.69 -61.82
C GLY G 39 1.65 -42.19 -61.65
N ASN G 40 1.23 -41.75 -60.47
CA ASN G 40 1.28 -40.32 -60.17
C ASN G 40 2.71 -39.82 -60.11
N LEU G 41 3.63 -40.69 -59.70
CA LEU G 41 5.04 -40.30 -59.64
C LEU G 41 5.69 -40.47 -60.99
N PHE G 42 5.70 -41.71 -61.52
CA PHE G 42 6.40 -42.00 -62.76
C PHE G 42 5.69 -41.50 -64.01
N GLY G 43 4.46 -41.00 -63.89
CA GLY G 43 3.74 -40.56 -65.07
C GLY G 43 3.08 -41.71 -65.81
N VAL G 44 3.58 -42.01 -67.01
CA VAL G 44 2.99 -43.02 -67.88
C VAL G 44 4.04 -44.08 -68.18
N VAL G 45 3.66 -45.35 -67.98
CA VAL G 45 4.46 -46.49 -68.42
C VAL G 45 3.60 -47.32 -69.37
N ASP G 46 4.17 -47.64 -70.53
CA ASP G 46 3.40 -48.26 -71.60
C ASP G 46 2.98 -49.67 -71.22
N GLY G 47 1.68 -49.91 -71.20
CA GLY G 47 1.13 -51.25 -71.07
C GLY G 47 1.01 -51.79 -69.66
N VAL G 48 1.43 -51.05 -68.65
CA VAL G 48 1.37 -51.54 -67.28
C VAL G 48 0.47 -50.61 -66.45
N LEU G 49 0.41 -49.34 -66.85
CA LEU G 49 -0.39 -48.37 -66.11
C LEU G 49 -0.95 -47.35 -67.09
N HIS G 50 -2.15 -46.86 -66.78
CA HIS G 50 -2.84 -45.90 -67.64
C HIS G 50 -2.94 -44.51 -67.02
N GLY G 51 -2.60 -44.34 -65.75
CA GLY G 51 -2.70 -43.04 -65.13
C GLY G 51 -1.65 -42.06 -65.63
N THR G 52 -1.95 -40.78 -65.45
CA THR G 52 -1.06 -39.69 -65.86
C THR G 52 -0.78 -38.79 -64.66
N GLY G 53 0.47 -38.36 -64.54
CA GLY G 53 0.86 -37.48 -63.47
C GLY G 53 1.89 -36.44 -63.89
N SER G 54 2.88 -36.20 -63.05
CA SER G 54 3.98 -35.29 -63.37
C SER G 54 4.95 -36.04 -64.29
N GLN G 55 5.06 -35.59 -65.53
CA GLN G 55 5.75 -36.34 -66.58
C GLN G 55 7.23 -35.95 -66.68
N ILE G 56 7.73 -35.12 -65.76
CA ILE G 56 9.17 -34.84 -65.73
C ILE G 56 9.95 -36.14 -65.54
N MET G 57 9.41 -37.03 -64.70
CA MET G 57 10.01 -38.35 -64.51
C MET G 57 10.27 -39.05 -65.85
N GLY G 58 9.26 -39.07 -66.71
CA GLY G 58 9.36 -39.86 -67.93
C GLY G 58 10.48 -39.40 -68.84
N ASN G 59 10.45 -38.13 -69.25
CA ASN G 59 11.48 -37.65 -70.15
C ASN G 59 12.83 -37.47 -69.47
N MET G 60 12.85 -37.27 -68.16
CA MET G 60 14.14 -37.26 -67.45
C MET G 60 14.79 -38.64 -67.51
N PHE G 61 14.00 -39.69 -67.26
CA PHE G 61 14.55 -41.04 -67.40
C PHE G 61 14.88 -41.35 -68.85
N GLY G 62 14.14 -40.79 -69.80
CA GLY G 62 14.48 -40.99 -71.20
C GLY G 62 15.82 -40.38 -71.58
N VAL G 63 16.06 -39.15 -71.13
CA VAL G 63 17.35 -38.51 -71.44
C VAL G 63 18.47 -39.20 -70.68
N PHE G 64 18.20 -39.69 -69.46
CA PHE G 64 19.20 -40.48 -68.76
C PHE G 64 19.50 -41.77 -69.52
N ASN G 65 18.47 -42.39 -70.10
CA ASN G 65 18.66 -43.60 -70.90
C ASN G 65 19.51 -43.31 -72.13
N SER G 66 19.25 -42.19 -72.80
CA SER G 66 20.07 -41.85 -73.97
C SER G 66 21.51 -41.58 -73.58
N ALA G 67 21.73 -40.86 -72.48
CA ALA G 67 23.08 -40.59 -72.03
C ALA G 67 23.81 -41.88 -71.67
N VAL G 68 23.16 -42.73 -70.88
CA VAL G 68 23.78 -44.00 -70.51
C VAL G 68 23.98 -44.87 -71.73
N LEU G 69 23.14 -44.73 -72.75
CA LEU G 69 23.35 -45.44 -74.00
C LEU G 69 24.62 -44.98 -74.69
N ALA G 70 24.87 -43.67 -74.71
CA ALA G 70 26.08 -43.16 -75.35
C ALA G 70 27.33 -43.62 -74.59
N LEU G 71 27.33 -43.45 -73.26
CA LEU G 71 28.48 -43.92 -72.49
C LEU G 71 28.64 -45.44 -72.59
N GLY G 72 27.53 -46.18 -72.64
CA GLY G 72 27.64 -47.61 -72.82
C GLY G 72 28.21 -47.99 -74.17
N GLY G 73 27.85 -47.24 -75.22
CA GLY G 73 28.45 -47.49 -76.51
C GLY G 73 29.95 -47.28 -76.48
N ILE G 74 30.39 -46.21 -75.82
CA ILE G 74 31.83 -46.00 -75.63
C ILE G 74 32.44 -47.21 -74.90
N ILE G 75 31.75 -47.69 -73.86
CA ILE G 75 32.28 -48.78 -73.06
C ILE G 75 32.31 -50.09 -73.84
N ILE G 76 31.30 -50.37 -74.67
CA ILE G 76 31.36 -51.58 -75.49
C ILE G 76 32.48 -51.45 -76.52
N MET G 77 32.72 -50.25 -77.05
CA MET G 77 33.85 -50.11 -77.96
C MET G 77 35.17 -50.41 -77.24
N TYR G 78 35.32 -49.93 -76.01
CA TYR G 78 36.52 -50.23 -75.24
C TYR G 78 36.64 -51.73 -74.94
N THR G 79 35.53 -52.36 -74.57
CA THR G 79 35.56 -53.80 -74.31
C THR G 79 35.86 -54.57 -75.58
N LEU G 80 35.42 -54.07 -76.73
CA LEU G 80 35.78 -54.69 -77.99
C LEU G 80 37.29 -54.62 -78.23
N MET G 81 37.89 -53.45 -77.97
CA MET G 81 39.34 -53.37 -78.12
C MET G 81 40.06 -54.34 -77.20
N VAL G 82 39.66 -54.40 -75.92
CA VAL G 82 40.40 -55.27 -75.01
C VAL G 82 40.15 -56.74 -75.36
N SER G 83 38.94 -57.09 -75.79
CA SER G 83 38.65 -58.46 -76.16
C SER G 83 39.45 -58.89 -77.38
N THR G 84 39.53 -58.03 -78.40
CA THR G 84 40.31 -58.40 -79.58
C THR G 84 41.80 -58.41 -79.27
N MET G 85 42.26 -57.57 -78.34
CA MET G 85 43.66 -57.64 -77.92
C MET G 85 43.96 -58.94 -77.20
N ASN G 86 43.04 -59.38 -76.33
CA ASN G 86 43.22 -60.65 -75.64
C ASN G 86 43.20 -61.82 -76.61
N THR G 87 42.29 -61.78 -77.59
CA THR G 87 42.22 -62.86 -78.58
C THR G 87 43.46 -62.88 -79.46
N ALA G 88 44.00 -61.71 -79.79
CA ALA G 88 45.23 -61.66 -80.57
C ALA G 88 46.39 -62.29 -79.82
N HIS G 89 46.36 -62.27 -78.49
CA HIS G 89 47.38 -62.94 -77.69
C HIS G 89 47.32 -64.46 -77.85
N GLU G 90 46.16 -65.00 -78.22
CA GLU G 90 46.02 -66.44 -78.45
C GLU G 90 46.31 -66.83 -79.90
N GLY G 91 45.91 -65.98 -80.85
CA GLY G 91 46.12 -66.30 -82.25
C GLY G 91 45.14 -67.30 -82.82
N GLN G 92 44.02 -67.54 -82.14
CA GLN G 92 43.03 -68.50 -82.60
C GLN G 92 41.88 -67.78 -83.30
N MET G 93 41.41 -68.38 -84.39
CA MET G 93 40.30 -67.82 -85.14
C MET G 93 38.98 -68.03 -84.39
N LEU G 94 38.02 -67.13 -84.68
CA LEU G 94 36.65 -67.22 -84.20
C LEU G 94 36.56 -66.90 -82.72
N GLY G 95 37.70 -66.76 -82.05
CA GLY G 95 37.72 -66.42 -80.64
C GLY G 95 37.34 -67.57 -79.73
N GLN G 96 37.92 -67.60 -78.53
CA GLN G 96 37.58 -68.61 -77.53
C GLN G 96 37.00 -68.05 -76.25
N LYS G 97 37.16 -66.74 -75.99
CA LYS G 97 36.61 -66.14 -74.80
C LYS G 97 35.11 -65.85 -74.92
N TRP G 98 34.56 -65.88 -76.13
CA TRP G 98 33.15 -65.60 -76.36
C TRP G 98 32.60 -66.57 -77.38
N SER G 99 31.37 -67.04 -77.16
CA SER G 99 30.67 -67.84 -78.14
C SER G 99 30.12 -66.92 -79.22
N SER G 100 30.58 -67.10 -80.46
CA SER G 100 30.32 -66.12 -81.50
C SER G 100 28.91 -66.20 -82.06
N ILE G 101 28.14 -67.24 -81.72
CA ILE G 101 26.76 -67.31 -82.19
C ILE G 101 25.81 -66.54 -81.27
N TRP G 102 26.15 -66.40 -79.99
CA TRP G 102 25.32 -65.68 -79.04
C TRP G 102 25.49 -64.16 -79.13
N ILE G 103 26.63 -63.69 -79.65
CA ILE G 103 26.91 -62.25 -79.63
C ILE G 103 25.90 -61.43 -80.41
N PRO G 104 25.44 -61.83 -81.63
CA PRO G 104 24.53 -60.92 -82.35
C PRO G 104 23.17 -60.78 -81.67
N LEU G 105 22.58 -61.90 -81.25
CA LEU G 105 21.30 -61.83 -80.57
C LEU G 105 21.43 -61.11 -79.23
N ARG G 106 22.53 -61.35 -78.50
CA ARG G 106 22.75 -60.63 -77.25
C ARG G 106 22.83 -59.13 -77.48
N SER G 107 23.63 -58.71 -78.45
CA SER G 107 23.80 -57.28 -78.70
C SER G 107 22.50 -56.64 -79.14
N THR G 108 21.78 -57.29 -80.06
CA THR G 108 20.54 -56.69 -80.56
C THR G 108 19.48 -56.63 -79.48
N PHE G 109 19.38 -57.66 -78.64
CA PHE G 109 18.39 -57.65 -77.57
C PHE G 109 18.72 -56.57 -76.53
N GLY G 110 19.98 -56.48 -76.14
CA GLY G 110 20.37 -55.44 -75.18
C GLY G 110 20.16 -54.04 -75.72
N LEU G 111 20.49 -53.82 -76.99
CA LEU G 111 20.26 -52.51 -77.60
C LEU G 111 18.78 -52.20 -77.68
N ALA G 112 17.94 -53.19 -78.02
CA ALA G 112 16.51 -52.96 -78.09
C ALA G 112 15.96 -52.60 -76.72
N LEU G 113 16.46 -53.25 -75.67
CA LEU G 113 15.97 -52.97 -74.32
C LEU G 113 16.45 -51.61 -73.80
N LEU G 114 17.36 -50.94 -74.50
CA LEU G 114 17.82 -49.61 -74.13
C LEU G 114 17.25 -48.51 -75.01
N ILE G 115 16.24 -48.81 -75.81
CA ILE G 115 15.64 -47.82 -76.72
C ILE G 115 14.47 -47.17 -75.98
N PRO G 116 14.54 -45.87 -75.67
CA PRO G 116 13.40 -45.21 -75.04
C PRO G 116 12.32 -44.88 -76.07
N LYS G 117 11.08 -45.08 -75.66
CA LYS G 117 9.94 -44.83 -76.54
C LYS G 117 9.54 -43.35 -76.42
N ALA G 118 8.38 -43.01 -77.00
CA ALA G 118 7.93 -41.61 -76.97
C ALA G 118 7.66 -41.14 -75.55
N SER G 119 7.28 -42.05 -74.66
CA SER G 119 7.01 -41.70 -73.28
C SER G 119 8.29 -41.51 -72.45
N GLY G 120 9.44 -41.94 -72.96
CA GLY G 120 10.69 -41.77 -72.28
C GLY G 120 11.13 -42.92 -71.41
N TYR G 121 10.74 -44.15 -71.73
CA TYR G 121 11.12 -45.32 -70.95
C TYR G 121 11.62 -46.43 -71.87
N CYS G 122 12.53 -47.23 -71.34
CA CYS G 122 13.03 -48.39 -72.06
C CYS G 122 12.19 -49.62 -71.73
N MET G 123 12.44 -50.70 -72.47
CA MET G 123 11.64 -51.91 -72.32
C MET G 123 11.81 -52.51 -70.93
N MET G 124 13.04 -52.58 -70.44
CA MET G 124 13.24 -53.20 -69.14
C MET G 124 12.85 -52.29 -67.98
N GLN G 125 12.72 -50.99 -68.21
CA GLN G 125 12.05 -50.15 -67.22
C GLN G 125 10.59 -50.58 -67.08
N VAL G 126 9.93 -50.88 -68.20
CA VAL G 126 8.58 -51.43 -68.16
C VAL G 126 8.58 -52.78 -67.47
N PHE G 127 9.61 -53.59 -67.72
CA PHE G 127 9.73 -54.89 -67.05
C PHE G 127 9.80 -54.70 -65.54
N PHE G 128 10.64 -53.78 -65.07
CA PHE G 128 10.79 -53.55 -63.65
C PHE G 128 9.52 -52.98 -63.04
N MET G 129 8.83 -52.11 -63.76
CA MET G 129 7.54 -51.61 -63.26
C MET G 129 6.52 -52.73 -63.17
N TRP G 130 6.55 -53.67 -64.12
CA TRP G 130 5.67 -54.83 -64.06
C TRP G 130 5.99 -55.70 -62.85
N VAL G 131 7.27 -55.88 -62.56
CA VAL G 131 7.66 -56.63 -61.36
C VAL G 131 7.17 -55.91 -60.10
N ILE G 132 7.27 -54.57 -60.11
CA ILE G 132 6.82 -53.79 -58.97
C ILE G 132 5.32 -53.98 -58.74
N VAL G 133 4.54 -53.87 -59.81
CA VAL G 133 3.10 -53.98 -59.65
C VAL G 133 2.70 -55.41 -59.33
N GLN G 134 3.47 -56.40 -59.79
CA GLN G 134 3.20 -57.79 -59.42
C GLN G 134 3.46 -58.01 -57.94
N GLY G 135 4.56 -57.46 -57.41
CA GLY G 135 4.78 -57.54 -55.98
C GLY G 135 3.70 -56.82 -55.19
N VAL G 136 3.22 -55.70 -55.73
CA VAL G 136 2.10 -54.99 -55.11
C VAL G 136 0.86 -55.89 -55.07
N GLY G 137 0.60 -56.61 -56.16
CA GLY G 137 -0.54 -57.51 -56.18
C GLY G 137 -0.39 -58.67 -55.20
N ALA G 138 0.83 -59.20 -55.05
CA ALA G 138 1.05 -60.25 -54.06
C ALA G 138 0.80 -59.72 -52.64
N ALA G 139 1.32 -58.53 -52.34
CA ALA G 139 1.03 -57.93 -51.05
C ALA G 139 -0.46 -57.69 -50.87
N ASP G 140 -1.15 -57.36 -51.97
CA ASP G 140 -2.60 -57.16 -51.90
C ASP G 140 -3.31 -58.48 -51.58
N LYS G 141 -2.86 -59.58 -52.17
CA LYS G 141 -3.35 -60.90 -51.76
C LYS G 141 -3.18 -61.13 -50.27
N ILE G 142 -1.97 -60.89 -49.76
CA ILE G 142 -1.71 -61.19 -48.35
C ILE G 142 -2.62 -60.33 -47.46
N TRP G 143 -2.70 -59.03 -47.76
CA TRP G 143 -3.53 -58.14 -46.96
C TRP G 143 -5.01 -58.50 -47.09
N GLU G 144 -5.44 -58.88 -48.29
CA GLU G 144 -6.83 -59.24 -48.51
C GLU G 144 -7.20 -60.51 -47.74
N ALA G 145 -6.31 -61.49 -47.73
CA ALA G 145 -6.57 -62.69 -46.95
C ALA G 145 -6.65 -62.36 -45.46
N ALA G 146 -5.75 -61.51 -44.98
CA ALA G 146 -5.78 -61.13 -43.56
C ALA G 146 -7.09 -60.43 -43.23
N LEU G 147 -7.52 -59.49 -44.07
CA LEU G 147 -8.71 -58.73 -43.73
C LEU G 147 -9.97 -59.56 -43.90
N SER G 148 -9.97 -60.49 -44.86
CA SER G 148 -11.12 -61.38 -45.02
C SER G 148 -11.26 -62.30 -43.82
N TYR G 149 -10.14 -62.80 -43.29
CA TYR G 149 -10.23 -63.56 -42.05
C TYR G 149 -10.73 -62.66 -40.92
N LEU G 150 -10.26 -61.42 -40.87
CA LEU G 150 -10.71 -60.51 -39.82
C LEU G 150 -12.20 -60.24 -39.93
N ASN G 151 -12.77 -60.33 -41.13
CA ASN G 151 -14.21 -60.13 -41.28
C ASN G 151 -15.01 -61.20 -40.57
N ARG G 152 -14.55 -62.44 -40.63
CA ARG G 152 -15.29 -63.57 -40.07
C ARG G 152 -14.99 -63.80 -38.59
N GLY G 153 -14.18 -62.94 -37.98
CA GLY G 153 -13.79 -63.10 -36.60
C GLY G 153 -12.36 -63.60 -36.49
N GLY G 154 -11.72 -63.27 -35.37
CA GLY G 154 -10.35 -63.68 -35.13
C GLY G 154 -9.86 -63.38 -33.73
N GLN G 160 -32.67 -48.59 -8.88
CA GLN G 160 -31.79 -48.65 -7.71
C GLN G 160 -30.47 -47.92 -7.98
N ALA G 161 -30.05 -47.10 -7.02
CA ALA G 161 -28.82 -46.34 -7.14
C ALA G 161 -28.16 -46.22 -5.77
N ASP G 162 -26.97 -45.62 -5.75
CA ASP G 162 -26.23 -45.40 -4.53
C ASP G 162 -26.60 -44.05 -3.94
N PRO G 163 -27.12 -43.98 -2.71
CA PRO G 163 -27.48 -42.68 -2.13
C PRO G 163 -26.29 -41.81 -1.75
N THR G 164 -25.06 -42.23 -2.04
CA THR G 164 -23.89 -41.43 -1.69
C THR G 164 -22.97 -41.23 -2.88
N LYS G 165 -23.03 -42.14 -3.86
CA LYS G 165 -22.26 -41.93 -5.09
C LYS G 165 -22.80 -40.75 -5.87
N SER G 166 -24.10 -40.47 -5.75
CA SER G 166 -24.65 -39.26 -6.34
C SER G 166 -24.16 -38.00 -5.63
N LEU G 167 -23.78 -38.13 -4.36
CA LEU G 167 -23.19 -36.99 -3.66
C LEU G 167 -21.85 -36.59 -4.28
N GLN G 168 -21.12 -37.54 -4.87
CA GLN G 168 -19.97 -37.20 -5.67
C GLN G 168 -20.38 -36.37 -6.89
N ALA G 169 -21.51 -36.73 -7.50
CA ALA G 169 -22.04 -35.98 -8.63
C ALA G 169 -22.60 -34.62 -8.22
N ALA G 170 -22.78 -34.37 -6.92
CA ALA G 170 -23.20 -33.04 -6.48
C ALA G 170 -22.17 -31.99 -6.84
N GLY G 171 -20.89 -32.31 -6.68
CA GLY G 171 -19.83 -31.46 -7.16
C GLY G 171 -18.48 -32.14 -7.23
N SER G 172 -17.86 -32.10 -8.41
CA SER G 172 -16.52 -32.64 -8.62
C SER G 172 -15.73 -31.75 -9.56
N SER G 173 -15.98 -30.44 -9.52
CA SER G 173 -15.48 -29.46 -10.48
C SER G 173 -16.00 -29.70 -11.89
N SER G 174 -17.03 -30.53 -12.02
CA SER G 174 -17.68 -30.74 -13.31
C SER G 174 -19.20 -30.83 -13.21
N SER G 175 -19.78 -30.64 -12.03
CA SER G 175 -21.22 -30.70 -11.85
C SER G 175 -21.61 -29.82 -10.67
N GLY G 176 -22.75 -29.15 -10.79
CA GLY G 176 -23.14 -28.18 -9.78
C GLY G 176 -24.60 -28.22 -9.38
N VAL G 177 -25.19 -29.41 -9.34
CA VAL G 177 -26.59 -29.53 -8.93
C VAL G 177 -26.77 -29.03 -7.50
N ALA G 178 -25.80 -29.35 -6.63
CA ALA G 178 -25.87 -28.84 -5.26
C ALA G 178 -25.79 -27.31 -5.23
N LYS G 179 -24.95 -26.73 -6.08
CA LYS G 179 -24.89 -25.27 -6.18
C LYS G 179 -26.24 -24.72 -6.61
N GLY G 180 -26.89 -25.38 -7.57
CA GLY G 180 -28.24 -25.05 -7.92
C GLY G 180 -29.11 -25.02 -6.69
N ALA G 181 -29.24 -26.16 -6.01
CA ALA G 181 -30.16 -26.26 -4.88
C ALA G 181 -29.91 -25.18 -3.84
N LEU G 182 -28.64 -24.89 -3.56
CA LEU G 182 -28.31 -23.80 -2.64
C LEU G 182 -28.83 -22.46 -3.18
N THR G 183 -28.70 -22.24 -4.49
CA THR G 183 -29.16 -20.99 -5.08
C THR G 183 -30.68 -20.85 -4.95
N ILE G 184 -31.44 -21.91 -5.24
CA ILE G 184 -32.89 -21.78 -5.06
C ILE G 184 -33.24 -21.58 -3.59
N LEU G 185 -32.57 -22.28 -2.67
CA LEU G 185 -32.91 -22.09 -1.26
C LEU G 185 -32.66 -20.65 -0.83
N GLY G 186 -31.51 -20.10 -1.21
CA GLY G 186 -31.22 -18.70 -0.89
C GLY G 186 -32.19 -17.74 -1.54
N GLY G 187 -32.53 -17.99 -2.81
CA GLY G 187 -33.47 -17.11 -3.49
C GLY G 187 -34.84 -17.14 -2.84
N GLN G 188 -35.29 -18.32 -2.42
CA GLN G 188 -36.59 -18.44 -1.77
C GLN G 188 -36.60 -17.74 -0.42
N ILE G 189 -35.54 -17.88 0.36
CA ILE G 189 -35.55 -17.22 1.66
C ILE G 189 -35.46 -15.71 1.47
N CYS G 190 -34.73 -15.25 0.44
CA CYS G 190 -34.75 -13.84 0.09
C CYS G 190 -36.15 -13.40 -0.31
N MET G 191 -36.85 -14.21 -1.10
CA MET G 191 -38.24 -13.95 -1.46
C MET G 191 -39.07 -13.66 -0.23
N LEU G 192 -39.09 -14.64 0.67
CA LEU G 192 -39.98 -14.56 1.83
C LEU G 192 -39.63 -13.40 2.72
N GLY G 193 -38.33 -13.22 3.01
CA GLY G 193 -37.92 -12.13 3.87
C GLY G 193 -38.22 -10.76 3.28
N LEU G 194 -37.91 -10.58 1.99
CA LEU G 194 -38.19 -9.31 1.34
C LEU G 194 -39.69 -9.02 1.32
N GLN G 195 -40.50 -10.04 1.02
CA GLN G 195 -41.95 -9.83 0.99
C GLN G 195 -42.46 -9.46 2.38
N LYS G 196 -41.98 -10.14 3.43
CA LYS G 196 -42.42 -9.84 4.78
C LYS G 196 -42.02 -8.42 5.19
N GLN G 197 -40.78 -8.03 4.90
CA GLN G 197 -40.33 -6.69 5.27
C GLN G 197 -41.10 -5.62 4.51
N LEU G 198 -41.34 -5.84 3.22
CA LEU G 198 -42.10 -4.87 2.45
C LEU G 198 -43.53 -4.76 2.96
N GLN G 199 -44.15 -5.89 3.32
CA GLN G 199 -45.50 -5.84 3.86
C GLN G 199 -45.54 -5.10 5.18
N ALA G 200 -44.55 -5.35 6.05
CA ALA G 200 -44.51 -4.63 7.32
C ALA G 200 -44.32 -3.14 7.09
N GLN G 201 -43.45 -2.77 6.14
CA GLN G 201 -43.24 -1.36 5.85
C GLN G 201 -44.50 -0.70 5.31
N ARG G 202 -45.22 -1.38 4.42
CA ARG G 202 -46.44 -0.81 3.86
C ARG G 202 -47.52 -0.69 4.93
N ASP G 203 -47.63 -1.68 5.81
CA ASP G 203 -48.60 -1.60 6.91
C ASP G 203 -48.27 -0.44 7.84
N LEU G 204 -46.98 -0.26 8.15
CA LEU G 204 -46.57 0.86 8.99
C LEU G 204 -46.86 2.19 8.31
N TYR G 205 -46.65 2.27 6.99
CA TYR G 205 -46.95 3.50 6.28
C TYR G 205 -48.45 3.79 6.28
N LEU G 206 -49.28 2.76 6.06
CA LEU G 206 -50.71 2.99 5.98
C LEU G 206 -51.33 3.26 7.34
N SER G 207 -50.71 2.76 8.41
CA SER G 207 -51.22 3.06 9.75
C SER G 207 -51.00 4.51 10.13
N GLN G 208 -50.21 5.24 9.36
CA GLN G 208 -50.00 6.67 9.61
C GLN G 208 -50.23 7.47 8.34
N SER G 209 -51.34 7.18 7.64
CA SER G 209 -51.62 7.85 6.37
C SER G 209 -51.87 9.34 6.54
N LYS G 210 -52.15 9.80 7.75
CA LYS G 210 -52.36 11.23 7.98
C LYS G 210 -51.06 12.03 7.85
N SER G 211 -49.92 11.37 7.83
CA SER G 211 -48.61 11.99 7.84
C SER G 211 -47.75 11.36 6.74
N PRO G 212 -46.69 12.03 6.32
CA PRO G 212 -45.80 11.48 5.30
C PRO G 212 -45.20 10.16 5.77
N PRO G 213 -44.76 9.30 4.83
CA PRO G 213 -44.69 9.50 3.38
C PRO G 213 -45.99 9.20 2.64
N CYS G 214 -46.88 8.36 3.18
CA CYS G 214 -48.12 8.05 2.47
C CYS G 214 -49.00 9.28 2.31
N GLY G 215 -49.10 10.11 3.35
CA GLY G 215 -49.91 11.29 3.32
C GLY G 215 -49.13 12.52 2.92
N GLY G 216 -49.67 13.69 3.29
CA GLY G 216 -49.01 14.94 2.95
C GLY G 216 -48.99 15.17 1.46
N ASN G 217 -47.81 15.46 0.93
CA ASN G 217 -47.60 15.69 -0.51
C ASN G 217 -46.48 14.77 -0.99
N PRO G 218 -46.76 13.48 -1.10
CA PRO G 218 -45.70 12.53 -1.45
C PRO G 218 -45.25 12.67 -2.89
N THR G 219 -44.01 12.28 -3.13
CA THR G 219 -43.52 12.16 -4.50
C THR G 219 -44.27 11.02 -5.20
N PRO G 220 -44.46 11.13 -6.52
CA PRO G 220 -45.30 10.14 -7.21
C PRO G 220 -44.88 8.70 -7.00
N GLU G 221 -43.58 8.40 -6.95
CA GLU G 221 -43.16 7.03 -6.72
C GLU G 221 -43.57 6.54 -5.34
N MET G 222 -43.42 7.39 -4.32
CA MET G 222 -43.85 7.00 -2.98
C MET G 222 -45.35 6.81 -2.93
N ASN G 223 -46.10 7.67 -3.63
CA ASN G 223 -47.55 7.49 -3.70
C ASN G 223 -47.92 6.16 -4.34
N THR G 224 -47.25 5.83 -5.45
CA THR G 224 -47.52 4.57 -6.13
C THR G 224 -47.20 3.38 -5.23
N PHE G 225 -46.08 3.45 -4.51
CA PHE G 225 -45.76 2.38 -3.56
C PHE G 225 -46.81 2.29 -2.45
N CYS G 226 -47.29 3.44 -1.98
CA CYS G 226 -48.30 3.44 -0.92
C CYS G 226 -49.58 2.77 -1.39
N ARG G 227 -50.04 3.09 -2.59
CA ARG G 227 -51.31 2.54 -3.06
C ARG G 227 -51.18 1.06 -3.43
N THR G 228 -50.09 0.69 -4.09
CA THR G 228 -49.96 -0.66 -4.62
C THR G 228 -49.66 -1.66 -3.51
N ALA G 229 -50.41 -2.75 -3.47
CA ALA G 229 -50.15 -3.85 -2.55
C ALA G 229 -49.20 -4.84 -3.21
N ILE G 230 -48.20 -5.28 -2.46
CA ILE G 230 -47.18 -6.17 -3.03
C ILE G 230 -47.80 -7.52 -3.34
N PRO G 231 -47.41 -8.18 -4.43
CA PRO G 231 -47.91 -9.52 -4.70
C PRO G 231 -47.01 -10.58 -4.07
N ASP G 232 -47.50 -11.83 -4.11
CA ASP G 232 -46.70 -12.95 -3.66
C ASP G 232 -45.52 -13.15 -4.60
N PHE G 233 -44.37 -13.48 -4.03
CA PHE G 233 -43.12 -13.61 -4.79
C PHE G 233 -42.83 -15.03 -5.22
N ILE G 234 -43.12 -16.02 -4.37
CA ILE G 234 -42.86 -17.41 -4.73
C ILE G 234 -43.72 -17.83 -5.93
N SER G 235 -44.98 -17.40 -5.94
CA SER G 235 -45.90 -17.83 -6.99
C SER G 235 -45.47 -17.37 -8.38
N THR G 236 -44.60 -16.37 -8.46
CA THR G 236 -44.17 -15.84 -9.76
C THR G 236 -43.05 -16.64 -10.39
N VAL G 237 -42.45 -17.58 -9.67
CA VAL G 237 -41.36 -18.39 -10.20
C VAL G 237 -41.91 -19.73 -10.63
N ASN G 238 -41.76 -20.06 -11.92
CA ASN G 238 -42.25 -21.32 -12.46
C ASN G 238 -41.33 -21.70 -13.61
N PHE G 239 -40.58 -22.79 -13.45
CA PHE G 239 -39.54 -23.12 -14.41
C PHE G 239 -40.11 -23.67 -15.70
N VAL G 240 -41.19 -24.45 -15.62
CA VAL G 240 -41.74 -25.08 -16.82
C VAL G 240 -42.23 -24.02 -17.80
N LYS G 241 -42.97 -23.03 -17.29
CA LYS G 241 -43.47 -21.97 -18.16
C LYS G 241 -42.32 -21.16 -18.76
N LYS G 242 -41.29 -20.88 -17.95
CA LYS G 242 -40.16 -20.12 -18.46
C LYS G 242 -39.45 -20.87 -19.58
N GLN G 243 -39.17 -22.15 -19.37
CA GLN G 243 -38.48 -22.91 -20.41
C GLN G 243 -39.36 -23.06 -21.65
N ASN G 244 -40.68 -23.20 -21.46
CA ASN G 244 -41.57 -23.24 -22.61
C ASN G 244 -41.50 -21.93 -23.40
N ASP G 245 -41.46 -20.80 -22.69
CA ASP G 245 -41.35 -19.51 -23.36
C ASP G 245 -40.03 -19.39 -24.10
N ASP G 246 -38.93 -19.86 -23.50
CA ASP G 246 -37.63 -19.74 -24.14
C ASP G 246 -37.54 -20.62 -25.39
N THR G 247 -37.96 -21.88 -25.28
CA THR G 247 -37.81 -22.80 -26.39
C THR G 247 -38.81 -22.46 -27.49
N PRO G 248 -38.40 -22.56 -28.76
CA PRO G 248 -39.36 -22.39 -29.85
C PRO G 248 -40.42 -23.47 -29.82
N LYS G 249 -41.63 -23.10 -30.23
CA LYS G 249 -42.74 -24.06 -30.24
C LYS G 249 -42.45 -25.19 -31.22
N ASP G 250 -41.92 -24.87 -32.40
CA ASP G 250 -41.60 -25.88 -33.39
C ASP G 250 -40.50 -26.80 -32.87
N LEU G 251 -40.56 -28.07 -33.28
CA LEU G 251 -39.73 -29.12 -32.71
C LEU G 251 -38.68 -29.62 -33.69
N THR G 252 -38.21 -28.77 -34.60
CA THR G 252 -37.12 -29.14 -35.50
C THR G 252 -35.93 -28.20 -35.45
N ALA G 253 -36.10 -26.96 -35.01
CA ALA G 253 -34.98 -26.05 -34.87
C ALA G 253 -34.16 -26.40 -33.64
N ASN G 254 -32.97 -25.83 -33.55
CA ASN G 254 -32.10 -26.09 -32.42
C ASN G 254 -32.63 -25.40 -31.17
N GLN G 255 -32.83 -26.18 -30.11
CA GLN G 255 -33.29 -25.62 -28.85
C GLN G 255 -32.20 -24.74 -28.24
N PRO G 256 -32.58 -23.77 -27.40
CA PRO G 256 -31.58 -22.90 -26.78
C PRO G 256 -30.60 -23.71 -25.95
N ALA G 257 -29.32 -23.31 -26.01
CA ALA G 257 -28.27 -24.02 -25.29
C ALA G 257 -28.45 -23.86 -23.78
N SER G 258 -28.79 -22.66 -23.32
CA SER G 258 -28.92 -22.38 -21.90
C SER G 258 -30.13 -21.49 -21.65
N PHE G 259 -30.67 -21.58 -20.45
CA PHE G 259 -31.78 -20.76 -20.01
C PHE G 259 -31.45 -20.11 -18.68
N GLU G 260 -32.13 -19.02 -18.38
CA GLU G 260 -31.95 -18.31 -17.12
C GLU G 260 -33.29 -18.11 -16.44
N LEU G 261 -33.26 -18.05 -15.11
CA LEU G 261 -34.45 -17.78 -14.31
C LEU G 261 -34.04 -16.82 -13.21
N ASP G 262 -34.12 -15.53 -13.49
CA ASP G 262 -33.82 -14.52 -12.49
C ASP G 262 -34.94 -14.47 -11.45
N MET G 263 -34.55 -14.34 -10.19
CA MET G 263 -35.48 -14.43 -9.07
C MET G 263 -35.62 -13.06 -8.41
N PRO G 264 -36.82 -12.47 -8.35
CA PRO G 264 -38.12 -12.97 -8.81
C PRO G 264 -38.37 -12.81 -10.30
N ASN G 265 -39.50 -13.33 -10.78
CA ASN G 265 -39.92 -13.20 -12.17
C ASN G 265 -41.26 -12.47 -12.19
N PHE G 266 -41.20 -11.13 -12.23
CA PHE G 266 -42.38 -10.31 -12.43
C PHE G 266 -42.46 -9.93 -13.90
N ASP G 267 -43.64 -10.10 -14.49
CA ASP G 267 -43.81 -9.78 -15.90
C ASP G 267 -43.67 -8.27 -16.14
N LYS G 268 -43.70 -7.89 -17.41
CA LYS G 268 -43.46 -6.50 -17.77
C LYS G 268 -44.52 -5.57 -17.18
N SER G 269 -45.78 -6.00 -17.20
CA SER G 269 -46.86 -5.16 -16.70
C SER G 269 -46.77 -4.91 -15.20
N SER G 270 -46.12 -5.80 -14.45
CA SER G 270 -46.02 -5.64 -13.01
C SER G 270 -45.16 -4.43 -12.68
N PRO G 271 -45.50 -3.68 -11.63
CA PRO G 271 -44.69 -2.52 -11.24
C PRO G 271 -43.41 -2.87 -10.50
N PHE G 272 -43.13 -4.16 -10.27
CA PHE G 272 -41.96 -4.60 -9.53
C PHE G 272 -40.92 -5.23 -10.45
N TYR G 273 -40.84 -4.78 -11.71
CA TYR G 273 -39.87 -5.37 -12.63
C TYR G 273 -38.44 -5.05 -12.21
N PHE G 274 -38.21 -3.86 -11.65
CA PHE G 274 -36.86 -3.51 -11.25
C PHE G 274 -36.34 -4.44 -10.16
N LEU G 275 -37.23 -4.95 -9.31
CA LEU G 275 -36.82 -5.87 -8.26
C LEU G 275 -36.42 -7.25 -8.77
N ASN G 276 -36.69 -7.54 -10.04
CA ASN G 276 -36.35 -8.84 -10.60
C ASN G 276 -34.85 -9.07 -10.56
N GLY G 277 -34.45 -10.25 -10.09
CA GLY G 277 -33.05 -10.61 -10.02
C GLY G 277 -32.34 -10.23 -8.75
N ILE G 278 -33.03 -9.55 -7.82
CA ILE G 278 -32.37 -9.14 -6.59
C ILE G 278 -32.13 -10.30 -5.62
N CYS G 279 -32.85 -11.41 -5.79
CA CYS G 279 -32.66 -12.59 -4.95
C CYS G 279 -31.88 -13.68 -5.66
N GLY G 280 -30.98 -13.30 -6.55
CA GLY G 280 -30.16 -14.27 -7.26
C GLY G 280 -30.74 -14.65 -8.61
N THR G 281 -30.02 -15.56 -9.28
CA THR G 281 -30.42 -16.07 -10.58
C THR G 281 -29.94 -17.50 -10.71
N VAL G 282 -30.80 -18.35 -11.29
CA VAL G 282 -30.49 -19.76 -11.47
C VAL G 282 -30.52 -20.09 -12.96
N LYS G 283 -29.53 -20.86 -13.39
CA LYS G 283 -29.35 -21.19 -14.80
C LYS G 283 -29.30 -22.70 -14.98
N TRP G 284 -29.77 -23.15 -16.15
CA TRP G 284 -29.74 -24.56 -16.50
C TRP G 284 -29.69 -24.69 -18.01
N ASN G 285 -28.96 -25.69 -18.49
CA ASN G 285 -28.82 -25.91 -19.92
C ASN G 285 -29.80 -26.99 -20.39
N ASN G 286 -30.24 -26.86 -21.64
CA ASN G 286 -31.05 -27.89 -22.26
C ASN G 286 -30.23 -29.16 -22.41
N ILE G 287 -30.91 -30.31 -22.31
CA ILE G 287 -30.25 -31.60 -22.46
C ILE G 287 -29.97 -31.76 -23.96
N SER G 288 -28.72 -31.48 -24.36
CA SER G 288 -28.37 -31.46 -25.78
C SER G 288 -28.36 -32.83 -26.41
N ALA G 289 -28.47 -33.90 -25.61
CA ALA G 289 -28.49 -35.25 -26.17
C ALA G 289 -29.68 -35.44 -27.11
N LEU G 290 -30.87 -35.01 -26.67
CA LEU G 290 -32.03 -35.11 -27.54
C LEU G 290 -32.12 -33.95 -28.52
N ASN G 291 -31.48 -32.82 -28.19
CA ASN G 291 -31.53 -31.64 -29.04
C ASN G 291 -30.95 -31.89 -30.43
N SER G 292 -30.13 -32.93 -30.58
CA SER G 292 -29.45 -33.19 -31.84
C SER G 292 -30.46 -33.32 -32.99
N THR G 293 -30.04 -32.85 -34.16
CA THR G 293 -30.91 -32.76 -35.33
C THR G 293 -30.93 -34.03 -36.16
N ASN G 294 -30.41 -35.14 -35.64
CA ASN G 294 -30.47 -36.39 -36.40
C ASN G 294 -31.91 -36.87 -36.56
N GLN G 295 -32.76 -36.63 -35.57
CA GLN G 295 -34.18 -36.96 -35.69
C GLN G 295 -34.96 -36.01 -34.79
N SER G 296 -35.67 -35.07 -35.40
CA SER G 296 -36.53 -34.13 -34.67
C SER G 296 -37.85 -33.96 -35.40
N ASP G 297 -38.42 -35.08 -35.86
CA ASP G 297 -39.63 -35.03 -36.67
C ASP G 297 -40.81 -34.50 -35.86
N ASN G 298 -41.61 -33.65 -36.49
CA ASN G 298 -42.78 -33.06 -35.86
C ASN G 298 -44.09 -33.49 -36.48
N LYS G 299 -44.08 -34.00 -37.72
CA LYS G 299 -45.30 -34.39 -38.41
C LYS G 299 -45.74 -35.82 -38.10
N GLY G 300 -44.93 -36.58 -37.38
CA GLY G 300 -45.24 -37.97 -37.08
C GLY G 300 -44.67 -38.40 -35.75
N LEU G 301 -44.07 -39.59 -35.73
CA LEU G 301 -43.51 -40.17 -34.53
C LEU G 301 -41.99 -40.00 -34.53
N VAL G 302 -41.45 -39.51 -33.41
CA VAL G 302 -40.01 -39.33 -33.29
C VAL G 302 -39.37 -40.65 -32.86
N THR G 303 -38.05 -40.74 -33.09
CA THR G 303 -37.33 -41.98 -32.84
C THR G 303 -35.89 -41.65 -32.45
N VAL G 304 -35.32 -42.49 -31.58
CA VAL G 304 -33.91 -42.37 -31.22
C VAL G 304 -33.06 -42.98 -32.33
N GLY G 305 -31.85 -42.46 -32.49
CA GLY G 305 -30.98 -42.96 -33.54
C GLY G 305 -30.58 -44.40 -33.30
N GLY G 306 -30.28 -45.09 -34.39
CA GLY G 306 -29.90 -46.50 -34.32
C GLY G 306 -28.43 -46.71 -34.09
N ALA G 307 -27.83 -47.64 -34.84
CA ALA G 307 -26.41 -47.95 -34.70
C ALA G 307 -25.68 -47.93 -36.04
N GLY G 308 -26.25 -47.26 -37.05
CA GLY G 308 -25.63 -47.19 -38.36
C GLY G 308 -25.46 -45.79 -38.90
N SER G 309 -25.75 -44.79 -38.07
CA SER G 309 -25.67 -43.39 -38.47
C SER G 309 -24.96 -42.60 -37.39
N ASN G 310 -24.38 -41.48 -37.80
CA ASN G 310 -23.68 -40.58 -36.88
C ASN G 310 -24.70 -39.69 -36.16
N SER G 311 -24.69 -39.73 -34.84
CA SER G 311 -25.63 -38.97 -34.03
C SER G 311 -25.08 -38.86 -32.61
N SER G 312 -25.83 -38.18 -31.75
CA SER G 312 -25.46 -37.97 -30.35
C SER G 312 -26.58 -38.45 -29.43
N MET G 313 -27.10 -39.63 -29.70
CA MET G 313 -28.14 -40.26 -28.88
C MET G 313 -27.66 -41.65 -28.46
N GLY G 314 -28.58 -42.42 -27.88
CA GLY G 314 -28.26 -43.77 -27.46
C GLY G 314 -28.01 -44.70 -28.63
N ALA G 315 -27.51 -45.89 -28.30
CA ALA G 315 -27.15 -46.88 -29.31
C ALA G 315 -28.35 -47.70 -29.78
N ASN G 316 -29.53 -47.50 -29.21
CA ASN G 316 -30.72 -48.25 -29.58
C ASN G 316 -31.77 -47.30 -30.13
N SER G 317 -32.47 -47.73 -31.18
CA SER G 317 -33.49 -46.95 -31.84
C SER G 317 -34.85 -47.27 -31.22
N LEU G 318 -35.44 -46.28 -30.54
CA LEU G 318 -36.70 -46.46 -29.84
C LEU G 318 -37.68 -45.37 -30.25
N ASN G 319 -38.94 -45.76 -30.43
CA ASN G 319 -40.00 -44.82 -30.78
C ASN G 319 -40.39 -43.98 -29.57
N ILE G 320 -40.66 -42.70 -29.81
CA ILE G 320 -41.16 -41.80 -28.78
C ILE G 320 -42.22 -40.90 -29.41
N THR G 321 -43.32 -40.70 -28.69
CA THR G 321 -44.40 -39.86 -29.19
C THR G 321 -44.01 -38.39 -29.11
N SER G 322 -44.80 -37.56 -29.79
CA SER G 322 -44.53 -36.12 -29.78
C SER G 322 -44.72 -35.53 -28.38
N SER G 323 -45.78 -35.94 -27.68
CA SER G 323 -45.99 -35.48 -26.31
C SER G 323 -44.89 -35.98 -25.39
N GLN G 324 -44.47 -37.23 -25.57
CA GLN G 324 -43.39 -37.77 -24.74
C GLN G 324 -42.08 -37.03 -25.01
N LEU G 325 -41.81 -36.70 -26.27
CA LEU G 325 -40.61 -35.93 -26.59
C LEU G 325 -40.71 -34.53 -25.98
N GLN G 326 -41.90 -33.92 -26.01
CA GLN G 326 -42.07 -32.60 -25.43
C GLN G 326 -41.84 -32.62 -23.93
N THR G 327 -42.34 -33.64 -23.24
CA THR G 327 -42.10 -33.76 -21.81
C THR G 327 -40.63 -34.06 -21.52
N ALA G 328 -39.97 -34.82 -22.40
CA ALA G 328 -38.53 -35.03 -22.26
C ALA G 328 -37.75 -33.74 -22.47
N ARG G 329 -38.29 -32.82 -23.26
CA ARG G 329 -37.68 -31.50 -23.40
C ARG G 329 -37.60 -30.80 -22.05
N LEU G 330 -38.63 -30.94 -21.22
CA LEU G 330 -38.76 -30.18 -19.98
C LEU G 330 -38.35 -30.98 -18.75
N SER G 331 -37.47 -31.98 -18.91
CA SER G 331 -37.03 -32.74 -17.74
C SER G 331 -36.31 -31.85 -16.75
N ARG G 332 -35.44 -30.97 -17.23
CA ARG G 332 -34.80 -30.01 -16.34
C ARG G 332 -35.84 -29.08 -15.73
N ALA G 333 -36.86 -28.72 -16.51
CA ALA G 333 -37.87 -27.79 -16.02
C ALA G 333 -38.63 -28.37 -14.83
N ILE G 334 -39.18 -29.58 -14.97
CA ILE G 334 -39.96 -30.10 -13.86
C ILE G 334 -39.05 -30.56 -12.72
N ALA G 335 -37.81 -30.94 -13.03
CA ALA G 335 -36.88 -31.28 -11.96
C ALA G 335 -36.58 -30.08 -11.07
N ILE G 336 -36.21 -28.95 -11.68
CA ILE G 336 -35.92 -27.76 -10.89
C ILE G 336 -37.19 -27.20 -10.27
N GLN G 337 -38.34 -27.39 -10.92
CA GLN G 337 -39.60 -26.97 -10.31
C GLN G 337 -39.89 -27.77 -9.04
N GLN G 338 -39.62 -29.07 -9.07
CA GLN G 338 -39.77 -29.87 -7.86
C GLN G 338 -38.77 -29.44 -6.79
N MET G 339 -37.54 -29.11 -7.21
CA MET G 339 -36.57 -28.50 -6.31
C MET G 339 -37.18 -27.29 -5.59
N TYR G 340 -37.75 -26.39 -6.38
CA TYR G 340 -38.34 -25.17 -5.85
C TYR G 340 -39.47 -25.48 -4.88
N VAL G 341 -40.37 -26.38 -5.28
CA VAL G 341 -41.56 -26.64 -4.47
C VAL G 341 -41.21 -27.40 -3.20
N THR G 342 -40.11 -28.17 -3.20
CA THR G 342 -39.74 -28.87 -1.98
C THR G 342 -38.90 -28.00 -1.05
N LEU G 343 -38.17 -27.03 -1.60
CA LEU G 343 -37.47 -26.09 -0.73
C LEU G 343 -38.38 -24.98 -0.23
N SER G 344 -39.56 -24.81 -0.83
CA SER G 344 -40.45 -23.75 -0.39
C SER G 344 -40.86 -23.93 1.06
N THR G 345 -41.20 -25.15 1.46
CA THR G 345 -41.59 -25.39 2.84
C THR G 345 -40.45 -25.12 3.81
N VAL G 346 -39.25 -25.54 3.45
CA VAL G 346 -38.09 -25.32 4.32
C VAL G 346 -37.83 -23.83 4.48
N ALA G 347 -37.87 -23.10 3.37
CA ALA G 347 -37.65 -21.65 3.45
C ALA G 347 -38.74 -20.98 4.26
N GLN G 348 -39.99 -21.42 4.10
CA GLN G 348 -41.10 -20.81 4.82
C GLN G 348 -40.96 -21.02 6.32
N VAL G 349 -40.65 -22.24 6.74
CA VAL G 349 -40.50 -22.49 8.17
C VAL G 349 -39.28 -21.76 8.71
N MET G 350 -38.21 -21.66 7.91
CA MET G 350 -37.02 -20.95 8.35
C MET G 350 -37.31 -19.46 8.56
N VAL G 351 -38.06 -18.85 7.64
CA VAL G 351 -38.41 -17.45 7.77
C VAL G 351 -39.34 -17.23 8.95
N ASN G 352 -40.35 -18.10 9.11
CA ASN G 352 -41.24 -17.99 10.26
C ASN G 352 -40.50 -18.19 11.57
N ASN G 353 -39.37 -18.87 11.55
CA ASN G 353 -38.58 -19.05 12.77
C ASN G 353 -37.92 -17.75 13.21
N ASP G 354 -37.69 -16.81 12.30
CA ASP G 354 -36.94 -15.60 12.63
C ASP G 354 -37.76 -14.69 13.52
N PRO G 355 -37.28 -14.36 14.73
CA PRO G 355 -38.00 -13.37 15.55
C PRO G 355 -38.09 -12.00 14.90
N ALA G 356 -37.07 -11.60 14.12
CA ALA G 356 -37.14 -10.33 13.40
C ALA G 356 -38.25 -10.31 12.37
N PHE G 357 -38.68 -11.48 11.91
CA PHE G 357 -39.78 -11.60 10.96
C PHE G 357 -41.08 -12.00 11.63
N SER G 358 -41.14 -11.96 12.96
CA SER G 358 -42.34 -12.37 13.67
C SER G 358 -43.50 -11.46 13.30
N THR G 359 -44.59 -12.06 12.82
CA THR G 359 -45.76 -11.29 12.44
C THR G 359 -46.39 -10.59 13.65
N THR G 360 -46.46 -11.28 14.78
CA THR G 360 -47.03 -10.72 15.98
C THR G 360 -46.01 -9.84 16.71
N THR G 361 -46.47 -9.20 17.78
CA THR G 361 -45.60 -8.38 18.60
C THR G 361 -44.66 -9.25 19.42
N SER G 362 -43.47 -8.71 19.70
CA SER G 362 -42.46 -9.42 20.48
C SER G 362 -42.70 -9.22 21.97
N THR G 363 -43.85 -9.72 22.42
CA THR G 363 -44.24 -9.65 23.82
C THR G 363 -44.17 -11.00 24.51
N GLY G 364 -43.80 -12.06 23.80
CA GLY G 364 -43.71 -13.39 24.38
C GLY G 364 -42.43 -13.62 25.13
N ASN G 365 -41.85 -14.81 24.98
CA ASN G 365 -40.64 -15.17 25.70
C ASN G 365 -39.43 -14.62 24.95
N SER G 366 -38.73 -13.67 25.57
CA SER G 366 -37.48 -13.14 25.03
C SER G 366 -36.26 -13.87 25.58
N LYS G 367 -36.47 -14.94 26.34
CA LYS G 367 -35.39 -15.74 26.91
C LYS G 367 -35.25 -17.11 26.27
N ASN G 368 -36.37 -17.77 25.96
CA ASN G 368 -36.32 -19.10 25.38
C ASN G 368 -35.72 -19.11 23.97
N ASP G 369 -35.73 -17.96 23.30
CA ASP G 369 -35.24 -17.89 21.93
C ASP G 369 -33.79 -18.34 21.85
N PHE G 370 -33.49 -19.12 20.81
CA PHE G 370 -32.14 -19.64 20.64
C PHE G 370 -31.14 -18.52 20.42
N SER G 371 -31.49 -17.54 19.59
CA SER G 371 -30.61 -16.41 19.29
C SER G 371 -31.47 -15.29 18.73
N ALA G 372 -30.82 -14.18 18.36
CA ALA G 372 -31.53 -13.05 17.77
C ALA G 372 -32.04 -13.34 16.37
N ILE G 373 -31.64 -14.45 15.76
CA ILE G 373 -32.03 -14.76 14.40
C ILE G 373 -33.01 -15.93 14.31
N ALA G 374 -33.12 -16.75 15.36
CA ALA G 374 -34.05 -17.88 15.35
C ALA G 374 -34.42 -18.25 16.77
N LYS G 375 -35.71 -18.43 17.03
CA LYS G 375 -36.15 -18.84 18.37
C LYS G 375 -35.83 -20.30 18.63
N GLN G 376 -35.78 -21.13 17.60
CA GLN G 376 -35.45 -22.54 17.73
C GLN G 376 -34.29 -22.86 16.79
N GLN G 377 -33.26 -23.51 17.31
CA GLN G 377 -32.08 -23.80 16.51
C GLN G 377 -32.40 -24.85 15.44
N PHE G 378 -31.67 -24.78 14.33
CA PHE G 378 -31.83 -25.75 13.27
C PHE G 378 -31.11 -27.06 13.56
N GLY G 379 -30.19 -27.06 14.52
CA GLY G 379 -29.48 -28.26 14.91
C GLY G 379 -28.14 -28.42 14.21
N VAL G 380 -27.36 -29.36 14.72
CA VAL G 380 -26.03 -29.67 14.19
C VAL G 380 -25.97 -31.18 13.96
N PRO G 381 -25.35 -31.64 12.87
CA PRO G 381 -25.22 -33.09 12.67
C PRO G 381 -24.43 -33.73 13.80
N TYR G 382 -24.84 -34.94 14.16
CA TYR G 382 -24.23 -35.70 15.23
C TYR G 382 -23.75 -37.04 14.69
N LYS G 383 -22.70 -37.57 15.32
CA LYS G 383 -22.26 -38.92 15.01
C LYS G 383 -23.31 -39.92 15.46
N SER G 384 -23.07 -41.19 15.14
CA SER G 384 -23.99 -42.23 15.61
C SER G 384 -23.61 -42.62 17.04
N SER G 385 -23.40 -41.62 17.89
CA SER G 385 -23.13 -41.83 19.30
C SER G 385 -23.80 -40.81 20.20
N GLY G 386 -24.60 -39.91 19.65
CA GLY G 386 -25.19 -38.84 20.43
C GLY G 386 -24.27 -37.69 20.75
N GLU G 387 -23.10 -37.63 20.12
CA GLU G 387 -22.12 -36.59 20.39
C GLU G 387 -21.99 -35.66 19.19
N VAL G 388 -21.36 -34.51 19.43
CA VAL G 388 -21.27 -33.47 18.40
C VAL G 388 -20.32 -33.91 17.29
N CYS G 389 -20.77 -33.76 16.05
CA CYS G 389 -19.98 -34.12 14.88
C CYS G 389 -19.37 -32.85 14.29
N THR G 390 -18.25 -32.43 14.89
CA THR G 390 -17.58 -31.21 14.45
C THR G 390 -16.75 -31.43 13.19
N GLU G 391 -16.51 -32.67 12.81
CA GLU G 391 -15.72 -33.01 11.64
C GLU G 391 -16.48 -34.01 10.77
N TYR G 392 -15.98 -34.21 9.55
CA TYR G 392 -16.58 -35.16 8.62
C TYR G 392 -15.94 -36.53 8.71
N GLN G 393 -14.62 -36.61 8.91
CA GLN G 393 -13.97 -37.91 9.02
C GLN G 393 -14.54 -38.71 10.19
N GLN G 394 -14.78 -38.04 11.32
CA GLN G 394 -15.71 -38.59 12.29
C GLN G 394 -17.08 -38.58 11.66
N VAL G 395 -17.58 -39.76 11.28
CA VAL G 395 -18.75 -39.84 10.43
C VAL G 395 -19.99 -39.37 11.18
N CYS G 396 -20.79 -38.53 10.51
CA CYS G 396 -22.03 -38.02 11.07
C CYS G 396 -23.20 -38.76 10.44
N GLN G 397 -24.11 -39.25 11.27
CA GLN G 397 -25.27 -39.98 10.79
C GLN G 397 -26.58 -39.42 11.32
N THR G 398 -26.61 -38.96 12.56
CA THR G 398 -27.80 -38.40 13.17
C THR G 398 -27.71 -36.88 13.18
N TRP G 399 -28.67 -36.25 13.85
CA TRP G 399 -28.81 -34.79 13.84
C TRP G 399 -29.40 -34.36 15.17
N GLY G 400 -28.56 -33.85 16.07
CA GLY G 400 -28.96 -33.53 17.42
C GLY G 400 -28.88 -32.03 17.70
N SER G 401 -29.40 -31.66 18.86
CA SER G 401 -29.43 -30.27 19.30
C SER G 401 -28.22 -29.96 20.16
N VAL G 402 -27.78 -28.71 20.12
CA VAL G 402 -26.64 -28.24 20.91
C VAL G 402 -27.07 -27.00 21.69
N PRO G 403 -26.69 -26.89 22.97
CA PRO G 403 -27.08 -25.69 23.74
C PRO G 403 -26.50 -24.42 23.12
N SER G 404 -27.24 -23.33 23.29
CA SER G 404 -26.82 -22.04 22.77
C SER G 404 -25.71 -21.46 23.63
N SER G 405 -25.27 -20.24 23.28
CA SER G 405 -24.25 -19.56 24.06
C SER G 405 -24.75 -19.18 25.45
N THR G 406 -26.04 -18.93 25.61
CA THR G 406 -26.61 -18.60 26.91
C THR G 406 -26.94 -19.83 27.75
N GLY G 407 -26.85 -21.03 27.17
CA GLY G 407 -27.08 -22.26 27.88
C GLY G 407 -28.47 -22.84 27.69
N SER G 408 -29.44 -22.03 27.25
CA SER G 408 -30.79 -22.52 27.05
C SER G 408 -30.83 -23.51 25.89
N THR G 409 -31.60 -24.58 26.07
CA THR G 409 -31.76 -25.61 25.06
C THR G 409 -33.16 -25.54 24.47
N THR G 410 -33.23 -25.51 23.14
CA THR G 410 -34.50 -25.38 22.43
C THR G 410 -34.62 -26.51 21.41
N GLY G 411 -35.86 -26.83 21.05
CA GLY G 411 -36.10 -27.89 20.11
C GLY G 411 -35.63 -27.55 18.70
N VAL G 412 -35.27 -28.59 17.96
CA VAL G 412 -34.78 -28.44 16.60
C VAL G 412 -35.97 -28.53 15.66
N LEU G 413 -35.78 -28.02 14.44
CA LEU G 413 -36.85 -27.97 13.45
C LEU G 413 -36.58 -28.84 12.23
N PHE G 414 -35.42 -29.47 12.14
CA PHE G 414 -35.09 -30.28 10.97
C PHE G 414 -34.34 -31.53 11.41
N ASN G 415 -34.44 -32.57 10.59
CA ASN G 415 -33.64 -33.77 10.76
C ASN G 415 -32.35 -33.73 9.97
N GLY G 416 -32.08 -32.62 9.26
CA GLY G 416 -30.87 -32.48 8.50
C GLY G 416 -30.85 -33.25 7.20
N THR G 417 -31.96 -33.86 6.81
CA THR G 417 -32.05 -34.63 5.58
C THR G 417 -32.85 -33.94 4.50
N GLU G 418 -33.26 -32.68 4.73
CA GLU G 418 -34.11 -32.00 3.75
C GLU G 418 -33.35 -31.69 2.47
N PHE G 419 -32.14 -31.14 2.59
CA PHE G 419 -31.38 -30.76 1.41
C PHE G 419 -31.02 -31.98 0.55
N LEU G 420 -30.44 -33.00 1.20
CA LEU G 420 -30.07 -34.20 0.45
C LEU G 420 -31.30 -34.97 -0.03
N GLY G 421 -32.40 -34.92 0.71
CA GLY G 421 -33.62 -35.52 0.22
C GLY G 421 -34.14 -34.85 -1.03
N ALA G 422 -34.05 -33.51 -1.07
CA ALA G 422 -34.39 -32.79 -2.30
C ALA G 422 -33.45 -33.19 -3.43
N ILE G 423 -32.16 -33.37 -3.12
CA ILE G 423 -31.20 -33.78 -4.13
C ILE G 423 -31.58 -35.15 -4.72
N ASN G 424 -31.92 -36.10 -3.84
CA ASN G 424 -32.35 -37.41 -4.33
C ASN G 424 -33.66 -37.32 -5.10
N ASP G 425 -34.57 -36.44 -4.70
CA ASP G 425 -35.79 -36.25 -5.48
C ASP G 425 -35.47 -35.77 -6.88
N TYR G 426 -34.55 -34.80 -6.99
CA TYR G 426 -34.13 -34.30 -8.30
C TYR G 426 -33.53 -35.42 -9.14
N ASN G 427 -32.64 -36.21 -8.52
CA ASN G 427 -31.99 -37.27 -9.28
C ASN G 427 -32.97 -38.35 -9.70
N GLY G 428 -33.93 -38.69 -8.84
CA GLY G 428 -34.93 -39.68 -9.21
C GLY G 428 -35.84 -39.21 -10.32
N ILE G 429 -36.19 -37.91 -10.31
CA ILE G 429 -36.98 -37.36 -11.41
C ILE G 429 -36.15 -37.34 -12.69
N MET G 430 -34.85 -37.08 -12.58
CA MET G 430 -34.00 -37.08 -13.76
C MET G 430 -33.78 -38.47 -14.33
N MET G 431 -33.81 -39.50 -13.49
CA MET G 431 -33.46 -40.85 -13.91
C MET G 431 -34.22 -41.36 -15.13
N PRO G 432 -35.54 -41.20 -15.23
CA PRO G 432 -36.22 -41.70 -16.45
C PRO G 432 -35.70 -41.08 -17.74
N THR G 433 -35.38 -39.79 -17.74
CA THR G 433 -34.92 -39.14 -18.96
C THR G 433 -33.55 -39.65 -19.38
N LEU G 434 -32.62 -39.72 -18.43
CA LEU G 434 -31.29 -40.25 -18.76
C LEU G 434 -31.36 -41.73 -19.12
N ASN G 435 -32.27 -42.48 -18.50
CA ASN G 435 -32.46 -43.88 -18.86
C ASN G 435 -32.95 -44.03 -20.29
N LEU G 436 -33.91 -43.18 -20.70
CA LEU G 436 -34.34 -43.18 -22.08
C LEU G 436 -33.20 -42.78 -23.02
N ILE G 437 -32.38 -41.83 -22.60
CA ILE G 437 -31.28 -41.36 -23.46
C ILE G 437 -30.27 -42.48 -23.67
N ARG G 438 -29.88 -43.16 -22.59
CA ARG G 438 -28.80 -44.14 -22.68
C ARG G 438 -29.20 -45.38 -23.46
N GLN G 439 -30.48 -45.60 -23.68
CA GLN G 439 -30.93 -46.73 -24.50
C GLN G 439 -30.87 -46.39 -25.97
N SER G 442 -26.01 -51.38 -26.38
CA SER G 442 -24.60 -51.58 -26.06
C SER G 442 -23.72 -50.63 -26.84
N LYS G 443 -22.69 -50.10 -26.19
CA LYS G 443 -21.75 -49.17 -26.82
C LYS G 443 -20.43 -49.80 -27.20
N GLU G 444 -20.08 -50.93 -26.58
CA GLU G 444 -18.81 -51.60 -26.86
C GLU G 444 -18.88 -52.53 -28.06
N PHE G 445 -20.07 -52.80 -28.60
CA PHE G 445 -20.23 -53.70 -29.73
C PHE G 445 -21.15 -53.05 -30.76
N ASP G 446 -20.70 -53.03 -32.01
CA ASP G 446 -21.49 -52.47 -33.10
C ASP G 446 -21.03 -53.09 -34.41
N LYS G 447 -21.89 -53.00 -35.42
CA LYS G 447 -21.54 -53.51 -36.74
C LYS G 447 -20.42 -52.70 -37.37
N LYS G 448 -20.45 -51.37 -37.15
CA LYS G 448 -19.47 -50.49 -37.80
C LYS G 448 -18.04 -50.89 -37.45
N SER G 449 -17.83 -51.53 -36.30
CA SER G 449 -16.49 -51.97 -35.93
C SER G 449 -15.83 -52.80 -37.03
N ARG G 450 -16.60 -53.27 -38.01
CA ARG G 450 -16.05 -54.06 -39.10
C ARG G 450 -16.15 -53.42 -40.48
N ASP G 451 -17.01 -52.39 -40.69
CA ASP G 451 -17.30 -52.07 -42.10
C ASP G 451 -16.06 -51.55 -42.82
N PHE G 452 -15.04 -51.11 -42.07
CA PHE G 452 -13.82 -50.61 -42.68
C PHE G 452 -13.14 -51.65 -43.56
N ILE G 453 -13.32 -52.94 -43.27
CA ILE G 453 -12.74 -53.96 -44.14
C ILE G 453 -13.27 -53.81 -45.56
N ALA G 454 -14.55 -53.49 -45.72
CA ALA G 454 -15.11 -53.31 -47.05
C ALA G 454 -14.35 -52.25 -47.84
N GLU G 455 -13.74 -51.28 -47.15
CA GLU G 455 -12.93 -50.28 -47.83
C GLU G 455 -11.45 -50.61 -47.85
N ALA G 456 -10.99 -51.48 -46.93
CA ALA G 456 -9.55 -51.67 -46.78
C ALA G 456 -8.94 -52.28 -48.03
N ASN G 457 -9.52 -53.37 -48.52
CA ASN G 457 -9.04 -53.95 -49.77
C ASN G 457 -9.24 -53.02 -50.95
N ALA G 458 -10.08 -51.99 -50.80
CA ALA G 458 -10.24 -51.00 -51.85
C ALA G 458 -9.06 -50.03 -51.90
N LYS G 459 -8.32 -49.89 -50.79
CA LYS G 459 -7.24 -48.91 -50.73
C LYS G 459 -5.87 -49.48 -51.08
N GLY G 460 -5.67 -50.79 -50.92
CA GLY G 460 -4.39 -51.40 -51.19
C GLY G 460 -3.59 -51.63 -49.93
N TRP G 461 -2.41 -52.24 -50.12
CA TRP G 461 -1.58 -52.62 -48.98
C TRP G 461 -0.97 -51.39 -48.31
N ILE G 462 -0.60 -50.38 -49.10
CA ILE G 462 0.14 -49.25 -48.55
C ILE G 462 -0.62 -48.57 -47.43
N MET G 463 -1.94 -48.65 -47.44
CA MET G 463 -2.74 -47.93 -46.48
C MET G 463 -3.04 -48.73 -45.23
N ALA G 464 -2.59 -50.00 -45.18
CA ALA G 464 -2.94 -50.87 -44.05
C ALA G 464 -2.57 -50.24 -42.72
N GLY G 465 -1.49 -49.46 -42.68
CA GLY G 465 -1.08 -48.84 -41.42
C GLY G 465 -2.17 -47.99 -40.81
N SER G 466 -2.86 -47.19 -41.63
CA SER G 466 -3.87 -46.30 -41.06
C SER G 466 -5.06 -47.05 -40.51
N TYR G 467 -5.11 -48.37 -40.66
CA TYR G 467 -6.16 -49.19 -40.09
C TYR G 467 -5.80 -49.77 -38.72
N PHE G 468 -4.60 -49.48 -38.21
CA PHE G 468 -4.06 -50.23 -37.08
C PHE G 468 -5.03 -50.27 -35.91
N PHE G 469 -5.42 -49.11 -35.40
CA PHE G 469 -6.26 -49.08 -34.20
C PHE G 469 -7.57 -49.82 -34.44
N ASP G 470 -8.09 -49.76 -35.67
CA ASP G 470 -9.30 -50.51 -35.99
C ASP G 470 -9.11 -51.99 -35.70
N LEU G 471 -8.01 -52.57 -36.18
CA LEU G 471 -7.72 -53.97 -35.89
C LEU G 471 -7.63 -54.23 -34.40
N VAL G 472 -7.13 -53.26 -33.63
CA VAL G 472 -7.06 -53.43 -32.18
C VAL G 472 -8.45 -53.64 -31.61
N LYS G 473 -9.43 -52.89 -32.11
CA LYS G 473 -10.80 -53.06 -31.66
C LYS G 473 -11.33 -54.44 -32.02
N LEU G 474 -10.82 -55.03 -33.12
CA LEU G 474 -11.17 -56.40 -33.43
C LEU G 474 -10.66 -57.36 -32.37
N ASN G 475 -9.47 -57.08 -31.82
CA ASN G 475 -8.99 -57.85 -30.68
C ASN G 475 -9.92 -57.72 -29.48
N GLY G 476 -10.75 -56.67 -29.45
CA GLY G 476 -11.78 -56.59 -28.42
C GLY G 476 -12.80 -57.70 -28.53
N SER G 477 -13.15 -58.10 -29.76
CA SER G 477 -14.07 -59.21 -29.97
C SER G 477 -13.40 -60.58 -29.88
N ALA G 478 -12.07 -60.64 -29.92
CA ALA G 478 -11.34 -61.89 -29.84
C ALA G 478 -10.98 -62.29 -28.42
N THR G 479 -11.15 -61.39 -27.46
CA THR G 479 -10.84 -61.68 -26.06
C THR G 479 -12.01 -61.41 -25.12
N GLU G 480 -12.80 -60.38 -25.38
CA GLU G 480 -13.92 -60.03 -24.52
C GLU G 480 -15.21 -60.70 -25.00
N ASP G 483 -26.10 -47.79 -13.40
CA ASP G 483 -26.72 -46.53 -13.03
C ASP G 483 -25.88 -45.35 -13.49
N GLN G 484 -26.49 -44.16 -13.54
CA GLN G 484 -25.80 -42.95 -13.98
C GLN G 484 -26.36 -41.77 -13.21
N PHE G 485 -25.60 -40.67 -13.22
CA PHE G 485 -26.01 -39.43 -12.61
C PHE G 485 -25.84 -38.28 -13.60
N ASP G 486 -26.62 -37.23 -13.41
CA ASP G 486 -26.61 -36.11 -14.33
C ASP G 486 -25.30 -35.34 -14.21
N THR G 487 -24.53 -35.30 -15.30
CA THR G 487 -23.28 -34.56 -15.35
C THR G 487 -23.42 -33.44 -16.38
N GLY G 488 -22.95 -32.25 -16.02
CA GLY G 488 -23.10 -31.10 -16.89
C GLY G 488 -24.47 -30.49 -16.88
N THR G 489 -25.19 -30.59 -15.76
CA THR G 489 -26.53 -30.01 -15.67
C THR G 489 -26.50 -28.50 -15.77
N GLY G 490 -25.36 -27.86 -15.56
CA GLY G 490 -25.24 -26.43 -15.68
C GLY G 490 -25.75 -25.64 -14.49
N LEU G 491 -26.22 -26.31 -13.44
CA LEU G 491 -26.69 -25.59 -12.26
C LEU G 491 -25.56 -24.91 -11.50
N ASP G 492 -24.31 -25.23 -11.81
CA ASP G 492 -23.19 -24.55 -11.18
C ASP G 492 -23.07 -23.11 -11.64
N LYS G 493 -23.54 -22.80 -12.85
CA LYS G 493 -23.45 -21.45 -13.38
C LYS G 493 -24.36 -20.47 -12.65
N SER G 494 -25.26 -20.96 -11.80
CA SER G 494 -26.16 -20.09 -11.06
C SER G 494 -25.41 -19.26 -10.03
N SER G 495 -26.05 -18.20 -9.56
CA SER G 495 -25.44 -17.30 -8.61
C SER G 495 -26.50 -16.74 -7.67
N PHE G 496 -26.06 -16.27 -6.50
CA PHE G 496 -26.96 -15.67 -5.53
C PHE G 496 -26.13 -14.74 -4.64
N ASP G 497 -26.29 -13.44 -4.82
CA ASP G 497 -25.51 -12.46 -4.08
C ASP G 497 -26.40 -11.71 -3.10
N PRO G 498 -26.26 -11.93 -1.79
CA PRO G 498 -27.08 -11.17 -0.84
C PRO G 498 -26.75 -9.69 -0.79
N THR G 499 -25.50 -9.31 -1.09
CA THR G 499 -25.10 -7.91 -0.98
C THR G 499 -25.87 -7.02 -1.94
N GLN G 500 -26.49 -7.59 -2.98
CA GLN G 500 -27.30 -6.79 -3.89
C GLN G 500 -28.51 -6.18 -3.18
N LEU G 501 -28.92 -6.74 -2.04
CA LEU G 501 -30.05 -6.17 -1.31
C LEU G 501 -29.69 -4.80 -0.74
N THR G 502 -28.48 -4.67 -0.19
CA THR G 502 -28.01 -3.40 0.34
C THR G 502 -27.12 -2.65 -0.65
N LYS G 503 -27.06 -3.11 -1.90
CA LYS G 503 -26.28 -2.41 -2.91
C LYS G 503 -26.71 -0.97 -3.11
N PRO G 504 -27.99 -0.64 -3.33
CA PRO G 504 -28.33 0.75 -3.68
C PRO G 504 -28.03 1.76 -2.59
N PHE G 505 -28.14 1.37 -1.32
CA PHE G 505 -28.14 2.34 -0.24
C PHE G 505 -26.79 3.05 -0.12
N GLY G 506 -26.84 4.28 0.37
CA GLY G 506 -25.64 5.09 0.51
C GLY G 506 -26.01 6.48 0.96
N LYS G 507 -25.10 7.42 0.73
CA LYS G 507 -25.39 8.82 1.04
C LYS G 507 -26.59 9.30 0.23
N THR G 508 -26.64 8.93 -1.05
CA THR G 508 -27.82 9.09 -1.89
C THR G 508 -27.93 7.87 -2.78
N CYS G 509 -28.97 7.07 -2.58
CA CYS G 509 -29.06 5.78 -3.23
C CYS G 509 -29.20 5.92 -4.74
N GLN G 510 -28.49 5.06 -5.46
CA GLN G 510 -28.37 5.12 -6.90
C GLN G 510 -28.83 3.79 -7.52
N ASP G 511 -28.59 3.66 -8.83
CA ASP G 511 -28.96 2.47 -9.56
C ASP G 511 -28.21 1.24 -9.02
N PRO G 512 -28.73 0.04 -9.26
CA PRO G 512 -29.91 -0.33 -10.05
C PRO G 512 -31.24 -0.23 -9.31
N TYR G 513 -31.27 -0.54 -8.01
CA TYR G 513 -32.52 -0.66 -7.26
C TYR G 513 -32.78 0.55 -6.38
N SER G 514 -32.51 1.76 -6.87
CA SER G 514 -32.75 2.96 -6.09
C SER G 514 -34.22 3.11 -5.69
N LEU G 515 -35.14 2.52 -6.45
CA LEU G 515 -36.54 2.57 -6.07
C LEU G 515 -36.79 1.90 -4.73
N LEU G 516 -36.08 0.80 -4.48
CA LEU G 516 -36.20 0.14 -3.19
C LEU G 516 -35.77 1.06 -2.05
N CYS G 517 -34.66 1.77 -2.24
CA CYS G 517 -34.19 2.71 -1.22
C CYS G 517 -35.20 3.83 -1.00
N THR G 518 -35.73 4.39 -2.10
CA THR G 518 -36.71 5.46 -1.94
C THR G 518 -37.97 4.96 -1.26
N TRP G 519 -38.33 3.68 -1.46
CA TRP G 519 -39.42 3.10 -0.71
C TRP G 519 -39.08 3.00 0.77
N PHE G 520 -37.84 2.64 1.09
CA PHE G 520 -37.41 2.45 2.47
C PHE G 520 -36.85 3.72 3.10
N GLN G 521 -36.91 4.85 2.40
CA GLN G 521 -36.41 6.13 2.91
C GLN G 521 -34.95 6.05 3.34
N ASN G 522 -34.14 5.41 2.49
CA ASN G 522 -32.69 5.33 2.71
C ASN G 522 -32.34 4.72 4.05
N LYS G 523 -33.10 3.71 4.46
CA LYS G 523 -32.83 2.96 5.68
C LYS G 523 -32.67 1.49 5.32
N SER G 524 -31.58 0.88 5.77
CA SER G 524 -31.21 -0.46 5.37
C SER G 524 -31.45 -1.51 6.44
N ASP G 525 -32.08 -1.14 7.56
CA ASP G 525 -32.22 -2.09 8.66
C ASP G 525 -33.03 -3.31 8.26
N LYS G 526 -34.14 -3.10 7.53
CA LYS G 526 -35.02 -4.20 7.18
C LYS G 526 -34.34 -5.21 6.26
N LEU G 527 -33.30 -4.80 5.54
CA LEU G 527 -32.59 -5.70 4.65
C LEU G 527 -31.29 -6.23 5.25
N ILE G 528 -30.65 -5.49 6.16
CA ILE G 528 -29.52 -6.09 6.86
C ILE G 528 -30.03 -7.16 7.81
N GLN G 529 -31.30 -7.08 8.24
CA GLN G 529 -31.90 -8.23 8.91
C GLN G 529 -31.95 -9.44 7.99
N ILE G 530 -32.28 -9.23 6.72
CA ILE G 530 -32.24 -10.32 5.74
C ILE G 530 -30.83 -10.89 5.64
N GLN G 531 -29.83 -10.01 5.57
CA GLN G 531 -28.46 -10.46 5.44
C GLN G 531 -28.04 -11.27 6.66
N SER G 532 -28.44 -10.84 7.85
CA SER G 532 -28.10 -11.57 9.07
C SER G 532 -28.81 -12.91 9.14
N LEU G 533 -30.03 -12.98 8.61
CA LEU G 533 -30.71 -14.28 8.54
C LEU G 533 -30.04 -15.18 7.50
N ILE G 534 -29.42 -14.58 6.47
CA ILE G 534 -28.79 -15.36 5.41
C ILE G 534 -27.46 -15.94 5.88
N ASP G 535 -26.55 -15.09 6.36
CA ASP G 535 -25.23 -15.58 6.75
C ASP G 535 -24.72 -14.93 8.03
N GLY G 536 -25.63 -14.53 8.92
CA GLY G 536 -25.25 -14.10 10.26
C GLY G 536 -24.42 -12.83 10.36
N VAL G 537 -24.78 -11.78 9.63
CA VAL G 537 -24.10 -10.49 9.70
C VAL G 537 -25.15 -9.40 9.85
N PRO G 538 -25.16 -8.63 10.94
CA PRO G 538 -24.24 -8.66 12.08
C PRO G 538 -24.92 -9.18 13.34
N ALA G 539 -26.08 -9.84 13.22
CA ALA G 539 -26.75 -10.37 14.39
C ALA G 539 -25.91 -11.41 15.11
N LEU G 540 -24.92 -11.98 14.44
CA LEU G 540 -23.99 -12.94 15.02
C LEU G 540 -22.56 -12.46 14.85
N GLY G 541 -22.35 -11.15 15.00
CA GLY G 541 -21.04 -10.56 14.80
C GLY G 541 -20.77 -10.29 13.33
N GLN G 542 -19.61 -9.68 13.09
CA GLN G 542 -19.20 -9.31 11.75
C GLN G 542 -18.43 -10.41 11.04
N ASP G 543 -18.22 -11.55 11.68
CA ASP G 543 -17.46 -12.63 11.05
C ASP G 543 -18.32 -13.39 10.03
N GLY G 544 -19.40 -14.01 10.49
CA GLY G 544 -20.30 -14.74 9.61
C GLY G 544 -19.65 -15.94 8.94
N VAL G 545 -20.43 -16.65 8.13
CA VAL G 545 -19.95 -17.76 7.32
C VAL G 545 -20.30 -17.48 5.87
N LYS G 546 -19.31 -17.55 4.98
CA LYS G 546 -19.52 -17.20 3.59
C LYS G 546 -20.07 -18.41 2.83
N GLN G 547 -20.06 -18.32 1.50
CA GLN G 547 -20.62 -19.37 0.68
C GLN G 547 -19.81 -20.66 0.85
N PRO G 548 -20.46 -21.78 1.14
CA PRO G 548 -19.71 -23.02 1.38
C PRO G 548 -19.03 -23.51 0.10
N ASP G 549 -17.88 -24.14 0.27
CA ASP G 549 -17.26 -24.88 -0.83
C ASP G 549 -18.13 -26.10 -1.09
N LEU G 550 -19.00 -26.01 -2.09
CA LEU G 550 -20.12 -26.91 -2.22
C LEU G 550 -19.78 -28.16 -3.04
N SER G 551 -18.53 -28.31 -3.46
CA SER G 551 -18.08 -29.55 -4.07
C SER G 551 -17.85 -30.60 -2.99
N ASP G 552 -17.32 -31.75 -3.40
CA ASP G 552 -17.02 -32.82 -2.46
C ASP G 552 -15.79 -32.46 -1.64
N ASN G 553 -15.97 -32.26 -0.34
CA ASN G 553 -14.88 -31.88 0.57
C ASN G 553 -14.75 -32.91 1.67
N PRO G 554 -13.79 -33.84 1.57
CA PRO G 554 -13.63 -34.83 2.65
C PRO G 554 -13.32 -34.21 4.00
N GLN G 555 -12.56 -33.14 4.04
CA GLN G 555 -12.32 -32.39 5.27
C GLN G 555 -13.18 -31.13 5.22
N ARG G 556 -14.41 -31.25 5.73
CA ARG G 556 -15.33 -30.14 5.86
C ARG G 556 -15.54 -29.85 7.33
N GLN G 557 -15.40 -28.59 7.71
CA GLN G 557 -15.52 -28.21 9.12
C GLN G 557 -16.97 -27.84 9.42
N SER G 558 -17.50 -28.42 10.50
CA SER G 558 -18.87 -28.15 10.88
C SER G 558 -19.02 -26.74 11.42
N VAL G 559 -20.24 -26.23 11.38
CA VAL G 559 -20.59 -24.92 11.92
C VAL G 559 -21.18 -25.15 13.29
N SER G 560 -20.48 -24.71 14.33
CA SER G 560 -20.87 -24.91 15.70
C SER G 560 -21.25 -23.58 16.34
N GLY G 561 -22.07 -23.67 17.38
CA GLY G 561 -22.56 -22.48 18.05
C GLY G 561 -23.74 -21.89 17.33
N PRO G 562 -24.19 -20.71 17.77
CA PRO G 562 -25.40 -20.13 17.17
C PRO G 562 -25.29 -19.88 15.68
N LEU G 563 -24.08 -19.88 15.13
CA LEU G 563 -23.93 -19.71 13.69
C LEU G 563 -24.58 -20.83 12.89
N SER G 564 -24.88 -21.97 13.51
CA SER G 564 -25.59 -23.01 12.78
C SER G 564 -27.04 -22.63 12.51
N SER G 565 -27.54 -21.57 13.13
CA SER G 565 -28.91 -21.11 12.92
C SER G 565 -29.03 -20.11 11.78
N THR G 566 -28.11 -20.13 10.83
CA THR G 566 -28.18 -19.30 9.64
C THR G 566 -28.30 -20.20 8.41
N VAL G 567 -28.69 -19.60 7.29
CA VAL G 567 -29.02 -20.39 6.10
C VAL G 567 -27.76 -21.05 5.54
N TYR G 568 -26.70 -20.26 5.34
CA TYR G 568 -25.47 -20.81 4.77
C TYR G 568 -24.84 -21.84 5.70
N GLY G 569 -24.80 -21.53 7.00
CA GLY G 569 -24.35 -22.51 7.96
C GLY G 569 -25.23 -23.75 7.98
N PHE G 570 -26.54 -23.55 7.76
CA PHE G 570 -27.44 -24.71 7.71
C PHE G 570 -27.11 -25.61 6.53
N VAL G 571 -26.83 -25.03 5.36
CA VAL G 571 -26.50 -25.84 4.20
C VAL G 571 -25.18 -26.57 4.43
N ASN G 572 -24.18 -25.85 4.95
CA ASN G 572 -22.88 -26.46 5.20
C ASN G 572 -22.98 -27.58 6.22
N ASN G 573 -23.83 -27.39 7.25
CA ASN G 573 -24.03 -28.40 8.28
C ASN G 573 -24.88 -29.56 7.78
N SER G 574 -25.76 -29.30 6.81
CA SER G 574 -26.63 -30.33 6.28
C SER G 574 -25.86 -31.28 5.36
N MET G 575 -24.93 -30.75 4.58
CA MET G 575 -24.19 -31.65 3.70
C MET G 575 -23.06 -32.40 4.38
N MET G 576 -23.07 -32.48 5.71
CA MET G 576 -22.14 -33.36 6.42
C MET G 576 -22.76 -34.70 6.77
N VAL G 577 -24.09 -34.76 6.88
CA VAL G 577 -24.74 -36.01 7.30
C VAL G 577 -24.56 -37.06 6.22
N GLN G 578 -24.55 -38.32 6.65
CA GLN G 578 -24.43 -39.46 5.75
C GLN G 578 -25.78 -40.14 5.64
N LEU G 579 -26.21 -40.41 4.40
CA LEU G 579 -27.48 -41.07 4.18
C LEU G 579 -27.40 -42.51 4.71
N PRO G 580 -28.54 -43.12 5.06
CA PRO G 580 -28.52 -44.45 5.68
C PRO G 580 -27.97 -45.54 4.77
N GLY G 581 -27.67 -45.20 3.52
CA GLY G 581 -27.05 -46.14 2.61
C GLY G 581 -25.56 -46.28 2.87
N GLN G 582 -24.90 -47.00 1.97
CA GLN G 582 -23.46 -47.21 2.07
C GLN G 582 -22.73 -45.88 1.89
N PRO G 583 -21.56 -45.74 2.52
CA PRO G 583 -20.79 -44.50 2.36
C PRO G 583 -20.26 -44.34 0.94
N GLY G 584 -20.02 -43.08 0.57
CA GLY G 584 -19.56 -42.79 -0.79
C GLY G 584 -18.52 -41.71 -0.91
N ILE G 585 -17.97 -41.24 0.22
CA ILE G 585 -16.93 -40.22 0.23
C ILE G 585 -15.75 -40.79 1.01
N LYS G 586 -14.70 -41.19 0.30
CA LYS G 586 -13.53 -41.74 0.95
C LYS G 586 -12.66 -40.63 1.54
N PRO G 587 -12.07 -40.85 2.72
CA PRO G 587 -11.08 -39.91 3.22
C PRO G 587 -9.88 -39.80 2.28
N LEU G 588 -9.32 -38.61 2.20
CA LEU G 588 -8.15 -38.39 1.34
C LEU G 588 -6.95 -39.13 1.92
N THR G 589 -6.21 -39.81 1.03
CA THR G 589 -5.12 -40.66 1.46
C THR G 589 -3.85 -39.91 1.85
N PHE G 590 -3.75 -38.63 1.51
CA PHE G 590 -2.63 -37.79 1.96
C PHE G 590 -3.22 -36.66 2.79
N ALA G 591 -3.43 -36.92 4.08
CA ALA G 591 -3.97 -35.93 4.99
C ALA G 591 -2.95 -35.43 6.02
N ASN G 592 -2.10 -36.32 6.54
CA ASN G 592 -1.04 -35.93 7.46
C ASN G 592 0.34 -36.03 6.84
N LEU G 593 0.47 -36.60 5.64
CA LEU G 593 1.76 -36.66 4.98
C LEU G 593 2.28 -35.26 4.67
N ILE G 594 1.39 -34.36 4.26
CA ILE G 594 1.73 -32.96 4.07
C ILE G 594 1.02 -32.18 5.18
N ASN G 595 1.79 -31.47 5.98
CA ASN G 595 1.24 -30.62 7.02
C ASN G 595 1.32 -29.16 6.60
N PHE G 596 0.27 -28.42 6.93
CA PHE G 596 0.22 -26.99 6.59
C PHE G 596 -0.34 -26.25 7.81
N LYS G 597 0.56 -25.78 8.65
CA LYS G 597 0.19 -25.08 9.89
C LYS G 597 0.48 -23.60 9.68
N VAL G 598 -0.52 -22.88 9.18
CA VAL G 598 -0.47 -21.43 9.03
C VAL G 598 -1.52 -20.83 9.96
N ASP G 599 -1.07 -20.02 10.90
CA ASP G 599 -1.94 -19.42 11.91
C ASP G 599 -2.14 -17.95 11.60
N THR G 600 -3.33 -17.60 11.11
CA THR G 600 -3.65 -16.21 10.81
C THR G 600 -3.75 -15.35 12.06
N SER G 601 -3.91 -15.96 13.24
CA SER G 601 -3.96 -15.21 14.47
C SER G 601 -2.65 -14.49 14.78
N LEU G 602 -1.56 -14.90 14.14
CA LEU G 602 -0.27 -14.30 14.41
C LEU G 602 -0.19 -12.87 13.90
N TYR G 603 -1.07 -12.49 12.97
CA TYR G 603 -1.14 -11.14 12.44
C TYR G 603 -2.39 -10.39 12.89
N TYR G 604 -3.10 -10.91 13.89
CA TYR G 604 -4.30 -10.24 14.36
C TYR G 604 -3.92 -8.89 14.98
N MET G 605 -4.63 -7.84 14.60
CA MET G 605 -4.35 -6.51 15.09
C MET G 605 -5.16 -6.25 16.36
N LYS G 606 -4.48 -5.81 17.41
CA LYS G 606 -5.08 -5.70 18.72
C LYS G 606 -5.83 -4.38 18.87
N HIS G 607 -6.71 -4.33 19.88
CA HIS G 607 -7.54 -3.17 20.16
C HIS G 607 -6.83 -2.30 21.19
N GLN G 608 -6.14 -1.26 20.71
CA GLN G 608 -5.43 -0.36 21.60
C GLN G 608 -6.39 0.58 22.31
N ASP G 609 -5.99 1.03 23.50
CA ASP G 609 -6.72 2.02 24.28
C ASP G 609 -5.88 3.28 24.34
N PHE G 610 -6.24 4.27 23.53
CA PHE G 610 -5.47 5.50 23.45
C PHE G 610 -5.87 6.45 24.57
N ASP G 611 -4.88 6.96 25.30
CA ASP G 611 -5.13 8.03 26.24
C ASP G 611 -5.53 9.29 25.48
N CYS G 612 -6.55 9.98 25.99
CA CYS G 612 -7.16 11.08 25.26
C CYS G 612 -6.98 12.39 26.01
N GLY G 613 -6.69 13.45 25.26
CA GLY G 613 -6.60 14.78 25.82
C GLY G 613 -7.96 15.43 25.94
N ARG G 614 -8.42 15.64 27.16
CA ARG G 614 -9.75 16.17 27.41
C ARG G 614 -9.79 17.64 27.02
N VAL G 615 -10.28 17.93 25.82
CA VAL G 615 -10.52 19.31 25.42
C VAL G 615 -11.84 19.77 26.03
N LYS G 616 -11.98 21.07 26.22
CA LYS G 616 -13.15 21.65 26.87
C LYS G 616 -13.61 22.86 26.07
N ILE G 617 -14.76 22.74 25.41
CA ILE G 617 -15.32 23.89 24.67
C ILE G 617 -16.19 24.64 25.68
N LEU G 618 -15.51 25.36 26.58
CA LEU G 618 -15.98 26.43 27.45
C LEU G 618 -16.98 26.02 28.52
N PHE G 619 -17.69 24.90 28.33
CA PHE G 619 -18.34 24.18 29.42
C PHE G 619 -18.42 22.68 29.21
N PHE G 620 -17.89 22.15 28.11
CA PHE G 620 -18.16 20.79 27.67
C PHE G 620 -16.86 20.01 27.63
N SER G 621 -16.77 18.97 28.44
CA SER G 621 -15.54 18.19 28.58
C SER G 621 -15.66 16.91 27.77
N PHE G 622 -14.74 16.72 26.83
CA PHE G 622 -14.65 15.48 26.06
C PHE G 622 -13.27 15.43 25.44
N CYS G 623 -12.73 14.22 25.34
CA CYS G 623 -11.40 14.02 24.77
C CYS G 623 -11.56 13.40 23.38
N LEU G 624 -11.14 14.14 22.36
CA LEU G 624 -11.28 13.69 20.98
C LEU G 624 -10.15 12.75 20.58
N GLY G 625 -9.08 12.65 21.37
CA GLY G 625 -8.02 11.72 21.03
C GLY G 625 -8.50 10.28 21.01
N ARG G 626 -9.23 9.88 22.05
CA ARG G 626 -9.78 8.53 22.09
C ARG G 626 -10.75 8.30 20.95
N MET G 627 -11.58 9.29 20.63
CA MET G 627 -12.52 9.14 19.53
C MET G 627 -11.79 8.93 18.21
N MET G 628 -10.82 9.79 17.92
CA MET G 628 -10.08 9.67 16.66
C MET G 628 -9.34 8.34 16.59
N GLY G 629 -8.68 7.94 17.68
CA GLY G 629 -7.98 6.67 17.69
C GLY G 629 -8.90 5.49 17.48
N ASP G 630 -9.85 5.29 18.40
CA ASP G 630 -10.72 4.13 18.31
C ASP G 630 -11.66 4.18 17.10
N LEU G 631 -11.74 5.32 16.41
CA LEU G 631 -12.44 5.33 15.13
C LEU G 631 -11.51 4.87 14.02
N PHE G 632 -10.45 5.65 13.75
CA PHE G 632 -9.65 5.41 12.55
C PHE G 632 -8.84 4.12 12.68
N TYR G 633 -8.12 3.95 13.79
CA TYR G 633 -7.31 2.75 13.91
C TYR G 633 -8.15 1.52 14.22
N ASN G 634 -9.13 1.66 15.11
CA ASN G 634 -9.85 0.50 15.63
C ASN G 634 -11.04 0.09 14.77
N TYR G 635 -11.88 1.04 14.38
CA TYR G 635 -13.10 0.70 13.66
C TYR G 635 -13.00 0.90 12.15
N VAL G 636 -11.83 1.32 11.65
CA VAL G 636 -11.66 1.50 10.21
C VAL G 636 -10.51 0.65 9.71
N PHE G 637 -9.29 0.93 10.20
CA PHE G 637 -8.12 0.19 9.75
C PHE G 637 -8.16 -1.24 10.26
N ARG G 638 -8.47 -1.42 11.54
CA ARG G 638 -8.58 -2.76 12.09
C ARG G 638 -9.71 -3.54 11.43
N TYR G 639 -10.80 -2.85 11.07
CA TYR G 639 -11.87 -3.51 10.32
C TYR G 639 -11.33 -4.09 9.03
N VAL G 640 -10.64 -3.26 8.23
CA VAL G 640 -10.17 -3.71 6.92
C VAL G 640 -9.18 -4.85 7.08
N TYR G 641 -8.22 -4.71 8.01
CA TYR G 641 -7.23 -5.75 8.18
C TYR G 641 -7.85 -7.06 8.65
N ASN G 642 -8.77 -6.99 9.63
CA ASN G 642 -9.43 -8.19 10.11
C ASN G 642 -10.31 -8.81 9.03
N PHE G 643 -10.93 -7.99 8.18
CA PHE G 643 -11.72 -8.51 7.07
C PHE G 643 -10.85 -9.30 6.10
N PHE G 644 -9.71 -8.72 5.74
CA PHE G 644 -8.78 -9.42 4.84
C PHE G 644 -8.32 -10.73 5.47
N LEU G 645 -7.94 -10.70 6.74
CA LEU G 645 -7.46 -11.90 7.41
C LEU G 645 -8.57 -12.95 7.53
N ALA G 646 -9.79 -12.52 7.83
CA ALA G 646 -10.90 -13.44 8.00
C ALA G 646 -11.21 -14.14 6.68
N ILE G 647 -11.19 -13.40 5.57
CA ILE G 647 -11.32 -14.06 4.27
C ILE G 647 -10.15 -15.02 4.05
N PHE G 648 -8.94 -14.56 4.36
CA PHE G 648 -7.75 -15.32 4.03
C PHE G 648 -7.70 -16.64 4.76
N GLY G 649 -8.25 -16.73 5.96
CA GLY G 649 -8.21 -18.00 6.68
C GLY G 649 -8.72 -19.17 5.85
N GLU G 650 -10.03 -19.15 5.58
CA GLU G 650 -10.61 -20.18 4.73
C GLU G 650 -10.07 -20.12 3.31
N MET G 651 -9.58 -18.95 2.86
CA MET G 651 -9.01 -18.89 1.52
C MET G 651 -7.80 -19.81 1.41
N ILE G 652 -6.82 -19.65 2.32
CA ILE G 652 -5.67 -20.54 2.35
C ILE G 652 -6.11 -21.98 2.58
N ASN G 653 -7.07 -22.20 3.47
CA ASN G 653 -7.53 -23.56 3.69
C ASN G 653 -7.91 -24.22 2.36
N SER G 654 -8.75 -23.55 1.57
CA SER G 654 -9.24 -24.12 0.33
C SER G 654 -8.12 -24.28 -0.71
N ILE G 655 -7.32 -23.24 -0.92
CA ILE G 655 -6.30 -23.31 -1.96
C ILE G 655 -5.28 -24.39 -1.66
N VAL G 656 -4.74 -24.42 -0.44
CA VAL G 656 -3.73 -25.43 -0.15
C VAL G 656 -4.33 -26.82 -0.14
N MET G 657 -5.57 -26.97 0.35
CA MET G 657 -6.25 -28.24 0.28
C MET G 657 -6.33 -28.73 -1.15
N ALA G 658 -6.75 -27.87 -2.08
CA ALA G 658 -6.81 -28.28 -3.47
C ALA G 658 -5.42 -28.65 -3.97
N PHE G 659 -4.46 -27.75 -3.79
CA PHE G 659 -3.16 -27.87 -4.43
C PHE G 659 -2.44 -29.15 -4.04
N LEU G 660 -2.43 -29.50 -2.75
CA LEU G 660 -1.59 -30.63 -2.35
C LEU G 660 -2.37 -31.95 -2.34
N MET G 661 -3.66 -31.91 -1.98
CA MET G 661 -4.45 -33.13 -2.10
C MET G 661 -4.72 -33.53 -3.54
N ILE G 662 -5.46 -32.70 -4.28
CA ILE G 662 -6.21 -33.16 -5.43
C ILE G 662 -5.34 -33.83 -6.49
N PRO G 663 -4.17 -33.28 -6.87
CA PRO G 663 -3.34 -33.96 -7.88
C PRO G 663 -2.96 -35.38 -7.46
N LEU G 664 -2.47 -35.55 -6.24
CA LEU G 664 -2.03 -36.86 -5.78
C LEU G 664 -3.21 -37.84 -5.72
N GLN G 665 -4.33 -37.41 -5.15
CA GLN G 665 -5.49 -38.27 -5.04
C GLN G 665 -6.00 -38.69 -6.41
N GLY G 666 -6.07 -37.73 -7.33
CA GLY G 666 -6.53 -38.04 -8.68
C GLY G 666 -5.61 -39.02 -9.39
N MET G 667 -4.30 -38.79 -9.29
CA MET G 667 -3.33 -39.70 -9.91
C MET G 667 -3.48 -41.11 -9.33
N LYS G 668 -3.58 -41.19 -8.00
CA LYS G 668 -3.71 -42.48 -7.34
C LYS G 668 -4.96 -43.22 -7.79
N ASP G 669 -6.11 -42.53 -7.83
CA ASP G 669 -7.33 -43.22 -8.18
C ASP G 669 -7.38 -43.55 -9.67
N ILE G 670 -6.75 -42.74 -10.52
CA ILE G 670 -6.71 -43.07 -11.94
C ILE G 670 -5.90 -44.33 -12.16
N PHE G 671 -4.74 -44.46 -11.51
CA PHE G 671 -4.01 -45.71 -11.68
C PHE G 671 -4.69 -46.88 -10.99
N ILE G 672 -5.43 -46.61 -9.91
CA ILE G 672 -6.18 -47.69 -9.26
C ILE G 672 -7.23 -48.25 -10.22
N VAL G 673 -7.99 -47.37 -10.87
CA VAL G 673 -9.01 -47.86 -11.79
C VAL G 673 -8.37 -48.48 -13.03
N GLY G 674 -7.21 -47.97 -13.46
CA GLY G 674 -6.51 -48.60 -14.57
C GLY G 674 -6.08 -50.01 -14.26
N VAL G 675 -5.49 -50.21 -13.07
CA VAL G 675 -5.10 -51.55 -12.64
C VAL G 675 -6.33 -52.44 -12.50
N GLN G 676 -7.42 -51.89 -11.96
CA GLN G 676 -8.64 -52.67 -11.80
C GLN G 676 -9.18 -53.15 -13.14
N THR G 677 -9.20 -52.27 -14.14
CA THR G 677 -9.71 -52.66 -15.45
C THR G 677 -8.70 -53.46 -16.27
N LEU G 678 -7.43 -53.47 -15.87
CA LEU G 678 -6.46 -54.31 -16.55
C LEU G 678 -6.44 -55.73 -15.99
N THR G 679 -6.58 -55.87 -14.67
CA THR G 679 -6.47 -57.17 -14.01
C THR G 679 -7.64 -58.09 -14.31
N GLN G 680 -8.73 -57.58 -14.88
CA GLN G 680 -9.88 -58.43 -15.17
C GLN G 680 -9.49 -59.47 -16.21
N PRO G 681 -9.79 -60.75 -15.98
CA PRO G 681 -9.40 -61.78 -16.96
C PRO G 681 -10.22 -61.69 -18.24
N GLY G 682 -9.59 -61.18 -19.30
CA GLY G 682 -10.24 -60.98 -20.56
C GLY G 682 -10.60 -59.51 -20.76
N ILE G 683 -9.74 -58.79 -21.47
CA ILE G 683 -9.95 -57.38 -21.75
C ILE G 683 -8.98 -56.98 -22.84
N ASN G 684 -9.28 -55.89 -23.54
CA ASN G 684 -8.33 -55.35 -24.51
C ASN G 684 -7.37 -54.44 -23.77
N PRO G 685 -6.08 -54.77 -23.69
CA PRO G 685 -5.16 -53.92 -22.93
C PRO G 685 -4.84 -52.61 -23.60
N ILE G 686 -4.70 -52.59 -24.93
CA ILE G 686 -4.33 -51.36 -25.63
C ILE G 686 -5.36 -50.27 -25.37
N VAL G 687 -6.64 -50.60 -25.54
CA VAL G 687 -7.69 -49.62 -25.30
C VAL G 687 -7.84 -49.34 -23.81
N ALA G 688 -7.46 -50.29 -22.95
CA ALA G 688 -7.49 -50.02 -21.51
C ALA G 688 -6.51 -48.93 -21.14
N LEU G 689 -5.26 -49.04 -21.59
CA LEU G 689 -4.30 -47.98 -21.36
C LEU G 689 -4.68 -46.70 -22.09
N ALA G 690 -5.34 -46.82 -23.25
CA ALA G 690 -5.83 -45.64 -23.93
C ALA G 690 -6.84 -44.88 -23.08
N ASN G 691 -7.79 -45.60 -22.50
CA ASN G 691 -8.77 -44.96 -21.62
C ASN G 691 -8.12 -44.42 -20.35
N MET G 692 -7.09 -45.10 -19.86
CA MET G 692 -6.33 -44.55 -18.73
C MET G 692 -5.70 -43.21 -19.11
N GLY G 693 -5.14 -43.13 -20.32
CA GLY G 693 -4.57 -41.87 -20.77
C GLY G 693 -5.62 -40.78 -20.94
N THR G 694 -6.81 -41.16 -21.44
CA THR G 694 -7.88 -40.17 -21.57
C THR G 694 -8.35 -39.69 -20.20
N MET G 695 -8.39 -40.58 -19.21
CA MET G 695 -8.70 -40.13 -17.85
C MET G 695 -7.64 -39.17 -17.35
N TYR G 696 -6.37 -39.48 -17.61
CA TYR G 696 -5.29 -38.61 -17.15
C TYR G 696 -5.36 -37.23 -17.79
N ILE G 697 -5.61 -37.17 -19.10
CA ILE G 697 -5.71 -35.90 -19.81
C ILE G 697 -7.17 -35.42 -19.90
N ASN G 698 -8.03 -35.94 -19.04
CA ASN G 698 -9.27 -35.27 -18.69
C ASN G 698 -9.26 -34.76 -17.26
N PHE G 699 -8.34 -35.25 -16.43
CA PHE G 699 -8.20 -34.79 -15.06
C PHE G 699 -7.10 -33.74 -14.89
N SER G 700 -5.97 -33.87 -15.60
CA SER G 700 -4.83 -33.00 -15.35
C SER G 700 -5.15 -31.55 -15.70
N GLY G 701 -5.71 -31.31 -16.88
CA GLY G 701 -5.99 -29.95 -17.30
C GLY G 701 -7.16 -29.34 -16.56
N THR G 702 -8.16 -30.17 -16.20
CA THR G 702 -9.25 -29.66 -15.37
C THR G 702 -8.71 -29.22 -14.01
N LEU G 703 -7.83 -30.01 -13.41
CA LEU G 703 -7.20 -29.60 -12.16
C LEU G 703 -6.37 -28.35 -12.34
N TRP G 704 -5.64 -28.25 -13.47
CA TRP G 704 -4.84 -27.06 -13.73
C TRP G 704 -5.70 -25.82 -13.85
N LEU G 705 -6.84 -25.94 -14.55
CA LEU G 705 -7.74 -24.80 -14.69
C LEU G 705 -8.39 -24.45 -13.37
N THR G 706 -8.69 -25.43 -12.53
CA THR G 706 -9.21 -25.13 -11.21
C THR G 706 -8.16 -24.39 -10.37
N LEU G 707 -6.89 -24.81 -10.47
CA LEU G 707 -5.83 -24.08 -9.79
C LEU G 707 -5.74 -22.65 -10.29
N LEU G 708 -5.82 -22.47 -11.61
CA LEU G 708 -5.77 -21.12 -12.17
C LEU G 708 -6.93 -20.27 -11.67
N ASN G 709 -8.14 -20.84 -11.66
CA ASN G 709 -9.30 -20.10 -11.19
C ASN G 709 -9.15 -19.72 -9.73
N MET G 710 -8.69 -20.66 -8.90
CA MET G 710 -8.51 -20.36 -7.48
C MET G 710 -7.44 -19.29 -7.27
N ALA G 711 -6.33 -19.39 -7.99
CA ALA G 711 -5.27 -18.40 -7.85
C ALA G 711 -5.75 -17.02 -8.24
N VAL G 713 -6.46 -16.93 -9.37
CA VAL G 713 -6.99 -15.63 -9.79
C VAL G 713 -7.99 -15.11 -8.78
N SER G 714 -8.87 -15.98 -8.27
CA SER G 714 -9.89 -15.58 -7.32
C SER G 714 -9.35 -15.39 -5.91
N SER G 715 -8.05 -15.58 -5.70
CA SER G 715 -7.42 -15.33 -4.42
C SER G 715 -6.92 -13.90 -4.29
N LEU G 716 -7.57 -12.95 -4.96
CA LEU G 716 -7.03 -11.60 -5.13
C LEU G 716 -7.39 -10.64 -4.00
N ILE G 717 -7.62 -11.15 -2.79
CA ILE G 717 -7.80 -10.23 -1.66
C ILE G 717 -6.54 -9.38 -1.49
N PRO G 718 -6.67 -8.10 -1.14
CA PRO G 718 -5.47 -7.24 -1.07
C PRO G 718 -4.64 -7.52 0.16
N LEU G 719 -3.36 -7.15 0.06
CA LEU G 719 -2.43 -7.09 1.18
C LEU G 719 -2.02 -8.48 1.65
N PHE G 720 -2.65 -9.52 1.11
CA PHE G 720 -2.34 -10.89 1.52
C PHE G 720 -2.22 -11.87 0.37
N GLY G 721 -2.72 -11.57 -0.83
CA GLY G 721 -2.66 -12.53 -1.91
C GLY G 721 -1.27 -12.75 -2.47
N ILE G 722 -0.35 -11.80 -2.24
CA ILE G 722 1.02 -11.96 -2.69
C ILE G 722 1.65 -13.22 -2.13
N PHE G 723 1.15 -13.71 -1.00
CA PHE G 723 1.73 -14.92 -0.44
C PHE G 723 1.06 -16.19 -0.90
N ILE G 724 -0.19 -16.13 -1.36
CA ILE G 724 -0.69 -17.22 -2.18
C ILE G 724 0.09 -17.26 -3.48
N PHE G 725 0.49 -16.10 -3.99
CA PHE G 725 1.39 -16.02 -5.13
C PHE G 725 2.73 -16.72 -4.82
N ALA G 726 3.27 -16.46 -3.62
CA ALA G 726 4.48 -17.17 -3.21
C ALA G 726 4.24 -18.67 -3.13
N LEU G 727 3.04 -19.07 -2.70
CA LEU G 727 2.71 -20.49 -2.62
C LEU G 727 2.71 -21.15 -3.99
N ILE G 728 2.08 -20.51 -4.97
CA ILE G 728 2.06 -21.08 -6.31
C ILE G 728 3.47 -21.15 -6.88
N MET G 729 4.29 -20.12 -6.65
CA MET G 729 5.67 -20.19 -7.11
C MET G 729 6.40 -21.37 -6.46
N MET G 730 6.26 -21.52 -5.15
CA MET G 730 6.98 -22.56 -4.43
C MET G 730 6.55 -23.95 -4.87
N ALA G 731 5.25 -24.14 -5.09
CA ALA G 731 4.72 -25.42 -5.50
C ALA G 731 4.85 -25.67 -6.99
N MET G 732 5.25 -24.67 -7.77
CA MET G 732 5.41 -24.86 -9.21
C MET G 732 6.32 -26.03 -9.58
N PRO G 733 7.45 -26.27 -8.93
CA PRO G 733 8.20 -27.51 -9.25
C PRO G 733 7.42 -28.78 -9.00
N LEU G 734 6.73 -28.87 -7.86
CA LEU G 734 5.98 -30.10 -7.55
C LEU G 734 4.81 -30.30 -8.50
N LEU G 735 4.02 -29.25 -8.71
CA LEU G 735 2.90 -29.34 -9.63
C LEU G 735 3.38 -29.61 -11.05
N MET G 736 4.49 -28.99 -11.44
CA MET G 736 5.06 -29.25 -12.76
C MET G 736 5.44 -30.71 -12.89
N ALA G 737 6.10 -31.26 -11.87
CA ALA G 737 6.48 -32.67 -11.92
C ALA G 737 5.25 -33.56 -12.06
N TRP G 738 4.24 -33.35 -11.22
CA TRP G 738 3.08 -34.24 -11.21
C TRP G 738 2.28 -34.11 -12.51
N ILE G 739 1.99 -32.88 -12.92
CA ILE G 739 1.20 -32.65 -14.13
C ILE G 739 1.95 -33.13 -15.36
N GLY G 740 3.27 -32.92 -15.41
CA GLY G 740 4.05 -33.45 -16.51
C GLY G 740 4.00 -34.96 -16.55
N THR G 741 4.11 -35.61 -15.38
CA THR G 741 3.92 -37.05 -15.30
C THR G 741 2.63 -37.48 -15.97
N MET G 742 1.50 -36.95 -15.49
CA MET G 742 0.21 -37.42 -15.98
C MET G 742 0.00 -37.07 -17.45
N VAL G 743 0.38 -35.87 -17.87
CA VAL G 743 0.13 -35.45 -19.24
C VAL G 743 1.02 -36.23 -20.22
N SER G 744 2.29 -36.45 -19.86
CA SER G 744 3.14 -37.26 -20.73
C SER G 744 2.68 -38.70 -20.76
N ILE G 745 2.14 -39.19 -19.64
CA ILE G 745 1.58 -40.54 -19.61
C ILE G 745 0.45 -40.65 -20.62
N GLY G 746 -0.47 -39.68 -20.59
CA GLY G 746 -1.57 -39.68 -21.53
C GLY G 746 -1.11 -39.54 -22.97
N PHE G 747 -0.13 -38.67 -23.21
CA PHE G 747 0.39 -38.50 -24.56
C PHE G 747 1.02 -39.78 -25.08
N VAL G 748 1.75 -40.49 -24.22
CA VAL G 748 2.38 -41.74 -24.66
C VAL G 748 1.33 -42.80 -24.95
N THR G 749 0.36 -42.95 -24.05
CA THR G 749 -0.58 -44.05 -24.18
C THR G 749 -1.69 -43.75 -25.19
N ALA G 750 -2.52 -42.74 -24.90
CA ALA G 750 -3.73 -42.53 -25.67
C ALA G 750 -3.48 -41.89 -27.04
N TYR G 751 -2.31 -41.29 -27.26
CA TYR G 751 -2.06 -40.59 -28.50
C TYR G 751 -0.92 -41.19 -29.30
N TYR G 752 0.26 -41.36 -28.71
CA TYR G 752 1.41 -41.84 -29.48
C TYR G 752 1.22 -43.29 -29.92
N ILE G 753 0.76 -44.16 -29.02
CA ILE G 753 0.61 -45.57 -29.37
C ILE G 753 -0.39 -45.78 -30.50
N PRO G 754 -1.59 -45.19 -30.49
CA PRO G 754 -2.54 -45.43 -31.59
C PRO G 754 -2.02 -45.00 -32.95
N VAL G 755 -1.08 -44.07 -33.03
CA VAL G 755 -0.61 -43.56 -34.31
C VAL G 755 0.76 -44.10 -34.71
N LEU G 756 1.59 -44.54 -33.76
CA LEU G 756 2.93 -44.99 -34.07
C LEU G 756 3.00 -46.03 -35.19
N PRO G 757 2.13 -47.04 -35.25
CA PRO G 757 2.16 -47.95 -36.40
C PRO G 757 2.01 -47.23 -37.72
N TYR G 758 1.18 -46.19 -37.78
CA TYR G 758 1.03 -45.43 -39.01
C TYR G 758 2.34 -44.75 -39.40
N MET G 759 3.02 -44.13 -38.43
CA MET G 759 4.32 -43.52 -38.71
C MET G 759 5.29 -44.54 -39.27
N ILE G 760 5.42 -45.67 -38.58
CA ILE G 760 6.45 -46.63 -38.97
C ILE G 760 6.12 -47.25 -40.32
N PHE G 761 4.83 -47.52 -40.58
CA PHE G 761 4.47 -48.10 -41.87
C PHE G 761 4.65 -47.09 -43.00
N THR G 762 4.36 -45.81 -42.76
CA THR G 762 4.60 -44.83 -43.81
C THR G 762 6.08 -44.71 -44.12
N PHE G 763 6.92 -44.72 -43.08
CA PHE G 763 8.36 -44.66 -43.33
C PHE G 763 8.85 -45.91 -44.06
N GLY G 764 8.31 -47.08 -43.71
CA GLY G 764 8.69 -48.29 -44.42
C GLY G 764 8.26 -48.25 -45.89
N SER G 765 7.06 -47.75 -46.15
CA SER G 765 6.60 -47.60 -47.52
C SER G 765 7.46 -46.59 -48.28
N PHE G 766 7.94 -45.55 -47.60
CA PHE G 766 8.88 -44.62 -48.23
C PHE G 766 10.18 -45.31 -48.58
N ALA G 767 10.70 -46.15 -47.68
CA ALA G 767 11.88 -46.93 -48.02
C ALA G 767 11.63 -47.80 -49.23
N TRP G 768 10.44 -48.41 -49.30
CA TRP G 768 10.08 -49.21 -50.45
C TRP G 768 10.09 -48.37 -51.72
N LEU G 769 9.48 -47.19 -51.68
CA LEU G 769 9.43 -46.34 -52.87
C LEU G 769 10.83 -45.92 -53.30
N ILE G 770 11.69 -45.59 -52.35
CA ILE G 770 13.07 -45.27 -52.68
C ILE G 770 13.75 -46.47 -53.34
N ALA G 771 13.42 -47.68 -52.87
CA ALA G 771 13.95 -48.88 -53.51
C ALA G 771 13.44 -49.01 -54.94
N VAL G 772 12.17 -48.67 -55.18
CA VAL G 772 11.63 -48.69 -56.54
C VAL G 772 12.40 -47.72 -57.43
N ILE G 773 12.65 -46.51 -56.92
CA ILE G 773 13.40 -45.53 -57.71
C ILE G 773 14.80 -46.05 -58.00
N GLU G 774 15.44 -46.66 -56.99
CA GLU G 774 16.80 -47.17 -57.16
C GLU G 774 16.84 -48.26 -58.22
N ALA G 775 15.88 -49.20 -58.16
CA ALA G 775 15.85 -50.27 -59.16
C ALA G 775 15.49 -49.74 -60.54
N MET G 776 14.62 -48.74 -60.61
CA MET G 776 14.28 -48.13 -61.89
C MET G 776 15.50 -47.48 -62.52
N VAL G 777 16.32 -46.81 -61.71
CA VAL G 777 17.58 -46.26 -62.19
C VAL G 777 18.56 -47.36 -62.56
N ALA G 778 18.51 -48.49 -61.85
CA ALA G 778 19.45 -49.58 -62.12
C ALA G 778 19.12 -50.34 -63.40
N ALA G 779 17.85 -50.37 -63.79
CA ALA G 779 17.44 -51.17 -64.94
C ALA G 779 18.23 -50.87 -66.22
N PRO G 780 18.44 -49.62 -66.64
CA PRO G 780 19.29 -49.41 -67.82
C PRO G 780 20.70 -49.92 -67.66
N ILE G 781 21.25 -49.89 -66.45
CA ILE G 781 22.57 -50.47 -66.22
C ILE G 781 22.54 -51.97 -66.49
N VAL G 782 21.47 -52.64 -66.06
CA VAL G 782 21.36 -54.08 -66.28
C VAL G 782 21.20 -54.40 -67.77
N ALA G 783 20.36 -53.63 -68.46
CA ALA G 783 20.20 -53.89 -69.89
C ALA G 783 21.44 -53.51 -70.69
N LEU G 784 22.27 -52.62 -70.15
CA LEU G 784 23.59 -52.39 -70.72
C LEU G 784 24.51 -53.57 -70.44
N GLY G 785 24.39 -54.16 -69.25
CA GLY G 785 25.10 -55.38 -68.94
C GLY G 785 24.73 -56.53 -69.83
N VAL G 786 23.52 -56.51 -70.39
CA VAL G 786 23.09 -57.53 -71.34
C VAL G 786 24.04 -57.58 -72.53
N THR G 787 24.49 -56.41 -73.01
CA THR G 787 25.33 -56.33 -74.19
C THR G 787 26.83 -56.51 -73.92
N HIS G 788 27.22 -57.07 -72.78
CA HIS G 788 28.62 -57.38 -72.57
C HIS G 788 29.08 -58.47 -73.54
N PRO G 789 30.32 -58.41 -74.01
CA PRO G 789 30.86 -59.50 -74.82
C PRO G 789 31.47 -60.59 -73.97
N GLU G 790 31.15 -60.59 -72.68
CA GLU G 790 31.72 -61.53 -71.72
C GLU G 790 30.86 -62.79 -71.67
N GLY G 791 31.45 -63.92 -72.05
CA GLY G 791 30.77 -65.19 -71.95
C GLY G 791 29.65 -65.35 -72.96
N ASN G 792 28.77 -66.31 -72.65
CA ASN G 792 27.62 -66.60 -73.50
C ASN G 792 26.31 -66.63 -72.72
N GLU G 793 26.31 -66.19 -71.47
CA GLU G 793 25.09 -66.22 -70.67
C GLU G 793 24.08 -65.19 -71.18
N ALA G 794 22.80 -65.50 -70.98
CA ALA G 794 21.71 -64.65 -71.42
C ALA G 794 21.39 -63.55 -70.42
N PHE G 795 22.09 -63.50 -69.28
CA PHE G 795 21.86 -62.48 -68.26
C PHE G 795 23.04 -61.55 -68.03
N GLY G 796 24.24 -61.94 -68.44
CA GLY G 796 25.41 -61.11 -68.14
C GLY G 796 25.66 -61.08 -66.65
N LYS G 797 25.65 -59.87 -66.08
CA LYS G 797 25.78 -59.69 -64.63
C LYS G 797 24.40 -59.87 -63.99
N GLY G 798 23.94 -61.12 -64.00
CA GLY G 798 22.59 -61.44 -63.57
C GLY G 798 22.38 -61.49 -62.07
N GLU G 799 23.45 -61.49 -61.27
CA GLU G 799 23.28 -61.45 -59.82
C GLU G 799 22.59 -60.16 -59.39
N PHE G 800 23.01 -59.03 -59.96
CA PHE G 800 22.39 -57.74 -59.64
C PHE G 800 20.91 -57.75 -60.00
N ALA G 801 20.59 -58.16 -61.23
CA ALA G 801 19.21 -58.10 -61.69
C ALA G 801 18.31 -58.94 -60.79
N ILE G 802 18.67 -60.20 -60.57
CA ILE G 802 17.84 -61.09 -59.77
C ILE G 802 17.73 -60.58 -58.34
N MET G 803 18.85 -60.15 -57.75
CA MET G 803 18.83 -59.73 -56.35
C MET G 803 17.93 -58.53 -56.16
N ILE G 804 18.11 -57.49 -56.99
CA ILE G 804 17.31 -56.28 -56.84
C ILE G 804 15.85 -56.56 -57.16
N LEU G 805 15.59 -57.41 -58.17
CA LEU G 805 14.23 -57.70 -58.57
C LEU G 805 13.47 -58.42 -57.46
N VAL G 806 14.08 -59.47 -56.89
CA VAL G 806 13.41 -60.18 -55.80
C VAL G 806 13.28 -59.28 -54.58
N ASN G 807 14.26 -58.41 -54.33
CA ASN G 807 14.14 -57.48 -53.22
C ASN G 807 12.90 -56.61 -53.34
N VAL G 808 12.76 -55.92 -54.49
CA VAL G 808 11.62 -55.03 -54.64
C VAL G 808 10.32 -55.80 -54.76
N PHE G 809 10.37 -57.04 -55.26
CA PHE G 809 9.17 -57.83 -55.41
C PHE G 809 8.64 -58.32 -54.07
N LEU G 810 9.53 -58.69 -53.16
CA LEU G 810 9.13 -59.21 -51.86
C LEU G 810 9.08 -58.16 -50.76
N ARG G 811 9.50 -56.93 -51.04
CA ARG G 811 9.42 -55.89 -50.01
C ARG G 811 8.00 -55.63 -49.51
N PRO G 812 6.98 -55.44 -50.36
CA PRO G 812 5.66 -55.08 -49.82
C PRO G 812 4.99 -56.21 -49.06
N SER G 813 5.05 -57.43 -49.60
CA SER G 813 4.44 -58.57 -48.91
C SER G 813 5.07 -58.78 -47.55
N LEU G 814 6.40 -58.64 -47.47
CA LEU G 814 7.07 -58.82 -46.19
C LEU G 814 6.81 -57.65 -45.24
N MET G 815 6.58 -56.45 -45.77
CA MET G 815 6.16 -55.35 -44.90
C MET G 815 4.79 -55.63 -44.29
N ILE G 816 3.85 -56.13 -45.09
CA ILE G 816 2.55 -56.52 -44.55
C ILE G 816 2.73 -57.65 -43.54
N ILE G 817 3.67 -58.56 -43.82
CA ILE G 817 3.96 -59.67 -42.92
C ILE G 817 4.36 -59.12 -41.55
N GLY G 818 5.30 -58.18 -41.55
CA GLY G 818 5.74 -57.59 -40.30
C GLY G 818 4.65 -56.78 -39.63
N TYR G 819 3.80 -56.14 -40.43
CA TYR G 819 2.71 -55.34 -39.87
C TYR G 819 1.76 -56.21 -39.06
N ILE G 820 1.29 -57.30 -39.66
CA ILE G 820 0.37 -58.18 -38.93
C ILE G 820 1.09 -58.87 -37.78
N ALA G 821 2.37 -59.22 -37.97
CA ALA G 821 3.12 -59.87 -36.90
C ALA G 821 3.26 -58.96 -35.70
N ALA G 822 3.53 -57.68 -35.92
CA ALA G 822 3.68 -56.74 -34.81
C ALA G 822 2.33 -56.39 -34.19
N ILE G 823 1.26 -56.39 -34.99
CA ILE G 823 -0.08 -56.25 -34.41
C ILE G 823 -0.33 -57.39 -33.43
N ALA G 824 0.03 -58.62 -33.81
CA ALA G 824 -0.10 -59.74 -32.88
C ALA G 824 0.86 -59.61 -31.70
N LEU G 825 2.04 -59.01 -31.94
CA LEU G 825 3.08 -58.95 -30.91
C LEU G 825 2.74 -57.94 -29.82
N SER G 826 2.03 -56.87 -30.16
CA SER G 826 1.78 -55.81 -29.18
C SER G 826 0.99 -56.33 -27.98
N TYR G 827 -0.04 -57.14 -28.24
CA TYR G 827 -0.87 -57.64 -27.14
C TYR G 827 -0.08 -58.60 -26.25
N VAL G 828 0.66 -59.52 -26.86
CA VAL G 828 1.47 -60.43 -26.04
C VAL G 828 2.52 -59.64 -25.29
N GLY G 829 2.97 -58.52 -25.84
CA GLY G 829 3.96 -57.71 -25.14
C GLY G 829 3.40 -57.02 -23.92
N VAL G 830 2.26 -56.35 -24.08
CA VAL G 830 1.65 -55.71 -22.92
C VAL G 830 1.23 -56.76 -21.90
N TRP G 831 0.95 -57.99 -22.34
CA TRP G 831 0.61 -59.04 -21.39
C TRP G 831 1.83 -59.55 -20.63
N ILE G 832 2.98 -59.64 -21.32
CA ILE G 832 4.24 -59.86 -20.61
C ILE G 832 4.44 -58.80 -19.55
N LEU G 833 4.25 -57.54 -19.94
CA LEU G 833 4.47 -56.43 -19.03
C LEU G 833 3.54 -56.50 -17.83
N ASN G 834 2.27 -56.80 -18.06
CA ASN G 834 1.30 -56.90 -16.97
C ASN G 834 1.63 -58.07 -16.06
N ALA G 835 2.05 -59.20 -16.62
CA ALA G 835 2.39 -60.35 -15.80
C ALA G 835 3.59 -60.06 -14.91
N GLY G 836 4.57 -59.32 -15.43
CA GLY G 836 5.79 -59.09 -14.67
C GLY G 836 5.78 -57.90 -13.72
N PHE G 837 5.02 -56.86 -14.05
CA PHE G 837 5.17 -55.59 -13.34
C PHE G 837 4.79 -55.72 -11.87
N ASP G 838 3.61 -56.28 -11.57
CA ASP G 838 3.09 -56.23 -10.21
C ASP G 838 4.05 -56.88 -9.21
N HIS G 839 4.73 -57.94 -9.62
CA HIS G 839 5.70 -58.57 -8.72
C HIS G 839 7.07 -57.90 -8.80
N ALA G 840 7.46 -57.36 -9.96
CA ALA G 840 8.76 -56.73 -10.07
C ALA G 840 8.83 -55.42 -9.27
N ILE G 841 7.68 -54.83 -8.95
CA ILE G 841 7.65 -53.57 -8.22
C ILE G 841 7.35 -53.81 -6.73
N SER G 842 7.04 -55.05 -6.34
CA SER G 842 6.42 -55.32 -5.04
C SER G 842 7.30 -54.85 -3.88
N TYR G 843 8.58 -55.24 -3.87
CA TYR G 843 9.42 -54.91 -2.74
C TYR G 843 9.74 -53.42 -2.68
N ILE G 844 9.79 -52.74 -3.83
CA ILE G 844 9.98 -51.30 -3.82
C ILE G 844 8.77 -50.61 -3.18
N GLN G 845 7.58 -51.19 -3.32
CA GLN G 845 6.41 -50.67 -2.63
C GLN G 845 6.24 -51.36 -1.28
N GLY G 901 13.44 -45.84 4.67
CA GLY G 901 12.30 -46.69 4.36
C GLY G 901 11.41 -46.15 3.25
N TYR G 902 10.46 -46.96 2.82
CA TYR G 902 9.56 -46.60 1.72
C TYR G 902 8.26 -45.99 2.21
N THR G 903 8.30 -45.29 3.35
CA THR G 903 7.12 -44.66 3.93
C THR G 903 7.12 -43.17 3.62
N GLY G 904 5.92 -42.61 3.63
CA GLY G 904 5.79 -41.17 3.41
C GLY G 904 6.09 -40.82 1.97
N TRP G 905 6.90 -39.77 1.78
CA TRP G 905 7.19 -39.29 0.44
C TRP G 905 7.85 -40.37 -0.41
N ALA G 906 8.72 -41.18 0.19
CA ALA G 906 9.33 -42.28 -0.55
C ALA G 906 8.28 -43.19 -1.15
N GLY G 907 7.20 -43.44 -0.42
CA GLY G 907 6.10 -44.23 -0.97
C GLY G 907 5.39 -43.51 -2.10
N VAL G 908 5.24 -42.19 -1.98
CA VAL G 908 4.51 -41.44 -3.00
C VAL G 908 5.26 -41.45 -4.32
N TYR G 909 6.47 -40.89 -4.33
CA TYR G 909 7.25 -40.81 -5.55
C TYR G 909 7.47 -42.19 -6.16
N ALA G 910 7.59 -43.22 -5.33
CA ALA G 910 7.72 -44.58 -5.82
C ALA G 910 6.62 -44.90 -6.81
N PHE G 911 5.37 -44.64 -6.42
CA PHE G 911 4.25 -44.83 -7.33
C PHE G 911 4.52 -44.14 -8.65
N PHE G 912 4.86 -42.84 -8.57
CA PHE G 912 5.25 -42.08 -9.75
C PHE G 912 6.21 -42.89 -10.60
N PHE G 913 7.34 -43.28 -10.01
CA PHE G 913 8.39 -43.94 -10.78
C PHE G 913 7.87 -45.20 -11.43
N SER G 914 7.09 -46.01 -10.70
CA SER G 914 6.62 -47.25 -11.29
C SER G 914 5.77 -46.96 -12.52
N ILE G 915 4.89 -45.96 -12.42
CA ILE G 915 4.14 -45.53 -13.58
C ILE G 915 5.08 -45.02 -14.67
N LEU G 916 6.08 -44.23 -14.28
CA LEU G 916 7.05 -43.73 -15.23
C LEU G 916 7.79 -44.86 -15.93
N ILE G 917 7.81 -46.05 -15.33
CA ILE G 917 8.38 -47.20 -16.00
C ILE G 917 7.33 -47.92 -16.85
N TYR G 918 6.12 -48.07 -16.32
CA TYR G 918 5.12 -48.92 -16.95
C TYR G 918 4.92 -48.49 -18.39
N THR G 919 4.36 -47.29 -18.57
CA THR G 919 4.14 -46.80 -19.92
C THR G 919 5.46 -46.70 -20.67
N SER G 920 6.54 -46.37 -19.97
CA SER G 920 7.84 -46.34 -20.63
C SER G 920 8.11 -47.67 -21.32
N MET G 921 7.99 -48.77 -20.57
CA MET G 921 8.13 -50.09 -21.18
C MET G 921 7.19 -50.22 -22.35
N TYR G 922 5.92 -49.85 -22.15
CA TYR G 922 4.92 -49.90 -23.21
C TYR G 922 5.43 -49.17 -24.45
N LEU G 923 5.96 -47.96 -24.25
CA LEU G 923 6.43 -47.16 -25.37
C LEU G 923 7.57 -47.86 -26.11
N ILE G 924 8.50 -48.48 -25.39
CA ILE G 924 9.52 -49.26 -26.08
C ILE G 924 8.88 -50.49 -26.72
N ILE G 925 7.99 -51.15 -25.97
CA ILE G 925 7.64 -52.54 -26.27
C ILE G 925 7.11 -52.63 -27.70
N VAL G 926 5.97 -51.96 -27.95
CA VAL G 926 5.35 -52.01 -29.27
C VAL G 926 6.32 -51.51 -30.31
N GLN G 927 7.07 -50.45 -29.99
CA GLN G 927 8.01 -49.87 -30.93
C GLN G 927 8.97 -50.93 -31.45
N LYS G 928 9.52 -51.75 -30.54
CA LYS G 928 10.45 -52.77 -31.00
C LYS G 928 9.76 -53.73 -31.94
N ALA G 929 8.55 -54.17 -31.59
CA ALA G 929 7.84 -55.08 -32.48
C ALA G 929 7.64 -54.43 -33.84
N PHE G 930 7.49 -53.12 -33.87
CA PHE G 930 7.21 -52.45 -35.12
C PHE G 930 8.46 -52.26 -35.95
N THR G 931 9.64 -52.25 -35.30
CA THR G 931 10.87 -52.34 -36.09
C THR G 931 10.96 -53.69 -36.78
N LEU G 932 10.23 -54.68 -36.27
CA LEU G 932 10.10 -55.96 -36.97
C LEU G 932 9.54 -55.76 -38.37
N ILE G 933 8.73 -54.71 -38.56
CA ILE G 933 8.23 -54.39 -39.90
C ILE G 933 9.40 -54.18 -40.86
N ALA G 934 10.43 -53.47 -40.41
CA ALA G 934 11.63 -53.27 -41.21
C ALA G 934 12.68 -54.34 -40.97
N HIS G 935 12.40 -55.33 -40.14
CA HIS G 935 13.38 -56.37 -39.83
C HIS G 935 13.25 -57.60 -40.71
N LEU G 936 12.03 -58.02 -41.02
CA LEU G 936 11.85 -59.19 -41.88
C LEU G 936 12.46 -59.04 -43.25
N PRO G 937 12.19 -57.97 -44.03
CA PRO G 937 12.59 -58.00 -45.45
C PRO G 937 14.09 -58.12 -45.67
N ASP G 938 14.86 -57.16 -45.13
CA ASP G 938 16.29 -57.13 -45.41
C ASP G 938 16.97 -58.41 -44.94
N LYS G 939 16.64 -58.85 -43.71
CA LYS G 939 17.20 -60.11 -43.21
C LYS G 939 16.80 -61.27 -44.10
N VAL G 940 15.57 -61.26 -44.62
CA VAL G 940 15.16 -62.27 -45.58
C VAL G 940 16.09 -62.26 -46.79
N LEU G 941 16.45 -61.07 -47.25
CA LEU G 941 17.38 -60.96 -48.38
C LEU G 941 18.76 -61.49 -48.03
N ARG G 942 19.10 -61.56 -46.74
CA ARG G 942 20.36 -62.19 -46.35
C ARG G 942 20.30 -63.71 -46.55
N TRP G 943 19.10 -64.29 -46.46
CA TRP G 943 18.96 -65.74 -46.59
C TRP G 943 19.09 -66.17 -48.05
N ILE G 944 18.27 -65.61 -48.93
CA ILE G 944 18.36 -65.95 -50.35
C ILE G 944 19.71 -65.50 -50.92
N GLY G 945 20.13 -64.29 -50.58
CA GLY G 945 21.42 -63.79 -51.04
C GLY G 945 21.46 -62.30 -51.22
N LEU H 24 30.81 -39.74 -77.50
CA LEU H 24 30.29 -38.38 -77.37
C LEU H 24 31.18 -37.54 -76.47
N SER H 25 31.01 -36.21 -76.55
CA SER H 25 31.76 -35.28 -75.72
C SER H 25 30.82 -34.24 -75.16
N PHE H 26 31.20 -33.66 -74.02
CA PHE H 26 30.40 -32.66 -73.33
C PHE H 26 31.21 -31.38 -73.15
N ALA H 27 30.52 -30.25 -73.29
CA ALA H 27 31.14 -28.93 -73.12
C ALA H 27 30.16 -28.03 -72.38
N PRO H 28 30.38 -27.80 -71.09
CA PRO H 28 29.45 -26.95 -70.34
C PRO H 28 29.49 -25.52 -70.87
N PRO H 29 28.41 -24.76 -70.70
CA PRO H 29 28.33 -23.42 -71.29
C PRO H 29 29.39 -22.49 -70.72
N ALA H 30 29.45 -21.29 -71.30
CA ALA H 30 30.45 -20.32 -70.88
C ALA H 30 30.17 -19.71 -69.52
N SER H 31 28.94 -19.77 -69.04
CA SER H 31 28.55 -19.14 -67.78
C SER H 31 28.49 -20.13 -66.62
N ASP H 32 29.02 -21.34 -66.80
CA ASP H 32 29.01 -22.34 -65.74
C ASP H 32 29.75 -21.85 -64.51
N LEU H 33 29.01 -21.67 -63.41
CA LEU H 33 29.59 -21.12 -62.19
C LEU H 33 30.26 -22.20 -61.35
N SER H 34 29.87 -23.47 -61.54
CA SER H 34 30.50 -24.55 -60.79
C SER H 34 31.99 -24.65 -61.12
N VAL H 35 32.33 -24.67 -62.41
CA VAL H 35 33.75 -24.69 -62.75
C VAL H 35 34.39 -23.34 -62.47
N VAL H 36 33.60 -22.26 -62.39
CA VAL H 36 34.16 -20.97 -61.99
C VAL H 36 34.72 -21.08 -60.57
N PHE H 37 33.95 -21.66 -59.65
CA PHE H 37 34.47 -21.85 -58.30
C PHE H 37 35.51 -22.97 -58.24
N LEU H 38 35.42 -23.96 -59.13
CA LEU H 38 36.47 -24.96 -59.22
C LEU H 38 37.81 -24.29 -59.53
N GLY H 39 37.83 -23.36 -60.47
CA GLY H 39 39.05 -22.64 -60.77
C GLY H 39 39.39 -21.60 -59.73
N ASN H 40 38.38 -21.10 -59.00
CA ASN H 40 38.63 -20.20 -57.90
C ASN H 40 39.41 -20.88 -56.80
N LEU H 41 39.09 -22.14 -56.52
CA LEU H 41 39.79 -22.89 -55.47
C LEU H 41 41.09 -23.51 -55.98
N PHE H 42 41.03 -24.23 -57.10
CA PHE H 42 42.19 -24.92 -57.64
C PHE H 42 43.21 -23.98 -58.28
N GLY H 43 42.87 -22.71 -58.46
CA GLY H 43 43.79 -21.77 -59.07
C GLY H 43 43.80 -21.88 -60.58
N VAL H 44 44.94 -22.25 -61.16
CA VAL H 44 45.10 -22.34 -62.60
C VAL H 44 45.58 -23.74 -62.95
N VAL H 45 44.86 -24.40 -63.87
CA VAL H 45 45.31 -25.64 -64.48
C VAL H 45 45.21 -25.46 -65.98
N ASP H 46 46.36 -25.40 -66.65
CA ASP H 46 46.38 -25.12 -68.09
C ASP H 46 45.81 -26.29 -68.87
N GLY H 47 45.09 -25.97 -69.95
CA GLY H 47 44.53 -26.99 -70.82
C GLY H 47 43.02 -27.01 -70.85
N VAL H 48 42.40 -26.84 -69.68
CA VAL H 48 40.95 -26.90 -69.59
C VAL H 48 40.34 -25.74 -68.80
N LEU H 49 41.13 -24.95 -68.07
CA LEU H 49 40.58 -23.91 -67.21
C LEU H 49 41.36 -22.62 -67.39
N HIS H 50 40.66 -21.50 -67.19
CA HIS H 50 41.28 -20.18 -67.24
C HIS H 50 41.01 -19.42 -65.94
N GLY H 51 41.22 -20.09 -64.81
CA GLY H 51 40.90 -19.50 -63.52
C GLY H 51 41.92 -18.47 -63.06
N THR H 52 41.56 -17.79 -61.96
CA THR H 52 42.41 -16.73 -61.40
C THR H 52 42.43 -16.76 -59.88
N GLY H 53 41.99 -17.85 -59.26
CA GLY H 53 41.89 -17.92 -57.81
C GLY H 53 43.26 -17.94 -57.14
N SER H 54 43.23 -18.16 -55.83
CA SER H 54 44.45 -18.22 -55.04
C SER H 54 45.35 -19.33 -55.56
N GLN H 55 46.61 -18.99 -55.84
CA GLN H 55 47.55 -19.92 -56.45
C GLN H 55 48.37 -20.70 -55.45
N ILE H 56 48.08 -20.54 -54.15
CA ILE H 56 48.76 -21.35 -53.14
C ILE H 56 48.51 -22.83 -53.39
N MET H 57 47.35 -23.17 -53.95
CA MET H 57 47.08 -24.55 -54.32
C MET H 57 48.06 -25.07 -55.35
N GLY H 58 48.39 -24.24 -56.34
CA GLY H 58 49.31 -24.68 -57.38
C GLY H 58 50.67 -25.05 -56.81
N ASN H 59 51.25 -24.17 -56.01
CA ASN H 59 52.54 -24.50 -55.38
C ASN H 59 52.41 -25.66 -54.41
N MET H 60 51.31 -25.75 -53.66
CA MET H 60 51.20 -26.79 -52.64
C MET H 60 51.10 -28.16 -53.31
N PHE H 61 50.34 -28.25 -54.39
CA PHE H 61 50.32 -29.48 -55.17
C PHE H 61 51.64 -29.72 -55.87
N GLY H 62 52.36 -28.67 -56.26
CA GLY H 62 53.65 -28.87 -56.89
C GLY H 62 54.67 -29.50 -55.95
N VAL H 63 54.74 -28.99 -54.72
CA VAL H 63 55.65 -29.56 -53.74
C VAL H 63 55.19 -30.95 -53.33
N PHE H 64 53.87 -31.19 -53.26
CA PHE H 64 53.40 -32.54 -52.98
C PHE H 64 53.81 -33.50 -54.10
N ASN H 65 53.72 -33.05 -55.36
CA ASN H 65 54.17 -33.87 -56.48
C ASN H 65 55.65 -34.15 -56.40
N SER H 66 56.45 -33.15 -56.02
CA SER H 66 57.89 -33.37 -55.89
C SER H 66 58.20 -34.39 -54.81
N ALA H 67 57.54 -34.28 -53.65
CA ALA H 67 57.76 -35.22 -52.56
C ALA H 67 57.34 -36.64 -52.96
N VAL H 68 56.18 -36.77 -53.59
CA VAL H 68 55.73 -38.09 -54.02
C VAL H 68 56.64 -38.62 -55.12
N LEU H 69 57.24 -37.74 -55.91
CA LEU H 69 58.21 -38.17 -56.92
C LEU H 69 59.44 -38.77 -56.27
N ALA H 70 59.95 -38.12 -55.23
CA ALA H 70 61.11 -38.67 -54.53
C ALA H 70 60.78 -40.00 -53.86
N LEU H 71 59.62 -40.07 -53.19
CA LEU H 71 59.23 -41.33 -52.55
C LEU H 71 59.02 -42.43 -53.58
N GLY H 72 58.41 -42.09 -54.71
CA GLY H 72 58.26 -43.06 -55.78
C GLY H 72 59.58 -43.49 -56.37
N GLY H 73 60.57 -42.58 -56.41
CA GLY H 73 61.90 -42.98 -56.83
C GLY H 73 62.49 -44.02 -55.89
N ILE H 74 62.31 -43.82 -54.59
CA ILE H 74 62.79 -44.83 -53.63
C ILE H 74 62.06 -46.16 -53.82
N ILE H 75 60.75 -46.10 -54.01
CA ILE H 75 59.96 -47.33 -54.17
C ILE H 75 60.33 -48.04 -55.47
N ILE H 76 60.61 -47.26 -56.53
CA ILE H 76 61.06 -47.84 -57.79
C ILE H 76 62.44 -48.46 -57.62
N MET H 77 63.30 -47.86 -56.79
CA MET H 77 64.57 -48.51 -56.47
C MET H 77 64.33 -49.86 -55.80
N TYR H 78 63.38 -49.92 -54.88
CA TYR H 78 63.06 -51.19 -54.21
C TYR H 78 62.53 -52.22 -55.21
N THR H 79 61.65 -51.79 -56.11
CA THR H 79 61.12 -52.72 -57.11
C THR H 79 62.21 -53.17 -58.08
N LEU H 80 63.15 -52.28 -58.41
CA LEU H 80 64.28 -52.66 -59.23
C LEU H 80 65.14 -53.70 -58.53
N MET H 81 65.35 -53.54 -57.22
CA MET H 81 66.14 -54.51 -56.49
C MET H 81 65.45 -55.87 -56.44
N VAL H 82 64.13 -55.89 -56.24
CA VAL H 82 63.44 -57.18 -56.19
C VAL H 82 63.41 -57.82 -57.57
N SER H 83 63.22 -57.02 -58.63
CA SER H 83 63.25 -57.56 -59.98
C SER H 83 64.63 -58.11 -60.34
N THR H 84 65.69 -57.42 -59.92
CA THR H 84 67.02 -57.89 -60.24
C THR H 84 67.39 -59.12 -59.42
N MET H 85 66.88 -59.24 -58.19
CA MET H 85 67.11 -60.49 -57.46
C MET H 85 66.33 -61.64 -58.10
N ASN H 86 65.14 -61.37 -58.64
CA ASN H 86 64.38 -62.41 -59.33
C ASN H 86 65.11 -62.86 -60.60
N THR H 87 65.60 -61.89 -61.39
CA THR H 87 66.31 -62.24 -62.62
C THR H 87 67.69 -62.82 -62.35
N ALA H 88 68.26 -62.57 -61.17
CA ALA H 88 69.47 -63.27 -60.77
C ALA H 88 69.19 -64.71 -60.39
N HIS H 89 68.11 -64.94 -59.64
CA HIS H 89 67.74 -66.30 -59.27
C HIS H 89 67.38 -67.13 -60.49
N GLU H 90 66.59 -66.56 -61.40
CA GLU H 90 66.22 -67.30 -62.61
C GLU H 90 67.35 -67.34 -63.63
N GLY H 91 68.11 -66.25 -63.76
CA GLY H 91 69.17 -66.18 -64.74
C GLY H 91 68.73 -65.90 -66.15
N GLN H 92 67.46 -65.57 -66.36
CA GLN H 92 66.91 -65.35 -67.69
C GLN H 92 66.81 -63.85 -67.98
N MET H 93 66.17 -63.51 -69.10
CA MET H 93 66.03 -62.13 -69.55
C MET H 93 64.93 -61.44 -68.76
N LEU H 94 65.32 -60.84 -67.64
CA LEU H 94 64.39 -60.13 -66.75
C LEU H 94 63.20 -60.99 -66.37
N GLY H 95 63.49 -62.24 -66.03
CA GLY H 95 62.46 -63.17 -65.61
C GLY H 95 61.67 -63.72 -66.78
N GLN H 96 60.75 -64.63 -66.45
CA GLN H 96 59.89 -65.27 -67.45
C GLN H 96 58.41 -64.98 -67.18
N LYS H 97 58.12 -63.96 -66.37
CA LYS H 97 56.74 -63.61 -66.04
C LYS H 97 56.24 -62.38 -66.78
N TRP H 98 57.11 -61.43 -67.09
CA TRP H 98 56.71 -60.21 -67.77
C TRP H 98 57.72 -59.87 -68.85
N SER H 99 57.24 -59.15 -69.87
CA SER H 99 58.07 -58.77 -71.00
C SER H 99 58.95 -57.57 -70.65
N SER H 100 59.99 -57.36 -71.46
CA SER H 100 60.93 -56.27 -71.25
C SER H 100 60.74 -55.11 -72.21
N ILE H 101 59.88 -55.26 -73.22
CA ILE H 101 59.70 -54.21 -74.22
C ILE H 101 58.81 -53.09 -73.70
N TRP H 102 57.87 -53.39 -72.79
CA TRP H 102 56.93 -52.39 -72.31
C TRP H 102 57.49 -51.53 -71.18
N ILE H 103 58.59 -51.94 -70.56
CA ILE H 103 59.08 -51.24 -69.37
C ILE H 103 59.67 -49.87 -69.71
N PRO H 104 60.38 -49.64 -70.83
CA PRO H 104 60.87 -48.28 -71.06
C PRO H 104 59.75 -47.29 -71.32
N LEU H 105 58.75 -47.68 -72.13
CA LEU H 105 57.63 -46.78 -72.37
C LEU H 105 56.83 -46.55 -71.09
N ARG H 106 56.65 -47.60 -70.28
CA ARG H 106 55.92 -47.40 -69.02
C ARG H 106 56.68 -46.48 -68.08
N SER H 107 58.01 -46.63 -68.00
CA SER H 107 58.78 -45.77 -67.11
C SER H 107 58.79 -44.33 -67.61
N THR H 108 58.93 -44.12 -68.91
CA THR H 108 58.94 -42.74 -69.41
C THR H 108 57.56 -42.09 -69.28
N PHE H 109 56.48 -42.87 -69.44
CA PHE H 109 55.15 -42.31 -69.19
C PHE H 109 54.98 -41.94 -67.72
N GLY H 110 55.39 -42.83 -66.81
CA GLY H 110 55.27 -42.52 -65.40
C GLY H 110 56.08 -41.30 -65.00
N LEU H 111 57.29 -41.16 -65.56
CA LEU H 111 58.13 -40.02 -65.23
C LEU H 111 57.57 -38.73 -65.81
N ALA H 112 57.18 -38.75 -67.10
CA ALA H 112 56.70 -37.53 -67.73
C ALA H 112 55.37 -37.07 -67.14
N LEU H 113 54.53 -38.01 -66.72
CA LEU H 113 53.22 -37.65 -66.20
C LEU H 113 53.26 -37.14 -64.76
N LEU H 114 54.43 -37.18 -64.11
CA LEU H 114 54.61 -36.67 -62.76
C LEU H 114 55.48 -35.42 -62.73
N ILE H 115 55.53 -34.69 -63.83
CA ILE H 115 56.35 -33.48 -63.94
C ILE H 115 55.42 -32.28 -63.79
N PRO H 116 55.52 -31.50 -62.72
CA PRO H 116 54.71 -30.29 -62.61
C PRO H 116 55.19 -29.22 -63.58
N LYS H 117 54.25 -28.53 -64.19
CA LYS H 117 54.56 -27.44 -65.11
C LYS H 117 54.88 -26.19 -64.31
N ALA H 118 54.99 -25.05 -64.99
CA ALA H 118 55.24 -23.79 -64.30
C ALA H 118 54.09 -23.43 -63.38
N SER H 119 52.87 -23.81 -63.74
CA SER H 119 51.72 -23.55 -62.88
C SER H 119 51.75 -24.42 -61.63
N GLY H 120 52.42 -25.55 -61.69
CA GLY H 120 52.56 -26.42 -60.54
C GLY H 120 51.65 -27.64 -60.52
N TYR H 121 51.28 -28.18 -61.68
CA TYR H 121 50.43 -29.35 -61.74
C TYR H 121 50.98 -30.33 -62.76
N CYS H 122 50.68 -31.61 -62.56
CA CYS H 122 51.09 -32.65 -63.48
C CYS H 122 50.00 -32.88 -64.52
N MET H 123 50.37 -33.62 -65.58
CA MET H 123 49.40 -33.88 -66.64
C MET H 123 48.29 -34.81 -66.18
N MET H 124 48.56 -35.69 -65.21
CA MET H 124 47.49 -36.47 -64.60
C MET H 124 46.51 -35.59 -63.84
N GLN H 125 46.99 -34.54 -63.18
CA GLN H 125 46.08 -33.59 -62.55
C GLN H 125 45.21 -32.91 -63.60
N VAL H 126 45.79 -32.56 -64.75
CA VAL H 126 45.01 -31.97 -65.83
C VAL H 126 43.97 -32.97 -66.34
N PHE H 127 44.36 -34.24 -66.46
CA PHE H 127 43.43 -35.27 -66.91
C PHE H 127 42.25 -35.40 -65.94
N PHE H 128 42.55 -35.45 -64.64
CA PHE H 128 41.49 -35.59 -63.65
C PHE H 128 40.59 -34.36 -63.63
N MET H 129 41.17 -33.17 -63.74
CA MET H 129 40.35 -31.96 -63.80
C MET H 129 39.49 -31.93 -65.06
N TRP H 130 40.01 -32.42 -66.18
CA TRP H 130 39.22 -32.50 -67.41
C TRP H 130 38.07 -33.48 -67.25
N VAL H 131 38.31 -34.61 -66.56
CA VAL H 131 37.22 -35.53 -66.28
C VAL H 131 36.18 -34.88 -65.38
N ILE H 132 36.64 -34.06 -64.42
CA ILE H 132 35.73 -33.31 -63.57
C ILE H 132 34.86 -32.38 -64.40
N VAL H 133 35.48 -31.65 -65.33
CA VAL H 133 34.73 -30.74 -66.18
C VAL H 133 33.77 -31.50 -67.08
N GLN H 134 34.17 -32.68 -67.55
CA GLN H 134 33.27 -33.49 -68.37
C GLN H 134 32.05 -33.95 -67.57
N GLY H 135 32.27 -34.37 -66.32
CA GLY H 135 31.14 -34.71 -65.47
C GLY H 135 30.25 -33.53 -65.19
N VAL H 136 30.84 -32.36 -64.98
CA VAL H 136 30.07 -31.13 -64.81
C VAL H 136 29.24 -30.86 -66.05
N GLY H 137 29.82 -31.04 -67.23
CA GLY H 137 29.09 -30.83 -68.47
C GLY H 137 27.94 -31.80 -68.64
N ALA H 138 28.16 -33.07 -68.29
CA ALA H 138 27.08 -34.06 -68.37
C ALA H 138 25.94 -33.71 -67.43
N ALA H 139 26.28 -33.35 -66.18
CA ALA H 139 25.25 -32.94 -65.23
C ALA H 139 24.53 -31.69 -65.70
N ASP H 140 25.26 -30.75 -66.29
CA ASP H 140 24.65 -29.55 -66.84
C ASP H 140 23.69 -29.90 -67.97
N LYS H 141 24.07 -30.85 -68.82
CA LYS H 141 23.18 -31.26 -69.90
C LYS H 141 21.90 -31.88 -69.36
N ILE H 142 22.02 -32.74 -68.34
CA ILE H 142 20.84 -33.37 -67.77
C ILE H 142 19.94 -32.33 -67.12
N TRP H 143 20.53 -31.41 -66.33
CA TRP H 143 19.75 -30.37 -65.68
C TRP H 143 19.11 -29.43 -66.71
N GLU H 144 19.83 -29.17 -67.81
CA GLU H 144 19.29 -28.34 -68.87
C GLU H 144 18.10 -29.00 -69.55
N ALA H 145 18.18 -30.31 -69.79
CA ALA H 145 17.02 -31.02 -70.30
C ALA H 145 15.85 -30.92 -69.33
N ALA H 146 16.13 -31.06 -68.05
CA ALA H 146 15.08 -30.96 -67.03
C ALA H 146 14.39 -29.60 -67.08
N LEU H 147 15.17 -28.52 -67.07
CA LEU H 147 14.54 -27.20 -66.99
C LEU H 147 13.91 -26.82 -68.33
N SER H 148 14.45 -27.31 -69.44
CA SER H 148 13.83 -27.06 -70.73
C SER H 148 12.48 -27.75 -70.81
N TYR H 149 12.36 -28.96 -70.25
CA TYR H 149 11.04 -29.55 -70.07
C TYR H 149 10.17 -28.64 -69.23
N LEU H 150 10.68 -28.21 -68.07
CA LEU H 150 9.85 -27.45 -67.15
C LEU H 150 9.38 -26.13 -67.74
N ASN H 151 10.12 -25.59 -68.70
CA ASN H 151 9.72 -24.34 -69.32
C ASN H 151 8.47 -24.52 -70.18
N ARG H 152 8.43 -25.58 -70.99
CA ARG H 152 7.30 -25.86 -71.85
C ARG H 152 6.11 -26.44 -71.10
N GLY H 153 6.15 -26.46 -69.77
CA GLY H 153 5.10 -27.04 -68.97
C GLY H 153 5.43 -28.46 -68.53
N GLY H 154 4.73 -28.91 -67.50
CA GLY H 154 4.92 -30.24 -66.97
C GLY H 154 4.08 -30.54 -65.75
N GLN H 160 -21.65 -8.65 -52.93
CA GLN H 160 -22.26 -9.05 -51.67
C GLN H 160 -21.38 -8.66 -50.49
N ALA H 161 -21.98 -8.62 -49.30
CA ALA H 161 -21.26 -8.25 -48.09
C ALA H 161 -21.97 -8.86 -46.89
N ASP H 162 -21.33 -8.73 -45.72
CA ASP H 162 -21.86 -9.27 -44.47
C ASP H 162 -21.87 -8.15 -43.44
N PRO H 163 -23.01 -7.85 -42.81
CA PRO H 163 -23.05 -6.73 -41.85
C PRO H 163 -22.11 -6.89 -40.66
N THR H 164 -21.94 -8.10 -40.15
CA THR H 164 -21.13 -8.35 -38.96
C THR H 164 -19.73 -8.87 -39.28
N LYS H 165 -19.37 -8.93 -40.57
CA LYS H 165 -18.00 -9.24 -40.95
C LYS H 165 -17.16 -7.98 -41.13
N SER H 166 -17.79 -6.83 -41.32
CA SER H 166 -17.06 -5.57 -41.39
C SER H 166 -16.36 -5.27 -40.07
N LEU H 167 -17.05 -5.50 -38.95
CA LEU H 167 -16.43 -5.31 -37.64
C LEU H 167 -15.36 -6.36 -37.35
N GLN H 168 -15.38 -7.50 -38.03
CA GLN H 168 -14.27 -8.44 -37.95
C GLN H 168 -12.99 -7.79 -38.49
N ALA H 169 -13.11 -6.96 -39.51
CA ALA H 169 -12.03 -6.12 -39.98
C ALA H 169 -11.89 -4.84 -39.16
N ALA H 170 -12.45 -4.82 -37.96
CA ALA H 170 -12.29 -3.71 -37.04
C ALA H 170 -11.74 -4.14 -35.68
N GLY H 171 -11.52 -5.43 -35.47
CA GLY H 171 -11.01 -5.93 -34.22
C GLY H 171 -9.63 -6.53 -34.32
N SER H 172 -8.77 -5.88 -35.10
CA SER H 172 -7.38 -6.29 -35.29
C SER H 172 -6.45 -5.21 -34.74
N SER H 173 -5.15 -5.44 -34.89
CA SER H 173 -4.14 -4.49 -34.44
C SER H 173 -3.92 -3.34 -35.42
N SER H 174 -4.40 -3.47 -36.67
CA SER H 174 -4.17 -2.46 -37.69
C SER H 174 -5.45 -1.83 -38.24
N SER H 175 -6.59 -2.49 -38.13
CA SER H 175 -7.84 -1.98 -38.69
C SER H 175 -8.87 -1.80 -37.57
N GLY H 176 -9.43 -0.60 -37.48
CA GLY H 176 -10.32 -0.25 -36.38
C GLY H 176 -11.53 0.57 -36.77
N VAL H 177 -12.13 0.27 -37.93
CA VAL H 177 -13.16 1.15 -38.49
C VAL H 177 -14.31 1.35 -37.50
N ALA H 178 -14.74 0.29 -36.82
CA ALA H 178 -15.82 0.44 -35.84
C ALA H 178 -15.39 1.35 -34.69
N LYS H 179 -14.16 1.19 -34.21
CA LYS H 179 -13.64 2.09 -33.19
C LYS H 179 -13.62 3.52 -33.69
N GLY H 180 -13.21 3.72 -34.94
CA GLY H 180 -13.28 5.06 -35.51
C GLY H 180 -14.68 5.63 -35.47
N ALA H 181 -15.66 4.83 -35.90
CA ALA H 181 -17.05 5.31 -35.94
C ALA H 181 -17.54 5.69 -34.56
N LEU H 182 -17.23 4.86 -33.55
CA LEU H 182 -17.53 5.24 -32.18
C LEU H 182 -16.87 6.57 -31.82
N THR H 183 -15.65 6.78 -32.30
CA THR H 183 -14.94 8.03 -31.99
C THR H 183 -15.66 9.23 -32.58
N ILE H 184 -16.08 9.15 -33.85
CA ILE H 184 -16.76 10.32 -34.41
C ILE H 184 -18.12 10.52 -33.73
N LEU H 185 -18.81 9.45 -33.39
CA LEU H 185 -20.10 9.63 -32.73
C LEU H 185 -19.93 10.31 -31.37
N GLY H 186 -18.95 9.85 -30.59
CA GLY H 186 -18.70 10.49 -29.30
C GLY H 186 -18.27 11.92 -29.45
N GLY H 187 -17.35 12.19 -30.38
CA GLY H 187 -16.94 13.56 -30.62
C GLY H 187 -18.06 14.45 -31.10
N GLN H 188 -19.00 13.89 -31.86
CA GLN H 188 -20.12 14.66 -32.38
C GLN H 188 -21.09 15.04 -31.27
N ILE H 189 -21.42 14.08 -30.40
CA ILE H 189 -22.31 14.41 -29.30
C ILE H 189 -21.62 15.37 -28.34
N CYS H 190 -20.30 15.23 -28.17
CA CYS H 190 -19.54 16.23 -27.41
C CYS H 190 -19.65 17.61 -28.06
N MET H 191 -19.52 17.65 -29.40
CA MET H 191 -19.69 18.90 -30.15
C MET H 191 -20.99 19.58 -29.77
N LEU H 192 -22.10 18.87 -29.99
CA LEU H 192 -23.41 19.47 -29.82
C LEU H 192 -23.64 19.88 -28.37
N GLY H 193 -23.29 19.00 -27.43
CA GLY H 193 -23.51 19.32 -26.03
C GLY H 193 -22.70 20.51 -25.56
N LEU H 194 -21.41 20.53 -25.91
CA LEU H 194 -20.56 21.66 -25.50
C LEU H 194 -21.04 22.96 -26.13
N GLN H 195 -21.41 22.91 -27.41
CA GLN H 195 -21.89 24.12 -28.06
C GLN H 195 -23.16 24.64 -27.40
N LYS H 196 -24.10 23.74 -27.11
CA LYS H 196 -25.36 24.17 -26.50
C LYS H 196 -25.15 24.69 -25.10
N GLN H 197 -24.28 24.04 -24.32
CA GLN H 197 -24.00 24.53 -22.97
C GLN H 197 -23.33 25.90 -23.01
N LEU H 198 -22.38 26.09 -23.92
CA LEU H 198 -21.73 27.39 -24.03
C LEU H 198 -22.71 28.47 -24.46
N GLN H 199 -23.60 28.13 -25.40
CA GLN H 199 -24.60 29.10 -25.84
C GLN H 199 -25.54 29.47 -24.69
N ALA H 200 -25.97 28.47 -23.91
CA ALA H 200 -26.83 28.75 -22.76
C ALA H 200 -26.12 29.62 -21.73
N GLN H 201 -24.84 29.33 -21.49
CA GLN H 201 -24.06 30.13 -20.55
C GLN H 201 -23.95 31.57 -21.03
N ARG H 202 -23.69 31.76 -22.32
CA ARG H 202 -23.57 33.12 -22.84
C ARG H 202 -24.91 33.85 -22.80
N ASP H 203 -26.01 33.13 -23.07
CA ASP H 203 -27.32 33.76 -22.97
C ASP H 203 -27.63 34.18 -21.54
N LEU H 204 -27.28 33.32 -20.58
CA LEU H 204 -27.47 33.68 -19.18
C LEU H 204 -26.61 34.88 -18.80
N TYR H 205 -25.39 34.94 -19.33
CA TYR H 205 -24.53 36.10 -19.05
C TYR H 205 -25.11 37.37 -19.66
N LEU H 206 -25.63 37.29 -20.89
CA LEU H 206 -26.12 38.48 -21.57
C LEU H 206 -27.44 38.96 -20.99
N SER H 207 -28.23 38.05 -20.40
CA SER H 207 -29.39 38.49 -19.65
C SER H 207 -29.00 39.18 -18.35
N GLN H 208 -27.72 39.19 -18.01
CA GLN H 208 -27.15 39.83 -16.84
C GLN H 208 -26.03 40.77 -17.27
N SER H 209 -26.33 41.67 -18.21
CA SER H 209 -25.34 42.63 -18.71
C SER H 209 -24.62 43.33 -17.56
N LYS H 210 -25.36 44.08 -16.74
CA LYS H 210 -24.82 44.58 -15.50
C LYS H 210 -24.65 43.42 -14.52
N SER H 211 -24.20 43.73 -13.30
CA SER H 211 -24.00 42.70 -12.27
C SER H 211 -23.09 41.60 -12.82
N PRO H 212 -21.79 41.83 -12.84
CA PRO H 212 -20.84 40.99 -13.61
C PRO H 212 -21.03 39.50 -13.36
N PRO H 213 -20.41 38.62 -14.18
CA PRO H 213 -19.21 38.77 -15.04
C PRO H 213 -19.27 39.71 -16.24
N CYS H 214 -20.35 39.80 -17.00
CA CYS H 214 -20.29 40.63 -18.21
C CYS H 214 -20.31 42.13 -17.91
N GLY H 215 -20.59 42.53 -16.67
CA GLY H 215 -20.61 43.91 -16.28
C GLY H 215 -19.47 44.28 -15.35
N GLY H 216 -19.63 45.42 -14.69
CA GLY H 216 -18.59 45.87 -13.77
C GLY H 216 -17.30 46.14 -14.50
N ASN H 217 -16.23 45.48 -14.06
CA ASN H 217 -14.91 45.62 -14.66
C ASN H 217 -14.39 44.23 -15.01
N PRO H 218 -14.86 43.65 -16.12
CA PRO H 218 -14.44 42.29 -16.48
C PRO H 218 -12.96 42.22 -16.78
N THR H 219 -12.36 41.07 -16.47
CA THR H 219 -11.04 40.79 -16.99
C THR H 219 -11.13 40.64 -18.51
N PRO H 220 -10.05 40.96 -19.23
CA PRO H 220 -10.17 41.00 -20.71
C PRO H 220 -10.69 39.72 -21.33
N GLU H 221 -10.33 38.55 -20.80
CA GLU H 221 -10.88 37.31 -21.34
C GLU H 221 -12.38 37.22 -21.11
N MET H 222 -12.86 37.68 -19.95
CA MET H 222 -14.30 37.76 -19.72
C MET H 222 -14.98 38.68 -20.73
N ASN H 223 -14.39 39.83 -21.00
CA ASN H 223 -14.97 40.74 -21.98
C ASN H 223 -15.03 40.09 -23.35
N THR H 224 -13.94 39.42 -23.76
CA THR H 224 -13.91 38.76 -25.05
C THR H 224 -14.97 37.67 -25.13
N PHE H 225 -15.11 36.86 -24.07
CA PHE H 225 -16.12 35.82 -24.08
C PHE H 225 -17.53 36.41 -24.13
N CYS H 226 -17.76 37.50 -23.40
CA CYS H 226 -19.08 38.13 -23.40
C CYS H 226 -19.43 38.66 -24.79
N ARG H 227 -18.47 39.30 -25.46
CA ARG H 227 -18.78 39.89 -26.77
C ARG H 227 -18.89 38.82 -27.85
N THR H 228 -17.99 37.85 -27.87
CA THR H 228 -17.90 36.90 -28.96
C THR H 228 -19.02 35.87 -28.89
N ALA H 229 -19.68 35.63 -30.02
CA ALA H 229 -20.72 34.62 -30.11
C ALA H 229 -20.12 33.24 -30.25
N ILE H 230 -20.96 32.23 -30.16
CA ILE H 230 -20.55 30.83 -30.24
C ILE H 230 -20.73 30.37 -31.69
N PRO H 231 -19.66 30.00 -32.38
CA PRO H 231 -19.80 29.49 -33.75
C PRO H 231 -20.31 28.06 -33.76
N ASP H 232 -20.75 27.63 -34.94
CA ASP H 232 -21.21 26.26 -35.12
C ASP H 232 -20.01 25.32 -35.14
N PHE H 233 -20.09 24.23 -34.35
CA PHE H 233 -18.96 23.33 -34.19
C PHE H 233 -18.93 22.24 -35.26
N ILE H 234 -20.06 21.59 -35.51
CA ILE H 234 -20.09 20.49 -36.46
C ILE H 234 -19.90 20.94 -37.90
N SER H 235 -20.03 22.23 -38.18
CA SER H 235 -19.90 22.72 -39.55
C SER H 235 -18.45 22.94 -39.96
N THR H 236 -17.49 22.77 -39.05
CA THR H 236 -16.09 23.05 -39.34
C THR H 236 -15.26 21.80 -39.60
N VAL H 237 -15.75 20.62 -39.24
CA VAL H 237 -15.01 19.38 -39.44
C VAL H 237 -15.32 18.86 -40.84
N ASN H 238 -14.32 18.93 -41.72
CA ASN H 238 -14.46 18.42 -43.09
C ASN H 238 -13.21 17.62 -43.40
N PHE H 239 -13.40 16.31 -43.64
CA PHE H 239 -12.25 15.43 -43.78
C PHE H 239 -11.58 15.58 -45.15
N VAL H 240 -12.37 15.82 -46.20
CA VAL H 240 -11.79 15.94 -47.54
C VAL H 240 -10.86 17.15 -47.60
N LYS H 241 -11.30 18.29 -47.06
CA LYS H 241 -10.47 19.48 -47.06
C LYS H 241 -9.22 19.29 -46.22
N LYS H 242 -9.35 18.64 -45.06
CA LYS H 242 -8.19 18.40 -44.22
C LYS H 242 -7.17 17.51 -44.93
N GLN H 243 -7.65 16.43 -45.55
CA GLN H 243 -6.75 15.55 -46.27
C GLN H 243 -6.08 16.28 -47.43
N ASN H 244 -6.83 17.12 -48.14
CA ASN H 244 -6.23 17.91 -49.22
C ASN H 244 -5.15 18.83 -48.68
N ASP H 245 -5.40 19.45 -47.53
CA ASP H 245 -4.40 20.32 -46.92
C ASP H 245 -3.14 19.53 -46.55
N ASP H 246 -3.32 18.34 -45.97
CA ASP H 246 -2.16 17.55 -45.56
C ASP H 246 -1.35 17.07 -46.74
N THR H 247 -2.00 16.57 -47.78
CA THR H 247 -1.28 15.99 -48.90
C THR H 247 -0.62 17.08 -49.74
N PRO H 248 0.60 16.85 -50.23
CA PRO H 248 1.21 17.81 -51.16
C PRO H 248 0.42 17.86 -52.46
N LYS H 249 0.45 19.04 -53.10
CA LYS H 249 -0.25 19.20 -54.38
C LYS H 249 0.34 18.29 -55.45
N ASP H 250 1.66 18.18 -55.48
CA ASP H 250 2.31 17.33 -56.47
C ASP H 250 2.01 15.86 -56.19
N LEU H 251 2.06 15.06 -57.25
CA LEU H 251 1.72 13.65 -57.17
C LEU H 251 2.93 12.73 -57.14
N THR H 252 4.03 13.12 -57.79
CA THR H 252 5.21 12.25 -57.84
C THR H 252 5.88 12.10 -56.48
N ALA H 253 5.61 13.00 -55.54
CA ALA H 253 6.20 12.88 -54.21
C ALA H 253 5.47 11.82 -53.39
N ASN H 254 6.10 11.41 -52.29
CA ASN H 254 5.50 10.43 -51.42
C ASN H 254 4.43 11.08 -50.55
N GLN H 255 3.22 10.54 -50.62
CA GLN H 255 2.09 11.08 -49.87
C GLN H 255 2.29 10.82 -48.37
N PRO H 256 1.66 11.61 -47.52
CA PRO H 256 1.78 11.38 -46.07
C PRO H 256 1.25 10.01 -45.69
N ALA H 257 1.94 9.38 -44.73
CA ALA H 257 1.54 8.05 -44.29
C ALA H 257 0.29 8.08 -43.43
N SER H 258 0.19 9.06 -42.53
CA SER H 258 -0.93 9.15 -41.60
C SER H 258 -1.44 10.57 -41.55
N PHE H 259 -2.74 10.70 -41.34
CA PHE H 259 -3.41 11.99 -41.17
C PHE H 259 -4.20 11.98 -39.87
N GLU H 260 -4.17 13.10 -39.16
CA GLU H 260 -4.92 13.24 -37.93
C GLU H 260 -5.87 14.43 -38.04
N LEU H 261 -7.09 14.24 -37.56
CA LEU H 261 -8.11 15.28 -37.55
C LEU H 261 -8.61 15.42 -36.12
N ASP H 262 -8.10 16.42 -35.42
CA ASP H 262 -8.52 16.71 -34.05
C ASP H 262 -9.86 17.44 -34.08
N MET H 263 -10.76 17.02 -33.21
CA MET H 263 -12.14 17.51 -33.18
C MET H 263 -12.39 18.28 -31.90
N PRO H 264 -12.88 19.53 -31.97
CA PRO H 264 -13.34 20.28 -33.14
C PRO H 264 -12.21 20.84 -34.00
N ASN H 265 -12.57 21.38 -35.15
CA ASN H 265 -11.66 22.12 -36.01
C ASN H 265 -11.99 23.60 -35.92
N PHE H 266 -10.96 24.44 -35.79
CA PHE H 266 -11.17 25.87 -35.74
C PHE H 266 -10.02 26.58 -36.45
N ASP H 267 -10.37 27.64 -37.17
CA ASP H 267 -9.36 28.48 -37.80
C ASP H 267 -8.46 29.07 -36.73
N LYS H 268 -7.16 29.14 -37.02
CA LYS H 268 -6.22 29.73 -36.05
C LYS H 268 -6.65 31.14 -35.65
N SER H 269 -7.26 31.88 -36.57
CA SER H 269 -7.72 33.22 -36.24
C SER H 269 -8.89 33.20 -35.25
N SER H 270 -9.69 32.14 -35.26
CA SER H 270 -10.82 32.04 -34.35
C SER H 270 -10.34 31.98 -32.91
N PRO H 271 -11.07 32.60 -31.97
CA PRO H 271 -10.61 32.60 -30.58
C PRO H 271 -10.72 31.24 -29.89
N PHE H 272 -11.39 30.27 -30.51
CA PHE H 272 -11.61 28.95 -29.90
C PHE H 272 -10.60 27.92 -30.35
N TYR H 273 -9.36 28.35 -30.65
CA TYR H 273 -8.35 27.38 -31.08
C TYR H 273 -7.89 26.50 -29.94
N PHE H 274 -7.88 27.01 -28.71
CA PHE H 274 -7.51 26.18 -27.57
C PHE H 274 -8.47 25.01 -27.41
N LEU H 275 -9.73 25.19 -27.82
CA LEU H 275 -10.72 24.12 -27.75
C LEU H 275 -10.48 23.02 -28.78
N ASN H 276 -9.53 23.21 -29.70
CA ASN H 276 -9.25 22.20 -30.69
C ASN H 276 -8.84 20.90 -30.01
N GLY H 277 -9.57 19.83 -30.28
CA GLY H 277 -9.23 18.51 -29.79
C GLY H 277 -9.81 18.10 -28.46
N ILE H 278 -10.68 18.93 -27.87
CA ILE H 278 -11.29 18.54 -26.59
C ILE H 278 -12.23 17.36 -26.77
N CYS H 279 -12.93 17.28 -27.89
CA CYS H 279 -13.92 16.24 -28.14
C CYS H 279 -13.31 15.06 -28.89
N GLY H 280 -12.03 14.79 -28.65
CA GLY H 280 -11.38 13.64 -29.25
C GLY H 280 -10.63 13.96 -30.52
N THR H 281 -10.07 12.90 -31.10
CA THR H 281 -9.29 13.00 -32.33
C THR H 281 -9.47 11.70 -33.11
N VAL H 282 -9.53 11.81 -34.42
CA VAL H 282 -9.68 10.65 -35.31
C VAL H 282 -8.53 10.67 -36.32
N LYS H 283 -7.97 9.50 -36.57
CA LYS H 283 -6.82 9.36 -37.47
C LYS H 283 -7.10 8.30 -38.52
N TRP H 284 -6.53 8.51 -39.71
CA TRP H 284 -6.66 7.56 -40.81
C TRP H 284 -5.40 7.61 -41.64
N ASN H 285 -4.98 6.44 -42.13
CA ASN H 285 -3.78 6.38 -42.95
C ASN H 285 -4.11 6.57 -44.42
N ASN H 286 -3.07 6.68 -45.23
CA ASN H 286 -3.23 6.79 -46.67
C ASN H 286 -3.37 5.40 -47.29
N ILE H 287 -3.78 5.39 -48.55
CA ILE H 287 -3.85 4.16 -49.34
C ILE H 287 -2.48 3.89 -49.93
N SER H 288 -2.04 2.64 -49.85
CA SER H 288 -0.71 2.23 -50.29
C SER H 288 -0.53 2.28 -51.81
N ALA H 289 -1.50 2.79 -52.57
CA ALA H 289 -1.40 2.84 -54.02
C ALA H 289 -0.51 3.97 -54.52
N LEU H 290 0.10 4.75 -53.62
CA LEU H 290 0.87 5.91 -54.05
C LEU H 290 2.29 5.89 -53.47
N ASN H 291 2.46 5.30 -52.29
CA ASN H 291 3.79 5.22 -51.69
C ASN H 291 4.73 4.32 -52.48
N SER H 292 4.19 3.27 -53.10
CA SER H 292 5.01 2.40 -53.94
C SER H 292 5.40 3.13 -55.22
N THR H 293 6.33 2.53 -55.95
CA THR H 293 6.80 3.10 -57.21
C THR H 293 5.68 3.05 -58.23
N ASN H 294 5.07 4.20 -58.50
CA ASN H 294 3.95 4.28 -59.43
C ASN H 294 3.94 5.66 -60.06
N GLN H 295 3.93 5.71 -61.40
CA GLN H 295 3.88 6.98 -62.10
C GLN H 295 2.56 7.68 -61.82
N SER H 296 2.64 8.98 -61.52
CA SER H 296 1.45 9.76 -61.19
C SER H 296 1.72 11.22 -61.51
N ASP H 297 0.87 11.81 -62.34
CA ASP H 297 0.99 13.21 -62.69
C ASP H 297 -0.40 13.77 -63.01
N ASN H 298 -0.57 15.06 -62.82
CA ASN H 298 -1.83 15.73 -63.08
C ASN H 298 -1.91 16.32 -64.49
N LYS H 299 -0.84 16.21 -65.28
CA LYS H 299 -0.86 16.77 -66.63
C LYS H 299 -1.82 16.01 -67.52
N GLY H 300 -1.77 14.67 -67.49
CA GLY H 300 -2.59 13.87 -68.37
C GLY H 300 -2.88 12.48 -67.85
N LEU H 301 -2.80 11.49 -68.75
CA LEU H 301 -3.11 10.12 -68.39
C LEU H 301 -2.13 9.58 -67.36
N VAL H 302 -2.64 8.75 -66.45
CA VAL H 302 -1.85 8.16 -65.39
C VAL H 302 -2.10 6.66 -65.36
N THR H 303 -1.02 5.89 -65.22
CA THR H 303 -1.10 4.43 -65.22
C THR H 303 -0.73 3.89 -63.84
N VAL H 304 -1.37 2.78 -63.48
CA VAL H 304 -1.11 2.08 -62.23
C VAL H 304 -0.33 0.82 -62.54
N GLY H 305 0.52 0.40 -61.61
CA GLY H 305 1.43 -0.71 -61.84
C GLY H 305 0.89 -2.03 -61.33
N GLY H 306 1.06 -3.08 -62.14
CA GLY H 306 0.68 -4.42 -61.75
C GLY H 306 1.86 -5.35 -61.60
N ALA H 307 2.08 -6.20 -62.60
CA ALA H 307 3.21 -7.12 -62.57
C ALA H 307 4.52 -6.37 -62.79
N GLY H 308 5.61 -6.96 -62.29
CA GLY H 308 6.92 -6.37 -62.46
C GLY H 308 7.76 -6.38 -61.20
N SER H 309 7.11 -6.27 -60.05
CA SER H 309 7.80 -6.24 -58.76
C SER H 309 6.86 -6.75 -57.68
N ASN H 310 7.40 -6.89 -56.48
CA ASN H 310 6.62 -7.34 -55.32
C ASN H 310 5.93 -6.13 -54.69
N SER H 311 4.63 -6.01 -54.96
CA SER H 311 3.84 -4.88 -54.47
C SER H 311 2.50 -5.38 -53.93
N SER H 312 1.82 -4.49 -53.22
CA SER H 312 0.50 -4.77 -52.66
C SER H 312 -0.62 -4.42 -53.63
N MET H 313 -0.29 -4.02 -54.85
CA MET H 313 -1.27 -3.57 -55.82
C MET H 313 -1.94 -4.77 -56.49
N GLY H 314 -2.68 -4.53 -57.56
CA GLY H 314 -3.30 -5.60 -58.31
C GLY H 314 -2.30 -6.33 -59.19
N ALA H 315 -2.79 -7.39 -59.82
CA ALA H 315 -1.95 -8.24 -60.66
C ALA H 315 -1.94 -7.80 -62.12
N ASN H 316 -2.62 -6.71 -62.47
CA ASN H 316 -2.69 -6.22 -63.84
C ASN H 316 -2.43 -4.72 -63.85
N SER H 317 -1.70 -4.27 -64.88
CA SER H 317 -1.45 -2.85 -65.06
C SER H 317 -2.67 -2.19 -65.70
N LEU H 318 -3.22 -1.18 -65.04
CA LEU H 318 -4.42 -0.50 -65.49
C LEU H 318 -4.11 0.96 -65.76
N ASN H 319 -5.08 1.65 -66.35
CA ASN H 319 -4.94 3.05 -66.73
C ASN H 319 -6.20 3.81 -66.37
N ILE H 320 -6.03 4.98 -65.74
CA ILE H 320 -7.12 5.87 -65.37
C ILE H 320 -6.68 7.31 -65.62
N THR H 321 -7.58 8.24 -65.33
CA THR H 321 -7.33 9.66 -65.53
C THR H 321 -6.93 10.33 -64.21
N SER H 322 -6.41 11.55 -64.32
CA SER H 322 -5.94 12.27 -63.15
C SER H 322 -7.05 12.51 -62.14
N SER H 323 -8.24 12.87 -62.63
CA SER H 323 -9.37 13.10 -61.72
C SER H 323 -9.78 11.82 -61.02
N GLN H 324 -9.77 10.69 -61.74
CA GLN H 324 -10.15 9.42 -61.12
C GLN H 324 -9.20 9.06 -59.98
N LEU H 325 -7.89 9.18 -60.21
CA LEU H 325 -6.95 8.89 -59.14
C LEU H 325 -6.97 9.95 -58.04
N GLN H 326 -7.36 11.18 -58.38
CA GLN H 326 -7.53 12.21 -57.36
C GLN H 326 -8.65 11.83 -56.40
N THR H 327 -9.81 11.48 -56.93
CA THR H 327 -10.89 10.99 -56.08
C THR H 327 -10.54 9.66 -55.43
N ALA H 328 -9.59 8.92 -56.03
CA ALA H 328 -9.17 7.66 -55.42
C ALA H 328 -8.36 7.90 -54.15
N ARG H 329 -7.39 8.82 -54.18
CA ARG H 329 -6.59 9.02 -52.98
C ARG H 329 -7.37 9.72 -51.89
N LEU H 330 -8.46 10.40 -52.22
CA LEU H 330 -9.32 11.03 -51.23
C LEU H 330 -10.44 10.12 -50.75
N SER H 331 -10.46 8.85 -51.19
CA SER H 331 -11.59 7.97 -50.90
C SER H 331 -11.78 7.80 -49.39
N ARG H 332 -10.69 7.68 -48.64
CA ARG H 332 -10.80 7.58 -47.19
C ARG H 332 -11.46 8.84 -46.61
N ALA H 333 -11.06 10.01 -47.10
CA ALA H 333 -11.64 11.25 -46.60
C ALA H 333 -13.14 11.32 -46.90
N ILE H 334 -13.54 10.96 -48.12
CA ILE H 334 -14.95 11.01 -48.48
C ILE H 334 -15.75 10.01 -47.64
N ALA H 335 -15.21 8.80 -47.45
CA ALA H 335 -15.92 7.80 -46.67
C ALA H 335 -16.07 8.24 -45.22
N ILE H 336 -15.02 8.79 -44.63
CA ILE H 336 -15.10 9.23 -43.24
C ILE H 336 -16.02 10.44 -43.11
N GLN H 337 -16.02 11.33 -44.11
CA GLN H 337 -16.96 12.45 -44.08
C GLN H 337 -18.40 11.97 -44.20
N GLN H 338 -18.64 10.92 -44.98
CA GLN H 338 -19.97 10.33 -45.02
C GLN H 338 -20.35 9.73 -43.66
N MET H 339 -19.39 9.07 -43.01
CA MET H 339 -19.57 8.64 -41.63
C MET H 339 -20.03 9.79 -40.75
N TYR H 340 -19.31 10.91 -40.84
CA TYR H 340 -19.59 12.07 -40.01
C TYR H 340 -20.99 12.63 -40.30
N VAL H 341 -21.33 12.77 -41.58
CA VAL H 341 -22.59 13.40 -41.93
C VAL H 341 -23.77 12.49 -41.57
N THR H 342 -23.60 11.17 -41.69
CA THR H 342 -24.71 10.29 -41.33
C THR H 342 -24.85 10.14 -39.83
N LEU H 343 -23.74 10.26 -39.07
CA LEU H 343 -23.85 10.21 -37.63
C LEU H 343 -24.29 11.54 -37.04
N SER H 344 -24.21 12.63 -37.81
CA SER H 344 -24.61 13.93 -37.30
C SER H 344 -26.10 13.95 -36.91
N THR H 345 -26.95 13.34 -37.75
CA THR H 345 -28.37 13.30 -37.43
C THR H 345 -28.64 12.52 -36.15
N VAL H 346 -27.95 11.37 -35.99
CA VAL H 346 -28.11 10.57 -34.80
C VAL H 346 -27.67 11.34 -33.56
N ALA H 347 -26.53 12.02 -33.65
CA ALA H 347 -26.04 12.81 -32.53
C ALA H 347 -27.00 13.94 -32.19
N GLN H 348 -27.55 14.60 -33.22
CA GLN H 348 -28.49 15.69 -32.97
C GLN H 348 -29.76 15.19 -32.29
N VAL H 349 -30.28 14.06 -32.73
CA VAL H 349 -31.45 13.47 -32.09
C VAL H 349 -31.13 13.13 -30.64
N MET H 350 -29.95 12.53 -30.41
CA MET H 350 -29.56 12.15 -29.06
C MET H 350 -29.45 13.37 -28.15
N VAL H 351 -28.86 14.45 -28.64
CA VAL H 351 -28.69 15.65 -27.83
C VAL H 351 -30.04 16.30 -27.55
N ASN H 352 -30.90 16.39 -28.56
CA ASN H 352 -32.23 16.95 -28.35
C ASN H 352 -33.08 16.08 -27.43
N ASN H 353 -32.72 14.80 -27.28
CA ASN H 353 -33.46 13.94 -26.36
C ASN H 353 -33.23 14.34 -24.91
N ASP H 354 -32.05 14.84 -24.58
CA ASP H 354 -31.69 15.07 -23.17
C ASP H 354 -32.51 16.22 -22.60
N PRO H 355 -33.29 15.98 -21.53
CA PRO H 355 -34.00 17.10 -20.89
C PRO H 355 -33.06 18.11 -20.26
N ALA H 356 -31.90 17.68 -19.77
CA ALA H 356 -30.96 18.62 -19.15
C ALA H 356 -30.50 19.67 -20.15
N PHE H 357 -30.22 19.26 -21.39
CA PHE H 357 -29.82 20.21 -22.41
C PHE H 357 -30.97 21.08 -22.87
N SER H 358 -32.22 20.65 -22.66
CA SER H 358 -33.37 21.46 -23.02
C SER H 358 -33.56 22.58 -22.02
N THR H 359 -32.95 23.74 -22.30
CA THR H 359 -33.07 24.89 -21.39
C THR H 359 -34.47 25.45 -21.34
N THR H 360 -35.29 25.17 -22.35
CA THR H 360 -36.68 25.60 -22.33
C THR H 360 -37.45 24.84 -21.25
N THR H 361 -38.63 25.36 -20.90
CA THR H 361 -39.44 24.75 -19.86
C THR H 361 -39.83 23.34 -20.24
N SER H 362 -39.69 22.42 -19.30
CA SER H 362 -39.99 21.01 -19.50
C SER H 362 -41.21 20.62 -18.69
N THR H 363 -42.10 19.84 -19.30
CA THR H 363 -43.35 19.44 -18.64
C THR H 363 -43.15 18.26 -17.69
N GLY H 364 -42.35 17.28 -18.11
CA GLY H 364 -42.12 16.13 -17.26
C GLY H 364 -41.29 16.49 -16.03
N ASN H 365 -41.66 15.90 -14.89
CA ASN H 365 -41.00 16.19 -13.63
C ASN H 365 -40.25 14.98 -13.07
N SER H 366 -40.93 13.87 -12.82
CA SER H 366 -40.27 12.71 -12.23
C SER H 366 -40.61 11.37 -12.88
N LYS H 367 -41.76 11.24 -13.54
CA LYS H 367 -42.15 9.96 -14.15
C LYS H 367 -42.62 10.09 -15.58
N ASN H 368 -43.03 11.26 -16.03
CA ASN H 368 -43.46 11.45 -17.41
C ASN H 368 -42.33 11.27 -18.42
N ASP H 369 -41.08 11.25 -17.95
CA ASP H 369 -39.92 11.02 -18.79
C ASP H 369 -39.45 9.58 -18.60
N PHE H 370 -38.31 9.24 -19.23
CA PHE H 370 -37.71 7.94 -19.10
C PHE H 370 -36.57 7.91 -18.09
N SER H 371 -35.69 8.90 -18.16
CA SER H 371 -34.53 8.97 -17.26
C SER H 371 -34.06 10.42 -17.22
N ALA H 372 -33.18 10.71 -16.27
CA ALA H 372 -32.67 12.06 -16.12
C ALA H 372 -31.78 12.49 -17.28
N ILE H 373 -31.38 11.55 -18.15
CA ILE H 373 -30.50 11.87 -19.27
C ILE H 373 -31.25 11.82 -20.58
N ALA H 374 -32.42 11.18 -20.59
CA ALA H 374 -33.19 11.04 -21.82
C ALA H 374 -34.68 11.02 -21.49
N LYS H 375 -35.44 11.94 -22.08
CA LYS H 375 -36.88 11.92 -21.92
C LYS H 375 -37.48 10.68 -22.56
N GLN H 376 -36.96 10.27 -23.70
CA GLN H 376 -37.47 9.13 -24.45
C GLN H 376 -36.37 8.09 -24.60
N GLN H 377 -36.71 6.82 -24.34
CA GLN H 377 -35.72 5.76 -24.32
C GLN H 377 -35.19 5.47 -25.73
N PHE H 378 -33.90 5.14 -25.79
CA PHE H 378 -33.31 4.71 -27.06
C PHE H 378 -33.75 3.30 -27.45
N GLY H 379 -33.76 2.38 -26.50
CA GLY H 379 -34.16 1.01 -26.74
C GLY H 379 -33.03 0.03 -26.50
N VAL H 380 -33.38 -1.25 -26.51
CA VAL H 380 -32.44 -2.34 -26.30
C VAL H 380 -32.64 -3.38 -27.40
N PRO H 381 -31.63 -4.16 -27.75
CA PRO H 381 -31.81 -5.20 -28.77
C PRO H 381 -32.78 -6.27 -28.29
N TYR H 382 -33.57 -6.78 -29.23
CA TYR H 382 -34.53 -7.84 -28.96
C TYR H 382 -34.27 -9.01 -29.91
N LYS H 383 -34.54 -10.22 -29.42
CA LYS H 383 -34.45 -11.40 -30.26
C LYS H 383 -35.58 -11.40 -31.28
N SER H 384 -35.61 -12.42 -32.13
CA SER H 384 -36.71 -12.55 -33.07
C SER H 384 -37.88 -13.23 -32.38
N SER H 385 -38.23 -12.75 -31.19
CA SER H 385 -39.38 -13.24 -30.43
C SER H 385 -40.16 -12.15 -29.73
N GLY H 386 -39.68 -10.90 -29.74
CA GLY H 386 -40.30 -9.85 -28.96
C GLY H 386 -39.86 -9.80 -27.51
N GLU H 387 -38.88 -10.61 -27.12
CA GLU H 387 -38.39 -10.67 -25.76
C GLU H 387 -37.05 -9.95 -25.64
N VAL H 388 -36.66 -9.67 -24.40
CA VAL H 388 -35.43 -8.93 -24.14
C VAL H 388 -34.23 -9.82 -24.46
N CYS H 389 -33.33 -9.30 -25.30
CA CYS H 389 -32.12 -10.03 -25.71
C CYS H 389 -30.96 -9.51 -24.86
N THR H 390 -30.56 -10.29 -23.87
CA THR H 390 -29.48 -9.91 -22.96
C THR H 390 -28.12 -10.40 -23.46
N GLU H 391 -28.01 -11.70 -23.69
CA GLU H 391 -26.77 -12.31 -24.16
C GLU H 391 -26.75 -12.35 -25.68
N TYR H 392 -25.56 -12.18 -26.26
CA TYR H 392 -25.42 -12.27 -27.70
C TYR H 392 -25.63 -13.70 -28.19
N GLN H 393 -25.23 -14.69 -27.38
CA GLN H 393 -25.33 -16.09 -27.81
C GLN H 393 -26.75 -16.43 -28.25
N GLN H 394 -27.75 -16.00 -27.47
CA GLN H 394 -29.11 -15.98 -27.97
C GLN H 394 -29.24 -14.83 -28.95
N VAL H 395 -29.50 -15.15 -30.22
CA VAL H 395 -29.39 -14.15 -31.28
C VAL H 395 -30.42 -13.06 -31.11
N CYS H 396 -30.06 -11.84 -31.51
CA CYS H 396 -30.94 -10.68 -31.46
C CYS H 396 -31.07 -10.10 -32.85
N GLN H 397 -32.29 -9.81 -33.27
CA GLN H 397 -32.56 -9.29 -34.61
C GLN H 397 -33.29 -7.96 -34.62
N THR H 398 -34.26 -7.77 -33.72
CA THR H 398 -35.09 -6.59 -33.72
C THR H 398 -34.66 -5.64 -32.61
N TRP H 399 -35.41 -4.53 -32.48
CA TRP H 399 -35.12 -3.48 -31.51
C TRP H 399 -36.40 -3.16 -30.76
N GLY H 400 -36.44 -3.51 -29.48
CA GLY H 400 -37.63 -3.34 -28.67
C GLY H 400 -37.38 -2.46 -27.47
N SER H 401 -38.43 -1.76 -27.05
CA SER H 401 -38.35 -0.93 -25.86
C SER H 401 -38.24 -1.80 -24.61
N VAL H 402 -37.52 -1.28 -23.61
CA VAL H 402 -37.37 -1.99 -22.34
C VAL H 402 -38.74 -2.06 -21.69
N PRO H 403 -39.04 -3.11 -20.91
CA PRO H 403 -40.32 -3.16 -20.20
C PRO H 403 -40.50 -2.01 -19.22
N SER H 404 -41.67 -1.94 -18.59
CA SER H 404 -42.01 -0.85 -17.67
C SER H 404 -41.27 -1.05 -16.35
N SER H 405 -39.99 -0.68 -16.35
CA SER H 405 -39.18 -0.69 -15.14
C SER H 405 -39.11 0.66 -14.46
N THR H 406 -39.41 1.74 -15.19
CA THR H 406 -39.46 3.08 -14.64
C THR H 406 -40.90 3.56 -14.40
N GLY H 407 -41.87 2.66 -14.51
CA GLY H 407 -43.26 3.01 -14.33
C GLY H 407 -43.97 3.48 -15.57
N SER H 408 -43.26 3.63 -16.69
CA SER H 408 -43.88 4.07 -17.93
C SER H 408 -43.01 3.60 -19.08
N THR H 409 -43.59 3.61 -20.29
CA THR H 409 -42.91 3.15 -21.49
C THR H 409 -42.95 4.26 -22.53
N THR H 410 -41.83 4.96 -22.71
CA THR H 410 -41.71 6.00 -23.71
C THR H 410 -41.34 5.41 -25.06
N GLY H 411 -41.70 6.12 -26.12
CA GLY H 411 -41.40 5.64 -27.45
C GLY H 411 -39.91 5.66 -27.75
N VAL H 412 -39.45 4.69 -28.53
CA VAL H 412 -38.06 4.62 -28.93
C VAL H 412 -37.83 5.51 -30.14
N LEU H 413 -36.56 5.83 -30.40
CA LEU H 413 -36.20 6.73 -31.50
C LEU H 413 -35.24 6.10 -32.49
N PHE H 414 -34.88 4.83 -32.30
CA PHE H 414 -33.92 4.18 -33.18
C PHE H 414 -34.39 2.75 -33.46
N ASN H 415 -33.97 2.24 -34.62
CA ASN H 415 -34.18 0.85 -34.97
C ASN H 415 -32.98 -0.02 -34.64
N GLY H 416 -31.93 0.57 -34.05
CA GLY H 416 -30.73 -0.17 -33.76
C GLY H 416 -29.85 -0.45 -34.95
N THR H 417 -30.17 0.11 -36.11
CA THR H 417 -29.42 -0.14 -37.33
C THR H 417 -28.70 1.12 -37.83
N GLU H 418 -28.65 2.17 -37.03
CA GLU H 418 -27.98 3.39 -37.48
C GLU H 418 -26.47 3.22 -37.48
N PHE H 419 -25.91 2.60 -36.43
CA PHE H 419 -24.47 2.42 -36.37
C PHE H 419 -23.98 1.47 -37.46
N LEU H 420 -24.60 0.30 -37.56
CA LEU H 420 -24.20 -0.63 -38.62
C LEU H 420 -24.60 -0.11 -40.00
N GLY H 421 -25.65 0.70 -40.07
CA GLY H 421 -25.96 1.36 -41.32
C GLY H 421 -24.84 2.29 -41.77
N ALA H 422 -24.30 3.06 -40.83
CA ALA H 422 -23.13 3.87 -41.15
C ALA H 422 -21.94 2.99 -41.53
N ILE H 423 -21.77 1.86 -40.82
CA ILE H 423 -20.62 1.00 -41.07
C ILE H 423 -20.66 0.44 -42.48
N ASN H 424 -21.79 -0.14 -42.88
CA ASN H 424 -21.84 -0.72 -44.21
C ASN H 424 -22.00 0.34 -45.29
N ASP H 425 -22.48 1.54 -44.96
CA ASP H 425 -22.38 2.65 -45.90
C ASP H 425 -20.93 2.98 -46.19
N TYR H 426 -20.11 3.05 -45.13
CA TYR H 426 -18.68 3.31 -45.30
C TYR H 426 -18.04 2.21 -46.13
N ASN H 427 -18.38 0.96 -45.86
CA ASN H 427 -17.79 -0.14 -46.62
C ASN H 427 -18.23 -0.10 -48.07
N GLY H 428 -19.49 0.23 -48.34
CA GLY H 428 -19.96 0.34 -49.71
C GLY H 428 -19.26 1.46 -50.46
N ILE H 429 -19.03 2.59 -49.80
CA ILE H 429 -18.29 3.68 -50.42
C ILE H 429 -16.84 3.27 -50.67
N MET H 430 -16.26 2.49 -49.75
CA MET H 430 -14.88 2.05 -49.90
C MET H 430 -14.71 1.02 -51.01
N MET H 431 -15.73 0.20 -51.24
CA MET H 431 -15.57 -0.92 -52.16
C MET H 431 -15.09 -0.54 -53.56
N PRO H 432 -15.58 0.52 -54.21
CA PRO H 432 -15.04 0.85 -55.55
C PRO H 432 -13.55 1.12 -55.55
N THR H 433 -13.01 1.78 -54.52
CA THR H 433 -11.59 2.09 -54.49
C THR H 433 -10.75 0.83 -54.34
N LEU H 434 -11.16 -0.07 -53.43
CA LEU H 434 -10.45 -1.34 -53.29
C LEU H 434 -10.57 -2.18 -54.54
N ASN H 435 -11.71 -2.13 -55.21
CA ASN H 435 -11.87 -2.82 -56.49
C ASN H 435 -10.86 -2.29 -57.50
N LEU H 436 -10.79 -0.96 -57.64
CA LEU H 436 -9.86 -0.38 -58.58
C LEU H 436 -8.42 -0.68 -58.22
N ILE H 437 -8.12 -0.84 -56.92
CA ILE H 437 -6.76 -1.16 -56.52
C ILE H 437 -6.43 -2.64 -56.68
N ARG H 438 -7.43 -3.52 -56.74
CA ARG H 438 -7.18 -4.94 -56.85
C ARG H 438 -7.19 -5.46 -58.28
N GLN H 439 -7.33 -4.59 -59.27
CA GLN H 439 -7.20 -5.00 -60.67
C GLN H 439 -5.81 -4.63 -61.19
N SER H 442 -3.54 -14.44 -64.75
CA SER H 442 -4.50 -13.91 -63.78
C SER H 442 -3.78 -13.38 -62.55
N LYS H 443 -4.39 -13.56 -61.39
CA LYS H 443 -3.82 -13.11 -60.13
C LYS H 443 -3.13 -14.22 -59.34
N GLU H 444 -3.56 -15.47 -59.50
CA GLU H 444 -2.88 -16.59 -58.85
C GLU H 444 -1.82 -17.24 -59.73
N PHE H 445 -1.85 -16.98 -61.03
CA PHE H 445 -0.89 -17.54 -61.97
C PHE H 445 -0.20 -16.41 -62.72
N ASP H 446 1.13 -16.47 -62.79
CA ASP H 446 1.92 -15.42 -63.43
C ASP H 446 2.90 -16.05 -64.41
N LYS H 447 3.15 -15.32 -65.51
CA LYS H 447 4.14 -15.77 -66.48
C LYS H 447 5.55 -15.73 -65.89
N LYS H 448 5.80 -14.80 -64.98
CA LYS H 448 7.12 -14.66 -64.36
C LYS H 448 7.56 -15.92 -63.62
N SER H 449 6.63 -16.83 -63.32
CA SER H 449 7.00 -18.11 -62.75
C SER H 449 8.02 -18.85 -63.61
N ARG H 450 8.19 -18.45 -64.87
CA ARG H 450 9.16 -19.08 -65.75
C ARG H 450 10.49 -18.31 -65.85
N ASP H 451 10.52 -17.04 -65.44
CA ASP H 451 11.67 -16.20 -65.78
C ASP H 451 12.97 -16.72 -65.17
N PHE H 452 12.90 -17.53 -64.11
CA PHE H 452 14.12 -18.04 -63.50
C PHE H 452 14.77 -19.12 -64.35
N ILE H 453 13.99 -19.84 -65.15
CA ILE H 453 14.50 -21.04 -65.81
C ILE H 453 15.72 -20.72 -66.66
N ALA H 454 15.61 -19.72 -67.52
CA ALA H 454 16.75 -19.32 -68.34
C ALA H 454 17.91 -18.89 -67.47
N GLU H 455 17.63 -18.10 -66.44
CA GLU H 455 18.69 -17.67 -65.53
C GLU H 455 19.37 -18.86 -64.88
N ALA H 456 18.65 -19.97 -64.73
CA ALA H 456 19.25 -21.17 -64.17
C ALA H 456 20.39 -21.67 -65.05
N ASN H 457 20.19 -21.65 -66.37
CA ASN H 457 21.27 -22.02 -67.28
C ASN H 457 22.48 -21.12 -67.13
N ALA H 458 22.29 -19.90 -66.61
CA ALA H 458 23.41 -19.00 -66.38
C ALA H 458 24.23 -19.39 -65.16
N LYS H 459 23.66 -20.16 -64.23
CA LYS H 459 24.37 -20.51 -62.99
C LYS H 459 25.06 -21.87 -63.09
N GLY H 460 24.31 -22.93 -63.35
CA GLY H 460 24.89 -24.25 -63.48
C GLY H 460 24.12 -25.27 -62.67
N TRP H 461 24.69 -26.45 -62.55
CA TRP H 461 24.00 -27.57 -61.90
C TRP H 461 24.03 -27.47 -60.38
N ILE H 462 25.08 -26.89 -59.80
CA ILE H 462 25.15 -26.83 -58.34
C ILE H 462 24.06 -25.92 -57.78
N MET H 463 23.74 -24.83 -58.48
CA MET H 463 22.72 -23.90 -58.02
C MET H 463 21.30 -24.41 -58.22
N ALA H 464 21.13 -25.68 -58.61
CA ALA H 464 19.78 -26.21 -58.82
C ALA H 464 19.01 -26.32 -57.51
N GLY H 465 19.71 -26.41 -56.38
CA GLY H 465 19.01 -26.50 -55.11
C GLY H 465 18.22 -25.25 -54.78
N SER H 466 18.83 -24.08 -54.97
CA SER H 466 18.19 -22.82 -54.62
C SER H 466 16.95 -22.53 -55.43
N TYR H 467 16.74 -23.25 -56.52
CA TYR H 467 15.54 -23.10 -57.35
C TYR H 467 14.36 -23.93 -56.86
N PHE H 468 14.53 -24.69 -55.77
CA PHE H 468 13.54 -25.69 -55.41
C PHE H 468 12.14 -25.13 -55.32
N PHE H 469 11.96 -24.05 -54.54
CA PHE H 469 10.61 -23.54 -54.34
C PHE H 469 10.01 -23.08 -55.65
N ASP H 470 10.84 -22.52 -56.54
CA ASP H 470 10.36 -22.17 -57.87
C ASP H 470 9.74 -23.38 -58.55
N LEU H 471 10.46 -24.51 -58.55
CA LEU H 471 9.91 -25.72 -59.15
C LEU H 471 8.61 -26.13 -58.47
N VAL H 472 8.48 -25.87 -57.17
CA VAL H 472 7.24 -26.21 -56.47
C VAL H 472 6.08 -25.41 -57.04
N LYS H 473 6.31 -24.13 -57.34
CA LYS H 473 5.26 -23.35 -57.99
C LYS H 473 5.30 -23.49 -59.51
N LEU H 474 6.19 -24.32 -60.03
CA LEU H 474 6.27 -24.56 -61.47
C LEU H 474 5.50 -25.82 -61.87
N ASN H 475 5.64 -26.89 -61.09
CA ASN H 475 4.79 -28.06 -61.24
C ASN H 475 3.55 -27.99 -60.36
N GLY H 476 3.37 -26.90 -59.63
CA GLY H 476 2.15 -26.68 -58.88
C GLY H 476 1.15 -25.86 -59.65
N SER H 477 1.61 -24.74 -60.23
CA SER H 477 0.73 -23.88 -61.01
C SER H 477 0.23 -24.58 -62.27
N ALA H 478 1.11 -25.32 -62.95
CA ALA H 478 0.70 -26.01 -64.17
C ALA H 478 -0.36 -27.08 -63.88
N THR H 479 -0.17 -27.84 -62.80
CA THR H 479 -1.14 -28.87 -62.45
C THR H 479 -2.42 -28.27 -61.88
N GLU H 480 -2.34 -27.08 -61.28
CA GLU H 480 -3.50 -26.41 -60.73
C GLU H 480 -4.46 -25.99 -61.83
N ASP H 483 -18.02 -10.36 -49.09
CA ASP H 483 -16.85 -10.42 -49.97
C ASP H 483 -15.58 -10.00 -49.24
N GLN H 484 -15.20 -8.74 -49.38
CA GLN H 484 -14.00 -8.20 -48.76
C GLN H 484 -14.33 -6.90 -48.04
N PHE H 485 -13.61 -6.66 -46.94
CA PHE H 485 -13.77 -5.45 -46.16
C PHE H 485 -12.40 -4.84 -45.91
N ASP H 486 -12.38 -3.51 -45.81
CA ASP H 486 -11.12 -2.78 -45.74
C ASP H 486 -10.35 -3.15 -44.47
N THR H 487 -9.05 -3.39 -44.63
CA THR H 487 -8.15 -3.70 -43.53
C THR H 487 -6.98 -2.76 -43.57
N GLY H 488 -6.66 -2.16 -42.44
CA GLY H 488 -5.58 -1.18 -42.36
C GLY H 488 -6.01 0.27 -42.43
N THR H 489 -7.28 0.57 -42.15
CA THR H 489 -7.74 1.96 -42.17
C THR H 489 -7.06 2.78 -41.09
N GLY H 490 -6.66 2.15 -39.99
CA GLY H 490 -5.99 2.85 -38.93
C GLY H 490 -6.88 3.69 -38.04
N LEU H 491 -8.20 3.57 -38.19
CA LEU H 491 -9.11 4.31 -37.33
C LEU H 491 -9.11 3.80 -35.90
N ASP H 492 -8.46 2.66 -35.63
CA ASP H 492 -8.32 2.19 -34.26
C ASP H 492 -7.45 3.14 -33.44
N LYS H 493 -6.46 3.78 -34.06
CA LYS H 493 -5.59 4.71 -33.35
C LYS H 493 -6.32 5.96 -32.88
N SER H 494 -7.55 6.19 -33.37
CA SER H 494 -8.32 7.34 -32.92
C SER H 494 -8.66 7.21 -31.44
N SER H 495 -8.81 8.36 -30.79
CA SER H 495 -9.10 8.40 -29.36
C SER H 495 -10.21 9.40 -29.09
N PHE H 496 -10.88 9.21 -27.96
CA PHE H 496 -11.93 10.13 -27.53
C PHE H 496 -12.05 10.00 -26.01
N ASP H 497 -11.57 11.01 -25.29
CA ASP H 497 -11.57 10.98 -23.83
C ASP H 497 -12.63 11.92 -23.29
N PRO H 498 -13.72 11.40 -22.70
CA PRO H 498 -14.73 12.30 -22.13
C PRO H 498 -14.27 13.08 -20.92
N THR H 499 -13.19 12.65 -20.27
CA THR H 499 -12.73 13.33 -19.06
C THR H 499 -11.99 14.63 -19.36
N GLN H 500 -11.59 14.86 -20.61
CA GLN H 500 -10.88 16.09 -20.93
C GLN H 500 -11.75 17.33 -20.74
N LEU H 501 -13.07 17.17 -20.80
CA LEU H 501 -13.96 18.29 -20.54
C LEU H 501 -13.82 18.80 -19.11
N THR H 502 -13.75 17.89 -18.15
CA THR H 502 -13.57 18.24 -16.74
C THR H 502 -12.12 18.18 -16.31
N LYS H 503 -11.19 17.97 -17.24
CA LYS H 503 -9.77 17.95 -16.90
C LYS H 503 -9.29 19.24 -16.26
N PRO H 504 -9.53 20.43 -16.84
CA PRO H 504 -8.90 21.64 -16.25
C PRO H 504 -9.38 22.00 -14.86
N PHE H 505 -10.63 21.68 -14.51
CA PHE H 505 -11.22 22.21 -13.30
C PHE H 505 -10.51 21.68 -12.05
N GLY H 506 -10.49 22.52 -11.02
CA GLY H 506 -9.84 22.16 -9.78
C GLY H 506 -10.00 23.28 -8.78
N LYS H 507 -9.17 23.25 -7.73
CA LYS H 507 -9.17 24.34 -6.76
C LYS H 507 -8.87 25.66 -7.45
N THR H 508 -7.77 25.71 -8.20
CA THR H 508 -7.53 26.73 -9.21
C THR H 508 -7.19 26.01 -10.51
N CYS H 509 -7.98 26.28 -11.55
CA CYS H 509 -7.84 25.50 -12.77
C CYS H 509 -6.56 25.84 -13.52
N GLN H 510 -6.13 24.94 -14.39
CA GLN H 510 -4.86 25.09 -15.08
C GLN H 510 -4.99 24.54 -16.50
N ASP H 511 -3.87 24.56 -17.21
CA ASP H 511 -3.83 24.08 -18.59
C ASP H 511 -4.17 22.59 -18.64
N PRO H 512 -4.57 22.07 -19.82
CA PRO H 512 -4.59 22.71 -21.13
C PRO H 512 -5.81 23.60 -21.41
N TYR H 513 -7.02 23.19 -21.02
CA TYR H 513 -8.23 23.95 -21.38
C TYR H 513 -8.64 24.82 -20.19
N SER H 514 -7.74 25.73 -19.82
CA SER H 514 -8.01 26.59 -18.66
C SER H 514 -9.05 27.65 -18.99
N LEU H 515 -9.10 28.08 -20.26
CA LEU H 515 -10.04 29.12 -20.63
C LEU H 515 -11.49 28.64 -20.45
N LEU H 516 -11.73 27.35 -20.64
CA LEU H 516 -13.07 26.80 -20.37
C LEU H 516 -13.44 27.00 -18.90
N CYS H 517 -12.52 26.69 -18.00
CA CYS H 517 -12.79 26.87 -16.58
C CYS H 517 -13.03 28.32 -16.24
N THR H 518 -12.20 29.23 -16.78
CA THR H 518 -12.41 30.64 -16.49
C THR H 518 -13.76 31.10 -17.01
N TRP H 519 -14.14 30.66 -18.21
CA TRP H 519 -15.44 31.03 -18.77
C TRP H 519 -16.58 30.53 -17.88
N PHE H 520 -16.44 29.31 -17.34
CA PHE H 520 -17.47 28.75 -16.47
C PHE H 520 -17.27 29.15 -15.01
N GLN H 521 -16.31 30.01 -14.72
CA GLN H 521 -16.06 30.50 -13.36
C GLN H 521 -15.79 29.35 -12.39
N ASN H 522 -14.98 28.39 -12.84
CA ASN H 522 -14.58 27.24 -12.02
C ASN H 522 -15.78 26.47 -11.50
N LYS H 523 -16.81 26.36 -12.34
CA LYS H 523 -18.02 25.59 -12.03
C LYS H 523 -18.26 24.63 -13.18
N SER H 524 -17.86 23.38 -12.99
CA SER H 524 -17.99 22.35 -14.01
C SER H 524 -19.31 21.59 -13.92
N ASP H 525 -20.35 22.21 -13.37
CA ASP H 525 -21.63 21.54 -13.23
C ASP H 525 -22.36 21.36 -14.56
N LYS H 526 -21.86 21.96 -15.65
CA LYS H 526 -22.51 21.87 -16.94
C LYS H 526 -21.86 20.87 -17.88
N LEU H 527 -20.54 20.67 -17.80
CA LEU H 527 -19.88 19.64 -18.59
C LEU H 527 -20.01 18.26 -17.98
N ILE H 528 -20.31 18.18 -16.68
CA ILE H 528 -20.56 16.89 -16.07
C ILE H 528 -21.84 16.29 -16.64
N GLN H 529 -22.79 17.15 -17.05
CA GLN H 529 -23.97 16.66 -17.77
C GLN H 529 -23.57 16.06 -19.11
N ILE H 530 -22.61 16.67 -19.79
CA ILE H 530 -22.09 16.07 -21.02
C ILE H 530 -21.50 14.71 -20.74
N GLN H 531 -20.72 14.60 -19.66
CA GLN H 531 -20.13 13.30 -19.32
C GLN H 531 -21.20 12.26 -19.02
N SER H 532 -22.26 12.66 -18.30
CA SER H 532 -23.33 11.73 -18.00
C SER H 532 -24.11 11.33 -19.24
N LEU H 533 -24.21 12.23 -20.22
CA LEU H 533 -24.78 11.82 -21.50
C LEU H 533 -23.84 10.87 -22.24
N ILE H 534 -22.54 11.01 -22.03
CA ILE H 534 -21.58 10.16 -22.72
C ILE H 534 -21.63 8.73 -22.16
N ASP H 535 -21.41 8.57 -20.86
CA ASP H 535 -21.33 7.23 -20.30
C ASP H 535 -22.14 7.06 -19.01
N GLY H 536 -22.97 8.02 -18.63
CA GLY H 536 -23.95 7.80 -17.59
C GLY H 536 -23.54 8.07 -16.17
N VAL H 537 -22.49 8.85 -15.95
CA VAL H 537 -22.05 9.22 -14.61
C VAL H 537 -22.12 10.74 -14.48
N PRO H 538 -22.68 11.28 -13.40
CA PRO H 538 -23.29 10.61 -12.26
C PRO H 538 -24.82 10.63 -12.35
N ALA H 539 -25.39 10.94 -13.51
CA ALA H 539 -26.84 11.00 -13.64
C ALA H 539 -27.50 9.66 -13.36
N LEU H 540 -26.81 8.56 -13.62
CA LEU H 540 -27.30 7.21 -13.33
C LEU H 540 -26.20 6.49 -12.55
N GLY H 541 -26.19 6.70 -11.24
CA GLY H 541 -25.20 6.06 -10.39
C GLY H 541 -23.79 6.53 -10.68
N GLN H 542 -22.83 5.85 -10.06
CA GLN H 542 -21.42 6.13 -10.24
C GLN H 542 -20.70 5.01 -10.98
N ASP H 543 -21.44 4.03 -11.50
CA ASP H 543 -20.83 2.91 -12.21
C ASP H 543 -20.75 3.17 -13.72
N GLY H 544 -21.90 3.40 -14.36
CA GLY H 544 -21.94 3.64 -15.78
C GLY H 544 -21.39 2.47 -16.59
N VAL H 545 -21.20 2.75 -17.87
CA VAL H 545 -20.58 1.81 -18.80
C VAL H 545 -19.39 2.51 -19.45
N LYS H 546 -18.23 1.88 -19.39
CA LYS H 546 -17.02 2.48 -19.94
C LYS H 546 -17.03 2.35 -21.46
N GLN H 547 -15.94 2.76 -22.09
CA GLN H 547 -15.84 2.68 -23.55
C GLN H 547 -15.98 1.24 -24.00
N PRO H 548 -16.90 0.91 -24.89
CA PRO H 548 -17.07 -0.48 -25.31
C PRO H 548 -15.94 -0.92 -26.23
N ASP H 549 -15.53 -2.17 -26.08
CA ASP H 549 -14.56 -2.77 -26.99
C ASP H 549 -15.30 -3.34 -28.19
N LEU H 550 -14.94 -2.86 -29.37
CA LEU H 550 -15.65 -3.20 -30.61
C LEU H 550 -14.80 -4.19 -31.40
N SER H 551 -15.02 -5.48 -31.15
CA SER H 551 -14.33 -6.55 -31.85
C SER H 551 -15.26 -7.74 -31.93
N ASP H 552 -14.71 -8.90 -32.29
CA ASP H 552 -15.48 -10.14 -32.31
C ASP H 552 -15.59 -10.64 -30.87
N ASN H 553 -16.68 -10.27 -30.21
CA ASN H 553 -16.92 -10.63 -28.81
C ASN H 553 -18.29 -11.28 -28.71
N PRO H 554 -18.40 -12.57 -29.01
CA PRO H 554 -19.69 -13.25 -28.89
C PRO H 554 -20.23 -13.29 -27.47
N GLN H 555 -19.38 -13.14 -26.46
CA GLN H 555 -19.82 -13.11 -25.08
C GLN H 555 -20.27 -11.72 -24.64
N ARG H 556 -20.58 -10.84 -25.60
CA ARG H 556 -20.98 -9.48 -25.27
C ARG H 556 -22.24 -9.47 -24.43
N GLN H 557 -22.29 -8.56 -23.46
CA GLN H 557 -23.43 -8.43 -22.56
C GLN H 557 -24.10 -7.08 -22.79
N SER H 558 -25.42 -7.10 -22.99
CA SER H 558 -26.15 -5.87 -23.28
C SER H 558 -26.37 -5.07 -22.02
N VAL H 559 -26.43 -3.75 -22.19
CA VAL H 559 -26.73 -2.84 -21.08
C VAL H 559 -28.24 -2.74 -20.96
N SER H 560 -28.77 -3.13 -19.80
CA SER H 560 -30.20 -3.16 -19.57
C SER H 560 -30.60 -2.06 -18.59
N GLY H 561 -31.82 -1.57 -18.75
CA GLY H 561 -32.35 -0.55 -17.89
C GLY H 561 -31.99 0.85 -18.34
N PRO H 562 -32.09 1.81 -17.42
CA PRO H 562 -31.83 3.21 -17.79
C PRO H 562 -30.44 3.45 -18.34
N LEU H 563 -29.45 2.63 -17.96
CA LEU H 563 -28.11 2.79 -18.49
C LEU H 563 -28.06 2.59 -20.00
N SER H 564 -29.08 1.94 -20.57
CA SER H 564 -29.14 1.78 -22.02
C SER H 564 -29.34 3.12 -22.73
N SER H 565 -29.77 4.16 -22.02
CA SER H 565 -30.04 5.46 -22.61
C SER H 565 -28.82 6.37 -22.62
N THR H 566 -27.62 5.82 -22.63
CA THR H 566 -26.39 6.60 -22.77
C THR H 566 -25.72 6.25 -24.10
N VAL H 567 -24.77 7.09 -24.49
CA VAL H 567 -24.15 6.94 -25.81
C VAL H 567 -23.33 5.65 -25.87
N TYR H 568 -22.49 5.41 -24.86
CA TYR H 568 -21.67 4.20 -24.86
C TYR H 568 -22.54 2.96 -24.80
N GLY H 569 -23.56 2.97 -23.94
CA GLY H 569 -24.48 1.85 -23.88
C GLY H 569 -25.24 1.65 -25.18
N PHE H 570 -25.63 2.74 -25.83
CA PHE H 570 -26.32 2.62 -27.10
C PHE H 570 -25.41 2.00 -28.15
N VAL H 571 -24.13 2.40 -28.18
CA VAL H 571 -23.20 1.81 -29.13
C VAL H 571 -23.02 0.33 -28.85
N ASN H 572 -22.86 -0.03 -27.58
CA ASN H 572 -22.68 -1.44 -27.23
C ASN H 572 -23.90 -2.26 -27.62
N ASN H 573 -25.11 -1.72 -27.40
CA ASN H 573 -26.32 -2.42 -27.79
C ASN H 573 -26.43 -2.53 -29.30
N SER H 574 -26.10 -1.47 -30.03
CA SER H 574 -26.20 -1.48 -31.48
C SER H 574 -25.22 -2.45 -32.11
N MET H 575 -24.06 -2.67 -31.50
CA MET H 575 -23.11 -3.63 -32.05
C MET H 575 -23.62 -5.06 -31.94
N MET H 576 -24.69 -5.31 -31.22
CA MET H 576 -25.22 -6.65 -31.02
C MET H 576 -26.19 -7.09 -32.11
N VAL H 577 -27.04 -6.18 -32.60
CA VAL H 577 -28.14 -6.58 -33.46
C VAL H 577 -27.61 -7.21 -34.74
N GLN H 578 -28.25 -8.30 -35.14
CA GLN H 578 -27.93 -8.98 -36.38
C GLN H 578 -28.80 -8.41 -37.50
N LEU H 579 -28.17 -7.81 -38.49
CA LEU H 579 -28.91 -7.23 -39.60
C LEU H 579 -29.52 -8.34 -40.45
N PRO H 580 -30.54 -8.02 -41.27
CA PRO H 580 -31.14 -9.03 -42.14
C PRO H 580 -30.13 -9.74 -43.03
N GLY H 581 -28.98 -9.11 -43.25
CA GLY H 581 -27.90 -9.74 -43.97
C GLY H 581 -27.36 -10.96 -43.25
N GLN H 582 -26.34 -11.55 -43.85
CA GLN H 582 -25.78 -12.79 -43.33
C GLN H 582 -25.09 -12.57 -41.98
N PRO H 583 -25.17 -13.55 -41.08
CA PRO H 583 -24.44 -13.43 -39.82
C PRO H 583 -22.94 -13.61 -40.04
N GLY H 584 -22.16 -13.04 -39.12
CA GLY H 584 -20.72 -13.08 -39.25
C GLY H 584 -19.98 -13.43 -37.98
N ILE H 585 -20.70 -13.53 -36.87
CA ILE H 585 -20.11 -13.87 -35.58
C ILE H 585 -20.71 -15.18 -35.12
N LYS H 586 -19.86 -16.17 -34.86
CA LYS H 586 -20.28 -17.45 -34.32
C LYS H 586 -19.77 -17.59 -32.90
N PRO H 587 -20.65 -17.87 -31.93
CA PRO H 587 -20.17 -18.05 -30.55
C PRO H 587 -19.18 -19.20 -30.47
N LEU H 588 -18.18 -19.03 -29.60
CA LEU H 588 -17.10 -19.99 -29.51
C LEU H 588 -17.64 -21.37 -29.14
N THR H 589 -17.18 -22.39 -29.85
CA THR H 589 -17.78 -23.73 -29.74
C THR H 589 -17.53 -24.38 -28.39
N PHE H 590 -16.62 -23.85 -27.57
CA PHE H 590 -16.38 -24.41 -26.25
C PHE H 590 -15.97 -23.26 -25.32
N ALA H 591 -16.96 -22.69 -24.64
CA ALA H 591 -16.74 -21.66 -23.63
C ALA H 591 -16.97 -22.15 -22.22
N ASN H 592 -17.90 -23.09 -22.01
CA ASN H 592 -18.07 -23.72 -20.71
C ASN H 592 -16.90 -24.62 -20.34
N LEU H 593 -16.02 -24.95 -21.29
CA LEU H 593 -14.84 -25.74 -20.98
C LEU H 593 -13.93 -25.00 -20.02
N ILE H 594 -13.70 -23.71 -20.26
CA ILE H 594 -12.90 -22.86 -19.39
C ILE H 594 -13.87 -22.02 -18.58
N ASN H 595 -14.18 -22.45 -17.36
CA ASN H 595 -15.13 -21.78 -16.51
C ASN H 595 -14.40 -20.97 -15.46
N PHE H 596 -14.78 -19.71 -15.30
CA PHE H 596 -14.23 -18.83 -14.28
C PHE H 596 -15.36 -18.36 -13.39
N LYS H 597 -15.39 -18.87 -12.16
CA LYS H 597 -16.39 -18.45 -11.18
C LYS H 597 -15.90 -17.31 -10.30
N VAL H 598 -15.02 -16.47 -10.83
CA VAL H 598 -14.51 -15.33 -10.08
C VAL H 598 -15.63 -14.32 -9.85
N ASP H 599 -15.80 -13.89 -8.61
CA ASP H 599 -16.80 -12.91 -8.27
C ASP H 599 -16.16 -11.78 -7.47
N THR H 600 -16.51 -10.55 -7.80
CA THR H 600 -16.01 -9.39 -7.09
C THR H 600 -16.84 -9.04 -5.87
N SER H 601 -17.96 -9.73 -5.64
CA SER H 601 -18.78 -9.46 -4.46
C SER H 601 -18.10 -9.90 -3.18
N LEU H 602 -17.15 -10.84 -3.27
CA LEU H 602 -16.45 -11.29 -2.07
C LEU H 602 -15.64 -10.18 -1.43
N TYR H 603 -15.15 -9.24 -2.23
CA TYR H 603 -14.30 -8.15 -1.75
C TYR H 603 -15.02 -6.83 -1.62
N TYR H 604 -16.33 -6.79 -1.86
CA TYR H 604 -17.05 -5.53 -1.73
C TYR H 604 -17.03 -5.06 -0.28
N MET H 605 -16.82 -3.76 -0.09
CA MET H 605 -16.83 -3.15 1.23
C MET H 605 -18.18 -2.52 1.46
N LYS H 606 -18.80 -2.83 2.60
CA LYS H 606 -20.17 -2.46 2.85
C LYS H 606 -20.24 -1.01 3.35
N HIS H 607 -21.45 -0.61 3.76
CA HIS H 607 -21.70 0.72 4.31
C HIS H 607 -21.93 0.56 5.81
N GLN H 608 -21.13 1.24 6.62
CA GLN H 608 -21.12 1.04 8.06
C GLN H 608 -21.59 2.31 8.77
N ASP H 609 -22.39 2.12 9.81
CA ASP H 609 -22.89 3.22 10.62
C ASP H 609 -22.02 3.35 11.86
N PHE H 610 -21.41 4.51 12.03
CA PHE H 610 -20.53 4.78 13.15
C PHE H 610 -21.29 5.43 14.29
N ASP H 611 -20.75 5.28 15.49
CA ASP H 611 -21.34 5.93 16.65
C ASP H 611 -21.23 7.44 16.50
N CYS H 612 -22.35 8.13 16.67
CA CYS H 612 -22.37 9.59 16.58
C CYS H 612 -21.56 10.18 17.73
N GLY H 613 -20.39 10.73 17.42
CA GLY H 613 -19.60 11.38 18.44
C GLY H 613 -20.19 12.73 18.76
N ARG H 614 -20.86 12.84 19.90
CA ARG H 614 -21.61 14.04 20.25
C ARG H 614 -20.64 15.07 20.81
N VAL H 615 -20.21 15.99 19.95
CA VAL H 615 -19.42 17.15 20.36
C VAL H 615 -20.37 18.33 20.46
N LYS H 616 -20.27 19.08 21.56
CA LYS H 616 -21.19 20.18 21.81
C LYS H 616 -20.39 21.47 21.88
N ILE H 617 -20.82 22.46 21.09
CA ILE H 617 -20.30 23.82 21.15
C ILE H 617 -21.40 24.57 21.90
N LEU H 618 -21.13 25.83 22.27
CA LEU H 618 -21.94 26.54 23.27
C LEU H 618 -23.42 26.17 23.24
N PHE H 619 -24.06 26.34 22.08
CA PHE H 619 -25.41 25.83 21.87
C PHE H 619 -25.54 25.03 20.57
N PHE H 620 -24.43 24.63 19.97
CA PHE H 620 -24.44 23.78 18.78
C PHE H 620 -24.08 22.35 19.16
N SER H 621 -24.41 21.41 18.28
CA SER H 621 -24.13 20.01 18.53
C SER H 621 -24.18 19.25 17.21
N PHE H 622 -23.20 18.40 16.97
CA PHE H 622 -23.15 17.60 15.75
C PHE H 622 -22.30 16.37 16.00
N CYS H 623 -22.45 15.38 15.11
CA CYS H 623 -21.74 14.12 15.22
C CYS H 623 -20.43 14.24 14.45
N LEU H 624 -19.40 14.74 15.14
CA LEU H 624 -18.08 14.83 14.52
C LEU H 624 -17.52 13.45 14.19
N GLY H 625 -17.67 12.51 15.12
CA GLY H 625 -17.15 11.17 14.88
C GLY H 625 -17.82 10.47 13.72
N ARG H 626 -19.15 10.57 13.67
CA ARG H 626 -19.89 9.95 12.57
C ARG H 626 -19.53 10.59 11.24
N MET H 627 -19.39 11.92 11.22
CA MET H 627 -19.04 12.59 9.97
C MET H 627 -17.64 12.20 9.50
N MET H 628 -16.67 12.14 10.43
CA MET H 628 -15.33 11.68 10.07
C MET H 628 -15.37 10.24 9.55
N GLY H 629 -16.12 9.38 10.23
CA GLY H 629 -16.16 7.98 9.82
C GLY H 629 -16.77 7.79 8.45
N ASP H 630 -17.89 8.44 8.19
CA ASP H 630 -18.59 8.23 6.92
C ASP H 630 -18.09 9.14 5.81
N LEU H 631 -17.14 10.04 6.11
CA LEU H 631 -16.49 10.81 5.06
C LEU H 631 -15.14 10.22 4.68
N PHE H 632 -14.29 9.90 5.66
CA PHE H 632 -12.95 9.40 5.35
C PHE H 632 -12.97 7.96 4.89
N TYR H 633 -13.96 7.17 5.33
CA TYR H 633 -14.01 5.76 4.98
C TYR H 633 -15.18 5.41 4.09
N ASN H 634 -16.40 5.82 4.46
CA ASN H 634 -17.58 5.44 3.69
C ASN H 634 -17.64 6.14 2.34
N TYR H 635 -16.92 7.24 2.16
CA TYR H 635 -16.98 7.99 0.92
C TYR H 635 -15.64 8.21 0.24
N VAL H 636 -14.53 7.97 0.92
CA VAL H 636 -13.19 8.12 0.33
C VAL H 636 -12.54 6.76 0.10
N PHE H 637 -12.35 5.98 1.17
CA PHE H 637 -11.83 4.62 1.02
C PHE H 637 -12.79 3.78 0.19
N ARG H 638 -14.08 3.88 0.48
CA ARG H 638 -15.07 3.11 -0.25
C ARG H 638 -15.07 3.46 -1.72
N TYR H 639 -15.00 4.75 -2.04
CA TYR H 639 -14.99 5.17 -3.44
C TYR H 639 -13.81 4.56 -4.17
N VAL H 640 -12.61 4.69 -3.62
CA VAL H 640 -11.41 4.22 -4.31
C VAL H 640 -11.44 2.71 -4.49
N TYR H 641 -11.79 1.98 -3.41
CA TYR H 641 -11.82 0.53 -3.49
C TYR H 641 -12.86 0.05 -4.49
N ASN H 642 -14.06 0.64 -4.44
CA ASN H 642 -15.12 0.22 -5.35
C ASN H 642 -14.80 0.59 -6.79
N PHE H 643 -14.11 1.72 -7.00
CA PHE H 643 -13.67 2.10 -8.34
C PHE H 643 -12.68 1.07 -8.89
N PHE H 644 -11.72 0.66 -8.07
CA PHE H 644 -10.78 -0.37 -8.52
C PHE H 644 -11.50 -1.67 -8.84
N LEU H 645 -12.43 -2.09 -7.97
CA LEU H 645 -13.16 -3.34 -8.23
C LEU H 645 -14.01 -3.23 -9.49
N ALA H 646 -14.67 -2.07 -9.70
CA ALA H 646 -15.51 -1.89 -10.86
C ALA H 646 -14.69 -1.98 -12.15
N ILE H 647 -13.51 -1.36 -12.16
CA ILE H 647 -12.62 -1.53 -13.31
C ILE H 647 -12.25 -2.99 -13.48
N PHE H 648 -11.85 -3.63 -12.38
CA PHE H 648 -11.34 -4.99 -12.43
C PHE H 648 -12.36 -5.95 -12.99
N GLY H 649 -13.64 -5.74 -12.71
CA GLY H 649 -14.66 -6.66 -13.19
C GLY H 649 -14.61 -6.91 -14.69
N GLU H 650 -14.92 -5.88 -15.47
CA GLU H 650 -14.84 -6.03 -16.92
C GLU H 650 -13.41 -6.27 -17.37
N MET H 651 -12.40 -5.78 -16.64
CA MET H 651 -11.03 -6.07 -17.03
C MET H 651 -10.78 -7.57 -17.06
N ILE H 652 -11.09 -8.27 -15.97
CA ILE H 652 -10.80 -9.70 -15.90
C ILE H 652 -11.72 -10.45 -16.85
N ASN H 653 -12.95 -9.96 -17.05
CA ASN H 653 -13.80 -10.57 -18.07
C ASN H 653 -13.09 -10.60 -19.43
N SER H 654 -12.58 -9.44 -19.85
CA SER H 654 -11.94 -9.37 -21.16
C SER H 654 -10.65 -10.19 -21.21
N ILE H 655 -9.82 -10.11 -20.17
CA ILE H 655 -8.55 -10.85 -20.20
C ILE H 655 -8.80 -12.35 -20.17
N VAL H 656 -9.82 -12.79 -19.44
CA VAL H 656 -10.16 -14.21 -19.42
C VAL H 656 -10.66 -14.64 -20.80
N MET H 657 -11.46 -13.80 -21.46
CA MET H 657 -11.89 -14.12 -22.81
C MET H 657 -10.69 -14.26 -23.74
N ALA H 658 -9.73 -13.35 -23.63
CA ALA H 658 -8.57 -13.39 -24.52
C ALA H 658 -7.67 -14.59 -24.23
N PHE H 659 -7.47 -14.91 -22.95
CA PHE H 659 -6.67 -16.08 -22.58
C PHE H 659 -7.43 -17.38 -22.78
N LEU H 660 -8.72 -17.31 -23.08
CA LEU H 660 -9.51 -18.49 -23.46
C LEU H 660 -9.57 -18.68 -24.97
N MET H 661 -9.50 -17.61 -25.74
CA MET H 661 -9.77 -17.67 -27.16
C MET H 661 -8.62 -18.21 -28.00
N ILE H 662 -7.43 -18.40 -27.43
CA ILE H 662 -6.30 -18.82 -28.27
C ILE H 662 -6.53 -20.21 -28.82
N PRO H 663 -6.57 -21.28 -27.99
CA PRO H 663 -6.47 -22.63 -28.57
C PRO H 663 -7.64 -22.95 -29.46
N LEU H 664 -8.86 -22.88 -28.91
CA LEU H 664 -10.05 -23.26 -29.64
C LEU H 664 -10.17 -22.47 -30.93
N GLN H 665 -10.37 -21.15 -30.82
CA GLN H 665 -10.61 -20.33 -32.00
C GLN H 665 -9.45 -20.42 -32.97
N GLY H 666 -8.25 -20.04 -32.52
CA GLY H 666 -7.11 -20.01 -33.41
C GLY H 666 -6.82 -21.34 -34.08
N MET H 667 -6.55 -22.38 -33.28
CA MET H 667 -6.16 -23.66 -33.86
C MET H 667 -7.28 -24.22 -34.72
N LYS H 668 -8.51 -24.24 -34.21
CA LYS H 668 -9.61 -24.84 -34.95
C LYS H 668 -9.79 -24.14 -36.29
N ASP H 669 -9.85 -22.80 -36.29
CA ASP H 669 -10.06 -22.09 -37.54
C ASP H 669 -8.91 -22.28 -38.50
N ILE H 670 -7.67 -22.20 -38.02
CA ILE H 670 -6.53 -22.30 -38.92
C ILE H 670 -6.44 -23.70 -39.53
N PHE H 671 -6.61 -24.74 -38.71
CA PHE H 671 -6.56 -26.09 -39.27
C PHE H 671 -7.79 -26.38 -40.13
N ILE H 672 -8.93 -25.77 -39.85
CA ILE H 672 -10.09 -25.93 -40.70
C ILE H 672 -9.82 -25.36 -42.08
N VAL H 673 -9.27 -24.15 -42.15
CA VAL H 673 -8.99 -23.57 -43.46
C VAL H 673 -7.89 -24.36 -44.17
N GLY H 674 -6.91 -24.87 -43.41
CA GLY H 674 -5.88 -25.70 -44.03
C GLY H 674 -6.45 -26.98 -44.63
N VAL H 675 -7.31 -27.66 -43.88
CA VAL H 675 -7.96 -28.85 -44.40
C VAL H 675 -8.83 -28.51 -45.60
N GLN H 676 -9.51 -27.36 -45.56
CA GLN H 676 -10.37 -26.97 -46.67
C GLN H 676 -9.56 -26.74 -47.94
N THR H 677 -8.40 -26.08 -47.84
CA THR H 677 -7.62 -25.85 -49.05
C THR H 677 -6.92 -27.13 -49.50
N LEU H 678 -6.61 -28.03 -48.57
CA LEU H 678 -5.96 -29.28 -48.96
C LEU H 678 -6.95 -30.26 -49.60
N THR H 679 -8.22 -30.22 -49.20
CA THR H 679 -9.19 -31.22 -49.65
C THR H 679 -9.57 -31.07 -51.12
N GLN H 680 -9.27 -29.93 -51.74
CA GLN H 680 -9.59 -29.74 -53.15
C GLN H 680 -8.48 -30.33 -54.00
N PRO H 681 -8.77 -31.35 -54.81
CA PRO H 681 -7.72 -31.92 -55.67
C PRO H 681 -7.15 -30.88 -56.62
N GLY H 682 -5.84 -30.98 -56.86
CA GLY H 682 -5.13 -30.06 -57.69
C GLY H 682 -4.44 -28.95 -56.94
N ILE H 683 -4.94 -28.61 -55.75
CA ILE H 683 -4.30 -27.59 -54.93
C ILE H 683 -2.92 -28.07 -54.52
N ASN H 684 -1.93 -27.21 -54.67
CA ASN H 684 -0.56 -27.61 -54.35
C ASN H 684 -0.44 -27.84 -52.85
N PRO H 685 -0.04 -29.04 -52.41
CA PRO H 685 0.01 -29.29 -50.97
C PRO H 685 1.12 -28.55 -50.26
N ILE H 686 2.29 -28.39 -50.90
CA ILE H 686 3.41 -27.73 -50.25
C ILE H 686 3.08 -26.28 -49.97
N VAL H 687 2.55 -25.57 -50.98
CA VAL H 687 2.22 -24.16 -50.80
C VAL H 687 1.04 -23.99 -49.85
N ALA H 688 0.08 -24.91 -49.87
CA ALA H 688 -1.02 -24.84 -48.92
C ALA H 688 -0.51 -25.00 -47.50
N LEU H 689 0.41 -25.94 -47.28
CA LEU H 689 1.00 -26.10 -45.95
C LEU H 689 1.79 -24.86 -45.56
N ALA H 690 2.51 -24.25 -46.51
CA ALA H 690 3.25 -23.04 -46.21
C ALA H 690 2.32 -21.91 -45.80
N ASN H 691 1.21 -21.74 -46.51
CA ASN H 691 0.23 -20.72 -46.15
C ASN H 691 -0.38 -21.00 -44.79
N MET H 692 -0.67 -22.27 -44.50
CA MET H 692 -1.17 -22.64 -43.18
C MET H 692 -0.17 -22.27 -42.10
N GLY H 693 1.12 -22.56 -42.34
CA GLY H 693 2.13 -22.23 -41.36
C GLY H 693 2.28 -20.73 -41.15
N THR H 694 2.23 -19.96 -42.23
CA THR H 694 2.34 -18.51 -42.07
C THR H 694 1.12 -17.92 -41.38
N MET H 695 -0.07 -18.49 -41.62
CA MET H 695 -1.24 -18.05 -40.88
C MET H 695 -1.11 -18.39 -39.40
N TYR H 696 -0.56 -19.57 -39.10
CA TYR H 696 -0.31 -19.94 -37.71
C TYR H 696 0.64 -18.95 -37.05
N ILE H 697 1.73 -18.62 -37.72
CA ILE H 697 2.71 -17.69 -37.16
C ILE H 697 2.07 -16.32 -36.93
N ASN H 698 1.32 -15.83 -37.93
CA ASN H 698 0.70 -14.52 -37.81
C ASN H 698 -0.28 -14.49 -36.64
N PHE H 699 -1.17 -15.48 -36.56
CA PHE H 699 -2.13 -15.48 -35.47
C PHE H 699 -1.45 -15.60 -34.12
N SER H 700 -0.47 -16.50 -33.99
CA SER H 700 0.17 -16.71 -32.71
C SER H 700 0.89 -15.46 -32.25
N GLY H 701 1.66 -14.82 -33.13
CA GLY H 701 2.38 -13.62 -32.74
C GLY H 701 1.46 -12.47 -32.41
N THR H 702 0.42 -12.24 -33.22
CA THR H 702 -0.45 -11.11 -32.94
C THR H 702 -1.27 -11.33 -31.68
N LEU H 703 -1.68 -12.58 -31.42
CA LEU H 703 -2.33 -12.90 -30.17
C LEU H 703 -1.39 -12.67 -29.00
N TRP H 704 -0.13 -13.06 -29.15
CA TRP H 704 0.83 -12.84 -28.06
C TRP H 704 1.02 -11.36 -27.78
N LEU H 705 1.09 -10.55 -28.84
CA LEU H 705 1.26 -9.12 -28.63
C LEU H 705 0.03 -8.49 -27.98
N THR H 706 -1.17 -8.90 -28.40
CA THR H 706 -2.37 -8.38 -27.75
C THR H 706 -2.43 -8.81 -26.30
N LEU H 707 -2.01 -10.04 -26.00
CA LEU H 707 -1.96 -10.50 -24.62
C LEU H 707 -0.99 -9.66 -23.80
N LEU H 708 0.18 -9.37 -24.35
CA LEU H 708 1.13 -8.50 -23.65
C LEU H 708 0.54 -7.12 -23.43
N ASN H 709 -0.17 -6.59 -24.43
CA ASN H 709 -0.76 -5.26 -24.31
C ASN H 709 -1.77 -5.23 -23.18
N MET H 710 -2.67 -6.22 -23.12
CA MET H 710 -3.66 -6.19 -22.05
C MET H 710 -3.04 -6.48 -20.69
N ALA H 711 -2.03 -7.36 -20.64
CA ALA H 711 -1.36 -7.63 -19.37
C ALA H 711 -0.71 -6.35 -18.83
N VAL H 713 -0.09 -5.57 -19.70
CA VAL H 713 0.41 -4.26 -19.28
C VAL H 713 -0.73 -3.37 -18.83
N SER H 714 -1.80 -3.32 -19.62
CA SER H 714 -2.95 -2.48 -19.32
C SER H 714 -3.74 -2.95 -18.11
N SER H 715 -3.32 -4.03 -17.45
CA SER H 715 -3.96 -4.52 -16.24
C SER H 715 -3.21 -4.10 -14.98
N LEU H 716 -2.68 -2.88 -14.97
CA LEU H 716 -1.89 -2.37 -13.85
C LEU H 716 -2.73 -1.69 -12.78
N ILE H 717 -4.00 -2.04 -12.66
CA ILE H 717 -4.86 -1.40 -11.65
C ILE H 717 -4.30 -1.70 -10.26
N PRO H 718 -4.29 -0.74 -9.34
CA PRO H 718 -3.72 -0.99 -8.02
C PRO H 718 -4.53 -2.00 -7.22
N LEU H 719 -3.81 -2.77 -6.40
CA LEU H 719 -4.36 -3.70 -5.42
C LEU H 719 -5.00 -4.91 -6.08
N PHE H 720 -5.11 -4.90 -7.41
CA PHE H 720 -5.76 -6.01 -8.12
C PHE H 720 -5.02 -6.49 -9.36
N GLY H 721 -4.15 -5.68 -9.96
CA GLY H 721 -3.39 -6.14 -11.12
C GLY H 721 -2.35 -7.18 -10.78
N ILE H 722 -1.94 -7.25 -9.52
CA ILE H 722 -0.95 -8.25 -9.10
C ILE H 722 -1.46 -9.65 -9.39
N PHE H 723 -2.77 -9.86 -9.32
CA PHE H 723 -3.27 -11.20 -9.53
C PHE H 723 -3.68 -11.49 -10.96
N ILE H 724 -3.91 -10.47 -11.78
CA ILE H 724 -3.87 -10.72 -13.21
C ILE H 724 -2.46 -11.11 -13.64
N PHE H 725 -1.45 -10.47 -13.03
CA PHE H 725 -0.07 -10.91 -13.16
C PHE H 725 0.09 -12.39 -12.77
N ALA H 726 -0.44 -12.76 -11.60
CA ALA H 726 -0.38 -14.16 -11.20
C ALA H 726 -1.11 -15.06 -12.18
N LEU H 727 -2.18 -14.55 -12.80
CA LEU H 727 -2.86 -15.29 -13.87
C LEU H 727 -1.92 -15.56 -15.02
N ILE H 728 -1.17 -14.54 -15.47
CA ILE H 728 -0.24 -14.77 -16.58
C ILE H 728 0.80 -15.79 -16.17
N MET H 729 1.24 -15.76 -14.92
CA MET H 729 2.28 -16.72 -14.53
C MET H 729 1.74 -18.14 -14.49
N MET H 730 0.55 -18.33 -13.91
CA MET H 730 -0.04 -19.67 -13.86
C MET H 730 -0.39 -20.17 -15.26
N ALA H 731 -0.76 -19.27 -16.16
CA ALA H 731 -1.06 -19.69 -17.52
C ALA H 731 0.18 -19.85 -18.38
N MET H 732 1.34 -19.36 -17.93
CA MET H 732 2.55 -19.43 -18.75
C MET H 732 2.89 -20.84 -19.21
N PRO H 733 2.80 -21.90 -18.39
CA PRO H 733 3.07 -23.24 -18.94
C PRO H 733 2.10 -23.64 -20.05
N LEU H 734 0.80 -23.55 -19.78
CA LEU H 734 -0.20 -24.01 -20.74
C LEU H 734 -0.23 -23.13 -21.99
N LEU H 735 -0.27 -21.80 -21.79
CA LEU H 735 -0.27 -20.87 -22.92
C LEU H 735 1.04 -20.94 -23.69
N MET H 736 2.15 -21.15 -22.98
CA MET H 736 3.43 -21.34 -23.65
C MET H 736 3.42 -22.60 -24.50
N ALA H 737 2.79 -23.67 -24.01
CA ALA H 737 2.62 -24.85 -24.84
C ALA H 737 1.80 -24.54 -26.08
N TRP H 738 0.73 -23.77 -25.93
CA TRP H 738 -0.10 -23.43 -27.09
C TRP H 738 0.72 -22.67 -28.13
N ILE H 739 1.39 -21.61 -27.69
CA ILE H 739 2.14 -20.75 -28.61
C ILE H 739 3.32 -21.51 -29.21
N GLY H 740 3.97 -22.36 -28.43
CA GLY H 740 5.06 -23.16 -28.98
C GLY H 740 4.58 -24.13 -30.03
N THR H 741 3.44 -24.78 -29.79
CA THR H 741 2.82 -25.59 -30.83
C THR H 741 2.62 -24.78 -32.11
N MET H 742 2.02 -23.60 -31.97
CA MET H 742 1.71 -22.80 -33.15
C MET H 742 2.98 -22.40 -33.90
N VAL H 743 3.98 -21.88 -33.19
CA VAL H 743 5.17 -21.35 -33.85
C VAL H 743 6.01 -22.49 -34.44
N SER H 744 6.13 -23.61 -33.72
CA SER H 744 6.88 -24.74 -34.26
C SER H 744 6.21 -25.30 -35.51
N ILE H 745 4.87 -25.39 -35.50
CA ILE H 745 4.16 -25.85 -36.68
C ILE H 745 4.42 -24.90 -37.85
N GLY H 746 4.34 -23.60 -37.59
CA GLY H 746 4.61 -22.63 -38.65
C GLY H 746 6.01 -22.73 -39.20
N PHE H 747 7.01 -22.84 -38.31
CA PHE H 747 8.39 -22.96 -38.75
C PHE H 747 8.61 -24.22 -39.57
N VAL H 748 8.00 -25.33 -39.15
CA VAL H 748 8.19 -26.58 -39.87
C VAL H 748 7.55 -26.52 -41.25
N THR H 749 6.30 -26.04 -41.32
CA THR H 749 5.54 -26.14 -42.56
C THR H 749 5.74 -24.95 -43.50
N ALA H 750 6.41 -23.88 -43.07
CA ALA H 750 6.55 -22.70 -43.90
C ALA H 750 7.97 -22.17 -44.00
N TYR H 751 8.88 -22.55 -43.10
CA TYR H 751 10.23 -22.01 -43.12
C TYR H 751 11.29 -23.08 -43.37
N TYR H 752 11.30 -24.15 -42.56
CA TYR H 752 12.32 -25.17 -42.72
C TYR H 752 12.16 -25.92 -44.04
N ILE H 753 10.93 -26.27 -44.39
CA ILE H 753 10.71 -27.04 -45.62
C ILE H 753 11.18 -26.31 -46.86
N PRO H 754 10.92 -25.01 -47.05
CA PRO H 754 11.46 -24.34 -48.25
C PRO H 754 12.98 -24.37 -48.35
N VAL H 755 13.70 -24.28 -47.24
CA VAL H 755 15.14 -24.12 -47.28
C VAL H 755 15.91 -25.44 -47.14
N LEU H 756 15.29 -26.48 -46.58
CA LEU H 756 15.95 -27.78 -46.48
C LEU H 756 16.49 -28.29 -47.82
N PRO H 757 15.82 -28.09 -48.95
CA PRO H 757 16.45 -28.43 -50.23
C PRO H 757 17.81 -27.79 -50.42
N TYR H 758 17.95 -26.53 -50.02
CA TYR H 758 19.27 -25.89 -50.02
C TYR H 758 20.25 -26.67 -49.17
N MET H 759 19.86 -27.05 -47.94
CA MET H 759 20.77 -27.79 -47.08
C MET H 759 21.27 -29.06 -47.77
N ILE H 760 20.33 -29.85 -48.27
CA ILE H 760 20.69 -31.14 -48.84
C ILE H 760 21.57 -30.98 -50.07
N PHE H 761 21.18 -30.09 -50.99
CA PHE H 761 21.96 -29.94 -52.22
C PHE H 761 23.32 -29.32 -51.94
N THR H 762 23.39 -28.36 -51.01
CA THR H 762 24.67 -27.77 -50.64
C THR H 762 25.61 -28.83 -50.08
N PHE H 763 25.12 -29.65 -49.16
CA PHE H 763 26.00 -30.64 -48.56
C PHE H 763 26.39 -31.71 -49.58
N GLY H 764 25.50 -32.04 -50.51
CA GLY H 764 25.87 -32.96 -51.57
C GLY H 764 26.95 -32.40 -52.48
N SER H 765 26.82 -31.12 -52.87
CA SER H 765 27.83 -30.50 -53.72
C SER H 765 29.15 -30.36 -52.98
N PHE H 766 29.11 -30.15 -51.66
CA PHE H 766 30.36 -30.08 -50.91
C PHE H 766 31.00 -31.45 -50.73
N ALA H 767 30.18 -32.49 -50.63
CA ALA H 767 30.72 -33.84 -50.69
C ALA H 767 31.40 -34.08 -52.03
N TRP H 768 30.79 -33.61 -53.11
CA TRP H 768 31.42 -33.73 -54.42
C TRP H 768 32.72 -32.93 -54.48
N LEU H 769 32.75 -31.75 -53.88
CA LEU H 769 33.98 -30.95 -53.86
C LEU H 769 35.08 -31.65 -53.08
N ILE H 770 34.74 -32.23 -51.93
CA ILE H 770 35.70 -33.02 -51.18
C ILE H 770 36.20 -34.18 -52.04
N ALA H 771 35.30 -34.81 -52.78
CA ALA H 771 35.68 -35.94 -53.62
C ALA H 771 36.64 -35.52 -54.74
N VAL H 772 36.39 -34.37 -55.37
CA VAL H 772 37.27 -33.96 -56.47
C VAL H 772 38.63 -33.54 -55.92
N ILE H 773 38.66 -32.86 -54.77
CA ILE H 773 39.94 -32.55 -54.15
C ILE H 773 40.69 -33.83 -53.81
N GLU H 774 39.97 -34.82 -53.28
CA GLU H 774 40.57 -36.11 -52.95
C GLU H 774 41.15 -36.79 -54.19
N ALA H 775 40.40 -36.80 -55.29
CA ALA H 775 40.90 -37.43 -56.51
C ALA H 775 42.09 -36.67 -57.08
N MET H 776 42.07 -35.35 -56.99
CA MET H 776 43.21 -34.56 -57.43
C MET H 776 44.45 -34.88 -56.60
N VAL H 777 44.27 -35.11 -55.31
CA VAL H 777 45.38 -35.56 -54.46
C VAL H 777 45.83 -36.95 -54.88
N ALA H 778 44.88 -37.80 -55.27
CA ALA H 778 45.21 -39.19 -55.60
C ALA H 778 45.92 -39.32 -56.94
N ALA H 779 45.72 -38.36 -57.84
CA ALA H 779 46.25 -38.47 -59.20
C ALA H 779 47.74 -38.78 -59.28
N PRO H 780 48.64 -38.16 -58.50
CA PRO H 780 50.05 -38.54 -58.59
C PRO H 780 50.32 -39.99 -58.29
N ILE H 781 49.63 -40.58 -57.31
CA ILE H 781 49.80 -42.01 -57.06
C ILE H 781 49.32 -42.81 -58.26
N VAL H 782 48.21 -42.40 -58.86
CA VAL H 782 47.66 -43.09 -60.03
C VAL H 782 48.69 -43.13 -61.16
N ALA H 783 49.25 -41.97 -61.49
CA ALA H 783 50.23 -41.91 -62.57
C ALA H 783 51.59 -42.44 -62.16
N LEU H 784 51.84 -42.61 -60.86
CA LEU H 784 53.02 -43.33 -60.39
C LEU H 784 52.86 -44.82 -60.57
N GLY H 785 51.62 -45.32 -60.54
CA GLY H 785 51.37 -46.72 -60.81
C GLY H 785 51.77 -47.16 -62.20
N VAL H 786 51.99 -46.20 -63.11
CA VAL H 786 52.44 -46.53 -64.46
C VAL H 786 53.85 -47.13 -64.43
N THR H 787 54.64 -46.79 -63.42
CA THR H 787 56.01 -47.26 -63.32
C THR H 787 56.13 -48.65 -62.69
N HIS H 788 55.02 -49.27 -62.33
CA HIS H 788 55.06 -50.60 -61.73
C HIS H 788 55.58 -51.61 -62.75
N PRO H 789 56.61 -52.39 -62.40
CA PRO H 789 57.08 -53.43 -63.33
C PRO H 789 56.25 -54.71 -63.22
N GLU H 790 55.07 -54.61 -62.61
CA GLU H 790 54.24 -55.79 -62.36
C GLU H 790 53.49 -56.18 -63.63
N GLY H 791 53.88 -57.32 -64.21
CA GLY H 791 53.12 -57.92 -65.29
C GLY H 791 53.31 -57.24 -66.63
N ASN H 792 52.56 -57.77 -67.61
CA ASN H 792 52.61 -57.22 -68.97
C ASN H 792 52.07 -55.79 -69.01
N GLU H 793 50.97 -55.53 -68.31
CA GLU H 793 50.42 -54.19 -68.25
C GLU H 793 51.19 -53.36 -67.22
N ALA H 794 51.39 -52.09 -67.53
CA ALA H 794 52.20 -51.23 -66.68
C ALA H 794 51.58 -51.07 -65.29
N PHE H 795 50.26 -50.89 -65.22
CA PHE H 795 49.60 -50.61 -63.96
C PHE H 795 49.66 -51.81 -63.02
N GLY H 796 49.85 -51.51 -61.73
CA GLY H 796 49.82 -52.53 -60.71
C GLY H 796 48.72 -52.27 -59.71
N LYS H 797 48.18 -51.05 -59.72
CA LYS H 797 47.07 -50.66 -58.85
C LYS H 797 46.05 -49.84 -59.64
N GLY H 798 45.77 -50.26 -60.87
CA GLY H 798 44.87 -49.53 -61.74
C GLY H 798 43.41 -49.87 -61.57
N GLU H 799 42.96 -50.03 -60.33
CA GLU H 799 41.56 -50.29 -60.02
C GLU H 799 40.92 -49.16 -59.23
N PHE H 800 41.54 -48.74 -58.13
CA PHE H 800 41.02 -47.58 -57.40
C PHE H 800 41.06 -46.33 -58.25
N ALA H 801 42.01 -46.25 -59.20
CA ALA H 801 42.07 -45.09 -60.09
C ALA H 801 40.80 -44.97 -60.90
N ILE H 802 40.40 -46.04 -61.59
CA ILE H 802 39.19 -45.99 -62.40
C ILE H 802 37.97 -45.87 -61.51
N MET H 803 37.99 -46.48 -60.32
CA MET H 803 36.86 -46.35 -59.41
C MET H 803 36.63 -44.90 -59.04
N ILE H 804 37.67 -44.21 -58.58
CA ILE H 804 37.52 -42.82 -58.18
C ILE H 804 37.20 -41.94 -59.38
N LEU H 805 37.78 -42.24 -60.55
CA LEU H 805 37.51 -41.46 -61.75
C LEU H 805 36.03 -41.51 -62.11
N VAL H 806 35.47 -42.73 -62.23
CA VAL H 806 34.07 -42.84 -62.57
C VAL H 806 33.19 -42.28 -61.46
N ASN H 807 33.63 -42.38 -60.20
CA ASN H 807 32.85 -41.81 -59.11
C ASN H 807 32.71 -40.30 -59.28
N VAL H 808 33.83 -39.59 -59.45
CA VAL H 808 33.73 -38.14 -59.54
C VAL H 808 33.06 -37.73 -60.84
N PHE H 809 33.18 -38.57 -61.88
CA PHE H 809 32.58 -38.20 -63.16
C PHE H 809 31.07 -38.37 -63.14
N LEU H 810 30.57 -39.33 -62.36
CA LEU H 810 29.13 -39.58 -62.29
C LEU H 810 28.46 -38.91 -61.09
N ARG H 811 29.22 -38.32 -60.17
CA ARG H 811 28.60 -37.72 -58.98
C ARG H 811 27.59 -36.63 -59.31
N PRO H 812 27.89 -35.62 -60.14
CA PRO H 812 26.93 -34.51 -60.27
C PRO H 812 25.68 -34.89 -61.02
N SER H 813 25.79 -35.68 -62.09
CA SER H 813 24.60 -36.11 -62.83
C SER H 813 23.67 -36.93 -61.95
N LEU H 814 24.25 -37.85 -61.16
CA LEU H 814 23.43 -38.65 -60.26
C LEU H 814 22.82 -37.78 -59.17
N MET H 815 23.55 -36.76 -58.71
CA MET H 815 22.97 -35.84 -57.73
C MET H 815 21.77 -35.11 -58.31
N ILE H 816 21.87 -34.64 -59.56
CA ILE H 816 20.75 -33.92 -60.16
C ILE H 816 19.56 -34.85 -60.38
N ILE H 817 19.84 -36.09 -60.80
CA ILE H 817 18.76 -37.06 -61.01
C ILE H 817 18.05 -37.34 -59.69
N GLY H 818 18.83 -37.53 -58.62
CA GLY H 818 18.25 -37.69 -57.31
C GLY H 818 17.46 -36.48 -56.87
N TYR H 819 17.90 -35.28 -57.24
CA TYR H 819 17.18 -34.09 -56.85
C TYR H 819 15.79 -34.05 -57.49
N ILE H 820 15.72 -34.35 -58.79
CA ILE H 820 14.41 -34.37 -59.45
C ILE H 820 13.55 -35.51 -58.91
N ALA H 821 14.15 -36.68 -58.69
CA ALA H 821 13.39 -37.79 -58.12
C ALA H 821 12.83 -37.41 -56.76
N ALA H 822 13.59 -36.67 -55.97
CA ALA H 822 13.17 -36.31 -54.62
C ALA H 822 12.15 -35.19 -54.60
N ILE H 823 12.21 -34.25 -55.54
CA ILE H 823 11.12 -33.26 -55.61
C ILE H 823 9.83 -33.94 -56.06
N ALA H 824 9.92 -34.97 -56.90
CA ALA H 824 8.73 -35.77 -57.16
C ALA H 824 8.26 -36.50 -55.90
N LEU H 825 9.22 -37.03 -55.13
CA LEU H 825 8.89 -37.83 -53.96
C LEU H 825 8.22 -37.00 -52.87
N SER H 826 8.59 -35.74 -52.74
CA SER H 826 7.94 -34.90 -51.74
C SER H 826 6.45 -34.77 -52.01
N TYR H 827 6.08 -34.53 -53.28
CA TYR H 827 4.67 -34.48 -53.65
C TYR H 827 3.99 -35.82 -53.39
N VAL H 828 4.64 -36.91 -53.81
CA VAL H 828 4.03 -38.22 -53.63
C VAL H 828 3.80 -38.50 -52.15
N GLY H 829 4.75 -38.14 -51.30
CA GLY H 829 4.64 -38.44 -49.89
C GLY H 829 3.64 -37.56 -49.16
N VAL H 830 3.57 -36.28 -49.53
CA VAL H 830 2.54 -35.45 -48.90
C VAL H 830 1.16 -35.92 -49.34
N TRP H 831 1.04 -36.45 -50.56
CA TRP H 831 -0.22 -37.05 -50.97
C TRP H 831 -0.52 -38.33 -50.19
N ILE H 832 0.52 -39.13 -49.92
CA ILE H 832 0.36 -40.28 -49.02
C ILE H 832 -0.21 -39.84 -47.69
N LEU H 833 0.41 -38.80 -47.11
CA LEU H 833 0.01 -38.33 -45.79
C LEU H 833 -1.43 -37.82 -45.81
N ASN H 834 -1.77 -37.03 -46.83
CA ASN H 834 -3.12 -36.50 -46.91
C ASN H 834 -4.16 -37.60 -47.13
N ALA H 835 -3.81 -38.66 -47.86
CA ALA H 835 -4.74 -39.75 -48.07
C ALA H 835 -4.95 -40.56 -46.80
N GLY H 836 -3.89 -40.76 -46.01
CA GLY H 836 -4.00 -41.64 -44.87
C GLY H 836 -4.39 -41.00 -43.55
N PHE H 837 -4.07 -39.72 -43.39
CA PHE H 837 -4.19 -39.08 -42.08
C PHE H 837 -5.64 -38.99 -41.62
N ASP H 838 -6.56 -38.65 -42.54
CA ASP H 838 -7.93 -38.40 -42.14
C ASP H 838 -8.58 -39.63 -41.52
N HIS H 839 -8.11 -40.82 -41.89
CA HIS H 839 -8.60 -42.04 -41.27
C HIS H 839 -7.72 -42.52 -40.13
N ALA H 840 -6.41 -42.25 -40.19
CA ALA H 840 -5.54 -42.68 -39.10
C ALA H 840 -5.80 -41.88 -37.82
N ILE H 841 -6.33 -40.66 -37.94
CA ILE H 841 -6.57 -39.82 -36.77
C ILE H 841 -8.02 -39.92 -36.31
N SER H 842 -8.84 -40.74 -36.97
CA SER H 842 -10.29 -40.64 -36.84
C SER H 842 -10.75 -40.86 -35.40
N TYR H 843 -10.30 -41.94 -34.77
CA TYR H 843 -10.81 -42.25 -33.43
C TYR H 843 -10.20 -41.34 -32.37
N ILE H 844 -8.98 -40.86 -32.59
CA ILE H 844 -8.39 -39.91 -31.66
C ILE H 844 -9.08 -38.56 -31.74
N GLN H 845 -9.84 -38.30 -32.80
CA GLN H 845 -10.66 -37.11 -32.90
C GLN H 845 -12.10 -37.42 -32.49
N GLY H 901 -15.14 -39.87 -30.06
CA GLY H 901 -15.71 -40.30 -28.80
C GLY H 901 -14.96 -39.74 -27.60
N TYR H 902 -14.09 -38.77 -27.83
CA TYR H 902 -13.31 -38.15 -26.75
C TYR H 902 -14.04 -36.93 -26.25
N THR H 903 -14.29 -36.88 -24.95
CA THR H 903 -15.09 -35.84 -24.33
C THR H 903 -14.20 -34.74 -23.77
N GLY H 904 -14.71 -33.51 -23.84
CA GLY H 904 -14.02 -32.38 -23.27
C GLY H 904 -12.75 -32.02 -24.00
N TRP H 905 -11.95 -31.19 -23.34
CA TRP H 905 -10.70 -30.72 -23.92
C TRP H 905 -9.70 -31.84 -24.12
N ALA H 906 -9.93 -33.02 -23.55
CA ALA H 906 -9.12 -34.17 -23.90
C ALA H 906 -9.10 -34.38 -25.41
N GLY H 907 -10.21 -34.09 -26.08
CA GLY H 907 -10.21 -34.11 -27.53
C GLY H 907 -9.34 -33.01 -28.14
N VAL H 908 -9.43 -31.79 -27.60
CA VAL H 908 -8.70 -30.67 -28.19
C VAL H 908 -7.20 -30.88 -28.04
N TYR H 909 -6.77 -31.46 -26.92
CA TYR H 909 -5.36 -31.84 -26.79
C TYR H 909 -4.98 -32.85 -27.86
N ALA H 910 -5.88 -33.79 -28.15
CA ALA H 910 -5.69 -34.67 -29.28
C ALA H 910 -5.41 -33.88 -30.55
N PHE H 911 -6.20 -32.83 -30.78
CA PHE H 911 -5.96 -31.91 -31.88
C PHE H 911 -4.48 -31.53 -31.91
N PHE H 912 -3.98 -31.04 -30.78
CA PHE H 912 -2.56 -30.77 -30.60
C PHE H 912 -1.74 -31.88 -31.21
N PHE H 913 -1.83 -33.07 -30.61
CA PHE H 913 -0.97 -34.17 -31.04
C PHE H 913 -1.08 -34.34 -32.54
N SER H 914 -2.31 -34.42 -33.05
CA SER H 914 -2.49 -34.72 -34.46
C SER H 914 -1.78 -33.67 -35.31
N ILE H 915 -2.08 -32.39 -35.06
CA ILE H 915 -1.49 -31.37 -35.91
C ILE H 915 0.01 -31.38 -35.76
N LEU H 916 0.49 -31.61 -34.53
CA LEU H 916 1.92 -31.76 -34.32
C LEU H 916 2.48 -32.76 -35.30
N ILE H 917 2.00 -34.00 -35.23
CA ILE H 917 2.56 -35.02 -36.08
C ILE H 917 2.22 -34.76 -37.53
N TYR H 918 1.14 -34.02 -37.80
CA TYR H 918 0.84 -33.69 -39.19
C TYR H 918 1.98 -32.92 -39.81
N THR H 919 2.54 -31.98 -39.06
CA THR H 919 3.78 -31.36 -39.54
C THR H 919 4.93 -32.35 -39.40
N SER H 920 5.01 -33.00 -38.24
CA SER H 920 6.20 -33.80 -37.92
C SER H 920 6.44 -34.86 -38.97
N MET H 921 5.50 -35.79 -39.11
CA MET H 921 5.58 -36.80 -40.17
C MET H 921 5.95 -36.16 -41.49
N TYR H 922 5.25 -35.09 -41.85
CA TYR H 922 5.52 -34.42 -43.12
C TYR H 922 6.99 -34.07 -43.22
N LEU H 923 7.51 -33.41 -42.17
CA LEU H 923 8.94 -33.12 -42.08
C LEU H 923 9.77 -34.37 -42.35
N ILE H 924 9.60 -35.43 -41.56
CA ILE H 924 10.44 -36.60 -41.76
C ILE H 924 10.29 -37.13 -43.17
N ILE H 925 9.09 -37.04 -43.74
CA ILE H 925 8.90 -37.45 -45.13
C ILE H 925 9.97 -36.80 -46.01
N VAL H 926 10.00 -35.47 -46.01
CA VAL H 926 10.95 -34.77 -46.85
C VAL H 926 12.37 -35.10 -46.43
N GLN H 927 12.58 -35.29 -45.12
CA GLN H 927 13.93 -35.53 -44.63
C GLN H 927 14.52 -36.83 -45.17
N LYS H 928 13.66 -37.77 -45.58
CA LYS H 928 14.16 -38.90 -46.35
C LYS H 928 14.01 -38.73 -47.84
N ALA H 929 12.98 -38.01 -48.29
CA ALA H 929 12.85 -37.77 -49.72
C ALA H 929 14.16 -37.24 -50.28
N PHE H 930 14.61 -36.10 -49.78
CA PHE H 930 15.78 -35.53 -50.40
C PHE H 930 17.04 -36.32 -50.10
N THR H 931 16.98 -37.29 -49.19
CA THR H 931 18.18 -38.08 -48.96
C THR H 931 18.38 -39.14 -50.03
N LEU H 932 17.49 -39.24 -51.05
CA LEU H 932 17.93 -39.96 -52.24
C LEU H 932 19.16 -39.30 -52.84
N ILE H 933 19.29 -37.99 -52.70
CA ILE H 933 20.51 -37.31 -53.16
C ILE H 933 21.72 -37.96 -52.52
N ALA H 934 21.56 -38.51 -51.31
CA ALA H 934 22.63 -39.24 -50.66
C ALA H 934 22.89 -40.59 -51.32
N HIS H 935 21.83 -41.37 -51.57
CA HIS H 935 22.07 -42.75 -52.00
C HIS H 935 22.43 -42.84 -53.48
N LEU H 936 21.61 -42.24 -54.34
CA LEU H 936 21.66 -42.53 -55.77
C LEU H 936 23.06 -42.51 -56.36
N PRO H 937 23.94 -41.53 -56.08
CA PRO H 937 25.30 -41.61 -56.60
C PRO H 937 26.07 -42.84 -56.12
N ASP H 938 26.28 -42.94 -54.81
CA ASP H 938 27.27 -43.90 -54.30
C ASP H 938 26.77 -45.33 -54.39
N LYS H 939 25.46 -45.55 -54.43
CA LYS H 939 24.96 -46.90 -54.69
C LYS H 939 25.34 -47.37 -56.09
N VAL H 940 25.34 -46.46 -57.06
CA VAL H 940 25.87 -46.82 -58.38
C VAL H 940 27.35 -47.16 -58.28
N LEU H 941 28.05 -46.56 -57.32
CA LEU H 941 29.42 -46.97 -57.04
C LEU H 941 29.47 -48.42 -56.56
N ARG H 942 28.50 -48.82 -55.75
CA ARG H 942 28.37 -50.22 -55.37
C ARG H 942 27.96 -51.10 -56.54
N TRP H 943 27.51 -50.50 -57.64
CA TRP H 943 26.93 -51.23 -58.77
C TRP H 943 27.96 -51.53 -59.84
N ILE H 944 28.56 -50.49 -60.42
CA ILE H 944 29.53 -50.69 -61.49
C ILE H 944 30.81 -51.31 -60.94
N GLY H 945 31.27 -50.82 -59.79
CA GLY H 945 32.48 -51.35 -59.18
C GLY H 945 32.20 -52.44 -58.16
N LEU I 24 66.44 -36.84 -50.70
CA LEU I 24 67.50 -37.42 -49.89
C LEU I 24 67.00 -37.75 -48.49
N SER I 25 67.06 -36.76 -47.59
CA SER I 25 66.59 -36.93 -46.23
C SER I 25 65.86 -35.67 -45.79
N PHE I 26 64.98 -35.83 -44.82
CA PHE I 26 64.15 -34.75 -44.29
C PHE I 26 64.60 -34.48 -42.85
N ALA I 27 65.52 -33.53 -42.69
CA ALA I 27 66.00 -33.15 -41.37
C ALA I 27 65.16 -31.99 -40.86
N PRO I 28 64.39 -32.16 -39.79
CA PRO I 28 63.56 -31.06 -39.29
C PRO I 28 64.42 -29.97 -38.66
N PRO I 29 63.89 -28.75 -38.56
CA PRO I 29 64.69 -27.64 -38.04
C PRO I 29 65.08 -27.79 -36.57
N ALA I 30 65.81 -26.82 -36.04
CA ALA I 30 66.28 -26.91 -34.67
C ALA I 30 65.16 -26.64 -33.66
N SER I 31 64.31 -25.65 -33.94
CA SER I 31 63.32 -25.18 -32.98
C SER I 31 61.97 -25.88 -33.12
N ASP I 32 61.91 -27.01 -33.83
CA ASP I 32 60.66 -27.70 -34.07
C ASP I 32 59.95 -28.05 -32.76
N LEU I 33 58.80 -27.42 -32.53
CA LEU I 33 58.04 -27.67 -31.31
C LEU I 33 57.41 -29.05 -31.32
N SER I 34 57.17 -29.62 -32.50
CA SER I 34 56.54 -30.92 -32.61
C SER I 34 57.40 -32.00 -31.97
N VAL I 35 58.65 -32.14 -32.43
CA VAL I 35 59.51 -33.16 -31.86
C VAL I 35 59.88 -32.79 -30.44
N VAL I 36 59.87 -31.51 -30.09
CA VAL I 36 60.15 -31.10 -28.72
C VAL I 36 59.11 -31.67 -27.78
N PHE I 37 57.83 -31.46 -28.09
CA PHE I 37 56.76 -31.93 -27.22
C PHE I 37 56.43 -33.41 -27.44
N LEU I 38 57.03 -34.04 -28.44
CA LEU I 38 56.97 -35.49 -28.57
C LEU I 38 58.06 -36.21 -27.79
N GLY I 39 59.30 -35.71 -27.83
CA GLY I 39 60.36 -36.25 -27.02
C GLY I 39 60.27 -35.89 -25.56
N ASN I 40 59.56 -34.80 -25.23
CA ASN I 40 59.27 -34.53 -23.84
C ASN I 40 58.37 -35.62 -23.25
N LEU I 41 57.45 -36.13 -24.05
CA LEU I 41 56.61 -37.24 -23.64
C LEU I 41 57.35 -38.57 -23.70
N PHE I 42 58.23 -38.76 -24.69
CA PHE I 42 58.95 -40.01 -24.87
C PHE I 42 60.25 -40.09 -24.08
N GLY I 43 60.53 -39.10 -23.24
CA GLY I 43 61.75 -39.15 -22.46
C GLY I 43 62.97 -39.03 -23.34
N VAL I 44 63.89 -39.99 -23.20
CA VAL I 44 65.15 -39.97 -23.91
C VAL I 44 65.23 -41.19 -24.82
N VAL I 45 65.48 -40.94 -26.10
CA VAL I 45 65.74 -42.00 -27.08
C VAL I 45 67.05 -41.66 -27.78
N ASP I 46 68.10 -42.42 -27.46
CA ASP I 46 69.44 -42.09 -27.92
C ASP I 46 69.57 -42.30 -29.42
N GLY I 47 70.27 -41.37 -30.07
CA GLY I 47 70.59 -41.46 -31.48
C GLY I 47 69.69 -40.66 -32.39
N VAL I 48 68.48 -40.29 -31.94
CA VAL I 48 67.55 -39.56 -32.80
C VAL I 48 67.10 -38.28 -32.12
N LEU I 49 67.10 -38.26 -30.79
CA LEU I 49 66.51 -37.16 -30.05
C LEU I 49 67.18 -37.07 -28.68
N HIS I 50 67.27 -35.84 -28.16
CA HIS I 50 68.06 -35.54 -26.96
C HIS I 50 67.21 -34.84 -25.91
N GLY I 51 66.06 -35.41 -25.61
CA GLY I 51 65.10 -34.79 -24.71
C GLY I 51 65.47 -34.92 -23.25
N THR I 52 64.58 -34.39 -22.40
CA THR I 52 64.80 -34.40 -20.97
C THR I 52 63.53 -34.75 -20.19
N GLY I 53 62.52 -35.29 -20.84
CA GLY I 53 61.27 -35.59 -20.18
C GLY I 53 61.40 -36.73 -19.18
N SER I 54 60.33 -36.92 -18.41
CA SER I 54 60.31 -37.98 -17.41
C SER I 54 60.49 -39.33 -18.07
N GLN I 55 61.41 -40.13 -17.53
CA GLN I 55 61.80 -41.40 -18.13
C GLN I 55 60.99 -42.58 -17.60
N ILE I 56 59.82 -42.32 -17.01
CA ILE I 56 58.91 -43.42 -16.70
C ILE I 56 58.50 -44.12 -17.99
N MET I 57 58.45 -43.38 -19.10
CA MET I 57 58.27 -43.98 -20.42
C MET I 57 59.37 -45.00 -20.68
N GLY I 58 60.62 -44.63 -20.39
CA GLY I 58 61.73 -45.52 -20.69
C GLY I 58 61.68 -46.80 -19.90
N ASN I 59 61.43 -46.71 -18.60
CA ASN I 59 61.34 -47.91 -17.78
C ASN I 59 60.15 -48.75 -18.16
N MET I 60 59.02 -48.11 -18.46
CA MET I 60 57.83 -48.84 -18.86
C MET I 60 58.07 -49.62 -20.15
N PHE I 61 58.69 -48.96 -21.15
CA PHE I 61 59.01 -49.66 -22.39
C PHE I 61 60.06 -50.74 -22.17
N GLY I 62 61.02 -50.52 -21.27
CA GLY I 62 62.01 -51.55 -21.01
C GLY I 62 61.42 -52.80 -20.38
N VAL I 63 60.56 -52.62 -19.37
CA VAL I 63 59.95 -53.78 -18.74
C VAL I 63 58.98 -54.46 -19.70
N PHE I 64 58.28 -53.69 -20.53
CA PHE I 64 57.43 -54.31 -21.55
C PHE I 64 58.28 -55.09 -22.55
N ASN I 65 59.45 -54.56 -22.91
CA ASN I 65 60.34 -55.26 -23.81
C ASN I 65 60.82 -56.57 -23.20
N SER I 66 61.18 -56.56 -21.91
CA SER I 66 61.61 -57.80 -21.28
C SER I 66 60.48 -58.83 -21.21
N ALA I 67 59.27 -58.38 -20.85
CA ALA I 67 58.14 -59.29 -20.75
C ALA I 67 57.80 -59.88 -22.12
N VAL I 68 57.76 -59.04 -23.15
CA VAL I 68 57.45 -59.54 -24.49
C VAL I 68 58.59 -60.41 -24.98
N LEU I 69 59.83 -60.14 -24.56
CA LEU I 69 60.93 -61.01 -24.92
C LEU I 69 60.73 -62.41 -24.36
N ALA I 70 60.35 -62.49 -23.08
CA ALA I 70 60.13 -63.80 -22.47
C ALA I 70 58.96 -64.54 -23.12
N LEU I 71 57.84 -63.83 -23.34
CA LEU I 71 56.67 -64.45 -23.93
C LEU I 71 56.95 -64.91 -25.36
N GLY I 72 57.55 -64.03 -26.15
CA GLY I 72 57.93 -64.40 -27.49
C GLY I 72 58.89 -65.57 -27.51
N GLY I 73 59.81 -65.61 -26.55
CA GLY I 73 60.72 -66.74 -26.46
C GLY I 73 60.00 -68.05 -26.21
N ILE I 74 59.00 -68.02 -25.31
CA ILE I 74 58.18 -69.22 -25.12
C ILE I 74 57.52 -69.62 -26.44
N ILE I 75 57.08 -68.62 -27.20
CA ILE I 75 56.51 -68.90 -28.52
C ILE I 75 57.57 -69.52 -29.43
N ILE I 76 58.84 -69.11 -29.30
CA ILE I 76 59.90 -69.70 -30.11
C ILE I 76 60.16 -71.14 -29.70
N MET I 77 60.10 -71.45 -28.40
CA MET I 77 60.12 -72.87 -28.02
C MET I 77 58.99 -73.65 -28.70
N TYR I 78 57.78 -73.11 -28.66
CA TYR I 78 56.65 -73.82 -29.28
C TYR I 78 56.90 -74.05 -30.78
N THR I 79 57.28 -72.98 -31.49
CA THR I 79 57.53 -73.10 -32.92
C THR I 79 58.75 -73.96 -33.21
N LEU I 80 59.71 -74.02 -32.28
CA LEU I 80 60.88 -74.87 -32.47
C LEU I 80 60.52 -76.35 -32.37
N MET I 81 59.67 -76.70 -31.39
CA MET I 81 59.18 -78.08 -31.36
C MET I 81 58.35 -78.40 -32.60
N VAL I 82 57.55 -77.44 -33.09
CA VAL I 82 56.79 -77.66 -34.32
C VAL I 82 57.73 -77.92 -35.48
N SER I 83 58.77 -77.09 -35.62
CA SER I 83 59.70 -77.25 -36.73
C SER I 83 60.47 -78.55 -36.62
N THR I 84 60.87 -78.94 -35.40
CA THR I 84 61.61 -80.19 -35.24
C THR I 84 60.74 -81.40 -35.56
N MET I 85 59.47 -81.39 -35.16
CA MET I 85 58.62 -82.53 -35.50
C MET I 85 58.33 -82.57 -36.99
N ASN I 86 58.20 -81.41 -37.65
CA ASN I 86 58.04 -81.41 -39.10
C ASN I 86 59.30 -81.93 -39.78
N THR I 87 60.48 -81.54 -39.29
CA THR I 87 61.74 -82.02 -39.84
C THR I 87 61.87 -83.52 -39.68
N ALA I 88 61.51 -84.05 -38.51
CA ALA I 88 61.56 -85.49 -38.30
C ALA I 88 60.59 -86.22 -39.21
N HIS I 89 59.38 -85.69 -39.36
CA HIS I 89 58.39 -86.35 -40.22
C HIS I 89 58.83 -86.36 -41.68
N GLU I 90 59.37 -85.24 -42.16
CA GLU I 90 59.78 -85.16 -43.56
C GLU I 90 61.04 -85.96 -43.83
N GLY I 91 62.03 -85.86 -42.94
CA GLY I 91 63.30 -86.54 -43.10
C GLY I 91 64.44 -85.66 -43.59
N GLN I 92 64.15 -84.43 -44.02
CA GLN I 92 65.15 -83.50 -44.48
C GLN I 92 65.31 -82.36 -43.48
N MET I 93 66.49 -81.76 -43.47
CA MET I 93 66.85 -80.77 -42.46
C MET I 93 65.97 -79.53 -42.57
N LEU I 94 65.25 -79.22 -41.49
CA LEU I 94 64.59 -77.94 -41.28
C LEU I 94 63.73 -77.55 -42.48
N GLY I 95 62.85 -78.46 -42.87
CA GLY I 95 61.89 -78.20 -43.92
C GLY I 95 62.49 -78.24 -45.31
N GLN I 96 61.64 -77.96 -46.29
CA GLN I 96 62.03 -77.96 -47.69
C GLN I 96 61.78 -76.62 -48.39
N LYS I 97 61.12 -75.67 -47.74
CA LYS I 97 60.84 -74.39 -48.35
C LYS I 97 61.94 -73.36 -48.11
N TRP I 98 62.66 -73.46 -46.99
CA TRP I 98 63.72 -72.53 -46.69
C TRP I 98 65.04 -73.27 -46.44
N SER I 99 66.14 -72.57 -46.65
CA SER I 99 67.46 -73.13 -46.43
C SER I 99 67.80 -73.09 -44.94
N SER I 100 68.78 -73.91 -44.55
CA SER I 100 69.23 -73.99 -43.17
C SER I 100 70.29 -72.95 -42.83
N ILE I 101 70.66 -72.10 -43.78
CA ILE I 101 71.71 -71.11 -43.58
C ILE I 101 71.10 -69.77 -43.20
N TRP I 102 69.91 -69.48 -43.73
CA TRP I 102 69.24 -68.22 -43.43
C TRP I 102 68.65 -68.21 -42.02
N ILE I 103 68.48 -69.37 -41.40
CA ILE I 103 67.82 -69.42 -40.09
C ILE I 103 68.61 -68.70 -39.00
N PRO I 104 69.91 -68.95 -38.80
CA PRO I 104 70.63 -68.17 -37.79
C PRO I 104 70.69 -66.68 -38.11
N LEU I 105 70.75 -66.31 -39.39
CA LEU I 105 70.71 -64.90 -39.76
C LEU I 105 69.41 -64.26 -39.31
N ARG I 106 68.28 -64.92 -39.60
CA ARG I 106 66.99 -64.39 -39.17
C ARG I 106 66.89 -64.33 -37.66
N SER I 107 67.38 -65.36 -36.97
CA SER I 107 67.30 -65.39 -35.52
C SER I 107 68.10 -64.26 -34.89
N THR I 108 69.32 -64.02 -35.39
CA THR I 108 70.13 -62.95 -34.83
C THR I 108 69.58 -61.58 -35.20
N PHE I 109 69.00 -61.43 -36.39
CA PHE I 109 68.36 -60.17 -36.75
C PHE I 109 67.20 -59.87 -35.80
N GLY I 110 66.39 -60.88 -35.51
CA GLY I 110 65.29 -60.67 -34.58
C GLY I 110 65.76 -60.40 -33.16
N LEU I 111 66.81 -61.11 -32.72
CA LEU I 111 67.27 -60.99 -31.35
C LEU I 111 67.94 -59.64 -31.10
N ALA I 112 68.82 -59.20 -32.01
CA ALA I 112 69.62 -58.01 -31.76
C ALA I 112 68.77 -56.76 -31.61
N LEU I 113 67.55 -56.75 -32.16
CA LEU I 113 66.69 -55.58 -32.12
C LEU I 113 65.72 -55.58 -30.95
N LEU I 114 65.82 -56.56 -30.05
CA LEU I 114 64.96 -56.65 -28.88
C LEU I 114 65.74 -56.51 -27.58
N ILE I 115 66.83 -55.74 -27.61
CA ILE I 115 67.65 -55.49 -26.43
C ILE I 115 67.77 -53.99 -26.23
N PRO I 116 67.29 -53.43 -25.13
CA PRO I 116 67.47 -52.00 -24.88
C PRO I 116 68.96 -51.67 -24.74
N LYS I 117 69.34 -50.49 -25.21
CA LYS I 117 70.74 -50.09 -25.13
C LYS I 117 71.10 -49.60 -23.73
N ALA I 118 70.51 -48.49 -23.30
CA ALA I 118 70.73 -48.01 -21.95
C ALA I 118 69.49 -47.41 -21.28
N SER I 119 68.36 -47.29 -22.00
CA SER I 119 67.22 -46.55 -21.47
C SER I 119 65.90 -47.24 -21.77
N GLY I 120 65.91 -48.56 -21.93
CA GLY I 120 64.69 -49.30 -22.13
C GLY I 120 64.14 -49.29 -23.54
N TYR I 121 64.81 -48.63 -24.48
CA TYR I 121 64.35 -48.53 -25.86
C TYR I 121 65.24 -49.38 -26.75
N CYS I 122 64.62 -50.30 -27.49
CA CYS I 122 65.34 -51.21 -28.35
C CYS I 122 65.68 -50.53 -29.68
N MET I 123 66.41 -51.26 -30.52
CA MET I 123 66.78 -50.74 -31.83
C MET I 123 65.57 -50.54 -32.73
N MET I 124 64.57 -51.41 -32.61
CA MET I 124 63.33 -51.22 -33.38
C MET I 124 62.64 -49.92 -32.99
N GLN I 125 62.63 -49.61 -31.68
CA GLN I 125 62.07 -48.34 -31.24
C GLN I 125 62.85 -47.16 -31.81
N VAL I 126 64.18 -47.27 -31.87
CA VAL I 126 64.98 -46.20 -32.46
C VAL I 126 64.67 -46.04 -33.94
N PHE I 127 64.49 -47.17 -34.64
CA PHE I 127 64.15 -47.11 -36.06
C PHE I 127 62.81 -46.42 -36.28
N PHE I 128 61.81 -46.78 -35.47
CA PHE I 128 60.50 -46.15 -35.60
C PHE I 128 60.56 -44.67 -35.20
N MET I 129 61.39 -44.33 -34.22
CA MET I 129 61.63 -42.95 -33.86
C MET I 129 62.20 -42.18 -35.04
N TRP I 130 63.18 -42.76 -35.73
CA TRP I 130 63.77 -42.11 -36.88
C TRP I 130 62.74 -41.93 -37.99
N VAL I 131 61.90 -42.94 -38.20
CA VAL I 131 60.91 -42.85 -39.28
C VAL I 131 59.88 -41.76 -38.98
N ILE I 132 59.39 -41.70 -37.73
CA ILE I 132 58.41 -40.68 -37.40
C ILE I 132 59.05 -39.29 -37.43
N VAL I 133 60.32 -39.18 -37.03
CA VAL I 133 61.00 -37.89 -37.12
C VAL I 133 61.18 -37.47 -38.57
N GLN I 134 61.46 -38.43 -39.46
CA GLN I 134 61.55 -38.12 -40.88
C GLN I 134 60.21 -37.66 -41.43
N GLY I 135 59.13 -38.30 -41.00
CA GLY I 135 57.80 -37.82 -41.39
C GLY I 135 57.52 -36.41 -40.91
N VAL I 136 57.92 -36.12 -39.67
CA VAL I 136 57.81 -34.77 -39.14
C VAL I 136 58.61 -33.79 -39.98
N GLY I 137 59.82 -34.19 -40.38
CA GLY I 137 60.65 -33.32 -41.20
C GLY I 137 60.02 -33.04 -42.56
N ALA I 138 59.45 -34.07 -43.19
CA ALA I 138 58.78 -33.86 -44.47
C ALA I 138 57.57 -32.95 -44.32
N ALA I 139 56.77 -33.16 -43.28
CA ALA I 139 55.62 -32.30 -43.04
C ALA I 139 56.05 -30.86 -42.79
N ASP I 140 57.12 -30.68 -42.03
CA ASP I 140 57.64 -29.33 -41.77
C ASP I 140 58.15 -28.70 -43.06
N LYS I 141 58.78 -29.49 -43.93
CA LYS I 141 59.25 -28.97 -45.20
C LYS I 141 58.09 -28.45 -46.04
N ILE I 142 57.01 -29.25 -46.11
CA ILE I 142 55.84 -28.83 -46.89
C ILE I 142 55.21 -27.58 -46.28
N TRP I 143 55.08 -27.57 -44.95
CA TRP I 143 54.49 -26.42 -44.27
C TRP I 143 55.32 -25.16 -44.48
N GLU I 144 56.65 -25.29 -44.43
CA GLU I 144 57.52 -24.15 -44.64
C GLU I 144 57.51 -23.69 -46.09
N ALA I 145 57.32 -24.61 -47.03
CA ALA I 145 57.15 -24.20 -48.42
C ALA I 145 55.87 -23.38 -48.59
N ALA I 146 54.78 -23.82 -47.96
CA ALA I 146 53.54 -23.05 -48.02
C ALA I 146 53.72 -21.68 -47.36
N LEU I 147 54.41 -21.65 -46.22
CA LEU I 147 54.66 -20.38 -45.54
C LEU I 147 55.48 -19.44 -46.40
N SER I 148 56.54 -19.95 -47.04
CA SER I 148 57.36 -19.11 -47.89
C SER I 148 56.57 -18.58 -49.07
N TYR I 149 55.72 -19.43 -49.68
CA TYR I 149 54.86 -18.92 -50.74
C TYR I 149 53.93 -17.83 -50.22
N LEU I 150 53.47 -17.96 -48.98
CA LEU I 150 52.65 -16.90 -48.39
C LEU I 150 53.47 -15.63 -48.22
N ASN I 151 54.76 -15.75 -47.89
CA ASN I 151 55.58 -14.58 -47.64
C ASN I 151 55.99 -13.87 -48.92
N ARG I 152 56.20 -14.61 -50.00
CA ARG I 152 56.55 -14.02 -51.29
C ARG I 152 55.34 -13.49 -52.03
N GLY I 153 54.14 -13.62 -51.47
CA GLY I 153 52.93 -13.19 -52.14
C GLY I 153 51.95 -14.33 -52.32
N GLY I 154 50.75 -14.20 -51.75
CA GLY I 154 49.74 -15.24 -51.83
C GLY I 154 48.61 -14.92 -52.78
N GLN I 160 33.13 15.89 -45.54
CA GLN I 160 33.01 16.53 -44.24
C GLN I 160 32.01 15.78 -43.36
N ALA I 161 31.24 16.53 -42.57
CA ALA I 161 30.22 15.98 -41.69
C ALA I 161 28.88 16.63 -42.02
N ASP I 162 27.89 15.81 -42.34
CA ASP I 162 26.57 16.35 -42.66
C ASP I 162 25.93 16.94 -41.41
N PRO I 163 25.42 18.17 -41.46
CA PRO I 163 24.78 18.75 -40.27
C PRO I 163 23.57 17.98 -39.80
N THR I 164 22.85 17.30 -40.69
CA THR I 164 21.68 16.53 -40.30
C THR I 164 22.03 15.12 -39.86
N LYS I 165 23.11 14.54 -40.39
CA LYS I 165 23.53 13.21 -39.96
C LYS I 165 24.12 13.21 -38.56
N SER I 166 24.50 14.39 -38.05
CA SER I 166 24.99 14.48 -36.67
C SER I 166 23.89 14.27 -35.64
N LEU I 167 22.62 14.37 -36.03
CA LEU I 167 21.52 14.12 -35.11
C LEU I 167 21.44 12.66 -34.70
N GLN I 168 21.87 11.74 -35.56
CA GLN I 168 21.97 10.34 -35.16
C GLN I 168 23.05 10.15 -34.09
N ALA I 169 24.13 10.92 -34.16
CA ALA I 169 25.24 10.83 -33.22
C ALA I 169 25.00 11.63 -31.95
N ALA I 170 23.89 12.36 -31.85
CA ALA I 170 23.59 13.10 -30.63
C ALA I 170 23.42 12.15 -29.45
N GLY I 171 22.74 11.03 -29.67
CA GLY I 171 22.62 10.01 -28.65
C GLY I 171 22.19 8.67 -29.21
N SER I 172 22.96 7.62 -28.91
CA SER I 172 22.66 6.27 -29.35
C SER I 172 22.97 5.26 -28.26
N SER I 173 22.79 5.65 -27.00
CA SER I 173 23.17 4.90 -25.81
C SER I 173 24.69 4.71 -25.70
N SER I 174 25.46 5.44 -26.49
CA SER I 174 26.91 5.43 -26.38
C SER I 174 27.54 6.81 -26.52
N SER I 175 26.74 7.87 -26.65
CA SER I 175 27.26 9.22 -26.77
C SER I 175 26.24 10.18 -26.17
N GLY I 176 26.72 11.17 -25.43
CA GLY I 176 25.83 12.07 -24.73
C GLY I 176 26.23 13.53 -24.80
N VAL I 177 26.82 13.95 -25.92
CA VAL I 177 27.18 15.35 -26.09
C VAL I 177 25.94 16.23 -26.05
N ALA I 178 24.83 15.75 -26.61
CA ALA I 178 23.58 16.49 -26.56
C ALA I 178 23.13 16.70 -25.12
N LYS I 179 23.23 15.66 -24.29
CA LYS I 179 22.89 15.81 -22.88
C LYS I 179 23.80 16.83 -22.20
N GLY I 180 25.08 16.84 -22.58
CA GLY I 180 25.96 17.87 -22.07
C GLY I 180 25.52 19.27 -22.44
N ALA I 181 25.11 19.46 -23.69
CA ALA I 181 24.63 20.77 -24.11
C ALA I 181 23.37 21.18 -23.35
N LEU I 182 22.45 20.23 -23.15
CA LEU I 182 21.24 20.52 -22.38
C LEU I 182 21.59 20.88 -20.95
N THR I 183 22.51 20.15 -20.34
CA THR I 183 22.92 20.45 -18.97
C THR I 183 23.56 21.83 -18.89
N ILE I 184 24.39 22.19 -19.86
CA ILE I 184 25.00 23.51 -19.86
C ILE I 184 23.94 24.60 -19.99
N LEU I 185 22.96 24.41 -20.88
CA LEU I 185 21.92 25.41 -21.04
C LEU I 185 21.10 25.56 -19.77
N GLY I 186 20.71 24.44 -19.15
CA GLY I 186 19.96 24.52 -17.91
C GLY I 186 20.76 25.16 -16.80
N GLY I 187 22.05 24.84 -16.71
CA GLY I 187 22.89 25.46 -15.70
C GLY I 187 23.05 26.95 -15.91
N GLN I 188 23.17 27.39 -17.16
CA GLN I 188 23.25 28.81 -17.45
C GLN I 188 21.97 29.53 -17.09
N ILE I 189 20.82 28.91 -17.38
CA ILE I 189 19.55 29.49 -16.96
C ILE I 189 19.49 29.62 -15.45
N CYS I 190 19.91 28.57 -14.75
CA CYS I 190 19.99 28.64 -13.29
C CYS I 190 20.91 29.76 -12.84
N MET I 191 22.06 29.90 -13.49
CA MET I 191 23.02 30.96 -13.16
C MET I 191 22.34 32.31 -13.21
N LEU I 192 21.83 32.65 -14.40
CA LEU I 192 21.29 34.00 -14.61
C LEU I 192 20.09 34.25 -13.73
N GLY I 193 19.16 33.29 -13.64
CA GLY I 193 17.97 33.52 -12.85
C GLY I 193 18.27 33.64 -11.36
N LEU I 194 19.11 32.75 -10.84
CA LEU I 194 19.47 32.82 -9.43
C LEU I 194 20.21 34.10 -9.11
N GLN I 195 21.14 34.51 -9.98
CA GLN I 195 21.87 35.75 -9.74
C GLN I 195 20.92 36.95 -9.77
N LYS I 196 19.99 36.98 -10.71
CA LYS I 196 19.06 38.10 -10.80
C LYS I 196 18.15 38.14 -9.58
N GLN I 197 17.64 36.98 -9.15
CA GLN I 197 16.78 36.95 -7.97
C GLN I 197 17.54 37.37 -6.72
N LEU I 198 18.77 36.89 -6.57
CA LEU I 198 19.57 37.28 -5.42
C LEU I 198 19.86 38.78 -5.43
N GLN I 199 20.18 39.34 -6.60
CA GLN I 199 20.44 40.77 -6.67
C GLN I 199 19.19 41.58 -6.34
N ALA I 200 18.03 41.17 -6.87
CA ALA I 200 16.80 41.88 -6.56
C ALA I 200 16.46 41.78 -5.08
N GLN I 201 16.66 40.59 -4.50
CA GLN I 201 16.41 40.42 -3.07
C GLN I 201 17.33 41.30 -2.24
N ARG I 202 18.62 41.36 -2.61
CA ARG I 202 19.56 42.19 -1.87
C ARG I 202 19.23 43.67 -2.01
N ASP I 203 18.78 44.08 -3.20
CA ASP I 203 18.34 45.46 -3.37
C ASP I 203 17.13 45.78 -2.50
N LEU I 204 16.17 44.88 -2.46
CA LEU I 204 15.00 45.06 -1.60
C LEU I 204 15.41 45.10 -0.13
N TYR I 205 16.44 44.35 0.24
CA TYR I 205 16.91 44.36 1.61
C TYR I 205 17.60 45.69 1.93
N LEU I 206 18.47 46.15 1.03
CA LEU I 206 19.22 47.37 1.29
C LEU I 206 18.34 48.61 1.26
N SER I 207 17.25 48.57 0.49
CA SER I 207 16.31 49.68 0.52
C SER I 207 15.59 49.80 1.86
N GLN I 208 15.68 48.78 2.71
CA GLN I 208 15.05 48.80 4.02
C GLN I 208 16.10 48.76 5.12
N SER I 209 17.15 49.58 5.00
CA SER I 209 18.25 49.55 5.95
C SER I 209 17.90 50.39 7.17
N LYS I 210 16.67 50.24 7.64
CA LYS I 210 16.24 50.78 8.93
C LYS I 210 15.41 49.78 9.71
N SER I 211 15.24 48.57 9.20
CA SER I 211 14.38 47.56 9.78
C SER I 211 15.06 46.21 9.62
N PRO I 212 14.65 45.20 10.39
CA PRO I 212 15.30 43.91 10.27
C PRO I 212 15.08 43.33 8.89
N PRO I 213 15.97 42.44 8.44
CA PRO I 213 17.16 41.94 9.15
C PRO I 213 18.44 42.72 8.84
N CYS I 214 18.53 43.43 7.71
CA CYS I 214 19.74 44.21 7.45
C CYS I 214 19.97 45.28 8.50
N GLY I 215 18.90 45.73 9.18
CA GLY I 215 19.01 46.61 10.31
C GLY I 215 18.73 45.91 11.62
N GLY I 216 18.43 46.70 12.64
CA GLY I 216 18.14 46.12 13.95
C GLY I 216 19.34 45.40 14.51
N ASN I 217 19.15 44.13 14.84
CA ASN I 217 20.20 43.28 15.41
C ASN I 217 20.32 42.04 14.54
N PRO I 218 20.96 42.15 13.38
CA PRO I 218 21.03 41.01 12.47
C PRO I 218 21.85 39.86 13.03
N THR I 219 21.46 38.66 12.65
CA THR I 219 22.30 37.50 12.90
C THR I 219 23.51 37.57 11.95
N PRO I 220 24.67 37.08 12.38
CA PRO I 220 25.90 37.36 11.62
C PRO I 220 25.85 36.95 10.15
N GLU I 221 25.23 35.81 9.82
CA GLU I 221 25.15 35.42 8.42
C GLU I 221 24.28 36.39 7.62
N MET I 222 23.16 36.83 8.21
CA MET I 222 22.33 37.82 7.52
C MET I 222 23.06 39.13 7.35
N ASN I 223 23.85 39.54 8.34
CA ASN I 223 24.65 40.75 8.21
C ASN I 223 25.66 40.62 7.08
N THR I 224 26.33 39.45 7.00
CA THR I 224 27.28 39.23 5.91
C THR I 224 26.60 39.26 4.56
N PHE I 225 25.42 38.66 4.46
CA PHE I 225 24.68 38.70 3.20
C PHE I 225 24.28 40.12 2.84
N CYS I 226 23.84 40.90 3.81
CA CYS I 226 23.51 42.30 3.56
C CYS I 226 24.72 43.07 3.08
N ARG I 227 25.90 42.76 3.62
CA ARG I 227 27.10 43.51 3.24
C ARG I 227 27.61 43.10 1.86
N THR I 228 27.76 41.80 1.62
CA THR I 228 28.40 41.32 0.40
C THR I 228 27.51 41.53 -0.82
N ALA I 229 28.14 41.90 -1.93
CA ALA I 229 27.43 42.06 -3.19
C ALA I 229 27.28 40.69 -3.87
N ILE I 230 26.67 40.70 -5.05
CA ILE I 230 26.42 39.48 -5.81
C ILE I 230 27.45 39.39 -6.94
N PRO I 231 28.37 38.43 -6.90
CA PRO I 231 29.33 38.30 -7.99
C PRO I 231 28.67 37.73 -9.24
N ASP I 232 29.37 37.86 -10.36
CA ASP I 232 28.89 37.30 -11.61
C ASP I 232 29.04 35.79 -11.59
N PHE I 233 27.99 35.08 -12.00
CA PHE I 233 28.00 33.62 -11.98
C PHE I 233 28.50 33.01 -13.28
N ILE I 234 28.04 33.53 -14.42
CA ILE I 234 28.47 33.01 -15.71
C ILE I 234 29.95 33.25 -15.92
N SER I 235 30.46 34.41 -15.46
CA SER I 235 31.85 34.79 -15.69
C SER I 235 32.84 33.84 -15.03
N THR I 236 32.42 33.07 -14.03
CA THR I 236 33.35 32.23 -13.28
C THR I 236 33.50 30.82 -13.85
N VAL I 237 32.59 30.38 -14.72
CA VAL I 237 32.68 29.04 -15.30
C VAL I 237 33.61 29.11 -16.50
N ASN I 238 34.70 28.35 -16.45
CA ASN I 238 35.69 28.33 -17.52
C ASN I 238 36.32 26.94 -17.55
N PHE I 239 36.06 26.20 -18.63
CA PHE I 239 36.45 24.80 -18.69
C PHE I 239 37.95 24.62 -18.88
N VAL I 240 38.58 25.51 -19.65
CA VAL I 240 40.01 25.35 -19.94
C VAL I 240 40.83 25.44 -18.67
N LYS I 241 40.55 26.44 -17.83
CA LYS I 241 41.29 26.60 -16.59
C LYS I 241 41.05 25.43 -15.65
N LYS I 242 39.81 24.95 -15.58
CA LYS I 242 39.49 23.81 -14.72
C LYS I 242 40.25 22.57 -15.16
N GLN I 243 40.22 22.27 -16.46
CA GLN I 243 40.94 21.10 -16.96
C GLN I 243 42.43 21.24 -16.74
N ASN I 244 42.97 22.44 -16.96
CA ASN I 244 44.39 22.67 -16.72
C ASN I 244 44.75 22.43 -15.26
N ASP I 245 43.90 22.89 -14.34
CA ASP I 245 44.14 22.65 -12.92
C ASP I 245 44.11 21.16 -12.60
N ASP I 246 43.14 20.44 -13.17
CA ASP I 246 43.05 19.01 -12.91
C ASP I 246 44.25 18.25 -13.47
N THR I 247 44.68 18.59 -14.68
CA THR I 247 45.76 17.85 -15.32
C THR I 247 47.09 18.22 -14.68
N PRO I 248 47.93 17.24 -14.34
CA PRO I 248 49.29 17.57 -13.90
C PRO I 248 50.05 18.29 -15.01
N LYS I 249 50.88 19.26 -14.60
CA LYS I 249 51.62 20.05 -15.59
C LYS I 249 52.62 19.20 -16.36
N ASP I 250 53.17 18.16 -15.73
CA ASP I 250 54.10 17.29 -16.42
C ASP I 250 53.40 16.55 -17.55
N LEU I 251 54.08 16.43 -18.69
CA LEU I 251 53.50 15.91 -19.91
C LEU I 251 53.88 14.47 -20.19
N THR I 252 54.49 13.77 -19.22
CA THR I 252 54.84 12.37 -19.39
C THR I 252 54.04 11.43 -18.51
N ALA I 253 53.50 11.91 -17.40
CA ALA I 253 52.69 11.07 -16.52
C ALA I 253 51.31 10.83 -17.13
N ASN I 254 50.57 9.91 -16.52
CA ASN I 254 49.23 9.60 -17.01
C ASN I 254 48.28 10.74 -16.71
N GLN I 255 47.54 11.17 -17.72
CA GLN I 255 46.54 12.22 -17.59
C GLN I 255 45.35 11.71 -16.79
N PRO I 256 44.59 12.61 -16.17
CA PRO I 256 43.37 12.19 -15.47
C PRO I 256 42.40 11.53 -16.42
N ALA I 257 41.69 10.52 -15.91
CA ALA I 257 40.73 9.80 -16.74
C ALA I 257 39.43 10.57 -16.93
N SER I 258 38.99 11.31 -15.91
CA SER I 258 37.74 12.05 -15.98
C SER I 258 37.91 13.41 -15.31
N PHE I 259 37.07 14.35 -15.73
CA PHE I 259 37.08 15.69 -15.18
C PHE I 259 35.66 16.09 -14.80
N GLU I 260 35.51 16.74 -13.66
CA GLU I 260 34.22 17.29 -13.25
C GLU I 260 34.30 18.82 -13.26
N LEU I 261 33.13 19.43 -13.41
CA LEU I 261 33.03 20.89 -13.30
C LEU I 261 31.66 21.19 -12.70
N ASP I 262 31.62 21.33 -11.39
CA ASP I 262 30.39 21.76 -10.73
C ASP I 262 30.06 23.19 -11.12
N MET I 263 28.76 23.48 -11.18
CA MET I 263 28.28 24.76 -11.65
C MET I 263 27.43 25.42 -10.58
N PRO I 264 27.75 26.63 -10.12
CA PRO I 264 28.83 27.53 -10.57
C PRO I 264 30.21 27.23 -9.99
N ASN I 265 31.19 28.03 -10.37
CA ASN I 265 32.55 27.93 -9.87
C ASN I 265 32.81 29.11 -8.94
N PHE I 266 33.02 28.82 -7.66
CA PHE I 266 33.43 29.83 -6.69
C PHE I 266 34.62 29.28 -5.93
N ASP I 267 35.73 30.01 -5.94
CA ASP I 267 36.94 29.53 -5.29
C ASP I 267 36.75 29.51 -3.78
N LYS I 268 37.72 28.89 -3.10
CA LYS I 268 37.61 28.69 -1.66
C LYS I 268 37.55 30.00 -0.90
N SER I 269 38.12 31.07 -1.45
CA SER I 269 38.11 32.36 -0.77
C SER I 269 36.74 33.01 -0.84
N SER I 270 35.98 32.76 -1.90
CA SER I 270 34.68 33.40 -2.07
C SER I 270 33.70 32.90 -1.00
N PRO I 271 32.80 33.77 -0.54
CA PRO I 271 31.82 33.35 0.47
C PRO I 271 30.66 32.54 -0.09
N PHE I 272 30.64 32.27 -1.39
CA PHE I 272 29.54 31.55 -2.03
C PHE I 272 29.94 30.13 -2.41
N TYR I 273 30.87 29.53 -1.67
CA TYR I 273 31.30 28.17 -1.98
C TYR I 273 30.18 27.16 -1.76
N PHE I 274 29.35 27.38 -0.74
CA PHE I 274 28.23 26.48 -0.50
C PHE I 274 27.28 26.44 -1.68
N LEU I 275 27.16 27.56 -2.40
CA LEU I 275 26.28 27.63 -3.56
C LEU I 275 26.81 26.87 -4.76
N ASN I 276 28.07 26.43 -4.72
CA ASN I 276 28.66 25.72 -5.84
C ASN I 276 27.95 24.39 -6.07
N GLY I 277 27.64 24.09 -7.33
CA GLY I 277 27.04 22.83 -7.70
C GLY I 277 25.52 22.80 -7.69
N ILE I 278 24.86 23.87 -7.24
CA ILE I 278 23.40 23.85 -7.18
C ILE I 278 22.79 23.88 -8.58
N CYS I 279 23.49 24.50 -9.54
CA CYS I 279 22.98 24.63 -10.90
C CYS I 279 23.45 23.49 -11.80
N GLY I 280 23.70 22.32 -11.23
CA GLY I 280 24.10 21.16 -12.00
C GLY I 280 25.61 20.96 -12.02
N THR I 281 26.01 19.90 -12.72
CA THR I 281 27.42 19.55 -12.85
C THR I 281 27.63 18.93 -14.22
N VAL I 282 28.77 19.24 -14.84
CA VAL I 282 29.11 18.75 -16.17
C VAL I 282 30.43 17.99 -16.08
N LYS I 283 30.46 16.79 -16.64
CA LYS I 283 31.64 15.93 -16.62
C LYS I 283 32.06 15.59 -18.04
N TRP I 284 33.37 15.46 -18.23
CA TRP I 284 33.92 15.08 -19.52
C TRP I 284 35.25 14.38 -19.30
N ASN I 285 35.51 13.34 -20.08
CA ASN I 285 36.72 12.56 -19.93
C ASN I 285 37.84 13.11 -20.81
N ASN I 286 39.07 12.73 -20.46
CA ASN I 286 40.21 13.05 -21.30
C ASN I 286 40.18 12.20 -22.56
N ILE I 287 40.98 12.61 -23.55
CA ILE I 287 41.17 11.82 -24.75
C ILE I 287 42.15 10.71 -24.41
N SER I 288 41.62 9.55 -24.00
CA SER I 288 42.48 8.46 -23.54
C SER I 288 43.33 7.88 -24.66
N ALA I 289 42.96 8.11 -25.92
CA ALA I 289 43.81 7.69 -27.03
C ALA I 289 45.16 8.40 -26.98
N LEU I 290 45.18 9.63 -26.49
CA LEU I 290 46.43 10.37 -26.35
C LEU I 290 47.05 10.22 -24.96
N ASN I 291 46.28 9.76 -23.98
CA ASN I 291 46.81 9.59 -22.63
C ASN I 291 47.86 8.50 -22.56
N SER I 292 47.76 7.49 -23.42
CA SER I 292 48.66 6.35 -23.37
C SER I 292 50.11 6.78 -23.59
N THR I 293 51.03 5.86 -23.28
CA THR I 293 52.45 6.14 -23.41
C THR I 293 52.82 6.35 -24.87
N ASN I 294 53.14 7.60 -25.22
CA ASN I 294 53.44 7.97 -26.61
C ASN I 294 54.85 8.55 -26.74
N GLN I 295 55.74 8.23 -25.81
CA GLN I 295 57.11 8.77 -25.77
C GLN I 295 57.10 10.29 -25.73
N SER I 296 56.11 10.86 -25.06
CA SER I 296 56.00 12.32 -24.97
C SER I 296 57.11 12.89 -24.09
N ASP I 297 57.50 14.13 -24.39
CA ASP I 297 58.57 14.80 -23.69
C ASP I 297 58.11 16.18 -23.24
N ASN I 298 58.77 16.69 -22.20
CA ASN I 298 58.44 18.00 -21.65
C ASN I 298 58.82 19.15 -22.56
N LYS I 299 59.92 19.02 -23.29
CA LYS I 299 60.39 20.07 -24.19
C LYS I 299 60.77 19.58 -25.58
N GLY I 300 60.84 18.27 -25.79
CA GLY I 300 61.31 17.75 -27.06
C GLY I 300 60.23 17.63 -28.11
N LEU I 301 60.22 16.50 -28.81
CA LEU I 301 59.27 16.27 -29.90
C LEU I 301 58.63 14.90 -29.71
N VAL I 302 57.35 14.80 -30.03
CA VAL I 302 56.58 13.58 -29.84
C VAL I 302 56.14 13.03 -31.19
N THR I 303 56.23 11.73 -31.35
CA THR I 303 55.86 11.04 -32.59
C THR I 303 54.64 10.18 -32.35
N VAL I 304 53.65 10.30 -33.24
CA VAL I 304 52.47 9.45 -33.16
C VAL I 304 52.83 8.04 -33.58
N GLY I 305 52.39 7.05 -32.81
CA GLY I 305 52.65 5.67 -33.13
C GLY I 305 52.09 5.24 -34.47
N GLY I 306 52.94 4.65 -35.31
CA GLY I 306 52.52 4.21 -36.63
C GLY I 306 52.27 2.71 -36.71
N ALA I 307 52.96 2.04 -37.62
CA ALA I 307 52.80 0.62 -37.84
C ALA I 307 54.06 -0.11 -37.37
N GLY I 308 53.87 -1.17 -36.58
CA GLY I 308 54.96 -1.98 -36.07
C GLY I 308 55.17 -1.92 -34.58
N SER I 309 54.40 -1.10 -33.85
CA SER I 309 54.53 -0.99 -32.40
C SER I 309 53.14 -0.99 -31.78
N ASN I 310 53.11 -1.03 -30.45
CA ASN I 310 51.85 -0.96 -29.70
C ASN I 310 51.30 0.45 -29.80
N SER I 311 50.36 0.67 -30.72
CA SER I 311 49.85 1.99 -31.03
C SER I 311 48.40 2.12 -30.62
N SER I 312 48.03 3.30 -30.13
CA SER I 312 46.65 3.63 -29.80
C SER I 312 45.96 4.46 -30.86
N MET I 313 46.71 5.26 -31.61
CA MET I 313 46.18 6.05 -32.71
C MET I 313 46.22 5.24 -34.00
N GLY I 314 46.06 5.91 -35.14
CA GLY I 314 46.11 5.26 -36.43
C GLY I 314 47.47 4.71 -36.80
N ALA I 315 47.68 4.42 -38.08
CA ALA I 315 48.88 3.76 -38.56
C ALA I 315 49.84 4.73 -39.25
N ASN I 316 49.94 5.96 -38.76
CA ASN I 316 50.84 6.95 -39.30
C ASN I 316 51.66 7.56 -38.17
N SER I 317 52.72 8.27 -38.55
CA SER I 317 53.61 8.94 -37.60
C SER I 317 53.61 10.43 -37.88
N LEU I 318 53.30 11.23 -36.86
CA LEU I 318 53.27 12.68 -36.98
C LEU I 318 54.09 13.30 -35.85
N ASN I 319 54.71 14.44 -36.14
CA ASN I 319 55.58 15.12 -35.20
C ASN I 319 54.83 16.28 -34.55
N ILE I 320 54.74 16.25 -33.22
CA ILE I 320 54.02 17.25 -32.45
C ILE I 320 54.95 17.79 -31.37
N THR I 321 54.91 19.10 -31.18
CA THR I 321 55.70 19.79 -30.16
C THR I 321 54.88 19.92 -28.87
N SER I 322 55.49 20.54 -27.86
CA SER I 322 54.86 20.64 -26.56
C SER I 322 53.60 21.48 -26.61
N SER I 323 53.66 22.63 -27.29
CA SER I 323 52.49 23.52 -27.35
C SER I 323 51.34 22.87 -28.11
N GLN I 324 51.64 22.26 -29.25
CA GLN I 324 50.58 21.63 -30.04
C GLN I 324 49.97 20.45 -29.31
N LEU I 325 50.80 19.63 -28.65
CA LEU I 325 50.24 18.51 -27.89
C LEU I 325 49.42 19.01 -26.71
N GLN I 326 49.86 20.10 -26.07
CA GLN I 326 49.10 20.64 -24.96
C GLN I 326 47.74 21.17 -25.42
N THR I 327 47.71 21.86 -26.56
CA THR I 327 46.43 22.31 -27.09
C THR I 327 45.57 21.13 -27.54
N ALA I 328 46.20 20.03 -27.96
CA ALA I 328 45.45 18.81 -28.25
C ALA I 328 44.88 18.21 -26.96
N ARG I 329 45.56 18.40 -25.83
CA ARG I 329 45.04 17.93 -24.56
C ARG I 329 43.69 18.56 -24.24
N LEU I 330 43.57 19.87 -24.48
CA LEU I 330 42.38 20.63 -24.10
C LEU I 330 41.37 20.78 -25.22
N SER I 331 41.29 19.82 -26.14
CA SER I 331 40.28 19.91 -27.20
C SER I 331 38.87 19.89 -26.61
N ARG I 332 38.61 19.00 -25.66
CA ARG I 332 37.32 19.00 -25.00
C ARG I 332 37.11 20.31 -24.24
N ALA I 333 38.19 20.85 -23.66
CA ALA I 333 38.08 22.08 -22.89
C ALA I 333 37.58 23.23 -23.75
N ILE I 334 38.25 23.50 -24.88
CA ILE I 334 37.83 24.66 -25.66
C ILE I 334 36.55 24.35 -26.43
N ALA I 335 36.29 23.09 -26.75
CA ALA I 335 35.03 22.74 -27.38
C ALA I 335 33.85 23.06 -26.46
N ILE I 336 33.92 22.60 -25.21
CA ILE I 336 32.83 22.84 -24.28
C ILE I 336 32.80 24.31 -23.86
N GLN I 337 33.95 24.98 -23.86
CA GLN I 337 33.96 26.42 -23.60
C GLN I 337 33.21 27.18 -24.69
N GLN I 338 33.40 26.78 -25.95
CA GLN I 338 32.63 27.37 -27.03
C GLN I 338 31.16 27.05 -26.90
N MET I 339 30.83 25.82 -26.49
CA MET I 339 29.46 25.47 -26.15
C MET I 339 28.88 26.47 -25.14
N TYR I 340 29.62 26.72 -24.07
CA TYR I 340 29.16 27.60 -23.00
C TYR I 340 28.95 29.02 -23.52
N VAL I 341 29.92 29.55 -24.26
CA VAL I 341 29.81 30.94 -24.70
C VAL I 341 28.70 31.10 -25.73
N THR I 342 28.50 30.10 -26.59
CA THR I 342 27.45 30.23 -27.60
C THR I 342 26.06 30.04 -27.00
N LEU I 343 25.95 29.27 -25.91
CA LEU I 343 24.66 29.15 -25.24
C LEU I 343 24.41 30.28 -24.25
N SER I 344 25.45 31.04 -23.90
CA SER I 344 25.26 32.15 -22.96
C SER I 344 24.30 33.18 -23.50
N THR I 345 24.40 33.51 -24.79
CA THR I 345 23.49 34.49 -25.38
C THR I 345 22.06 33.99 -25.36
N VAL I 346 21.85 32.71 -25.68
CA VAL I 346 20.51 32.15 -25.68
C VAL I 346 19.92 32.17 -24.28
N ALA I 347 20.70 31.75 -23.29
CA ALA I 347 20.22 31.75 -21.92
C ALA I 347 19.91 33.16 -21.44
N GLN I 348 20.76 34.13 -21.79
CA GLN I 348 20.55 35.51 -21.37
C GLN I 348 19.28 36.07 -21.99
N VAL I 349 19.04 35.78 -23.27
CA VAL I 349 17.78 36.18 -23.90
C VAL I 349 16.60 35.54 -23.18
N MET I 350 16.74 34.26 -22.82
CA MET I 350 15.65 33.56 -22.14
C MET I 350 15.32 34.20 -20.81
N VAL I 351 16.33 34.50 -19.99
CA VAL I 351 16.04 35.09 -18.68
C VAL I 351 15.49 36.49 -18.85
N ASN I 352 15.98 37.25 -19.84
CA ASN I 352 15.40 38.56 -20.10
C ASN I 352 13.96 38.47 -20.58
N ASN I 353 13.55 37.33 -21.15
CA ASN I 353 12.19 37.20 -21.63
C ASN I 353 11.18 37.04 -20.49
N ASP I 354 11.62 36.52 -19.35
CA ASP I 354 10.68 36.20 -18.27
C ASP I 354 10.23 37.46 -17.56
N PRO I 355 8.93 37.75 -17.52
CA PRO I 355 8.47 38.92 -16.74
C PRO I 355 8.78 38.83 -15.26
N ALA I 356 8.80 37.62 -14.69
CA ALA I 356 9.08 37.48 -13.26
C ALA I 356 10.48 37.96 -12.92
N PHE I 357 11.43 37.78 -13.83
CA PHE I 357 12.79 38.27 -13.63
C PHE I 357 12.95 39.73 -14.04
N SER I 358 11.94 40.33 -14.66
CA SER I 358 11.98 41.75 -14.97
C SER I 358 11.81 42.56 -13.69
N THR I 359 12.93 42.93 -13.07
CA THR I 359 12.88 43.65 -11.80
C THR I 359 12.20 45.01 -11.96
N THR I 360 12.37 45.65 -13.12
CA THR I 360 11.72 46.93 -13.36
C THR I 360 10.21 46.78 -13.24
N THR I 361 9.58 47.73 -12.54
CA THR I 361 8.12 47.71 -12.34
C THR I 361 7.47 48.31 -13.58
N SER I 362 7.33 47.47 -14.61
CA SER I 362 6.75 47.91 -15.87
C SER I 362 5.23 47.89 -15.80
N THR I 363 4.63 49.04 -16.10
CA THR I 363 3.18 49.17 -16.17
C THR I 363 2.66 49.05 -17.60
N GLY I 364 3.45 48.48 -18.50
CA GLY I 364 3.08 48.36 -19.90
C GLY I 364 1.99 47.36 -20.17
N ASN I 365 1.92 46.86 -21.39
CA ASN I 365 0.86 45.95 -21.80
C ASN I 365 1.06 44.60 -21.14
N SER I 366 0.30 44.33 -20.09
CA SER I 366 0.26 43.02 -19.46
C SER I 366 -0.75 42.09 -20.13
N LYS I 367 -1.49 42.59 -21.12
CA LYS I 367 -2.53 41.81 -21.79
C LYS I 367 -2.03 41.12 -23.06
N ASN I 368 -0.78 41.36 -23.47
CA ASN I 368 -0.25 40.80 -24.70
C ASN I 368 0.82 39.75 -24.48
N ASP I 369 1.29 39.57 -23.25
CA ASP I 369 2.35 38.61 -22.99
C ASP I 369 1.88 37.19 -23.28
N PHE I 370 2.81 36.37 -23.77
CA PHE I 370 2.47 35.00 -24.15
C PHE I 370 2.01 34.18 -22.96
N SER I 371 2.70 34.30 -21.83
CA SER I 371 2.37 33.54 -20.64
C SER I 371 2.90 34.28 -19.42
N ALA I 372 2.84 33.64 -18.26
CA ALA I 372 3.31 34.26 -17.03
C ALA I 372 4.82 34.21 -16.89
N ILE I 373 5.53 33.53 -17.78
CA ILE I 373 6.98 33.41 -17.68
C ILE I 373 7.65 33.77 -19.00
N ALA I 374 6.91 34.36 -19.93
CA ALA I 374 7.47 34.78 -21.20
C ALA I 374 6.51 35.75 -21.87
N LYS I 375 7.02 36.93 -22.22
CA LYS I 375 6.22 37.89 -22.99
C LYS I 375 6.12 37.52 -24.46
N GLN I 376 7.19 36.99 -25.05
CA GLN I 376 7.19 36.55 -26.44
C GLN I 376 7.56 35.08 -26.47
N GLN I 377 6.76 34.28 -27.17
CA GLN I 377 6.98 32.85 -27.21
C GLN I 377 8.26 32.51 -27.98
N PHE I 378 8.85 31.38 -27.62
CA PHE I 378 10.02 30.89 -28.32
C PHE I 378 9.69 30.32 -29.69
N GLY I 379 8.48 29.79 -29.86
CA GLY I 379 8.07 29.21 -31.12
C GLY I 379 8.10 27.70 -31.10
N VAL I 380 7.52 27.12 -32.16
CA VAL I 380 7.42 25.67 -32.31
C VAL I 380 7.96 25.29 -33.68
N PRO I 381 8.34 24.01 -33.85
CA PRO I 381 8.74 23.55 -35.18
C PRO I 381 7.58 23.59 -36.16
N TYR I 382 7.92 23.74 -37.43
CA TYR I 382 6.94 23.90 -38.49
C TYR I 382 7.41 23.13 -39.72
N LYS I 383 6.46 22.43 -40.34
CA LYS I 383 6.76 21.69 -41.57
C LYS I 383 7.14 22.66 -42.69
N SER I 384 7.74 22.10 -43.74
CA SER I 384 8.15 22.92 -44.87
C SER I 384 6.96 23.65 -45.50
N SER I 385 5.77 23.04 -45.42
CA SER I 385 4.57 23.72 -45.92
C SER I 385 4.26 24.97 -45.11
N GLY I 386 4.40 24.90 -43.79
CA GLY I 386 4.13 26.04 -42.94
C GLY I 386 3.09 25.76 -41.88
N GLU I 387 2.77 24.48 -41.66
CA GLU I 387 1.82 24.08 -40.63
C GLU I 387 2.55 23.37 -39.51
N VAL I 388 1.90 23.34 -38.33
CA VAL I 388 2.58 22.96 -37.11
C VAL I 388 3.09 21.52 -37.20
N CYS I 389 4.36 21.33 -36.86
CA CYS I 389 5.00 20.01 -36.91
C CYS I 389 4.84 19.35 -35.55
N THR I 390 3.63 18.84 -35.30
CA THR I 390 3.33 18.23 -34.01
C THR I 390 4.15 16.97 -33.79
N GLU I 391 4.32 16.16 -34.82
CA GLU I 391 5.02 14.89 -34.72
C GLU I 391 6.25 14.88 -35.63
N TYR I 392 7.31 14.22 -35.15
CA TYR I 392 8.55 14.18 -35.91
C TYR I 392 8.40 13.41 -37.22
N GLN I 393 7.37 12.58 -37.34
CA GLN I 393 7.22 11.77 -38.55
C GLN I 393 7.07 12.65 -39.79
N GLN I 394 6.26 13.71 -39.71
CA GLN I 394 6.27 14.73 -40.73
C GLN I 394 7.54 15.56 -40.57
N VAL I 395 8.15 15.92 -41.69
CA VAL I 395 9.42 16.65 -41.63
C VAL I 395 9.18 18.04 -41.05
N CYS I 396 10.05 18.44 -40.13
CA CYS I 396 10.01 19.77 -39.52
C CYS I 396 11.21 20.55 -40.02
N GLN I 397 10.96 21.71 -40.62
CA GLN I 397 12.02 22.51 -41.22
C GLN I 397 12.16 23.90 -40.61
N THR I 398 11.06 24.63 -40.44
CA THR I 398 11.11 26.03 -40.05
C THR I 398 10.67 26.20 -38.60
N TRP I 399 10.68 27.45 -38.15
CA TRP I 399 10.38 27.83 -36.78
C TRP I 399 9.30 28.89 -36.81
N GLY I 400 8.26 28.75 -36.00
CA GLY I 400 7.16 29.70 -36.04
C GLY I 400 6.52 29.93 -34.69
N SER I 401 5.38 30.62 -34.72
CA SER I 401 4.58 30.92 -33.56
C SER I 401 3.35 30.02 -33.52
N VAL I 402 2.44 30.30 -32.58
CA VAL I 402 1.14 29.64 -32.54
C VAL I 402 0.07 30.70 -32.39
N PRO I 403 -0.85 30.85 -33.35
CA PRO I 403 -1.87 31.89 -33.23
C PRO I 403 -2.85 31.59 -32.12
N SER I 404 -3.39 32.67 -31.53
CA SER I 404 -4.38 32.57 -30.46
C SER I 404 -3.87 31.69 -29.32
N SER I 405 -2.58 31.85 -28.98
CA SER I 405 -1.98 31.06 -27.91
C SER I 405 -2.63 31.38 -26.58
N THR I 406 -2.90 32.66 -26.31
CA THR I 406 -3.58 33.09 -25.09
C THR I 406 -4.59 34.18 -25.46
N GLY I 407 -4.99 34.21 -26.73
CA GLY I 407 -5.82 35.26 -27.27
C GLY I 407 -5.09 36.22 -28.19
N SER I 408 -3.76 36.12 -28.27
CA SER I 408 -2.97 36.98 -29.15
C SER I 408 -1.68 36.26 -29.48
N THR I 409 -1.01 36.73 -30.52
CA THR I 409 0.25 36.14 -30.97
C THR I 409 1.36 37.19 -30.88
N THR I 410 2.56 36.72 -30.55
CA THR I 410 3.73 37.58 -30.38
C THR I 410 4.87 37.05 -31.24
N GLY I 411 5.92 37.87 -31.36
CA GLY I 411 7.06 37.47 -32.15
C GLY I 411 7.87 36.37 -31.49
N VAL I 412 8.63 35.67 -32.31
CA VAL I 412 9.48 34.58 -31.88
C VAL I 412 10.93 35.05 -31.89
N LEU I 413 11.69 34.64 -30.87
CA LEU I 413 13.06 35.12 -30.68
C LEU I 413 14.11 34.11 -31.13
N PHE I 414 13.72 33.06 -31.83
CA PHE I 414 14.67 32.04 -32.26
C PHE I 414 14.27 31.51 -33.62
N ASN I 415 15.15 30.68 -34.19
CA ASN I 415 14.88 29.97 -35.43
C ASN I 415 14.93 28.47 -35.26
N GLY I 416 15.02 27.98 -34.02
CA GLY I 416 15.09 26.55 -33.79
C GLY I 416 16.41 25.92 -34.15
N THR I 417 17.42 26.73 -34.48
CA THR I 417 18.72 26.21 -34.90
C THR I 417 19.84 26.64 -33.96
N GLU I 418 19.51 27.21 -32.80
CA GLU I 418 20.55 27.62 -31.86
C GLU I 418 21.19 26.41 -31.20
N PHE I 419 20.38 25.47 -30.73
CA PHE I 419 20.91 24.27 -30.09
C PHE I 419 21.68 23.41 -31.09
N LEU I 420 21.08 23.16 -32.25
CA LEU I 420 21.76 22.38 -33.28
C LEU I 420 22.97 23.14 -33.82
N GLY I 421 22.88 24.47 -33.89
CA GLY I 421 24.03 25.26 -34.29
C GLY I 421 25.19 25.11 -33.32
N ALA I 422 24.89 25.12 -32.02
CA ALA I 422 25.92 24.87 -31.02
C ALA I 422 26.50 23.46 -31.18
N ILE I 423 25.64 22.48 -31.49
CA ILE I 423 26.11 21.11 -31.68
C ILE I 423 27.08 21.05 -32.86
N ASN I 424 26.72 21.69 -33.98
CA ASN I 424 27.61 21.71 -35.13
C ASN I 424 28.90 22.45 -34.84
N ASP I 425 28.83 23.53 -34.05
CA ASP I 425 30.04 24.22 -33.65
C ASP I 425 30.97 23.30 -32.86
N TYR I 426 30.38 22.55 -31.92
CA TYR I 426 31.17 21.61 -31.13
C TYR I 426 31.82 20.56 -32.02
N ASN I 427 31.04 19.99 -32.94
CA ASN I 427 31.57 18.95 -33.82
C ASN I 427 32.66 19.49 -34.73
N GLY I 428 32.47 20.70 -35.26
CA GLY I 428 33.46 21.28 -36.14
C GLY I 428 34.76 21.59 -35.42
N ILE I 429 34.67 22.09 -34.19
CA ILE I 429 35.87 22.32 -33.40
C ILE I 429 36.53 20.99 -33.05
N MET I 430 35.73 19.95 -32.81
CA MET I 430 36.28 18.64 -32.45
C MET I 430 37.00 17.97 -33.62
N MET I 431 36.50 18.17 -34.83
CA MET I 431 36.99 17.40 -35.97
C MET I 431 38.51 17.48 -36.19
N PRO I 432 39.17 18.64 -36.09
CA PRO I 432 40.62 18.65 -36.29
C PRO I 432 41.38 17.74 -35.33
N THR I 433 40.96 17.66 -34.07
CA THR I 433 41.66 16.82 -33.11
C THR I 433 41.53 15.35 -33.46
N LEU I 434 40.32 14.91 -33.80
CA LEU I 434 40.13 13.51 -34.19
C LEU I 434 40.81 13.20 -35.51
N ASN I 435 40.86 14.17 -36.42
CA ASN I 435 41.59 13.98 -37.67
C ASN I 435 43.08 13.80 -37.41
N LEU I 436 43.65 14.60 -36.50
CA LEU I 436 45.03 14.38 -36.09
C LEU I 436 45.19 13.03 -35.40
N ILE I 437 44.15 12.57 -34.71
CA ILE I 437 44.20 11.27 -34.03
C ILE I 437 44.31 10.15 -35.04
N ARG I 438 43.45 10.17 -36.06
CA ARG I 438 43.38 9.03 -36.99
C ARG I 438 44.63 8.94 -37.85
N GLN I 439 45.27 10.06 -38.15
CA GLN I 439 46.50 10.04 -38.94
C GLN I 439 47.67 9.54 -38.09
N SER I 442 50.27 1.81 -44.12
CA SER I 442 48.95 2.08 -44.65
C SER I 442 47.86 1.66 -43.67
N LYS I 443 46.63 2.09 -43.93
CA LYS I 443 45.50 1.73 -43.08
C LYS I 443 44.83 0.44 -43.53
N GLU I 444 44.86 0.13 -44.83
CA GLU I 444 44.29 -1.11 -45.34
C GLU I 444 45.30 -2.25 -45.35
N PHE I 445 46.56 -1.99 -45.04
CA PHE I 445 47.59 -3.03 -45.04
C PHE I 445 48.59 -2.73 -43.94
N ASP I 446 49.07 -3.79 -43.28
CA ASP I 446 50.08 -3.66 -42.24
C ASP I 446 51.15 -4.73 -42.45
N LYS I 447 52.39 -4.38 -42.10
CA LYS I 447 53.48 -5.35 -42.18
C LYS I 447 53.32 -6.45 -41.14
N LYS I 448 52.72 -6.13 -40.00
CA LYS I 448 52.60 -7.08 -38.90
C LYS I 448 51.93 -8.37 -39.35
N SER I 449 50.96 -8.26 -40.26
CA SER I 449 50.21 -9.43 -40.70
C SER I 449 51.13 -10.51 -41.26
N ARG I 450 52.31 -10.12 -41.75
CA ARG I 450 53.26 -11.07 -42.30
C ARG I 450 54.25 -11.62 -41.28
N ASP I 451 54.52 -10.89 -40.19
CA ASP I 451 55.66 -11.25 -39.35
C ASP I 451 55.50 -12.61 -38.71
N PHE I 452 54.29 -13.16 -38.66
CA PHE I 452 54.10 -14.47 -38.08
C PHE I 452 54.78 -15.58 -38.87
N ILE I 453 54.97 -15.38 -40.19
CA ILE I 453 55.44 -16.47 -41.05
C ILE I 453 56.73 -17.07 -40.49
N ALA I 454 57.76 -16.25 -40.32
CA ALA I 454 59.03 -16.74 -39.80
C ALA I 454 58.83 -17.42 -38.45
N GLU I 455 58.02 -16.81 -37.57
CA GLU I 455 57.79 -17.40 -36.27
C GLU I 455 57.14 -18.78 -36.41
N ALA I 456 56.23 -18.94 -37.37
CA ALA I 456 55.64 -20.24 -37.62
C ALA I 456 56.71 -21.23 -38.07
N ASN I 457 57.66 -20.77 -38.89
CA ASN I 457 58.78 -21.62 -39.26
C ASN I 457 59.55 -22.07 -38.03
N ALA I 458 59.55 -21.26 -36.97
CA ALA I 458 60.21 -21.64 -35.73
C ALA I 458 59.40 -22.69 -34.96
N LYS I 459 58.08 -22.72 -35.13
CA LYS I 459 57.25 -23.60 -34.31
C LYS I 459 57.08 -24.98 -34.92
N GLY I 460 56.86 -25.08 -36.23
CA GLY I 460 56.74 -26.38 -36.85
C GLY I 460 55.37 -26.65 -37.45
N TRP I 461 55.00 -27.92 -37.53
CA TRP I 461 53.78 -28.31 -38.24
C TRP I 461 52.59 -28.54 -37.31
N ILE I 462 52.83 -28.98 -36.07
CA ILE I 462 51.70 -29.25 -35.18
C ILE I 462 50.93 -27.99 -34.88
N MET I 463 51.61 -26.85 -34.77
CA MET I 463 50.98 -25.62 -34.31
C MET I 463 50.50 -24.75 -35.47
N ALA I 464 50.41 -25.32 -36.68
CA ALA I 464 49.91 -24.56 -37.81
C ALA I 464 48.45 -24.18 -37.65
N GLY I 465 47.70 -24.89 -36.81
CA GLY I 465 46.29 -24.57 -36.64
C GLY I 465 46.07 -23.19 -36.02
N SER I 466 46.86 -22.85 -35.01
CA SER I 466 46.69 -21.60 -34.30
C SER I 466 46.94 -20.38 -35.18
N TYR I 467 47.53 -20.57 -36.35
CA TYR I 467 47.75 -19.49 -37.29
C TYR I 467 46.59 -19.26 -38.25
N PHE I 468 45.48 -20.01 -38.11
CA PHE I 468 44.44 -19.97 -39.12
C PHE I 468 43.93 -18.56 -39.38
N PHE I 469 43.51 -17.85 -38.32
CA PHE I 469 42.95 -16.53 -38.60
C PHE I 469 44.00 -15.54 -39.08
N ASP I 470 45.28 -15.87 -38.92
CA ASP I 470 46.31 -15.10 -39.59
C ASP I 470 46.30 -15.37 -41.09
N LEU I 471 46.22 -16.64 -41.49
CA LEU I 471 46.16 -16.99 -42.90
C LEU I 471 44.95 -16.38 -43.57
N VAL I 472 43.79 -16.44 -42.91
CA VAL I 472 42.60 -15.78 -43.44
C VAL I 472 42.80 -14.28 -43.48
N LYS I 473 43.57 -13.74 -42.53
CA LYS I 473 43.92 -12.32 -42.58
C LYS I 473 44.84 -12.00 -43.76
N LEU I 474 45.42 -13.01 -44.42
CA LEU I 474 46.36 -12.79 -45.50
C LEU I 474 45.77 -13.10 -46.86
N ASN I 475 45.25 -14.33 -47.06
CA ASN I 475 44.74 -14.70 -48.37
C ASN I 475 43.58 -13.81 -48.79
N GLY I 476 42.71 -13.46 -47.84
CA GLY I 476 41.69 -12.47 -48.12
C GLY I 476 42.28 -11.15 -48.60
N SER I 477 43.33 -10.69 -47.92
CA SER I 477 44.02 -9.47 -48.35
C SER I 477 44.69 -9.65 -49.71
N ALA I 478 44.92 -10.89 -50.15
CA ALA I 478 45.38 -11.12 -51.50
C ALA I 478 44.27 -10.94 -52.52
N THR I 479 43.03 -11.25 -52.15
CA THR I 479 41.88 -11.09 -53.03
C THR I 479 41.17 -9.76 -52.84
N GLU I 480 41.63 -8.92 -51.92
CA GLU I 480 41.01 -7.62 -51.68
C GLU I 480 41.66 -6.54 -52.54
N ASP I 483 32.16 11.07 -42.85
CA ASP I 483 31.48 11.66 -41.71
C ASP I 483 32.04 11.12 -40.40
N GLN I 484 32.61 12.01 -39.58
CA GLN I 484 33.21 11.65 -38.31
C GLN I 484 32.47 12.36 -37.18
N PHE I 485 32.10 11.62 -36.16
CA PHE I 485 31.42 12.16 -34.99
C PHE I 485 32.11 11.65 -33.73
N ASP I 486 32.31 12.54 -32.76
CA ASP I 486 33.01 12.16 -31.54
C ASP I 486 32.15 11.21 -30.72
N THR I 487 32.77 10.11 -30.27
CA THR I 487 32.11 9.10 -29.48
C THR I 487 32.89 8.87 -28.19
N GLY I 488 32.17 8.83 -27.07
CA GLY I 488 32.81 8.66 -25.78
C GLY I 488 33.23 9.93 -25.09
N THR I 489 32.57 11.06 -25.41
CA THR I 489 32.93 12.32 -24.77
C THR I 489 32.65 12.30 -23.28
N GLY I 490 31.73 11.45 -22.84
CA GLY I 490 31.36 11.38 -21.44
C GLY I 490 30.42 12.47 -20.97
N LEU I 491 29.95 13.33 -21.88
CA LEU I 491 28.99 14.37 -21.50
C LEU I 491 27.65 13.79 -21.07
N ASP I 492 27.39 12.51 -21.35
CA ASP I 492 26.18 11.87 -20.87
C ASP I 492 26.16 11.78 -19.34
N LYS I 493 27.33 11.64 -18.72
CA LYS I 493 27.39 11.52 -17.27
C LYS I 493 27.04 12.83 -16.56
N SER I 494 26.96 13.93 -17.28
CA SER I 494 26.60 15.20 -16.67
C SER I 494 25.16 15.17 -16.17
N SER I 495 24.88 15.97 -15.15
CA SER I 495 23.57 16.00 -14.52
C SER I 495 23.15 17.43 -14.26
N PHE I 496 21.84 17.65 -14.23
CA PHE I 496 21.28 18.96 -13.91
C PHE I 496 19.93 18.75 -13.23
N ASP I 497 19.86 19.07 -11.95
CA ASP I 497 18.67 18.85 -11.15
C ASP I 497 18.14 20.18 -10.65
N PRO I 498 16.94 20.58 -11.04
CA PRO I 498 16.42 21.88 -10.59
C PRO I 498 15.86 21.84 -9.17
N THR I 499 15.38 20.68 -8.73
CA THR I 499 14.74 20.59 -7.42
C THR I 499 15.71 20.89 -6.28
N GLN I 500 17.02 20.89 -6.56
CA GLN I 500 17.99 21.27 -5.54
C GLN I 500 17.84 22.73 -5.12
N LEU I 501 17.25 23.56 -5.98
CA LEU I 501 17.06 24.96 -5.62
C LEU I 501 16.05 25.10 -4.48
N THR I 502 14.96 24.34 -4.53
CA THR I 502 13.95 24.33 -3.48
C THR I 502 14.15 23.20 -2.49
N LYS I 503 15.26 22.49 -2.58
CA LYS I 503 15.52 21.37 -1.67
C LYS I 503 15.58 21.78 -0.20
N PRO I 504 16.35 22.79 0.20
CA PRO I 504 16.51 23.04 1.65
C PRO I 504 15.22 23.39 2.37
N PHE I 505 14.30 24.08 1.71
CA PHE I 505 13.15 24.66 2.40
C PHE I 505 12.24 23.57 2.97
N GLY I 506 11.58 23.92 4.07
CA GLY I 506 10.67 23.03 4.76
C GLY I 506 10.11 23.69 6.01
N LYS I 507 9.78 22.89 7.03
CA LYS I 507 9.41 23.48 8.31
C LYS I 507 10.52 24.36 8.84
N THR I 508 11.73 23.82 8.90
CA THR I 508 12.95 24.60 9.05
C THR I 508 13.97 24.04 8.07
N CYS I 509 14.64 24.93 7.35
CA CYS I 509 15.51 24.51 6.26
C CYS I 509 16.77 23.81 6.77
N GLN I 510 17.18 22.80 6.02
CA GLN I 510 18.27 21.90 6.41
C GLN I 510 19.39 21.96 5.38
N ASP I 511 20.35 21.05 5.55
CA ASP I 511 21.51 20.97 4.67
C ASP I 511 21.08 20.52 3.27
N PRO I 512 21.91 20.78 2.25
CA PRO I 512 23.22 21.42 2.27
C PRO I 512 23.22 22.91 1.94
N TYR I 513 22.06 23.52 1.68
CA TYR I 513 22.03 24.93 1.31
C TYR I 513 21.21 25.74 2.30
N SER I 514 21.45 25.54 3.59
CA SER I 514 20.71 26.29 4.61
C SER I 514 20.95 27.78 4.50
N LEU I 515 22.15 28.18 4.02
CA LEU I 515 22.47 29.60 3.94
C LEU I 515 21.56 30.32 2.96
N LEU I 516 21.23 29.67 1.84
CA LEU I 516 20.30 30.26 0.89
C LEU I 516 18.94 30.51 1.54
N CYS I 517 18.45 29.53 2.30
CA CYS I 517 17.18 29.69 2.99
C CYS I 517 17.24 30.83 4.01
N THR I 518 18.31 30.89 4.80
CA THR I 518 18.40 31.97 5.79
C THR I 518 18.49 33.32 5.11
N TRP I 519 19.11 33.39 3.93
CA TRP I 519 19.11 34.62 3.15
C TRP I 519 17.70 34.98 2.70
N PHE I 520 16.93 33.98 2.27
CA PHE I 520 15.58 34.22 1.76
C PHE I 520 14.51 34.18 2.85
N GLN I 521 14.91 34.00 4.11
CA GLN I 521 13.98 33.93 5.24
C GLN I 521 12.90 32.86 5.02
N ASN I 522 13.36 31.67 4.61
CA ASN I 522 12.49 30.51 4.45
C ASN I 522 11.34 30.79 3.48
N LYS I 523 11.62 31.56 2.45
CA LYS I 523 10.66 31.83 1.38
C LYS I 523 11.24 31.31 0.07
N SER I 524 10.42 30.59 -0.69
CA SER I 524 10.89 29.87 -1.87
C SER I 524 10.33 30.41 -3.17
N ASP I 525 9.59 31.51 -3.14
CA ASP I 525 8.93 32.00 -4.35
C ASP I 525 9.93 32.35 -5.44
N LYS I 526 11.02 33.03 -5.07
CA LYS I 526 12.00 33.47 -6.05
C LYS I 526 12.69 32.31 -6.75
N LEU I 527 12.66 31.13 -6.16
CA LEU I 527 13.28 29.95 -6.77
C LEU I 527 12.28 29.01 -7.42
N ILE I 528 11.03 28.98 -6.94
CA ILE I 528 10.04 28.20 -7.67
C ILE I 528 9.72 28.91 -8.98
N GLN I 529 9.92 30.23 -9.03
CA GLN I 529 9.89 30.91 -10.33
C GLN I 529 10.99 30.38 -11.25
N ILE I 530 12.18 30.15 -10.71
CA ILE I 530 13.26 29.55 -11.49
C ILE I 530 12.82 28.18 -12.00
N GLN I 531 12.20 27.38 -11.13
CA GLN I 531 11.76 26.06 -11.54
C GLN I 531 10.71 26.15 -12.65
N SER I 532 9.77 27.10 -12.54
CA SER I 532 8.74 27.23 -13.56
C SER I 532 9.32 27.71 -14.89
N LEU I 533 10.36 28.53 -14.85
CA LEU I 533 11.06 28.86 -16.09
C LEU I 533 11.77 27.64 -16.65
N ILE I 534 12.32 26.80 -15.77
CA ILE I 534 13.11 25.66 -16.22
C ILE I 534 12.24 24.62 -16.91
N ASP I 535 11.13 24.22 -16.26
CA ASP I 535 10.29 23.18 -16.84
C ASP I 535 8.79 23.41 -16.71
N GLY I 536 8.35 24.53 -16.14
CA GLY I 536 6.93 24.87 -16.21
C GLY I 536 6.19 24.95 -14.89
N VAL I 537 6.42 24.02 -13.98
CA VAL I 537 5.65 23.97 -12.74
C VAL I 537 6.04 25.15 -11.86
N PRO I 538 5.08 25.93 -11.35
CA PRO I 538 3.64 25.80 -11.47
C PRO I 538 2.99 26.90 -12.30
N ALA I 539 3.79 27.76 -12.95
CA ALA I 539 3.22 28.86 -13.71
C ALA I 539 2.38 28.38 -14.88
N LEU I 540 2.55 27.13 -15.30
CA LEU I 540 1.82 26.53 -16.41
C LEU I 540 1.28 25.17 -16.00
N GLY I 541 0.70 25.09 -14.81
CA GLY I 541 0.12 23.86 -14.31
C GLY I 541 1.03 23.18 -13.30
N GLN I 542 0.41 22.33 -12.46
CA GLN I 542 1.16 21.61 -11.44
C GLN I 542 2.13 20.62 -12.05
N ASP I 543 1.82 20.09 -13.23
CA ASP I 543 2.70 19.17 -13.92
C ASP I 543 2.87 19.64 -15.36
N GLY I 544 4.11 19.63 -15.84
CA GLY I 544 4.40 20.07 -17.18
C GLY I 544 5.38 19.17 -17.90
N VAL I 545 6.26 19.75 -18.71
CA VAL I 545 7.24 18.97 -19.43
C VAL I 545 8.33 18.50 -18.47
N LYS I 546 8.91 17.34 -18.76
CA LYS I 546 9.98 16.75 -17.98
C LYS I 546 11.30 16.88 -18.75
N GLN I 547 12.38 16.37 -18.15
CA GLN I 547 13.66 16.40 -18.82
C GLN I 547 13.57 15.61 -20.12
N PRO I 548 13.93 16.20 -21.26
CA PRO I 548 13.76 15.51 -22.53
C PRO I 548 14.72 14.35 -22.69
N ASP I 549 14.30 13.39 -23.51
CA ASP I 549 15.16 12.29 -23.92
C ASP I 549 15.88 12.70 -25.19
N LEU I 550 17.19 12.91 -25.10
CA LEU I 550 17.96 13.45 -26.21
C LEU I 550 18.54 12.38 -27.12
N SER I 551 18.22 11.11 -26.87
CA SER I 551 18.64 10.07 -27.79
C SER I 551 17.87 10.18 -29.10
N ASP I 552 18.26 9.38 -30.07
CA ASP I 552 17.61 9.37 -31.38
C ASP I 552 16.22 8.76 -31.22
N ASN I 553 15.21 9.60 -31.12
CA ASN I 553 13.82 9.17 -30.94
C ASN I 553 13.00 9.62 -32.14
N PRO I 554 12.78 8.75 -33.13
CA PRO I 554 12.01 9.17 -34.31
C PRO I 554 10.57 9.52 -34.01
N GLN I 555 10.03 9.07 -32.89
CA GLN I 555 8.64 9.33 -32.54
C GLN I 555 8.50 10.42 -31.48
N ARG I 556 9.48 11.32 -31.40
CA ARG I 556 9.41 12.42 -30.45
C ARG I 556 8.21 13.31 -30.75
N GLN I 557 7.56 13.79 -29.70
CA GLN I 557 6.36 14.61 -29.83
C GLN I 557 6.67 16.04 -29.39
N SER I 558 6.36 16.99 -30.25
CA SER I 558 6.58 18.39 -29.94
C SER I 558 5.58 18.86 -28.88
N VAL I 559 6.08 19.64 -27.91
CA VAL I 559 5.18 20.28 -26.96
C VAL I 559 4.50 21.46 -27.65
N SER I 560 3.27 21.75 -27.23
CA SER I 560 2.45 22.76 -27.88
C SER I 560 1.83 23.68 -26.85
N GLY I 561 1.55 24.90 -27.27
CA GLY I 561 0.92 25.88 -26.42
C GLY I 561 1.91 26.54 -25.47
N PRO I 562 1.43 26.94 -24.30
CA PRO I 562 2.30 27.67 -23.36
C PRO I 562 3.52 26.89 -22.95
N LEU I 563 3.44 25.56 -22.84
CA LEU I 563 4.59 24.76 -22.47
C LEU I 563 5.71 24.86 -23.50
N SER I 564 5.44 25.35 -24.70
CA SER I 564 6.49 25.59 -25.68
C SER I 564 7.48 26.66 -25.23
N SER I 565 7.09 27.50 -24.27
CA SER I 565 7.94 28.61 -23.84
C SER I 565 8.69 28.31 -22.55
N THR I 566 9.08 27.06 -22.32
CA THR I 566 9.94 26.70 -21.20
C THR I 566 11.26 26.14 -21.74
N VAL I 567 12.26 26.08 -20.87
CA VAL I 567 13.59 25.67 -21.31
C VAL I 567 13.58 24.23 -21.80
N TYR I 568 13.04 23.32 -21.01
CA TYR I 568 13.01 21.91 -21.40
C TYR I 568 12.16 21.71 -22.65
N GLY I 569 11.01 22.37 -22.70
CA GLY I 569 10.18 22.28 -23.89
C GLY I 569 10.85 22.86 -25.12
N PHE I 570 11.56 23.98 -24.94
CA PHE I 570 12.28 24.57 -26.07
C PHE I 570 13.37 23.63 -26.58
N VAL I 571 14.10 22.99 -25.67
CA VAL I 571 15.12 22.03 -26.09
C VAL I 571 14.48 20.86 -26.82
N ASN I 572 13.37 20.36 -26.30
CA ASN I 572 12.68 19.24 -26.94
C ASN I 572 12.23 19.61 -28.35
N ASN I 573 11.61 20.79 -28.50
CA ASN I 573 11.16 21.22 -29.81
C ASN I 573 12.31 21.47 -30.76
N SER I 574 13.41 22.03 -30.26
CA SER I 574 14.58 22.26 -31.10
C SER I 574 15.18 20.96 -31.59
N MET I 575 15.13 19.91 -30.76
CA MET I 575 15.75 18.65 -31.13
C MET I 575 15.10 17.98 -32.34
N MET I 576 13.91 18.44 -32.76
CA MET I 576 13.19 17.80 -33.85
C MET I 576 13.43 18.43 -35.21
N VAL I 577 13.76 19.71 -35.25
CA VAL I 577 13.88 20.40 -36.53
C VAL I 577 15.03 19.82 -37.34
N GLN I 578 14.94 19.95 -38.66
CA GLN I 578 15.94 19.43 -39.58
C GLN I 578 16.78 20.58 -40.12
N LEU I 579 18.09 20.42 -40.06
CA LEU I 579 19.00 21.41 -40.58
C LEU I 579 18.93 21.43 -42.11
N PRO I 580 19.41 22.51 -42.75
CA PRO I 580 19.32 22.62 -44.21
C PRO I 580 19.91 21.41 -44.95
N GLY I 581 20.78 20.65 -44.30
CA GLY I 581 21.27 19.42 -44.89
C GLY I 581 20.17 18.40 -45.08
N GLN I 582 20.42 17.46 -45.99
CA GLN I 582 19.43 16.44 -46.29
C GLN I 582 19.19 15.56 -45.07
N PRO I 583 17.96 15.09 -44.86
CA PRO I 583 17.64 14.33 -43.65
C PRO I 583 18.51 13.08 -43.50
N GLY I 584 18.90 12.79 -42.27
CA GLY I 584 19.72 11.64 -41.97
C GLY I 584 19.26 10.88 -40.74
N ILE I 585 17.96 10.93 -40.46
CA ILE I 585 17.37 10.25 -39.31
C ILE I 585 16.38 9.22 -39.85
N LYS I 586 16.59 7.96 -39.48
CA LYS I 586 15.77 6.87 -40.00
C LYS I 586 14.62 6.59 -39.03
N PRO I 587 13.37 6.81 -39.43
CA PRO I 587 12.25 6.41 -38.57
C PRO I 587 12.17 4.90 -38.47
N LEU I 588 11.55 4.44 -37.38
CA LEU I 588 11.45 3.00 -37.14
C LEU I 588 10.70 2.32 -38.28
N THR I 589 11.14 1.10 -38.62
CA THR I 589 10.64 0.44 -39.82
C THR I 589 9.15 0.16 -39.74
N PHE I 590 8.66 -0.24 -38.57
CA PHE I 590 7.22 -0.53 -38.42
C PHE I 590 6.80 -0.10 -37.02
N ALA I 591 6.25 1.11 -36.92
CA ALA I 591 5.70 1.60 -35.66
C ALA I 591 4.27 1.15 -35.44
N ASN I 592 3.49 0.99 -36.52
CA ASN I 592 2.12 0.52 -36.40
C ASN I 592 2.04 -0.99 -36.26
N LEU I 593 3.12 -1.71 -36.58
CA LEU I 593 3.09 -3.16 -36.43
C LEU I 593 3.09 -3.57 -34.96
N ILE I 594 3.81 -2.83 -34.13
CA ILE I 594 3.82 -3.05 -32.69
C ILE I 594 3.02 -1.91 -32.08
N ASN I 595 1.88 -2.23 -31.48
CA ASN I 595 0.98 -1.21 -30.96
C ASN I 595 0.72 -1.43 -29.50
N PHE I 596 0.64 -0.34 -28.74
CA PHE I 596 0.29 -0.36 -27.32
C PHE I 596 -0.80 0.69 -27.10
N LYS I 597 -2.06 0.26 -27.22
CA LYS I 597 -3.19 1.16 -26.98
C LYS I 597 -3.52 1.19 -25.49
N VAL I 598 -2.55 1.69 -24.71
CA VAL I 598 -2.68 1.82 -23.27
C VAL I 598 -2.98 3.27 -22.95
N ASP I 599 -4.11 3.51 -22.29
CA ASP I 599 -4.53 4.86 -21.93
C ASP I 599 -4.54 4.98 -20.42
N THR I 600 -3.90 6.04 -19.91
CA THR I 600 -3.89 6.29 -18.48
C THR I 600 -5.14 7.02 -18.01
N SER I 601 -6.01 7.45 -18.92
CA SER I 601 -7.26 8.09 -18.54
C SER I 601 -8.20 7.12 -17.83
N LEU I 602 -8.00 5.82 -17.99
CA LEU I 602 -8.83 4.84 -17.31
C LEU I 602 -8.66 4.92 -15.80
N TYR I 603 -7.46 5.21 -15.33
CA TYR I 603 -7.15 5.24 -13.90
C TYR I 603 -7.09 6.66 -13.35
N TYR I 604 -7.92 7.56 -13.85
CA TYR I 604 -7.93 8.93 -13.35
C TYR I 604 -8.89 9.05 -12.19
N MET I 605 -8.43 9.69 -11.11
CA MET I 605 -9.27 10.00 -9.97
C MET I 605 -9.86 11.39 -10.17
N LYS I 606 -11.19 11.46 -10.24
CA LYS I 606 -11.86 12.70 -10.58
C LYS I 606 -11.95 13.61 -9.36
N HIS I 607 -12.58 14.77 -9.55
CA HIS I 607 -12.73 15.79 -8.52
C HIS I 607 -14.15 15.73 -7.99
N GLN I 608 -14.31 15.14 -6.80
CA GLN I 608 -15.63 15.00 -6.20
C GLN I 608 -15.91 16.15 -5.23
N ASP I 609 -17.17 16.56 -5.19
CA ASP I 609 -17.62 17.59 -4.27
C ASP I 609 -18.34 16.92 -3.10
N PHE I 610 -17.84 17.15 -1.89
CA PHE I 610 -18.40 16.53 -0.70
C PHE I 610 -19.50 17.41 -0.11
N ASP I 611 -20.29 16.81 0.78
CA ASP I 611 -21.35 17.54 1.44
C ASP I 611 -20.76 18.55 2.41
N CYS I 612 -21.10 19.82 2.22
CA CYS I 612 -20.63 20.89 3.09
C CYS I 612 -21.44 20.81 4.39
N GLY I 613 -20.94 20.03 5.33
CA GLY I 613 -21.62 19.88 6.61
C GLY I 613 -21.23 20.98 7.56
N ARG I 614 -22.10 22.00 7.66
CA ARG I 614 -21.75 23.20 8.38
C ARG I 614 -21.70 22.95 9.88
N VAL I 615 -20.62 23.39 10.51
CA VAL I 615 -20.55 23.51 11.96
C VAL I 615 -20.56 24.99 12.29
N LYS I 616 -21.14 25.31 13.45
CA LYS I 616 -21.39 26.70 13.84
C LYS I 616 -20.69 26.97 15.16
N ILE I 617 -19.43 27.44 15.08
CA ILE I 617 -18.69 27.83 16.27
C ILE I 617 -19.15 29.20 16.71
N LEU I 618 -20.14 29.21 17.61
CA LEU I 618 -20.82 30.40 18.11
C LEU I 618 -21.38 31.16 16.89
N PHE I 619 -20.77 32.25 16.42
CA PHE I 619 -21.21 32.89 15.18
C PHE I 619 -20.26 32.65 14.01
N PHE I 620 -19.61 31.49 13.93
CA PHE I 620 -18.73 31.19 12.81
C PHE I 620 -19.24 29.95 12.11
N SER I 621 -19.79 30.12 10.91
CA SER I 621 -20.36 29.03 10.14
C SER I 621 -19.37 28.60 9.06
N PHE I 622 -18.93 27.34 9.13
CA PHE I 622 -18.05 26.78 8.13
C PHE I 622 -18.15 25.27 8.19
N CYS I 623 -18.07 24.61 7.04
CA CYS I 623 -18.17 23.16 6.98
C CYS I 623 -16.77 22.57 6.94
N LEU I 624 -16.35 21.95 8.04
CA LEU I 624 -15.06 21.29 8.07
C LEU I 624 -15.06 19.98 7.30
N GLY I 625 -16.24 19.40 7.04
CA GLY I 625 -16.28 18.19 6.25
C GLY I 625 -15.81 18.40 4.83
N ARG I 626 -16.30 19.47 4.19
CA ARG I 626 -15.86 19.79 2.84
C ARG I 626 -14.37 20.12 2.81
N MET I 627 -13.89 20.84 3.83
CA MET I 627 -12.48 21.18 3.89
C MET I 627 -11.62 19.92 4.03
N MET I 628 -12.03 19.00 4.89
CA MET I 628 -11.31 17.74 5.04
C MET I 628 -11.31 16.95 3.74
N GLY I 629 -12.46 16.87 3.07
CA GLY I 629 -12.53 16.13 1.83
C GLY I 629 -11.66 16.73 0.75
N ASP I 630 -11.68 18.06 0.62
CA ASP I 630 -10.88 18.72 -0.39
C ASP I 630 -9.39 18.60 -0.08
N LEU I 631 -9.03 18.64 1.21
CA LEU I 631 -7.63 18.61 1.58
C LEU I 631 -7.05 17.20 1.43
N PHE I 632 -7.60 16.25 2.18
CA PHE I 632 -6.96 14.94 2.28
C PHE I 632 -7.17 14.07 1.05
N TYR I 633 -8.29 14.23 0.35
CA TYR I 633 -8.55 13.41 -0.83
C TYR I 633 -8.41 14.19 -2.13
N ASN I 634 -9.08 15.33 -2.25
CA ASN I 634 -9.10 16.06 -3.51
C ASN I 634 -7.76 16.71 -3.83
N TYR I 635 -6.90 16.93 -2.82
CA TYR I 635 -5.65 17.63 -3.03
C TYR I 635 -4.41 16.86 -2.57
N VAL I 636 -4.55 15.83 -1.74
CA VAL I 636 -3.40 15.06 -1.29
C VAL I 636 -3.38 13.72 -2.01
N PHE I 637 -4.46 12.95 -1.89
CA PHE I 637 -4.56 11.69 -2.62
C PHE I 637 -4.56 11.93 -4.12
N ARG I 638 -5.39 12.86 -4.59
CA ARG I 638 -5.53 13.08 -6.02
C ARG I 638 -4.22 13.55 -6.64
N TYR I 639 -3.52 14.48 -5.99
CA TYR I 639 -2.28 14.97 -6.57
C TYR I 639 -1.22 13.87 -6.61
N VAL I 640 -1.14 13.06 -5.55
CA VAL I 640 -0.13 11.99 -5.53
C VAL I 640 -0.41 10.98 -6.64
N TYR I 641 -1.68 10.59 -6.79
CA TYR I 641 -2.03 9.64 -7.83
C TYR I 641 -1.75 10.20 -9.22
N ASN I 642 -2.12 11.47 -9.44
CA ASN I 642 -1.91 12.08 -10.75
C ASN I 642 -0.42 12.25 -11.03
N PHE I 643 0.37 12.53 -9.99
CA PHE I 643 1.82 12.63 -10.14
C PHE I 643 2.42 11.30 -10.57
N PHE I 644 1.98 10.21 -9.92
CA PHE I 644 2.45 8.90 -10.32
C PHE I 644 2.06 8.58 -11.76
N LEU I 645 0.82 8.88 -12.14
CA LEU I 645 0.38 8.60 -13.50
C LEU I 645 1.13 9.43 -14.53
N ALA I 646 1.37 10.71 -14.22
CA ALA I 646 2.09 11.58 -15.15
C ALA I 646 3.51 11.10 -15.36
N ILE I 647 4.19 10.69 -14.28
CA ILE I 647 5.51 10.10 -14.46
C ILE I 647 5.40 8.80 -15.24
N PHE I 648 4.31 8.06 -15.04
CA PHE I 648 4.14 6.75 -15.66
C PHE I 648 4.01 6.84 -17.18
N GLY I 649 3.38 7.90 -17.68
CA GLY I 649 3.11 7.99 -19.11
C GLY I 649 4.33 7.97 -20.01
N GLU I 650 5.28 8.86 -19.76
CA GLU I 650 6.49 8.90 -20.58
C GLU I 650 7.32 7.65 -20.40
N MET I 651 7.30 7.06 -19.20
CA MET I 651 7.99 5.79 -19.00
C MET I 651 7.39 4.70 -19.86
N ILE I 652 6.06 4.65 -19.95
CA ILE I 652 5.41 3.70 -20.86
C ILE I 652 5.89 3.94 -22.28
N ASN I 653 5.88 5.20 -22.71
CA ASN I 653 6.26 5.50 -24.10
C ASN I 653 7.68 5.03 -24.39
N SER I 654 8.63 5.40 -23.54
CA SER I 654 10.03 5.06 -23.77
C SER I 654 10.26 3.55 -23.69
N ILE I 655 9.64 2.88 -22.71
CA ILE I 655 9.84 1.45 -22.56
C ILE I 655 9.28 0.70 -23.76
N VAL I 656 8.10 1.09 -24.23
CA VAL I 656 7.54 0.46 -25.43
C VAL I 656 8.45 0.72 -26.62
N MET I 657 8.98 1.95 -26.72
CA MET I 657 9.88 2.27 -27.83
C MET I 657 11.09 1.36 -27.82
N ALA I 658 11.69 1.13 -26.65
CA ALA I 658 12.88 0.29 -26.59
C ALA I 658 12.56 -1.17 -26.90
N PHE I 659 11.51 -1.71 -26.26
CA PHE I 659 11.12 -3.09 -26.48
C PHE I 659 10.62 -3.35 -27.90
N LEU I 660 10.26 -2.31 -28.64
CA LEU I 660 9.90 -2.48 -30.04
C LEU I 660 11.06 -2.18 -30.98
N MET I 661 12.02 -1.37 -30.53
CA MET I 661 13.17 -1.03 -31.36
C MET I 661 14.23 -2.11 -31.34
N ILE I 662 14.25 -2.94 -30.31
CA ILE I 662 15.23 -4.03 -30.32
C ILE I 662 15.09 -4.89 -31.58
N PRO I 663 14.00 -5.66 -31.80
CA PRO I 663 14.06 -6.70 -32.82
C PRO I 663 14.20 -6.12 -34.23
N LEU I 664 13.23 -5.30 -34.61
CA LEU I 664 13.16 -4.78 -35.97
C LEU I 664 14.42 -3.99 -36.30
N GLN I 665 14.66 -2.90 -35.58
CA GLN I 665 15.79 -2.04 -35.90
C GLN I 665 17.10 -2.81 -35.81
N GLY I 666 17.34 -3.50 -34.70
CA GLY I 666 18.59 -4.21 -34.53
C GLY I 666 18.87 -5.20 -35.64
N MET I 667 17.98 -6.20 -35.77
CA MET I 667 18.18 -7.24 -36.77
C MET I 667 18.31 -6.64 -38.16
N LYS I 668 17.38 -5.74 -38.52
CA LYS I 668 17.36 -5.19 -39.86
C LYS I 668 18.64 -4.45 -40.18
N ASP I 669 19.03 -3.48 -39.36
CA ASP I 669 20.19 -2.68 -39.75
C ASP I 669 21.47 -3.49 -39.67
N ILE I 670 21.60 -4.41 -38.71
CA ILE I 670 22.84 -5.18 -38.64
C ILE I 670 22.95 -6.11 -39.84
N PHE I 671 21.85 -6.75 -40.25
CA PHE I 671 21.95 -7.67 -41.38
C PHE I 671 22.08 -6.94 -42.71
N ILE I 672 21.47 -5.76 -42.85
CA ILE I 672 21.70 -4.99 -44.08
C ILE I 672 23.14 -4.50 -44.14
N VAL I 673 23.73 -4.15 -42.99
CA VAL I 673 25.15 -3.79 -42.98
C VAL I 673 25.99 -4.99 -43.39
N GLY I 674 25.68 -6.17 -42.86
CA GLY I 674 26.41 -7.37 -43.23
C GLY I 674 26.28 -7.69 -44.71
N VAL I 675 25.06 -7.56 -45.25
CA VAL I 675 24.86 -7.79 -46.67
C VAL I 675 25.64 -6.79 -47.50
N GLN I 676 25.67 -5.53 -47.05
CA GLN I 676 26.44 -4.51 -47.78
C GLN I 676 27.92 -4.86 -47.81
N THR I 677 28.48 -5.32 -46.68
CA THR I 677 29.91 -5.62 -46.70
C THR I 677 30.22 -6.95 -47.36
N LEU I 678 29.25 -7.85 -47.50
CA LEU I 678 29.52 -9.10 -48.23
C LEU I 678 29.38 -8.92 -49.73
N THR I 679 28.35 -8.20 -50.19
CA THR I 679 28.10 -8.07 -51.62
C THR I 679 29.18 -7.29 -52.36
N GLN I 680 30.06 -6.59 -51.65
CA GLN I 680 31.14 -5.89 -52.31
C GLN I 680 32.11 -6.90 -52.94
N PRO I 681 32.80 -6.50 -54.01
CA PRO I 681 33.73 -7.43 -54.66
C PRO I 681 35.07 -7.49 -53.95
N GLY I 682 35.58 -8.72 -53.78
CA GLY I 682 36.91 -8.95 -53.27
C GLY I 682 37.04 -8.94 -51.76
N ILE I 683 36.04 -8.44 -51.04
CA ILE I 683 36.12 -8.37 -49.59
C ILE I 683 36.07 -9.78 -49.02
N ASN I 684 36.97 -10.06 -48.07
CA ASN I 684 37.02 -11.37 -47.44
C ASN I 684 35.70 -11.64 -46.73
N PRO I 685 35.02 -12.75 -47.02
CA PRO I 685 33.71 -13.00 -46.41
C PRO I 685 33.81 -13.47 -44.97
N ILE I 686 34.88 -14.18 -44.63
CA ILE I 686 35.05 -14.67 -43.27
C ILE I 686 35.14 -13.50 -42.30
N VAL I 687 35.98 -12.51 -42.62
CA VAL I 687 36.13 -11.36 -41.74
C VAL I 687 34.87 -10.51 -41.73
N ALA I 688 34.16 -10.44 -42.85
CA ALA I 688 32.90 -9.69 -42.87
C ALA I 688 31.87 -10.32 -41.95
N LEU I 689 31.76 -11.65 -41.98
CA LEU I 689 30.86 -12.34 -41.06
C LEU I 689 31.32 -12.17 -39.62
N ALA I 690 32.62 -12.19 -39.40
CA ALA I 690 33.15 -11.95 -38.06
C ALA I 690 32.75 -10.56 -37.57
N ASN I 691 32.86 -9.55 -38.43
CA ASN I 691 32.50 -8.19 -38.05
C ASN I 691 31.00 -8.07 -37.79
N MET I 692 30.19 -8.79 -38.58
CA MET I 692 28.77 -8.86 -38.28
C MET I 692 28.53 -9.43 -36.89
N GLY I 693 29.30 -10.46 -36.53
CA GLY I 693 29.23 -10.98 -35.18
C GLY I 693 29.61 -9.96 -34.14
N THR I 694 30.65 -9.16 -34.42
CA THR I 694 31.03 -8.12 -33.47
C THR I 694 29.92 -7.10 -33.30
N MET I 695 29.27 -6.70 -34.39
CA MET I 695 28.15 -5.77 -34.23
C MET I 695 27.03 -6.38 -33.42
N TYR I 696 26.76 -7.68 -33.60
CA TYR I 696 25.69 -8.31 -32.84
C TYR I 696 26.03 -8.41 -31.36
N ILE I 697 27.28 -8.78 -31.03
CA ILE I 697 27.71 -8.96 -29.65
C ILE I 697 28.29 -7.64 -29.15
N ASN I 698 28.00 -6.55 -29.87
CA ASN I 698 28.11 -5.21 -29.34
C ASN I 698 26.77 -4.54 -29.14
N PHE I 699 25.75 -4.96 -29.88
CA PHE I 699 24.43 -4.36 -29.79
C PHE I 699 23.51 -5.08 -28.82
N SER I 700 23.48 -6.42 -28.86
CA SER I 700 22.50 -7.16 -28.09
C SER I 700 22.65 -6.92 -26.59
N GLY I 701 23.87 -7.07 -26.07
CA GLY I 701 24.09 -6.90 -24.65
C GLY I 701 24.06 -5.45 -24.19
N THR I 702 24.48 -4.52 -25.05
CA THR I 702 24.33 -3.11 -24.71
C THR I 702 22.85 -2.74 -24.57
N LEU I 703 22.04 -3.22 -25.51
CA LEU I 703 20.60 -2.98 -25.42
C LEU I 703 19.99 -3.70 -24.24
N TRP I 704 20.51 -4.88 -23.90
CA TRP I 704 20.06 -5.59 -22.69
C TRP I 704 20.37 -4.78 -21.44
N LEU I 705 21.58 -4.21 -21.37
CA LEU I 705 21.95 -3.42 -20.20
C LEU I 705 21.09 -2.17 -20.09
N THR I 706 20.81 -1.51 -21.21
CA THR I 706 19.93 -0.35 -21.13
C THR I 706 18.50 -0.75 -20.80
N LEU I 707 18.07 -1.96 -21.21
CA LEU I 707 16.76 -2.44 -20.80
C LEU I 707 16.71 -2.64 -19.29
N LEU I 708 17.77 -3.24 -18.74
CA LEU I 708 17.85 -3.42 -17.30
C LEU I 708 17.84 -2.07 -16.60
N ASN I 709 18.55 -1.09 -17.17
CA ASN I 709 18.58 0.25 -16.60
C ASN I 709 17.19 0.85 -16.53
N MET I 710 16.43 0.78 -17.63
CA MET I 710 15.10 1.39 -17.61
C MET I 710 14.12 0.60 -16.75
N ALA I 711 14.24 -0.73 -16.74
CA ALA I 711 13.37 -1.55 -15.90
C ALA I 711 13.60 -1.24 -14.43
N VAL I 713 14.85 -1.10 -14.02
CA VAL I 713 15.16 -0.63 -12.68
C VAL I 713 14.59 0.77 -12.47
N SER I 714 14.76 1.65 -13.45
CA SER I 714 14.34 3.04 -13.31
C SER I 714 12.84 3.19 -13.29
N SER I 715 12.06 2.16 -13.59
CA SER I 715 10.62 2.32 -13.44
C SER I 715 10.25 2.50 -11.97
N LEU I 716 10.36 1.42 -11.17
CA LEU I 716 10.18 1.40 -9.71
C LEU I 716 9.06 2.28 -9.20
N ILE I 717 7.98 2.43 -9.98
CA ILE I 717 6.98 3.44 -9.68
C ILE I 717 6.14 2.98 -8.49
N PRO I 718 5.84 3.84 -7.53
CA PRO I 718 4.88 3.47 -6.48
C PRO I 718 3.51 3.25 -7.08
N LEU I 719 2.89 2.12 -6.75
CA LEU I 719 1.57 1.71 -7.21
C LEU I 719 1.66 1.13 -8.62
N PHE I 720 1.94 1.97 -9.61
CA PHE I 720 2.00 1.53 -11.00
C PHE I 720 3.31 0.86 -11.37
N GLY I 721 4.10 0.42 -10.38
CA GLY I 721 5.39 -0.17 -10.70
C GLY I 721 5.30 -1.59 -11.23
N ILE I 722 4.18 -2.26 -10.97
CA ILE I 722 4.05 -3.66 -11.39
C ILE I 722 3.98 -3.78 -12.91
N PHE I 723 3.79 -2.66 -13.61
CA PHE I 723 3.68 -2.71 -15.06
C PHE I 723 4.94 -3.28 -15.69
N ILE I 724 6.11 -2.95 -15.14
CA ILE I 724 7.36 -3.44 -15.72
C ILE I 724 7.43 -4.95 -15.56
N PHE I 725 6.95 -5.46 -14.43
CA PHE I 725 6.94 -6.91 -14.24
C PHE I 725 6.00 -7.59 -15.23
N ALA I 726 4.80 -7.04 -15.40
CA ALA I 726 3.85 -7.63 -16.33
C ALA I 726 4.42 -7.66 -17.74
N LEU I 727 4.93 -6.52 -18.20
CA LEU I 727 5.47 -6.45 -19.55
C LEU I 727 6.70 -7.33 -19.70
N ILE I 728 7.59 -7.33 -18.70
CA ILE I 728 8.84 -8.05 -18.79
C ILE I 728 8.59 -9.55 -18.84
N MET I 729 7.61 -10.04 -18.09
CA MET I 729 7.32 -11.46 -18.14
C MET I 729 6.56 -11.85 -19.40
N MET I 730 5.60 -11.02 -19.82
CA MET I 730 4.88 -11.32 -21.06
C MET I 730 5.77 -11.19 -22.27
N ALA I 731 6.94 -10.54 -22.15
CA ALA I 731 7.86 -10.42 -23.26
C ALA I 731 9.11 -11.26 -23.09
N MET I 732 9.34 -11.86 -21.92
CA MET I 732 10.58 -12.60 -21.69
C MET I 732 10.81 -13.73 -22.67
N PRO I 733 9.83 -14.57 -23.03
CA PRO I 733 10.10 -15.56 -24.07
C PRO I 733 10.42 -14.94 -25.42
N LEU I 734 9.65 -13.94 -25.84
CA LEU I 734 9.87 -13.33 -27.15
C LEU I 734 11.17 -12.54 -27.20
N LEU I 735 11.40 -11.68 -26.20
CA LEU I 735 12.63 -10.91 -26.15
C LEU I 735 13.83 -11.82 -25.95
N MET I 736 13.67 -12.88 -25.17
CA MET I 736 14.74 -13.85 -24.99
C MET I 736 15.05 -14.56 -26.30
N ALA I 737 14.02 -14.87 -27.09
CA ALA I 737 14.26 -15.45 -28.41
C ALA I 737 15.06 -14.49 -29.28
N TRP I 738 14.68 -13.21 -29.26
CA TRP I 738 15.42 -12.21 -30.05
C TRP I 738 16.88 -12.12 -29.60
N ILE I 739 17.10 -11.98 -28.29
CA ILE I 739 18.45 -11.77 -27.78
C ILE I 739 19.30 -13.01 -27.95
N GLY I 740 18.73 -14.19 -27.72
CA GLY I 740 19.47 -15.42 -27.95
C GLY I 740 19.79 -15.61 -29.42
N THR I 741 18.87 -15.24 -30.30
CA THR I 741 19.16 -15.23 -31.73
C THR I 741 20.40 -14.38 -32.01
N MET I 742 20.40 -13.14 -31.51
CA MET I 742 21.52 -12.24 -31.77
C MET I 742 22.82 -12.81 -31.20
N VAL I 743 22.78 -13.29 -29.96
CA VAL I 743 23.99 -13.72 -29.28
C VAL I 743 24.56 -14.98 -29.91
N SER I 744 23.70 -15.97 -30.21
CA SER I 744 24.17 -17.18 -30.86
C SER I 744 24.68 -16.88 -32.26
N ILE I 745 24.01 -15.96 -32.96
CA ILE I 745 24.47 -15.58 -34.30
C ILE I 745 25.90 -15.07 -34.21
N GLY I 746 26.13 -14.13 -33.28
CA GLY I 746 27.46 -13.59 -33.11
C GLY I 746 28.47 -14.65 -32.68
N PHE I 747 28.04 -15.57 -31.82
CA PHE I 747 28.95 -16.60 -31.32
C PHE I 747 29.40 -17.54 -32.43
N VAL I 748 28.47 -17.96 -33.30
CA VAL I 748 28.88 -18.82 -34.40
C VAL I 748 29.71 -18.04 -35.41
N THR I 749 29.39 -16.77 -35.65
CA THR I 749 30.11 -16.03 -36.68
C THR I 749 31.52 -15.68 -36.23
N ALA I 750 31.64 -14.91 -35.15
CA ALA I 750 32.92 -14.30 -34.79
C ALA I 750 33.70 -15.06 -33.74
N TYR I 751 33.15 -16.12 -33.14
CA TYR I 751 33.86 -16.81 -32.08
C TYR I 751 34.16 -18.26 -32.40
N TYR I 752 33.15 -19.05 -32.76
CA TYR I 752 33.39 -20.47 -32.99
C TYR I 752 34.19 -20.70 -34.27
N ILE I 753 33.82 -20.02 -35.35
CA ILE I 753 34.52 -20.22 -36.62
C ILE I 753 35.99 -19.85 -36.53
N PRO I 754 36.40 -18.73 -35.93
CA PRO I 754 37.83 -18.40 -35.90
C PRO I 754 38.69 -19.39 -35.14
N VAL I 755 38.13 -20.18 -34.23
CA VAL I 755 38.92 -21.07 -33.39
C VAL I 755 38.66 -22.54 -33.67
N LEU I 756 37.61 -22.88 -34.41
CA LEU I 756 37.35 -24.28 -34.75
C LEU I 756 38.48 -24.94 -35.55
N PRO I 757 39.10 -24.30 -36.54
CA PRO I 757 40.19 -24.99 -37.26
C PRO I 757 41.32 -25.40 -36.34
N TYR I 758 41.64 -24.56 -35.37
CA TYR I 758 42.67 -24.91 -34.40
C TYR I 758 42.22 -26.09 -33.55
N MET I 759 40.91 -26.16 -33.25
CA MET I 759 40.35 -27.32 -32.58
C MET I 759 40.66 -28.59 -33.36
N ILE I 760 40.29 -28.59 -34.64
CA ILE I 760 40.38 -29.79 -35.45
C ILE I 760 41.83 -30.19 -35.62
N PHE I 761 42.71 -29.22 -35.86
CA PHE I 761 44.12 -29.54 -36.03
C PHE I 761 44.73 -30.06 -34.74
N THR I 762 44.32 -29.52 -33.59
CA THR I 762 44.82 -30.02 -32.32
C THR I 762 44.41 -31.47 -32.11
N PHE I 763 43.13 -31.77 -32.34
CA PHE I 763 42.68 -33.14 -32.16
C PHE I 763 43.34 -34.09 -33.15
N GLY I 764 43.59 -33.62 -34.37
CA GLY I 764 44.30 -34.45 -35.34
C GLY I 764 45.73 -34.73 -34.93
N SER I 765 46.42 -33.70 -34.43
CA SER I 765 47.81 -33.91 -34.00
C SER I 765 47.86 -34.84 -32.80
N PHE I 766 46.85 -34.79 -31.94
CA PHE I 766 46.82 -35.72 -30.82
C PHE I 766 46.48 -37.14 -31.27
N ALA I 767 45.66 -37.27 -32.32
CA ALA I 767 45.46 -38.58 -32.92
C ALA I 767 46.78 -39.13 -33.45
N TRP I 768 47.56 -38.27 -34.11
CA TRP I 768 48.87 -38.68 -34.59
C TRP I 768 49.80 -39.04 -33.44
N LEU I 769 49.71 -38.30 -32.34
CA LEU I 769 50.54 -38.56 -31.17
C LEU I 769 50.16 -39.88 -30.50
N ILE I 770 48.89 -40.28 -30.58
CA ILE I 770 48.46 -41.57 -30.09
C ILE I 770 48.96 -42.65 -31.04
N ALA I 771 48.91 -42.37 -32.34
CA ALA I 771 49.33 -43.33 -33.35
C ALA I 771 50.81 -43.64 -33.27
N VAL I 772 51.64 -42.63 -32.99
CA VAL I 772 53.07 -42.89 -32.88
C VAL I 772 53.36 -43.73 -31.64
N ILE I 773 52.62 -43.52 -30.55
CA ILE I 773 52.75 -44.39 -29.38
C ILE I 773 52.33 -45.81 -29.73
N GLU I 774 51.27 -45.95 -30.52
CA GLU I 774 50.84 -47.27 -30.96
C GLU I 774 51.93 -47.96 -31.77
N ALA I 775 52.58 -47.22 -32.66
CA ALA I 775 53.68 -47.79 -33.44
C ALA I 775 54.85 -48.17 -32.54
N MET I 776 55.13 -47.35 -31.53
CA MET I 776 56.16 -47.68 -30.56
C MET I 776 55.86 -48.99 -29.87
N VAL I 777 54.60 -49.18 -29.46
CA VAL I 777 54.20 -50.44 -28.84
C VAL I 777 54.29 -51.58 -29.85
N ALA I 778 54.04 -51.30 -31.14
CA ALA I 778 54.06 -52.35 -32.14
C ALA I 778 55.47 -52.80 -32.49
N ALA I 779 56.46 -51.93 -32.32
CA ALA I 779 57.83 -52.24 -32.73
C ALA I 779 58.37 -53.56 -32.17
N PRO I 780 58.27 -53.85 -30.86
CA PRO I 780 58.77 -55.14 -30.38
C PRO I 780 58.05 -56.33 -30.98
N ILE I 781 56.76 -56.21 -31.27
CA ILE I 781 56.04 -57.31 -31.91
C ILE I 781 56.66 -57.63 -33.26
N VAL I 782 56.97 -56.60 -34.05
CA VAL I 782 57.58 -56.80 -35.36
C VAL I 782 58.97 -57.41 -35.21
N ALA I 783 59.80 -56.82 -34.32
CA ALA I 783 61.15 -57.32 -34.15
C ALA I 783 61.19 -58.71 -33.55
N LEU I 784 60.11 -59.14 -32.90
CA LEU I 784 59.99 -60.50 -32.40
C LEU I 784 59.53 -61.47 -33.48
N GLY I 785 58.57 -61.05 -34.31
CA GLY I 785 58.16 -61.85 -35.44
C GLY I 785 59.25 -61.99 -36.49
N VAL I 786 60.25 -61.11 -36.45
CA VAL I 786 61.40 -61.27 -37.34
C VAL I 786 62.09 -62.60 -37.10
N THR I 787 62.15 -63.04 -35.84
CA THR I 787 62.84 -64.29 -35.52
C THR I 787 62.19 -65.48 -36.22
N HIS I 788 60.88 -65.52 -36.27
CA HIS I 788 60.19 -66.65 -36.87
C HIS I 788 60.45 -66.70 -38.37
N PRO I 789 60.81 -67.86 -38.92
CA PRO I 789 61.11 -67.95 -40.35
C PRO I 789 59.87 -68.10 -41.22
N GLU I 790 58.69 -67.79 -40.66
CA GLU I 790 57.45 -67.95 -41.39
C GLU I 790 57.47 -67.12 -42.68
N GLY I 791 57.02 -67.73 -43.76
CA GLY I 791 57.03 -67.09 -45.06
C GLY I 791 58.40 -67.06 -45.70
N ASN I 792 58.41 -66.93 -47.02
CA ASN I 792 59.66 -66.88 -47.76
C ASN I 792 60.43 -65.58 -47.50
N GLU I 793 59.75 -64.54 -47.04
CA GLU I 793 60.42 -63.28 -46.75
C GLU I 793 61.29 -63.43 -45.49
N ALA I 794 62.26 -62.52 -45.36
CA ALA I 794 63.22 -62.59 -44.26
C ALA I 794 62.69 -62.01 -42.96
N PHE I 795 61.56 -61.31 -42.99
CA PHE I 795 61.04 -60.63 -41.81
C PHE I 795 59.90 -61.39 -41.13
N GLY I 796 59.66 -62.64 -41.51
CA GLY I 796 58.65 -63.45 -40.86
C GLY I 796 57.23 -62.95 -41.08
N LYS I 797 56.63 -62.38 -40.05
CA LYS I 797 55.28 -61.81 -40.12
C LYS I 797 55.41 -60.30 -39.91
N GLY I 798 55.46 -59.56 -41.02
CA GLY I 798 55.60 -58.12 -40.96
C GLY I 798 54.68 -57.36 -41.90
N GLU I 799 53.50 -57.93 -42.17
CA GLU I 799 52.55 -57.28 -43.05
C GLU I 799 52.05 -55.97 -42.47
N PHE I 800 51.73 -55.95 -41.17
CA PHE I 800 51.26 -54.74 -40.52
C PHE I 800 52.37 -53.75 -40.23
N ALA I 801 53.63 -54.21 -40.21
CA ALA I 801 54.75 -53.32 -39.90
C ALA I 801 54.87 -52.21 -40.93
N ILE I 802 54.86 -52.56 -42.22
CA ILE I 802 55.00 -51.56 -43.27
C ILE I 802 53.80 -50.62 -43.26
N MET I 803 52.60 -51.16 -43.05
CA MET I 803 51.41 -50.31 -43.01
C MET I 803 51.51 -49.28 -41.88
N ILE I 804 51.86 -49.73 -40.69
CA ILE I 804 51.96 -48.81 -39.55
C ILE I 804 53.08 -47.80 -39.79
N LEU I 805 54.21 -48.26 -40.34
CA LEU I 805 55.34 -47.37 -40.58
C LEU I 805 54.98 -46.27 -41.56
N VAL I 806 54.39 -46.62 -42.70
CA VAL I 806 54.00 -45.60 -43.66
C VAL I 806 52.89 -44.73 -43.09
N ASN I 807 52.04 -45.30 -42.22
CA ASN I 807 51.00 -44.52 -41.56
C ASN I 807 51.62 -43.38 -40.77
N VAL I 808 52.55 -43.70 -39.87
CA VAL I 808 53.14 -42.66 -39.05
C VAL I 808 54.00 -41.73 -39.89
N PHE I 809 54.63 -42.26 -40.95
CA PHE I 809 55.48 -41.43 -41.79
C PHE I 809 54.66 -40.38 -42.53
N LEU I 810 53.50 -40.75 -43.07
CA LEU I 810 52.74 -39.87 -43.95
C LEU I 810 51.61 -39.14 -43.25
N ARG I 811 51.33 -39.44 -41.98
CA ARG I 811 50.22 -38.75 -41.31
C ARG I 811 50.39 -37.24 -41.22
N PRO I 812 51.50 -36.69 -40.72
CA PRO I 812 51.54 -35.22 -40.53
C PRO I 812 51.54 -34.44 -41.83
N SER I 813 52.23 -34.93 -42.85
CA SER I 813 52.18 -34.27 -44.15
C SER I 813 50.77 -34.25 -44.69
N LEU I 814 50.02 -35.34 -44.48
CA LEU I 814 48.65 -35.39 -44.95
C LEU I 814 47.73 -34.49 -44.14
N MET I 815 47.99 -34.35 -42.83
CA MET I 815 47.22 -33.36 -42.07
C MET I 815 47.48 -31.96 -42.58
N ILE I 816 48.72 -31.64 -42.94
CA ILE I 816 48.99 -30.31 -43.50
C ILE I 816 48.31 -30.16 -44.85
N ILE I 817 48.35 -31.22 -45.68
CA ILE I 817 47.60 -31.26 -46.93
C ILE I 817 46.16 -30.83 -46.66
N GLY I 818 45.52 -31.51 -45.70
CA GLY I 818 44.11 -31.25 -45.44
C GLY I 818 43.89 -29.86 -44.89
N TYR I 819 44.77 -29.39 -44.02
CA TYR I 819 44.62 -28.09 -43.41
C TYR I 819 44.65 -26.99 -44.45
N ILE I 820 45.66 -27.00 -45.31
CA ILE I 820 45.79 -25.94 -46.31
C ILE I 820 44.67 -26.04 -47.34
N ALA I 821 44.33 -27.27 -47.75
CA ALA I 821 43.25 -27.44 -48.73
C ALA I 821 41.92 -26.93 -48.18
N ALA I 822 41.65 -27.20 -46.90
CA ALA I 822 40.38 -26.74 -46.33
C ALA I 822 40.40 -25.25 -46.07
N ILE I 823 41.56 -24.67 -45.74
CA ILE I 823 41.64 -23.21 -45.69
C ILE I 823 41.26 -22.63 -47.04
N ALA I 824 41.75 -23.24 -48.12
CA ALA I 824 41.37 -22.80 -49.45
C ALA I 824 39.87 -22.97 -49.69
N LEU I 825 39.31 -24.08 -49.22
CA LEU I 825 37.90 -24.40 -49.51
C LEU I 825 36.92 -23.55 -48.70
N SER I 826 37.35 -22.96 -47.59
CA SER I 826 36.43 -22.16 -46.78
C SER I 826 35.84 -21.00 -47.59
N TYR I 827 36.69 -20.29 -48.33
CA TYR I 827 36.22 -19.15 -49.11
C TYR I 827 35.21 -19.58 -50.17
N VAL I 828 35.51 -20.66 -50.89
CA VAL I 828 34.60 -21.10 -51.93
C VAL I 828 33.30 -21.61 -51.32
N GLY I 829 33.35 -22.15 -50.10
CA GLY I 829 32.12 -22.53 -49.45
C GLY I 829 31.25 -21.34 -49.08
N VAL I 830 31.86 -20.29 -48.52
CA VAL I 830 31.11 -19.09 -48.20
C VAL I 830 30.55 -18.47 -49.47
N TRP I 831 31.28 -18.56 -50.58
CA TRP I 831 30.81 -17.99 -51.84
C TRP I 831 29.67 -18.82 -52.43
N ILE I 832 29.74 -20.14 -52.35
CA ILE I 832 28.59 -20.99 -52.67
C ILE I 832 27.36 -20.49 -51.92
N LEU I 833 27.49 -20.37 -50.60
CA LEU I 833 26.35 -20.03 -49.78
C LEU I 833 25.80 -18.66 -50.12
N ASN I 834 26.68 -17.67 -50.28
CA ASN I 834 26.25 -16.32 -50.57
C ASN I 834 25.60 -16.23 -51.95
N ALA I 835 26.16 -16.91 -52.94
CA ALA I 835 25.62 -16.84 -54.30
C ALA I 835 24.24 -17.46 -54.37
N GLY I 836 24.02 -18.59 -53.70
CA GLY I 836 22.72 -19.22 -53.79
C GLY I 836 21.67 -18.67 -52.85
N PHE I 837 22.10 -18.05 -51.75
CA PHE I 837 21.16 -17.70 -50.69
C PHE I 837 20.12 -16.69 -51.15
N ASP I 838 20.56 -15.57 -51.72
CA ASP I 838 19.64 -14.47 -52.00
C ASP I 838 18.48 -14.91 -52.86
N HIS I 839 18.68 -15.90 -53.72
CA HIS I 839 17.59 -16.43 -54.52
C HIS I 839 16.85 -17.57 -53.84
N ALA I 840 17.53 -18.35 -53.01
CA ALA I 840 16.83 -19.43 -52.32
C ALA I 840 15.81 -18.91 -51.31
N ILE I 841 16.12 -17.82 -50.61
CA ILE I 841 15.24 -17.30 -49.57
C ILE I 841 14.27 -16.27 -50.14
N SER I 842 14.36 -15.96 -51.44
CA SER I 842 13.65 -14.82 -52.00
C SER I 842 12.14 -14.95 -51.81
N TYR I 843 11.55 -16.09 -52.19
CA TYR I 843 10.11 -16.23 -52.11
C TYR I 843 9.61 -16.44 -50.69
N ILE I 844 10.50 -16.80 -49.76
CA ILE I 844 10.12 -16.95 -48.36
C ILE I 844 10.20 -15.63 -47.61
N GLN I 845 10.96 -14.67 -48.12
CA GLN I 845 11.00 -13.34 -47.52
C GLN I 845 9.96 -12.43 -48.16
N GLY I 901 5.88 -11.91 -51.03
CA GLY I 901 5.27 -10.94 -50.15
C GLY I 901 4.61 -11.56 -48.94
N TYR I 902 5.18 -11.30 -47.76
CA TYR I 902 4.67 -11.84 -46.50
C TYR I 902 4.13 -10.71 -45.65
N THR I 903 2.88 -10.84 -45.22
CA THR I 903 2.21 -9.79 -44.47
C THR I 903 2.57 -9.87 -43.00
N GLY I 904 2.50 -8.72 -42.33
CA GLY I 904 2.82 -8.66 -40.91
C GLY I 904 4.29 -8.91 -40.69
N TRP I 905 4.64 -9.20 -39.43
CA TRP I 905 6.00 -9.60 -39.11
C TRP I 905 6.27 -11.06 -39.41
N ALA I 906 5.41 -11.72 -40.20
CA ALA I 906 5.80 -13.00 -40.77
C ALA I 906 7.10 -12.85 -41.56
N GLY I 907 7.24 -11.71 -42.25
CA GLY I 907 8.52 -11.39 -42.87
C GLY I 907 9.64 -11.18 -41.86
N VAL I 908 9.31 -10.62 -40.69
CA VAL I 908 10.32 -10.43 -39.65
C VAL I 908 10.83 -11.78 -39.14
N TYR I 909 9.91 -12.69 -38.87
CA TYR I 909 10.30 -14.03 -38.45
C TYR I 909 11.02 -14.76 -39.58
N ALA I 910 10.63 -14.52 -40.83
CA ALA I 910 11.38 -15.06 -41.96
C ALA I 910 12.81 -14.53 -41.98
N PHE I 911 12.97 -13.24 -41.67
CA PHE I 911 14.29 -12.64 -41.58
C PHE I 911 15.12 -13.32 -40.48
N PHE I 912 14.51 -13.50 -39.31
CA PHE I 912 15.18 -14.20 -38.22
C PHE I 912 15.66 -15.56 -38.69
N PHE I 913 14.76 -16.34 -39.29
CA PHE I 913 15.09 -17.69 -39.71
C PHE I 913 16.15 -17.69 -40.81
N SER I 914 16.09 -16.72 -41.73
CA SER I 914 17.05 -16.69 -42.81
C SER I 914 18.45 -16.41 -42.30
N ILE I 915 18.60 -15.43 -41.41
CA ILE I 915 19.95 -15.15 -40.92
C ILE I 915 20.43 -16.29 -40.03
N LEU I 916 19.53 -16.87 -39.23
CA LEU I 916 19.88 -18.03 -38.42
C LEU I 916 20.40 -19.16 -39.29
N ILE I 917 19.68 -19.49 -40.35
CA ILE I 917 20.08 -20.60 -41.20
C ILE I 917 21.28 -20.23 -42.05
N TYR I 918 21.48 -18.94 -42.32
CA TYR I 918 22.69 -18.52 -43.02
C TYR I 918 23.93 -18.82 -42.20
N THR I 919 23.96 -18.37 -40.96
CA THR I 919 25.13 -18.64 -40.13
C THR I 919 25.21 -20.13 -39.77
N SER I 920 24.06 -20.78 -39.62
CA SER I 920 24.07 -22.22 -39.43
C SER I 920 24.77 -22.93 -40.58
N MET I 921 24.30 -22.68 -41.81
CA MET I 921 24.88 -23.31 -42.98
C MET I 921 26.36 -22.97 -43.10
N TYR I 922 26.72 -21.72 -42.80
CA TYR I 922 28.13 -21.35 -42.73
C TYR I 922 28.88 -22.28 -41.79
N LEU I 923 28.29 -22.57 -40.64
CA LEU I 923 28.94 -23.44 -39.67
C LEU I 923 29.10 -24.87 -40.19
N ILE I 924 28.05 -25.45 -40.78
CA ILE I 924 28.21 -26.82 -41.25
C ILE I 924 29.16 -26.89 -42.44
N ILE I 925 29.16 -25.89 -43.32
CA ILE I 925 30.12 -25.89 -44.41
C ILE I 925 31.53 -25.87 -43.85
N VAL I 926 31.80 -25.00 -42.87
CA VAL I 926 33.14 -24.93 -42.30
C VAL I 926 33.51 -26.26 -41.64
N GLN I 927 32.58 -26.84 -40.88
CA GLN I 927 32.88 -28.07 -40.15
C GLN I 927 33.10 -29.27 -41.06
N LYS I 928 32.28 -29.45 -42.10
CA LYS I 928 32.46 -30.55 -43.04
C LYS I 928 33.54 -30.28 -44.08
N ALA I 929 34.00 -29.04 -44.22
CA ALA I 929 35.18 -28.73 -45.00
C ALA I 929 36.46 -28.94 -44.22
N PHE I 930 36.43 -28.78 -42.90
CA PHE I 930 37.62 -28.93 -42.09
C PHE I 930 37.85 -30.34 -41.63
N THR I 931 37.10 -31.31 -42.18
CA THR I 931 37.26 -32.69 -41.77
C THR I 931 38.36 -33.39 -42.56
N LEU I 932 38.78 -32.80 -43.70
CA LEU I 932 39.79 -33.48 -44.52
C LEU I 932 41.07 -33.74 -43.75
N ILE I 933 41.38 -32.88 -42.78
CA ILE I 933 42.60 -32.98 -41.96
C ILE I 933 42.80 -34.41 -41.48
N ALA I 934 41.74 -35.02 -40.95
CA ALA I 934 41.78 -36.41 -40.51
C ALA I 934 40.94 -37.33 -41.41
N HIS I 935 40.41 -36.82 -42.51
CA HIS I 935 39.60 -37.60 -43.43
C HIS I 935 40.42 -38.16 -44.59
N LEU I 936 41.33 -37.37 -45.14
CA LEU I 936 42.10 -37.81 -46.29
C LEU I 936 43.24 -38.78 -45.94
N PRO I 937 43.96 -38.62 -44.82
CA PRO I 937 45.07 -39.57 -44.57
C PRO I 937 44.61 -41.01 -44.45
N ASP I 938 43.45 -41.27 -43.84
CA ASP I 938 43.00 -42.65 -43.70
C ASP I 938 42.69 -43.27 -45.06
N LYS I 939 42.04 -42.53 -45.96
CA LYS I 939 41.72 -43.10 -47.26
C LYS I 939 42.95 -43.15 -48.17
N VAL I 940 43.92 -42.26 -47.96
CA VAL I 940 45.21 -42.41 -48.65
C VAL I 940 45.89 -43.71 -48.22
N LEU I 941 45.90 -43.97 -46.91
CA LEU I 941 46.42 -45.23 -46.40
C LEU I 941 45.65 -46.42 -46.96
N ARG I 942 44.34 -46.25 -47.16
CA ARG I 942 43.57 -47.28 -47.85
C ARG I 942 44.05 -47.45 -49.28
N TRP I 943 44.39 -46.35 -49.95
CA TRP I 943 44.85 -46.38 -51.33
C TRP I 943 46.14 -47.17 -51.49
N ILE I 944 47.25 -46.69 -50.92
CA ILE I 944 48.50 -47.44 -51.10
C ILE I 944 48.48 -48.73 -50.29
N GLY I 945 48.02 -48.66 -49.04
CA GLY I 945 48.00 -49.83 -48.19
C GLY I 945 47.03 -50.90 -48.66
N LEU J 24 59.21 -69.67 -10.04
CA LEU J 24 58.33 -68.50 -9.98
C LEU J 24 58.52 -67.62 -11.20
N SER J 25 57.53 -67.62 -12.10
CA SER J 25 57.54 -66.80 -13.29
C SER J 25 56.50 -65.68 -13.21
N PHE J 26 55.24 -66.04 -12.97
CA PHE J 26 54.17 -65.05 -12.79
C PHE J 26 53.36 -65.47 -11.57
N ALA J 27 53.58 -64.78 -10.45
CA ALA J 27 52.89 -65.08 -9.20
C ALA J 27 52.45 -63.76 -8.57
N PRO J 28 51.17 -63.41 -8.68
CA PRO J 28 50.71 -62.15 -8.08
C PRO J 28 50.83 -62.20 -6.57
N PRO J 29 51.05 -61.06 -5.92
CA PRO J 29 51.23 -61.05 -4.47
C PRO J 29 49.99 -61.54 -3.74
N ALA J 30 50.15 -61.73 -2.43
CA ALA J 30 49.06 -62.25 -1.61
C ALA J 30 47.97 -61.21 -1.37
N SER J 31 48.36 -59.96 -1.19
CA SER J 31 47.41 -58.92 -0.80
C SER J 31 46.63 -58.35 -1.98
N ASP J 32 46.91 -58.77 -3.20
CA ASP J 32 46.24 -58.21 -4.37
C ASP J 32 44.73 -58.41 -4.26
N LEU J 33 43.98 -57.40 -4.70
CA LEU J 33 42.54 -57.43 -4.59
C LEU J 33 41.86 -58.05 -5.81
N SER J 34 42.58 -58.18 -6.92
CA SER J 34 41.98 -58.71 -8.14
C SER J 34 41.64 -60.18 -7.99
N VAL J 35 42.57 -60.99 -7.46
CA VAL J 35 42.26 -62.39 -7.23
C VAL J 35 41.24 -62.53 -6.11
N VAL J 36 41.23 -61.60 -5.16
CA VAL J 36 40.21 -61.62 -4.10
C VAL J 36 38.83 -61.49 -4.73
N PHE J 37 38.68 -60.54 -5.66
CA PHE J 37 37.39 -60.33 -6.31
C PHE J 37 37.06 -61.48 -7.26
N LEU J 38 38.08 -62.04 -7.91
CA LEU J 38 37.85 -63.19 -8.78
C LEU J 38 37.32 -64.38 -8.00
N GLY J 39 37.90 -64.68 -6.84
CA GLY J 39 37.38 -65.72 -5.99
C GLY J 39 36.08 -65.33 -5.31
N ASN J 40 35.82 -64.03 -5.19
CA ASN J 40 34.56 -63.58 -4.61
C ASN J 40 33.40 -63.82 -5.57
N LEU J 41 33.64 -63.61 -6.86
CA LEU J 41 32.57 -63.75 -7.85
C LEU J 41 32.48 -65.18 -8.39
N PHE J 42 33.61 -65.73 -8.84
CA PHE J 42 33.66 -67.12 -9.31
C PHE J 42 33.50 -68.13 -8.19
N GLY J 43 33.55 -67.70 -6.93
CA GLY J 43 33.40 -68.63 -5.83
C GLY J 43 34.65 -69.44 -5.58
N VAL J 44 34.56 -70.76 -5.72
CA VAL J 44 35.66 -71.67 -5.46
C VAL J 44 36.10 -72.28 -6.79
N VAL J 45 37.38 -72.13 -7.11
CA VAL J 45 37.97 -72.75 -8.28
C VAL J 45 38.99 -73.78 -7.81
N ASP J 46 39.21 -74.79 -8.64
CA ASP J 46 39.98 -75.97 -8.24
C ASP J 46 41.45 -75.59 -8.08
N GLY J 47 41.89 -75.45 -6.83
CA GLY J 47 43.31 -75.36 -6.53
C GLY J 47 44.01 -74.11 -7.01
N VAL J 48 43.27 -73.05 -7.34
CA VAL J 48 43.86 -71.79 -7.77
C VAL J 48 43.54 -70.66 -6.82
N LEU J 49 42.29 -70.55 -6.38
CA LEU J 49 41.87 -69.51 -5.46
C LEU J 49 41.37 -70.13 -4.16
N HIS J 50 41.08 -69.27 -3.19
CA HIS J 50 40.55 -69.69 -1.90
C HIS J 50 39.39 -68.80 -1.50
N GLY J 51 38.54 -68.46 -2.48
CA GLY J 51 37.41 -67.59 -2.20
C GLY J 51 36.31 -68.28 -1.42
N THR J 52 35.44 -67.47 -0.83
CA THR J 52 34.32 -67.96 -0.04
C THR J 52 33.01 -67.29 -0.43
N GLY J 53 32.95 -66.67 -1.61
CA GLY J 53 31.75 -65.99 -2.04
C GLY J 53 30.61 -66.94 -2.37
N SER J 54 29.50 -66.35 -2.80
CA SER J 54 28.33 -67.14 -3.17
C SER J 54 28.67 -68.08 -4.32
N GLN J 55 28.46 -69.38 -4.09
CA GLN J 55 28.82 -70.40 -5.07
C GLN J 55 27.67 -70.71 -6.03
N ILE J 56 26.78 -69.75 -6.27
CA ILE J 56 25.82 -69.91 -7.36
C ILE J 56 26.55 -70.13 -8.67
N MET J 57 27.69 -69.45 -8.83
CA MET J 57 28.53 -69.62 -10.02
C MET J 57 28.94 -71.07 -10.18
N GLY J 58 29.31 -71.72 -9.09
CA GLY J 58 29.79 -73.09 -9.13
C GLY J 58 28.81 -74.06 -9.75
N ASN J 59 27.65 -74.24 -9.11
CA ASN J 59 26.63 -75.11 -9.66
C ASN J 59 26.12 -74.59 -10.99
N MET J 60 26.20 -73.29 -11.22
CA MET J 60 25.64 -72.73 -12.45
C MET J 60 26.47 -73.18 -13.65
N PHE J 61 27.79 -73.01 -13.57
CA PHE J 61 28.67 -73.61 -14.55
C PHE J 61 28.63 -75.13 -14.54
N GLY J 62 28.35 -75.75 -13.39
CA GLY J 62 28.26 -77.21 -13.38
C GLY J 62 27.12 -77.72 -14.23
N VAL J 63 25.94 -77.13 -14.07
CA VAL J 63 24.80 -77.55 -14.88
C VAL J 63 24.98 -77.14 -16.33
N PHE J 64 25.61 -75.97 -16.58
CA PHE J 64 25.89 -75.61 -17.96
C PHE J 64 26.84 -76.61 -18.61
N ASN J 65 27.86 -77.05 -17.86
CA ASN J 65 28.78 -78.07 -18.36
C ASN J 65 28.06 -79.37 -18.64
N SER J 66 27.15 -79.77 -17.75
CA SER J 66 26.40 -81.01 -17.98
C SER J 66 25.55 -80.92 -19.24
N ALA J 67 24.85 -79.79 -19.42
CA ALA J 67 24.01 -79.63 -20.61
C ALA J 67 24.84 -79.61 -21.88
N VAL J 68 25.97 -78.90 -21.86
CA VAL J 68 26.82 -78.85 -23.05
C VAL J 68 27.43 -80.23 -23.30
N LEU J 69 27.71 -80.99 -22.24
CA LEU J 69 28.23 -82.35 -22.42
C LEU J 69 27.21 -83.23 -23.12
N ALA J 70 25.95 -83.16 -22.69
CA ALA J 70 24.91 -83.97 -23.33
C ALA J 70 24.72 -83.57 -24.80
N LEU J 71 24.65 -82.25 -25.05
CA LEU J 71 24.46 -81.80 -26.43
C LEU J 71 25.64 -82.18 -27.30
N GLY J 72 26.86 -82.02 -26.78
CA GLY J 72 28.03 -82.43 -27.52
C GLY J 72 28.09 -83.92 -27.77
N GLY J 73 27.60 -84.72 -26.80
CA GLY J 73 27.52 -86.15 -27.02
C GLY J 73 26.59 -86.49 -28.16
N ILE J 74 25.44 -85.83 -28.21
CA ILE J 74 24.52 -86.03 -29.34
C ILE J 74 25.21 -85.66 -30.65
N ILE J 75 25.91 -84.52 -30.65
CA ILE J 75 26.56 -84.06 -31.88
C ILE J 75 27.65 -85.03 -32.32
N ILE J 76 28.47 -85.50 -31.39
CA ILE J 76 29.58 -86.36 -31.77
C ILE J 76 29.07 -87.73 -32.20
N MET J 77 27.98 -88.22 -31.59
CA MET J 77 27.45 -89.49 -32.07
C MET J 77 26.84 -89.34 -33.46
N TYR J 78 26.21 -88.19 -33.74
CA TYR J 78 25.73 -87.94 -35.10
C TYR J 78 26.87 -87.92 -36.10
N THR J 79 27.97 -87.24 -35.75
CA THR J 79 29.09 -87.17 -36.68
C THR J 79 29.82 -88.51 -36.78
N LEU J 80 29.80 -89.31 -35.72
CA LEU J 80 30.34 -90.67 -35.80
C LEU J 80 29.52 -91.53 -36.75
N MET J 81 28.20 -91.40 -36.70
CA MET J 81 27.37 -92.09 -37.68
C MET J 81 27.67 -91.60 -39.10
N VAL J 82 27.91 -90.30 -39.24
CA VAL J 82 28.28 -89.74 -40.54
C VAL J 82 29.57 -90.37 -41.04
N SER J 83 30.57 -90.46 -40.16
CA SER J 83 31.86 -91.01 -40.55
C SER J 83 31.76 -92.50 -40.89
N THR J 84 30.96 -93.25 -40.13
CA THR J 84 30.79 -94.67 -40.43
C THR J 84 30.06 -94.85 -41.77
N MET J 85 29.07 -94.00 -42.05
CA MET J 85 28.42 -94.05 -43.35
C MET J 85 29.40 -93.74 -44.47
N ASN J 86 30.28 -92.76 -44.25
CA ASN J 86 31.28 -92.42 -45.26
C ASN J 86 32.26 -93.58 -45.49
N THR J 87 32.71 -94.22 -44.41
CA THR J 87 33.64 -95.33 -44.56
C THR J 87 32.97 -96.59 -45.09
N ALA J 88 31.64 -96.67 -45.02
CA ALA J 88 30.94 -97.81 -45.61
C ALA J 88 31.06 -97.79 -47.13
N HIS J 89 31.00 -96.60 -47.73
CA HIS J 89 31.01 -96.49 -49.19
C HIS J 89 32.41 -96.55 -49.77
N GLU J 90 33.45 -96.38 -48.95
CA GLU J 90 34.82 -96.37 -49.43
C GLU J 90 35.51 -97.73 -49.31
N GLY J 91 35.31 -98.43 -48.20
CA GLY J 91 36.00 -99.67 -47.94
C GLY J 91 37.36 -99.53 -47.30
N GLN J 92 37.86 -98.30 -47.16
CA GLN J 92 39.13 -98.05 -46.49
C GLN J 92 38.91 -98.01 -44.99
N MET J 93 39.90 -97.56 -44.24
CA MET J 93 39.80 -97.50 -42.79
C MET J 93 39.32 -96.12 -42.35
N LEU J 94 38.32 -96.11 -41.47
CA LEU J 94 37.84 -94.94 -40.76
C LEU J 94 37.48 -93.76 -41.68
N GLY J 95 37.23 -94.02 -42.96
CA GLY J 95 36.84 -92.96 -43.87
C GLY J 95 37.94 -91.91 -44.03
N GLN J 96 37.51 -90.67 -44.23
CA GLN J 96 38.42 -89.54 -44.40
C GLN J 96 38.17 -88.43 -43.40
N LYS J 97 37.39 -88.69 -42.35
CA LYS J 97 37.12 -87.71 -41.30
C LYS J 97 37.40 -88.30 -39.91
N TRP J 98 38.37 -89.20 -39.82
CA TRP J 98 38.64 -89.92 -38.58
C TRP J 98 40.09 -90.36 -38.57
N SER J 99 40.65 -90.49 -37.37
CA SER J 99 42.06 -90.82 -37.19
C SER J 99 42.20 -92.16 -36.47
N SER J 100 43.30 -92.86 -36.76
CA SER J 100 43.48 -94.21 -36.24
C SER J 100 44.00 -94.20 -34.80
N ILE J 101 45.13 -93.54 -34.56
CA ILE J 101 45.80 -93.63 -33.27
C ILE J 101 45.59 -92.39 -32.41
N TRP J 102 45.48 -91.21 -33.01
CA TRP J 102 45.40 -89.98 -32.23
C TRP J 102 44.01 -89.76 -31.61
N ILE J 103 42.96 -90.25 -32.27
CA ILE J 103 41.60 -89.91 -31.86
C ILE J 103 41.21 -90.54 -30.53
N PRO J 104 41.66 -91.76 -30.15
CA PRO J 104 41.31 -92.23 -28.80
C PRO J 104 41.91 -91.37 -27.71
N LEU J 105 43.19 -91.02 -27.85
CA LEU J 105 43.82 -90.13 -26.87
C LEU J 105 43.12 -88.78 -26.83
N ARG J 106 42.79 -88.23 -28.00
CA ARG J 106 42.10 -86.93 -28.04
C ARG J 106 40.75 -87.01 -27.33
N SER J 107 39.97 -88.05 -27.61
CA SER J 107 38.65 -88.17 -27.01
C SER J 107 38.75 -88.34 -25.50
N THR J 108 39.65 -89.23 -25.04
CA THR J 108 39.74 -89.46 -23.60
C THR J 108 40.26 -88.23 -22.87
N PHE J 109 41.21 -87.51 -23.46
CA PHE J 109 41.73 -86.31 -22.80
C PHE J 109 40.66 -85.23 -22.74
N GLY J 110 39.94 -85.00 -23.85
CA GLY J 110 38.89 -84.01 -23.85
C GLY J 110 37.78 -84.34 -22.87
N LEU J 111 37.40 -85.62 -22.79
CA LEU J 111 36.39 -86.02 -21.82
C LEU J 111 36.89 -85.82 -20.40
N ALA J 112 38.17 -86.12 -20.14
CA ALA J 112 38.73 -85.91 -18.81
C ALA J 112 38.67 -84.43 -18.43
N LEU J 113 39.00 -83.54 -19.36
CA LEU J 113 38.91 -82.11 -19.08
C LEU J 113 37.49 -81.60 -19.03
N LEU J 114 36.50 -82.41 -19.40
CA LEU J 114 35.11 -81.98 -19.43
C LEU J 114 34.31 -82.43 -18.21
N ILE J 115 34.95 -83.07 -17.24
CA ILE J 115 34.27 -83.62 -16.07
C ILE J 115 34.29 -82.56 -14.97
N PRO J 116 33.14 -82.05 -14.54
CA PRO J 116 33.14 -81.10 -13.43
C PRO J 116 33.39 -81.82 -12.11
N LYS J 117 34.19 -81.18 -11.25
CA LYS J 117 34.49 -81.71 -9.93
C LYS J 117 33.34 -81.38 -8.98
N ALA J 118 33.58 -81.56 -7.68
CA ALA J 118 32.56 -81.24 -6.69
C ALA J 118 32.16 -79.77 -6.73
N SER J 119 33.08 -78.90 -7.16
CA SER J 119 32.78 -77.49 -7.31
C SER J 119 32.11 -77.17 -8.65
N GLY J 120 32.05 -78.13 -9.57
CA GLY J 120 31.36 -77.93 -10.82
C GLY J 120 32.11 -77.12 -11.86
N TYR J 121 33.42 -77.30 -11.95
CA TYR J 121 34.24 -76.60 -12.94
C TYR J 121 35.07 -77.60 -13.72
N CYS J 122 35.13 -77.40 -15.03
CA CYS J 122 35.92 -78.27 -15.88
C CYS J 122 37.41 -78.02 -15.67
N MET J 123 38.22 -79.01 -16.07
CA MET J 123 39.67 -78.89 -15.91
C MET J 123 40.21 -77.74 -16.77
N MET J 124 39.74 -77.62 -18.01
CA MET J 124 40.22 -76.52 -18.84
C MET J 124 39.60 -75.19 -18.44
N GLN J 125 38.46 -75.20 -17.75
CA GLN J 125 38.01 -73.97 -17.11
C GLN J 125 38.99 -73.53 -16.02
N VAL J 126 39.52 -74.49 -15.26
CA VAL J 126 40.59 -74.17 -14.32
C VAL J 126 41.83 -73.69 -15.07
N PHE J 127 42.11 -74.27 -16.23
CA PHE J 127 43.22 -73.81 -17.06
C PHE J 127 43.04 -72.34 -17.44
N PHE J 128 41.83 -71.98 -17.89
CA PHE J 128 41.57 -70.60 -18.28
C PHE J 128 41.64 -69.67 -17.09
N MET J 129 41.15 -70.10 -15.92
CA MET J 129 41.27 -69.28 -14.73
C MET J 129 42.74 -69.08 -14.35
N TRP J 130 43.56 -70.13 -14.49
CA TRP J 130 44.98 -70.00 -14.21
C TRP J 130 45.66 -69.06 -15.19
N VAL J 131 45.26 -69.11 -16.47
CA VAL J 131 45.82 -68.18 -17.44
C VAL J 131 45.42 -66.75 -17.11
N ILE J 132 44.19 -66.55 -16.66
CA ILE J 132 43.73 -65.23 -16.25
C ILE J 132 44.57 -64.74 -15.06
N VAL J 133 44.83 -65.62 -14.10
CA VAL J 133 45.63 -65.25 -12.94
C VAL J 133 47.06 -64.93 -13.37
N GLN J 134 47.58 -65.66 -14.34
CA GLN J 134 48.92 -65.38 -14.85
C GLN J 134 48.99 -64.01 -15.52
N GLY J 135 47.96 -63.67 -16.30
CA GLY J 135 47.90 -62.34 -16.88
C GLY J 135 47.79 -61.26 -15.82
N VAL J 136 47.02 -61.53 -14.77
CA VAL J 136 46.91 -60.60 -13.66
C VAL J 136 48.27 -60.41 -12.99
N GLY J 137 49.01 -61.50 -12.81
CA GLY J 137 50.34 -61.40 -12.23
C GLY J 137 51.30 -60.60 -13.10
N ALA J 138 51.22 -60.80 -14.42
CA ALA J 138 52.06 -60.02 -15.33
C ALA J 138 51.71 -58.54 -15.24
N ALA J 139 50.42 -58.22 -15.21
CA ALA J 139 50.00 -56.83 -15.06
C ALA J 139 50.50 -56.25 -13.75
N ASP J 140 50.42 -57.03 -12.67
CA ASP J 140 50.93 -56.59 -11.38
C ASP J 140 52.43 -56.34 -11.43
N LYS J 141 53.16 -57.21 -12.13
CA LYS J 141 54.61 -57.02 -12.25
C LYS J 141 54.93 -55.73 -12.99
N ILE J 142 54.22 -55.45 -14.09
CA ILE J 142 54.45 -54.22 -14.83
C ILE J 142 54.12 -53.00 -13.96
N TRP J 143 52.98 -53.06 -13.28
CA TRP J 143 52.56 -51.93 -12.44
C TRP J 143 53.54 -51.70 -11.31
N GLU J 144 54.03 -52.77 -10.68
CA GLU J 144 54.97 -52.61 -9.58
C GLU J 144 56.34 -52.18 -10.07
N ALA J 145 56.72 -52.54 -11.30
CA ALA J 145 57.94 -51.99 -11.87
C ALA J 145 57.83 -50.49 -12.07
N ALA J 146 56.68 -50.03 -12.59
CA ALA J 146 56.47 -48.60 -12.72
C ALA J 146 56.49 -47.92 -11.35
N LEU J 147 55.87 -48.56 -10.35
CA LEU J 147 55.85 -48.00 -9.01
C LEU J 147 57.25 -47.92 -8.40
N SER J 148 58.06 -48.96 -8.62
CA SER J 148 59.42 -48.96 -8.09
C SER J 148 60.30 -47.96 -8.81
N TYR J 149 59.98 -47.63 -10.06
CA TYR J 149 60.61 -46.46 -10.66
C TYR J 149 60.14 -45.19 -9.97
N LEU J 150 58.85 -45.11 -9.66
CA LEU J 150 58.31 -43.89 -9.07
C LEU J 150 58.92 -43.59 -7.71
N ASN J 151 59.08 -44.61 -6.86
CA ASN J 151 59.57 -44.34 -5.51
C ASN J 151 61.05 -43.98 -5.49
N ARG J 152 61.77 -44.16 -6.59
CA ARG J 152 63.16 -43.76 -6.68
C ARG J 152 63.34 -42.35 -7.22
N GLY J 153 62.34 -41.81 -7.89
CA GLY J 153 62.40 -40.50 -8.50
C GLY J 153 62.05 -40.55 -9.97
N GLY J 154 62.10 -39.36 -10.59
CA GLY J 154 61.82 -39.23 -12.00
C GLY J 154 60.36 -39.48 -12.36
N GLN J 160 54.40 -10.53 0.02
CA GLN J 160 54.34 -9.07 0.10
C GLN J 160 53.52 -8.64 1.31
N ALA J 161 53.98 -7.57 1.98
CA ALA J 161 53.28 -7.04 3.15
C ALA J 161 52.15 -6.14 2.66
N ASP J 162 50.93 -6.67 2.69
CA ASP J 162 49.73 -5.96 2.22
C ASP J 162 48.71 -5.93 3.35
N PRO J 163 48.77 -4.91 4.23
CA PRO J 163 47.74 -4.79 5.27
C PRO J 163 46.33 -4.65 4.69
N THR J 164 46.20 -4.05 3.51
CA THR J 164 44.89 -3.93 2.87
C THR J 164 44.27 -5.30 2.60
N LYS J 165 45.11 -6.33 2.44
CA LYS J 165 44.60 -7.68 2.24
C LYS J 165 43.74 -8.12 3.42
N SER J 166 44.01 -7.59 4.62
CA SER J 166 43.19 -7.94 5.78
C SER J 166 41.73 -7.57 5.56
N LEU J 167 41.46 -6.56 4.73
CA LEU J 167 40.10 -6.19 4.39
C LEU J 167 39.57 -6.89 3.15
N GLN J 168 40.44 -7.52 2.36
CA GLN J 168 39.99 -8.22 1.17
C GLN J 168 39.28 -9.53 1.49
N ALA J 169 39.39 -10.01 2.73
CA ALA J 169 38.74 -11.25 3.16
C ALA J 169 37.37 -11.02 3.77
N ALA J 170 36.88 -9.78 3.76
CA ALA J 170 35.57 -9.47 4.33
C ALA J 170 34.41 -10.03 3.52
N GLY J 171 34.63 -10.37 2.25
CA GLY J 171 33.57 -10.89 1.42
C GLY J 171 33.53 -12.41 1.37
N SER J 172 34.71 -13.03 1.43
CA SER J 172 34.85 -14.48 1.45
C SER J 172 35.37 -14.89 2.81
N SER J 173 34.54 -15.60 3.57
CA SER J 173 34.84 -15.95 4.97
C SER J 173 35.19 -14.68 5.76
N SER J 174 34.17 -13.84 5.90
CA SER J 174 34.30 -12.45 6.33
C SER J 174 35.33 -12.27 7.43
N SER J 175 36.33 -11.42 7.15
CA SER J 175 37.40 -11.15 8.11
C SER J 175 37.79 -9.67 8.12
N GLY J 176 36.90 -8.78 7.70
CA GLY J 176 37.23 -7.37 7.68
C GLY J 176 37.43 -6.80 9.07
N VAL J 177 38.69 -6.53 9.43
CA VAL J 177 38.98 -5.94 10.72
C VAL J 177 38.60 -4.47 10.76
N ALA J 178 38.41 -3.84 9.60
CA ALA J 178 37.92 -2.47 9.58
C ALA J 178 36.52 -2.38 10.17
N LYS J 179 35.70 -3.41 9.96
CA LYS J 179 34.39 -3.44 10.59
C LYS J 179 34.52 -3.47 12.11
N GLY J 180 35.44 -4.28 12.63
CA GLY J 180 35.67 -4.29 14.06
C GLY J 180 36.17 -2.95 14.56
N ALA J 181 37.09 -2.32 13.83
CA ALA J 181 37.60 -1.02 14.25
C ALA J 181 36.49 0.03 14.28
N LEU J 182 35.63 0.03 13.26
CA LEU J 182 34.50 0.95 13.23
C LEU J 182 33.55 0.69 14.40
N THR J 183 33.26 -0.58 14.69
CA THR J 183 32.37 -0.89 15.79
C THR J 183 32.96 -0.43 17.13
N ILE J 184 34.26 -0.67 17.33
CA ILE J 184 34.89 -0.21 18.57
C ILE J 184 34.86 1.30 18.68
N LEU J 185 35.18 2.01 17.58
CA LEU J 185 35.19 3.45 17.65
C LEU J 185 33.80 4.02 17.93
N GLY J 186 32.78 3.45 17.28
CA GLY J 186 31.42 3.89 17.56
C GLY J 186 31.00 3.61 18.99
N GLY J 187 31.32 2.42 19.49
CA GLY J 187 31.00 2.12 20.87
C GLY J 187 31.73 3.01 21.85
N GLN J 188 32.97 3.38 21.53
CA GLN J 188 33.73 4.27 22.39
C GLN J 188 33.13 5.66 22.43
N ILE J 189 32.83 6.24 21.27
CA ILE J 189 32.24 7.58 21.29
C ILE J 189 30.89 7.52 21.98
N CYS J 190 30.14 6.43 21.78
CA CYS J 190 28.85 6.27 22.46
C CYS J 190 29.04 6.25 23.97
N MET J 191 30.00 5.46 24.46
CA MET J 191 30.18 5.33 25.90
C MET J 191 30.65 6.65 26.53
N LEU J 192 31.62 7.32 25.90
CA LEU J 192 32.10 8.58 26.45
C LEU J 192 31.00 9.64 26.45
N GLY J 193 30.24 9.74 25.35
CA GLY J 193 29.15 10.71 25.33
C GLY J 193 28.06 10.38 26.34
N LEU J 194 27.74 9.10 26.49
CA LEU J 194 26.74 8.69 27.47
C LEU J 194 27.20 9.01 28.89
N GLN J 195 28.47 8.76 29.19
CA GLN J 195 29.00 9.08 30.51
C GLN J 195 28.95 10.57 30.76
N LYS J 196 29.33 11.38 29.77
CA LYS J 196 29.29 12.83 29.93
C LYS J 196 27.88 13.33 30.16
N GLN J 197 26.92 12.80 29.39
CA GLN J 197 25.54 13.25 29.54
C GLN J 197 24.95 12.83 30.88
N LEU J 198 25.23 11.60 31.33
CA LEU J 198 24.75 11.18 32.63
C LEU J 198 25.38 12.00 33.74
N GLN J 199 26.67 12.32 33.62
CA GLN J 199 27.31 13.15 34.63
C GLN J 199 26.68 14.53 34.68
N ALA J 200 26.41 15.13 33.51
CA ALA J 200 25.78 16.44 33.50
C ALA J 200 24.38 16.38 34.10
N GLN J 201 23.63 15.33 33.78
CA GLN J 201 22.28 15.18 34.34
C GLN J 201 22.32 15.02 35.84
N ARG J 202 23.28 14.24 36.36
CA ARG J 202 23.37 14.04 37.80
C ARG J 202 23.82 15.32 38.51
N ASP J 203 24.71 16.09 37.89
CA ASP J 203 25.06 17.38 38.48
C ASP J 203 23.87 18.33 38.49
N LEU J 204 23.06 18.32 37.43
CA LEU J 204 21.84 19.12 37.45
C LEU J 204 20.92 18.68 38.57
N TYR J 205 20.73 17.37 38.73
CA TYR J 205 19.87 16.87 39.80
C TYR J 205 20.42 17.27 41.17
N LEU J 206 21.74 17.19 41.35
CA LEU J 206 22.34 17.60 42.62
C LEU J 206 22.12 19.07 42.88
N SER J 207 22.29 19.91 41.87
CA SER J 207 22.01 21.33 42.02
C SER J 207 20.52 21.61 42.17
N GLN J 208 19.67 20.63 41.92
CA GLN J 208 18.23 20.71 42.16
C GLN J 208 17.82 19.80 43.30
N SER J 209 18.61 19.78 44.38
CA SER J 209 18.40 18.82 45.46
C SER J 209 17.07 19.05 46.17
N LYS J 210 16.74 20.31 46.48
CA LYS J 210 15.52 20.59 47.23
C LYS J 210 14.28 20.17 46.44
N SER J 211 14.26 20.49 45.14
CA SER J 211 13.14 20.15 44.28
C SER J 211 13.28 18.72 43.79
N PRO J 212 12.21 18.16 43.22
CA PRO J 212 12.32 16.84 42.59
C PRO J 212 13.30 16.88 41.43
N PRO J 213 13.83 15.71 41.01
CA PRO J 213 13.51 14.36 41.45
C PRO J 213 14.21 13.92 42.73
N CYS J 214 15.44 14.38 42.99
CA CYS J 214 16.16 13.94 44.19
C CYS J 214 15.49 14.41 45.47
N GLY J 215 14.63 15.42 45.41
CA GLY J 215 13.91 15.90 46.56
C GLY J 215 12.51 15.32 46.66
N GLY J 216 11.73 15.90 47.57
CA GLY J 216 10.36 15.45 47.75
C GLY J 216 10.32 14.02 48.24
N ASN J 217 9.57 13.18 47.53
CA ASN J 217 9.40 11.77 47.85
C ASN J 217 9.73 10.94 46.61
N PRO J 218 11.01 10.83 46.27
CA PRO J 218 11.38 10.18 45.02
C PRO J 218 11.09 8.69 45.03
N THR J 219 10.88 8.15 43.83
CA THR J 219 10.77 6.71 43.68
C THR J 219 12.10 6.05 44.05
N PRO J 220 12.08 4.82 44.55
CA PRO J 220 13.32 4.20 45.03
C PRO J 220 14.42 4.14 43.98
N GLU J 221 14.07 3.86 42.71
CA GLU J 221 15.10 3.82 41.68
C GLU J 221 15.62 5.21 41.37
N MET J 222 14.74 6.22 41.40
CA MET J 222 15.21 7.60 41.24
C MET J 222 16.13 8.00 42.37
N ASN J 223 15.80 7.60 43.60
CA ASN J 223 16.69 7.87 44.73
C ASN J 223 18.03 7.19 44.54
N THR J 224 18.02 5.94 44.09
CA THR J 224 19.27 5.22 43.87
C THR J 224 20.12 5.92 42.82
N PHE J 225 19.50 6.36 41.73
CA PHE J 225 20.24 7.10 40.71
C PHE J 225 20.79 8.41 41.27
N CYS J 226 20.00 9.09 42.10
CA CYS J 226 20.45 10.35 42.68
C CYS J 226 21.67 10.14 43.57
N ARG J 227 21.67 9.08 44.38
CA ARG J 227 22.76 8.88 45.33
C ARG J 227 24.03 8.39 44.64
N THR J 228 23.96 7.23 44.00
CA THR J 228 25.15 6.61 43.44
C THR J 228 25.68 7.40 42.25
N ALA J 229 27.00 7.54 42.19
CA ALA J 229 27.64 8.19 41.06
C ALA J 229 27.85 7.20 39.93
N ILE J 230 28.27 7.72 38.78
CA ILE J 230 28.50 6.89 37.60
C ILE J 230 29.99 6.57 37.49
N PRO J 231 30.35 5.33 37.19
CA PRO J 231 31.77 5.00 37.02
C PRO J 231 32.25 5.32 35.62
N ASP J 232 33.57 5.17 35.44
CA ASP J 232 34.17 5.41 34.13
C ASP J 232 33.90 4.20 33.23
N PHE J 233 33.31 4.48 32.06
CA PHE J 233 32.88 3.40 31.18
C PHE J 233 34.04 2.75 30.43
N ILE J 234 35.10 3.52 30.15
CA ILE J 234 36.24 2.98 29.41
C ILE J 234 36.90 1.84 30.17
N SER J 235 37.10 2.03 31.48
CA SER J 235 37.83 1.06 32.28
C SER J 235 37.10 -0.28 32.41
N THR J 236 35.82 -0.34 32.06
CA THR J 236 35.05 -1.57 32.18
C THR J 236 35.26 -2.54 31.04
N VAL J 237 35.95 -2.14 29.97
CA VAL J 237 36.15 -2.97 28.80
C VAL J 237 37.61 -3.39 28.76
N ASN J 238 37.85 -4.70 28.84
CA ASN J 238 39.20 -5.25 28.74
C ASN J 238 39.10 -6.59 28.03
N PHE J 239 39.64 -6.66 26.81
CA PHE J 239 39.46 -7.85 25.99
C PHE J 239 40.21 -9.04 26.57
N VAL J 240 41.42 -8.82 27.09
CA VAL J 240 42.22 -9.94 27.59
C VAL J 240 41.53 -10.63 28.75
N LYS J 241 41.06 -9.84 29.72
CA LYS J 241 40.40 -10.42 30.88
C LYS J 241 39.12 -11.15 30.48
N LYS J 242 38.34 -10.57 29.56
CA LYS J 242 37.11 -11.20 29.11
C LYS J 242 37.40 -12.53 28.43
N GLN J 243 38.35 -12.54 27.49
CA GLN J 243 38.68 -13.78 26.79
C GLN J 243 39.20 -14.82 27.76
N ASN J 244 40.03 -14.41 28.72
CA ASN J 244 40.52 -15.35 29.72
C ASN J 244 39.37 -15.93 30.54
N ASP J 245 38.38 -15.10 30.87
CA ASP J 245 37.22 -15.59 31.59
C ASP J 245 36.45 -16.61 30.77
N ASP J 246 36.26 -16.34 29.48
CA ASP J 246 35.52 -17.29 28.64
C ASP J 246 36.27 -18.60 28.48
N THR J 247 37.57 -18.54 28.24
CA THR J 247 38.33 -19.76 27.95
C THR J 247 38.50 -20.56 29.24
N PRO J 248 38.30 -21.88 29.21
CA PRO J 248 38.62 -22.70 30.38
C PRO J 248 40.10 -22.65 30.69
N LYS J 249 40.41 -22.74 31.98
CA LYS J 249 41.81 -22.68 32.41
C LYS J 249 42.61 -23.85 31.87
N ASP J 250 42.01 -25.03 31.81
CA ASP J 250 42.69 -26.21 31.31
C ASP J 250 43.01 -26.05 29.82
N LEU J 251 44.06 -26.73 29.39
CA LEU J 251 44.56 -26.57 28.03
C LEU J 251 44.14 -27.69 27.08
N THR J 252 43.97 -28.91 27.59
CA THR J 252 43.66 -30.03 26.70
C THR J 252 42.24 -29.94 26.14
N ALA J 253 41.33 -29.28 26.86
CA ALA J 253 39.96 -29.16 26.39
C ALA J 253 39.88 -28.25 25.18
N ASN J 254 38.79 -28.38 24.44
CA ASN J 254 38.60 -27.55 23.24
C ASN J 254 38.24 -26.13 23.63
N GLN J 255 38.99 -25.16 23.09
CA GLN J 255 38.75 -23.77 23.38
C GLN J 255 37.44 -23.31 22.77
N PRO J 256 36.83 -22.27 23.32
CA PRO J 256 35.59 -21.74 22.73
C PRO J 256 35.84 -21.25 21.32
N ALA J 257 34.83 -21.45 20.46
CA ALA J 257 34.93 -21.05 19.06
C ALA J 257 34.61 -19.57 18.84
N SER J 258 33.82 -18.96 19.72
CA SER J 258 33.44 -17.58 19.56
C SER J 258 33.45 -16.89 20.92
N PHE J 259 33.65 -15.57 20.88
CA PHE J 259 33.63 -14.74 22.07
C PHE J 259 32.86 -13.46 21.79
N GLU J 260 32.26 -12.90 22.83
CA GLU J 260 31.53 -11.65 22.72
C GLU J 260 31.98 -10.70 23.82
N LEU J 261 31.83 -9.41 23.56
CA LEU J 261 32.13 -8.38 24.56
C LEU J 261 31.26 -7.17 24.27
N ASP J 262 30.15 -7.05 25.00
CA ASP J 262 29.30 -5.88 24.90
C ASP J 262 29.97 -4.70 25.57
N MET J 263 29.89 -3.53 24.92
CA MET J 263 30.51 -2.32 25.42
C MET J 263 29.43 -1.31 25.79
N PRO J 264 29.39 -0.81 27.02
CA PRO J 264 30.30 -1.08 28.14
C PRO J 264 30.04 -2.42 28.81
N ASN J 265 31.01 -2.95 29.54
CA ASN J 265 30.87 -4.23 30.23
C ASN J 265 30.98 -3.99 31.73
N PHE J 266 29.86 -3.66 32.35
CA PHE J 266 29.79 -3.57 33.81
C PHE J 266 29.55 -4.95 34.39
N ASP J 267 30.20 -5.23 35.52
CA ASP J 267 30.01 -6.52 36.18
C ASP J 267 28.61 -6.60 36.79
N LYS J 268 28.32 -7.75 37.40
CA LYS J 268 26.98 -7.98 37.92
C LYS J 268 26.67 -7.09 39.12
N SER J 269 27.66 -6.84 39.98
CA SER J 269 27.40 -6.11 41.21
C SER J 269 27.04 -4.65 40.94
N SER J 270 27.64 -4.05 39.92
CA SER J 270 27.40 -2.64 39.65
C SER J 270 25.95 -2.42 39.23
N PRO J 271 25.34 -1.31 39.66
CA PRO J 271 23.92 -1.08 39.33
C PRO J 271 23.66 -0.85 37.86
N PHE J 272 24.70 -0.55 37.07
CA PHE J 272 24.53 -0.24 35.65
C PHE J 272 24.62 -1.46 34.76
N TYR J 273 24.27 -2.64 35.26
CA TYR J 273 24.37 -3.85 34.45
C TYR J 273 23.40 -3.81 33.27
N PHE J 274 22.23 -3.19 33.46
CA PHE J 274 21.25 -3.13 32.37
C PHE J 274 21.77 -2.31 31.20
N LEU J 275 22.68 -1.36 31.46
CA LEU J 275 23.25 -0.55 30.39
C LEU J 275 24.19 -1.33 29.49
N ASN J 276 24.56 -2.55 29.87
CA ASN J 276 25.47 -3.34 29.06
C ASN J 276 24.85 -3.67 27.71
N GLY J 277 25.45 -3.17 26.65
CA GLY J 277 24.95 -3.36 25.30
C GLY J 277 24.39 -2.13 24.63
N ILE J 278 24.45 -0.96 25.28
CA ILE J 278 23.98 0.27 24.65
C ILE J 278 24.82 0.59 23.42
N CYS J 279 26.14 0.54 23.56
CA CYS J 279 27.05 0.98 22.51
C CYS J 279 27.53 -0.17 21.64
N GLY J 280 26.70 -1.18 21.44
CA GLY J 280 27.02 -2.26 20.54
C GLY J 280 27.74 -3.41 21.23
N THR J 281 28.13 -4.37 20.39
CA THR J 281 28.84 -5.55 20.84
C THR J 281 29.91 -5.89 19.81
N VAL J 282 31.01 -6.48 20.28
CA VAL J 282 32.11 -6.90 19.42
C VAL J 282 32.31 -8.39 19.60
N LYS J 283 32.47 -9.10 18.49
CA LYS J 283 32.66 -10.55 18.48
C LYS J 283 33.96 -10.89 17.79
N TRP J 284 34.70 -11.83 18.38
CA TRP J 284 35.93 -12.32 17.80
C TRP J 284 36.06 -13.80 18.10
N ASN J 285 36.56 -14.55 17.13
CA ASN J 285 36.71 -15.99 17.27
C ASN J 285 38.12 -16.33 17.72
N ASN J 286 38.23 -17.44 18.47
CA ASN J 286 39.54 -17.97 18.78
C ASN J 286 40.24 -18.45 17.51
N ILE J 287 41.57 -18.48 17.55
CA ILE J 287 42.32 -19.01 16.43
C ILE J 287 42.25 -20.52 16.51
N SER J 288 41.25 -21.10 15.86
CA SER J 288 40.98 -22.53 15.97
C SER J 288 42.09 -23.39 15.35
N ALA J 289 43.01 -22.78 14.60
CA ALA J 289 44.12 -23.55 14.06
C ALA J 289 44.99 -24.11 15.18
N LEU J 290 45.24 -23.32 16.23
CA LEU J 290 45.94 -23.83 17.39
C LEU J 290 45.06 -24.66 18.30
N ASN J 291 43.74 -24.55 18.16
CA ASN J 291 42.82 -25.23 19.08
C ASN J 291 42.97 -26.75 19.03
N SER J 292 43.46 -27.30 17.93
CA SER J 292 43.56 -28.75 17.79
C SER J 292 44.41 -29.34 18.91
N THR J 293 43.92 -30.44 19.48
CA THR J 293 44.62 -31.11 20.57
C THR J 293 45.89 -31.76 20.04
N ASN J 294 47.03 -31.18 20.37
CA ASN J 294 48.34 -31.66 19.95
C ASN J 294 49.32 -31.64 21.12
N GLN J 295 48.90 -32.23 22.24
CA GLN J 295 49.66 -32.23 23.49
C GLN J 295 49.89 -30.80 23.97
N SER J 296 48.78 -30.14 24.32
CA SER J 296 48.79 -28.81 24.89
C SER J 296 48.31 -28.92 26.34
N ASP J 297 49.23 -28.76 27.28
CA ASP J 297 48.91 -28.89 28.70
C ASP J 297 49.98 -28.16 29.50
N ASN J 298 49.83 -28.19 30.82
CA ASN J 298 50.79 -27.58 31.72
C ASN J 298 51.75 -28.60 32.35
N LYS J 299 51.38 -29.88 32.36
CA LYS J 299 52.26 -30.90 32.91
C LYS J 299 53.52 -31.09 32.09
N GLY J 300 53.53 -30.65 30.84
CA GLY J 300 54.70 -30.79 29.99
C GLY J 300 54.92 -29.60 29.09
N LEU J 301 55.71 -29.79 28.04
CA LEU J 301 56.00 -28.74 27.06
C LEU J 301 55.13 -28.97 25.83
N VAL J 302 54.51 -27.90 25.33
CA VAL J 302 53.58 -28.01 24.23
C VAL J 302 54.32 -28.36 22.95
N THR J 303 53.68 -29.17 22.11
CA THR J 303 54.25 -29.60 20.84
C THR J 303 53.37 -29.14 19.70
N VAL J 304 54.01 -28.87 18.56
CA VAL J 304 53.32 -28.45 17.34
C VAL J 304 53.49 -29.55 16.31
N GLY J 305 52.38 -29.89 15.63
CA GLY J 305 52.39 -30.97 14.67
C GLY J 305 53.22 -30.65 13.43
N GLY J 306 53.31 -31.66 12.56
CA GLY J 306 54.09 -31.54 11.35
C GLY J 306 53.84 -32.69 10.39
N ALA J 307 54.90 -33.20 9.78
CA ALA J 307 54.76 -34.35 8.89
C ALA J 307 54.35 -35.59 9.68
N GLY J 308 53.37 -36.31 9.16
CA GLY J 308 52.86 -37.50 9.82
C GLY J 308 51.35 -37.59 9.77
N SER J 309 50.69 -36.45 9.72
CA SER J 309 49.24 -36.35 9.63
C SER J 309 48.89 -34.93 9.20
N ASN J 310 47.62 -34.72 8.89
CA ASN J 310 47.11 -33.41 8.54
C ASN J 310 46.34 -32.84 9.72
N SER J 311 46.75 -31.65 10.18
CA SER J 311 46.12 -30.99 11.30
C SER J 311 46.13 -29.49 11.05
N SER J 312 45.61 -28.72 12.01
CA SER J 312 45.45 -27.28 11.84
C SER J 312 46.63 -26.48 12.39
N MET J 313 47.65 -27.13 12.93
CA MET J 313 48.84 -26.41 13.39
C MET J 313 49.84 -26.29 12.24
N GLY J 314 51.06 -25.88 12.56
CA GLY J 314 52.04 -25.62 11.52
C GLY J 314 52.53 -26.88 10.85
N ALA J 315 53.21 -26.69 9.71
CA ALA J 315 53.73 -27.81 8.93
C ALA J 315 55.00 -28.40 9.53
N ASN J 316 55.65 -27.70 10.45
CA ASN J 316 56.88 -28.17 11.08
C ASN J 316 56.68 -28.30 12.58
N SER J 317 57.42 -29.22 13.19
CA SER J 317 57.33 -29.45 14.62
C SER J 317 58.03 -28.32 15.37
N LEU J 318 57.28 -27.61 16.21
CA LEU J 318 57.80 -26.50 16.99
C LEU J 318 57.53 -26.73 18.47
N ASN J 319 58.45 -26.25 19.30
CA ASN J 319 58.37 -26.41 20.74
C ASN J 319 58.06 -25.06 21.37
N ILE J 320 57.06 -25.03 22.25
CA ILE J 320 56.64 -23.81 22.94
C ILE J 320 56.25 -24.18 24.36
N THR J 321 56.58 -23.31 25.31
CA THR J 321 56.23 -23.52 26.70
C THR J 321 54.77 -23.17 26.92
N SER J 322 54.25 -23.55 28.10
CA SER J 322 52.85 -23.32 28.41
C SER J 322 52.51 -21.83 28.39
N SER J 323 53.39 -21.00 28.92
CA SER J 323 53.15 -19.56 28.91
C SER J 323 53.14 -19.01 27.48
N GLN J 324 54.05 -19.50 26.64
CA GLN J 324 54.10 -19.02 25.26
C GLN J 324 52.83 -19.37 24.51
N LEU J 325 52.35 -20.61 24.67
CA LEU J 325 51.09 -20.96 24.01
C LEU J 325 49.91 -20.23 24.63
N GLN J 326 49.95 -19.97 25.93
CA GLN J 326 48.87 -19.21 26.57
C GLN J 326 48.77 -17.81 25.97
N THR J 327 49.92 -17.13 25.84
CA THR J 327 49.91 -15.82 25.21
C THR J 327 49.57 -15.91 23.72
N ALA J 328 49.87 -17.05 23.09
CA ALA J 328 49.44 -17.26 21.72
C ALA J 328 47.92 -17.34 21.62
N ARG J 329 47.28 -17.92 22.63
CA ARG J 329 45.81 -17.97 22.64
C ARG J 329 45.24 -16.56 22.68
N LEU J 330 45.83 -15.68 23.49
CA LEU J 330 45.33 -14.34 23.70
C LEU J 330 45.84 -13.35 22.66
N SER J 331 46.31 -13.83 21.50
CA SER J 331 46.79 -12.92 20.46
C SER J 331 45.65 -12.05 19.94
N ARG J 332 44.49 -12.64 19.69
CA ARG J 332 43.33 -11.84 19.36
C ARG J 332 43.01 -10.87 20.49
N ALA J 333 43.17 -11.34 21.73
CA ALA J 333 42.82 -10.50 22.88
C ALA J 333 43.68 -9.25 22.94
N ILE J 334 45.01 -9.40 22.91
CA ILE J 334 45.84 -8.21 23.05
C ILE J 334 45.80 -7.37 21.78
N ALA J 335 45.58 -8.01 20.62
CA ALA J 335 45.44 -7.24 19.39
C ALA J 335 44.23 -6.30 19.45
N ILE J 336 43.07 -6.84 19.79
CA ILE J 336 41.88 -6.00 19.86
C ILE J 336 41.94 -5.05 21.04
N GLN J 337 42.63 -5.44 22.13
CA GLN J 337 42.82 -4.52 23.24
C GLN J 337 43.66 -3.32 22.81
N GLN J 338 44.70 -3.54 22.01
CA GLN J 338 45.47 -2.43 21.47
C GLN J 338 44.63 -1.58 20.54
N MET J 339 43.77 -2.22 19.74
CA MET J 339 42.78 -1.49 18.96
C MET J 339 41.98 -0.54 19.84
N TYR J 340 41.44 -1.07 20.93
CA TYR J 340 40.58 -0.28 21.82
C TYR J 340 41.36 0.86 22.45
N VAL J 341 42.57 0.58 22.93
CA VAL J 341 43.33 1.61 23.63
C VAL J 341 43.81 2.69 22.68
N THR J 342 44.15 2.35 21.43
CA THR J 342 44.60 3.38 20.50
C THR J 342 43.42 4.19 19.97
N LEU J 343 42.23 3.59 19.86
CA LEU J 343 41.07 4.36 19.46
C LEU J 343 40.49 5.17 20.61
N SER J 344 40.87 4.86 21.85
CA SER J 344 40.37 5.63 22.98
C SER J 344 40.75 7.09 22.89
N THR J 345 41.99 7.38 22.49
CA THR J 345 42.43 8.77 22.38
C THR J 345 41.65 9.50 21.29
N VAL J 346 41.43 8.84 20.16
CA VAL J 346 40.68 9.47 19.07
C VAL J 346 39.24 9.75 19.51
N ALA J 347 38.61 8.77 20.16
CA ALA J 347 37.24 8.97 20.62
C ALA J 347 37.17 10.09 21.66
N GLN J 348 38.15 10.15 22.56
CA GLN J 348 38.16 11.20 23.57
C GLN J 348 38.30 12.57 22.93
N VAL J 349 39.18 12.70 21.94
CA VAL J 349 39.31 13.97 21.22
C VAL J 349 38.00 14.32 20.55
N MET J 350 37.34 13.33 19.95
CA MET J 350 36.08 13.58 19.25
C MET J 350 35.02 14.10 20.22
N VAL J 351 34.86 13.43 21.37
CA VAL J 351 33.79 13.84 22.29
C VAL J 351 34.11 15.19 22.92
N ASN J 352 35.38 15.42 23.28
CA ASN J 352 35.76 16.73 23.79
C ASN J 352 35.58 17.82 22.75
N ASN J 353 35.60 17.46 21.47
CA ASN J 353 35.42 18.44 20.41
C ASN J 353 33.97 18.92 20.33
N ASP J 354 33.03 18.13 20.85
CA ASP J 354 31.61 18.47 20.71
C ASP J 354 31.27 19.66 21.59
N PRO J 355 30.79 20.78 21.02
CA PRO J 355 30.35 21.90 21.87
C PRO J 355 29.15 21.55 22.73
N ALA J 356 28.31 20.61 22.29
CA ALA J 356 27.14 20.23 23.08
C ALA J 356 27.53 19.59 24.41
N PHE J 357 28.72 18.99 24.49
CA PHE J 357 29.20 18.40 25.73
C PHE J 357 30.03 19.37 26.57
N SER J 358 30.32 20.56 26.05
CA SER J 358 31.06 21.56 26.82
C SER J 358 30.15 22.18 27.87
N THR J 359 30.64 22.22 29.11
CA THR J 359 29.83 22.74 30.21
C THR J 359 29.48 24.21 30.00
N THR J 360 30.45 25.01 29.57
CA THR J 360 30.20 26.42 29.32
C THR J 360 29.62 26.61 27.92
N THR J 361 28.74 27.60 27.81
CA THR J 361 28.11 27.92 26.53
C THR J 361 28.99 28.86 25.72
N SER J 362 28.63 29.03 24.46
CA SER J 362 29.39 29.91 23.57
C SER J 362 29.25 31.36 24.02
N THR J 363 30.38 32.05 24.13
CA THR J 363 30.39 33.45 24.53
C THR J 363 30.56 34.40 23.35
N GLY J 364 30.93 33.89 22.18
CA GLY J 364 31.08 34.69 20.98
C GLY J 364 30.12 34.26 19.88
N ASN J 365 30.33 34.83 18.70
CA ASN J 365 29.53 34.49 17.55
C ASN J 365 29.78 33.04 17.13
N SER J 366 28.79 32.46 16.45
CA SER J 366 28.92 31.10 15.94
C SER J 366 29.96 30.99 14.84
N LYS J 367 30.44 32.11 14.30
CA LYS J 367 31.40 32.07 13.20
C LYS J 367 32.70 31.39 13.62
N ASN J 368 33.18 31.66 14.83
CA ASN J 368 34.41 31.03 15.30
C ASN J 368 34.27 29.52 15.44
N ASP J 369 33.03 29.02 15.55
CA ASP J 369 32.78 27.60 15.58
C ASP J 369 32.61 27.06 14.17
N PHE J 370 32.56 25.73 14.05
CA PHE J 370 32.37 25.08 12.76
C PHE J 370 30.91 24.69 12.55
N SER J 371 30.35 23.90 13.45
CA SER J 371 28.97 23.47 13.37
C SER J 371 28.45 23.22 14.78
N ALA J 372 27.28 22.59 14.87
CA ALA J 372 26.68 22.29 16.16
C ALA J 372 27.19 20.99 16.76
N ILE J 373 28.10 20.29 16.09
CA ILE J 373 28.61 19.01 16.57
C ILE J 373 30.12 19.11 16.79
N ALA J 374 30.78 19.96 16.02
CA ALA J 374 32.23 20.11 16.10
C ALA J 374 32.62 21.57 16.14
N LYS J 375 33.49 21.92 17.08
CA LYS J 375 34.06 23.26 17.11
C LYS J 375 35.25 23.38 16.18
N GLN J 376 36.07 22.33 16.09
CA GLN J 376 37.15 22.24 15.12
C GLN J 376 36.83 21.08 14.17
N GLN J 377 36.82 21.36 12.88
CA GLN J 377 36.43 20.33 11.92
C GLN J 377 37.52 19.28 11.77
N PHE J 378 37.09 18.08 11.37
CA PHE J 378 38.02 16.98 11.18
C PHE J 378 38.78 17.06 9.87
N GLY J 379 38.18 17.63 8.83
CA GLY J 379 38.82 17.71 7.53
C GLY J 379 38.46 16.54 6.64
N VAL J 380 38.99 16.58 5.43
CA VAL J 380 38.72 15.55 4.42
C VAL J 380 40.02 15.15 3.75
N PRO J 381 40.04 13.98 3.11
CA PRO J 381 41.18 13.63 2.27
C PRO J 381 41.36 14.61 1.12
N TYR J 382 42.62 14.81 0.75
CA TYR J 382 43.02 15.73 -0.30
C TYR J 382 43.96 15.01 -1.24
N LYS J 383 43.96 15.42 -2.51
CA LYS J 383 44.86 14.84 -3.49
C LYS J 383 46.31 15.17 -3.13
N SER J 384 47.23 14.53 -3.86
CA SER J 384 48.64 14.82 -3.68
C SER J 384 48.96 16.26 -4.05
N SER J 385 48.12 16.92 -4.83
CA SER J 385 48.28 18.32 -5.20
C SER J 385 47.60 19.27 -4.24
N GLY J 386 46.97 18.77 -3.19
CA GLY J 386 46.31 19.63 -2.22
C GLY J 386 44.96 20.17 -2.65
N GLU J 387 44.37 19.61 -3.69
CA GLU J 387 43.05 20.03 -4.16
C GLU J 387 41.98 19.09 -3.63
N VAL J 388 40.75 19.61 -3.58
CA VAL J 388 39.66 18.91 -2.91
C VAL J 388 39.42 17.56 -3.56
N CYS J 389 39.46 16.51 -2.76
CA CYS J 389 39.24 15.15 -3.22
C CYS J 389 37.79 14.75 -2.97
N THR J 390 37.08 14.39 -4.03
CA THR J 390 35.69 14.00 -3.94
C THR J 390 35.45 12.53 -4.25
N GLU J 391 35.99 12.05 -5.37
CA GLU J 391 35.85 10.66 -5.77
C GLU J 391 37.14 9.91 -5.47
N TYR J 392 37.02 8.74 -4.85
CA TYR J 392 38.20 7.97 -4.48
C TYR J 392 38.97 7.45 -5.69
N GLN J 393 38.33 7.36 -6.85
CA GLN J 393 39.05 6.91 -8.04
C GLN J 393 40.23 7.83 -8.34
N GLN J 394 40.01 9.14 -8.25
CA GLN J 394 41.12 10.07 -8.21
C GLN J 394 41.93 9.82 -6.94
N VAL J 395 43.26 9.75 -7.09
CA VAL J 395 44.10 9.34 -5.98
C VAL J 395 44.18 10.47 -4.97
N CYS J 396 43.74 10.20 -3.74
CA CYS J 396 43.78 11.16 -2.64
C CYS J 396 44.76 10.64 -1.60
N GLN J 397 45.76 11.46 -1.25
CA GLN J 397 46.85 11.03 -0.40
C GLN J 397 46.94 11.82 0.90
N THR J 398 46.87 13.14 0.84
CA THR J 398 47.03 13.95 2.03
C THR J 398 45.69 14.16 2.72
N TRP J 399 45.69 14.98 3.77
CA TRP J 399 44.49 15.26 4.55
C TRP J 399 44.50 16.73 4.93
N GLY J 400 43.36 17.39 4.77
CA GLY J 400 43.35 18.82 4.99
C GLY J 400 42.01 19.35 5.44
N SER J 401 41.92 20.67 5.52
CA SER J 401 40.75 21.35 6.03
C SER J 401 39.77 21.65 4.91
N VAL J 402 38.49 21.37 5.15
CA VAL J 402 37.46 21.71 4.17
C VAL J 402 37.38 23.22 4.03
N PRO J 403 37.35 23.77 2.81
CA PRO J 403 37.34 25.22 2.64
C PRO J 403 36.03 25.90 3.02
N SER J 404 35.03 25.15 3.47
CA SER J 404 33.75 25.73 3.85
C SER J 404 33.95 26.66 5.04
N SER J 405 33.65 27.94 4.84
CA SER J 405 33.85 28.96 5.87
C SER J 405 32.52 29.63 6.14
N THR J 406 31.92 29.33 7.29
CA THR J 406 30.73 30.04 7.76
C THR J 406 31.09 31.32 8.49
N GLY J 407 32.27 31.86 8.24
CA GLY J 407 32.79 33.02 8.92
C GLY J 407 34.26 32.89 9.23
N SER J 408 34.71 31.65 9.44
CA SER J 408 36.11 31.36 9.69
C SER J 408 36.39 29.92 9.28
N THR J 409 37.67 29.62 9.08
CA THR J 409 38.11 28.26 8.75
C THR J 409 38.84 27.70 9.96
N THR J 410 38.23 26.73 10.63
CA THR J 410 38.81 26.15 11.83
C THR J 410 40.01 25.27 11.46
N GLY J 411 40.90 25.10 12.43
CA GLY J 411 42.06 24.24 12.27
C GLY J 411 41.68 22.79 12.50
N VAL J 412 42.09 21.92 11.58
CA VAL J 412 41.74 20.51 11.70
C VAL J 412 42.53 19.88 12.83
N LEU J 413 42.10 18.68 13.23
CA LEU J 413 42.70 17.98 14.36
C LEU J 413 43.55 16.79 13.92
N PHE J 414 42.98 15.89 13.13
CA PHE J 414 43.65 14.65 12.76
C PHE J 414 44.29 14.76 11.38
N ASN J 415 45.27 13.88 11.15
CA ASN J 415 45.90 13.73 9.85
C ASN J 415 45.20 12.68 8.99
N GLY J 416 44.08 12.13 9.46
CA GLY J 416 43.35 11.15 8.72
C GLY J 416 44.00 9.78 8.64
N THR J 417 45.12 9.59 9.32
CA THR J 417 45.83 8.32 9.30
C THR J 417 45.63 7.53 10.59
N GLU J 418 44.75 7.98 11.48
CA GLU J 418 44.59 7.31 12.77
C GLU J 418 43.94 5.94 12.60
N PHE J 419 42.86 5.87 11.83
CA PHE J 419 42.15 4.60 11.65
C PHE J 419 43.04 3.56 10.99
N LEU J 420 43.67 3.94 9.87
CA LEU J 420 44.53 3.00 9.17
C LEU J 420 45.79 2.69 9.97
N GLY J 421 46.28 3.64 10.75
CA GLY J 421 47.41 3.37 11.62
C GLY J 421 47.06 2.34 12.68
N ALA J 422 45.87 2.46 13.25
CA ALA J 422 45.39 1.43 14.17
C ALA J 422 45.27 0.08 13.48
N ILE J 423 44.82 0.08 12.23
CA ILE J 423 44.71 -1.17 11.48
C ILE J 423 46.08 -1.80 11.29
N ASN J 424 47.08 -1.00 10.91
CA ASN J 424 48.44 -1.52 10.79
C ASN J 424 48.99 -1.97 12.13
N ASP J 425 48.65 -1.29 13.22
CA ASP J 425 49.05 -1.75 14.54
C ASP J 425 48.48 -3.13 14.83
N TYR J 426 47.20 -3.32 14.54
CA TYR J 426 46.58 -4.62 14.74
C TYR J 426 47.26 -5.69 13.91
N ASN J 427 47.53 -5.38 12.64
CA ASN J 427 48.16 -6.37 11.77
C ASN J 427 49.58 -6.70 12.23
N GLY J 428 50.33 -5.70 12.66
CA GLY J 428 51.68 -5.96 13.14
C GLY J 428 51.70 -6.76 14.42
N ILE J 429 50.76 -6.48 15.33
CA ILE J 429 50.66 -7.29 16.54
C ILE J 429 50.22 -8.72 16.20
N MET J 430 49.39 -8.88 15.17
CA MET J 430 48.96 -10.21 14.76
C MET J 430 50.07 -10.98 14.06
N MET J 431 51.01 -10.27 13.44
CA MET J 431 52.01 -10.94 12.61
C MET J 431 52.83 -12.00 13.35
N PRO J 432 53.31 -11.79 14.58
CA PRO J 432 54.10 -12.86 15.23
C PRO J 432 53.36 -14.18 15.37
N THR J 433 52.07 -14.15 15.71
CA THR J 433 51.35 -15.40 15.92
C THR J 433 51.16 -16.16 14.60
N LEU J 434 50.76 -15.45 13.55
CA LEU J 434 50.61 -16.11 12.25
C LEU J 434 51.95 -16.56 11.69
N ASN J 435 53.01 -15.80 11.97
CA ASN J 435 54.36 -16.22 11.57
C ASN J 435 54.72 -17.52 12.27
N LEU J 436 54.45 -17.60 13.58
CA LEU J 436 54.72 -18.83 14.32
C LEU J 436 53.92 -20.00 13.78
N ILE J 437 52.65 -19.77 13.44
CA ILE J 437 51.82 -20.88 12.96
C ILE J 437 52.15 -21.27 11.52
N ARG J 438 52.77 -20.38 10.75
CA ARG J 438 53.16 -20.73 9.39
C ARG J 438 54.20 -21.83 9.38
N GLN J 439 55.15 -21.79 10.32
CA GLN J 439 56.21 -22.78 10.37
C GLN J 439 55.67 -24.16 10.76
N SER J 442 60.55 -27.54 1.20
CA SER J 442 59.61 -26.47 1.51
C SER J 442 58.32 -27.03 2.10
N LYS J 443 57.21 -26.35 1.84
CA LYS J 443 55.91 -26.78 2.32
C LYS J 443 54.98 -27.28 1.21
N GLU J 444 55.26 -26.95 -0.04
CA GLU J 444 54.51 -27.51 -1.17
C GLU J 444 54.98 -28.91 -1.53
N PHE J 445 56.16 -29.32 -1.06
CA PHE J 445 56.70 -30.65 -1.33
C PHE J 445 57.13 -31.26 -0.01
N ASP J 446 56.52 -32.41 0.33
CA ASP J 446 56.79 -33.08 1.59
C ASP J 446 57.15 -34.54 1.33
N LYS J 447 57.80 -35.15 2.33
CA LYS J 447 58.29 -36.51 2.17
C LYS J 447 57.15 -37.52 2.02
N LYS J 448 56.00 -37.24 2.65
CA LYS J 448 54.90 -38.19 2.62
C LYS J 448 54.23 -38.31 1.27
N SER J 449 54.57 -37.43 0.31
CA SER J 449 53.88 -37.45 -0.97
C SER J 449 54.01 -38.79 -1.68
N ARG J 450 55.01 -39.60 -1.33
CA ARG J 450 55.21 -40.89 -1.96
C ARG J 450 54.61 -42.05 -1.19
N ASP J 451 54.12 -41.84 0.05
CA ASP J 451 53.81 -42.96 0.92
C ASP J 451 52.78 -43.90 0.32
N PHE J 452 51.99 -43.43 -0.64
CA PHE J 452 50.94 -44.27 -1.21
C PHE J 452 51.50 -45.44 -1.99
N ILE J 453 52.68 -45.30 -2.61
CA ILE J 453 53.13 -46.32 -3.56
C ILE J 453 53.14 -47.70 -2.93
N ALA J 454 53.70 -47.80 -1.73
CA ALA J 454 53.76 -49.10 -1.05
C ALA J 454 52.37 -49.71 -0.92
N GLU J 455 51.42 -48.95 -0.39
CA GLU J 455 50.08 -49.51 -0.21
C GLU J 455 49.42 -49.79 -1.56
N ALA J 456 49.83 -49.07 -2.60
CA ALA J 456 49.34 -49.39 -3.94
C ALA J 456 49.73 -50.79 -4.34
N ASN J 457 50.98 -51.18 -4.05
CA ASN J 457 51.41 -52.53 -4.32
C ASN J 457 50.60 -53.56 -3.56
N ALA J 458 49.95 -53.14 -2.47
CA ALA J 458 49.07 -54.04 -1.74
C ALA J 458 47.73 -54.20 -2.45
N LYS J 459 47.23 -53.13 -3.09
CA LYS J 459 45.88 -53.20 -3.65
C LYS J 459 45.83 -54.02 -4.93
N GLY J 460 46.85 -53.92 -5.76
CA GLY J 460 46.90 -54.66 -7.01
C GLY J 460 46.77 -53.75 -8.21
N TRP J 461 46.72 -54.39 -9.38
CA TRP J 461 46.68 -53.64 -10.64
C TRP J 461 45.32 -53.03 -10.92
N ILE J 462 44.24 -53.63 -10.42
CA ILE J 462 42.91 -53.12 -10.73
C ILE J 462 42.71 -51.72 -10.15
N MET J 463 43.25 -51.47 -8.97
CA MET J 463 43.02 -50.20 -8.30
C MET J 463 44.01 -49.12 -8.73
N ALA J 464 44.76 -49.35 -9.81
CA ALA J 464 45.74 -48.36 -10.24
C ALA J 464 45.08 -47.05 -10.65
N GLY J 465 43.82 -47.10 -11.08
CA GLY J 465 43.15 -45.89 -11.53
C GLY J 465 42.99 -44.86 -10.42
N SER J 466 42.60 -45.31 -9.24
CA SER J 466 42.28 -44.39 -8.14
C SER J 466 43.50 -43.61 -7.66
N TYR J 467 44.71 -44.01 -8.06
CA TYR J 467 45.92 -43.28 -7.69
C TYR J 467 46.27 -42.17 -8.67
N PHE J 468 45.47 -41.98 -9.73
CA PHE J 468 45.85 -41.07 -10.81
C PHE J 468 46.34 -39.73 -10.28
N PHE J 469 45.50 -39.03 -9.50
CA PHE J 469 45.88 -37.69 -9.08
C PHE J 469 47.18 -37.72 -8.29
N ASP J 470 47.34 -38.72 -7.42
CA ASP J 470 48.60 -38.87 -6.71
C ASP J 470 49.76 -38.93 -7.69
N LEU J 471 49.67 -39.83 -8.66
CA LEU J 471 50.73 -39.94 -9.68
C LEU J 471 51.00 -38.58 -10.31
N VAL J 472 49.94 -37.83 -10.61
CA VAL J 472 50.13 -36.53 -11.25
C VAL J 472 50.98 -35.63 -10.36
N LYS J 473 50.61 -35.50 -9.09
CA LYS J 473 51.37 -34.60 -8.23
C LYS J 473 52.75 -35.15 -7.93
N LEU J 474 53.03 -36.40 -8.30
CA LEU J 474 54.40 -36.89 -8.28
C LEU J 474 55.12 -36.55 -9.58
N ASN J 475 54.45 -36.75 -10.72
CA ASN J 475 55.10 -36.53 -12.00
C ASN J 475 55.44 -35.06 -12.19
N GLY J 476 54.70 -34.17 -11.54
CA GLY J 476 55.09 -32.77 -11.52
C GLY J 476 56.41 -32.56 -10.80
N SER J 477 56.55 -33.18 -9.62
CA SER J 477 57.72 -32.94 -8.79
C SER J 477 59.01 -33.36 -9.46
N ALA J 478 58.94 -34.20 -10.49
CA ALA J 478 60.11 -34.60 -11.25
C ALA J 478 60.28 -33.82 -12.55
N THR J 479 59.20 -33.27 -13.11
CA THR J 479 59.28 -32.60 -14.40
C THR J 479 59.26 -31.08 -14.28
N GLU J 480 58.83 -30.54 -13.15
CA GLU J 480 58.79 -29.09 -12.95
C GLU J 480 60.18 -28.48 -13.01
N ASP J 483 53.83 -12.85 5.47
CA ASP J 483 53.24 -12.78 4.13
C ASP J 483 51.72 -12.84 4.21
N GLN J 484 51.20 -13.95 4.73
CA GLN J 484 49.76 -14.12 4.85
C GLN J 484 49.19 -13.19 5.92
N PHE J 485 47.91 -12.90 5.79
CA PHE J 485 47.20 -12.03 6.72
C PHE J 485 45.99 -12.75 7.28
N ASP J 486 45.56 -12.31 8.46
CA ASP J 486 44.54 -13.04 9.20
C ASP J 486 43.22 -13.08 8.44
N THR J 487 42.66 -14.29 8.34
CA THR J 487 41.36 -14.51 7.72
C THR J 487 40.52 -15.37 8.66
N GLY J 488 39.30 -14.94 8.89
CA GLY J 488 38.45 -15.58 9.88
C GLY J 488 38.44 -14.91 11.24
N THR J 489 38.81 -13.63 11.32
CA THR J 489 38.82 -12.95 12.61
C THR J 489 37.42 -12.85 13.20
N GLY J 490 36.40 -12.81 12.36
CA GLY J 490 35.04 -12.72 12.85
C GLY J 490 34.64 -11.35 13.34
N LEU J 491 35.47 -10.33 13.13
CA LEU J 491 35.11 -8.98 13.56
C LEU J 491 33.93 -8.44 12.76
N ASP J 492 33.63 -9.03 11.61
CA ASP J 492 32.43 -8.63 10.86
C ASP J 492 31.17 -9.01 11.62
N LYS J 493 31.22 -10.04 12.46
CA LYS J 493 30.06 -10.42 13.25
C LYS J 493 29.68 -9.36 14.27
N SER J 494 30.58 -8.43 14.58
CA SER J 494 30.28 -7.38 15.54
C SER J 494 29.18 -6.47 15.00
N SER J 495 28.46 -5.83 15.92
CA SER J 495 27.37 -4.95 15.56
C SER J 495 27.43 -3.68 16.41
N PHE J 496 26.88 -2.61 15.87
CA PHE J 496 26.79 -1.34 16.58
C PHE J 496 25.53 -0.62 16.13
N ASP J 497 24.73 -0.16 17.07
CA ASP J 497 23.46 0.48 16.75
C ASP J 497 23.20 1.68 17.65
N PRO J 498 23.26 2.90 17.12
CA PRO J 498 22.92 4.07 17.95
C PRO J 498 21.45 4.17 18.29
N THR J 499 20.57 3.57 17.49
CA THR J 499 19.13 3.67 17.74
C THR J 499 18.76 3.10 19.10
N GLN J 500 19.54 2.13 19.60
CA GLN J 500 19.26 1.56 20.91
C GLN J 500 19.31 2.60 22.01
N LEU J 501 19.99 3.72 21.79
CA LEU J 501 19.98 4.81 22.75
C LEU J 501 18.59 5.41 22.90
N THR J 502 17.89 5.59 21.78
CA THR J 502 16.55 6.18 21.79
C THR J 502 15.46 5.12 21.70
N LYS J 503 15.82 3.84 21.78
CA LYS J 503 14.81 2.78 21.72
C LYS J 503 13.81 2.84 22.87
N PRO J 504 14.21 2.96 24.14
CA PRO J 504 13.21 2.89 25.21
C PRO J 504 12.17 4.00 25.16
N PHE J 505 12.55 5.20 24.69
CA PHE J 505 11.67 6.35 24.82
C PHE J 505 10.41 6.18 23.99
N GLY J 506 9.32 6.75 24.50
CA GLY J 506 8.05 6.69 23.81
C GLY J 506 7.00 7.45 24.59
N LYS J 507 5.73 7.15 24.33
CA LYS J 507 4.66 7.72 25.13
C LYS J 507 4.87 7.42 26.60
N THR J 508 4.88 6.13 26.96
CA THR J 508 5.37 5.66 28.24
C THR J 508 6.48 4.66 27.93
N CYS J 509 7.69 4.98 28.37
CA CYS J 509 8.85 4.19 27.96
C CYS J 509 8.79 2.77 28.52
N GLN J 510 9.33 1.82 27.76
CA GLN J 510 9.21 0.42 28.08
C GLN J 510 10.55 -0.31 28.02
N ASP J 511 10.48 -1.64 28.07
CA ASP J 511 11.67 -2.47 28.10
C ASP J 511 12.46 -2.33 26.79
N PRO J 512 13.76 -2.67 26.81
CA PRO J 512 14.53 -3.25 27.91
C PRO J 512 15.38 -2.27 28.72
N TYR J 513 15.61 -1.04 28.27
CA TYR J 513 16.39 -0.08 29.04
C TYR J 513 15.52 1.06 29.55
N SER J 514 14.33 0.74 30.04
CA SER J 514 13.42 1.77 30.54
C SER J 514 14.00 2.54 31.71
N LEU J 515 15.00 1.98 32.41
CA LEU J 515 15.62 2.69 33.52
C LEU J 515 16.30 3.96 33.04
N LEU J 516 16.90 3.92 31.84
CA LEU J 516 17.48 5.14 31.28
C LEU J 516 16.43 6.21 31.09
N CYS J 517 15.26 5.84 30.54
CA CYS J 517 14.19 6.80 30.36
C CYS J 517 13.70 7.35 31.69
N THR J 518 13.54 6.48 32.69
CA THR J 518 13.09 6.97 33.99
C THR J 518 14.10 7.92 34.60
N TRP J 519 15.39 7.63 34.45
CA TRP J 519 16.43 8.54 34.92
C TRP J 519 16.34 9.88 34.21
N PHE J 520 16.10 9.86 32.90
CA PHE J 520 16.03 11.09 32.12
C PHE J 520 14.64 11.72 32.11
N GLN J 521 13.68 11.11 32.81
CA GLN J 521 12.31 11.60 32.85
C GLN J 521 11.71 11.74 31.45
N ASN J 522 11.87 10.68 30.65
CA ASN J 522 11.26 10.58 29.32
C ASN J 522 11.71 11.71 28.40
N LYS J 523 12.94 12.17 28.54
CA LYS J 523 13.53 13.15 27.65
C LYS J 523 14.70 12.48 26.93
N SER J 524 14.65 12.46 25.60
CA SER J 524 15.65 11.78 24.79
C SER J 524 16.53 12.74 24.00
N ASP J 525 16.45 14.04 24.28
CA ASP J 525 17.25 15.01 23.54
C ASP J 525 18.74 14.83 23.84
N LYS J 526 19.08 14.52 25.09
CA LYS J 526 20.47 14.38 25.47
C LYS J 526 21.13 13.18 24.80
N LEU J 527 20.37 12.16 24.42
CA LEU J 527 20.88 11.08 23.59
C LEU J 527 20.69 11.35 22.11
N ILE J 528 19.75 12.24 21.76
CA ILE J 528 19.66 12.72 20.38
C ILE J 528 20.95 13.45 19.99
N GLN J 529 21.55 14.17 20.93
CA GLN J 529 22.85 14.77 20.67
C GLN J 529 23.90 13.70 20.37
N ILE J 530 23.85 12.58 21.10
CA ILE J 530 24.80 11.50 20.84
C ILE J 530 24.58 10.92 19.45
N GLN J 531 23.31 10.72 19.08
CA GLN J 531 23.02 10.22 17.74
C GLN J 531 23.50 11.18 16.65
N SER J 532 23.35 12.48 16.89
CA SER J 532 23.80 13.47 15.90
C SER J 532 25.31 13.52 15.82
N LEU J 533 26.01 13.30 16.93
CA LEU J 533 27.46 13.15 16.85
C LEU J 533 27.83 11.88 16.11
N ILE J 534 27.02 10.83 16.26
CA ILE J 534 27.33 9.55 15.66
C ILE J 534 27.19 9.62 14.14
N ASP J 535 26.05 10.12 13.65
CA ASP J 535 25.81 10.10 12.21
C ASP J 535 25.14 11.36 11.67
N GLY J 536 25.23 12.47 12.37
CA GLY J 536 24.68 13.73 11.87
C GLY J 536 23.18 13.79 11.78
N VAL J 537 22.47 13.26 12.78
CA VAL J 537 21.01 13.33 12.81
C VAL J 537 20.55 13.64 14.22
N PRO J 538 19.81 14.74 14.44
CA PRO J 538 19.37 15.73 13.46
C PRO J 538 20.06 17.08 13.61
N ALA J 539 21.23 17.16 14.24
CA ALA J 539 21.89 18.43 14.41
C ALA J 539 22.32 19.05 13.08
N LEU J 540 22.50 18.24 12.05
CA LEU J 540 22.84 18.69 10.71
C LEU J 540 21.84 18.19 9.69
N GLY J 541 20.56 18.27 10.04
CA GLY J 541 19.49 17.81 9.16
C GLY J 541 19.19 16.34 9.34
N GLN J 542 18.09 15.92 8.72
CA GLN J 542 17.63 14.54 8.80
C GLN J 542 18.23 13.65 7.72
N ASP J 543 19.13 14.19 6.89
CA ASP J 543 19.72 13.39 5.81
C ASP J 543 20.58 12.27 6.38
N GLY J 544 21.60 12.61 7.16
CA GLY J 544 22.45 11.62 7.77
C GLY J 544 23.46 11.02 6.81
N VAL J 545 24.26 10.12 7.35
CA VAL J 545 25.28 9.39 6.59
C VAL J 545 25.11 7.91 6.86
N LYS J 546 25.11 7.11 5.79
CA LYS J 546 24.93 5.68 5.93
C LYS J 546 26.17 5.04 6.54
N GLN J 547 26.01 3.79 6.98
CA GLN J 547 27.12 3.03 7.53
C GLN J 547 28.18 2.79 6.45
N PRO J 548 29.43 3.16 6.69
CA PRO J 548 30.46 2.97 5.67
C PRO J 548 30.83 1.50 5.53
N ASP J 549 30.49 0.89 4.39
CA ASP J 549 30.84 -0.50 4.16
C ASP J 549 32.36 -0.65 4.15
N LEU J 550 32.87 -1.55 5.00
CA LEU J 550 34.30 -1.72 5.19
C LEU J 550 34.93 -2.68 4.19
N SER J 551 34.28 -2.90 3.06
CA SER J 551 34.83 -3.73 1.99
C SER J 551 35.59 -2.86 1.01
N ASP J 552 36.22 -3.51 0.03
CA ASP J 552 36.98 -2.82 -1.01
C ASP J 552 36.00 -2.16 -1.98
N ASN J 553 35.83 -0.85 -1.86
CA ASN J 553 34.94 -0.09 -2.73
C ASN J 553 35.75 0.94 -3.50
N PRO J 554 36.18 0.63 -4.72
CA PRO J 554 36.94 1.62 -5.51
C PRO J 554 36.18 2.91 -5.77
N GLN J 555 34.86 2.83 -5.93
CA GLN J 555 34.04 4.03 -6.14
C GLN J 555 33.43 4.42 -4.80
N ARG J 556 34.17 5.22 -4.04
CA ARG J 556 33.73 5.72 -2.75
C ARG J 556 33.63 7.23 -2.80
N GLN J 557 32.50 7.76 -2.34
CA GLN J 557 32.25 9.20 -2.37
C GLN J 557 32.63 9.81 -1.03
N SER J 558 33.47 10.85 -1.08
CA SER J 558 33.85 11.56 0.13
C SER J 558 32.68 12.33 0.70
N VAL J 559 32.58 12.37 2.02
CA VAL J 559 31.59 13.21 2.68
C VAL J 559 32.11 14.63 2.73
N SER J 560 31.33 15.57 2.20
CA SER J 560 31.76 16.96 2.07
C SER J 560 30.86 17.86 2.91
N GLY J 561 31.42 18.99 3.31
CA GLY J 561 30.70 19.95 4.12
C GLY J 561 30.69 19.57 5.58
N PRO J 562 29.70 20.07 6.32
CA PRO J 562 29.66 19.77 7.77
C PRO J 562 29.49 18.31 8.07
N LEU J 563 28.92 17.53 7.14
CA LEU J 563 28.76 16.10 7.38
C LEU J 563 30.09 15.38 7.50
N SER J 564 31.18 16.01 7.08
CA SER J 564 32.51 15.44 7.29
C SER J 564 32.92 15.44 8.75
N SER J 565 32.25 16.22 9.60
CA SER J 565 32.62 16.35 11.00
C SER J 565 31.77 15.46 11.90
N THR J 566 31.39 14.28 11.43
CA THR J 566 30.78 13.25 12.24
C THR J 566 31.67 12.02 12.24
N VAL J 567 31.56 11.20 13.28
CA VAL J 567 32.44 10.04 13.40
C VAL J 567 32.19 9.06 12.26
N TYR J 568 30.93 8.91 11.85
CA TYR J 568 30.59 7.97 10.78
C TYR J 568 31.22 8.41 9.46
N GLY J 569 30.99 9.68 9.09
CA GLY J 569 31.62 10.21 7.90
C GLY J 569 33.13 10.28 8.02
N PHE J 570 33.64 10.52 9.23
CA PHE J 570 35.09 10.52 9.42
C PHE J 570 35.67 9.15 9.12
N VAL J 571 35.02 8.08 9.57
CA VAL J 571 35.47 6.73 9.26
C VAL J 571 35.40 6.48 7.76
N ASN J 572 34.29 6.90 7.15
CA ASN J 572 34.14 6.71 5.70
C ASN J 572 35.25 7.42 4.94
N ASN J 573 35.62 8.63 5.36
CA ASN J 573 36.66 9.37 4.67
C ASN J 573 38.04 8.79 4.96
N SER J 574 38.30 8.39 6.20
CA SER J 574 39.60 7.84 6.56
C SER J 574 39.83 6.48 5.94
N MET J 575 38.78 5.78 5.53
CA MET J 575 38.98 4.54 4.80
C MET J 575 39.50 4.77 3.39
N MET J 576 39.57 6.02 2.92
CA MET J 576 39.96 6.31 1.56
C MET J 576 41.41 6.73 1.40
N VAL J 577 42.00 7.37 2.40
CA VAL J 577 43.36 7.89 2.26
C VAL J 577 44.31 6.73 2.02
N GLN J 578 44.93 6.70 0.84
CA GLN J 578 45.86 5.64 0.50
C GLN J 578 47.12 5.77 1.33
N LEU J 579 47.73 4.65 1.63
CA LEU J 579 48.95 4.70 2.41
C LEU J 579 50.16 4.43 1.52
N PRO J 580 51.31 5.04 1.83
CA PRO J 580 52.51 4.80 1.01
C PRO J 580 53.00 3.37 1.05
N GLY J 581 52.61 2.59 2.06
CA GLY J 581 53.06 1.22 2.18
C GLY J 581 52.67 0.33 1.01
N GLN J 582 51.38 0.06 0.86
CA GLN J 582 50.91 -0.76 -0.24
C GLN J 582 49.45 -0.44 -0.57
N PRO J 583 49.19 0.33 -1.61
CA PRO J 583 47.79 0.56 -2.02
C PRO J 583 47.16 -0.69 -2.59
N GLY J 584 46.25 -1.31 -1.85
CA GLY J 584 45.63 -2.55 -2.24
C GLY J 584 44.38 -2.43 -3.06
N ILE J 585 43.99 -1.21 -3.44
CA ILE J 585 42.76 -0.98 -4.19
C ILE J 585 43.11 -0.74 -5.65
N LYS J 586 42.52 -1.55 -6.53
CA LYS J 586 42.59 -1.32 -7.97
C LYS J 586 41.22 -0.91 -8.46
N PRO J 587 41.04 0.30 -8.99
CA PRO J 587 39.71 0.70 -9.45
C PRO J 587 39.19 -0.24 -10.52
N LEU J 588 37.89 -0.51 -10.46
CA LEU J 588 37.28 -1.46 -11.37
C LEU J 588 37.47 -1.01 -12.82
N THR J 589 37.95 -1.93 -13.65
CA THR J 589 38.16 -1.65 -15.06
C THR J 589 36.87 -1.80 -15.88
N PHE J 590 35.71 -1.76 -15.23
CA PHE J 590 34.44 -1.96 -15.90
C PHE J 590 33.48 -0.78 -15.72
N ALA J 591 33.95 0.33 -15.14
CA ALA J 591 33.14 1.53 -15.11
C ALA J 591 32.99 2.08 -16.54
N ASN J 592 31.97 2.93 -16.70
CA ASN J 592 31.59 3.53 -17.99
C ASN J 592 31.38 2.48 -19.08
N LEU J 593 31.26 1.21 -18.70
CA LEU J 593 30.85 0.13 -19.58
C LEU J 593 29.45 -0.37 -19.27
N ILE J 594 29.14 -0.53 -17.98
CA ILE J 594 27.77 -0.71 -17.52
C ILE J 594 27.37 0.62 -16.88
N ASN J 595 26.62 1.42 -17.62
CA ASN J 595 26.19 2.73 -17.15
C ASN J 595 24.80 2.61 -16.54
N PHE J 596 24.64 3.10 -15.31
CA PHE J 596 23.38 3.01 -14.58
C PHE J 596 22.97 4.42 -14.18
N LYS J 597 22.12 5.03 -15.00
CA LYS J 597 21.62 6.38 -14.74
C LYS J 597 20.26 6.25 -14.06
N VAL J 598 20.30 5.87 -12.79
CA VAL J 598 19.11 5.78 -11.95
C VAL J 598 19.11 7.00 -11.04
N ASP J 599 18.20 7.93 -11.32
CA ASP J 599 18.14 9.20 -10.61
C ASP J 599 16.93 9.19 -9.68
N THR J 600 17.18 9.40 -8.39
CA THR J 600 16.12 9.48 -7.41
C THR J 600 15.59 10.90 -7.30
N SER J 601 15.27 11.51 -8.43
CA SER J 601 14.76 12.87 -8.46
C SER J 601 13.39 12.97 -9.09
N LEU J 602 13.06 12.08 -10.03
CA LEU J 602 11.72 12.04 -10.58
C LEU J 602 10.70 11.73 -9.49
N TYR J 603 11.00 10.74 -8.65
CA TYR J 603 10.06 10.24 -7.65
C TYR J 603 10.27 10.92 -6.30
N TYR J 604 10.27 12.25 -6.29
CA TYR J 604 10.53 13.02 -5.08
C TYR J 604 9.27 13.75 -4.67
N MET J 605 8.78 13.48 -3.47
CA MET J 605 7.59 14.15 -2.97
C MET J 605 7.96 15.54 -2.48
N LYS J 606 7.27 16.55 -2.99
CA LYS J 606 7.70 17.93 -2.83
C LYS J 606 6.80 18.68 -1.84
N HIS J 607 7.23 19.88 -1.48
CA HIS J 607 6.49 20.74 -0.58
C HIS J 607 5.25 21.29 -1.29
N GLN J 608 4.24 21.62 -0.48
CA GLN J 608 3.00 22.21 -0.98
C GLN J 608 2.45 23.25 -0.01
N ASP J 609 2.27 24.48 -0.48
CA ASP J 609 1.64 25.51 0.32
C ASP J 609 0.13 25.36 0.20
N PHE J 610 -0.50 24.88 1.27
CA PHE J 610 -1.94 24.66 1.25
C PHE J 610 -2.69 25.94 1.55
N ASP J 611 -3.99 25.93 1.23
CA ASP J 611 -4.84 27.07 1.50
C ASP J 611 -5.04 27.23 3.00
N CYS J 612 -4.65 28.38 3.54
CA CYS J 612 -4.86 28.70 4.95
C CYS J 612 -6.34 29.05 5.11
N GLY J 613 -7.16 28.02 5.34
CA GLY J 613 -8.57 28.23 5.53
C GLY J 613 -8.86 28.59 6.97
N ARG J 614 -9.01 29.88 7.24
CA ARG J 614 -9.05 30.37 8.60
C ARG J 614 -10.38 30.04 9.25
N VAL J 615 -10.32 29.44 10.43
CA VAL J 615 -11.47 29.26 11.30
C VAL J 615 -11.26 30.14 12.53
N LYS J 616 -12.34 30.79 12.96
CA LYS J 616 -12.31 31.72 14.08
C LYS J 616 -13.13 31.12 15.22
N ILE J 617 -12.45 30.69 16.27
CA ILE J 617 -13.13 30.22 17.49
C ILE J 617 -13.34 31.46 18.35
N LEU J 618 -14.36 32.23 17.96
CA LEU J 618 -15.13 33.21 18.73
C LEU J 618 -14.37 34.45 19.21
N PHE J 619 -13.04 34.35 19.36
CA PHE J 619 -12.12 35.47 19.20
C PHE J 619 -10.80 35.03 18.60
N PHE J 620 -10.57 33.74 18.39
CA PHE J 620 -9.28 33.22 17.97
C PHE J 620 -9.30 32.94 16.47
N SER J 621 -8.19 33.25 15.80
CA SER J 621 -8.12 33.07 14.35
C SER J 621 -6.97 32.13 14.02
N PHE J 622 -7.26 31.04 13.34
CA PHE J 622 -6.21 30.13 12.92
C PHE J 622 -6.77 29.21 11.84
N CYS J 623 -5.94 28.89 10.85
CA CYS J 623 -6.37 27.99 9.77
C CYS J 623 -5.94 26.58 10.11
N LEU J 624 -6.90 25.74 10.52
CA LEU J 624 -6.61 24.34 10.79
C LEU J 624 -6.36 23.57 9.50
N GLY J 625 -6.90 24.06 8.38
CA GLY J 625 -6.69 23.37 7.12
C GLY J 625 -5.22 23.34 6.73
N ARG J 626 -4.54 24.48 6.85
CA ARG J 626 -3.12 24.53 6.51
C ARG J 626 -2.31 23.63 7.44
N MET J 627 -2.63 23.65 8.74
CA MET J 627 -1.88 22.84 9.69
C MET J 627 -2.09 21.35 9.42
N MET J 628 -3.33 20.93 9.17
CA MET J 628 -3.58 19.54 8.80
C MET J 628 -2.83 19.17 7.53
N GLY J 629 -2.87 20.02 6.51
CA GLY J 629 -2.25 19.70 5.25
C GLY J 629 -0.74 19.57 5.37
N ASP J 630 -0.10 20.54 6.03
CA ASP J 630 1.36 20.54 6.13
C ASP J 630 1.88 19.68 7.27
N LEU J 631 1.00 19.09 8.08
CA LEU J 631 1.43 18.13 9.08
C LEU J 631 1.24 16.68 8.62
N PHE J 632 0.09 16.36 8.04
CA PHE J 632 -0.14 14.99 7.60
C PHE J 632 0.60 14.66 6.32
N TYR J 633 0.76 15.65 5.44
CA TYR J 633 1.39 15.43 4.14
C TYR J 633 2.82 15.99 4.07
N ASN J 634 3.01 17.27 4.42
CA ASN J 634 4.32 17.87 4.29
C ASN J 634 5.32 17.32 5.29
N TYR J 635 4.86 16.74 6.39
CA TYR J 635 5.76 16.29 7.44
C TYR J 635 5.63 14.82 7.81
N VAL J 636 4.53 14.15 7.46
CA VAL J 636 4.39 12.73 7.78
C VAL J 636 4.58 11.92 6.51
N PHE J 637 3.75 12.17 5.50
CA PHE J 637 3.89 11.46 4.23
C PHE J 637 5.22 11.77 3.57
N ARG J 638 5.59 13.06 3.54
CA ARG J 638 6.84 13.46 2.91
C ARG J 638 8.04 12.84 3.61
N TYR J 639 8.03 12.83 4.95
CA TYR J 639 9.16 12.26 5.67
C TYR J 639 9.32 10.79 5.32
N VAL J 640 8.24 10.02 5.40
CA VAL J 640 8.32 8.57 5.18
C VAL J 640 8.78 8.29 3.75
N TYR J 641 8.20 9.02 2.80
CA TYR J 641 8.53 8.81 1.40
C TYR J 641 10.00 9.11 1.13
N ASN J 642 10.49 10.23 1.67
CA ASN J 642 11.89 10.59 1.47
C ASN J 642 12.82 9.61 2.18
N PHE J 643 12.40 9.11 3.34
CA PHE J 643 13.17 8.10 4.06
C PHE J 643 13.36 6.85 3.22
N PHE J 644 12.26 6.32 2.69
CA PHE J 644 12.35 5.16 1.81
C PHE J 644 13.20 5.47 0.60
N LEU J 645 13.04 6.67 0.03
CA LEU J 645 13.78 7.04 -1.16
C LEU J 645 15.29 7.05 -0.92
N ALA J 646 15.71 7.61 0.22
CA ALA J 646 17.15 7.67 0.51
C ALA J 646 17.71 6.28 0.79
N ILE J 647 16.97 5.46 1.54
CA ILE J 647 17.43 4.10 1.78
C ILE J 647 17.58 3.37 0.45
N PHE J 648 16.70 3.66 -0.50
CA PHE J 648 16.82 3.10 -1.84
C PHE J 648 18.02 3.69 -2.59
N GLY J 649 18.28 4.98 -2.36
CA GLY J 649 19.29 5.73 -3.08
C GLY J 649 20.72 5.30 -2.80
N GLU J 650 21.01 4.91 -1.57
CA GLU J 650 22.30 4.28 -1.32
C GLU J 650 22.32 2.83 -1.83
N MET J 651 21.18 2.15 -1.74
CA MET J 651 21.13 0.74 -2.10
C MET J 651 21.38 0.55 -3.59
N ILE J 652 20.92 1.47 -4.43
CA ILE J 652 21.19 1.32 -5.86
C ILE J 652 22.69 1.30 -6.13
N ASN J 653 23.42 2.27 -5.57
CA ASN J 653 24.86 2.29 -5.76
C ASN J 653 25.48 0.98 -5.30
N SER J 654 25.18 0.56 -4.07
CA SER J 654 25.82 -0.63 -3.55
C SER J 654 25.48 -1.88 -4.37
N ILE J 655 24.19 -2.08 -4.64
CA ILE J 655 23.72 -3.29 -5.31
C ILE J 655 24.24 -3.35 -6.74
N VAL J 656 24.17 -2.23 -7.47
CA VAL J 656 24.63 -2.24 -8.85
C VAL J 656 26.13 -2.44 -8.91
N MET J 657 26.88 -1.82 -7.98
CA MET J 657 28.32 -2.05 -7.93
C MET J 657 28.61 -3.53 -7.74
N ALA J 658 27.89 -4.17 -6.81
CA ALA J 658 28.13 -5.60 -6.57
C ALA J 658 27.77 -6.44 -7.78
N PHE J 659 26.62 -6.15 -8.40
CA PHE J 659 26.20 -6.93 -9.57
C PHE J 659 27.17 -6.80 -10.73
N LEU J 660 27.79 -5.62 -10.88
CA LEU J 660 28.75 -5.43 -11.97
C LEU J 660 30.13 -5.96 -11.61
N MET J 661 30.47 -6.02 -10.32
CA MET J 661 31.83 -6.34 -9.90
C MET J 661 32.04 -7.80 -9.54
N ILE J 662 31.02 -8.51 -9.08
CA ILE J 662 31.25 -9.87 -8.61
C ILE J 662 31.64 -10.75 -9.79
N PRO J 663 30.74 -11.02 -10.74
CA PRO J 663 31.05 -12.09 -11.70
C PRO J 663 32.14 -11.71 -12.68
N LEU J 664 32.04 -10.52 -13.27
CA LEU J 664 32.94 -10.15 -14.36
C LEU J 664 34.36 -9.93 -13.84
N GLN J 665 34.50 -9.13 -12.77
CA GLN J 665 35.82 -8.92 -12.19
C GLN J 665 36.38 -10.21 -11.62
N GLY J 666 35.54 -11.04 -10.99
CA GLY J 666 36.03 -12.31 -10.49
C GLY J 666 36.58 -13.18 -11.59
N MET J 667 35.84 -13.30 -12.69
CA MET J 667 36.30 -14.08 -13.84
C MET J 667 37.61 -13.54 -14.37
N LYS J 668 37.69 -12.23 -14.59
CA LYS J 668 38.89 -11.64 -15.16
C LYS J 668 40.10 -11.89 -14.26
N ASP J 669 39.96 -11.59 -12.97
CA ASP J 669 41.09 -11.76 -12.05
C ASP J 669 41.50 -13.21 -11.91
N ILE J 670 40.53 -14.13 -11.85
CA ILE J 670 40.87 -15.52 -11.65
C ILE J 670 41.59 -16.08 -12.86
N PHE J 671 41.14 -15.75 -14.07
CA PHE J 671 41.87 -16.24 -15.24
C PHE J 671 43.20 -15.52 -15.44
N ILE J 672 43.31 -14.26 -15.00
CA ILE J 672 44.61 -13.61 -15.02
C ILE J 672 45.58 -14.35 -14.11
N VAL J 673 45.13 -14.73 -12.91
CA VAL J 673 45.96 -15.48 -11.99
C VAL J 673 46.33 -16.84 -12.59
N GLY J 674 45.36 -17.51 -13.21
CA GLY J 674 45.64 -18.80 -13.82
C GLY J 674 46.66 -18.71 -14.94
N VAL J 675 46.53 -17.69 -15.79
CA VAL J 675 47.50 -17.49 -16.87
C VAL J 675 48.87 -17.19 -16.27
N GLN J 676 48.92 -16.37 -15.21
CA GLN J 676 50.19 -16.04 -14.59
C GLN J 676 50.88 -17.27 -14.03
N THR J 677 50.12 -18.15 -13.36
CA THR J 677 50.73 -19.35 -12.79
C THR J 677 51.01 -20.42 -13.84
N LEU J 678 50.34 -20.37 -14.99
CA LEU J 678 50.67 -21.30 -16.06
C LEU J 678 51.89 -20.87 -16.86
N THR J 679 52.09 -19.57 -17.04
CA THR J 679 53.14 -19.07 -17.91
C THR J 679 54.54 -19.32 -17.38
N GLN J 680 54.68 -19.75 -16.12
CA GLN J 680 55.99 -20.03 -15.56
C GLN J 680 56.33 -21.49 -15.75
N PRO J 681 57.36 -21.84 -16.52
CA PRO J 681 57.79 -23.24 -16.59
C PRO J 681 58.20 -23.73 -15.21
N GLY J 682 57.91 -25.00 -14.95
CA GLY J 682 58.11 -25.56 -13.63
C GLY J 682 56.89 -25.50 -12.74
N ILE J 683 55.71 -25.24 -13.30
CA ILE J 683 54.45 -25.28 -12.58
C ILE J 683 53.59 -26.37 -13.20
N ASN J 684 53.09 -27.27 -12.37
CA ASN J 684 52.34 -28.41 -12.88
C ASN J 684 51.03 -27.93 -13.49
N PRO J 685 50.72 -28.29 -14.74
CA PRO J 685 49.51 -27.74 -15.38
C PRO J 685 48.23 -28.31 -14.79
N ILE J 686 48.19 -29.60 -14.49
CA ILE J 686 46.96 -30.22 -14.00
C ILE J 686 46.56 -29.60 -12.66
N VAL J 687 47.50 -29.53 -11.72
CA VAL J 687 47.18 -28.99 -10.40
C VAL J 687 46.91 -27.49 -10.49
N ALA J 688 47.62 -26.77 -11.37
CA ALA J 688 47.34 -25.36 -11.54
C ALA J 688 45.93 -25.12 -12.04
N LEU J 689 45.49 -25.90 -13.02
CA LEU J 689 44.13 -25.77 -13.53
C LEU J 689 43.10 -26.16 -12.47
N ALA J 690 43.39 -27.21 -11.70
CA ALA J 690 42.48 -27.60 -10.62
C ALA J 690 42.39 -26.49 -9.58
N ASN J 691 43.52 -25.87 -9.24
CA ASN J 691 43.51 -24.77 -8.29
C ASN J 691 42.72 -23.58 -8.83
N MET J 692 42.86 -23.30 -10.13
CA MET J 692 42.07 -22.23 -10.74
C MET J 692 40.58 -22.54 -10.65
N GLY J 693 40.19 -23.78 -10.92
CA GLY J 693 38.79 -24.16 -10.79
C GLY J 693 38.29 -24.04 -9.36
N THR J 694 39.12 -24.44 -8.39
CA THR J 694 38.75 -24.30 -6.99
C THR J 694 38.57 -22.84 -6.61
N MET J 695 39.46 -21.97 -7.11
CA MET J 695 39.28 -20.54 -6.90
C MET J 695 37.95 -20.07 -7.49
N TYR J 696 37.60 -20.59 -8.66
CA TYR J 696 36.33 -20.19 -9.29
C TYR J 696 35.13 -20.63 -8.46
N ILE J 697 35.15 -21.85 -7.94
CA ILE J 697 34.03 -22.33 -7.15
C ILE J 697 33.97 -21.60 -5.81
N ASN J 698 35.12 -21.45 -5.14
CA ASN J 698 35.14 -20.93 -3.78
C ASN J 698 34.98 -19.42 -3.77
N PHE J 699 35.91 -18.70 -4.39
CA PHE J 699 35.96 -17.25 -4.25
C PHE J 699 34.72 -16.58 -4.81
N SER J 700 34.04 -17.23 -5.75
CA SER J 700 32.90 -16.61 -6.40
C SER J 700 31.55 -17.15 -5.93
N GLY J 701 31.50 -18.40 -5.47
CA GLY J 701 30.27 -18.90 -4.87
C GLY J 701 29.88 -18.12 -3.63
N THR J 702 30.86 -17.83 -2.77
CA THR J 702 30.58 -17.00 -1.60
C THR J 702 30.16 -15.60 -2.00
N LEU J 703 30.69 -15.07 -3.10
CA LEU J 703 30.24 -13.76 -3.56
C LEU J 703 28.81 -13.82 -4.09
N TRP J 704 28.43 -14.92 -4.72
CA TRP J 704 27.01 -15.12 -5.05
C TRP J 704 26.16 -15.16 -3.78
N LEU J 705 26.69 -15.77 -2.72
CA LEU J 705 25.96 -15.81 -1.46
C LEU J 705 25.73 -14.41 -0.90
N THR J 706 26.79 -13.59 -0.86
CA THR J 706 26.61 -12.21 -0.42
C THR J 706 25.70 -11.45 -1.37
N LEU J 707 25.70 -11.81 -2.64
CA LEU J 707 24.79 -11.21 -3.60
C LEU J 707 23.34 -11.49 -3.21
N LEU J 708 23.04 -12.75 -2.88
CA LEU J 708 21.71 -13.09 -2.40
C LEU J 708 21.39 -12.35 -1.11
N ASN J 709 22.34 -12.30 -0.18
CA ASN J 709 22.11 -11.65 1.10
C ASN J 709 21.78 -10.18 0.92
N MET J 710 22.49 -9.48 0.04
CA MET J 710 22.21 -8.08 -0.21
C MET J 710 20.96 -7.89 -1.05
N ALA J 711 20.57 -8.89 -1.85
CA ALA J 711 19.28 -8.82 -2.52
C ALA J 711 18.14 -8.88 -1.50
N VAL J 713 18.25 -9.76 -0.51
CA VAL J 713 17.21 -9.86 0.51
C VAL J 713 17.21 -8.63 1.41
N SER J 714 18.41 -8.16 1.79
CA SER J 714 18.53 -7.11 2.79
C SER J 714 18.00 -5.76 2.31
N SER J 715 17.74 -5.60 1.02
CA SER J 715 17.29 -4.31 0.49
C SER J 715 15.77 -4.25 0.37
N LEU J 716 15.05 -4.45 1.47
CA LEU J 716 13.59 -4.58 1.45
C LEU J 716 12.88 -3.28 1.83
N ILE J 717 13.39 -2.14 1.40
CA ILE J 717 12.72 -0.87 1.68
C ILE J 717 11.31 -0.90 1.10
N PRO J 718 10.29 -0.54 1.85
CA PRO J 718 8.92 -0.57 1.32
C PRO J 718 8.73 0.44 0.20
N LEU J 719 7.86 0.08 -0.75
CA LEU J 719 7.44 0.93 -1.86
C LEU J 719 8.55 1.11 -2.89
N PHE J 720 9.74 0.59 -2.60
CA PHE J 720 10.86 0.71 -3.51
C PHE J 720 11.70 -0.55 -3.60
N GLY J 721 11.34 -1.61 -2.87
CA GLY J 721 12.01 -2.89 -3.04
C GLY J 721 11.63 -3.58 -4.32
N ILE J 722 10.67 -3.01 -5.06
CA ILE J 722 10.32 -3.53 -6.38
C ILE J 722 11.50 -3.41 -7.33
N PHE J 723 12.42 -2.47 -7.08
CA PHE J 723 13.59 -2.32 -7.92
C PHE J 723 14.50 -3.55 -7.82
N ILE J 724 14.70 -4.06 -6.62
CA ILE J 724 15.60 -5.20 -6.43
C ILE J 724 14.88 -6.48 -6.83
N PHE J 725 13.66 -6.35 -7.35
CA PHE J 725 12.97 -7.40 -8.08
C PHE J 725 13.15 -7.27 -9.59
N ALA J 726 12.94 -6.07 -10.11
CA ALA J 726 13.15 -5.83 -11.53
C ALA J 726 14.59 -6.16 -11.92
N LEU J 727 15.54 -5.75 -11.09
CA LEU J 727 16.94 -6.01 -11.40
C LEU J 727 17.24 -7.51 -11.34
N ILE J 728 16.82 -8.18 -10.27
CA ILE J 728 17.16 -9.58 -10.12
C ILE J 728 16.55 -10.43 -11.22
N MET J 729 15.37 -10.05 -11.73
CA MET J 729 14.75 -10.82 -12.79
C MET J 729 15.29 -10.46 -14.16
N MET J 730 15.50 -9.17 -14.45
CA MET J 730 16.08 -8.78 -15.73
C MET J 730 17.51 -9.28 -15.91
N ALA J 731 18.33 -9.19 -14.87
CA ALA J 731 19.70 -9.66 -14.94
C ALA J 731 19.84 -11.14 -14.65
N MET J 732 18.74 -11.83 -14.34
CA MET J 732 18.81 -13.26 -14.10
C MET J 732 19.39 -14.05 -15.27
N PRO J 733 19.01 -13.81 -16.54
CA PRO J 733 19.67 -14.57 -17.63
C PRO J 733 21.15 -14.26 -17.74
N LEU J 734 21.51 -12.98 -17.67
CA LEU J 734 22.90 -12.57 -17.80
C LEU J 734 23.75 -13.12 -16.65
N LEU J 735 23.28 -12.90 -15.42
CA LEU J 735 24.00 -13.40 -14.25
C LEU J 735 24.06 -14.91 -14.24
N MET J 736 22.97 -15.56 -14.64
CA MET J 736 22.96 -17.02 -14.71
C MET J 736 24.00 -17.50 -15.72
N ALA J 737 24.09 -16.84 -16.87
CA ALA J 737 25.11 -17.21 -17.85
C ALA J 737 26.51 -17.05 -17.26
N TRP J 738 26.78 -15.93 -16.59
CA TRP J 738 28.11 -15.71 -16.04
C TRP J 738 28.45 -16.74 -14.97
N ILE J 739 27.57 -16.92 -14.00
CA ILE J 739 27.85 -17.83 -12.89
C ILE J 739 27.90 -19.27 -13.38
N GLY J 740 27.05 -19.64 -14.34
CA GLY J 740 27.13 -20.97 -14.90
C GLY J 740 28.42 -21.21 -15.64
N THR J 741 28.88 -20.22 -16.42
CA THR J 741 30.18 -20.33 -17.04
C THR J 741 31.27 -20.60 -16.00
N MET J 742 31.27 -19.81 -14.93
CA MET J 742 32.32 -19.97 -13.92
C MET J 742 32.22 -21.32 -13.20
N VAL J 743 31.01 -21.73 -12.83
CA VAL J 743 30.85 -22.96 -12.07
C VAL J 743 31.16 -24.18 -12.94
N SER J 744 30.78 -24.14 -14.22
CA SER J 744 31.14 -25.22 -15.13
C SER J 744 32.64 -25.23 -15.40
N ILE J 745 33.26 -24.05 -15.43
CA ILE J 745 34.70 -23.94 -15.56
C ILE J 745 35.36 -24.72 -14.42
N GLY J 746 34.91 -24.44 -13.20
CA GLY J 746 35.46 -25.10 -12.04
C GLY J 746 35.17 -26.59 -12.02
N PHE J 747 33.94 -26.97 -12.39
CA PHE J 747 33.57 -28.39 -12.39
C PHE J 747 34.42 -29.17 -13.39
N VAL J 748 34.67 -28.60 -14.57
CA VAL J 748 35.47 -29.28 -15.57
C VAL J 748 36.92 -29.38 -15.12
N THR J 749 37.46 -28.30 -14.53
CA THR J 749 38.87 -28.33 -14.17
C THR J 749 39.12 -29.15 -12.90
N ALA J 750 38.59 -28.70 -11.77
CA ALA J 750 38.98 -29.21 -10.47
C ALA J 750 38.23 -30.47 -10.05
N TYR J 751 37.12 -30.82 -10.70
CA TYR J 751 36.32 -31.93 -10.23
C TYR J 751 36.27 -33.09 -11.21
N TYR J 752 35.80 -32.86 -12.44
CA TYR J 752 35.57 -33.98 -13.36
C TYR J 752 36.88 -34.61 -13.79
N ILE J 753 37.83 -33.79 -14.24
CA ILE J 753 39.10 -34.33 -14.74
C ILE J 753 39.87 -35.10 -13.68
N PRO J 754 39.96 -34.65 -12.43
CA PRO J 754 40.67 -35.46 -11.43
C PRO J 754 40.09 -36.85 -11.19
N VAL J 755 38.82 -37.08 -11.54
CA VAL J 755 38.19 -38.36 -11.25
C VAL J 755 37.96 -39.17 -12.53
N LEU J 756 37.93 -38.49 -13.66
CA LEU J 756 37.69 -39.15 -14.94
C LEU J 756 38.61 -40.33 -15.21
N PRO J 757 39.93 -40.25 -14.99
CA PRO J 757 40.78 -41.43 -15.20
C PRO J 757 40.34 -42.63 -14.38
N TYR J 758 39.93 -42.40 -13.14
CA TYR J 758 39.50 -43.50 -12.29
C TYR J 758 38.27 -44.17 -12.88
N MET J 759 37.31 -43.38 -13.35
CA MET J 759 36.12 -43.95 -13.97
C MET J 759 36.47 -44.73 -15.23
N ILE J 760 37.33 -44.17 -16.07
CA ILE J 760 37.68 -44.84 -17.33
C ILE J 760 38.39 -46.15 -17.05
N PHE J 761 39.33 -46.15 -16.11
CA PHE J 761 40.04 -47.39 -15.78
C PHE J 761 39.09 -48.39 -15.14
N THR J 762 38.13 -47.92 -14.34
CA THR J 762 37.14 -48.83 -13.76
C THR J 762 36.32 -49.50 -14.85
N PHE J 763 35.87 -48.73 -15.84
CA PHE J 763 35.10 -49.31 -16.92
C PHE J 763 35.93 -50.28 -17.75
N GLY J 764 37.20 -49.95 -17.98
CA GLY J 764 38.08 -50.88 -18.68
C GLY J 764 38.27 -52.18 -17.92
N SER J 765 38.42 -52.10 -16.59
CA SER J 765 38.54 -53.29 -15.78
C SER J 765 37.25 -54.12 -15.83
N PHE J 766 36.11 -53.45 -15.87
CA PHE J 766 34.85 -54.19 -15.99
C PHE J 766 34.74 -54.87 -17.35
N ALA J 767 35.22 -54.20 -18.41
CA ALA J 767 35.27 -54.86 -19.71
C ALA J 767 36.17 -56.09 -19.66
N TRP J 768 37.30 -55.99 -18.96
CA TRP J 768 38.16 -57.16 -18.80
C TRP J 768 37.45 -58.27 -18.04
N LEU J 769 36.70 -57.92 -16.99
CA LEU J 769 35.95 -58.93 -16.25
C LEU J 769 34.90 -59.60 -17.12
N ILE J 770 34.21 -58.81 -17.95
CA ILE J 770 33.21 -59.37 -18.85
C ILE J 770 33.87 -60.33 -19.83
N ALA J 771 35.03 -59.96 -20.38
CA ALA J 771 35.75 -60.86 -21.27
C ALA J 771 36.23 -62.11 -20.53
N VAL J 772 36.59 -61.98 -19.26
CA VAL J 772 37.00 -63.13 -18.46
C VAL J 772 35.84 -64.11 -18.33
N ILE J 773 34.65 -63.59 -18.02
CA ILE J 773 33.47 -64.45 -17.93
C ILE J 773 33.16 -65.06 -19.29
N GLU J 774 33.35 -64.28 -20.35
CA GLU J 774 33.12 -64.79 -21.70
C GLU J 774 34.00 -65.99 -21.99
N ALA J 775 35.30 -65.87 -21.72
CA ALA J 775 36.22 -66.98 -21.97
C ALA J 775 35.94 -68.16 -21.03
N MET J 776 35.53 -67.87 -19.80
CA MET J 776 35.16 -68.95 -18.88
C MET J 776 33.99 -69.75 -19.43
N VAL J 777 33.01 -69.08 -20.00
CA VAL J 777 31.90 -69.77 -20.65
C VAL J 777 32.36 -70.47 -21.91
N ALA J 778 33.36 -69.90 -22.61
CA ALA J 778 33.80 -70.46 -23.88
C ALA J 778 34.58 -71.75 -23.71
N ALA J 779 35.30 -71.91 -22.60
CA ALA J 779 36.19 -73.06 -22.41
C ALA J 779 35.53 -74.41 -22.67
N PRO J 780 34.35 -74.74 -22.12
CA PRO J 780 33.75 -76.05 -22.43
C PRO J 780 33.40 -76.22 -23.90
N ILE J 781 33.08 -75.14 -24.62
CA ILE J 781 32.88 -75.26 -26.07
C ILE J 781 34.18 -75.70 -26.73
N VAL J 782 35.30 -75.15 -26.28
CA VAL J 782 36.60 -75.57 -26.78
C VAL J 782 36.84 -77.04 -26.49
N ALA J 783 36.50 -77.48 -25.27
CA ALA J 783 36.67 -78.89 -24.94
C ALA J 783 35.80 -79.78 -25.82
N LEU J 784 34.57 -79.35 -26.09
CA LEU J 784 33.68 -80.09 -26.96
C LEU J 784 34.25 -80.20 -28.37
N GLY J 785 34.84 -79.11 -28.87
CA GLY J 785 35.52 -79.17 -30.16
C GLY J 785 36.72 -80.08 -30.13
N VAL J 786 37.43 -80.13 -29.01
CA VAL J 786 38.60 -80.99 -28.88
C VAL J 786 38.18 -82.46 -28.93
N THR J 787 37.11 -82.82 -28.23
CA THR J 787 36.64 -84.20 -28.27
C THR J 787 36.18 -84.60 -29.66
N HIS J 788 35.67 -83.66 -30.43
CA HIS J 788 35.19 -83.96 -31.77
C HIS J 788 36.35 -84.40 -32.66
N PRO J 789 36.12 -85.34 -33.58
CA PRO J 789 37.20 -85.74 -34.49
C PRO J 789 37.44 -84.72 -35.60
N GLU J 790 36.83 -83.54 -35.48
CA GLU J 790 37.04 -82.49 -36.45
C GLU J 790 38.51 -82.08 -36.49
N GLY J 791 39.05 -81.97 -37.70
CA GLY J 791 40.44 -81.62 -37.88
C GLY J 791 41.37 -82.78 -37.63
N ASN J 792 42.67 -82.52 -37.83
CA ASN J 792 43.71 -83.52 -37.62
C ASN J 792 44.79 -83.06 -36.66
N GLU J 793 44.69 -81.83 -36.13
CA GLU J 793 45.68 -81.29 -35.23
C GLU J 793 45.45 -81.82 -33.81
N ALA J 794 46.25 -81.33 -32.87
CA ALA J 794 46.11 -81.71 -31.47
C ALA J 794 45.05 -80.89 -30.74
N PHE J 795 44.44 -79.92 -31.40
CA PHE J 795 43.39 -79.10 -30.80
C PHE J 795 42.04 -79.24 -31.49
N GLY J 796 41.96 -80.01 -32.57
CA GLY J 796 40.70 -80.15 -33.29
C GLY J 796 40.28 -78.82 -33.90
N LYS J 797 39.03 -78.44 -33.66
CA LYS J 797 38.52 -77.14 -34.10
C LYS J 797 38.64 -76.14 -32.96
N GLY J 798 39.90 -75.89 -32.58
CA GLY J 798 40.18 -75.03 -31.45
C GLY J 798 40.63 -73.63 -31.81
N GLU J 799 40.33 -73.19 -33.04
CA GLU J 799 40.72 -71.84 -33.45
C GLU J 799 39.98 -70.79 -32.62
N PHE J 800 38.70 -71.00 -32.35
CA PHE J 800 37.90 -70.02 -31.63
C PHE J 800 38.42 -69.75 -30.23
N ALA J 801 39.24 -70.64 -29.68
CA ALA J 801 39.83 -70.42 -28.37
C ALA J 801 41.05 -69.51 -28.39
N ILE J 802 41.73 -69.40 -29.54
CA ILE J 802 43.01 -68.70 -29.57
C ILE J 802 42.82 -67.21 -29.29
N MET J 803 42.08 -66.53 -30.17
CA MET J 803 42.00 -65.07 -30.10
C MET J 803 41.49 -64.59 -28.75
N ILE J 804 40.53 -65.31 -28.17
CA ILE J 804 40.04 -64.92 -26.85
C ILE J 804 41.09 -65.17 -25.77
N LEU J 805 41.74 -66.34 -25.82
CA LEU J 805 42.62 -66.74 -24.72
C LEU J 805 43.75 -65.75 -24.52
N VAL J 806 44.38 -65.32 -25.61
CA VAL J 806 45.42 -64.30 -25.50
C VAL J 806 44.83 -62.98 -25.03
N ASN J 807 43.65 -62.62 -25.54
CA ASN J 807 43.00 -61.36 -25.16
C ASN J 807 42.92 -61.24 -23.64
N VAL J 808 42.16 -62.15 -23.01
CA VAL J 808 42.02 -62.11 -21.56
C VAL J 808 43.36 -62.26 -20.87
N PHE J 809 44.34 -62.88 -21.52
CA PHE J 809 45.65 -63.02 -20.90
C PHE J 809 46.37 -61.68 -20.86
N LEU J 810 46.22 -60.87 -21.92
CA LEU J 810 46.99 -59.65 -22.08
C LEU J 810 46.23 -58.39 -21.73
N ARG J 811 44.90 -58.47 -21.59
CA ARG J 811 44.09 -57.28 -21.35
C ARG J 811 44.52 -56.49 -20.12
N PRO J 812 44.75 -57.09 -18.94
CA PRO J 812 45.18 -56.26 -17.80
C PRO J 812 46.52 -55.59 -18.03
N SER J 813 47.55 -56.35 -18.41
CA SER J 813 48.87 -55.77 -18.64
C SER J 813 48.80 -54.62 -19.61
N LEU J 814 48.18 -54.84 -20.77
CA LEU J 814 48.06 -53.79 -21.76
C LEU J 814 47.32 -52.58 -21.20
N MET J 815 46.31 -52.82 -20.36
CA MET J 815 45.64 -51.69 -19.71
C MET J 815 46.62 -50.85 -18.93
N ILE J 816 47.48 -51.49 -18.12
CA ILE J 816 48.51 -50.75 -17.41
C ILE J 816 49.43 -50.05 -18.41
N ILE J 817 49.72 -50.72 -19.52
CA ILE J 817 50.53 -50.12 -20.57
C ILE J 817 49.88 -48.82 -21.03
N GLY J 818 48.56 -48.82 -21.17
CA GLY J 818 47.84 -47.64 -21.56
C GLY J 818 47.49 -46.70 -20.45
N TYR J 819 47.81 -47.06 -19.21
CA TYR J 819 47.52 -46.15 -18.10
C TYR J 819 48.64 -45.13 -17.92
N ILE J 820 49.82 -45.60 -17.52
CA ILE J 820 50.92 -44.68 -17.19
C ILE J 820 51.30 -43.88 -18.43
N ALA J 821 51.40 -44.56 -19.57
CA ALA J 821 51.67 -43.87 -20.83
C ALA J 821 50.67 -42.74 -21.03
N ALA J 822 49.38 -43.03 -20.86
CA ALA J 822 48.37 -42.00 -21.03
C ALA J 822 48.57 -40.87 -20.03
N ILE J 823 48.99 -41.20 -18.80
CA ILE J 823 49.23 -40.17 -17.80
C ILE J 823 50.27 -39.18 -18.32
N ALA J 824 51.25 -39.69 -19.07
CA ALA J 824 52.20 -38.79 -19.72
C ALA J 824 51.52 -37.93 -20.77
N LEU J 825 50.76 -38.56 -21.67
CA LEU J 825 50.23 -37.85 -22.83
C LEU J 825 49.35 -36.68 -22.40
N SER J 826 48.38 -36.94 -21.52
CA SER J 826 47.52 -35.87 -21.03
C SER J 826 48.35 -34.70 -20.53
N TYR J 827 49.43 -34.98 -19.82
CA TYR J 827 50.38 -33.97 -19.40
C TYR J 827 50.73 -33.04 -20.56
N VAL J 828 51.39 -33.62 -21.57
CA VAL J 828 51.84 -32.80 -22.69
C VAL J 828 50.65 -32.17 -23.38
N GLY J 829 49.48 -32.78 -23.26
CA GLY J 829 48.26 -32.22 -23.80
C GLY J 829 48.12 -30.79 -23.41
N VAL J 830 48.11 -30.53 -22.09
CA VAL J 830 47.95 -29.16 -21.62
C VAL J 830 49.04 -28.28 -22.22
N TRP J 831 50.28 -28.77 -22.24
CA TRP J 831 51.38 -27.99 -22.77
C TRP J 831 51.14 -27.64 -24.23
N ILE J 832 50.65 -28.59 -25.02
CA ILE J 832 50.33 -28.31 -26.42
C ILE J 832 49.38 -27.13 -26.50
N LEU J 833 48.34 -27.15 -25.68
CA LEU J 833 47.41 -26.03 -25.64
C LEU J 833 48.16 -24.75 -25.30
N ASN J 834 48.95 -24.77 -24.23
CA ASN J 834 49.66 -23.58 -23.81
C ASN J 834 50.72 -23.18 -24.82
N ALA J 835 51.02 -24.02 -25.80
CA ALA J 835 51.98 -23.64 -26.83
C ALA J 835 51.38 -22.64 -27.80
N GLY J 836 50.07 -22.68 -28.01
CA GLY J 836 49.51 -21.82 -29.04
C GLY J 836 48.21 -21.11 -28.72
N PHE J 837 47.63 -21.39 -27.56
CA PHE J 837 46.32 -20.83 -27.23
C PHE J 837 46.34 -19.31 -27.29
N ASP J 838 47.33 -18.68 -26.63
CA ASP J 838 47.43 -17.23 -26.64
C ASP J 838 47.55 -16.67 -28.05
N HIS J 839 48.04 -17.47 -29.00
CA HIS J 839 48.10 -17.02 -30.38
C HIS J 839 46.85 -17.36 -31.17
N ALA J 840 46.13 -18.42 -30.80
CA ALA J 840 44.87 -18.71 -31.46
C ALA J 840 43.76 -17.78 -30.99
N ILE J 841 43.97 -17.10 -29.86
CA ILE J 841 43.02 -16.13 -29.34
C ILE J 841 43.45 -14.70 -29.63
N SER J 842 44.53 -14.52 -30.39
CA SER J 842 45.15 -13.20 -30.53
C SER J 842 44.19 -12.20 -31.16
N TYR J 843 43.80 -12.43 -32.41
CA TYR J 843 42.88 -11.50 -33.07
C TYR J 843 41.50 -11.53 -32.41
N ILE J 844 41.10 -12.69 -31.88
CA ILE J 844 39.82 -12.82 -31.21
C ILE J 844 39.79 -12.00 -29.92
N GLN J 845 40.96 -11.60 -29.43
CA GLN J 845 41.03 -10.67 -28.31
C GLN J 845 42.03 -9.57 -28.60
N GLY J 901 34.92 -4.57 -33.89
CA GLY J 901 34.05 -4.40 -32.74
C GLY J 901 34.39 -5.32 -31.59
N TYR J 902 35.63 -5.24 -31.11
CA TYR J 902 36.11 -6.05 -30.00
C TYR J 902 36.33 -5.19 -28.76
N THR J 903 35.44 -4.23 -28.56
CA THR J 903 35.60 -3.23 -27.50
C THR J 903 34.55 -3.45 -26.41
N GLY J 904 34.99 -3.25 -25.17
CA GLY J 904 34.05 -3.32 -24.05
C GLY J 904 33.50 -4.71 -23.83
N TRP J 905 32.19 -4.79 -23.65
CA TRP J 905 31.57 -6.05 -23.31
C TRP J 905 31.63 -7.06 -24.46
N ALA J 906 31.87 -6.60 -25.69
CA ALA J 906 32.15 -7.54 -26.78
C ALA J 906 33.42 -8.33 -26.49
N GLY J 907 34.50 -7.62 -26.12
CA GLY J 907 35.70 -8.31 -25.68
C GLY J 907 35.49 -9.07 -24.40
N VAL J 908 34.54 -8.64 -23.56
CA VAL J 908 34.22 -9.38 -22.35
C VAL J 908 33.66 -10.75 -22.70
N TYR J 909 32.71 -10.79 -23.64
CA TYR J 909 32.18 -12.07 -24.11
C TYR J 909 33.26 -12.87 -24.83
N ALA J 910 34.19 -12.18 -25.50
CA ALA J 910 35.33 -12.89 -26.08
C ALA J 910 36.14 -13.60 -25.01
N PHE J 911 36.37 -12.93 -23.88
CA PHE J 911 37.11 -13.54 -22.78
C PHE J 911 36.33 -14.71 -22.19
N PHE J 912 35.01 -14.56 -22.06
CA PHE J 912 34.14 -15.66 -21.67
C PHE J 912 34.33 -16.87 -22.58
N PHE J 913 34.26 -16.64 -23.89
CA PHE J 913 34.36 -17.75 -24.83
C PHE J 913 35.74 -18.38 -24.78
N SER J 914 36.80 -17.58 -24.62
CA SER J 914 38.13 -18.14 -24.55
C SER J 914 38.31 -19.03 -23.33
N ILE J 915 37.80 -18.59 -22.18
CA ILE J 915 37.91 -19.44 -20.98
C ILE J 915 37.08 -20.71 -21.14
N LEU J 916 35.86 -20.58 -21.66
CA LEU J 916 35.00 -21.74 -21.83
C LEU J 916 35.65 -22.75 -22.75
N ILE J 917 36.27 -22.26 -23.83
CA ILE J 917 36.86 -23.16 -24.79
C ILE J 917 38.21 -23.68 -24.35
N TYR J 918 38.94 -22.95 -23.50
CA TYR J 918 40.13 -23.51 -22.89
C TYR J 918 39.78 -24.73 -22.05
N THR J 919 38.78 -24.59 -21.18
CA THR J 919 38.39 -25.75 -20.37
C THR J 919 37.78 -26.85 -21.22
N SER J 920 37.04 -26.49 -22.27
CA SER J 920 36.51 -27.50 -23.17
C SER J 920 37.64 -28.30 -23.79
N MET J 921 38.61 -27.61 -24.39
CA MET J 921 39.78 -28.23 -24.98
C MET J 921 40.47 -29.14 -23.97
N TYR J 922 40.61 -28.66 -22.74
CA TYR J 922 41.22 -29.47 -21.70
C TYR J 922 40.43 -30.76 -21.48
N LEU J 923 39.10 -30.67 -21.44
CA LEU J 923 38.28 -31.84 -21.20
C LEU J 923 38.40 -32.86 -22.34
N ILE J 924 38.19 -32.42 -23.58
CA ILE J 924 38.28 -33.39 -24.68
C ILE J 924 39.70 -33.92 -24.83
N ILE J 925 40.70 -33.08 -24.56
CA ILE J 925 42.07 -33.53 -24.74
C ILE J 925 42.41 -34.61 -23.70
N VAL J 926 41.92 -34.45 -22.47
CA VAL J 926 42.16 -35.48 -21.47
C VAL J 926 41.39 -36.76 -21.81
N GLN J 927 40.14 -36.63 -22.28
CA GLN J 927 39.37 -37.83 -22.63
C GLN J 927 40.04 -38.60 -23.75
N LYS J 928 40.41 -37.91 -24.84
CA LYS J 928 41.08 -38.58 -25.95
C LYS J 928 42.49 -39.03 -25.58
N ALA J 929 43.12 -38.39 -24.61
CA ALA J 929 44.44 -38.81 -24.16
C ALA J 929 44.38 -39.96 -23.18
N PHE J 930 43.20 -40.31 -22.68
CA PHE J 930 43.07 -41.50 -21.87
C PHE J 930 42.23 -42.59 -22.52
N THR J 931 41.73 -42.36 -23.74
CA THR J 931 41.03 -43.44 -24.44
C THR J 931 41.93 -44.61 -24.82
N LEU J 932 43.26 -44.46 -24.74
CA LEU J 932 44.12 -45.57 -25.15
C LEU J 932 43.93 -46.81 -24.28
N ILE J 933 43.41 -46.65 -23.07
CA ILE J 933 43.22 -47.79 -22.17
C ILE J 933 42.40 -48.87 -22.84
N ALA J 934 41.32 -48.48 -23.53
CA ALA J 934 40.55 -49.41 -24.34
C ALA J 934 40.95 -49.39 -25.80
N HIS J 935 41.69 -48.38 -26.25
CA HIS J 935 42.04 -48.27 -27.66
C HIS J 935 43.12 -49.28 -28.06
N LEU J 936 44.14 -49.45 -27.22
CA LEU J 936 45.30 -50.23 -27.64
C LEU J 936 45.14 -51.75 -27.58
N PRO J 937 44.50 -52.34 -26.55
CA PRO J 937 44.46 -53.81 -26.51
C PRO J 937 43.79 -54.43 -27.74
N ASP J 938 42.72 -53.83 -28.24
CA ASP J 938 42.08 -54.36 -29.43
C ASP J 938 43.00 -54.27 -30.64
N LYS J 939 43.75 -53.17 -30.75
CA LYS J 939 44.70 -53.05 -31.86
C LYS J 939 45.79 -54.09 -31.77
N VAL J 940 46.36 -54.31 -30.58
CA VAL J 940 47.44 -55.29 -30.48
C VAL J 940 46.92 -56.70 -30.73
N LEU J 941 45.66 -56.98 -30.34
CA LEU J 941 45.09 -58.28 -30.68
C LEU J 941 44.82 -58.40 -32.18
N ARG J 942 44.46 -57.30 -32.84
CA ARG J 942 44.32 -57.32 -34.29
C ARG J 942 45.65 -57.62 -34.97
N TRP J 943 46.73 -57.03 -34.46
CA TRP J 943 48.07 -57.35 -34.93
C TRP J 943 48.38 -58.82 -34.73
N ILE J 944 48.17 -59.34 -33.52
CA ILE J 944 48.58 -60.70 -33.20
C ILE J 944 47.72 -61.71 -33.97
N GLY J 945 46.41 -61.51 -33.97
CA GLY J 945 45.50 -62.40 -34.67
C GLY J 945 45.21 -61.97 -36.08
N MET K 1 55.48 -66.32 -81.18
CA MET K 1 54.18 -66.15 -81.82
C MET K 1 54.19 -64.99 -82.79
N ALA K 2 53.19 -64.95 -83.68
CA ALA K 2 53.10 -63.90 -84.67
C ALA K 2 52.68 -62.57 -84.03
N SER K 3 52.85 -61.50 -84.78
CA SER K 3 52.48 -60.18 -84.30
C SER K 3 50.96 -60.04 -84.23
N LYS K 4 50.51 -59.05 -83.45
CA LYS K 4 49.08 -58.83 -83.28
C LYS K 4 48.41 -58.41 -84.59
N LYS K 5 49.15 -57.75 -85.48
CA LYS K 5 48.56 -57.32 -86.74
C LYS K 5 48.18 -58.52 -87.61
N GLU K 6 48.98 -59.57 -87.60
CA GLU K 6 48.63 -60.78 -88.35
C GLU K 6 47.35 -61.41 -87.82
N ASN K 7 47.22 -61.49 -86.49
CA ASN K 7 46.01 -62.05 -85.90
C ASN K 7 44.79 -61.19 -86.22
N LEU K 8 44.94 -59.87 -86.17
CA LEU K 8 43.83 -58.98 -86.52
C LEU K 8 43.42 -59.15 -87.97
N LYS K 9 44.40 -59.25 -88.87
CA LYS K 9 44.11 -59.43 -90.28
C LYS K 9 43.42 -60.78 -90.52
N SER K 10 43.87 -61.83 -89.84
CA SER K 10 43.24 -63.13 -89.98
C SER K 10 41.81 -63.12 -89.47
N LEU K 11 41.58 -62.43 -88.35
CA LEU K 11 40.22 -62.32 -87.81
C LEU K 11 39.31 -61.56 -88.77
N PHE K 12 39.82 -60.46 -89.35
CA PHE K 12 39.02 -59.68 -90.29
C PHE K 12 38.74 -60.47 -91.58
N SER K 13 39.73 -61.23 -92.04
CA SER K 13 39.59 -61.90 -93.34
C SER K 13 38.53 -63.00 -93.31
N ASN K 14 38.31 -63.62 -92.15
CA ASN K 14 37.28 -64.65 -92.06
C ASN K 14 35.91 -64.02 -92.31
N THR K 15 35.15 -64.61 -93.24
CA THR K 15 33.93 -63.97 -93.72
C THR K 15 32.87 -63.87 -92.61
N ARG K 16 32.69 -64.95 -91.85
CA ARG K 16 31.57 -65.02 -90.92
C ARG K 16 31.84 -64.16 -89.69
N THR K 17 33.09 -64.18 -89.19
CA THR K 17 33.48 -63.24 -88.16
C THR K 17 33.39 -61.81 -88.66
N ARG K 18 33.76 -61.58 -89.92
CA ARG K 18 33.65 -60.24 -90.48
C ARG K 18 32.21 -59.75 -90.47
N VAL K 19 31.26 -60.61 -90.88
CA VAL K 19 29.88 -60.14 -90.97
C VAL K 19 29.30 -59.90 -89.57
N ILE K 20 29.61 -60.76 -88.60
CA ILE K 20 29.08 -60.49 -87.26
C ILE K 20 29.66 -59.18 -86.73
N ILE K 21 30.96 -58.97 -86.93
CA ILE K 21 31.60 -57.78 -86.37
C ILE K 21 31.06 -56.51 -87.01
N ILE K 22 30.90 -56.51 -88.34
CA ILE K 22 30.34 -55.34 -89.01
C ILE K 22 28.90 -55.11 -88.59
N PHE K 23 28.11 -56.18 -88.42
CA PHE K 23 26.74 -56.01 -87.97
C PHE K 23 26.68 -55.40 -86.57
N THR K 24 27.51 -55.89 -85.66
CA THR K 24 27.51 -55.36 -84.30
C THR K 24 28.03 -53.92 -84.26
N ALA K 25 29.00 -53.59 -85.10
CA ALA K 25 29.45 -52.21 -85.20
C ALA K 25 28.33 -51.32 -85.73
N ALA K 26 27.52 -51.83 -86.65
CA ALA K 26 26.37 -51.07 -87.13
C ALA K 26 25.37 -50.82 -86.01
N LEU K 27 25.09 -51.84 -85.19
CA LEU K 27 24.20 -51.62 -84.05
C LEU K 27 24.77 -50.59 -83.10
N LEU K 28 26.08 -50.66 -82.82
CA LEU K 28 26.70 -49.70 -81.91
C LEU K 28 26.60 -48.28 -82.46
N ILE K 29 26.88 -48.11 -83.75
CA ILE K 29 26.86 -46.77 -84.34
C ILE K 29 25.45 -46.22 -84.35
N ILE K 30 24.45 -47.09 -84.62
CA ILE K 30 23.06 -46.64 -84.58
C ILE K 30 22.67 -46.24 -83.16
N ALA K 31 23.12 -47.01 -82.16
CA ALA K 31 22.80 -46.69 -80.77
C ALA K 31 23.38 -45.33 -80.39
N VAL K 32 24.64 -45.09 -80.71
CA VAL K 32 25.24 -43.80 -80.34
C VAL K 32 24.61 -42.67 -81.16
N VAL K 33 24.20 -42.93 -82.40
CA VAL K 33 23.53 -41.90 -83.19
C VAL K 33 22.20 -41.52 -82.55
N ILE K 34 21.43 -42.52 -82.11
CA ILE K 34 20.16 -42.25 -81.47
C ILE K 34 20.37 -41.48 -80.17
N GLY K 35 21.38 -41.88 -79.39
CA GLY K 35 21.66 -41.17 -78.16
C GLY K 35 22.04 -39.73 -78.39
N PHE K 36 22.91 -39.50 -79.38
CA PHE K 36 23.32 -38.13 -79.72
C PHE K 36 22.14 -37.30 -80.18
N PHE K 37 21.29 -37.89 -81.03
CA PHE K 37 20.12 -37.16 -81.51
C PHE K 37 19.20 -36.79 -80.35
N LYS K 38 19.00 -37.72 -79.41
CA LYS K 38 18.12 -37.44 -78.28
C LYS K 38 18.69 -36.35 -77.40
N ILE K 39 19.98 -36.43 -77.05
CA ILE K 39 20.53 -35.43 -76.14
C ILE K 39 20.57 -34.06 -76.81
N ARG K 40 20.72 -34.02 -78.14
CA ARG K 40 20.69 -32.72 -78.81
C ARG K 40 19.27 -32.18 -78.90
N GLY K 41 18.28 -33.05 -79.18
CA GLY K 41 16.91 -32.58 -79.29
C GLY K 41 16.32 -32.13 -77.98
N ALA K 42 16.66 -32.83 -76.88
CA ALA K 42 16.09 -32.48 -75.58
C ALA K 42 16.49 -31.08 -75.14
N THR K 43 17.76 -30.72 -75.35
CA THR K 43 18.24 -29.40 -74.96
C THR K 43 17.61 -28.29 -75.80
N MET L 1 24.33 -86.48 -85.70
CA MET L 1 25.34 -86.88 -84.73
C MET L 1 24.83 -86.70 -83.31
N ALA L 2 25.44 -85.77 -82.58
CA ALA L 2 25.08 -85.47 -81.20
C ALA L 2 24.61 -84.02 -81.11
N SER L 3 23.44 -83.82 -80.51
CA SER L 3 22.87 -82.49 -80.36
C SER L 3 21.90 -82.52 -79.18
N LYS L 4 21.25 -81.38 -78.95
CA LYS L 4 20.30 -81.27 -77.84
C LYS L 4 19.10 -82.20 -78.04
N LYS L 5 18.59 -82.27 -79.27
CA LYS L 5 17.44 -83.13 -79.53
C LYS L 5 17.77 -84.60 -79.28
N GLU L 6 18.94 -85.04 -79.73
CA GLU L 6 19.35 -86.42 -79.49
C GLU L 6 19.51 -86.70 -78.00
N ASN L 7 20.04 -85.72 -77.25
CA ASN L 7 20.14 -85.88 -75.80
C ASN L 7 18.77 -86.00 -75.16
N LEU L 8 17.82 -85.18 -75.60
CA LEU L 8 16.46 -85.28 -75.06
C LEU L 8 15.85 -86.64 -75.35
N LYS L 9 16.03 -87.13 -76.57
CA LYS L 9 15.51 -88.45 -76.92
C LYS L 9 16.17 -89.55 -76.10
N SER L 10 17.48 -89.42 -75.84
CA SER L 10 18.17 -90.44 -75.04
C SER L 10 17.68 -90.43 -73.60
N LEU L 11 17.49 -89.25 -73.03
CA LEU L 11 16.97 -89.18 -71.66
C LEU L 11 15.56 -89.72 -71.57
N PHE L 12 14.70 -89.40 -72.55
CA PHE L 12 13.33 -89.89 -72.52
C PHE L 12 13.24 -91.37 -72.87
N SER L 13 14.25 -91.93 -73.53
CA SER L 13 14.20 -93.34 -73.92
C SER L 13 14.43 -94.24 -72.72
N ASN L 14 15.31 -93.84 -71.80
CA ASN L 14 15.57 -94.65 -70.63
C ASN L 14 14.33 -94.71 -69.75
N THR L 15 13.88 -95.93 -69.46
CA THR L 15 12.63 -96.11 -68.72
C THR L 15 12.71 -95.51 -67.32
N ARG L 16 13.83 -95.74 -66.62
CA ARG L 16 13.94 -95.35 -65.23
C ARG L 16 14.01 -93.83 -65.10
N THR L 17 14.85 -93.19 -65.92
CA THR L 17 14.91 -91.73 -65.92
C THR L 17 13.57 -91.13 -66.33
N ARG L 18 12.91 -91.73 -67.33
CA ARG L 18 11.62 -91.22 -67.76
C ARG L 18 10.61 -91.27 -66.63
N VAL L 19 10.52 -92.39 -65.92
CA VAL L 19 9.50 -92.53 -64.89
C VAL L 19 9.80 -91.61 -63.70
N ILE L 20 11.09 -91.46 -63.33
CA ILE L 20 11.37 -90.58 -62.20
C ILE L 20 11.10 -89.13 -62.58
N ILE L 21 11.42 -88.73 -63.81
CA ILE L 21 11.15 -87.37 -64.25
C ILE L 21 9.64 -87.10 -64.27
N ILE L 22 8.87 -88.06 -64.79
CA ILE L 22 7.42 -87.90 -64.85
C ILE L 22 6.83 -87.82 -63.45
N PHE L 23 7.32 -88.64 -62.52
CA PHE L 23 6.82 -88.60 -61.15
C PHE L 23 7.13 -87.27 -60.48
N THR L 24 8.36 -86.78 -60.65
CA THR L 24 8.71 -85.48 -60.05
C THR L 24 7.89 -84.35 -60.67
N ALA L 25 7.65 -84.41 -61.98
CA ALA L 25 6.80 -83.42 -62.62
C ALA L 25 5.37 -83.48 -62.07
N ALA L 26 4.88 -84.69 -61.82
CA ALA L 26 3.55 -84.83 -61.24
C ALA L 26 3.48 -84.21 -59.86
N LEU L 27 4.50 -84.44 -59.03
CA LEU L 27 4.52 -83.80 -57.72
C LEU L 27 4.57 -82.28 -57.84
N LEU L 28 5.38 -81.77 -58.77
CA LEU L 28 5.47 -80.33 -58.96
C LEU L 28 4.13 -79.73 -59.37
N ILE L 29 3.45 -80.37 -60.33
CA ILE L 29 2.20 -79.82 -60.83
C ILE L 29 1.12 -79.91 -59.76
N ILE L 30 1.08 -81.00 -58.98
CA ILE L 30 0.09 -81.07 -57.92
C ILE L 30 0.41 -80.05 -56.83
N ALA L 31 1.69 -79.75 -56.61
CA ALA L 31 2.05 -78.70 -55.65
C ALA L 31 1.53 -77.34 -56.10
N VAL L 32 1.79 -76.97 -57.35
CA VAL L 32 1.30 -75.68 -57.83
C VAL L 32 -0.22 -75.67 -57.88
N VAL L 33 -0.84 -76.82 -58.10
CA VAL L 33 -2.30 -76.89 -58.18
C VAL L 33 -2.92 -76.66 -56.81
N ILE L 34 -2.37 -77.32 -55.77
CA ILE L 34 -2.90 -77.10 -54.43
C ILE L 34 -2.60 -75.68 -53.97
N GLY L 35 -1.46 -75.12 -54.36
CA GLY L 35 -1.20 -73.72 -54.06
C GLY L 35 -2.22 -72.80 -54.71
N PHE L 36 -2.56 -73.07 -55.97
CA PHE L 36 -3.58 -72.27 -56.65
C PHE L 36 -4.93 -72.38 -55.96
N PHE L 37 -5.32 -73.60 -55.56
CA PHE L 37 -6.58 -73.76 -54.84
C PHE L 37 -6.58 -72.98 -53.53
N LYS L 38 -5.49 -73.06 -52.77
CA LYS L 38 -5.43 -72.36 -51.49
C LYS L 38 -5.49 -70.85 -51.70
N ILE L 39 -4.76 -70.35 -52.69
CA ILE L 39 -4.76 -68.91 -52.96
C ILE L 39 -6.14 -68.44 -53.41
N ARG L 40 -6.79 -69.20 -54.28
CA ARG L 40 -8.14 -68.85 -54.72
C ARG L 40 -9.12 -68.86 -53.56
N GLY L 41 -9.02 -69.85 -52.68
CA GLY L 41 -9.87 -69.89 -51.50
C GLY L 41 -9.64 -68.74 -50.56
N ALA L 42 -8.39 -68.26 -50.47
CA ALA L 42 -8.09 -67.13 -49.59
C ALA L 42 -8.86 -65.89 -50.00
N THR L 43 -8.87 -65.58 -51.29
CA THR L 43 -9.54 -64.39 -51.79
C THR L 43 -11.05 -64.53 -51.75
N MET M 1 31.94 -102.00 -55.51
CA MET M 1 31.64 -101.65 -54.12
C MET M 1 30.68 -102.67 -53.52
N ALA M 2 30.82 -102.93 -52.23
CA ALA M 2 30.01 -103.91 -51.53
C ALA M 2 28.89 -103.23 -50.75
N SER M 3 27.95 -104.04 -50.26
CA SER M 3 26.83 -103.51 -49.51
C SER M 3 27.31 -102.86 -48.22
N LYS M 4 26.55 -101.86 -47.76
CA LYS M 4 26.95 -101.10 -46.59
C LYS M 4 27.02 -101.97 -45.34
N LYS M 5 26.00 -102.82 -45.14
CA LYS M 5 25.99 -103.68 -43.97
C LYS M 5 27.16 -104.65 -43.96
N GLU M 6 27.49 -105.21 -45.12
CA GLU M 6 28.65 -106.07 -45.22
C GLU M 6 29.94 -105.30 -44.92
N ASN M 7 30.01 -104.04 -45.35
CA ASN M 7 31.18 -103.22 -45.04
C ASN M 7 31.31 -103.00 -43.54
N LEU M 8 30.21 -102.68 -42.86
CA LEU M 8 30.26 -102.51 -41.42
C LEU M 8 30.66 -103.80 -40.73
N LYS M 9 30.12 -104.94 -41.18
CA LYS M 9 30.49 -106.22 -40.58
C LYS M 9 31.97 -106.52 -40.78
N SER M 10 32.49 -106.26 -41.98
CA SER M 10 33.91 -106.53 -42.24
C SER M 10 34.81 -105.62 -41.41
N LEU M 11 34.43 -104.34 -41.26
CA LEU M 11 35.23 -103.45 -40.42
C LEU M 11 35.12 -103.84 -38.95
N PHE M 12 33.97 -104.37 -38.53
CA PHE M 12 33.82 -104.86 -37.17
C PHE M 12 34.67 -106.10 -36.91
N SER M 13 34.82 -106.96 -37.92
CA SER M 13 35.60 -108.19 -37.76
C SER M 13 37.06 -107.89 -37.47
N ASN M 14 37.59 -106.77 -37.97
CA ASN M 14 38.96 -106.39 -37.68
C ASN M 14 39.08 -105.99 -36.21
N THR M 15 40.04 -106.59 -35.51
CA THR M 15 40.14 -106.39 -34.07
C THR M 15 40.51 -104.94 -33.73
N ARG M 16 41.43 -104.34 -34.48
CA ARG M 16 41.93 -103.02 -34.13
C ARG M 16 40.85 -101.96 -34.28
N THR M 17 40.19 -101.92 -35.43
CA THR M 17 39.11 -100.97 -35.62
C THR M 17 37.97 -101.23 -34.65
N ARG M 18 37.67 -102.50 -34.40
CA ARG M 18 36.61 -102.84 -33.45
C ARG M 18 36.91 -102.29 -32.07
N VAL M 19 38.15 -102.45 -31.59
CA VAL M 19 38.45 -101.99 -30.24
C VAL M 19 38.43 -100.48 -30.16
N ILE M 20 38.97 -99.78 -31.18
CA ILE M 20 38.87 -98.32 -31.17
C ILE M 20 37.41 -97.88 -31.11
N ILE M 21 36.58 -98.43 -31.99
CA ILE M 21 35.20 -97.97 -32.11
C ILE M 21 34.43 -98.26 -30.83
N ILE M 22 34.59 -99.48 -30.30
CA ILE M 22 33.86 -99.87 -29.10
C ILE M 22 34.30 -99.02 -27.91
N PHE M 23 35.61 -98.79 -27.76
CA PHE M 23 36.07 -97.99 -26.63
C PHE M 23 35.56 -96.56 -26.72
N THR M 24 35.66 -95.94 -27.90
CA THR M 24 35.20 -94.57 -28.04
C THR M 24 33.69 -94.47 -27.82
N ALA M 25 32.93 -95.42 -28.36
CA ALA M 25 31.49 -95.42 -28.13
C ALA M 25 31.16 -95.59 -26.65
N ALA M 26 31.89 -96.45 -25.96
CA ALA M 26 31.65 -96.65 -24.54
C ALA M 26 31.92 -95.36 -23.77
N LEU M 27 33.01 -94.66 -24.08
CA LEU M 27 33.25 -93.37 -23.43
C LEU M 27 32.15 -92.37 -23.74
N LEU M 28 31.64 -92.38 -24.97
CA LEU M 28 30.58 -91.44 -25.32
C LEU M 28 29.31 -91.72 -24.52
N ILE M 29 28.92 -92.99 -24.41
CA ILE M 29 27.76 -93.34 -23.60
C ILE M 29 27.99 -92.96 -22.14
N ILE M 30 29.19 -93.21 -21.62
CA ILE M 30 29.48 -92.86 -20.23
C ILE M 30 29.34 -91.36 -20.03
N ALA M 31 29.86 -90.57 -20.96
CA ALA M 31 29.76 -89.12 -20.84
C ALA M 31 28.30 -88.66 -20.86
N VAL M 32 27.51 -89.18 -21.80
CA VAL M 32 26.14 -88.69 -21.91
C VAL M 32 25.31 -89.12 -20.71
N VAL M 33 25.53 -90.34 -20.20
CA VAL M 33 24.77 -90.77 -19.04
C VAL M 33 25.23 -90.01 -17.79
N ILE M 34 26.52 -89.67 -17.70
CA ILE M 34 26.98 -88.86 -16.57
C ILE M 34 26.31 -87.50 -16.61
N GLY M 35 26.24 -86.88 -17.79
CA GLY M 35 25.54 -85.61 -17.90
C GLY M 35 24.07 -85.71 -17.55
N PHE M 36 23.42 -86.77 -18.01
CA PHE M 36 22.00 -86.95 -17.70
C PHE M 36 21.78 -87.13 -16.20
N PHE M 37 22.63 -87.93 -15.55
CA PHE M 37 22.52 -88.09 -14.11
C PHE M 37 22.77 -86.77 -13.39
N LYS M 38 23.73 -85.98 -13.90
CA LYS M 38 24.04 -84.70 -13.27
C LYS M 38 22.86 -83.74 -13.33
N ILE M 39 22.29 -83.52 -14.52
CA ILE M 39 21.19 -82.55 -14.58
C ILE M 39 19.88 -83.14 -14.09
N ARG M 40 19.82 -84.46 -13.87
CA ARG M 40 18.70 -85.00 -13.11
C ARG M 40 18.86 -84.70 -11.62
N GLY M 41 20.08 -84.85 -11.10
CA GLY M 41 20.32 -84.50 -9.71
C GLY M 41 20.15 -83.01 -9.45
N ALA M 42 20.42 -82.18 -10.44
CA ALA M 42 20.25 -80.73 -10.27
C ALA M 42 18.79 -80.37 -10.03
N THR M 43 17.87 -81.00 -10.76
CA THR M 43 16.45 -80.68 -10.63
C THR M 43 15.91 -81.07 -9.26
N MET N 1 60.70 -91.60 -40.87
CA MET N 1 60.30 -91.74 -39.47
C MET N 1 60.31 -93.19 -39.00
N ALA N 2 61.27 -93.50 -38.13
CA ALA N 2 61.31 -94.78 -37.43
C ALA N 2 61.28 -94.61 -35.92
N SER N 3 62.04 -93.67 -35.38
CA SER N 3 62.01 -93.35 -33.96
C SER N 3 62.55 -91.94 -33.77
N LYS N 4 62.05 -91.26 -32.75
CA LYS N 4 62.47 -89.88 -32.49
C LYS N 4 63.94 -89.82 -32.09
N LYS N 5 64.39 -90.76 -31.26
CA LYS N 5 65.79 -90.78 -30.86
C LYS N 5 66.70 -91.07 -32.05
N GLU N 6 66.28 -91.99 -32.93
CA GLU N 6 67.08 -92.30 -34.10
C GLU N 6 67.19 -91.09 -35.02
N ASN N 7 66.10 -90.36 -35.22
CA ASN N 7 66.15 -89.16 -36.05
C ASN N 7 67.03 -88.09 -35.43
N LEU N 8 66.90 -87.89 -34.11
CA LEU N 8 67.74 -86.90 -33.44
C LEU N 8 69.22 -87.25 -33.57
N LYS N 9 69.55 -88.53 -33.41
CA LYS N 9 70.94 -88.96 -33.59
C LYS N 9 71.39 -88.77 -35.04
N SER N 10 70.51 -89.07 -35.99
CA SER N 10 70.89 -88.95 -37.40
C SER N 10 71.21 -87.50 -37.77
N LEU N 11 70.40 -86.56 -37.28
CA LEU N 11 70.76 -85.14 -37.48
C LEU N 11 72.03 -84.78 -36.71
N PHE N 12 72.11 -85.16 -35.44
CA PHE N 12 73.21 -84.72 -34.59
C PHE N 12 74.56 -85.30 -35.02
N SER N 13 74.56 -86.35 -35.83
CA SER N 13 75.82 -86.97 -36.23
C SER N 13 76.68 -86.00 -37.03
N ASN N 14 76.08 -85.27 -37.97
CA ASN N 14 76.83 -84.34 -38.80
C ASN N 14 77.26 -83.11 -37.99
N THR N 15 78.44 -82.58 -38.30
CA THR N 15 79.02 -81.51 -37.50
C THR N 15 78.28 -80.18 -37.71
N ARG N 16 78.02 -79.81 -38.97
CA ARG N 16 77.45 -78.50 -39.25
C ARG N 16 76.05 -78.36 -38.65
N THR N 17 75.25 -79.41 -38.75
CA THR N 17 73.89 -79.35 -38.20
C THR N 17 73.94 -79.10 -36.71
N ARG N 18 74.80 -79.83 -35.99
CA ARG N 18 74.84 -79.70 -34.54
C ARG N 18 75.41 -78.35 -34.14
N VAL N 19 76.45 -77.86 -34.84
CA VAL N 19 77.02 -76.57 -34.43
C VAL N 19 75.99 -75.46 -34.63
N ILE N 20 75.28 -75.46 -35.77
CA ILE N 20 74.30 -74.40 -35.98
C ILE N 20 73.11 -74.55 -35.03
N ILE N 21 72.68 -75.78 -34.74
CA ILE N 21 71.52 -75.96 -33.88
C ILE N 21 71.84 -75.51 -32.45
N ILE N 22 73.01 -75.90 -31.94
CA ILE N 22 73.41 -75.45 -30.60
C ILE N 22 73.62 -73.94 -30.58
N PHE N 23 74.13 -73.37 -31.68
CA PHE N 23 74.29 -71.91 -31.71
C PHE N 23 72.94 -71.21 -31.59
N THR N 24 71.95 -71.66 -32.38
CA THR N 24 70.63 -71.05 -32.32
C THR N 24 69.97 -71.24 -30.96
N ALA N 25 70.07 -72.46 -30.41
CA ALA N 25 69.51 -72.72 -29.09
C ALA N 25 70.19 -71.85 -28.04
N ALA N 26 71.52 -71.69 -28.14
CA ALA N 26 72.24 -70.89 -27.16
C ALA N 26 71.84 -69.44 -27.22
N LEU N 27 71.71 -68.88 -28.42
CA LEU N 27 71.30 -67.48 -28.51
C LEU N 27 69.87 -67.29 -28.00
N LEU N 28 68.97 -68.22 -28.32
CA LEU N 28 67.61 -68.12 -27.80
C LEU N 28 67.59 -68.18 -26.28
N ILE N 29 68.35 -69.11 -25.70
CA ILE N 29 68.39 -69.26 -24.25
C ILE N 29 68.99 -68.02 -23.60
N ILE N 30 70.03 -67.46 -24.21
CA ILE N 30 70.63 -66.24 -23.68
C ILE N 30 69.62 -65.11 -23.70
N ALA N 31 68.86 -64.99 -24.80
CA ALA N 31 67.84 -63.95 -24.88
C ALA N 31 66.80 -64.10 -23.78
N VAL N 32 66.30 -65.32 -23.59
CA VAL N 32 65.22 -65.51 -22.63
C VAL N 32 65.74 -65.32 -21.20
N VAL N 33 66.97 -65.75 -20.92
CA VAL N 33 67.49 -65.54 -19.57
C VAL N 33 67.82 -64.07 -19.33
N ILE N 34 68.21 -63.33 -20.38
CA ILE N 34 68.40 -61.90 -20.23
C ILE N 34 67.07 -61.22 -19.90
N GLY N 35 66.00 -61.63 -20.60
CA GLY N 35 64.68 -61.12 -20.27
C GLY N 35 64.27 -61.44 -18.83
N PHE N 36 64.55 -62.68 -18.40
CA PHE N 36 64.24 -63.07 -17.02
C PHE N 36 65.04 -62.23 -16.02
N PHE N 37 66.31 -61.99 -16.30
CA PHE N 37 67.14 -61.18 -15.42
C PHE N 37 66.61 -59.75 -15.34
N LYS N 38 66.21 -59.19 -16.47
CA LYS N 38 65.63 -57.85 -16.47
C LYS N 38 64.33 -57.82 -15.66
N ILE N 39 63.50 -58.85 -15.81
CA ILE N 39 62.25 -58.91 -15.06
C ILE N 39 62.54 -58.96 -13.56
N ARG N 40 63.49 -59.79 -13.16
CA ARG N 40 63.81 -59.92 -11.73
C ARG N 40 64.45 -58.64 -11.19
N GLY N 41 65.26 -57.96 -12.00
CA GLY N 41 65.83 -56.70 -11.57
C GLY N 41 64.78 -55.61 -11.39
N ALA N 42 63.80 -55.57 -12.31
CA ALA N 42 62.71 -54.61 -12.17
C ALA N 42 61.87 -54.90 -10.94
N THR N 43 61.59 -56.18 -10.69
CA THR N 43 60.76 -56.58 -9.56
C THR N 43 61.53 -56.46 -8.24
N MET O 1 78.03 -76.46 -62.24
CA MET O 1 76.88 -75.61 -61.93
C MET O 1 77.12 -74.17 -62.36
N ALA O 2 76.05 -73.38 -62.40
CA ALA O 2 76.12 -71.98 -62.81
C ALA O 2 75.85 -71.09 -61.60
N SER O 3 76.75 -70.15 -61.36
CA SER O 3 76.59 -69.22 -60.25
C SER O 3 75.72 -68.04 -60.66
N LYS O 4 75.24 -67.31 -59.65
CA LYS O 4 74.43 -66.12 -59.92
C LYS O 4 75.27 -65.01 -60.52
N LYS O 5 76.56 -64.95 -60.17
CA LYS O 5 77.44 -63.93 -60.74
C LYS O 5 77.55 -64.08 -62.24
N GLU O 6 77.71 -65.32 -62.72
CA GLU O 6 77.77 -65.54 -64.16
C GLU O 6 76.47 -65.15 -64.84
N ASN O 7 75.35 -65.36 -64.16
CA ASN O 7 74.07 -64.87 -64.66
C ASN O 7 74.06 -63.35 -64.78
N LEU O 8 74.58 -62.65 -63.76
CA LEU O 8 74.64 -61.19 -63.83
C LEU O 8 75.51 -60.71 -64.98
N LYS O 9 76.70 -61.31 -65.15
CA LYS O 9 77.56 -60.90 -66.26
C LYS O 9 76.94 -61.24 -67.61
N SER O 10 76.26 -62.38 -67.73
CA SER O 10 75.61 -62.69 -69.00
C SER O 10 74.49 -61.72 -69.30
N LEU O 11 73.73 -61.32 -68.28
CA LEU O 11 72.68 -60.32 -68.46
C LEU O 11 73.25 -58.97 -68.85
N PHE O 12 74.37 -58.57 -68.23
CA PHE O 12 74.97 -57.28 -68.54
C PHE O 12 75.65 -57.26 -69.90
N SER O 13 76.19 -58.40 -70.34
CA SER O 13 76.92 -58.45 -71.60
C SER O 13 76.01 -58.30 -72.81
N ASN O 14 74.70 -58.54 -72.65
CA ASN O 14 73.77 -58.33 -73.75
C ASN O 14 73.69 -56.84 -74.07
N THR O 15 73.73 -56.50 -75.37
CA THR O 15 73.77 -55.11 -75.76
C THR O 15 72.46 -54.39 -75.41
N ARG O 16 71.33 -54.92 -75.90
CA ARG O 16 70.05 -54.29 -75.64
C ARG O 16 69.75 -54.27 -74.16
N THR O 17 70.05 -55.36 -73.46
CA THR O 17 69.72 -55.45 -72.04
C THR O 17 70.45 -54.39 -71.23
N ARG O 18 71.77 -54.27 -71.42
CA ARG O 18 72.48 -53.26 -70.64
C ARG O 18 72.08 -51.86 -71.05
N VAL O 19 71.83 -51.65 -72.35
CA VAL O 19 71.42 -50.32 -72.79
C VAL O 19 70.12 -49.91 -72.10
N ILE O 20 69.12 -50.79 -72.11
CA ILE O 20 67.82 -50.44 -71.56
C ILE O 20 67.91 -50.30 -70.04
N ILE O 21 68.69 -51.17 -69.38
CA ILE O 21 68.80 -51.11 -67.93
C ILE O 21 69.46 -49.81 -67.49
N ILE O 22 70.57 -49.44 -68.14
CA ILE O 22 71.25 -48.20 -67.79
C ILE O 22 70.36 -47.00 -68.12
N PHE O 23 69.62 -47.07 -69.22
CA PHE O 23 68.71 -45.99 -69.56
C PHE O 23 67.64 -45.79 -68.48
N THR O 24 66.99 -46.89 -68.07
CA THR O 24 65.95 -46.78 -67.05
C THR O 24 66.52 -46.30 -65.72
N ALA O 25 67.72 -46.77 -65.35
CA ALA O 25 68.38 -46.23 -64.18
C ALA O 25 68.61 -44.73 -64.32
N ALA O 26 68.93 -44.29 -65.53
CA ALA O 26 69.11 -42.86 -65.77
C ALA O 26 67.81 -42.09 -65.55
N LEU O 27 66.68 -42.62 -66.04
CA LEU O 27 65.42 -41.93 -65.76
C LEU O 27 65.11 -41.91 -64.27
N LEU O 28 65.38 -43.00 -63.56
CA LEU O 28 65.14 -43.03 -62.12
C LEU O 28 65.96 -41.96 -61.42
N ILE O 29 67.25 -41.88 -61.76
CA ILE O 29 68.14 -40.91 -61.11
C ILE O 29 67.71 -39.50 -61.46
N ILE O 30 67.31 -39.26 -62.72
CA ILE O 30 66.86 -37.94 -63.12
C ILE O 30 65.62 -37.54 -62.35
N ALA O 31 64.67 -38.46 -62.19
CA ALA O 31 63.47 -38.17 -61.42
C ALA O 31 63.82 -37.81 -59.98
N VAL O 32 64.71 -38.60 -59.36
CA VAL O 32 65.09 -38.34 -57.98
C VAL O 32 65.72 -36.95 -57.86
N VAL O 33 66.62 -36.61 -58.78
CA VAL O 33 67.35 -35.35 -58.66
C VAL O 33 66.43 -34.17 -58.94
N ILE O 34 65.50 -34.29 -59.89
CA ILE O 34 64.62 -33.16 -60.14
C ILE O 34 63.68 -32.96 -58.96
N GLY O 35 63.21 -34.06 -58.35
CA GLY O 35 62.41 -33.93 -57.15
C GLY O 35 63.16 -33.24 -56.03
N PHE O 36 64.41 -33.65 -55.80
CA PHE O 36 65.20 -33.01 -54.76
C PHE O 36 65.45 -31.53 -55.07
N PHE O 37 65.73 -31.21 -56.34
CA PHE O 37 65.98 -29.83 -56.72
C PHE O 37 64.75 -28.97 -56.51
N LYS O 38 63.58 -29.47 -56.90
CA LYS O 38 62.35 -28.70 -56.70
C LYS O 38 62.06 -28.52 -55.22
N ILE O 39 62.21 -29.58 -54.43
CA ILE O 39 61.89 -29.49 -53.01
C ILE O 39 62.87 -28.57 -52.29
N ARG O 40 64.11 -28.48 -52.79
CA ARG O 40 65.07 -27.54 -52.21
C ARG O 40 64.79 -26.11 -52.64
N GLY O 41 64.39 -25.91 -53.91
CA GLY O 41 64.07 -24.59 -54.38
C GLY O 41 62.84 -23.99 -53.73
N ALA O 42 61.86 -24.83 -53.40
CA ALA O 42 60.65 -24.33 -52.75
C ALA O 42 60.97 -23.73 -51.39
N THR O 43 61.83 -24.38 -50.61
CA THR O 43 62.19 -23.91 -49.29
C THR O 43 63.01 -22.61 -49.37
#